data_6G2H
#
_entry.id   6G2H
#
_cell.length_a   1.0
_cell.length_b   1.0
_cell.length_c   1.0
_cell.angle_alpha   90.000
_cell.angle_beta   90.000
_cell.angle_gamma   90.000
#
_symmetry.space_group_name_H-M   'P 1'
#
_entity_poly.entity_id   1
_entity_poly.type   'polypeptide(L)'
_entity_poly.pdbx_seq_one_letter_code
;MAHHHHHHHHHHGSTSGSGEQKLISEEDLGSTSGSGDYKDDDDKLTSLYKKAGLENLYFQGMDEPSPLAQPLELNQHSRF
IIGSVSEDNSEDEISNLVKLDLLEEKEGSLSPASVGSDTLSDLGISSLQDGLALHIRSSMSGLHLVKQGRDRKKIDSQRD
FTVASPAEFVTRFGGNKVIEKVLIANNGIAAVKCMRSIRRWSYEMFRNERAIRFVVMVTPEDLKANAEYIKMADHYVPVP
GGPNNNNYANVELILDIAKRIPVQAVWAGWGHASENPKLPELLLKNGIAFMGPPSQAMWALGDKIASSIVAQTAGIPTLP
WSGSGLRVDWQENDFSKRILNVPQELYEKGYVKDVDDGLQAAEEVGYPVMIKASEGGGGKGIRKVNNADDFPNLFRQVQA
EVPGSPIFVMRLAKQSRHLEVQILADQYGNAISLFGRDCSVQRRHQKIIEEAPATIATPAVFEHMEQCAVKLAKMVGYVS
AGTVEYLYSQDGSFYFLELNPRLQVEHPCTEMVADVNLPAAQLQIAMGIPLYRIKDIRMMYGVSPWGDSPIDFEDSAHVP
CPRGHVIAARITSENPDEGFKPSSGTVQELNFRSNKNVWGYFSVAAAGGLHEFADSQFGHCFSWGENREEAISNMVVALK
ELSIRGDFRTTVEYLIKLLETESFQMNRIDTGWLDRLIAEKVQAERPDTMLGVVCGALHVADVSLRNSVSNFLHSLERGQ
VLPAHTLLNTVDVELIYEGVKYVLKVTRQSPNSYVVIMNGSCVEVDVHRLSDGGLLLSYDGSSYTTYMKEEVDRYRITIG
NKTCVFEKENDPSVMRSPSAGKLIQYIVEDGGHVFAGQCYAEIEVMKMVMTLTAVESGCIHYVKRPGAALDPGCVLAKMQ
LDNPSKVQQAELHTGSLPRIQSTALRGEKLHRVFHYVLDNLVNVMNGYCLPDPFFSSKVKDWVERLMKTLRDPSLPLLEL
QDIMTSVSGRIPPNVEKSIKKEMAQYASNITSVLCQFPSQQIANILDSHAATLNRKSEREVFFMNTQSIVQLVQRYRSGI
RGHMKAVVMDLLRQYLRVETQFQNGHYDKCVFALREENKSDMNTVLNYIFSHAQVTKKNLLVTMLIDQLCGRDPTLTDEL
LNILTELTQLSKTTNAKVALRARQVLIASHLPSYELRHNQVESIFLSAIDMYGHQFCIENLQKLILSETSIFDVLPNFFY
HSNQVVRMAALEVYVRRAYIAYELNSVQHRQLKDNTCVVEFQFMLPTSHPNRGNIPTLNRMSFSSNLNHYGMTHVASVSD
VLLDNSFTPPCQRMGGMVSFRTFEDFVRIFDEVMGCFSDSPPQSPTFPEAGHTSLYDEDKVPRDEPIHILNVAIKTDCDI
EDDRLAAMFREFTQQNKATLVDHGIRRLTFLVAQKDFRKQVNYEVDRRFHREFPKFFTFRARDKFEEDRIYRHLEPALAF
QLELNRMRNFDLTAIPCANHKMHLYLGAAKVEVGTEVTDYRFFVRAIIRHSDLVTKEASFEYLQNEGERLLLEAMDELEV
AFNNTNVRTDCNHIFLNFVPTVIMDPSKIEESVRSMVMRYGSRLWKLRVLQAELKINIRLTPTGKAIPIRLFLTNESGYY
LDISLYKEVTDSRTAQIMFQAYGDKQGPLHGMLINTPYVTKDLLQSKRFQAQSLGTTYIYDIPEMFRQSLIKLWESMSTQ
AFLPSPPLPSDMLTYTELVLDDQGQLVHMNRLPGGNEIGMVAWKMTFKSPEYPEGRDIIVIGNDITYRIGSFGPQEDLLF
LRASELARAEGIPRIYVSANSGARIGLAEEIRHMFHVAWVDPEDPYKGYRYLYLTPQDYKRVSALNSVHCEHVEDEGESR
YKITDIIGKEEGIGPENLRGSGMIAGESSLAYNEIITISLVTCRAIGIGAYLVRLGQRTIQVENSHLILTGAGALNKVLG
REVYTSNNQLGGIQIMHNNGVTHCTVCDDFEGVFTVLHWLSYMPKSVHSSVPLLNSKDPIDRIIEFVPTKTPYDPRWMLA
GRPHPTQKGQWLSGFFDYGSFSEIMQPWAQTVVVGRARLGGIPVGVVAVETRTVELSIPADPANLDSEAKIIQQAGQVWF
PDSAFKTYQAIKDFNREGLPLMVFANWRGFSGGMKDMYDQVLKFGAYIVDGLRECCQPVLVYIPPQAELRGGSWVVIDSS
INPRHMEMYADRESRGSVLEPEGTVEIKFRRKDLVKTMRRVDPVYIHLAERLGTPELSTAERKELENKLKEREEFLIPIY
HQVAVQFADLHDTPGRMQEKGVISDILDWKTSRTFFYWRLRRLLLEDLVKKKIHNANPELTDGQIQAMLRRWFVEVEGTV
KAYVWDNNKDLAEWLEKQLTEEDGVHSVIEENIKCISRDYVLKQIRSLVQANPEVAMDSIIHMTQHISPTQRAEVIRILS
TMDSPST
;
_entity_poly.pdbx_strand_id   D,E,C,F,B,A
#
# COMPACT_ATOMS: atom_id res chain seq x y z
N ARG A 686 59.43 -66.60 11.89
CA ARG A 686 59.31 -65.15 11.69
C ARG A 686 58.14 -64.72 10.77
N PRO A 687 57.98 -63.38 10.48
CA PRO A 687 56.77 -62.93 9.80
C PRO A 687 56.47 -63.48 8.42
N ASP A 688 55.29 -63.07 7.95
CA ASP A 688 54.79 -63.31 6.61
C ASP A 688 54.81 -61.91 6.01
N THR A 689 55.44 -61.80 4.84
CA THR A 689 55.64 -60.52 4.16
C THR A 689 54.48 -59.53 4.18
N MET A 690 53.31 -59.93 3.70
CA MET A 690 52.26 -58.92 3.54
C MET A 690 51.68 -58.45 4.85
N LEU A 691 51.48 -59.35 5.82
CA LEU A 691 51.25 -58.90 7.18
C LEU A 691 52.30 -57.89 7.64
N GLY A 692 53.57 -58.22 7.42
CA GLY A 692 54.63 -57.29 7.76
C GLY A 692 54.47 -55.88 7.22
N VAL A 693 54.41 -55.78 5.89
CA VAL A 693 54.23 -54.48 5.25
C VAL A 693 52.97 -53.78 5.70
N VAL A 694 51.87 -54.52 5.83
CA VAL A 694 50.58 -53.97 6.23
C VAL A 694 50.59 -53.37 7.64
N CYS A 695 50.75 -54.24 8.63
CA CYS A 695 50.81 -53.81 10.03
C CYS A 695 51.91 -52.80 10.26
N GLY A 696 52.97 -52.88 9.47
CA GLY A 696 54.02 -51.89 9.41
C GLY A 696 53.40 -50.56 9.08
N ALA A 697 52.81 -50.50 7.89
CA ALA A 697 52.24 -49.27 7.35
C ALA A 697 51.39 -48.55 8.38
N LEU A 698 50.50 -49.28 9.03
CA LEU A 698 49.74 -48.63 10.08
C LEU A 698 50.51 -48.44 11.39
N HIS A 699 51.67 -49.07 11.58
CA HIS A 699 52.48 -48.70 12.73
C HIS A 699 53.04 -47.31 12.44
N VAL A 700 53.58 -47.12 11.24
CA VAL A 700 54.08 -45.83 10.81
C VAL A 700 52.96 -44.80 10.89
N ALA A 701 51.77 -45.18 10.38
CA ALA A 701 50.61 -44.32 10.45
C ALA A 701 50.35 -43.90 11.88
N ASP A 702 49.98 -44.83 12.76
CA ASP A 702 49.64 -44.47 14.14
C ASP A 702 50.70 -43.59 14.80
N VAL A 703 51.98 -43.93 14.65
CA VAL A 703 53.04 -43.11 15.28
C VAL A 703 53.05 -41.68 14.74
N SER A 704 53.14 -41.54 13.41
CA SER A 704 53.08 -40.22 12.77
C SER A 704 51.82 -39.49 13.19
N LEU A 705 50.72 -40.22 13.28
CA LEU A 705 49.43 -39.72 13.68
C LEU A 705 49.48 -39.16 15.10
N ARG A 706 50.12 -39.89 16.02
CA ARG A 706 50.35 -39.36 17.36
C ARG A 706 51.07 -38.03 17.28
N ASN A 707 52.04 -37.89 16.39
CA ASN A 707 52.73 -36.61 16.30
C ASN A 707 51.77 -35.52 15.80
N SER A 708 51.08 -35.79 14.68
CA SER A 708 50.18 -34.82 14.07
C SER A 708 49.09 -34.38 15.03
N VAL A 709 48.53 -35.33 15.77
CA VAL A 709 47.52 -35.06 16.77
C VAL A 709 48.06 -34.20 17.90
N SER A 710 49.21 -34.57 18.45
CA SER A 710 49.74 -33.81 19.58
C SER A 710 50.14 -32.41 19.16
N ASN A 711 50.47 -32.23 17.88
CA ASN A 711 50.84 -30.94 17.28
C ASN A 711 49.58 -30.10 17.07
N PHE A 712 48.52 -30.78 16.63
CA PHE A 712 47.21 -30.17 16.60
C PHE A 712 46.81 -29.71 17.99
N LEU A 713 47.01 -30.55 18.98
CA LEU A 713 46.58 -30.18 20.31
C LEU A 713 47.41 -29.02 20.85
N HIS A 714 48.68 -28.91 20.47
CA HIS A 714 49.39 -27.67 20.73
C HIS A 714 48.61 -26.48 20.18
N SER A 715 48.44 -26.48 18.84
CA SER A 715 47.93 -25.29 18.16
C SER A 715 46.56 -24.90 18.69
N LEU A 716 45.75 -25.89 19.01
CA LEU A 716 44.40 -25.61 19.45
C LEU A 716 44.40 -25.13 20.90
N GLU A 717 45.34 -25.67 21.69
CA GLU A 717 45.52 -25.21 23.05
C GLU A 717 45.82 -23.73 23.09
N ARG A 718 46.71 -23.28 22.19
CA ARG A 718 47.04 -21.87 22.13
C ARG A 718 46.01 -21.02 21.41
N GLY A 719 45.25 -21.56 20.46
CA GLY A 719 44.24 -20.80 19.73
C GLY A 719 44.56 -20.48 18.30
N GLN A 720 45.64 -21.02 17.75
CA GLN A 720 45.96 -20.90 16.33
C GLN A 720 44.80 -21.34 15.46
N VAL A 721 44.46 -20.54 14.45
CA VAL A 721 43.37 -20.91 13.55
C VAL A 721 44.16 -21.69 12.50
N LEU A 722 44.33 -22.96 12.81
CA LEU A 722 45.07 -23.88 11.99
C LEU A 722 44.35 -24.30 10.71
N PRO A 723 45.09 -24.58 9.64
CA PRO A 723 44.43 -25.07 8.43
C PRO A 723 44.00 -26.50 8.74
N ALA A 724 42.82 -26.90 8.22
CA ALA A 724 42.30 -28.24 8.52
C ALA A 724 43.34 -29.30 8.27
N HIS A 725 44.12 -29.13 7.20
CA HIS A 725 44.78 -30.28 6.60
C HIS A 725 45.76 -30.83 7.61
N THR A 726 46.25 -29.95 8.50
CA THR A 726 47.40 -30.31 9.31
C THR A 726 47.10 -31.45 10.25
N LEU A 727 45.81 -31.77 10.49
CA LEU A 727 45.61 -32.87 11.42
C LEU A 727 46.06 -34.19 10.83
N LEU A 728 46.25 -34.28 9.51
CA LEU A 728 46.90 -35.43 8.91
C LEU A 728 46.31 -36.76 9.38
N ASN A 729 45.16 -37.19 8.87
CA ASN A 729 44.88 -38.62 8.87
C ASN A 729 45.78 -39.36 7.87
N THR A 730 45.93 -38.82 6.67
CA THR A 730 46.61 -39.56 5.60
C THR A 730 48.10 -39.63 5.92
N VAL A 731 48.69 -40.82 5.74
CA VAL A 731 50.10 -41.04 6.02
C VAL A 731 50.74 -41.77 4.84
N ASP A 732 51.81 -41.18 4.28
CA ASP A 732 52.55 -41.69 3.12
C ASP A 732 53.71 -42.54 3.62
N VAL A 733 53.57 -43.86 3.50
CA VAL A 733 54.55 -44.81 3.98
C VAL A 733 55.31 -45.51 2.86
N GLU A 734 56.64 -45.45 2.92
CA GLU A 734 57.59 -45.99 1.95
C GLU A 734 58.45 -46.94 2.79
N LEU A 735 58.30 -48.24 2.56
CA LEU A 735 58.82 -49.26 3.47
C LEU A 735 59.54 -50.32 2.65
N ILE A 736 60.87 -50.31 2.72
CA ILE A 736 61.72 -51.09 1.84
C ILE A 736 62.09 -52.45 2.43
N TYR A 737 61.55 -53.50 1.82
CA TYR A 737 61.84 -54.89 2.15
C TYR A 737 62.64 -55.48 1.00
N GLU A 738 63.86 -55.93 1.29
CA GLU A 738 64.78 -56.48 0.28
C GLU A 738 65.04 -55.46 -0.84
N GLY A 739 65.36 -54.23 -0.45
CA GLY A 739 65.81 -53.22 -1.40
C GLY A 739 64.81 -52.85 -2.47
N VAL A 740 63.54 -53.16 -2.27
CA VAL A 740 62.46 -52.79 -3.16
C VAL A 740 61.48 -52.02 -2.29
N LYS A 741 61.31 -50.72 -2.53
CA LYS A 741 60.40 -50.01 -1.63
C LYS A 741 59.00 -50.52 -1.89
N TYR A 742 58.23 -50.60 -0.83
CA TYR A 742 56.80 -50.78 -0.92
C TYR A 742 56.25 -49.37 -0.76
N VAL A 743 55.52 -48.87 -1.76
CA VAL A 743 54.89 -47.55 -1.66
C VAL A 743 53.44 -47.76 -1.26
N LEU A 744 53.09 -47.12 -0.16
CA LEU A 744 51.82 -47.27 0.50
C LEU A 744 51.29 -45.96 1.05
N LYS A 745 50.01 -45.97 1.32
CA LYS A 745 49.35 -44.96 2.12
C LYS A 745 48.55 -45.70 3.17
N VAL A 746 48.28 -45.02 4.27
CA VAL A 746 47.42 -45.51 5.33
C VAL A 746 46.52 -44.35 5.66
N THR A 747 45.22 -44.56 5.51
CA THR A 747 44.22 -43.55 5.83
C THR A 747 43.31 -44.02 6.94
N ARG A 748 43.25 -43.22 7.99
CA ARG A 748 42.37 -43.45 9.11
C ARG A 748 40.91 -43.24 8.70
N GLN A 749 40.06 -44.25 8.92
CA GLN A 749 38.73 -44.25 8.30
C GLN A 749 37.64 -44.04 9.34
N SER A 750 37.93 -44.33 10.60
CA SER A 750 37.03 -44.32 11.71
C SER A 750 37.91 -44.56 12.93
N PRO A 751 37.61 -43.97 14.10
CA PRO A 751 38.45 -44.18 15.29
C PRO A 751 38.83 -45.63 15.57
N ASN A 752 38.04 -46.60 15.11
CA ASN A 752 38.38 -48.02 15.21
C ASN A 752 38.93 -48.58 13.91
N SER A 753 38.47 -48.07 12.76
CA SER A 753 38.81 -48.69 11.48
C SER A 753 39.95 -47.95 10.79
N TYR A 754 40.89 -48.74 10.29
CA TYR A 754 42.12 -48.30 9.64
C TYR A 754 42.16 -48.93 8.26
N VAL A 755 42.57 -48.17 7.24
CA VAL A 755 42.70 -48.75 5.91
C VAL A 755 44.15 -48.61 5.45
N VAL A 756 44.74 -49.76 5.19
CA VAL A 756 46.07 -49.94 4.66
C VAL A 756 45.95 -50.05 3.15
N ILE A 757 46.74 -49.24 2.46
CA ILE A 757 46.68 -49.06 1.01
C ILE A 757 48.04 -49.38 0.41
N MET A 758 48.08 -50.52 -0.31
CA MET A 758 49.29 -51.07 -0.89
C MET A 758 49.21 -50.72 -2.37
N ASN A 759 50.05 -49.77 -2.79
CA ASN A 759 50.33 -49.52 -4.20
C ASN A 759 49.04 -49.34 -5.02
N GLY A 760 47.99 -48.84 -4.36
CA GLY A 760 46.68 -48.69 -4.98
C GLY A 760 45.72 -49.82 -4.65
N SER A 761 45.68 -50.21 -3.37
CA SER A 761 44.83 -51.30 -2.89
C SER A 761 44.15 -50.87 -1.60
N CYS A 762 43.17 -51.66 -1.16
CA CYS A 762 42.36 -51.33 0.01
C CYS A 762 42.18 -52.56 0.89
N VAL A 763 42.78 -52.55 2.07
CA VAL A 763 42.52 -53.57 3.09
C VAL A 763 42.08 -52.86 4.37
N GLU A 764 40.95 -53.30 4.93
CA GLU A 764 40.28 -52.65 6.04
C GLU A 764 40.43 -53.51 7.30
N VAL A 765 40.98 -52.92 8.36
CA VAL A 765 41.21 -53.57 9.64
C VAL A 765 40.61 -52.71 10.74
N ASP A 766 40.52 -53.29 11.95
CA ASP A 766 40.12 -52.54 13.12
C ASP A 766 40.95 -52.92 14.33
N VAL A 767 41.05 -51.99 15.27
CA VAL A 767 42.02 -52.10 16.37
C VAL A 767 41.37 -51.83 17.72
N HIS A 768 42.20 -51.69 18.75
CA HIS A 768 41.81 -51.01 19.98
C HIS A 768 42.89 -49.98 20.35
N LEU A 775 48.72 -51.97 23.29
CA LEU A 775 48.32 -52.29 21.91
C LEU A 775 47.71 -53.68 21.87
N LEU A 776 46.43 -53.77 21.54
CA LEU A 776 45.76 -55.03 21.19
C LEU A 776 45.36 -54.97 19.73
N LEU A 777 45.59 -56.04 18.96
CA LEU A 777 45.08 -56.12 17.58
C LEU A 777 44.13 -57.27 17.28
N SER A 778 43.08 -56.93 16.52
CA SER A 778 42.03 -57.81 16.04
C SER A 778 42.22 -57.74 14.55
N TYR A 779 42.31 -58.87 13.87
CA TYR A 779 42.53 -58.78 12.43
C TYR A 779 41.63 -59.81 11.77
N ASP A 780 41.87 -60.17 10.50
CA ASP A 780 41.22 -61.35 9.93
C ASP A 780 41.32 -62.61 10.78
N GLY A 781 42.54 -63.08 11.01
CA GLY A 781 42.67 -64.48 11.38
C GLY A 781 42.23 -64.75 12.79
N SER A 782 42.83 -64.03 13.71
CA SER A 782 42.79 -64.35 15.12
C SER A 782 43.11 -63.06 15.87
N SER A 783 43.47 -63.18 17.14
CA SER A 783 43.73 -62.04 18.00
C SER A 783 45.24 -61.98 18.11
N TYR A 784 45.83 -60.80 17.96
CA TYR A 784 47.28 -60.65 17.87
C TYR A 784 47.71 -59.51 18.76
N THR A 785 49.01 -59.48 19.06
CA THR A 785 49.61 -58.47 19.92
C THR A 785 50.81 -57.85 19.20
N THR A 786 50.84 -56.53 19.12
CA THR A 786 51.88 -55.78 18.45
C THR A 786 52.44 -54.69 19.36
N TYR A 787 53.73 -54.47 19.22
CA TYR A 787 54.50 -53.46 19.92
C TYR A 787 55.32 -52.74 18.86
N MET A 788 55.56 -51.45 19.11
CA MET A 788 56.16 -50.53 18.15
C MET A 788 57.39 -49.84 18.71
N LYS A 789 58.54 -50.10 18.08
CA LYS A 789 59.79 -49.41 18.40
C LYS A 789 60.22 -48.53 17.22
N GLU A 790 60.46 -47.27 17.53
CA GLU A 790 60.91 -46.26 16.59
C GLU A 790 62.37 -45.94 16.83
N GLU A 791 63.09 -45.69 15.75
CA GLU A 791 64.45 -45.23 15.87
C GLU A 791 64.54 -43.92 15.11
N VAL A 792 65.58 -43.16 15.43
CA VAL A 792 66.06 -42.03 14.65
C VAL A 792 65.88 -42.23 13.14
N ASP A 793 66.40 -43.35 12.61
CA ASP A 793 66.41 -43.60 11.17
C ASP A 793 66.02 -45.03 10.77
N ARG A 794 65.39 -45.78 11.66
CA ARG A 794 64.96 -47.15 11.38
C ARG A 794 63.54 -47.31 11.91
N TYR A 795 62.85 -48.32 11.37
CA TYR A 795 61.46 -48.56 11.73
C TYR A 795 61.34 -49.99 12.19
N ARG A 796 61.08 -50.18 13.47
CA ARG A 796 61.45 -51.40 14.19
C ARG A 796 60.11 -51.95 14.66
N ILE A 797 59.61 -52.98 13.99
CA ILE A 797 58.22 -53.38 14.09
C ILE A 797 58.18 -54.71 14.79
N THR A 798 57.31 -54.83 15.80
CA THR A 798 57.10 -56.10 16.49
C THR A 798 55.65 -56.55 16.42
N ILE A 799 55.42 -57.73 15.84
CA ILE A 799 54.06 -58.23 15.62
C ILE A 799 54.04 -59.51 16.46
N GLY A 800 53.95 -59.35 17.76
CA GLY A 800 54.02 -60.47 18.71
C GLY A 800 55.47 -60.71 19.12
N ASN A 801 55.99 -61.91 18.86
CA ASN A 801 57.36 -62.25 19.26
C ASN A 801 58.35 -62.03 18.14
N LYS A 802 57.91 -61.45 17.03
CA LYS A 802 58.71 -61.37 15.82
C LYS A 802 59.10 -59.91 15.65
N THR A 803 60.34 -59.64 15.27
CA THR A 803 60.77 -58.30 14.91
C THR A 803 61.28 -58.23 13.48
N CYS A 804 60.98 -57.12 12.81
CA CYS A 804 61.59 -56.82 11.52
C CYS A 804 61.78 -55.31 11.43
N VAL A 805 62.87 -54.90 10.78
CA VAL A 805 63.32 -53.52 10.78
C VAL A 805 63.49 -53.05 9.35
N PHE A 806 63.00 -51.85 9.06
CA PHE A 806 63.01 -51.30 7.71
C PHE A 806 63.54 -49.87 7.61
N GLU A 807 64.17 -49.65 6.47
CA GLU A 807 64.75 -48.39 6.01
C GLU A 807 63.74 -47.70 5.11
N LYS A 808 63.68 -46.38 5.20
CA LYS A 808 62.98 -45.56 4.22
C LYS A 808 63.97 -44.74 3.38
N GLU A 809 63.87 -44.90 2.07
CA GLU A 809 64.78 -44.27 1.11
C GLU A 809 64.04 -43.95 -0.19
N HIS A 893 57.08 -54.88 -4.95
CA HIS A 893 56.36 -53.79 -5.58
C HIS A 893 54.85 -53.88 -5.35
N THR A 894 54.23 -54.87 -5.99
CA THR A 894 52.79 -54.94 -6.15
C THR A 894 52.19 -56.07 -5.33
N GLY A 895 50.87 -56.14 -5.38
CA GLY A 895 50.12 -57.18 -4.70
C GLY A 895 48.69 -56.74 -4.47
N SER A 896 47.86 -57.72 -4.11
CA SER A 896 46.49 -57.45 -3.70
C SER A 896 46.10 -58.51 -2.68
N LEU A 897 45.53 -58.08 -1.56
CA LEU A 897 45.34 -58.92 -0.39
C LEU A 897 43.89 -59.29 -0.16
N PRO A 898 43.39 -60.35 -0.77
CA PRO A 898 42.05 -60.82 -0.39
C PRO A 898 42.08 -61.43 1.01
N ARG A 899 41.58 -60.68 1.99
CA ARG A 899 41.53 -61.12 3.38
C ARG A 899 40.33 -60.42 4.02
N ILE A 900 39.37 -61.22 4.47
CA ILE A 900 38.16 -60.68 5.07
C ILE A 900 38.56 -60.13 6.42
N LYS A 909 20.92 -61.40 14.15
CA LYS A 909 22.14 -60.97 13.49
C LYS A 909 21.94 -59.63 12.79
N LEU A 910 20.73 -59.41 12.29
CA LEU A 910 20.40 -58.18 11.57
C LEU A 910 20.44 -56.99 12.50
N HIS A 911 20.09 -57.21 13.77
CA HIS A 911 20.22 -56.17 14.77
C HIS A 911 21.64 -55.60 14.80
N ARG A 912 22.63 -56.47 14.89
CA ARG A 912 24.01 -56.01 14.83
C ARG A 912 24.43 -55.53 13.45
N VAL A 913 24.01 -56.19 12.37
CA VAL A 913 24.28 -55.67 11.02
C VAL A 913 23.84 -54.23 10.87
N PHE A 914 22.61 -53.95 11.25
CA PHE A 914 22.08 -52.60 11.37
C PHE A 914 22.97 -51.67 12.18
N HIS A 915 23.06 -51.91 13.49
CA HIS A 915 23.82 -51.03 14.40
C HIS A 915 25.22 -50.79 13.84
N TYR A 916 25.85 -51.87 13.40
CA TYR A 916 27.18 -51.80 12.83
C TYR A 916 27.22 -50.85 11.64
N VAL A 917 26.39 -51.10 10.61
CA VAL A 917 26.39 -50.26 9.40
C VAL A 917 26.08 -48.81 9.71
N LEU A 918 25.25 -48.56 10.70
CA LEU A 918 24.86 -47.18 10.93
C LEU A 918 26.03 -46.50 11.60
N ASP A 919 26.66 -47.19 12.55
CA ASP A 919 27.75 -46.59 13.30
C ASP A 919 28.89 -46.31 12.32
N ASN A 920 29.12 -47.26 11.41
CA ASN A 920 30.09 -47.05 10.34
C ASN A 920 29.74 -45.77 9.64
N LEU A 921 28.45 -45.54 9.42
CA LEU A 921 28.03 -44.37 8.66
C LEU A 921 28.25 -43.07 9.45
N VAL A 922 27.90 -43.02 10.74
CA VAL A 922 28.22 -41.82 11.52
C VAL A 922 29.70 -41.52 11.65
N ASN A 923 30.57 -42.53 11.64
CA ASN A 923 31.98 -42.18 11.53
C ASN A 923 32.34 -41.70 10.14
N VAL A 924 31.73 -42.33 9.15
CA VAL A 924 31.87 -41.89 7.78
C VAL A 924 31.42 -40.44 7.62
N MET A 925 30.26 -40.15 8.18
CA MET A 925 29.49 -38.97 7.85
C MET A 925 29.59 -37.88 8.88
N ASN A 926 30.34 -38.09 9.95
CA ASN A 926 30.72 -36.90 10.68
C ASN A 926 31.81 -36.15 9.95
N GLY A 927 32.51 -36.79 9.02
CA GLY A 927 33.58 -36.13 8.30
C GLY A 927 34.91 -36.69 8.73
N TYR A 928 35.10 -38.00 8.86
CA TYR A 928 36.41 -38.45 9.29
C TYR A 928 37.53 -38.13 8.30
N CYS A 929 37.38 -38.55 7.03
CA CYS A 929 38.17 -38.31 5.81
C CYS A 929 37.75 -39.46 4.91
N LEU A 930 38.61 -39.91 3.92
CA LEU A 930 38.32 -41.01 2.99
C LEU A 930 39.54 -41.44 2.17
N PRO A 931 39.90 -42.72 2.14
CA PRO A 931 41.07 -43.11 1.35
C PRO A 931 41.00 -43.04 -0.16
N ASP A 932 39.90 -43.51 -0.79
CA ASP A 932 39.87 -43.57 -2.24
C ASP A 932 38.54 -43.31 -2.94
N PRO A 933 38.47 -43.39 -4.29
CA PRO A 933 37.16 -43.19 -4.92
C PRO A 933 36.12 -44.23 -4.56
N PHE A 934 36.52 -45.52 -4.54
CA PHE A 934 35.66 -46.66 -4.21
C PHE A 934 34.69 -46.47 -3.05
N PHE A 935 34.99 -45.53 -2.14
CA PHE A 935 34.11 -45.25 -1.00
C PHE A 935 32.71 -45.04 -1.54
N SER A 936 32.60 -44.18 -2.56
CA SER A 936 31.35 -43.71 -3.17
C SER A 936 30.51 -44.86 -3.73
N SER A 937 31.13 -46.03 -3.89
CA SER A 937 30.52 -47.31 -4.23
C SER A 937 30.12 -47.92 -2.91
N LYS A 938 31.03 -47.92 -1.94
CA LYS A 938 30.90 -48.71 -0.74
C LYS A 938 29.69 -48.24 0.01
N VAL A 939 29.55 -46.92 0.12
CA VAL A 939 28.43 -46.37 0.86
C VAL A 939 27.17 -46.72 0.15
N LYS A 940 27.22 -46.91 -1.15
CA LYS A 940 25.97 -47.16 -1.83
C LYS A 940 25.49 -48.53 -1.39
N ASP A 941 26.42 -49.49 -1.39
CA ASP A 941 26.11 -50.83 -0.88
C ASP A 941 25.64 -50.77 0.56
N TRP A 942 26.41 -50.07 1.39
CA TRP A 942 26.16 -49.90 2.81
C TRP A 942 24.74 -49.44 3.02
N VAL A 943 24.30 -48.55 2.15
CA VAL A 943 23.18 -47.69 2.44
C VAL A 943 21.90 -48.33 1.95
N GLU A 944 21.96 -49.03 0.82
CA GLU A 944 20.81 -49.87 0.54
C GLU A 944 20.72 -50.97 1.59
N ARG A 945 21.84 -51.58 1.98
CA ARG A 945 21.75 -52.61 3.03
C ARG A 945 21.14 -52.05 4.31
N LEU A 946 21.50 -50.82 4.66
CA LEU A 946 20.93 -50.19 5.84
C LEU A 946 19.42 -50.02 5.67
N MET A 947 19.00 -49.21 4.69
CA MET A 947 17.58 -48.85 4.52
C MET A 947 16.72 -50.10 4.50
N LYS A 948 17.18 -51.09 3.77
CA LYS A 948 16.46 -52.34 3.63
C LYS A 948 16.37 -53.01 5.00
N THR A 949 17.48 -53.04 5.76
CA THR A 949 17.39 -53.60 7.10
C THR A 949 16.58 -52.72 8.03
N LEU A 950 16.20 -51.54 7.59
CA LEU A 950 15.43 -50.62 8.39
C LEU A 950 13.96 -50.82 8.08
N ARG A 951 13.67 -51.36 6.90
CA ARG A 951 12.33 -51.72 6.50
C ARG A 951 11.94 -53.07 7.08
N ASP A 952 12.90 -54.01 7.12
CA ASP A 952 12.66 -55.38 7.59
C ASP A 952 11.96 -55.48 8.95
N PRO A 953 10.68 -55.85 8.99
CA PRO A 953 9.97 -55.93 10.25
C PRO A 953 10.30 -57.14 11.11
N SER A 954 11.39 -57.87 10.86
CA SER A 954 11.83 -58.85 11.86
C SER A 954 12.75 -58.20 12.87
N LEU A 955 12.98 -56.90 12.71
CA LEU A 955 13.82 -56.18 13.66
C LEU A 955 13.09 -56.14 14.98
N PRO A 956 11.87 -55.59 15.05
CA PRO A 956 11.22 -55.43 16.34
C PRO A 956 11.15 -56.70 17.14
N LEU A 957 10.87 -57.81 16.46
CA LEU A 957 10.95 -59.12 17.09
C LEU A 957 12.32 -59.42 17.66
N LEU A 958 13.39 -59.17 16.92
CA LEU A 958 14.69 -59.54 17.47
C LEU A 958 15.16 -58.62 18.60
N GLU A 959 14.73 -57.38 18.59
CA GLU A 959 15.05 -56.47 19.70
C GLU A 959 14.21 -56.69 20.94
N LEU A 960 12.94 -57.05 20.79
CA LEU A 960 12.21 -57.50 21.95
C LEU A 960 12.60 -58.90 22.40
N GLN A 961 13.20 -59.69 21.51
CA GLN A 961 13.84 -60.89 22.00
C GLN A 961 14.94 -60.47 22.94
N ASP A 962 15.76 -59.52 22.50
CA ASP A 962 17.14 -59.44 22.93
C ASP A 962 17.11 -58.73 24.28
N ILE A 963 16.24 -57.73 24.35
CA ILE A 963 15.95 -57.09 25.63
C ILE A 963 15.32 -58.11 26.54
N MET A 964 14.32 -58.87 26.04
CA MET A 964 13.76 -59.79 27.00
C MET A 964 14.69 -60.90 27.39
N THR A 965 15.86 -61.00 26.76
CA THR A 965 16.82 -61.97 27.19
C THR A 965 17.67 -61.33 28.26
N SER A 966 17.96 -60.02 28.12
CA SER A 966 18.86 -59.42 29.08
C SER A 966 18.12 -58.93 30.32
N VAL A 967 16.78 -58.97 30.33
CA VAL A 967 16.02 -58.69 31.52
C VAL A 967 15.09 -59.87 31.70
N SER A 968 15.66 -61.07 31.64
CA SER A 968 14.84 -62.25 31.87
C SER A 968 14.42 -62.29 33.32
N GLY A 969 15.32 -61.88 34.20
CA GLY A 969 14.98 -61.70 35.59
C GLY A 969 14.34 -60.35 35.74
N ARG A 970 14.15 -59.94 36.99
CA ARG A 970 13.55 -58.65 37.34
C ARG A 970 12.14 -58.51 36.78
N ILE A 971 11.53 -59.65 36.48
CA ILE A 971 10.48 -59.78 35.47
C ILE A 971 9.16 -59.98 36.21
N PRO A 972 8.07 -59.29 35.86
CA PRO A 972 6.76 -59.74 36.32
C PRO A 972 6.13 -60.72 35.32
N PRO A 973 5.98 -61.99 35.71
CA PRO A 973 5.52 -63.01 34.74
C PRO A 973 4.17 -62.72 34.11
N ASN A 974 3.34 -61.97 34.81
CA ASN A 974 2.05 -61.54 34.26
C ASN A 974 2.28 -60.73 33.00
N VAL A 975 3.20 -59.81 33.10
CA VAL A 975 3.50 -58.84 32.06
C VAL A 975 4.32 -59.49 30.99
N GLU A 976 5.19 -60.39 31.39
CA GLU A 976 5.96 -61.13 30.42
C GLU A 976 5.07 -62.07 29.61
N LYS A 977 4.22 -62.85 30.24
CA LYS A 977 3.35 -63.68 29.41
C LYS A 977 2.38 -62.86 28.55
N SER A 978 1.97 -61.67 28.99
CA SER A 978 1.16 -60.82 28.12
C SER A 978 1.93 -60.33 26.89
N ILE A 979 3.10 -59.75 27.12
CA ILE A 979 3.92 -59.24 26.04
C ILE A 979 4.38 -60.37 25.17
N LYS A 980 4.63 -61.53 25.74
CA LYS A 980 5.23 -62.58 24.95
C LYS A 980 4.12 -63.13 24.10
N LYS A 981 2.86 -63.02 24.58
CA LYS A 981 1.76 -63.38 23.71
C LYS A 981 1.80 -62.48 22.49
N GLU A 982 1.90 -61.16 22.70
CA GLU A 982 1.53 -60.37 21.55
C GLU A 982 2.69 -60.20 20.61
N MET A 983 3.92 -60.40 21.07
CA MET A 983 5.01 -60.54 20.12
C MET A 983 4.76 -61.80 19.31
N ALA A 984 4.39 -62.87 20.01
CA ALA A 984 4.04 -64.13 19.36
C ALA A 984 3.07 -63.91 18.23
N GLN A 985 2.12 -63.00 18.39
CA GLN A 985 1.24 -62.68 17.28
C GLN A 985 1.59 -61.41 16.55
N TYR A 986 2.71 -60.77 16.89
CA TYR A 986 3.48 -60.11 15.86
C TYR A 986 4.05 -61.14 14.89
N ALA A 987 4.56 -62.25 15.43
CA ALA A 987 5.11 -63.32 14.61
C ALA A 987 4.06 -64.00 13.76
N SER A 988 2.87 -64.26 14.31
CA SER A 988 1.85 -64.86 13.47
C SER A 988 1.32 -63.88 12.43
N ASN A 989 1.18 -62.60 12.76
CA ASN A 989 0.59 -61.69 11.80
C ASN A 989 1.62 -60.98 10.95
N ILE A 990 2.90 -61.32 11.10
CA ILE A 990 3.91 -60.70 10.26
C ILE A 990 3.76 -61.21 8.83
N THR A 991 4.21 -60.40 7.90
CA THR A 991 4.17 -60.54 6.45
C THR A 991 2.78 -60.16 5.96
N SER A 992 1.91 -59.68 6.83
CA SER A 992 0.71 -59.01 6.41
C SER A 992 1.03 -57.58 6.03
N VAL A 993 0.19 -57.05 5.16
CA VAL A 993 0.35 -55.67 4.72
C VAL A 993 0.02 -54.74 5.88
N LEU A 994 -0.82 -55.20 6.82
CA LEU A 994 -1.28 -54.37 7.91
C LEU A 994 -0.97 -54.87 9.31
N CYS A 995 0.32 -55.00 9.61
CA CYS A 995 0.80 -55.42 10.92
C CYS A 995 1.56 -54.21 11.43
N GLN A 996 1.11 -53.66 12.55
CA GLN A 996 1.89 -52.68 13.27
C GLN A 996 2.14 -53.02 14.72
N PHE A 997 3.20 -52.44 15.19
CA PHE A 997 3.60 -52.61 16.56
C PHE A 997 2.46 -52.11 17.43
N PRO A 998 2.08 -52.79 18.48
CA PRO A 998 1.06 -52.26 19.37
C PRO A 998 1.74 -51.51 20.51
N SER A 999 2.61 -50.56 20.15
CA SER A 999 3.22 -49.63 21.09
C SER A 999 2.27 -49.07 22.14
N GLN A 1000 1.31 -48.28 21.69
CA GLN A 1000 0.43 -47.64 22.64
C GLN A 1000 -0.29 -48.68 23.51
N GLN A 1001 -0.64 -49.85 22.92
CA GLN A 1001 -1.32 -50.90 23.67
C GLN A 1001 -0.46 -51.53 24.77
N ILE A 1002 0.79 -51.87 24.45
CA ILE A 1002 1.63 -52.49 25.46
C ILE A 1002 1.87 -51.49 26.54
N ALA A 1003 2.06 -50.24 26.14
CA ALA A 1003 2.29 -49.22 27.10
C ALA A 1003 1.10 -49.11 28.04
N ASN A 1004 -0.12 -49.15 27.48
CA ASN A 1004 -1.30 -49.01 28.31
C ASN A 1004 -1.39 -50.13 29.33
N ILE A 1005 -1.14 -51.37 28.88
CA ILE A 1005 -1.22 -52.51 29.79
C ILE A 1005 -0.18 -52.33 30.90
N LEU A 1006 1.04 -52.05 30.47
CA LEU A 1006 2.12 -51.83 31.39
C LEU A 1006 1.75 -50.77 32.40
N ASP A 1007 1.04 -49.76 31.94
CA ASP A 1007 0.56 -48.68 32.75
C ASP A 1007 -0.62 -49.08 33.61
N SER A 1008 -1.30 -50.17 33.27
CA SER A 1008 -2.14 -50.79 34.28
C SER A 1008 -1.30 -51.17 35.46
N HIS A 1009 -0.11 -51.71 35.18
CA HIS A 1009 0.61 -52.07 36.38
C HIS A 1009 1.42 -50.90 36.89
N ALA A 1010 1.45 -49.79 36.15
CA ALA A 1010 1.89 -48.54 36.75
C ALA A 1010 0.81 -48.03 37.68
N ALA A 1011 -0.44 -48.35 37.32
CA ALA A 1011 -1.60 -47.95 38.09
C ALA A 1011 -1.55 -48.58 39.45
N THR A 1012 -1.02 -49.79 39.51
CA THR A 1012 -1.01 -50.49 40.79
C THR A 1012 0.31 -50.41 41.50
N LEU A 1013 1.44 -50.43 40.81
CA LEU A 1013 2.68 -50.33 41.56
C LEU A 1013 2.89 -48.92 42.07
N ASN A 1014 2.60 -47.92 41.24
CA ASN A 1014 3.38 -46.68 41.26
C ASN A 1014 3.23 -45.87 42.55
N ARG A 1015 2.33 -46.24 43.46
CA ARG A 1015 2.11 -45.45 44.67
C ARG A 1015 3.11 -45.76 45.78
N LYS A 1016 4.26 -46.42 45.51
CA LYS A 1016 4.93 -47.14 46.58
C LYS A 1016 6.45 -47.03 46.66
N SER A 1017 7.13 -46.39 45.71
CA SER A 1017 8.60 -46.35 45.71
C SER A 1017 9.19 -47.75 45.59
N GLU A 1018 8.41 -48.65 44.98
CA GLU A 1018 8.72 -50.06 44.87
C GLU A 1018 9.31 -50.38 43.51
N ARG A 1019 10.21 -49.51 43.06
CA ARG A 1019 10.21 -49.16 41.65
C ARG A 1019 11.55 -49.05 40.95
N GLU A 1020 12.66 -49.47 41.55
CA GLU A 1020 13.96 -49.22 40.89
C GLU A 1020 14.47 -50.36 40.01
N VAL A 1021 14.20 -51.61 40.38
CA VAL A 1021 14.13 -52.69 39.39
C VAL A 1021 13.08 -52.32 38.37
N PHE A 1022 11.93 -51.86 38.85
CA PHE A 1022 10.83 -51.69 37.94
C PHE A 1022 11.18 -50.51 37.07
N PHE A 1023 11.84 -49.51 37.67
CA PHE A 1023 12.28 -48.33 36.94
C PHE A 1023 13.12 -48.73 35.76
N MET A 1024 14.13 -49.57 35.96
CA MET A 1024 14.87 -49.99 34.79
C MET A 1024 14.17 -51.00 33.90
N ASN A 1025 13.00 -51.53 34.24
CA ASN A 1025 12.29 -52.32 33.23
C ASN A 1025 11.19 -51.57 32.54
N THR A 1026 10.57 -50.69 33.28
CA THR A 1026 9.55 -49.83 32.77
C THR A 1026 10.19 -48.68 32.06
N GLN A 1027 11.50 -48.53 32.24
CA GLN A 1027 12.11 -47.49 31.47
C GLN A 1027 12.77 -48.16 30.30
N SER A 1028 13.46 -49.29 30.51
CA SER A 1028 14.23 -49.79 29.38
C SER A 1028 13.25 -50.09 28.26
N ILE A 1029 12.04 -50.53 28.64
CA ILE A 1029 11.00 -50.83 27.67
C ILE A 1029 10.32 -49.57 27.16
N VAL A 1030 10.05 -48.59 28.05
CA VAL A 1030 9.36 -47.42 27.51
C VAL A 1030 10.29 -46.62 26.63
N GLN A 1031 11.58 -46.71 26.88
CA GLN A 1031 12.57 -46.09 26.04
C GLN A 1031 12.81 -46.93 24.81
N LEU A 1032 12.63 -48.25 24.93
CA LEU A 1032 12.68 -49.08 23.76
C LEU A 1032 11.60 -48.71 22.78
N VAL A 1033 10.39 -48.60 23.29
CA VAL A 1033 9.25 -48.22 22.49
C VAL A 1033 9.39 -46.78 22.06
N GLN A 1034 10.00 -45.95 22.90
CA GLN A 1034 10.24 -44.60 22.48
C GLN A 1034 11.19 -44.49 21.31
N ARG A 1035 12.01 -45.49 21.06
CA ARG A 1035 12.81 -45.37 19.85
C ARG A 1035 11.91 -45.74 18.67
N TYR A 1036 10.82 -46.47 18.96
CA TYR A 1036 10.10 -47.43 18.12
C TYR A 1036 8.60 -47.28 18.28
N ARG A 1037 8.13 -46.31 19.06
CA ARG A 1037 6.71 -46.11 19.22
C ARG A 1037 5.99 -45.81 17.94
N SER A 1038 6.46 -44.85 17.17
CA SER A 1038 5.77 -44.64 15.91
C SER A 1038 6.35 -45.52 14.82
N GLY A 1039 6.88 -46.66 15.18
CA GLY A 1039 7.34 -47.63 14.22
C GLY A 1039 8.69 -47.41 13.58
N ILE A 1040 8.98 -48.42 12.79
CA ILE A 1040 10.15 -48.50 11.95
C ILE A 1040 10.22 -47.37 10.94
N ARG A 1041 9.09 -46.74 10.58
CA ARG A 1041 9.23 -45.53 9.78
C ARG A 1041 9.26 -44.32 10.65
N GLY A 1042 9.02 -44.55 11.93
CA GLY A 1042 9.52 -43.67 12.94
C GLY A 1042 11.01 -43.49 12.86
N HIS A 1043 11.72 -44.62 12.85
CA HIS A 1043 13.14 -44.57 12.57
C HIS A 1043 13.53 -44.03 11.21
N MET A 1044 12.96 -44.54 10.09
CA MET A 1044 13.43 -44.01 8.81
C MET A 1044 13.32 -42.51 8.69
N LYS A 1045 12.35 -41.90 9.34
CA LYS A 1045 12.32 -40.46 9.43
C LYS A 1045 13.45 -39.99 10.32
N ALA A 1046 13.40 -40.42 11.58
CA ALA A 1046 14.19 -39.87 12.67
C ALA A 1046 15.67 -39.86 12.34
N VAL A 1047 16.20 -41.02 11.99
CA VAL A 1047 17.64 -41.16 11.82
C VAL A 1047 18.18 -40.24 10.76
N VAL A 1048 17.62 -40.27 9.56
CA VAL A 1048 18.16 -39.45 8.50
C VAL A 1048 18.01 -37.98 8.85
N MET A 1049 16.90 -37.63 9.50
CA MET A 1049 16.70 -36.26 9.91
C MET A 1049 17.81 -35.83 10.85
N ASP A 1050 18.14 -36.72 11.76
CA ASP A 1050 19.28 -36.48 12.65
C ASP A 1050 20.58 -36.36 11.83
N LEU A 1051 20.84 -37.35 10.98
CA LEU A 1051 22.06 -37.40 10.19
C LEU A 1051 22.30 -36.10 9.44
N LEU A 1052 21.26 -35.58 8.82
CA LEU A 1052 21.33 -34.30 8.18
C LEU A 1052 21.68 -33.22 9.18
N ARG A 1053 20.97 -33.18 10.30
CA ARG A 1053 21.26 -32.16 11.28
C ARG A 1053 22.69 -32.09 11.80
N GLN A 1054 23.52 -33.13 11.71
CA GLN A 1054 24.88 -32.91 12.24
C GLN A 1054 25.71 -31.93 11.41
N TYR A 1055 25.94 -32.26 10.13
CA TYR A 1055 26.20 -31.30 9.07
C TYR A 1055 25.49 -29.98 9.16
N LEU A 1056 24.24 -29.96 9.59
CA LEU A 1056 23.48 -28.74 9.35
C LEU A 1056 23.95 -27.81 10.45
N ARG A 1057 23.81 -28.30 11.67
CA ARG A 1057 24.13 -27.59 12.91
C ARG A 1057 25.56 -27.13 12.88
N VAL A 1058 26.47 -28.10 12.84
CA VAL A 1058 27.90 -27.85 12.75
C VAL A 1058 28.19 -26.80 11.68
N GLU A 1059 27.83 -27.05 10.42
CA GLU A 1059 28.38 -26.12 9.46
C GLU A 1059 27.61 -24.81 9.37
N THR A 1060 26.48 -24.67 10.08
CA THR A 1060 25.81 -23.39 10.05
C THR A 1060 26.41 -22.53 11.13
N GLN A 1061 26.65 -23.12 12.30
CA GLN A 1061 27.33 -22.35 13.33
C GLN A 1061 28.74 -22.04 12.87
N PHE A 1062 29.35 -22.98 12.16
CA PHE A 1062 30.70 -22.77 11.70
C PHE A 1062 30.86 -21.61 10.77
N GLN A 1063 29.97 -21.47 9.79
CA GLN A 1063 30.19 -20.42 8.81
C GLN A 1063 29.04 -19.43 8.77
N ASN A 1064 29.40 -18.20 9.15
CA ASN A 1064 28.70 -16.95 9.26
C ASN A 1064 29.79 -15.88 9.10
N GLY A 1065 30.21 -15.71 7.86
CA GLY A 1065 31.26 -14.81 7.42
C GLY A 1065 32.48 -15.44 6.77
N HIS A 1066 33.59 -15.59 7.48
CA HIS A 1066 34.76 -16.23 6.89
C HIS A 1066 35.49 -17.01 7.98
N TYR A 1067 36.27 -18.00 7.51
CA TYR A 1067 36.92 -19.03 8.32
C TYR A 1067 37.56 -18.50 9.59
N ASP A 1068 38.30 -17.39 9.50
CA ASP A 1068 38.97 -16.84 10.67
C ASP A 1068 37.95 -16.40 11.72
N LYS A 1069 37.03 -15.54 11.31
CA LYS A 1069 36.03 -14.99 12.21
C LYS A 1069 35.25 -16.17 12.79
N CYS A 1070 35.05 -17.18 11.93
CA CYS A 1070 34.35 -18.42 12.25
C CYS A 1070 35.08 -19.22 13.32
N VAL A 1071 36.42 -19.24 13.30
CA VAL A 1071 37.12 -19.98 14.36
C VAL A 1071 36.92 -19.28 15.67
N PHE A 1072 36.76 -17.97 15.64
CA PHE A 1072 36.48 -17.32 16.91
C PHE A 1072 35.04 -17.58 17.36
N ALA A 1073 34.08 -17.67 16.44
CA ALA A 1073 32.73 -18.07 16.89
C ALA A 1073 32.63 -19.51 17.38
N LEU A 1074 33.39 -20.46 16.82
CA LEU A 1074 33.34 -21.82 17.37
C LEU A 1074 34.01 -21.87 18.74
N ARG A 1075 35.19 -21.22 18.84
CA ARG A 1075 35.93 -21.14 20.08
C ARG A 1075 35.05 -20.59 21.18
N GLU A 1076 34.23 -19.60 20.85
CA GLU A 1076 33.58 -18.80 21.85
C GLU A 1076 32.18 -19.33 22.10
N GLU A 1077 31.60 -20.01 21.10
CA GLU A 1077 30.34 -20.66 21.36
C GLU A 1077 30.55 -21.76 22.38
N ASN A 1078 31.68 -22.50 22.28
CA ASN A 1078 32.00 -23.55 23.26
C ASN A 1078 33.45 -23.44 23.77
N LYS A 1079 33.66 -22.46 24.64
CA LYS A 1079 34.95 -22.17 25.24
C LYS A 1079 35.51 -23.25 26.16
N SER A 1080 34.66 -23.89 26.97
CA SER A 1080 35.14 -24.78 28.04
C SER A 1080 35.99 -25.98 27.61
N ASP A 1081 35.61 -26.70 26.57
CA ASP A 1081 36.40 -27.85 26.14
C ASP A 1081 36.65 -27.69 24.66
N MET A 1082 37.70 -28.36 24.17
CA MET A 1082 38.02 -28.25 22.75
C MET A 1082 38.19 -29.61 22.08
N ASN A 1083 37.91 -30.71 22.77
CA ASN A 1083 37.99 -31.98 22.08
C ASN A 1083 36.86 -32.02 21.08
N THR A 1084 35.72 -31.50 21.54
CA THR A 1084 34.53 -31.33 20.74
C THR A 1084 34.87 -30.46 19.56
N VAL A 1085 35.68 -29.45 19.83
CA VAL A 1085 36.15 -28.54 18.80
C VAL A 1085 36.95 -29.32 17.78
N LEU A 1086 37.78 -30.25 18.22
CA LEU A 1086 38.63 -30.92 17.25
C LEU A 1086 37.79 -31.78 16.34
N ASN A 1087 36.85 -32.51 16.92
CA ASN A 1087 35.93 -33.30 16.12
C ASN A 1087 35.11 -32.42 15.18
N TYR A 1088 34.76 -31.24 15.66
CA TYR A 1088 34.05 -30.26 14.86
C TYR A 1088 34.86 -29.84 13.64
N ILE A 1089 36.09 -29.42 13.89
CA ILE A 1089 36.97 -28.86 12.88
C ILE A 1089 37.30 -29.92 11.85
N PHE A 1090 37.59 -31.10 12.37
CA PHE A 1090 37.80 -32.34 11.65
C PHE A 1090 36.61 -32.67 10.79
N SER A 1091 35.41 -32.51 11.35
CA SER A 1091 34.22 -32.86 10.60
C SER A 1091 34.00 -31.90 9.43
N HIS A 1092 33.84 -30.62 9.70
CA HIS A 1092 33.58 -29.71 8.60
C HIS A 1092 34.81 -29.45 7.76
N ALA A 1093 35.94 -30.05 8.04
CA ALA A 1093 37.07 -29.86 7.16
C ALA A 1093 36.87 -30.51 5.80
N GLN A 1094 36.41 -31.76 5.80
CA GLN A 1094 36.06 -32.48 4.59
C GLN A 1094 34.58 -32.31 4.29
N VAL A 1095 34.21 -31.08 3.97
CA VAL A 1095 32.83 -30.82 3.58
C VAL A 1095 32.55 -31.47 2.25
N THR A 1096 33.46 -31.35 1.30
CA THR A 1096 33.14 -31.83 -0.04
C THR A 1096 32.77 -33.31 -0.14
N LYS A 1097 33.38 -34.18 0.66
CA LYS A 1097 33.01 -35.58 0.69
C LYS A 1097 31.62 -35.78 1.29
N LYS A 1098 31.48 -35.27 2.52
CA LYS A 1098 30.25 -35.08 3.29
C LYS A 1098 29.10 -34.60 2.44
N ASN A 1099 29.38 -33.77 1.46
CA ASN A 1099 28.33 -32.97 0.90
C ASN A 1099 27.67 -33.90 -0.12
N LEU A 1100 28.51 -34.56 -0.90
CA LEU A 1100 28.08 -35.61 -1.82
C LEU A 1100 27.25 -36.63 -1.07
N LEU A 1101 27.77 -37.11 0.05
CA LEU A 1101 27.05 -38.15 0.77
C LEU A 1101 25.70 -37.67 1.24
N VAL A 1102 25.62 -36.40 1.56
CA VAL A 1102 24.33 -35.81 1.86
C VAL A 1102 23.42 -35.94 0.66
N THR A 1103 23.93 -35.57 -0.52
CA THR A 1103 23.14 -35.78 -1.74
C THR A 1103 22.62 -37.21 -1.88
N MET A 1104 23.50 -38.22 -1.80
CA MET A 1104 23.03 -39.60 -1.69
C MET A 1104 21.82 -39.81 -0.77
N LEU A 1105 21.94 -39.33 0.49
CA LEU A 1105 20.88 -39.52 1.48
C LEU A 1105 19.59 -38.89 1.04
N ILE A 1106 19.68 -37.65 0.59
CA ILE A 1106 18.53 -36.90 0.13
C ILE A 1106 17.98 -37.60 -1.10
N ASP A 1107 18.87 -38.15 -1.91
CA ASP A 1107 18.51 -38.74 -3.17
C ASP A 1107 17.58 -39.92 -2.95
N GLN A 1108 17.87 -40.78 -1.95
CA GLN A 1108 16.97 -41.92 -1.77
C GLN A 1108 15.78 -41.65 -0.86
N LEU A 1109 15.95 -40.86 0.18
CA LEU A 1109 14.83 -40.12 0.74
C LEU A 1109 13.83 -39.44 -0.18
N CYS A 1110 14.26 -38.42 -0.91
CA CYS A 1110 13.44 -37.81 -1.94
C CYS A 1110 12.98 -38.83 -2.96
N GLY A 1111 13.83 -39.81 -3.23
CA GLY A 1111 13.51 -40.82 -4.22
C GLY A 1111 12.21 -41.54 -3.92
N ARG A 1112 11.86 -41.64 -2.64
CA ARG A 1112 10.57 -42.21 -2.27
C ARG A 1112 9.78 -41.37 -1.26
N ASP A 1113 9.99 -40.04 -1.24
CA ASP A 1113 9.36 -39.12 -0.30
C ASP A 1113 7.90 -38.70 -0.50
N PRO A 1114 7.36 -38.66 -1.73
CA PRO A 1114 6.67 -37.43 -2.16
C PRO A 1114 5.52 -36.74 -1.37
N THR A 1115 4.92 -37.30 -0.32
CA THR A 1115 3.79 -36.63 0.36
C THR A 1115 3.97 -36.57 1.88
N LEU A 1116 5.11 -36.06 2.36
CA LEU A 1116 5.59 -36.41 3.69
C LEU A 1116 5.08 -35.65 4.93
N THR A 1117 5.56 -34.45 5.24
CA THR A 1117 5.42 -34.00 6.63
C THR A 1117 6.02 -32.63 6.93
N ASP A 1118 5.24 -31.76 7.56
CA ASP A 1118 5.61 -30.36 7.73
C ASP A 1118 6.86 -30.21 8.59
N GLU A 1119 6.90 -30.82 9.78
CA GLU A 1119 8.09 -30.79 10.65
C GLU A 1119 9.37 -31.12 9.89
N LEU A 1120 9.27 -31.92 8.84
CA LEU A 1120 10.46 -32.27 8.11
C LEU A 1120 10.67 -31.12 7.15
N LEU A 1121 9.66 -30.77 6.36
CA LEU A 1121 9.78 -29.66 5.41
C LEU A 1121 10.38 -28.43 6.09
N ASN A 1122 10.07 -28.26 7.38
CA ASN A 1122 10.69 -27.29 8.28
C ASN A 1122 12.19 -27.45 8.42
N ILE A 1123 12.66 -28.64 8.82
CA ILE A 1123 14.11 -28.88 8.84
C ILE A 1123 14.72 -28.66 7.47
N LEU A 1124 14.03 -29.11 6.46
CA LEU A 1124 14.47 -28.94 5.09
C LEU A 1124 14.53 -27.46 4.78
N THR A 1125 13.54 -26.72 5.23
CA THR A 1125 13.54 -25.29 5.00
C THR A 1125 14.71 -24.64 5.72
N GLU A 1126 15.21 -25.27 6.78
CA GLU A 1126 16.45 -24.79 7.37
C GLU A 1126 17.53 -25.00 6.35
N LEU A 1127 17.48 -26.12 5.65
CA LEU A 1127 18.57 -26.46 4.77
C LEU A 1127 18.61 -25.56 3.55
N THR A 1128 17.44 -25.17 3.03
CA THR A 1128 17.49 -24.28 1.87
C THR A 1128 18.09 -22.93 2.19
N GLN A 1129 17.96 -22.47 3.41
CA GLN A 1129 18.45 -21.12 3.62
C GLN A 1129 19.95 -21.00 3.68
N LEU A 1130 20.68 -22.12 3.70
CA LEU A 1130 22.09 -22.03 3.99
C LEU A 1130 22.80 -21.23 2.92
N SER A 1131 23.52 -20.23 3.41
CA SER A 1131 23.90 -19.07 2.63
C SER A 1131 25.41 -19.10 2.58
N LYS A 1132 26.06 -20.20 2.16
CA LYS A 1132 27.50 -20.07 2.11
C LYS A 1132 28.11 -20.89 0.98
N THR A 1133 29.29 -20.42 0.56
CA THR A 1133 29.99 -20.86 -0.63
C THR A 1133 30.24 -22.36 -0.84
N THR A 1134 30.72 -23.05 0.18
CA THR A 1134 30.91 -24.51 0.09
C THR A 1134 29.63 -25.35 0.02
N ASN A 1135 28.64 -25.01 0.84
CA ASN A 1135 27.37 -25.70 0.91
C ASN A 1135 26.39 -24.94 0.03
N ALA A 1136 26.55 -25.08 -1.29
CA ALA A 1136 25.71 -24.29 -2.18
C ALA A 1136 24.86 -25.03 -3.20
N LYS A 1137 25.22 -26.21 -3.69
CA LYS A 1137 24.19 -26.89 -4.46
C LYS A 1137 23.15 -27.46 -3.53
N VAL A 1138 23.64 -28.02 -2.44
CA VAL A 1138 22.83 -28.80 -1.55
C VAL A 1138 21.68 -28.02 -0.93
N ALA A 1139 21.92 -26.77 -0.54
CA ALA A 1139 20.83 -25.96 0.02
C ALA A 1139 19.69 -25.75 -0.98
N LEU A 1140 20.00 -25.28 -2.18
CA LEU A 1140 18.96 -25.21 -3.18
C LEU A 1140 18.41 -26.59 -3.52
N ARG A 1141 19.20 -27.64 -3.37
CA ARG A 1141 18.67 -28.96 -3.65
C ARG A 1141 17.66 -29.26 -2.59
N ALA A 1142 17.94 -28.81 -1.36
CA ALA A 1142 17.01 -28.96 -0.26
C ALA A 1142 15.69 -28.39 -0.74
N ARG A 1143 15.78 -27.26 -1.45
CA ARG A 1143 14.55 -26.61 -1.92
C ARG A 1143 13.92 -27.47 -3.00
N GLN A 1144 14.73 -27.98 -3.93
CA GLN A 1144 14.25 -28.75 -5.06
C GLN A 1144 13.53 -29.97 -4.55
N VAL A 1145 14.05 -30.55 -3.49
CA VAL A 1145 13.36 -31.63 -2.81
C VAL A 1145 12.05 -31.10 -2.26
N LEU A 1146 12.06 -29.88 -1.66
CA LEU A 1146 10.86 -29.42 -0.98
C LEU A 1146 9.76 -29.21 -2.00
N ILE A 1147 10.16 -29.02 -3.26
CA ILE A 1147 9.29 -28.76 -4.38
C ILE A 1147 8.92 -30.09 -5.02
N ALA A 1148 9.96 -30.87 -5.27
CA ALA A 1148 9.87 -32.20 -5.86
C ALA A 1148 8.91 -33.09 -5.10
N SER A 1149 8.61 -32.75 -3.85
CA SER A 1149 7.32 -33.08 -3.29
C SER A 1149 6.21 -32.92 -4.33
N HIS A 1150 6.09 -31.74 -4.95
CA HIS A 1150 5.25 -31.61 -6.14
C HIS A 1150 5.80 -32.41 -7.29
N LEU A 1151 7.10 -32.26 -7.55
CA LEU A 1151 7.75 -32.71 -8.78
C LEU A 1151 8.70 -33.87 -8.53
N PRO A 1152 8.21 -35.11 -8.37
CA PRO A 1152 9.09 -36.21 -7.98
C PRO A 1152 9.95 -36.70 -9.13
N SER A 1153 11.06 -37.34 -8.76
CA SER A 1153 12.18 -37.57 -9.69
C SER A 1153 12.80 -38.97 -9.56
N TYR A 1154 11.98 -40.03 -9.53
CA TYR A 1154 12.53 -41.35 -9.27
C TYR A 1154 11.70 -42.40 -10.03
N GLU A 1155 11.56 -43.59 -9.48
CA GLU A 1155 10.89 -44.71 -10.12
C GLU A 1155 9.38 -44.55 -9.99
N LEU A 1156 8.95 -43.69 -9.08
CA LEU A 1156 7.53 -43.45 -8.86
C LEU A 1156 7.01 -42.57 -9.98
N ARG A 1157 7.78 -41.56 -10.37
CA ARG A 1157 7.28 -40.74 -11.45
C ARG A 1157 7.64 -41.39 -12.77
N HIS A 1158 8.60 -42.32 -12.77
CA HIS A 1158 8.71 -43.20 -13.91
C HIS A 1158 7.42 -43.99 -14.07
N ASN A 1159 6.81 -44.36 -12.95
CA ASN A 1159 5.49 -44.95 -13.01
C ASN A 1159 4.47 -43.94 -13.49
N GLN A 1160 4.66 -42.69 -13.11
CA GLN A 1160 3.68 -41.68 -13.48
C GLN A 1160 3.70 -41.41 -14.98
N VAL A 1161 4.89 -41.39 -15.59
CA VAL A 1161 4.98 -41.16 -17.01
C VAL A 1161 4.51 -42.39 -17.75
N GLU A 1162 4.91 -43.56 -17.24
CA GLU A 1162 4.35 -44.80 -17.71
C GLU A 1162 2.85 -44.68 -17.84
N SER A 1163 2.22 -44.21 -16.77
CA SER A 1163 0.78 -44.03 -16.79
C SER A 1163 0.37 -43.05 -17.86
N ILE A 1164 0.85 -41.83 -17.75
CA ILE A 1164 0.50 -40.76 -18.68
C ILE A 1164 0.64 -41.16 -20.14
N PHE A 1165 1.80 -41.67 -20.51
CA PHE A 1165 2.07 -42.03 -21.89
C PHE A 1165 1.23 -43.20 -22.35
N LEU A 1166 1.35 -44.33 -21.64
CA LEU A 1166 0.65 -45.54 -22.05
C LEU A 1166 -0.85 -45.36 -22.00
N SER A 1167 -1.32 -44.61 -21.02
CA SER A 1167 -2.73 -44.32 -20.93
C SER A 1167 -3.12 -43.48 -22.13
N ALA A 1168 -2.33 -42.43 -22.37
CA ALA A 1168 -2.57 -41.50 -23.45
C ALA A 1168 -2.60 -42.18 -24.83
N ILE A 1169 -1.90 -43.30 -25.01
CA ILE A 1169 -1.79 -43.85 -26.36
C ILE A 1169 -3.12 -44.39 -26.85
N ASP A 1170 -3.31 -44.29 -28.18
CA ASP A 1170 -4.41 -44.97 -28.85
C ASP A 1170 -4.32 -46.49 -28.67
N MET A 1171 -3.20 -47.06 -29.08
CA MET A 1171 -2.96 -48.51 -29.06
C MET A 1171 -3.89 -49.27 -30.01
N TYR A 1172 -4.45 -48.58 -30.99
CA TYR A 1172 -4.80 -49.19 -32.26
C TYR A 1172 -3.64 -48.97 -33.22
N GLY A 1173 -3.75 -49.56 -34.41
CA GLY A 1173 -2.71 -49.40 -35.39
C GLY A 1173 -2.49 -47.97 -35.83
N HIS A 1174 -3.47 -47.10 -35.63
CA HIS A 1174 -3.31 -45.68 -35.95
C HIS A 1174 -2.18 -45.08 -35.13
N GLN A 1175 -2.36 -45.08 -33.80
CA GLN A 1175 -1.31 -44.67 -32.87
C GLN A 1175 -0.88 -43.23 -33.17
N PHE A 1176 -1.85 -42.47 -33.69
CA PHE A 1176 -1.72 -41.08 -34.10
C PHE A 1176 -2.07 -40.15 -32.94
N CYS A 1177 -1.11 -39.97 -32.04
CA CYS A 1177 -1.23 -39.03 -30.91
C CYS A 1177 -0.47 -37.73 -31.18
N ILE A 1178 -0.94 -36.96 -32.16
CA ILE A 1178 -0.35 -35.64 -32.43
C ILE A 1178 -0.45 -34.64 -31.26
N GLU A 1179 -1.59 -34.56 -30.56
CA GLU A 1179 -1.66 -33.68 -29.38
C GLU A 1179 -0.73 -34.11 -28.26
N ASN A 1180 -0.66 -35.40 -28.01
CA ASN A 1180 0.26 -35.85 -26.98
C ASN A 1180 1.68 -35.68 -27.45
N LEU A 1181 1.91 -35.83 -28.75
CA LEU A 1181 3.21 -35.61 -29.35
C LEU A 1181 3.68 -34.18 -29.18
N GLN A 1182 2.78 -33.21 -29.34
CA GLN A 1182 3.21 -31.87 -29.03
C GLN A 1182 3.46 -31.68 -27.54
N LYS A 1183 2.85 -32.48 -26.65
CA LYS A 1183 3.31 -32.35 -25.27
C LYS A 1183 4.67 -32.98 -25.05
N LEU A 1184 4.95 -34.02 -25.83
CA LEU A 1184 6.26 -34.65 -25.83
C LEU A 1184 7.35 -33.72 -26.36
N ILE A 1185 7.03 -32.96 -27.40
CA ILE A 1185 7.99 -32.09 -28.06
C ILE A 1185 8.00 -30.73 -27.41
N LEU A 1186 7.09 -30.48 -26.48
CA LEU A 1186 7.08 -29.24 -25.72
C LEU A 1186 6.91 -29.65 -24.27
N SER A 1187 7.91 -30.39 -23.84
CA SER A 1187 7.99 -30.92 -22.50
C SER A 1187 9.06 -30.18 -21.71
N GLU A 1188 8.68 -29.61 -20.56
CA GLU A 1188 9.67 -29.01 -19.69
C GLU A 1188 10.58 -30.10 -19.17
N THR A 1189 9.95 -31.21 -18.89
CA THR A 1189 10.58 -32.43 -18.44
C THR A 1189 11.34 -33.08 -19.59
N SER A 1190 12.50 -33.62 -19.28
CA SER A 1190 13.34 -34.31 -20.24
C SER A 1190 12.85 -35.72 -20.43
N ILE A 1191 12.74 -36.15 -21.69
CA ILE A 1191 12.18 -37.46 -21.95
C ILE A 1191 13.20 -38.35 -22.67
N PHE A 1192 14.48 -38.00 -22.62
CA PHE A 1192 15.51 -38.95 -22.98
C PHE A 1192 15.76 -39.98 -21.87
N ASP A 1193 15.16 -39.80 -20.68
CA ASP A 1193 15.43 -40.68 -19.55
C ASP A 1193 14.73 -42.03 -19.60
N VAL A 1194 13.41 -42.03 -19.58
CA VAL A 1194 12.65 -43.24 -19.37
C VAL A 1194 12.10 -43.80 -20.67
N LEU A 1195 11.71 -42.93 -21.60
CA LEU A 1195 11.32 -43.28 -22.96
C LEU A 1195 12.22 -44.37 -23.56
N PRO A 1196 13.53 -44.29 -23.39
CA PRO A 1196 14.37 -45.41 -23.79
C PRO A 1196 14.06 -46.68 -23.10
N ASN A 1197 13.61 -46.62 -21.86
CA ASN A 1197 13.31 -47.85 -21.15
C ASN A 1197 12.19 -48.62 -21.86
N PHE A 1198 11.13 -47.94 -22.34
CA PHE A 1198 10.17 -48.69 -23.14
C PHE A 1198 10.40 -48.79 -24.65
N PHE A 1199 11.18 -47.90 -25.35
CA PHE A 1199 11.19 -48.23 -26.83
C PHE A 1199 11.93 -49.65 -27.18
N TYR A 1200 12.26 -50.47 -26.19
CA TYR A 1200 12.67 -51.87 -26.29
C TYR A 1200 11.83 -52.69 -25.32
N HIS A 1201 10.55 -52.35 -25.25
CA HIS A 1201 9.59 -53.11 -24.45
C HIS A 1201 9.15 -54.25 -25.34
N SER A 1202 8.10 -54.97 -24.98
CA SER A 1202 7.50 -55.95 -25.87
C SER A 1202 6.07 -55.55 -26.17
N ASN A 1203 5.81 -54.24 -26.24
CA ASN A 1203 4.49 -53.76 -26.61
C ASN A 1203 4.60 -52.85 -27.83
N GLN A 1204 4.13 -53.39 -28.95
CA GLN A 1204 4.43 -52.91 -30.29
C GLN A 1204 4.12 -51.43 -30.45
N VAL A 1205 3.10 -50.97 -29.75
CA VAL A 1205 2.71 -49.57 -29.84
C VAL A 1205 3.70 -48.66 -29.17
N VAL A 1206 4.09 -48.94 -27.93
CA VAL A 1206 5.04 -48.00 -27.32
C VAL A 1206 6.41 -48.11 -27.95
N ARG A 1207 6.79 -49.31 -28.37
CA ARG A 1207 7.93 -49.47 -29.27
C ARG A 1207 7.91 -48.46 -30.42
N MET A 1208 6.98 -48.72 -31.36
CA MET A 1208 6.86 -47.95 -32.60
C MET A 1208 6.81 -46.44 -32.35
N ALA A 1209 5.82 -46.02 -31.54
CA ALA A 1209 5.61 -44.62 -31.17
C ALA A 1209 6.89 -43.98 -30.65
N ALA A 1210 7.44 -44.58 -29.59
CA ALA A 1210 8.59 -44.01 -28.91
C ALA A 1210 9.75 -43.82 -29.89
N LEU A 1211 9.99 -44.83 -30.73
CA LEU A 1211 11.10 -44.74 -31.67
C LEU A 1211 10.89 -43.60 -32.68
N GLU A 1212 9.71 -43.47 -33.29
CA GLU A 1212 9.61 -42.37 -34.26
C GLU A 1212 9.56 -40.99 -33.58
N VAL A 1213 9.04 -40.90 -32.37
CA VAL A 1213 9.08 -39.61 -31.71
C VAL A 1213 10.53 -39.22 -31.47
N TYR A 1214 11.38 -40.21 -31.19
CA TYR A 1214 12.81 -39.97 -31.10
C TYR A 1214 13.34 -39.39 -32.39
N VAL A 1215 12.94 -39.97 -33.53
CA VAL A 1215 13.31 -39.39 -34.83
C VAL A 1215 12.98 -37.91 -34.79
N ARG A 1216 11.74 -37.61 -34.43
CA ARG A 1216 11.17 -36.27 -34.58
C ARG A 1216 11.96 -35.31 -33.69
N ARG A 1217 12.39 -35.81 -32.52
CA ARG A 1217 13.17 -35.14 -31.50
C ARG A 1217 14.60 -34.99 -31.94
N ALA A 1218 14.99 -35.71 -32.99
CA ALA A 1218 16.30 -35.57 -33.61
C ALA A 1218 16.32 -34.45 -34.63
N TYR A 1219 15.48 -34.60 -35.65
CA TYR A 1219 15.43 -33.74 -36.82
C TYR A 1219 14.46 -32.59 -36.73
N ILE A 1220 14.07 -32.17 -35.52
CA ILE A 1220 13.28 -30.94 -35.42
C ILE A 1220 13.92 -29.82 -36.23
N ALA A 1221 15.25 -29.84 -36.39
CA ALA A 1221 15.91 -28.82 -37.17
C ALA A 1221 15.61 -28.97 -38.66
N TYR A 1222 15.84 -30.16 -39.26
CA TYR A 1222 15.48 -30.28 -40.68
C TYR A 1222 14.00 -30.57 -40.94
N GLU A 1223 13.70 -30.57 -42.22
CA GLU A 1223 12.37 -30.83 -42.78
C GLU A 1223 12.25 -32.26 -43.29
N LEU A 1224 11.28 -32.96 -42.75
CA LEU A 1224 11.04 -34.36 -43.01
C LEU A 1224 9.85 -34.45 -43.96
N ASN A 1225 10.02 -35.07 -45.14
CA ASN A 1225 8.91 -35.09 -46.08
C ASN A 1225 8.28 -36.47 -46.22
N SER A 1226 8.80 -37.48 -45.53
CA SER A 1226 8.24 -38.82 -45.57
C SER A 1226 8.94 -39.67 -44.51
N VAL A 1227 8.15 -40.47 -43.80
CA VAL A 1227 8.70 -41.34 -42.77
C VAL A 1227 7.79 -42.55 -42.71
N GLN A 1228 8.29 -43.70 -43.12
CA GLN A 1228 7.54 -44.93 -43.10
C GLN A 1228 8.23 -45.95 -42.20
N HIS A 1229 7.47 -46.53 -41.29
CA HIS A 1229 7.92 -47.70 -40.58
C HIS A 1229 7.85 -48.99 -41.39
N ARG A 1230 8.95 -49.74 -41.37
CA ARG A 1230 9.01 -51.10 -41.85
C ARG A 1230 9.12 -52.00 -40.63
N GLN A 1231 8.87 -53.28 -40.86
CA GLN A 1231 8.58 -54.25 -39.81
C GLN A 1231 8.99 -55.56 -40.46
N LEU A 1232 10.22 -56.00 -40.18
CA LEU A 1232 10.75 -57.15 -40.90
C LEU A 1232 11.41 -58.14 -39.95
N LYS A 1233 12.17 -59.08 -40.50
CA LYS A 1233 11.66 -60.43 -40.62
C LYS A 1233 10.62 -60.76 -39.56
N ASP A 1234 11.03 -60.81 -38.30
CA ASP A 1234 10.06 -60.61 -37.22
C ASP A 1234 10.66 -59.68 -36.17
N ASN A 1235 11.95 -59.86 -35.90
CA ASN A 1235 12.65 -59.19 -34.82
C ASN A 1235 13.04 -57.76 -35.15
N THR A 1236 12.55 -57.17 -36.24
CA THR A 1236 12.83 -55.76 -36.49
C THR A 1236 11.56 -54.92 -36.50
N CYS A 1237 11.63 -53.79 -35.79
CA CYS A 1237 10.93 -52.57 -36.08
C CYS A 1237 11.92 -51.60 -36.72
N VAL A 1238 11.59 -51.11 -37.91
CA VAL A 1238 12.40 -50.12 -38.60
C VAL A 1238 11.64 -48.83 -38.77
N VAL A 1239 12.30 -47.68 -38.55
CA VAL A 1239 11.74 -46.41 -38.96
C VAL A 1239 12.60 -45.95 -40.12
N GLU A 1240 11.99 -45.21 -41.04
CA GLU A 1240 12.62 -44.58 -42.19
C GLU A 1240 12.66 -43.07 -42.13
N PHE A 1241 13.77 -42.45 -42.55
CA PHE A 1241 13.77 -40.99 -42.58
C PHE A 1241 13.70 -40.64 -44.05
N GLN A 1242 13.18 -39.46 -44.34
CA GLN A 1242 13.21 -38.87 -45.68
C GLN A 1242 13.23 -37.37 -45.49
N PHE A 1243 14.27 -36.66 -45.91
CA PHE A 1243 14.26 -35.24 -45.55
C PHE A 1243 15.11 -34.48 -46.56
N MET A 1244 15.38 -33.19 -46.26
CA MET A 1244 16.29 -32.39 -47.06
C MET A 1244 16.94 -31.27 -46.26
N LEU A 1245 17.92 -30.65 -46.92
CA LEU A 1245 18.82 -29.63 -46.36
C LEU A 1245 18.18 -28.23 -46.30
N PRO A 1246 17.95 -27.65 -45.10
CA PRO A 1246 17.68 -26.19 -45.00
C PRO A 1246 18.89 -25.31 -44.69
N THR A 1247 19.73 -25.02 -45.69
CA THR A 1247 20.95 -24.20 -45.53
C THR A 1247 21.89 -24.74 -44.46
N SER A 1248 21.78 -26.01 -44.12
CA SER A 1248 22.66 -26.58 -43.11
C SER A 1248 24.09 -26.63 -43.61
N HIS A 1249 24.28 -27.01 -44.88
CA HIS A 1249 25.56 -27.13 -45.56
C HIS A 1249 25.36 -27.86 -46.89
N CYS A 1291 21.01 -32.72 -51.35
CA CYS A 1291 19.74 -32.03 -51.19
C CYS A 1291 18.81 -32.82 -50.29
N GLN A 1292 18.73 -34.13 -50.52
CA GLN A 1292 17.78 -34.99 -49.84
C GLN A 1292 18.54 -36.19 -49.33
N ARG A 1293 17.91 -36.98 -48.47
CA ARG A 1293 18.62 -38.08 -47.85
C ARG A 1293 17.59 -38.94 -47.14
N MET A 1294 17.93 -40.24 -46.91
CA MET A 1294 17.05 -41.03 -46.04
C MET A 1294 17.76 -41.46 -44.74
N GLY A 1295 17.00 -42.24 -43.93
CA GLY A 1295 17.50 -42.69 -42.64
C GLY A 1295 16.92 -44.00 -42.14
N GLY A 1296 17.55 -44.55 -41.08
CA GLY A 1296 17.01 -45.72 -40.40
C GLY A 1296 17.30 -45.94 -38.92
N MET A 1297 16.24 -46.16 -38.10
CA MET A 1297 16.39 -46.60 -36.69
C MET A 1297 15.76 -47.96 -36.41
N VAL A 1298 16.49 -48.79 -35.65
CA VAL A 1298 16.00 -50.09 -35.15
C VAL A 1298 16.37 -50.26 -33.67
N SER A 1299 15.39 -50.68 -32.85
CA SER A 1299 15.56 -50.87 -31.41
C SER A 1299 15.82 -52.33 -31.03
N PHE A 1300 16.99 -52.57 -30.40
CA PHE A 1300 17.57 -53.88 -29.99
C PHE A 1300 18.09 -53.93 -28.55
N ARG A 1301 18.11 -55.18 -28.10
CA ARG A 1301 18.25 -55.69 -26.76
C ARG A 1301 19.73 -55.87 -26.43
N THR A 1302 20.50 -56.49 -27.32
CA THR A 1302 21.93 -56.66 -27.13
C THR A 1302 22.66 -56.43 -28.43
N PHE A 1303 23.95 -56.05 -28.31
CA PHE A 1303 24.68 -55.74 -29.54
C PHE A 1303 24.86 -57.01 -30.34
N GLU A 1304 24.82 -58.17 -29.67
CA GLU A 1304 25.18 -59.40 -30.33
C GLU A 1304 24.13 -59.63 -31.40
N ASP A 1305 22.86 -59.55 -30.98
CA ASP A 1305 21.76 -59.83 -31.87
C ASP A 1305 21.86 -58.89 -33.05
N PHE A 1306 22.16 -57.61 -32.77
CA PHE A 1306 22.39 -56.66 -33.84
C PHE A 1306 23.38 -57.20 -34.84
N VAL A 1307 24.55 -57.60 -34.37
CA VAL A 1307 25.62 -57.88 -35.31
C VAL A 1307 25.34 -59.15 -36.09
N ARG A 1308 24.52 -60.05 -35.56
CA ARG A 1308 24.03 -61.14 -36.40
C ARG A 1308 22.99 -60.64 -37.38
N ILE A 1309 22.16 -59.69 -36.91
CA ILE A 1309 21.07 -59.10 -37.69
C ILE A 1309 21.57 -57.99 -38.60
N PHE A 1310 22.89 -57.78 -38.65
CA PHE A 1310 23.52 -56.89 -39.61
C PHE A 1310 22.91 -56.95 -41.00
N ASP A 1311 22.80 -58.13 -41.54
CA ASP A 1311 23.11 -58.30 -42.94
C ASP A 1311 21.89 -57.92 -43.77
N GLU A 1312 20.73 -57.83 -43.12
CA GLU A 1312 19.49 -57.34 -43.70
C GLU A 1312 19.42 -55.82 -43.69
N VAL A 1313 20.12 -55.16 -42.79
CA VAL A 1313 20.18 -53.70 -42.82
C VAL A 1313 20.85 -53.22 -44.09
N MET A 1314 21.98 -53.82 -44.41
CA MET A 1314 22.55 -53.58 -45.72
C MET A 1314 21.86 -54.40 -46.80
N GLY A 1315 20.97 -55.31 -46.42
CA GLY A 1315 20.18 -56.00 -47.42
C GLY A 1315 19.21 -55.04 -48.07
N CYS A 1316 18.43 -54.34 -47.25
CA CYS A 1316 17.38 -53.44 -47.71
C CYS A 1316 17.86 -52.01 -47.87
N PHE A 1317 19.17 -51.75 -47.73
CA PHE A 1317 19.70 -50.38 -47.82
C PHE A 1317 19.17 -49.58 -49.02
N GLU A 1345 28.11 -41.62 -53.32
CA GLU A 1345 27.73 -40.73 -52.23
C GLU A 1345 26.72 -41.42 -51.31
N PRO A 1346 27.12 -41.80 -50.09
CA PRO A 1346 26.16 -42.33 -49.13
C PRO A 1346 25.18 -41.28 -48.61
N ILE A 1347 23.92 -41.60 -48.74
CA ILE A 1347 22.72 -40.82 -48.44
C ILE A 1347 21.83 -41.58 -47.47
N HIS A 1348 22.40 -42.56 -46.77
CA HIS A 1348 21.70 -43.21 -45.68
C HIS A 1348 22.29 -42.94 -44.30
N ILE A 1349 21.37 -42.68 -43.39
CA ILE A 1349 21.60 -42.39 -41.98
C ILE A 1349 21.31 -43.64 -41.19
N LEU A 1350 22.16 -43.96 -40.21
CA LEU A 1350 21.88 -45.12 -39.37
C LEU A 1350 22.21 -44.90 -37.91
N ASN A 1351 21.16 -44.99 -37.10
CA ASN A 1351 21.30 -44.91 -35.66
C ASN A 1351 20.65 -46.16 -35.13
N VAL A 1352 21.33 -46.87 -34.24
CA VAL A 1352 20.88 -48.16 -33.74
C VAL A 1352 20.69 -48.09 -32.22
N ALA A 1353 19.53 -48.52 -31.77
CA ALA A 1353 19.20 -48.49 -30.35
C ALA A 1353 19.57 -49.84 -29.77
N ILE A 1354 20.37 -49.82 -28.69
CA ILE A 1354 20.88 -51.01 -28.03
C ILE A 1354 20.69 -50.92 -26.51
N LYS A 1355 20.80 -52.08 -25.87
CA LYS A 1355 20.56 -52.31 -24.46
C LYS A 1355 21.73 -53.17 -23.94
N THR A 1356 21.58 -53.83 -22.77
CA THR A 1356 22.58 -54.60 -22.00
C THR A 1356 23.40 -53.80 -20.99
N ASP A 1357 23.00 -52.57 -20.68
CA ASP A 1357 23.29 -51.87 -19.42
C ASP A 1357 24.65 -52.13 -18.77
N CYS A 1358 25.71 -52.19 -19.56
CA CYS A 1358 27.03 -52.50 -19.03
C CYS A 1358 27.57 -51.26 -18.29
N ASP A 1359 28.85 -51.27 -17.94
CA ASP A 1359 29.39 -50.38 -16.91
C ASP A 1359 30.81 -49.98 -17.29
N ILE A 1360 31.60 -49.54 -16.29
CA ILE A 1360 32.65 -48.53 -16.38
C ILE A 1360 33.64 -48.67 -17.54
N GLU A 1361 33.77 -49.85 -18.14
CA GLU A 1361 35.00 -50.19 -18.87
C GLU A 1361 35.16 -49.46 -20.20
N ASP A 1362 35.09 -48.12 -20.17
CA ASP A 1362 35.11 -47.28 -21.36
C ASP A 1362 36.22 -47.64 -22.33
N ASP A 1363 37.38 -48.01 -21.80
CA ASP A 1363 38.51 -48.42 -22.62
C ASP A 1363 38.15 -49.65 -23.43
N ARG A 1364 37.95 -50.75 -22.72
CA ARG A 1364 37.61 -52.02 -23.37
C ARG A 1364 36.34 -51.86 -24.20
N LEU A 1365 35.40 -51.10 -23.68
CA LEU A 1365 34.17 -50.73 -24.31
C LEU A 1365 34.40 -50.16 -25.69
N ALA A 1366 34.59 -48.85 -25.78
CA ALA A 1366 34.75 -48.27 -27.10
C ALA A 1366 35.87 -48.92 -27.90
N ALA A 1367 36.86 -49.52 -27.25
CA ALA A 1367 37.94 -50.08 -28.05
C ALA A 1367 37.42 -51.24 -28.89
N MET A 1368 36.68 -52.15 -28.23
CA MET A 1368 35.90 -53.19 -28.88
C MET A 1368 35.02 -52.66 -30.00
N PHE A 1369 34.33 -51.58 -29.70
CA PHE A 1369 33.40 -50.98 -30.63
C PHE A 1369 34.13 -50.52 -31.89
N ARG A 1370 35.24 -49.84 -31.67
CA ARG A 1370 36.12 -49.41 -32.73
C ARG A 1370 36.53 -50.58 -33.59
N GLU A 1371 36.97 -51.66 -32.96
CA GLU A 1371 37.38 -52.78 -33.79
C GLU A 1371 36.19 -53.50 -34.41
N PHE A 1372 34.96 -53.11 -34.06
CA PHE A 1372 33.82 -53.54 -34.86
C PHE A 1372 33.82 -52.75 -36.16
N THR A 1373 34.12 -51.47 -36.06
CA THR A 1373 34.17 -50.67 -37.27
C THR A 1373 35.31 -51.09 -38.17
N GLN A 1374 36.50 -51.23 -37.58
CA GLN A 1374 37.67 -51.62 -38.34
C GLN A 1374 37.62 -53.07 -38.79
N GLN A 1375 36.89 -53.94 -38.13
CA GLN A 1375 36.75 -55.27 -38.70
C GLN A 1375 35.84 -55.19 -39.91
N ASN A 1376 34.67 -54.53 -39.79
CA ASN A 1376 33.83 -54.36 -40.96
C ASN A 1376 33.60 -52.89 -41.28
N LYS A 1377 34.50 -52.39 -42.09
CA LYS A 1377 34.33 -51.37 -43.11
C LYS A 1377 33.46 -51.87 -44.29
N ALA A 1378 33.00 -53.13 -44.18
CA ALA A 1378 31.95 -53.67 -45.03
C ALA A 1378 30.77 -52.75 -45.14
N THR A 1379 30.44 -52.03 -44.06
CA THR A 1379 29.47 -50.95 -44.15
C THR A 1379 29.82 -50.04 -45.31
N LEU A 1380 31.10 -49.70 -45.44
CA LEU A 1380 31.49 -48.86 -46.56
C LEU A 1380 31.32 -49.59 -47.87
N VAL A 1381 31.66 -50.88 -47.90
CA VAL A 1381 31.51 -51.62 -49.15
C VAL A 1381 30.07 -51.81 -49.63
N ASP A 1382 29.08 -51.93 -48.73
CA ASP A 1382 27.67 -51.99 -49.18
C ASP A 1382 27.08 -50.64 -49.57
N HIS A 1383 27.60 -50.06 -50.66
CA HIS A 1383 27.20 -48.73 -51.11
C HIS A 1383 27.34 -47.68 -50.00
N GLY A 1384 28.16 -47.93 -49.00
CA GLY A 1384 28.55 -46.88 -48.09
C GLY A 1384 27.45 -46.42 -47.17
N ILE A 1385 27.83 -46.07 -45.94
CA ILE A 1385 26.91 -45.53 -44.96
C ILE A 1385 27.53 -44.22 -44.53
N ARG A 1386 26.72 -43.17 -44.47
CA ARG A 1386 27.24 -41.95 -43.91
C ARG A 1386 27.58 -42.08 -42.44
N ARG A 1387 26.64 -42.58 -41.64
CA ARG A 1387 26.84 -42.59 -40.21
C ARG A 1387 26.24 -43.82 -39.57
N LEU A 1388 26.95 -44.36 -38.58
CA LEU A 1388 26.47 -45.41 -37.70
C LEU A 1388 26.69 -44.98 -36.25
N THR A 1389 25.62 -44.61 -35.57
CA THR A 1389 25.67 -44.28 -34.14
C THR A 1389 25.11 -45.43 -33.33
N PHE A 1390 25.84 -45.87 -32.30
CA PHE A 1390 25.30 -46.91 -31.44
C PHE A 1390 24.81 -46.18 -30.20
N LEU A 1391 23.57 -46.46 -29.81
CA LEU A 1391 22.96 -45.87 -28.63
C LEU A 1391 22.75 -46.93 -27.58
N VAL A 1392 23.43 -46.84 -26.44
CA VAL A 1392 23.24 -47.83 -25.38
C VAL A 1392 22.47 -47.23 -24.22
N ALA A 1393 21.43 -47.95 -23.81
CA ALA A 1393 20.52 -47.55 -22.74
C ALA A 1393 21.01 -48.13 -21.41
N GLN A 1394 20.27 -47.91 -20.31
CA GLN A 1394 20.86 -47.77 -18.98
C GLN A 1394 21.38 -49.11 -18.52
N PHE A 1413 20.56 -42.14 -18.82
CA PHE A 1413 20.91 -41.05 -19.71
C PHE A 1413 21.45 -41.77 -20.95
N PRO A 1414 20.77 -41.71 -22.10
CA PRO A 1414 21.26 -42.47 -23.27
C PRO A 1414 22.70 -42.17 -23.66
N LYS A 1415 23.47 -43.23 -23.89
CA LYS A 1415 24.86 -43.11 -24.28
C LYS A 1415 24.99 -43.17 -25.79
N PHE A 1416 25.46 -42.11 -26.44
CA PHE A 1416 25.72 -42.22 -27.87
C PHE A 1416 27.16 -42.60 -28.09
N PHE A 1417 27.39 -43.30 -29.19
CA PHE A 1417 28.71 -43.77 -29.60
C PHE A 1417 28.68 -43.47 -31.10
N THR A 1418 29.14 -42.29 -31.50
CA THR A 1418 28.99 -41.91 -32.90
C THR A 1418 30.22 -42.36 -33.67
N PHE A 1419 29.97 -43.16 -34.69
CA PHE A 1419 30.91 -43.69 -35.67
C PHE A 1419 30.33 -43.11 -36.93
N ARG A 1420 30.85 -41.95 -37.26
CA ARG A 1420 30.47 -41.20 -38.45
C ARG A 1420 31.56 -41.31 -39.49
N ALA A 1421 31.18 -41.83 -40.66
CA ALA A 1421 32.08 -41.98 -41.78
C ALA A 1421 31.36 -42.53 -43.00
N ARG A 1422 30.90 -41.57 -43.80
CA ARG A 1422 30.61 -41.76 -45.21
C ARG A 1422 31.83 -42.22 -45.97
N ASP A 1423 32.98 -41.59 -45.70
CA ASP A 1423 34.23 -41.94 -46.35
C ASP A 1423 35.39 -41.91 -45.36
N LYS A 1424 35.12 -41.78 -44.06
CA LYS A 1424 36.10 -41.34 -43.09
C LYS A 1424 36.61 -42.52 -42.27
N PHE A 1425 37.61 -42.20 -41.45
CA PHE A 1425 37.92 -43.01 -40.29
C PHE A 1425 36.65 -43.23 -39.48
N GLU A 1426 36.60 -44.37 -38.79
CA GLU A 1426 35.34 -44.87 -38.24
C GLU A 1426 34.63 -43.84 -37.37
N GLU A 1427 35.37 -43.09 -36.53
CA GLU A 1427 34.71 -42.45 -35.41
C GLU A 1427 35.35 -41.11 -35.11
N ASP A 1428 34.47 -40.17 -34.82
CA ASP A 1428 34.77 -38.77 -34.65
C ASP A 1428 34.49 -38.50 -33.17
N ARG A 1429 35.40 -37.78 -32.53
CA ARG A 1429 35.51 -37.72 -31.08
C ARG A 1429 34.87 -36.46 -30.50
N ILE A 1430 34.84 -35.38 -31.28
CA ILE A 1430 34.19 -34.14 -30.85
C ILE A 1430 32.71 -34.34 -30.53
N TYR A 1431 32.02 -35.12 -31.35
CA TYR A 1431 30.62 -35.44 -31.18
C TYR A 1431 30.31 -36.73 -30.46
N ARG A 1432 31.28 -37.48 -29.92
CA ARG A 1432 30.81 -38.63 -29.17
C ARG A 1432 29.97 -38.18 -27.97
N HIS A 1433 28.95 -38.98 -27.72
CA HIS A 1433 27.89 -38.92 -26.73
C HIS A 1433 26.81 -37.96 -27.20
N LEU A 1434 26.89 -37.44 -28.43
CA LEU A 1434 25.85 -36.59 -28.98
C LEU A 1434 25.74 -36.68 -30.50
N GLU A 1435 24.54 -36.50 -31.04
CA GLU A 1435 24.09 -36.45 -32.42
C GLU A 1435 23.89 -35.02 -32.93
N PRO A 1436 24.67 -34.54 -33.91
CA PRO A 1436 24.55 -33.12 -34.32
C PRO A 1436 23.20 -32.65 -34.82
N ALA A 1437 22.30 -33.51 -35.28
CA ALA A 1437 20.93 -33.10 -35.57
C ALA A 1437 20.17 -32.72 -34.30
N LEU A 1438 20.29 -33.58 -33.28
CA LEU A 1438 19.61 -33.40 -32.01
C LEU A 1438 20.17 -32.26 -31.20
N ALA A 1439 21.39 -31.83 -31.48
CA ALA A 1439 21.84 -30.54 -30.97
C ALA A 1439 22.41 -29.78 -32.15
N PHE A 1440 21.69 -29.80 -33.27
CA PHE A 1440 22.16 -29.03 -34.42
C PHE A 1440 22.31 -27.57 -33.96
N GLN A 1441 21.34 -27.13 -33.15
CA GLN A 1441 21.24 -25.79 -32.61
C GLN A 1441 22.51 -25.32 -31.91
N LEU A 1442 23.32 -26.23 -31.39
CA LEU A 1442 24.67 -25.82 -31.07
C LEU A 1442 25.34 -25.58 -32.42
N GLU A 1443 25.36 -24.29 -32.72
CA GLU A 1443 25.97 -23.60 -33.85
C GLU A 1443 27.49 -23.68 -33.90
N LEU A 1444 27.94 -24.65 -34.66
CA LEU A 1444 29.27 -25.21 -34.72
C LEU A 1444 30.06 -24.53 -35.79
N ASN A 1445 29.43 -23.63 -36.52
CA ASN A 1445 30.14 -22.88 -37.51
C ASN A 1445 30.72 -21.65 -36.81
N ARG A 1446 30.35 -21.45 -35.55
CA ARG A 1446 30.80 -20.29 -34.82
C ARG A 1446 32.16 -20.55 -34.22
N MET A 1447 32.72 -21.75 -34.42
CA MET A 1447 34.08 -22.13 -34.06
C MET A 1447 34.79 -22.75 -35.25
N ARG A 1448 34.45 -22.38 -36.48
CA ARG A 1448 35.15 -23.07 -37.57
C ARG A 1448 36.60 -22.68 -37.68
N ASN A 1449 36.95 -21.50 -37.22
CA ASN A 1449 38.34 -21.13 -37.17
C ASN A 1449 39.03 -21.76 -35.96
N PHE A 1450 38.98 -23.06 -35.72
CA PHE A 1450 39.53 -23.54 -34.46
C PHE A 1450 39.76 -25.03 -34.48
N ASP A 1451 40.61 -25.46 -33.55
CA ASP A 1451 40.85 -26.87 -33.26
C ASP A 1451 40.56 -27.17 -31.80
N LEU A 1452 39.50 -27.93 -31.55
CA LEU A 1452 38.94 -28.12 -30.22
C LEU A 1452 38.99 -29.60 -29.90
N THR A 1453 39.32 -29.95 -28.65
CA THR A 1453 39.54 -31.33 -28.25
C THR A 1453 38.55 -31.86 -27.22
N ALA A 1454 37.90 -32.99 -27.53
CA ALA A 1454 36.86 -33.55 -26.66
C ALA A 1454 37.58 -34.24 -25.51
N ILE A 1455 37.24 -33.82 -24.30
CA ILE A 1455 37.74 -34.28 -23.00
C ILE A 1455 36.65 -35.15 -22.38
N PRO A 1456 36.95 -36.37 -21.92
CA PRO A 1456 35.90 -37.19 -21.34
C PRO A 1456 35.55 -36.74 -19.94
N CYS A 1457 34.27 -36.85 -19.62
CA CYS A 1457 33.70 -36.17 -18.49
C CYS A 1457 32.44 -36.92 -18.11
N ALA A 1458 32.11 -36.93 -16.81
CA ALA A 1458 30.83 -37.49 -16.45
C ALA A 1458 29.73 -36.51 -16.80
N ASN A 1459 28.49 -36.97 -16.68
CA ASN A 1459 27.34 -36.13 -17.00
C ASN A 1459 27.46 -35.63 -18.44
N HIS A 1460 27.38 -36.57 -19.38
CA HIS A 1460 28.04 -36.28 -20.65
C HIS A 1460 27.34 -35.20 -21.45
N LYS A 1461 26.09 -34.92 -21.12
CA LYS A 1461 25.46 -33.61 -21.36
C LYS A 1461 26.39 -32.39 -21.32
N MET A 1462 27.31 -32.36 -20.34
CA MET A 1462 28.21 -31.23 -20.19
C MET A 1462 29.49 -31.57 -20.94
N HIS A 1463 29.69 -30.96 -22.11
CA HIS A 1463 30.86 -31.25 -22.95
C HIS A 1463 31.86 -30.12 -22.86
N LEU A 1464 33.09 -30.41 -22.44
CA LEU A 1464 34.08 -29.35 -22.36
C LEU A 1464 35.18 -29.77 -23.32
N TYR A 1465 35.54 -28.82 -24.15
CA TYR A 1465 36.49 -28.95 -25.23
C TYR A 1465 37.68 -28.04 -24.98
N LEU A 1466 38.89 -28.44 -25.36
CA LEU A 1466 40.06 -27.58 -25.20
C LEU A 1466 40.44 -27.15 -26.60
N GLY A 1467 40.68 -25.85 -26.75
CA GLY A 1467 40.92 -25.22 -28.04
C GLY A 1467 42.35 -24.73 -28.19
N ALA A 1468 42.92 -25.10 -29.30
CA ALA A 1468 44.24 -24.70 -29.78
C ALA A 1468 44.11 -23.89 -31.06
N ALA A 1469 44.76 -22.72 -31.11
CA ALA A 1469 44.65 -21.87 -32.30
C ALA A 1469 45.17 -22.59 -33.52
N LYS A 1470 44.28 -22.80 -34.48
CA LYS A 1470 44.71 -23.33 -35.75
C LYS A 1470 45.39 -22.22 -36.53
N VAL A 1471 46.59 -22.50 -37.03
CA VAL A 1471 47.52 -21.50 -37.51
C VAL A 1471 48.10 -22.02 -38.82
N GLU A 1472 48.84 -21.16 -39.51
CA GLU A 1472 49.47 -21.58 -40.74
C GLU A 1472 50.89 -21.96 -40.35
N VAL A 1473 51.55 -22.73 -41.20
CA VAL A 1473 52.98 -23.05 -41.07
C VAL A 1473 53.82 -21.85 -40.63
N GLY A 1474 53.40 -20.66 -41.06
CA GLY A 1474 54.07 -19.43 -40.71
C GLY A 1474 54.11 -19.12 -39.22
N THR A 1475 53.13 -19.60 -38.47
CA THR A 1475 52.97 -19.20 -37.08
C THR A 1475 52.74 -20.32 -36.09
N GLU A 1476 53.00 -19.95 -34.84
CA GLU A 1476 53.02 -20.77 -33.65
C GLU A 1476 51.80 -20.36 -32.84
N VAL A 1477 51.15 -21.32 -32.17
CA VAL A 1477 49.79 -21.09 -31.69
C VAL A 1477 49.78 -20.06 -30.56
N THR A 1478 48.74 -19.25 -30.58
CA THR A 1478 48.38 -18.22 -29.61
C THR A 1478 47.23 -18.58 -28.68
N ASP A 1479 46.33 -19.45 -29.11
CA ASP A 1479 45.15 -19.80 -28.33
C ASP A 1479 45.21 -21.16 -27.67
N TYR A 1480 44.57 -21.15 -26.50
CA TYR A 1480 44.49 -22.13 -25.44
C TYR A 1480 43.20 -21.78 -24.73
N ARG A 1481 42.04 -22.20 -25.21
CA ARG A 1481 40.77 -21.85 -24.57
C ARG A 1481 40.11 -23.07 -23.98
N PHE A 1482 39.53 -22.94 -22.79
CA PHE A 1482 38.65 -23.99 -22.31
C PHE A 1482 37.26 -23.57 -22.79
N PHE A 1483 36.62 -24.46 -23.51
CA PHE A 1483 35.20 -24.35 -23.83
C PHE A 1483 34.36 -25.27 -22.97
N VAL A 1484 33.24 -24.77 -22.46
CA VAL A 1484 32.30 -25.68 -21.81
C VAL A 1484 30.98 -25.34 -22.43
N ARG A 1485 30.42 -26.32 -23.10
CA ARG A 1485 29.21 -26.15 -23.87
C ARG A 1485 28.30 -27.27 -23.41
N ALA A 1486 27.13 -26.94 -22.93
CA ALA A 1486 26.25 -27.98 -22.41
C ALA A 1486 25.05 -28.07 -23.32
N ILE A 1487 24.13 -28.96 -22.96
CA ILE A 1487 22.73 -28.58 -23.13
C ILE A 1487 21.99 -29.15 -21.94
N ILE A 1488 21.01 -28.39 -21.42
CA ILE A 1488 20.35 -28.79 -20.18
C ILE A 1488 18.84 -28.48 -20.22
N ARG A 1489 18.00 -29.51 -20.26
CA ARG A 1489 16.54 -29.32 -20.24
C ARG A 1489 15.95 -30.25 -19.18
N HIS A 1490 15.87 -29.92 -17.88
CA HIS A 1490 15.28 -30.89 -16.95
C HIS A 1490 13.96 -30.50 -16.29
N SER A 1491 13.86 -29.36 -15.65
CA SER A 1491 12.61 -29.02 -15.00
C SER A 1491 12.56 -27.61 -14.46
N GLU A 1497 7.61 -18.86 -13.78
CA GLU A 1497 7.59 -18.60 -12.35
C GLU A 1497 8.40 -19.70 -11.67
N ALA A 1498 8.19 -20.92 -12.14
CA ALA A 1498 8.91 -22.06 -11.62
C ALA A 1498 10.39 -21.87 -11.90
N SER A 1499 10.63 -21.29 -13.07
CA SER A 1499 11.92 -21.07 -13.68
C SER A 1499 12.89 -20.20 -12.94
N PHE A 1500 12.50 -19.03 -12.43
CA PHE A 1500 13.57 -18.24 -11.82
C PHE A 1500 14.19 -19.02 -10.66
N GLU A 1501 13.36 -19.60 -9.79
CA GLU A 1501 13.96 -20.35 -8.69
C GLU A 1501 14.72 -21.58 -9.21
N TYR A 1502 14.11 -22.35 -10.14
CA TYR A 1502 14.81 -23.53 -10.64
C TYR A 1502 16.07 -23.10 -11.34
N LEU A 1503 15.98 -22.04 -12.16
CA LEU A 1503 17.12 -21.59 -12.95
C LEU A 1503 18.25 -21.32 -11.98
N GLN A 1504 17.94 -20.64 -10.89
CA GLN A 1504 18.99 -20.31 -9.93
C GLN A 1504 19.68 -21.59 -9.43
N ASN A 1505 18.91 -22.58 -8.95
CA ASN A 1505 19.57 -23.77 -8.41
C ASN A 1505 20.37 -24.51 -9.49
N GLU A 1506 19.76 -24.70 -10.65
CA GLU A 1506 20.45 -25.47 -11.67
C GLU A 1506 21.68 -24.76 -12.17
N GLY A 1507 21.64 -23.42 -12.26
CA GLY A 1507 22.81 -22.70 -12.72
C GLY A 1507 23.94 -22.92 -11.74
N GLU A 1508 23.62 -22.84 -10.44
CA GLU A 1508 24.64 -23.03 -9.41
C GLU A 1508 25.24 -24.44 -9.50
N ARG A 1509 24.37 -25.45 -9.68
CA ARG A 1509 24.82 -26.84 -9.75
C ARG A 1509 25.76 -26.99 -10.91
N LEU A 1510 25.38 -26.40 -12.02
CA LEU A 1510 26.16 -26.48 -13.22
C LEU A 1510 27.51 -25.81 -13.01
N LEU A 1511 27.52 -24.69 -12.28
CA LEU A 1511 28.78 -24.01 -12.04
C LEU A 1511 29.74 -24.88 -11.22
N LEU A 1512 29.26 -25.55 -10.15
CA LEU A 1512 30.18 -26.40 -9.40
C LEU A 1512 30.64 -27.59 -10.23
N GLU A 1513 29.73 -28.23 -10.98
CA GLU A 1513 30.13 -29.39 -11.78
C GLU A 1513 31.11 -28.99 -12.84
N ALA A 1514 30.83 -27.89 -13.50
CA ALA A 1514 31.64 -27.36 -14.58
C ALA A 1514 33.02 -27.03 -14.07
N MET A 1515 33.07 -26.37 -12.93
CA MET A 1515 34.33 -26.02 -12.32
C MET A 1515 35.10 -27.23 -11.83
N ASP A 1516 34.40 -28.28 -11.44
CA ASP A 1516 35.05 -29.57 -11.23
C ASP A 1516 35.67 -30.11 -12.51
N GLU A 1517 34.93 -30.03 -13.63
CA GLU A 1517 35.44 -30.59 -14.89
C GLU A 1517 36.71 -29.89 -15.27
N LEU A 1518 36.63 -28.58 -15.29
CA LEU A 1518 37.76 -27.75 -15.62
C LEU A 1518 38.92 -27.91 -14.66
N GLU A 1519 38.64 -28.29 -13.40
CA GLU A 1519 39.72 -28.59 -12.48
C GLU A 1519 40.45 -29.84 -12.95
N VAL A 1520 39.69 -30.87 -13.34
CA VAL A 1520 40.28 -32.07 -13.91
C VAL A 1520 41.12 -31.73 -15.10
N ALA A 1521 40.65 -30.82 -15.94
CA ALA A 1521 41.25 -30.28 -17.14
C ALA A 1521 42.56 -29.55 -16.86
N PHE A 1522 42.59 -28.72 -15.80
CA PHE A 1522 43.84 -28.05 -15.44
C PHE A 1522 44.91 -29.04 -15.05
N ASN A 1523 44.59 -29.89 -14.06
CA ASN A 1523 45.42 -30.90 -13.43
C ASN A 1523 45.97 -31.85 -14.47
N ASN A 1524 45.07 -32.35 -15.30
CA ASN A 1524 45.39 -33.31 -16.34
C ASN A 1524 46.35 -32.74 -17.36
N THR A 1525 45.98 -31.61 -17.94
CA THR A 1525 46.88 -30.91 -18.85
C THR A 1525 46.87 -29.40 -18.71
N ASN A 1526 48.06 -28.82 -18.81
CA ASN A 1526 48.26 -27.39 -18.60
C ASN A 1526 48.95 -26.74 -19.80
N VAL A 1527 48.43 -25.57 -20.19
CA VAL A 1527 49.01 -24.71 -21.23
C VAL A 1527 48.78 -23.24 -20.90
N ARG A 1528 48.12 -22.94 -19.78
CA ARG A 1528 47.71 -21.58 -19.38
C ARG A 1528 46.75 -20.97 -20.40
N THR A 1529 45.58 -21.60 -20.48
CA THR A 1529 44.40 -21.03 -21.14
C THR A 1529 44.01 -19.62 -20.69
N ASP A 1530 43.37 -18.90 -21.62
CA ASP A 1530 43.16 -17.46 -21.50
C ASP A 1530 41.72 -16.97 -21.62
N CYS A 1531 40.90 -17.52 -22.55
CA CYS A 1531 39.60 -16.95 -22.89
C CYS A 1531 38.45 -17.95 -22.79
N ASN A 1532 38.21 -18.44 -21.57
CA ASN A 1532 37.27 -19.52 -21.40
C ASN A 1532 35.86 -19.10 -21.82
N HIS A 1533 35.14 -20.01 -22.46
CA HIS A 1533 33.78 -19.81 -22.91
C HIS A 1533 32.86 -20.71 -22.10
N ILE A 1534 31.70 -20.18 -21.71
CA ILE A 1534 30.65 -20.99 -21.12
C ILE A 1534 29.40 -20.85 -21.99
N PHE A 1535 28.88 -21.98 -22.47
CA PHE A 1535 27.66 -21.97 -23.26
C PHE A 1535 26.47 -22.75 -22.70
N LEU A 1536 25.38 -22.04 -22.51
CA LEU A 1536 24.09 -22.64 -22.14
C LEU A 1536 22.93 -22.32 -23.08
N ASN A 1537 22.35 -23.34 -23.72
CA ASN A 1537 21.14 -23.15 -24.52
C ASN A 1537 19.84 -23.64 -23.88
N PHE A 1538 19.06 -22.74 -23.26
CA PHE A 1538 17.74 -23.21 -22.76
C PHE A 1538 16.73 -23.30 -23.89
N VAL A 1539 16.35 -24.54 -24.16
CA VAL A 1539 15.25 -24.92 -25.04
C VAL A 1539 13.88 -25.01 -24.36
N PRO A 1540 13.71 -24.93 -23.04
CA PRO A 1540 12.35 -24.73 -22.52
C PRO A 1540 11.85 -23.30 -22.71
N THR A 1541 10.60 -23.06 -22.29
CA THR A 1541 9.93 -21.74 -22.44
C THR A 1541 9.17 -21.20 -21.22
N VAL A 1542 9.86 -20.45 -20.38
CA VAL A 1542 9.34 -19.97 -19.10
C VAL A 1542 8.59 -18.63 -19.14
N ILE A 1543 7.96 -18.25 -18.02
CA ILE A 1543 7.33 -16.94 -17.85
C ILE A 1543 7.95 -16.17 -16.70
N MET A 1544 8.54 -15.01 -16.97
CA MET A 1544 9.06 -14.19 -15.89
C MET A 1544 9.34 -12.79 -16.42
N ASP A 1545 9.73 -11.89 -15.50
CA ASP A 1545 10.10 -10.52 -15.79
C ASP A 1545 11.62 -10.44 -15.90
N PRO A 1546 12.16 -9.40 -16.52
CA PRO A 1546 13.62 -9.30 -16.63
C PRO A 1546 14.56 -8.83 -15.51
N SER A 1547 14.16 -7.97 -14.57
CA SER A 1547 15.19 -7.40 -13.72
C SER A 1547 15.46 -8.13 -12.42
N LYS A 1548 14.52 -8.89 -11.94
CA LYS A 1548 14.84 -9.78 -10.85
C LYS A 1548 15.55 -11.01 -11.34
N ILE A 1549 15.31 -11.38 -12.60
CA ILE A 1549 16.15 -12.35 -13.28
C ILE A 1549 17.57 -11.83 -13.37
N GLU A 1550 17.70 -10.53 -13.58
CA GLU A 1550 19.00 -9.91 -13.72
C GLU A 1550 19.73 -9.88 -12.39
N GLU A 1551 19.01 -9.61 -11.34
CA GLU A 1551 19.56 -9.82 -10.03
C GLU A 1551 19.82 -11.28 -9.74
N SER A 1552 18.98 -12.18 -10.26
CA SER A 1552 19.20 -13.59 -9.96
C SER A 1552 20.53 -14.06 -10.52
N VAL A 1553 20.82 -13.70 -11.77
CA VAL A 1553 22.08 -14.09 -12.36
C VAL A 1553 23.22 -13.33 -11.72
N ARG A 1554 22.94 -12.14 -11.19
CA ARG A 1554 23.94 -11.43 -10.40
C ARG A 1554 24.32 -12.26 -9.20
N SER A 1555 23.32 -12.70 -8.47
CA SER A 1555 23.57 -13.52 -7.29
C SER A 1555 24.39 -14.74 -7.66
N MET A 1556 24.04 -15.37 -8.78
CA MET A 1556 24.75 -16.54 -9.27
C MET A 1556 26.23 -16.23 -9.46
N VAL A 1557 26.53 -15.28 -10.34
CA VAL A 1557 27.91 -14.92 -10.67
C VAL A 1557 28.66 -14.49 -9.45
N MET A 1558 27.99 -13.84 -8.50
CA MET A 1558 28.67 -13.36 -7.31
C MET A 1558 29.19 -14.51 -6.50
N ARG A 1559 28.39 -15.57 -6.35
CA ARG A 1559 28.79 -16.70 -5.51
C ARG A 1559 30.21 -17.16 -5.83
N TYR A 1560 30.56 -17.19 -7.12
CA TYR A 1560 31.92 -17.47 -7.60
C TYR A 1560 32.76 -16.20 -7.82
N GLY A 1561 33.90 -16.09 -7.11
CA GLY A 1561 34.65 -14.82 -7.11
C GLY A 1561 36.08 -14.90 -7.63
N SER A 1562 37.04 -15.18 -6.75
CA SER A 1562 38.50 -15.36 -6.92
C SER A 1562 38.71 -16.44 -7.96
N ARG A 1563 37.89 -17.47 -7.80
CA ARG A 1563 37.79 -18.64 -8.63
C ARG A 1563 37.66 -18.22 -10.09
N LEU A 1564 36.95 -17.11 -10.36
CA LEU A 1564 36.90 -16.64 -11.74
C LEU A 1564 38.34 -16.49 -12.21
N TRP A 1565 39.19 -15.90 -11.36
CA TRP A 1565 40.52 -15.53 -11.78
C TRP A 1565 41.46 -16.72 -11.74
N LYS A 1566 41.18 -17.67 -10.83
CA LYS A 1566 41.96 -18.89 -10.73
C LYS A 1566 41.77 -19.76 -11.96
N LEU A 1567 40.52 -20.07 -12.23
CA LEU A 1567 40.05 -20.78 -13.41
C LEU A 1567 40.16 -19.99 -14.69
N ARG A 1568 40.32 -18.67 -14.54
CA ARG A 1568 40.44 -17.64 -15.56
C ARG A 1568 39.30 -17.75 -16.54
N VAL A 1569 38.10 -17.71 -15.98
CA VAL A 1569 36.88 -17.67 -16.76
C VAL A 1569 36.51 -16.27 -17.19
N LEU A 1570 36.39 -16.07 -18.49
CA LEU A 1570 36.23 -14.74 -19.02
C LEU A 1570 34.94 -14.53 -19.78
N GLN A 1571 34.26 -15.59 -20.20
CA GLN A 1571 33.10 -15.41 -21.04
C GLN A 1571 31.96 -16.37 -20.75
N ALA A 1572 30.74 -15.83 -20.68
CA ALA A 1572 29.54 -16.66 -20.49
C ALA A 1572 28.38 -16.23 -21.38
N GLU A 1573 27.68 -17.22 -21.94
CA GLU A 1573 26.51 -17.04 -22.79
C GLU A 1573 25.38 -17.91 -22.27
N LEU A 1574 24.20 -17.33 -22.17
CA LEU A 1574 22.99 -18.11 -21.99
C LEU A 1574 22.01 -17.72 -23.08
N LYS A 1575 21.02 -18.57 -23.31
CA LYS A 1575 19.77 -18.10 -23.89
C LYS A 1575 18.63 -18.68 -23.08
N ILE A 1576 17.47 -18.06 -23.27
CA ILE A 1576 16.23 -18.50 -22.65
C ILE A 1576 15.02 -17.96 -23.37
N ASN A 1577 14.12 -18.87 -23.73
CA ASN A 1577 12.95 -18.48 -24.46
C ASN A 1577 11.99 -18.09 -23.34
N ILE A 1578 11.35 -16.92 -23.42
CA ILE A 1578 10.36 -16.52 -22.42
C ILE A 1578 9.08 -16.01 -23.12
N ARG A 1579 8.08 -15.64 -22.32
CA ARG A 1579 6.78 -15.08 -22.69
C ARG A 1579 6.09 -14.57 -21.44
N LEU A 1580 4.93 -13.95 -21.66
CA LEU A 1580 4.03 -13.55 -20.61
C LEU A 1580 3.12 -14.72 -20.25
N THR A 1581 2.18 -14.47 -19.35
CA THR A 1581 1.49 -15.57 -18.67
C THR A 1581 0.60 -16.40 -19.59
N PRO A 1582 -0.28 -15.84 -20.42
CA PRO A 1582 -1.15 -16.70 -21.22
C PRO A 1582 -0.50 -17.27 -22.46
N THR A 1583 0.34 -16.46 -23.08
CA THR A 1583 0.56 -16.58 -24.52
C THR A 1583 1.43 -17.78 -24.91
N GLY A 1584 2.63 -17.88 -24.34
CA GLY A 1584 3.51 -18.97 -24.71
C GLY A 1584 3.97 -18.99 -26.16
N LYS A 1585 3.87 -17.88 -26.87
CA LYS A 1585 4.39 -17.76 -28.24
C LYS A 1585 5.91 -17.57 -28.21
N ALA A 1586 6.60 -18.57 -27.66
CA ALA A 1586 7.92 -18.45 -27.05
C ALA A 1586 8.92 -17.60 -27.84
N ILE A 1587 9.45 -16.55 -27.20
CA ILE A 1587 10.42 -15.71 -27.90
C ILE A 1587 11.81 -15.97 -27.34
N PRO A 1588 12.86 -15.81 -28.09
CA PRO A 1588 14.20 -16.03 -27.54
C PRO A 1588 14.95 -14.80 -27.15
N ILE A 1589 15.72 -14.86 -26.06
CA ILE A 1589 16.53 -13.70 -25.71
C ILE A 1589 17.92 -14.14 -25.27
N ARG A 1590 18.84 -14.16 -26.20
CA ARG A 1590 20.14 -14.70 -25.89
C ARG A 1590 20.92 -13.68 -25.07
N LEU A 1591 21.09 -13.98 -23.81
CA LEU A 1591 21.85 -13.12 -22.94
C LEU A 1591 23.31 -13.44 -23.08
N PHE A 1592 24.13 -12.41 -23.28
CA PHE A 1592 25.54 -12.68 -23.43
C PHE A 1592 26.16 -11.79 -22.37
N LEU A 1593 26.99 -12.41 -21.56
CA LEU A 1593 27.67 -11.86 -20.41
C LEU A 1593 29.10 -11.46 -20.69
N THR A 1594 29.49 -10.33 -20.15
CA THR A 1594 30.84 -9.84 -20.40
C THR A 1594 31.68 -9.34 -19.24
N ASN A 1595 32.67 -10.14 -18.85
CA ASN A 1595 33.61 -9.74 -17.83
C ASN A 1595 34.98 -10.21 -18.25
N GLU A 1596 35.94 -9.30 -18.13
CA GLU A 1596 37.33 -9.47 -18.48
C GLU A 1596 38.09 -9.45 -17.17
N SER A 1597 39.36 -9.05 -17.21
CA SER A 1597 40.10 -8.95 -15.97
C SER A 1597 39.38 -7.97 -15.09
N GLY A 1598 39.33 -8.27 -13.80
CA GLY A 1598 38.51 -7.42 -12.98
C GLY A 1598 37.14 -8.05 -12.95
N TYR A 1599 36.35 -7.65 -11.99
CA TYR A 1599 35.02 -8.23 -11.79
C TYR A 1599 33.96 -7.39 -12.49
N TYR A 1600 34.39 -6.53 -13.40
CA TYR A 1600 33.48 -5.63 -14.08
C TYR A 1600 32.64 -6.37 -15.08
N LEU A 1601 31.33 -6.18 -15.01
CA LEU A 1601 30.52 -6.93 -15.93
C LEU A 1601 29.56 -6.05 -16.66
N ASP A 1602 29.56 -6.21 -17.95
CA ASP A 1602 28.70 -5.49 -18.85
C ASP A 1602 27.71 -6.55 -19.28
N ILE A 1603 26.44 -6.26 -19.19
CA ILE A 1603 25.43 -7.23 -19.58
C ILE A 1603 24.85 -6.85 -20.91
N SER A 1604 24.88 -7.79 -21.83
CA SER A 1604 24.32 -7.55 -23.13
C SER A 1604 23.10 -8.41 -23.12
N LEU A 1605 21.97 -7.79 -23.16
CA LEU A 1605 20.76 -8.53 -23.23
C LEU A 1605 20.08 -8.07 -24.49
N TYR A 1606 19.54 -9.02 -25.24
CA TYR A 1606 18.89 -8.67 -26.49
C TYR A 1606 17.52 -9.31 -26.61
N LYS A 1607 17.07 -9.27 -27.83
CA LYS A 1607 16.02 -9.83 -28.61
C LYS A 1607 16.71 -10.17 -29.93
N GLU A 1608 16.14 -11.11 -30.65
CA GLU A 1608 16.65 -11.59 -31.93
C GLU A 1608 15.68 -11.19 -33.02
N VAL A 1609 16.15 -10.43 -33.99
CA VAL A 1609 15.27 -9.83 -34.97
C VAL A 1609 15.82 -10.09 -36.35
N THR A 1610 14.95 -10.49 -37.25
CA THR A 1610 15.26 -10.57 -38.65
C THR A 1610 15.65 -9.21 -39.22
N ALA A 1615 17.19 -11.46 -44.44
CA ALA A 1615 16.30 -12.25 -43.61
C ALA A 1615 17.02 -13.04 -42.52
N GLN A 1616 18.33 -12.84 -42.42
CA GLN A 1616 19.19 -13.59 -41.50
C GLN A 1616 19.32 -12.89 -40.15
N ILE A 1617 18.74 -13.51 -39.14
CA ILE A 1617 18.45 -12.97 -37.81
C ILE A 1617 19.66 -12.27 -37.17
N MET A 1618 19.37 -11.26 -36.37
CA MET A 1618 20.28 -10.18 -35.99
C MET A 1618 20.03 -9.93 -34.52
N PHE A 1619 21.06 -10.15 -33.71
CA PHE A 1619 21.05 -9.95 -32.27
C PHE A 1619 20.91 -8.46 -31.97
N GLN A 1620 19.71 -8.00 -31.60
CA GLN A 1620 19.43 -6.60 -31.32
C GLN A 1620 18.77 -6.32 -29.99
N ALA A 1621 19.43 -5.46 -29.20
CA ALA A 1621 18.98 -5.04 -27.89
C ALA A 1621 17.56 -4.47 -27.96
N LYS A 1625 19.16 0.24 -22.73
CA LYS A 1625 20.54 0.68 -22.53
C LYS A 1625 21.14 0.94 -23.92
N GLN A 1626 22.45 0.85 -24.03
CA GLN A 1626 23.12 0.40 -25.23
C GLN A 1626 24.08 -0.75 -24.93
N GLY A 1627 23.95 -1.79 -25.74
CA GLY A 1627 24.58 -3.07 -25.58
C GLY A 1627 25.50 -3.38 -26.75
N PRO A 1628 26.67 -3.94 -26.45
CA PRO A 1628 27.62 -4.24 -27.51
C PRO A 1628 27.06 -5.25 -28.48
N LEU A 1629 27.58 -5.19 -29.70
CA LEU A 1629 27.17 -6.08 -30.75
C LEU A 1629 25.67 -6.02 -31.00
N HIS A 1630 25.23 -4.81 -31.28
CA HIS A 1630 23.82 -4.56 -31.55
C HIS A 1630 23.25 -5.37 -32.73
N GLY A 1631 24.07 -6.09 -33.49
CA GLY A 1631 23.54 -6.98 -34.50
C GLY A 1631 24.58 -7.79 -35.25
N MET A 1632 24.22 -9.03 -35.56
CA MET A 1632 24.98 -9.81 -36.52
C MET A 1632 24.23 -11.08 -36.88
N LEU A 1633 24.62 -11.67 -38.00
CA LEU A 1633 23.99 -12.91 -38.39
C LEU A 1633 24.65 -14.03 -37.60
N ILE A 1634 24.22 -15.26 -37.86
CA ILE A 1634 24.52 -16.26 -36.85
C ILE A 1634 25.72 -17.17 -37.05
N ASN A 1635 26.13 -17.45 -38.29
CA ASN A 1635 27.21 -18.44 -38.39
C ASN A 1635 28.61 -17.86 -38.40
N THR A 1636 28.81 -17.06 -37.37
CA THR A 1636 29.97 -16.21 -37.21
C THR A 1636 31.10 -16.94 -36.52
N PRO A 1637 32.20 -17.32 -37.19
CA PRO A 1637 33.22 -18.01 -36.40
C PRO A 1637 33.78 -17.04 -35.38
N TYR A 1638 34.19 -17.62 -34.28
CA TYR A 1638 34.48 -16.82 -33.11
C TYR A 1638 35.82 -16.18 -33.40
N VAL A 1639 35.86 -14.87 -33.24
CA VAL A 1639 37.06 -14.10 -33.48
C VAL A 1639 38.22 -14.67 -32.71
N THR A 1640 39.34 -14.77 -33.40
CA THR A 1640 40.61 -15.22 -32.85
C THR A 1640 41.48 -14.03 -32.47
N LYS A 1641 41.77 -14.00 -31.18
CA LYS A 1641 42.72 -13.21 -30.41
C LYS A 1641 44.04 -12.81 -31.07
N ASP A 1642 44.55 -13.62 -32.00
CA ASP A 1642 45.85 -13.32 -32.61
C ASP A 1642 45.90 -11.98 -33.32
N LEU A 1643 44.75 -11.42 -33.69
CA LEU A 1643 44.66 -10.01 -33.98
C LEU A 1643 45.25 -9.16 -32.88
N LEU A 1644 44.66 -9.25 -31.70
CA LEU A 1644 45.14 -8.49 -30.55
C LEU A 1644 46.60 -8.75 -30.26
N GLN A 1645 46.95 -10.01 -30.02
CA GLN A 1645 48.35 -10.34 -29.80
C GLN A 1645 49.27 -9.72 -30.84
N SER A 1646 48.89 -9.84 -32.11
CA SER A 1646 49.71 -9.33 -33.19
C SER A 1646 49.87 -7.82 -33.07
N LYS A 1647 48.78 -7.15 -32.75
CA LYS A 1647 48.76 -5.70 -32.67
C LYS A 1647 49.50 -5.23 -31.44
N ARG A 1648 49.42 -6.02 -30.38
CA ARG A 1648 50.14 -5.74 -29.16
C ARG A 1648 51.62 -5.83 -29.45
N PHE A 1649 51.99 -6.78 -30.30
CA PHE A 1649 53.38 -6.94 -30.68
C PHE A 1649 53.83 -5.74 -31.49
N GLN A 1650 53.00 -5.26 -32.41
CA GLN A 1650 53.37 -4.10 -33.19
C GLN A 1650 53.54 -2.87 -32.33
N ALA A 1651 52.66 -2.70 -31.36
CA ALA A 1651 52.74 -1.54 -30.50
C ALA A 1651 53.90 -1.58 -29.54
N GLN A 1652 54.07 -2.67 -28.80
CA GLN A 1652 55.22 -2.76 -27.92
C GLN A 1652 56.49 -2.57 -28.71
N SER A 1653 56.52 -3.15 -29.91
CA SER A 1653 57.69 -3.01 -30.77
C SER A 1653 57.83 -1.59 -31.25
N LEU A 1654 56.73 -0.84 -31.22
CA LEU A 1654 56.73 0.58 -31.45
C LEU A 1654 56.84 1.39 -30.17
N GLY A 1655 57.14 0.74 -29.04
CA GLY A 1655 57.25 1.48 -27.80
C GLY A 1655 56.04 2.18 -27.23
N THR A 1656 54.82 1.63 -27.39
CA THR A 1656 53.65 2.28 -26.80
C THR A 1656 52.71 1.22 -26.24
N THR A 1657 51.56 1.70 -25.74
CA THR A 1657 50.55 0.87 -25.11
C THR A 1657 49.39 0.74 -26.08
N TYR A 1658 48.85 -0.47 -26.22
CA TYR A 1658 47.67 -0.64 -27.03
C TYR A 1658 46.51 0.17 -26.51
N ILE A 1659 45.84 0.82 -27.46
CA ILE A 1659 44.80 1.78 -27.14
C ILE A 1659 43.68 1.21 -26.25
N TYR A 1660 43.10 0.05 -26.60
CA TYR A 1660 41.99 -0.45 -25.79
C TYR A 1660 42.40 -0.98 -24.43
N ASP A 1661 43.68 -1.03 -24.13
CA ASP A 1661 44.13 -1.38 -22.80
C ASP A 1661 44.23 -0.16 -21.94
N ILE A 1662 44.14 1.00 -22.55
CA ILE A 1662 44.29 2.26 -21.87
C ILE A 1662 43.29 2.33 -20.72
N PRO A 1663 41.98 2.05 -20.94
CA PRO A 1663 41.00 2.20 -19.86
C PRO A 1663 41.39 1.44 -18.61
N GLU A 1664 41.85 0.21 -18.76
CA GLU A 1664 42.28 -0.48 -17.57
C GLU A 1664 43.58 0.11 -17.05
N MET A 1665 44.38 0.72 -17.92
CA MET A 1665 45.57 1.40 -17.42
C MET A 1665 45.17 2.60 -16.58
N PHE A 1666 44.06 3.21 -16.95
CA PHE A 1666 43.50 4.28 -16.15
C PHE A 1666 43.08 3.71 -14.83
N ARG A 1667 42.41 2.58 -14.89
CA ARG A 1667 41.91 1.96 -13.69
C ARG A 1667 43.03 1.60 -12.73
N GLN A 1668 44.10 1.04 -13.24
CA GLN A 1668 45.15 0.62 -12.34
C GLN A 1668 45.77 1.83 -11.69
N SER A 1669 45.96 2.86 -12.48
CA SER A 1669 46.52 4.07 -11.93
C SER A 1669 45.57 4.64 -10.91
N LEU A 1670 44.29 4.62 -11.23
CA LEU A 1670 43.27 5.13 -10.34
C LEU A 1670 43.23 4.43 -9.01
N ILE A 1671 43.39 3.12 -9.05
CA ILE A 1671 43.42 2.37 -7.82
C ILE A 1671 44.61 2.77 -6.98
N LYS A 1672 45.76 2.83 -7.64
CA LYS A 1672 46.99 3.18 -6.98
C LYS A 1672 46.82 4.56 -6.36
N LEU A 1673 46.05 5.42 -7.03
CA LEU A 1673 45.78 6.75 -6.54
C LEU A 1673 44.94 6.70 -5.30
N TRP A 1674 43.86 5.91 -5.35
CA TRP A 1674 43.00 5.76 -4.20
C TRP A 1674 43.79 5.39 -2.98
N GLU A 1675 44.85 4.65 -3.19
CA GLU A 1675 45.66 4.20 -2.08
C GLU A 1675 46.52 5.37 -1.64
N SER A 1676 47.19 6.01 -2.61
CA SER A 1676 48.12 7.08 -2.30
C SER A 1676 47.43 8.24 -1.62
N MET A 1677 46.21 8.57 -2.02
CA MET A 1677 45.54 9.71 -1.43
C MET A 1677 45.12 9.44 0.01
N SER A 1678 45.06 8.17 0.41
CA SER A 1678 44.70 7.89 1.79
C SER A 1678 45.80 8.37 2.71
N THR A 1679 47.02 8.46 2.18
CA THR A 1679 48.07 9.19 2.85
C THR A 1679 47.62 10.58 3.18
N GLN A 1680 47.09 11.28 2.19
CA GLN A 1680 46.88 12.71 2.37
C GLN A 1680 45.62 13.01 3.17
N ALA A 1681 44.53 12.25 2.99
CA ALA A 1681 43.27 12.66 3.60
C ALA A 1681 42.48 11.57 4.30
N PHE A 1682 41.60 12.05 5.18
CA PHE A 1682 40.54 11.25 5.76
C PHE A 1682 39.46 11.19 4.70
N LEU A 1683 39.16 9.99 4.25
CA LEU A 1683 38.22 9.73 3.20
C LEU A 1683 37.15 8.78 3.69
N PRO A 1684 35.98 8.77 3.08
CA PRO A 1684 35.04 7.69 3.38
C PRO A 1684 35.64 6.38 2.91
N SER A 1685 34.98 5.28 3.24
CA SER A 1685 35.48 4.00 2.75
C SER A 1685 35.37 3.94 1.23
N PRO A 1686 36.40 3.42 0.57
CA PRO A 1686 36.34 3.37 -0.89
C PRO A 1686 35.22 2.54 -1.38
N PRO A 1687 34.71 2.79 -2.59
CA PRO A 1687 33.77 1.88 -3.19
C PRO A 1687 34.62 0.72 -3.65
N LEU A 1688 33.98 -0.39 -3.93
CA LEU A 1688 34.73 -1.46 -4.53
C LEU A 1688 35.15 -1.10 -5.96
N PRO A 1689 36.31 -1.60 -6.40
CA PRO A 1689 36.81 -1.23 -7.73
C PRO A 1689 35.77 -1.50 -8.78
N SER A 1690 34.98 -2.55 -8.57
CA SER A 1690 33.89 -2.87 -9.46
C SER A 1690 32.86 -1.76 -9.50
N ASP A 1691 32.72 -1.05 -8.39
CA ASP A 1691 31.76 0.01 -8.24
C ASP A 1691 32.36 1.35 -8.63
N MET A 1692 33.65 1.38 -8.98
CA MET A 1692 34.36 2.63 -9.28
C MET A 1692 34.09 3.30 -10.62
N LEU A 1693 33.79 2.58 -11.70
CA LEU A 1693 33.81 3.22 -13.01
C LEU A 1693 32.87 2.72 -14.08
N THR A 1694 32.33 3.65 -14.86
CA THR A 1694 31.63 3.31 -16.09
C THR A 1694 32.14 4.21 -17.21
N TYR A 1695 32.42 3.61 -18.38
CA TYR A 1695 32.82 4.37 -19.54
C TYR A 1695 31.92 4.01 -20.70
N THR A 1696 31.77 4.94 -21.63
CA THR A 1696 31.08 4.65 -22.88
C THR A 1696 31.87 5.33 -24.00
N GLU A 1697 32.21 4.58 -25.03
CA GLU A 1697 32.97 5.11 -26.16
C GLU A 1697 32.10 6.07 -26.94
N LEU A 1698 32.69 7.18 -27.36
CA LEU A 1698 31.98 8.11 -28.22
C LEU A 1698 32.44 7.96 -29.64
N VAL A 1699 31.47 7.88 -30.54
CA VAL A 1699 31.72 7.58 -31.94
C VAL A 1699 30.80 8.40 -32.81
N LEU A 1700 31.36 8.84 -33.91
CA LEU A 1700 30.71 9.70 -34.87
C LEU A 1700 29.75 8.94 -35.79
N ASP A 1701 28.51 9.43 -35.89
CA ASP A 1701 27.50 8.92 -36.82
C ASP A 1701 27.64 9.42 -38.27
N ASP A 1702 26.64 9.13 -39.09
CA ASP A 1702 26.66 9.59 -40.48
C ASP A 1702 26.68 11.11 -40.62
N GLN A 1703 25.95 11.81 -39.74
CA GLN A 1703 25.79 13.26 -39.78
C GLN A 1703 26.86 14.05 -39.03
N GLY A 1704 27.98 13.45 -38.67
CA GLY A 1704 28.95 14.19 -37.90
C GLY A 1704 28.44 14.56 -36.53
N GLN A 1705 27.56 13.73 -35.98
CA GLN A 1705 27.04 13.93 -34.65
C GLN A 1705 27.52 12.81 -33.75
N LEU A 1706 27.72 13.18 -32.49
CA LEU A 1706 28.32 12.30 -31.49
C LEU A 1706 27.33 11.25 -31.03
N VAL A 1707 27.83 10.04 -30.81
CA VAL A 1707 26.97 8.93 -30.39
C VAL A 1707 27.63 8.06 -29.35
N HIS A 1708 26.89 7.76 -28.29
CA HIS A 1708 27.36 6.95 -27.19
C HIS A 1708 27.24 5.48 -27.52
N MET A 1709 28.35 4.78 -27.38
CA MET A 1709 28.45 3.41 -27.80
C MET A 1709 29.21 2.59 -26.77
N ASN A 1710 28.63 1.47 -26.36
CA ASN A 1710 29.03 0.40 -25.43
C ASN A 1710 29.44 -0.80 -26.28
N ARG A 1711 30.66 -0.79 -26.80
CA ARG A 1711 31.13 -1.86 -27.68
C ARG A 1711 32.37 -2.54 -27.12
N LEU A 1712 32.64 -3.68 -27.71
CA LEU A 1712 33.76 -4.52 -27.35
C LEU A 1712 35.07 -3.86 -27.76
N PRO A 1713 36.14 -3.96 -26.98
CA PRO A 1713 37.38 -3.34 -27.43
C PRO A 1713 37.83 -3.98 -28.73
N GLY A 1714 38.46 -3.17 -29.57
CA GLY A 1714 38.91 -3.63 -30.86
C GLY A 1714 38.01 -3.26 -32.01
N GLY A 1715 36.95 -2.50 -31.78
CA GLY A 1715 35.95 -2.35 -32.81
C GLY A 1715 36.19 -1.23 -33.78
N ASN A 1716 37.24 -0.46 -33.55
CA ASN A 1716 37.51 0.73 -34.35
C ASN A 1716 37.69 0.46 -35.82
N GLU A 1717 37.12 1.34 -36.64
CA GLU A 1717 37.30 1.33 -38.08
C GLU A 1717 38.10 2.55 -38.53
N ILE A 1718 38.64 3.32 -37.58
CA ILE A 1718 39.50 4.45 -37.89
C ILE A 1718 40.59 4.51 -36.83
N GLY A 1719 41.61 5.31 -37.13
CA GLY A 1719 42.79 5.40 -36.31
C GLY A 1719 42.70 6.32 -35.11
N MET A 1720 41.51 6.55 -34.61
CA MET A 1720 41.32 7.46 -33.50
C MET A 1720 40.24 6.86 -32.62
N VAL A 1721 40.39 7.03 -31.32
CA VAL A 1721 39.43 6.49 -30.38
C VAL A 1721 39.11 7.54 -29.34
N ALA A 1722 37.85 7.58 -28.92
CA ALA A 1722 37.40 8.55 -27.95
C ALA A 1722 36.30 7.94 -27.07
N TRP A 1723 36.25 8.39 -25.82
CA TRP A 1723 35.23 8.00 -24.85
C TRP A 1723 34.78 9.14 -23.96
N LYS A 1724 33.55 9.00 -23.51
CA LYS A 1724 33.10 9.70 -22.32
C LYS A 1724 33.36 8.75 -21.18
N MET A 1725 33.90 9.28 -20.11
CA MET A 1725 34.26 8.48 -18.97
C MET A 1725 33.63 9.12 -17.76
N THR A 1726 33.05 8.29 -16.91
CA THR A 1726 32.53 8.71 -15.63
C THR A 1726 33.21 7.91 -14.55
N PHE A 1727 33.70 8.61 -13.55
CA PHE A 1727 34.33 7.91 -12.45
C PHE A 1727 34.17 8.63 -11.13
N LYS A 1728 34.26 7.82 -10.10
CA LYS A 1728 34.12 8.17 -8.72
C LYS A 1728 35.51 8.46 -8.17
N SER A 1729 35.68 9.60 -7.56
CA SER A 1729 36.99 9.92 -7.02
C SER A 1729 36.89 10.33 -5.56
N PRO A 1730 38.01 10.29 -4.82
CA PRO A 1730 37.98 10.66 -3.40
C PRO A 1730 37.37 12.01 -3.20
N GLU A 1731 37.75 12.84 -4.16
CA GLU A 1731 37.43 14.23 -4.33
C GLU A 1731 36.03 14.44 -4.92
N TYR A 1732 35.55 13.49 -5.72
CA TYR A 1732 34.22 13.54 -6.33
C TYR A 1732 33.60 12.20 -6.06
N PRO A 1733 33.19 11.93 -4.83
CA PRO A 1733 32.79 10.56 -4.55
C PRO A 1733 31.53 10.23 -5.28
N GLU A 1734 30.72 11.24 -5.58
CA GLU A 1734 29.54 11.03 -6.39
C GLU A 1734 29.86 11.00 -7.87
N GLY A 1735 31.07 11.44 -8.27
CA GLY A 1735 31.46 11.28 -9.66
C GLY A 1735 31.78 12.52 -10.46
N ARG A 1736 32.60 12.33 -11.50
CA ARG A 1736 33.03 13.39 -12.40
C ARG A 1736 33.19 12.75 -13.75
N ASP A 1737 33.04 13.58 -14.77
CA ASP A 1737 33.06 13.16 -16.15
C ASP A 1737 34.28 13.77 -16.82
N ILE A 1738 34.91 13.04 -17.74
CA ILE A 1738 35.95 13.57 -18.62
C ILE A 1738 35.77 12.99 -20.00
N ILE A 1739 36.41 13.63 -20.99
CA ILE A 1739 36.50 13.15 -22.36
C ILE A 1739 37.93 12.72 -22.63
N VAL A 1740 38.07 11.50 -23.15
CA VAL A 1740 39.37 10.94 -23.42
C VAL A 1740 39.48 10.63 -24.91
N ILE A 1741 40.51 11.20 -25.58
CA ILE A 1741 40.80 10.94 -26.99
C ILE A 1741 42.22 10.39 -27.12
N GLY A 1742 42.41 9.45 -28.04
CA GLY A 1742 43.73 8.90 -28.25
C GLY A 1742 43.96 8.35 -29.64
N ASN A 1743 45.15 8.61 -30.17
CA ASN A 1743 45.63 7.98 -31.39
C ASN A 1743 46.04 6.53 -31.22
N ASP A 1744 45.86 5.72 -32.29
CA ASP A 1744 46.48 4.39 -32.40
C ASP A 1744 47.62 4.47 -33.42
N ILE A 1745 48.85 4.63 -32.94
CA ILE A 1745 49.94 4.80 -33.88
C ILE A 1745 50.12 3.60 -34.78
N THR A 1746 49.60 2.45 -34.37
CA THR A 1746 49.62 1.22 -35.14
C THR A 1746 48.64 1.15 -36.29
N TYR A 1747 47.58 1.96 -36.30
CA TYR A 1747 46.61 1.88 -37.39
C TYR A 1747 46.91 2.89 -38.48
N ARG A 1748 47.44 2.38 -39.58
CA ARG A 1748 47.79 3.17 -40.76
C ARG A 1748 48.68 4.32 -40.36
N ILE A 1749 49.84 3.94 -39.82
CA ILE A 1749 50.85 4.81 -39.19
C ILE A 1749 50.29 6.09 -38.56
N GLY A 1750 49.09 6.00 -37.99
CA GLY A 1750 48.47 7.15 -37.35
C GLY A 1750 48.11 8.34 -38.20
N SER A 1751 47.80 8.15 -39.48
CA SER A 1751 47.43 9.31 -40.26
C SER A 1751 46.13 9.93 -39.74
N PHE A 1752 45.89 11.14 -40.21
CA PHE A 1752 44.80 11.98 -39.76
C PHE A 1752 43.83 12.12 -40.90
N GLY A 1753 42.81 11.30 -40.95
CA GLY A 1753 41.79 11.56 -41.92
C GLY A 1753 40.72 12.49 -41.44
N PRO A 1754 39.79 12.79 -42.35
CA PRO A 1754 38.69 13.70 -42.03
C PRO A 1754 37.79 13.20 -40.95
N GLN A 1755 37.59 11.90 -40.92
CA GLN A 1755 36.78 11.33 -39.88
C GLN A 1755 37.46 11.42 -38.53
N GLU A 1756 38.78 11.23 -38.51
CA GLU A 1756 39.53 11.33 -37.27
C GLU A 1756 39.45 12.73 -36.73
N ASP A 1757 39.65 13.68 -37.64
CA ASP A 1757 39.62 15.07 -37.27
C ASP A 1757 38.24 15.44 -36.74
N LEU A 1758 37.19 14.86 -37.35
CA LEU A 1758 35.85 15.30 -36.99
C LEU A 1758 35.39 14.76 -35.64
N LEU A 1759 35.65 13.48 -35.37
CA LEU A 1759 35.26 12.95 -34.06
C LEU A 1759 35.99 13.71 -32.98
N PHE A 1760 37.30 13.91 -33.19
CA PHE A 1760 38.11 14.65 -32.24
C PHE A 1760 37.52 16.01 -31.93
N LEU A 1761 37.21 16.72 -33.01
CA LEU A 1761 36.62 18.04 -32.92
C LEU A 1761 35.35 18.01 -32.06
N ARG A 1762 34.42 17.11 -32.38
CA ARG A 1762 33.10 17.09 -31.76
C ARG A 1762 33.19 16.64 -30.30
N ALA A 1763 34.17 15.80 -29.96
CA ALA A 1763 34.35 15.41 -28.56
C ALA A 1763 34.74 16.60 -27.74
N SER A 1764 35.63 17.40 -28.28
CA SER A 1764 36.02 18.58 -27.54
C SER A 1764 34.81 19.47 -27.40
N GLU A 1765 34.05 19.60 -28.49
CA GLU A 1765 32.83 20.41 -28.50
C GLU A 1765 31.88 20.01 -27.40
N LEU A 1766 31.78 18.71 -27.14
CA LEU A 1766 30.90 18.28 -26.07
C LEU A 1766 31.49 18.70 -24.75
N ALA A 1767 32.79 18.52 -24.64
CA ALA A 1767 33.51 18.90 -23.44
C ALA A 1767 33.25 20.35 -23.06
N ARG A 1768 33.38 21.27 -24.01
CA ARG A 1768 33.13 22.66 -23.68
C ARG A 1768 31.67 22.88 -23.34
N ALA A 1769 30.77 22.18 -24.05
CA ALA A 1769 29.34 22.39 -23.83
C ALA A 1769 28.98 22.14 -22.37
N GLU A 1770 29.61 21.14 -21.78
CA GLU A 1770 29.35 20.81 -20.39
C GLU A 1770 30.40 21.44 -19.49
N GLY A 1771 31.42 22.05 -20.07
CA GLY A 1771 32.44 22.71 -19.31
C GLY A 1771 33.50 21.77 -18.78
N ILE A 1772 33.48 20.54 -19.26
CA ILE A 1772 34.32 19.47 -18.76
C ILE A 1772 35.63 19.18 -19.49
N PRO A 1773 36.61 18.52 -18.83
CA PRO A 1773 37.97 18.35 -19.41
C PRO A 1773 38.18 17.41 -20.60
N ARG A 1774 39.24 17.71 -21.38
CA ARG A 1774 39.67 16.93 -22.55
C ARG A 1774 41.12 16.43 -22.43
N ILE A 1775 41.33 15.11 -22.36
CA ILE A 1775 42.68 14.50 -22.30
C ILE A 1775 43.00 13.87 -23.67
N TYR A 1776 44.14 14.26 -24.26
CA TYR A 1776 44.50 13.79 -25.61
C TYR A 1776 45.79 12.98 -25.58
N VAL A 1777 45.71 11.74 -26.06
CA VAL A 1777 46.86 10.86 -26.25
C VAL A 1777 47.45 10.91 -27.64
N SER A 1778 48.65 11.47 -27.72
CA SER A 1778 49.34 11.75 -28.97
C SER A 1778 50.44 10.74 -29.26
N ALA A 1779 50.31 10.00 -30.36
CA ALA A 1779 51.41 9.18 -30.84
C ALA A 1779 51.21 9.01 -32.34
N ASN A 1780 51.93 9.76 -33.19
CA ASN A 1780 51.43 9.87 -34.55
C ASN A 1780 52.55 10.25 -35.51
N SER A 1781 52.19 10.35 -36.79
CA SER A 1781 53.02 10.68 -37.94
C SER A 1781 52.41 11.84 -38.70
N GLY A 1782 51.59 12.65 -38.03
CA GLY A 1782 50.98 13.69 -38.75
C GLY A 1782 50.01 13.22 -39.80
N ALA A 1783 49.83 14.14 -40.74
CA ALA A 1783 48.82 14.12 -41.77
C ALA A 1783 48.96 12.92 -42.69
N ARG A 1784 47.84 12.46 -43.22
CA ARG A 1784 47.84 11.33 -44.12
C ARG A 1784 48.62 11.68 -45.37
N ILE A 1785 49.35 10.70 -45.90
CA ILE A 1785 50.14 10.88 -47.11
C ILE A 1785 49.71 9.79 -48.09
N GLY A 1786 49.75 10.11 -49.38
CA GLY A 1786 49.54 9.09 -50.39
C GLY A 1786 49.74 9.63 -51.78
N LEU A 1787 49.87 8.72 -52.73
CA LEU A 1787 49.82 9.08 -54.14
C LEU A 1787 48.74 8.27 -54.82
N ALA A 1788 48.07 8.88 -55.80
CA ALA A 1788 47.01 8.18 -56.50
C ALA A 1788 47.63 7.04 -57.31
N GLU A 1789 47.54 5.84 -56.75
CA GLU A 1789 48.15 4.67 -57.38
C GLU A 1789 47.60 4.42 -58.76
N GLU A 1790 46.27 4.58 -58.92
CA GLU A 1790 45.59 4.29 -60.17
C GLU A 1790 46.21 5.03 -61.32
N ILE A 1791 46.73 6.23 -61.08
CA ILE A 1791 47.41 6.98 -62.12
C ILE A 1791 48.90 6.69 -62.12
N ARG A 1792 49.47 6.56 -60.91
CA ARG A 1792 50.90 6.38 -60.77
C ARG A 1792 51.39 5.21 -61.62
N HIS A 1793 50.60 4.14 -61.66
CA HIS A 1793 51.05 2.92 -62.31
C HIS A 1793 50.71 2.81 -63.78
N MET A 1794 50.09 3.83 -64.37
CA MET A 1794 49.71 3.76 -65.77
C MET A 1794 50.04 4.99 -66.58
N PHE A 1795 50.63 6.02 -65.99
CA PHE A 1795 50.95 7.19 -66.80
C PHE A 1795 52.22 6.89 -67.63
N HIS A 1796 52.35 7.59 -68.75
CA HIS A 1796 53.49 7.49 -69.65
C HIS A 1796 54.15 8.85 -69.79
N VAL A 1797 55.43 8.82 -70.16
CA VAL A 1797 56.23 10.03 -70.29
C VAL A 1797 56.41 10.40 -71.76
N ALA A 1798 56.18 11.68 -72.07
CA ALA A 1798 56.39 12.30 -73.37
C ALA A 1798 57.78 12.92 -73.45
N TRP A 1799 58.78 12.17 -73.92
CA TRP A 1799 60.16 12.69 -73.94
C TRP A 1799 60.41 13.77 -74.96
N VAL A 1800 61.30 14.68 -74.55
CA VAL A 1800 61.89 15.65 -75.46
C VAL A 1800 62.55 14.90 -76.59
N ASP A 1801 63.30 13.84 -76.25
CA ASP A 1801 63.96 13.02 -77.24
C ASP A 1801 64.00 11.57 -76.75
N PRO A 1802 63.38 10.62 -77.47
CA PRO A 1802 63.48 9.23 -77.00
C PRO A 1802 64.89 8.68 -77.11
N GLU A 1803 65.58 9.02 -78.21
CA GLU A 1803 66.96 8.65 -78.46
C GLU A 1803 67.96 9.24 -77.47
N ASP A 1804 67.52 10.12 -76.58
CA ASP A 1804 68.39 10.50 -75.48
C ASP A 1804 67.49 10.97 -74.32
N PRO A 1805 67.35 10.19 -73.26
CA PRO A 1805 66.45 10.60 -72.19
C PRO A 1805 67.00 11.79 -71.43
N TYR A 1806 68.31 11.92 -71.35
CA TYR A 1806 68.93 12.98 -70.57
C TYR A 1806 68.66 14.36 -71.18
N LYS A 1807 68.14 14.42 -72.40
CA LYS A 1807 67.55 15.63 -72.96
C LYS A 1807 66.21 16.04 -72.37
N GLY A 1808 65.83 15.51 -71.22
CA GLY A 1808 64.63 15.96 -70.58
C GLY A 1808 63.36 15.31 -71.12
N TYR A 1809 62.31 15.44 -70.33
CA TYR A 1809 60.95 15.06 -70.66
C TYR A 1809 60.02 16.26 -70.57
N ARG A 1810 58.94 16.22 -71.35
CA ARG A 1810 58.03 17.36 -71.40
C ARG A 1810 56.84 17.23 -70.44
N TYR A 1811 56.17 16.09 -70.42
CA TYR A 1811 54.99 15.94 -69.57
C TYR A 1811 54.61 14.48 -69.44
N LEU A 1812 53.72 14.23 -68.49
CA LEU A 1812 53.14 12.91 -68.25
C LEU A 1812 51.74 12.91 -68.87
N TYR A 1813 51.29 11.74 -69.30
CA TYR A 1813 50.01 11.60 -70.00
C TYR A 1813 49.54 10.16 -69.93
N LEU A 1814 48.29 9.96 -70.35
CA LEU A 1814 47.71 8.62 -70.40
C LEU A 1814 47.34 8.21 -71.82
N THR A 1815 47.56 6.95 -72.11
CA THR A 1815 47.09 6.38 -73.35
C THR A 1815 45.58 6.39 -73.24
N PRO A 1816 44.85 6.37 -74.36
CA PRO A 1816 43.39 6.42 -74.24
C PRO A 1816 42.77 5.29 -73.47
N GLN A 1817 43.32 4.08 -73.57
CA GLN A 1817 42.83 2.97 -72.75
C GLN A 1817 42.94 3.27 -71.25
N ASP A 1818 44.11 3.68 -70.80
CA ASP A 1818 44.30 4.02 -69.39
C ASP A 1818 43.50 5.24 -69.00
N TYR A 1819 43.31 6.15 -69.94
CA TYR A 1819 42.58 7.40 -69.72
C TYR A 1819 41.10 7.14 -69.52
N LYS A 1820 40.56 6.21 -70.30
CA LYS A 1820 39.14 5.91 -70.43
C LYS A 1820 38.44 5.41 -69.17
N ARG A 1821 39.11 5.38 -68.00
CA ARG A 1821 38.55 4.74 -66.82
C ARG A 1821 38.52 5.74 -65.66
N VAL A 1822 39.64 6.36 -65.30
CA VAL A 1822 39.65 7.53 -64.44
C VAL A 1822 38.89 8.70 -65.07
N SER A 1823 38.86 8.78 -66.40
CA SER A 1823 38.27 9.92 -67.10
C SER A 1823 36.82 10.16 -66.69
N ALA A 1824 36.05 9.09 -66.59
CA ALA A 1824 34.67 9.18 -66.15
C ALA A 1824 34.50 9.70 -64.73
N LEU A 1825 35.56 9.77 -63.92
CA LEU A 1825 35.38 9.80 -62.47
C LEU A 1825 35.84 11.03 -61.71
N ASN A 1826 36.15 12.17 -62.35
CA ASN A 1826 36.60 13.35 -61.58
C ASN A 1826 37.85 13.01 -60.76
N SER A 1827 38.80 12.35 -61.42
CA SER A 1827 40.02 11.82 -60.83
C SER A 1827 41.22 12.73 -60.97
N VAL A 1828 41.43 13.28 -62.14
CA VAL A 1828 42.51 14.19 -62.45
C VAL A 1828 41.88 15.26 -63.32
N HIS A 1829 42.64 16.31 -63.55
CA HIS A 1829 42.26 17.25 -64.59
C HIS A 1829 43.30 17.11 -65.69
N CYS A 1830 42.82 16.81 -66.89
CA CYS A 1830 43.59 16.65 -68.12
C CYS A 1830 43.05 17.51 -69.24
N GLU A 1831 43.88 17.61 -70.29
CA GLU A 1831 43.49 18.13 -71.59
C GLU A 1831 43.83 17.15 -72.70
N HIS A 1832 42.90 16.96 -73.64
CA HIS A 1832 43.21 16.08 -74.76
C HIS A 1832 44.26 16.81 -75.56
N VAL A 1833 45.22 16.08 -76.13
CA VAL A 1833 46.20 16.72 -77.00
C VAL A 1833 46.69 15.78 -78.08
N GLU A 1834 46.98 16.37 -79.23
CA GLU A 1834 47.75 15.71 -80.27
C GLU A 1834 49.17 16.25 -80.12
N ASP A 1835 50.16 15.37 -80.00
CA ASP A 1835 51.53 15.81 -79.78
C ASP A 1835 52.52 14.82 -80.35
N GLU A 1836 53.63 15.34 -80.87
CA GLU A 1836 54.71 14.56 -81.49
C GLU A 1836 54.14 13.46 -82.39
N GLY A 1837 53.04 13.78 -83.07
CA GLY A 1837 52.34 12.89 -83.97
C GLY A 1837 51.28 12.13 -83.21
N GLU A 1838 51.64 11.60 -82.05
CA GLU A 1838 50.72 10.75 -81.29
C GLU A 1838 49.72 11.60 -80.51
N SER A 1839 48.61 10.97 -80.15
CA SER A 1839 47.55 11.59 -79.37
C SER A 1839 47.72 11.13 -77.93
N ARG A 1840 47.81 12.09 -77.03
CA ARG A 1840 48.14 11.84 -75.66
C ARG A 1840 47.07 12.55 -74.85
N TYR A 1841 46.94 12.16 -73.60
CA TYR A 1841 45.97 12.81 -72.73
C TYR A 1841 46.84 13.50 -71.69
N LYS A 1842 47.15 14.75 -71.99
CA LYS A 1842 48.04 15.58 -71.19
C LYS A 1842 47.52 15.87 -69.80
N ILE A 1843 48.32 15.53 -68.79
CA ILE A 1843 47.93 15.72 -67.40
C ILE A 1843 48.19 17.15 -66.96
N THR A 1844 47.14 17.83 -66.55
CA THR A 1844 47.23 19.24 -66.17
C THR A 1844 47.21 19.38 -64.66
N ASP A 1845 46.39 18.59 -63.97
CA ASP A 1845 46.37 18.53 -62.52
C ASP A 1845 46.12 17.10 -62.11
N ILE A 1846 46.81 16.67 -61.07
CA ILE A 1846 46.54 15.36 -60.48
C ILE A 1846 45.82 15.54 -59.16
N ILE A 1847 44.59 15.06 -59.10
CA ILE A 1847 43.74 15.22 -57.94
C ILE A 1847 43.80 14.02 -57.02
N GLY A 1848 43.71 12.82 -57.57
CA GLY A 1848 43.94 11.63 -56.77
C GLY A 1848 42.61 11.23 -56.15
N LYS A 1849 42.06 10.09 -56.57
CA LYS A 1849 40.71 9.70 -56.13
C LYS A 1849 40.60 9.42 -54.64
N GLU A 1850 41.67 9.04 -53.96
CA GLU A 1850 41.54 8.79 -52.55
C GLU A 1850 41.36 10.12 -51.84
N GLU A 1851 40.22 10.32 -51.20
CA GLU A 1851 40.01 11.54 -50.44
C GLU A 1851 40.79 11.38 -49.15
N GLY A 1852 41.43 12.46 -48.70
CA GLY A 1852 42.13 12.45 -47.44
C GLY A 1852 43.63 12.39 -47.54
N ILE A 1853 44.20 12.34 -48.73
CA ILE A 1853 45.65 12.30 -48.93
C ILE A 1853 46.19 13.58 -49.54
N GLY A 1854 45.40 14.62 -49.50
CA GLY A 1854 45.66 15.85 -50.15
C GLY A 1854 45.67 16.87 -49.05
N PRO A 1855 45.64 18.14 -49.42
CA PRO A 1855 45.69 19.20 -48.42
C PRO A 1855 44.46 19.27 -47.47
N GLU A 1856 43.38 18.52 -47.72
CA GLU A 1856 42.31 18.40 -46.72
C GLU A 1856 42.73 17.95 -45.31
N ASN A 1857 43.78 17.12 -45.17
CA ASN A 1857 44.16 16.66 -43.84
C ASN A 1857 44.64 17.84 -43.01
N LEU A 1858 45.15 18.83 -43.73
CA LEU A 1858 45.63 20.07 -43.20
C LEU A 1858 44.47 20.91 -42.71
N ARG A 1859 43.39 20.95 -43.49
CA ARG A 1859 42.24 21.71 -43.05
C ARG A 1859 41.77 21.14 -41.73
N GLY A 1860 41.63 19.82 -41.69
CA GLY A 1860 41.17 19.20 -40.46
C GLY A 1860 42.09 19.57 -39.33
N SER A 1861 43.38 19.63 -39.64
CA SER A 1861 44.37 19.93 -38.62
C SER A 1861 44.25 21.36 -38.12
N GLY A 1862 44.33 22.31 -39.03
CA GLY A 1862 44.13 23.69 -38.65
C GLY A 1862 42.84 23.94 -37.88
N MET A 1863 41.74 23.39 -38.40
CA MET A 1863 40.41 23.54 -37.80
C MET A 1863 40.40 23.16 -36.33
N ILE A 1864 40.97 22.00 -36.05
CA ILE A 1864 40.98 21.56 -34.67
C ILE A 1864 42.07 22.23 -33.86
N ALA A 1865 43.08 22.76 -34.51
CA ALA A 1865 44.02 23.59 -33.79
C ALA A 1865 43.35 24.82 -33.22
N GLY A 1866 42.66 25.57 -34.08
CA GLY A 1866 41.96 26.75 -33.63
C GLY A 1866 40.98 26.41 -32.53
N GLU A 1867 40.19 25.37 -32.78
CA GLU A 1867 39.22 24.92 -31.81
C GLU A 1867 39.89 24.58 -30.51
N SER A 1868 41.06 23.98 -30.58
CA SER A 1868 41.73 23.55 -29.37
C SER A 1868 42.18 24.75 -28.57
N SER A 1869 42.65 25.76 -29.27
CA SER A 1869 42.99 27.02 -28.63
C SER A 1869 41.80 27.64 -27.92
N LEU A 1870 40.65 27.60 -28.57
CA LEU A 1870 39.45 28.18 -27.96
C LEU A 1870 39.08 27.37 -26.75
N ALA A 1871 39.08 26.06 -26.95
CA ALA A 1871 38.76 25.10 -25.93
C ALA A 1871 39.63 25.43 -24.74
N TYR A 1872 40.90 25.71 -25.02
CA TYR A 1872 41.81 26.02 -23.94
C TYR A 1872 41.34 27.25 -23.20
N ASN A 1873 40.76 28.20 -23.91
CA ASN A 1873 40.26 29.33 -23.16
C ASN A 1873 38.97 29.04 -22.41
N GLU A 1874 38.34 27.88 -22.61
CA GLU A 1874 37.06 27.58 -21.93
C GLU A 1874 37.08 26.39 -20.97
N ILE A 1875 37.89 25.36 -21.18
CA ILE A 1875 37.89 24.18 -20.34
C ILE A 1875 39.32 23.67 -20.19
N ILE A 1876 39.50 22.68 -19.32
CA ILE A 1876 40.82 22.10 -19.07
C ILE A 1876 41.18 21.02 -20.09
N THR A 1877 42.35 21.16 -20.69
CA THR A 1877 42.89 20.19 -21.62
C THR A 1877 44.25 19.68 -21.12
N ILE A 1878 44.52 18.38 -21.26
CA ILE A 1878 45.85 17.85 -20.95
C ILE A 1878 46.24 16.84 -22.04
N SER A 1879 47.55 16.75 -22.33
CA SER A 1879 47.97 15.85 -23.40
C SER A 1879 49.25 15.12 -23.03
N LEU A 1880 49.27 13.86 -23.45
CA LEU A 1880 50.41 12.97 -23.24
C LEU A 1880 50.94 12.34 -24.51
N VAL A 1881 52.22 12.55 -24.77
CA VAL A 1881 52.91 12.04 -25.95
C VAL A 1881 53.73 10.82 -25.57
N THR A 1882 53.38 9.70 -26.18
CA THR A 1882 53.84 8.38 -25.76
C THR A 1882 54.96 7.85 -26.66
N CYS A 1883 54.82 7.95 -27.98
CA CYS A 1883 55.77 7.37 -28.93
C CYS A 1883 56.39 8.43 -29.82
N ARG A 1884 55.59 9.18 -30.57
CA ARG A 1884 56.15 10.29 -31.31
C ARG A 1884 54.98 11.15 -31.70
N ALA A 1885 55.14 12.47 -31.66
CA ALA A 1885 54.17 13.38 -32.20
C ALA A 1885 54.69 14.15 -33.38
N ILE A 1886 53.99 14.00 -34.48
CA ILE A 1886 54.33 14.58 -35.75
C ILE A 1886 53.24 15.54 -36.21
N GLY A 1887 53.70 16.66 -36.72
CA GLY A 1887 52.89 17.72 -37.26
C GLY A 1887 51.76 18.21 -36.39
N ILE A 1888 50.54 18.03 -36.87
CA ILE A 1888 49.38 18.56 -36.13
C ILE A 1888 49.31 18.02 -34.71
N GLY A 1889 49.76 16.79 -34.49
CA GLY A 1889 49.79 16.26 -33.14
C GLY A 1889 50.65 17.10 -32.20
N ALA A 1890 51.84 17.43 -32.68
CA ALA A 1890 52.75 18.30 -31.95
C ALA A 1890 52.11 19.64 -31.69
N TYR A 1891 51.48 20.20 -32.71
CA TYR A 1891 50.99 21.55 -32.53
C TYR A 1891 49.87 21.57 -31.48
N LEU A 1892 49.01 20.54 -31.48
CA LEU A 1892 47.94 20.50 -30.48
C LEU A 1892 48.48 20.29 -29.09
N VAL A 1893 49.62 19.62 -28.96
CA VAL A 1893 50.09 19.36 -27.61
C VAL A 1893 50.55 20.68 -27.08
N ARG A 1894 51.05 21.51 -27.97
CA ARG A 1894 51.57 22.74 -27.47
C ARG A 1894 50.39 23.59 -27.03
N LEU A 1895 49.33 23.63 -27.85
CA LEU A 1895 48.12 24.35 -27.44
C LEU A 1895 47.53 23.83 -26.14
N GLY A 1896 47.63 22.52 -25.90
CA GLY A 1896 47.20 21.99 -24.64
C GLY A 1896 48.05 22.44 -23.50
N GLN A 1897 49.28 22.82 -23.80
CA GLN A 1897 50.19 23.51 -22.91
C GLN A 1897 50.76 22.50 -21.94
N ARG A 1898 49.87 21.78 -21.29
CA ARG A 1898 50.26 20.74 -20.36
C ARG A 1898 50.55 19.48 -21.13
N THR A 1899 51.80 19.09 -21.02
CA THR A 1899 52.40 18.19 -21.96
C THR A 1899 53.25 17.18 -21.18
N ILE A 1900 52.96 15.89 -21.40
CA ILE A 1900 53.74 14.80 -20.83
C ILE A 1900 54.46 14.05 -21.93
N GLN A 1901 55.72 13.69 -21.69
CA GLN A 1901 56.54 13.08 -22.72
C GLN A 1901 57.20 11.83 -22.18
N VAL A 1902 56.89 10.72 -22.80
CA VAL A 1902 57.48 9.46 -22.41
C VAL A 1902 58.91 9.40 -22.94
N GLU A 1903 59.79 8.84 -22.13
CA GLU A 1903 61.17 8.63 -22.53
C GLU A 1903 61.21 7.83 -23.82
N ASN A 1904 62.20 8.12 -24.66
CA ASN A 1904 62.46 7.52 -25.98
C ASN A 1904 61.44 7.87 -27.05
N SER A 1905 60.40 8.62 -26.71
CA SER A 1905 59.55 9.20 -27.74
C SER A 1905 60.26 10.40 -28.38
N HIS A 1906 59.78 10.83 -29.55
CA HIS A 1906 60.37 12.00 -30.21
C HIS A 1906 59.34 12.82 -30.98
N LEU A 1907 59.69 14.09 -31.16
CA LEU A 1907 58.74 15.13 -31.53
C LEU A 1907 59.26 16.04 -32.63
N ILE A 1908 58.80 15.85 -33.88
CA ILE A 1908 59.42 16.52 -35.03
C ILE A 1908 58.41 16.82 -36.14
N LEU A 1909 58.86 17.69 -37.03
CA LEU A 1909 58.20 18.19 -38.23
C LEU A 1909 58.76 17.62 -39.53
N THR A 1910 60.08 17.51 -39.66
CA THR A 1910 60.76 17.05 -40.86
C THR A 1910 61.81 16.01 -40.52
N GLY A 1911 61.95 15.00 -41.38
CA GLY A 1911 62.71 13.82 -41.04
C GLY A 1911 64.20 14.01 -41.22
N ALA A 1912 64.91 13.24 -40.38
CA ALA A 1912 66.37 13.25 -40.36
C ALA A 1912 66.94 13.02 -41.74
N GLY A 1913 66.29 12.18 -42.53
CA GLY A 1913 66.80 11.94 -43.86
C GLY A 1913 66.79 13.20 -44.70
N ALA A 1914 65.61 13.84 -44.79
CA ALA A 1914 65.47 15.06 -45.57
C ALA A 1914 66.48 16.11 -45.11
N LEU A 1915 66.60 16.29 -43.79
CA LEU A 1915 67.45 17.35 -43.27
C LEU A 1915 68.92 17.07 -43.53
N ASN A 1916 69.30 15.83 -43.33
CA ASN A 1916 70.66 15.42 -43.55
C ASN A 1916 71.01 15.57 -45.02
N LYS A 1917 70.08 15.20 -45.88
CA LYS A 1917 70.28 15.33 -47.31
C LYS A 1917 70.51 16.77 -47.74
N VAL A 1918 69.62 17.68 -47.32
CA VAL A 1918 69.82 19.09 -47.64
C VAL A 1918 71.14 19.63 -47.11
N LEU A 1919 71.58 19.14 -45.95
CA LEU A 1919 72.82 19.65 -45.33
C LEU A 1919 74.02 18.81 -45.74
N GLY A 1920 73.84 17.83 -46.62
CA GLY A 1920 74.94 17.09 -47.16
C GLY A 1920 75.60 16.11 -46.22
N ARG A 1921 75.08 15.91 -45.01
CA ARG A 1921 75.68 14.89 -44.17
C ARG A 1921 74.68 14.46 -43.12
N GLU A 1922 75.03 13.37 -42.44
CA GLU A 1922 74.21 12.77 -41.40
C GLU A 1922 74.41 13.57 -40.12
N VAL A 1923 73.84 14.77 -40.08
CA VAL A 1923 74.03 15.60 -38.90
C VAL A 1923 73.42 14.89 -37.70
N TYR A 1924 72.16 14.49 -37.82
CA TYR A 1924 71.41 13.87 -36.75
C TYR A 1924 71.22 12.40 -37.10
N THR A 1925 71.26 11.56 -36.07
CA THR A 1925 71.17 10.11 -36.21
C THR A 1925 69.87 9.51 -35.72
N SER A 1926 69.09 10.23 -34.93
CA SER A 1926 67.91 9.68 -34.30
C SER A 1926 66.95 10.82 -34.05
N ASN A 1927 65.70 10.64 -34.42
CA ASN A 1927 64.68 11.65 -34.11
C ASN A 1927 64.69 12.07 -32.64
N ASN A 1928 65.07 11.16 -31.73
CA ASN A 1928 65.18 11.53 -30.32
C ASN A 1928 66.19 12.63 -30.10
N GLN A 1929 67.21 12.69 -30.96
CA GLN A 1929 68.15 13.79 -30.90
C GLN A 1929 67.43 15.10 -31.11
N LEU A 1930 66.38 15.07 -31.91
CA LEU A 1930 65.64 16.25 -32.34
C LEU A 1930 64.50 16.66 -31.40
N GLY A 1931 63.70 15.71 -30.93
CA GLY A 1931 62.47 16.04 -30.21
C GLY A 1931 62.27 15.32 -28.89
N GLY A 1932 63.30 14.65 -28.41
CA GLY A 1932 63.20 13.86 -27.21
C GLY A 1932 63.13 14.71 -25.97
N ILE A 1933 62.95 14.03 -24.86
CA ILE A 1933 62.84 14.70 -23.57
C ILE A 1933 64.11 15.47 -23.29
N GLN A 1934 65.23 15.00 -23.83
CA GLN A 1934 66.51 15.65 -23.64
C GLN A 1934 66.56 17.00 -24.31
N ILE A 1935 65.60 17.26 -25.21
CA ILE A 1935 65.42 18.56 -25.80
C ILE A 1935 64.28 19.35 -25.16
N MET A 1936 63.07 18.78 -25.18
CA MET A 1936 61.90 19.57 -24.81
C MET A 1936 61.79 19.76 -23.32
N HIS A 1937 62.32 18.82 -22.56
CA HIS A 1937 62.31 18.96 -21.11
C HIS A 1937 63.38 19.94 -20.70
N ASN A 1938 64.51 19.90 -21.41
CA ASN A 1938 65.58 20.82 -21.14
C ASN A 1938 65.26 22.24 -21.58
N ASN A 1939 64.23 22.44 -22.42
CA ASN A 1939 63.85 23.79 -22.83
C ASN A 1939 62.47 24.22 -22.38
N GLY A 1940 61.71 23.38 -21.68
CA GLY A 1940 60.45 23.83 -21.14
C GLY A 1940 59.30 23.73 -22.12
N VAL A 1941 59.54 23.18 -23.29
CA VAL A 1941 58.48 22.88 -24.23
C VAL A 1941 57.59 21.76 -23.70
N THR A 1942 58.21 20.76 -23.09
CA THR A 1942 57.55 19.67 -22.38
C THR A 1942 57.42 19.96 -20.89
N HIS A 1943 56.21 19.71 -20.34
CA HIS A 1943 56.01 20.02 -18.93
C HIS A 1943 56.52 18.91 -18.03
N CYS A 1944 56.20 17.66 -18.33
CA CYS A 1944 56.72 16.58 -17.50
C CYS A 1944 57.17 15.45 -18.39
N THR A 1945 58.14 14.69 -17.91
CA THR A 1945 58.59 13.48 -18.55
C THR A 1945 58.34 12.28 -17.65
N VAL A 1946 58.10 11.13 -18.28
CA VAL A 1946 57.85 9.90 -17.54
C VAL A 1946 58.58 8.73 -18.17
N CYS A 1947 58.81 7.71 -17.34
CA CYS A 1947 59.56 6.57 -17.83
C CYS A 1947 58.63 5.62 -18.58
N ASP A 1948 57.34 5.64 -18.27
CA ASP A 1948 56.40 4.77 -18.97
C ASP A 1948 54.98 5.32 -18.95
N ASP A 1949 54.13 4.64 -19.72
CA ASP A 1949 52.76 5.07 -19.88
C ASP A 1949 51.95 5.03 -18.61
N PHE A 1950 52.05 3.93 -17.85
CA PHE A 1950 51.28 3.82 -16.61
C PHE A 1950 51.52 4.97 -15.64
N GLU A 1951 52.78 5.27 -15.35
CA GLU A 1951 53.05 6.31 -14.37
C GLU A 1951 52.67 7.67 -14.92
N GLY A 1952 52.72 7.81 -16.24
CA GLY A 1952 52.22 9.02 -16.86
C GLY A 1952 50.75 9.21 -16.55
N VAL A 1953 49.98 8.17 -16.83
CA VAL A 1953 48.53 8.21 -16.63
C VAL A 1953 48.21 8.53 -15.17
N PHE A 1954 48.96 7.93 -14.25
CA PHE A 1954 48.75 8.24 -12.85
C PHE A 1954 48.91 9.73 -12.61
N THR A 1955 49.96 10.32 -13.17
CA THR A 1955 50.18 11.74 -12.96
C THR A 1955 49.04 12.60 -13.51
N VAL A 1956 48.54 12.29 -14.72
CA VAL A 1956 47.41 13.06 -15.27
C VAL A 1956 46.22 13.04 -14.31
N LEU A 1957 45.80 11.86 -13.90
CA LEU A 1957 44.65 11.79 -13.01
C LEU A 1957 44.95 12.52 -11.71
N HIS A 1958 46.21 12.49 -11.28
CA HIS A 1958 46.58 13.14 -10.04
C HIS A 1958 46.35 14.63 -10.18
N TRP A 1959 46.76 15.17 -11.32
CA TRP A 1959 46.46 16.56 -11.59
C TRP A 1959 44.97 16.80 -11.54
N LEU A 1960 44.19 15.97 -12.25
CA LEU A 1960 42.74 16.12 -12.28
C LEU A 1960 42.14 16.17 -10.90
N SER A 1961 42.82 15.61 -9.93
CA SER A 1961 42.35 15.62 -8.57
C SER A 1961 42.33 17.01 -8.01
N TYR A 1962 42.99 17.95 -8.67
CA TYR A 1962 42.89 19.33 -8.25
C TYR A 1962 41.78 20.16 -8.89
N MET A 1963 41.03 19.68 -9.90
CA MET A 1963 40.19 20.61 -10.66
C MET A 1963 38.68 20.38 -10.66
N PRO A 1964 37.89 21.47 -10.71
CA PRO A 1964 36.44 21.32 -10.69
C PRO A 1964 35.93 20.73 -11.98
N LYS A 1965 34.95 19.86 -11.86
CA LYS A 1965 34.39 19.18 -13.00
C LYS A 1965 34.08 20.12 -14.15
N SER A 1966 33.62 21.30 -13.80
CA SER A 1966 33.29 22.35 -14.73
C SER A 1966 33.55 23.66 -14.04
N VAL A 1967 33.35 24.72 -14.79
CA VAL A 1967 33.49 26.06 -14.27
C VAL A 1967 32.38 26.50 -13.35
N HIS A 1968 31.22 25.85 -13.33
CA HIS A 1968 30.25 26.35 -12.37
C HIS A 1968 30.46 25.86 -10.96
N SER A 1969 31.50 25.09 -10.69
CA SER A 1969 31.60 24.43 -9.42
C SER A 1969 32.89 24.78 -8.72
N SER A 1970 32.85 24.75 -7.42
CA SER A 1970 34.04 24.98 -6.66
C SER A 1970 34.77 23.64 -6.62
N VAL A 1971 36.06 23.67 -6.40
CA VAL A 1971 36.73 22.39 -6.17
C VAL A 1971 36.03 21.68 -5.02
N PRO A 1972 35.73 20.39 -5.10
CA PRO A 1972 35.12 19.71 -3.95
C PRO A 1972 36.24 19.41 -2.97
N LEU A 1973 36.10 19.90 -1.76
CA LEU A 1973 37.13 19.81 -0.76
C LEU A 1973 36.99 18.63 0.18
N LEU A 1974 38.13 18.07 0.53
CA LEU A 1974 38.28 17.01 1.50
C LEU A 1974 38.90 17.59 2.76
N ASN A 1975 38.77 16.83 3.82
CA ASN A 1975 39.47 17.03 5.08
C ASN A 1975 40.72 16.19 5.16
N SER A 1976 41.86 16.81 4.87
CA SER A 1976 43.11 16.13 4.68
C SER A 1976 43.76 15.80 6.03
N LYS A 1977 44.64 14.81 6.01
CA LYS A 1977 45.31 14.37 7.23
C LYS A 1977 46.47 15.24 7.63
N ASP A 1978 46.96 16.12 6.76
CA ASP A 1978 47.99 17.04 7.20
C ASP A 1978 47.21 18.22 7.78
N PRO A 1979 47.26 18.45 9.09
CA PRO A 1979 46.41 19.49 9.68
C PRO A 1979 46.76 20.91 9.27
N ILE A 1980 45.83 21.77 9.62
CA ILE A 1980 45.79 23.16 9.21
C ILE A 1980 46.36 24.04 10.30
N ASP A 1981 46.11 23.66 11.56
CA ASP A 1981 46.58 24.45 12.68
C ASP A 1981 47.95 23.99 13.13
N ARG A 1982 48.78 23.56 12.18
CA ARG A 1982 50.18 23.27 12.45
C ARG A 1982 50.97 24.45 11.93
N ILE A 1983 52.19 24.57 12.38
CA ILE A 1983 53.13 25.54 11.84
C ILE A 1983 54.01 24.91 10.77
N ILE A 1984 54.52 25.77 9.90
CA ILE A 1984 55.47 25.41 8.86
C ILE A 1984 56.84 25.54 9.51
N GLU A 1985 57.65 24.49 9.42
CA GLU A 1985 58.92 24.51 10.12
C GLU A 1985 60.03 25.20 9.33
N PHE A 1986 60.11 24.98 8.03
CA PHE A 1986 61.14 25.62 7.24
C PHE A 1986 60.90 27.12 7.08
N VAL A 1987 61.97 27.87 7.28
CA VAL A 1987 61.96 29.34 7.25
C VAL A 1987 62.97 29.77 6.19
N PRO A 1988 62.57 30.56 5.19
CA PRO A 1988 63.55 31.05 4.24
C PRO A 1988 64.65 31.86 4.91
N THR A 1989 65.83 31.81 4.30
CA THR A 1989 67.05 32.31 4.91
C THR A 1989 67.72 33.27 3.95
N LYS A 1990 68.54 34.19 4.48
CA LYS A 1990 69.38 34.98 3.58
C LYS A 1990 70.28 34.06 2.80
N THR A 1991 70.80 33.07 3.49
CA THR A 1991 71.55 32.04 2.83
C THR A 1991 70.64 31.28 1.87
N PRO A 1992 71.12 30.88 0.70
CA PRO A 1992 70.25 30.25 -0.28
C PRO A 1992 69.80 28.83 0.07
N TYR A 1993 68.71 28.42 -0.59
CA TYR A 1993 68.02 27.15 -0.36
C TYR A 1993 67.18 26.76 -1.57
N ASP A 1994 66.92 25.46 -1.70
CA ASP A 1994 66.01 24.95 -2.72
C ASP A 1994 64.59 25.37 -2.34
N PRO A 1995 63.87 26.15 -3.16
CA PRO A 1995 62.54 26.60 -2.74
C PRO A 1995 61.50 25.52 -2.74
N ARG A 1996 61.79 24.37 -3.31
CA ARG A 1996 60.80 23.32 -3.23
C ARG A 1996 60.64 22.85 -1.81
N TRP A 1997 61.74 22.89 -1.05
CA TRP A 1997 61.66 22.60 0.37
C TRP A 1997 60.72 23.58 1.04
N MET A 1998 60.83 24.85 0.64
CA MET A 1998 59.97 25.90 1.17
C MET A 1998 58.51 25.62 0.87
N LEU A 1999 58.24 25.04 -0.28
CA LEU A 1999 56.85 24.89 -0.70
C LEU A 1999 56.21 23.61 -0.18
N ALA A 2000 56.79 22.48 -0.53
CA ALA A 2000 56.23 21.16 -0.30
C ALA A 2000 56.83 20.52 0.93
N GLY A 2001 57.92 21.09 1.45
CA GLY A 2001 58.67 20.56 2.56
C GLY A 2001 59.77 19.65 2.10
N ARG A 2002 60.52 19.21 3.10
CA ARG A 2002 61.62 18.30 2.86
C ARG A 2002 61.77 17.38 4.04
N PRO A 2003 62.53 16.31 3.88
CA PRO A 2003 62.85 15.44 5.00
C PRO A 2003 63.73 16.18 5.99
N HIS A 2004 63.63 15.79 7.23
CA HIS A 2004 64.40 16.45 8.26
C HIS A 2004 65.87 16.11 8.04
N PRO A 2005 66.76 17.12 7.99
CA PRO A 2005 68.21 16.85 7.86
C PRO A 2005 68.81 15.86 8.84
N THR A 2006 68.39 15.82 10.10
CA THR A 2006 68.96 14.88 11.04
C THR A 2006 68.18 13.56 11.05
N GLN A 2007 67.27 13.36 11.99
CA GLN A 2007 66.54 12.10 12.14
C GLN A 2007 65.59 11.92 10.96
N LYS A 2008 66.12 11.41 9.85
CA LYS A 2008 65.24 10.98 8.76
C LYS A 2008 64.66 9.61 9.12
N GLY A 2009 63.48 9.28 8.59
CA GLY A 2009 62.62 10.06 7.71
C GLY A 2009 61.54 10.86 8.39
N GLN A 2010 61.99 11.87 9.13
CA GLN A 2010 61.17 12.95 9.62
C GLN A 2010 61.17 14.02 8.53
N TRP A 2011 60.45 15.11 8.74
CA TRP A 2011 60.16 16.07 7.70
C TRP A 2011 60.19 17.51 8.19
N LEU A 2012 61.04 18.34 7.56
CA LEU A 2012 61.02 19.78 7.84
C LEU A 2012 59.82 20.26 7.07
N SER A 2013 58.78 20.68 7.78
CA SER A 2013 57.56 20.95 7.06
C SER A 2013 57.70 22.15 6.15
N GLY A 2014 57.07 21.98 4.99
CA GLY A 2014 56.97 23.00 3.99
C GLY A 2014 55.66 23.71 4.14
N PHE A 2015 55.37 24.52 3.15
CA PHE A 2015 54.08 25.16 3.16
C PHE A 2015 53.00 24.11 2.99
N PHE A 2016 53.16 23.24 2.01
CA PHE A 2016 52.14 22.27 1.63
C PHE A 2016 52.23 20.92 2.33
N ASP A 2017 51.13 20.19 2.14
CA ASP A 2017 50.88 18.84 2.62
C ASP A 2017 52.00 17.89 2.20
N TYR A 2018 52.50 17.14 3.18
CA TYR A 2018 53.53 16.14 2.94
C TYR A 2018 53.19 15.28 1.74
N GLY A 2019 54.09 15.25 0.78
CA GLY A 2019 53.92 14.39 -0.36
C GLY A 2019 52.91 14.89 -1.37
N SER A 2020 52.43 16.13 -1.24
CA SER A 2020 51.34 16.62 -2.08
C SER A 2020 51.72 17.47 -3.28
N PHE A 2021 52.91 18.02 -3.32
CA PHE A 2021 53.27 18.97 -4.36
C PHE A 2021 53.71 18.31 -5.65
N SER A 2022 53.07 18.68 -6.75
CA SER A 2022 53.41 18.11 -8.06
C SER A 2022 53.78 19.22 -9.01
N GLU A 2023 55.09 19.31 -9.24
CA GLU A 2023 55.77 20.31 -10.04
C GLU A 2023 55.54 19.99 -11.50
N ILE A 2024 55.70 20.99 -12.37
CA ILE A 2024 55.81 20.75 -13.79
C ILE A 2024 56.89 21.67 -14.35
N MET A 2025 57.42 21.29 -15.51
CA MET A 2025 58.49 22.04 -16.16
C MET A 2025 59.69 22.30 -15.26
N GLN A 2026 60.06 21.32 -14.44
CA GLN A 2026 61.06 21.60 -13.41
C GLN A 2026 62.42 22.06 -13.96
N PRO A 2027 62.99 21.48 -15.02
CA PRO A 2027 64.36 21.84 -15.37
C PRO A 2027 64.55 23.05 -16.25
N TRP A 2028 63.50 23.75 -16.66
CA TRP A 2028 63.69 24.89 -17.53
C TRP A 2028 63.41 26.11 -16.68
N ALA A 2029 64.33 27.05 -16.71
CA ALA A 2029 64.20 28.30 -16.00
C ALA A 2029 63.83 28.10 -14.53
N GLN A 2030 64.80 27.55 -13.80
CA GLN A 2030 64.56 27.02 -12.47
C GLN A 2030 64.70 28.07 -11.40
N THR A 2031 64.92 29.33 -11.76
CA THR A 2031 64.89 30.34 -10.73
C THR A 2031 63.49 30.49 -10.15
N VAL A 2032 62.46 30.06 -10.86
CA VAL A 2032 61.14 30.08 -10.29
C VAL A 2032 60.61 28.65 -10.47
N VAL A 2033 59.74 28.25 -9.57
CA VAL A 2033 59.19 26.91 -9.48
C VAL A 2033 57.69 27.01 -9.43
N VAL A 2034 57.02 26.27 -10.30
CA VAL A 2034 55.58 26.36 -10.39
C VAL A 2034 54.95 24.99 -10.34
N GLY A 2035 53.71 24.96 -9.87
CA GLY A 2035 53.00 23.71 -9.74
C GLY A 2035 51.69 23.91 -9.03
N ARG A 2036 51.09 22.78 -8.70
CA ARG A 2036 49.83 22.70 -7.99
C ARG A 2036 50.01 21.91 -6.71
N ALA A 2037 49.24 22.25 -5.68
CA ALA A 2037 49.34 21.48 -4.45
C ALA A 2037 48.04 21.54 -3.66
N ARG A 2038 48.08 20.95 -2.48
CA ARG A 2038 46.99 21.02 -1.54
C ARG A 2038 47.59 21.36 -0.20
N LEU A 2039 46.95 22.28 0.50
CA LEU A 2039 47.36 22.64 1.83
C LEU A 2039 46.16 22.30 2.70
N GLY A 2040 46.29 21.29 3.54
CA GLY A 2040 45.12 20.77 4.22
C GLY A 2040 44.03 20.30 3.28
N GLY A 2041 44.38 19.92 2.05
CA GLY A 2041 43.44 19.40 1.08
C GLY A 2041 42.69 20.37 0.20
N ILE A 2042 43.00 21.66 0.26
CA ILE A 2042 42.47 22.65 -0.68
C ILE A 2042 43.41 22.80 -1.87
N PRO A 2043 42.95 22.58 -3.11
CA PRO A 2043 43.86 22.79 -4.24
C PRO A 2043 44.18 24.25 -4.44
N VAL A 2044 45.45 24.53 -4.68
CA VAL A 2044 45.94 25.86 -5.04
C VAL A 2044 46.94 25.80 -6.18
N GLY A 2045 47.10 26.96 -6.86
CA GLY A 2045 48.24 27.13 -7.75
C GLY A 2045 49.39 27.76 -6.98
N VAL A 2046 50.63 27.45 -7.38
CA VAL A 2046 51.79 27.71 -6.55
C VAL A 2046 52.98 28.21 -7.36
N VAL A 2047 53.61 29.31 -6.87
CA VAL A 2047 54.84 29.88 -7.44
C VAL A 2047 55.90 30.14 -6.34
N ALA A 2048 57.17 29.71 -6.56
CA ALA A 2048 58.26 29.99 -5.61
C ALA A 2048 59.57 30.31 -6.33
N VAL A 2049 60.56 30.85 -5.60
CA VAL A 2049 61.79 31.39 -6.20
C VAL A 2049 63.02 30.65 -5.70
N GLU A 2050 63.85 30.22 -6.63
CA GLU A 2050 65.12 29.62 -6.31
C GLU A 2050 66.03 30.72 -5.82
N THR A 2051 66.81 30.44 -4.78
CA THR A 2051 67.68 31.46 -4.22
C THR A 2051 69.18 31.34 -4.56
N ARG A 2052 69.72 30.18 -4.96
CA ARG A 2052 71.14 30.12 -5.32
C ARG A 2052 71.34 30.52 -6.77
N THR A 2053 72.52 31.09 -7.05
CA THR A 2053 72.84 31.48 -8.40
C THR A 2053 72.78 30.23 -9.26
N VAL A 2054 72.08 30.34 -10.35
CA VAL A 2054 71.96 29.27 -11.33
C VAL A 2054 73.10 29.27 -12.32
N GLU A 2055 73.52 28.06 -12.66
CA GLU A 2055 74.49 27.84 -13.71
C GLU A 2055 73.69 27.11 -14.79
N LEU A 2056 73.35 27.82 -15.86
CA LEU A 2056 72.55 27.24 -16.93
C LEU A 2056 73.47 26.70 -17.99
N SER A 2057 73.27 25.45 -18.36
CA SER A 2057 74.00 24.77 -19.41
C SER A 2057 73.19 24.87 -20.69
N ILE A 2058 73.81 25.44 -21.71
CA ILE A 2058 73.22 25.58 -23.04
C ILE A 2058 73.86 24.51 -23.93
N PRO A 2059 73.08 23.62 -24.55
CA PRO A 2059 73.73 22.55 -25.33
C PRO A 2059 74.37 23.04 -26.62
N ALA A 2060 75.30 22.23 -27.10
CA ALA A 2060 76.02 22.49 -28.33
C ALA A 2060 75.18 22.11 -29.54
N ASP A 2061 75.28 22.89 -30.59
CA ASP A 2061 74.64 22.56 -31.85
C ASP A 2061 75.47 21.59 -32.69
N PRO A 2062 75.07 20.33 -32.88
CA PRO A 2062 75.93 19.45 -33.68
C PRO A 2062 75.95 19.83 -35.15
N ALA A 2063 74.87 20.45 -35.65
CA ALA A 2063 74.88 20.98 -37.00
C ALA A 2063 76.06 21.90 -37.24
N ASN A 2064 76.35 22.77 -36.26
CA ASN A 2064 77.39 23.77 -36.42
C ASN A 2064 78.57 23.24 -35.63
N LEU A 2065 79.69 23.01 -36.30
CA LEU A 2065 80.83 22.41 -35.63
C LEU A 2065 81.52 23.35 -34.66
N ASP A 2066 81.26 24.64 -34.74
CA ASP A 2066 81.82 25.58 -33.78
C ASP A 2066 81.17 25.45 -32.41
N SER A 2067 79.84 25.41 -32.39
CA SER A 2067 79.05 25.40 -31.16
C SER A 2067 79.56 24.40 -30.13
N GLU A 2068 79.98 24.90 -28.96
CA GLU A 2068 80.11 24.05 -27.80
C GLU A 2068 79.10 24.43 -26.72
N ALA A 2069 78.73 23.45 -25.90
CA ALA A 2069 77.72 23.65 -24.88
C ALA A 2069 78.24 24.60 -23.80
N LYS A 2070 77.78 25.84 -23.83
CA LYS A 2070 78.15 26.87 -22.86
C LYS A 2070 77.43 26.70 -21.53
N ILE A 2071 77.91 27.46 -20.55
CA ILE A 2071 77.41 27.42 -19.18
C ILE A 2071 77.26 28.87 -18.72
N ILE A 2072 76.03 29.24 -18.36
CA ILE A 2072 75.63 30.62 -18.17
C ILE A 2072 75.23 30.78 -16.71
N GLN A 2073 75.64 31.90 -16.13
CA GLN A 2073 75.20 32.26 -14.79
C GLN A 2073 73.89 33.01 -15.03
N GLN A 2074 72.82 32.61 -14.34
CA GLN A 2074 71.56 33.36 -14.41
C GLN A 2074 71.18 33.86 -13.01
N ALA A 2075 71.33 35.18 -12.82
CA ALA A 2075 71.12 35.82 -11.51
C ALA A 2075 69.73 35.53 -10.94
N GLY A 2076 69.69 35.47 -9.60
CA GLY A 2076 68.46 35.37 -8.85
C GLY A 2076 67.63 36.65 -8.74
N GLN A 2077 66.38 36.48 -8.29
CA GLN A 2077 65.37 37.53 -8.19
C GLN A 2077 65.13 38.25 -9.51
N VAL A 2078 65.30 37.55 -10.63
CA VAL A 2078 65.07 38.14 -11.94
C VAL A 2078 64.23 37.24 -12.82
N TRP A 2079 63.42 37.90 -13.62
CA TRP A 2079 62.66 37.29 -14.68
C TRP A 2079 63.47 37.42 -15.94
N PHE A 2080 63.70 36.33 -16.60
CA PHE A 2080 64.26 36.35 -17.93
C PHE A 2080 63.09 36.07 -18.84
N PRO A 2081 63.27 36.08 -20.16
CA PRO A 2081 62.17 35.68 -21.03
C PRO A 2081 61.65 34.33 -20.62
N ASP A 2082 62.56 33.37 -20.48
CA ASP A 2082 62.16 32.03 -20.09
C ASP A 2082 61.39 32.02 -18.78
N SER A 2083 61.97 32.64 -17.74
CA SER A 2083 61.34 32.59 -16.43
C SER A 2083 59.96 33.25 -16.45
N ALA A 2084 59.87 34.42 -17.09
CA ALA A 2084 58.63 35.17 -17.13
C ALA A 2084 57.58 34.41 -17.91
N PHE A 2085 58.00 33.79 -18.98
CA PHE A 2085 57.09 33.01 -19.79
C PHE A 2085 56.55 31.80 -19.07
N LYS A 2086 57.44 30.99 -18.48
CA LYS A 2086 56.99 29.85 -17.68
C LYS A 2086 56.03 30.31 -16.59
N THR A 2087 56.32 31.49 -16.04
CA THR A 2087 55.50 32.01 -14.96
C THR A 2087 54.12 32.35 -15.48
N TYR A 2088 54.10 32.99 -16.64
CA TYR A 2088 52.86 33.33 -17.31
C TYR A 2088 52.05 32.09 -17.56
N GLN A 2089 52.70 31.03 -17.96
CA GLN A 2089 51.95 29.86 -18.31
C GLN A 2089 51.33 29.17 -17.10
N ALA A 2090 52.10 28.96 -16.02
CA ALA A 2090 51.51 28.32 -14.84
C ALA A 2090 50.36 29.13 -14.23
N ILE A 2091 50.58 30.42 -14.01
CA ILE A 2091 49.53 31.28 -13.45
C ILE A 2091 48.30 31.30 -14.35
N LYS A 2092 48.52 31.44 -15.65
CA LYS A 2092 47.44 31.54 -16.62
C LYS A 2092 46.64 30.25 -16.57
N ASP A 2093 47.35 29.14 -16.52
CA ASP A 2093 46.76 27.83 -16.58
C ASP A 2093 45.80 27.71 -15.41
N PHE A 2094 46.30 28.04 -14.22
CA PHE A 2094 45.50 27.94 -13.02
C PHE A 2094 44.24 28.77 -13.18
N ASN A 2095 44.39 29.91 -13.84
CA ASN A 2095 43.27 30.81 -14.01
C ASN A 2095 42.24 30.15 -14.90
N ARG A 2096 42.68 29.35 -15.85
CA ARG A 2096 41.67 28.79 -16.72
C ARG A 2096 40.98 27.67 -16.01
N GLU A 2097 41.58 27.18 -14.93
CA GLU A 2097 40.91 26.23 -14.08
C GLU A 2097 39.93 26.85 -13.11
N GLY A 2098 40.20 28.08 -12.69
CA GLY A 2098 39.36 28.73 -11.72
C GLY A 2098 39.97 28.71 -10.34
N LEU A 2099 41.29 28.54 -10.22
CA LEU A 2099 42.00 28.37 -8.98
C LEU A 2099 42.43 29.67 -8.35
N PRO A 2100 42.47 29.67 -7.02
CA PRO A 2100 43.22 30.69 -6.33
C PRO A 2100 44.70 30.52 -6.60
N LEU A 2101 45.37 31.62 -6.40
CA LEU A 2101 46.75 31.74 -6.73
C LEU A 2101 47.51 31.97 -5.45
N MET A 2102 48.63 31.31 -5.31
CA MET A 2102 49.55 31.69 -4.27
C MET A 2102 50.85 31.94 -4.98
N VAL A 2103 51.23 33.19 -4.95
CA VAL A 2103 52.48 33.65 -5.52
C VAL A 2103 53.45 33.96 -4.40
N PHE A 2104 54.60 33.30 -4.42
CA PHE A 2104 55.63 33.67 -3.47
C PHE A 2104 56.47 34.63 -4.31
N ALA A 2105 56.00 35.88 -4.33
CA ALA A 2105 56.52 36.83 -5.30
C ALA A 2105 57.90 37.28 -4.86
N ASN A 2106 58.88 37.22 -5.76
CA ASN A 2106 60.24 37.62 -5.40
C ASN A 2106 61.20 38.04 -6.52
N TRP A 2107 60.94 39.13 -7.24
CA TRP A 2107 61.80 39.50 -8.37
C TRP A 2107 62.31 40.91 -8.13
N ARG A 2108 63.62 41.10 -8.22
CA ARG A 2108 64.24 42.40 -8.01
C ARG A 2108 64.19 43.29 -9.24
N GLY A 2109 63.96 42.73 -10.41
CA GLY A 2109 63.97 43.54 -11.61
C GLY A 2109 64.27 42.63 -12.78
N PHE A 2110 64.23 43.23 -13.97
CA PHE A 2110 64.75 42.58 -15.15
C PHE A 2110 66.26 42.81 -15.31
N SER A 2111 66.93 41.81 -15.85
CA SER A 2111 68.35 41.89 -16.15
C SER A 2111 68.50 42.86 -17.31
N GLY A 2112 69.44 43.79 -17.21
CA GLY A 2112 69.49 44.84 -18.20
C GLY A 2112 70.68 44.93 -19.13
N GLY A 2113 71.39 43.83 -19.35
CA GLY A 2113 72.57 43.93 -20.17
C GLY A 2113 72.19 43.94 -21.65
N MET A 2114 73.16 44.30 -22.49
CA MET A 2114 72.89 44.56 -23.89
C MET A 2114 72.25 43.40 -24.63
N LYS A 2115 72.88 42.22 -24.55
CA LYS A 2115 72.41 41.11 -25.34
C LYS A 2115 70.99 40.70 -24.94
N ASP A 2116 70.76 40.41 -23.64
CA ASP A 2116 69.45 39.90 -23.27
C ASP A 2116 68.34 40.93 -23.44
N MET A 2117 68.68 42.20 -23.23
CA MET A 2117 67.70 43.26 -23.43
C MET A 2117 67.34 43.36 -24.88
N TYR A 2118 68.38 43.34 -25.72
CA TYR A 2118 68.16 43.24 -27.15
C TYR A 2118 67.29 42.05 -27.43
N ASP A 2119 67.51 40.97 -26.69
CA ASP A 2119 66.77 39.74 -26.87
C ASP A 2119 65.39 39.78 -26.22
N GLN A 2120 64.92 40.97 -25.84
CA GLN A 2120 63.50 41.25 -25.66
C GLN A 2120 62.68 40.77 -24.43
N VAL A 2121 63.30 40.65 -23.26
CA VAL A 2121 62.62 40.23 -22.03
C VAL A 2121 61.44 41.12 -21.61
N LEU A 2122 61.51 42.41 -21.98
CA LEU A 2122 60.47 43.37 -21.64
C LEU A 2122 59.13 43.01 -22.20
N LYS A 2123 59.13 42.40 -23.36
CA LYS A 2123 57.93 42.19 -24.10
C LYS A 2123 57.05 41.23 -23.34
N PHE A 2124 57.69 40.23 -22.77
CA PHE A 2124 57.00 39.15 -22.12
C PHE A 2124 56.64 39.57 -20.71
N GLY A 2125 57.40 40.54 -20.17
CA GLY A 2125 57.00 41.11 -18.91
C GLY A 2125 55.69 41.85 -19.03
N ALA A 2126 55.56 42.69 -20.04
CA ALA A 2126 54.25 43.30 -20.29
C ALA A 2126 53.12 42.29 -20.44
N TYR A 2127 53.41 41.21 -21.17
CA TYR A 2127 52.35 40.27 -21.49
C TYR A 2127 51.74 39.66 -20.23
N ILE A 2128 52.59 39.29 -19.26
CA ILE A 2128 52.06 38.78 -17.99
C ILE A 2128 51.02 39.71 -17.40
N VAL A 2129 51.26 41.02 -17.49
CA VAL A 2129 50.31 41.97 -16.94
C VAL A 2129 48.95 41.76 -17.56
N ASP A 2130 48.88 41.71 -18.88
CA ASP A 2130 47.57 41.43 -19.46
C ASP A 2130 46.97 40.19 -18.83
N GLY A 2131 47.82 39.17 -18.65
CA GLY A 2131 47.31 37.89 -18.20
C GLY A 2131 46.69 37.95 -16.82
N LEU A 2132 47.37 38.60 -15.87
CA LEU A 2132 46.83 38.62 -14.52
C LEU A 2132 45.65 39.53 -14.47
N ARG A 2133 45.64 40.56 -15.32
CA ARG A 2133 44.51 41.49 -15.30
C ARG A 2133 43.24 40.76 -15.59
N GLU A 2134 43.30 39.69 -16.38
CA GLU A 2134 42.04 39.02 -16.64
C GLU A 2134 41.67 38.02 -15.54
N CYS A 2135 42.47 37.87 -14.48
CA CYS A 2135 42.15 36.94 -13.41
C CYS A 2135 40.88 37.34 -12.65
N CYS A 2136 40.10 36.31 -12.26
CA CYS A 2136 38.75 36.46 -11.69
C CYS A 2136 38.59 35.91 -10.28
N GLN A 2137 39.64 35.37 -9.70
CA GLN A 2137 39.67 34.81 -8.35
C GLN A 2137 40.84 35.25 -7.49
N PRO A 2138 40.78 34.91 -6.19
CA PRO A 2138 41.77 35.41 -5.25
C PRO A 2138 43.20 35.14 -5.67
N VAL A 2139 43.99 36.18 -5.51
CA VAL A 2139 45.42 36.12 -5.61
C VAL A 2139 46.07 36.51 -4.32
N LEU A 2140 46.71 35.55 -3.65
CA LEU A 2140 47.39 35.86 -2.41
C LEU A 2140 48.88 35.83 -2.70
N VAL A 2141 49.50 36.98 -2.55
CA VAL A 2141 50.90 37.18 -2.82
C VAL A 2141 51.67 37.35 -1.54
N TYR A 2142 52.78 36.64 -1.39
CA TYR A 2142 53.53 36.72 -0.16
C TYR A 2142 55.00 36.87 -0.52
N ILE A 2143 55.61 37.97 -0.08
CA ILE A 2143 57.06 38.15 -0.18
C ILE A 2143 57.72 37.61 1.09
N PRO A 2144 58.46 36.51 1.05
CA PRO A 2144 59.03 35.98 2.28
C PRO A 2144 60.18 36.80 2.84
N PRO A 2145 60.56 36.53 4.08
CA PRO A 2145 61.68 37.22 4.74
C PRO A 2145 63.00 37.09 4.00
N GLN A 2146 63.73 38.20 3.95
CA GLN A 2146 64.96 38.41 3.19
C GLN A 2146 64.74 38.49 1.70
N ALA A 2147 63.50 38.48 1.25
CA ALA A 2147 63.27 38.74 -0.16
C ALA A 2147 63.08 40.22 -0.38
N GLU A 2148 63.11 40.60 -1.65
CA GLU A 2148 62.83 41.96 -2.03
C GLU A 2148 62.20 41.87 -3.39
N LEU A 2149 61.36 42.85 -3.71
CA LEU A 2149 60.72 42.83 -5.01
C LEU A 2149 60.65 44.28 -5.46
N ARG A 2150 61.21 44.57 -6.62
CA ARG A 2150 61.50 45.93 -6.97
C ARG A 2150 61.03 46.26 -8.37
N GLY A 2151 60.59 47.50 -8.52
CA GLY A 2151 60.35 48.13 -9.79
C GLY A 2151 59.52 47.31 -10.73
N GLY A 2152 60.03 46.91 -11.88
CA GLY A 2152 59.18 46.29 -12.89
C GLY A 2152 58.39 45.12 -12.36
N SER A 2153 59.01 44.31 -11.51
CA SER A 2153 58.34 43.10 -11.07
C SER A 2153 57.17 43.51 -10.18
N TRP A 2154 57.35 44.57 -9.42
CA TRP A 2154 56.29 45.14 -8.61
C TRP A 2154 55.22 45.76 -9.49
N VAL A 2155 55.67 46.60 -10.42
CA VAL A 2155 54.80 47.34 -11.31
C VAL A 2155 53.81 46.44 -11.98
N VAL A 2156 54.29 45.30 -12.47
CA VAL A 2156 53.42 44.41 -13.22
C VAL A 2156 52.53 43.54 -12.36
N ILE A 2157 52.73 43.55 -11.05
CA ILE A 2157 51.88 42.80 -10.14
C ILE A 2157 51.21 43.46 -8.96
N ASP A 2158 51.08 44.76 -8.91
CA ASP A 2158 50.31 45.29 -7.80
C ASP A 2158 48.85 44.87 -7.79
N SER A 2159 48.35 44.58 -6.59
CA SER A 2159 46.95 44.22 -6.39
C SER A 2159 45.97 45.27 -6.90
N SER A 2160 46.43 46.50 -7.05
CA SER A 2160 45.60 47.57 -7.57
C SER A 2160 45.01 47.25 -8.95
N ILE A 2161 45.69 46.41 -9.74
CA ILE A 2161 45.25 46.14 -11.10
C ILE A 2161 43.90 45.45 -11.07
N ASN A 2162 43.74 44.58 -10.07
CA ASN A 2162 42.53 43.80 -9.87
C ASN A 2162 42.30 43.79 -8.38
N PRO A 2163 41.90 44.92 -7.84
CA PRO A 2163 41.68 45.03 -6.40
C PRO A 2163 40.59 44.10 -5.94
N ARG A 2164 39.60 43.87 -6.80
CA ARG A 2164 38.52 42.94 -6.53
C ARG A 2164 39.04 41.60 -6.05
N HIS A 2165 40.16 41.17 -6.58
CA HIS A 2165 40.63 39.82 -6.38
C HIS A 2165 42.02 39.72 -5.83
N MET A 2166 42.79 40.79 -5.85
CA MET A 2166 44.18 40.67 -5.46
C MET A 2166 44.43 41.10 -4.02
N GLU A 2167 45.38 40.41 -3.40
CA GLU A 2167 45.81 40.75 -2.07
C GLU A 2167 47.30 40.47 -1.94
N MET A 2168 47.97 41.31 -1.16
CA MET A 2168 49.41 41.31 -0.97
C MET A 2168 49.80 41.26 0.48
N TYR A 2169 50.77 40.41 0.81
CA TYR A 2169 51.22 40.29 2.18
C TYR A 2169 52.75 40.27 2.09
N ALA A 2170 53.37 40.87 3.08
CA ALA A 2170 54.82 40.91 3.22
C ALA A 2170 55.34 40.51 4.58
N ASP A 2171 56.40 39.71 4.60
CA ASP A 2171 57.02 39.47 5.88
C ASP A 2171 57.72 40.77 6.29
N ARG A 2172 57.88 40.98 7.59
CA ARG A 2172 58.65 42.15 8.07
C ARG A 2172 59.98 42.24 7.38
N GLU A 2173 60.62 41.09 7.16
CA GLU A 2173 61.96 41.08 6.61
C GLU A 2173 61.96 41.00 5.11
N SER A 2174 60.95 41.57 4.48
CA SER A 2174 60.86 41.61 3.04
C SER A 2174 60.99 43.06 2.66
N ARG A 2175 61.11 43.35 1.37
CA ARG A 2175 61.32 44.73 1.00
C ARG A 2175 60.76 44.98 -0.40
N GLY A 2176 60.35 46.21 -0.71
CA GLY A 2176 59.85 46.42 -2.06
C GLY A 2176 59.68 47.84 -2.53
N SER A 2177 60.08 48.12 -3.78
CA SER A 2177 60.12 49.51 -4.25
C SER A 2177 60.07 49.61 -5.76
N VAL A 2178 59.88 50.84 -6.22
CA VAL A 2178 60.14 51.14 -7.63
C VAL A 2178 61.61 50.92 -7.95
N LEU A 2179 62.48 51.25 -6.99
CA LEU A 2179 63.91 51.24 -7.21
C LEU A 2179 64.63 50.73 -5.97
N GLU A 2180 65.59 49.88 -6.24
CA GLU A 2180 66.42 49.30 -5.24
C GLU A 2180 67.25 50.36 -4.52
N PRO A 2181 67.70 50.04 -3.31
CA PRO A 2181 68.43 51.01 -2.50
C PRO A 2181 69.65 51.61 -3.21
N GLU A 2182 70.50 50.82 -3.89
CA GLU A 2182 71.68 51.41 -4.55
C GLU A 2182 71.33 52.51 -5.53
N GLY A 2183 70.24 52.37 -6.29
CA GLY A 2183 69.98 53.35 -7.33
C GLY A 2183 69.30 54.55 -6.72
N THR A 2184 68.52 54.31 -5.66
CA THR A 2184 67.98 55.40 -4.89
C THR A 2184 69.10 56.22 -4.25
N VAL A 2185 70.06 55.54 -3.61
CA VAL A 2185 71.17 56.23 -2.95
C VAL A 2185 71.96 57.02 -3.99
N GLU A 2186 72.32 56.34 -5.08
CA GLU A 2186 73.07 56.89 -6.20
C GLU A 2186 72.52 58.23 -6.65
N ILE A 2187 71.18 58.38 -6.63
CA ILE A 2187 70.53 59.63 -7.02
C ILE A 2187 70.50 60.60 -5.85
N LYS A 2188 70.22 60.10 -4.65
CA LYS A 2188 69.90 60.84 -3.44
C LYS A 2188 70.90 60.56 -2.33
N PHE A 2189 72.14 60.23 -2.69
CA PHE A 2189 73.23 60.12 -1.74
C PHE A 2189 74.58 60.40 -2.39
N ARG A 2190 74.65 61.59 -2.90
CA ARG A 2190 75.77 62.13 -3.63
C ARG A 2190 76.74 62.71 -2.61
N ARG A 2191 77.80 63.34 -3.12
CA ARG A 2191 78.87 63.86 -2.29
C ARG A 2191 78.28 64.71 -1.16
N LYS A 2192 77.50 65.73 -1.53
CA LYS A 2192 76.87 66.63 -0.57
C LYS A 2192 76.23 65.85 0.57
N ASP A 2193 75.44 64.82 0.24
CA ASP A 2193 74.81 64.00 1.25
C ASP A 2193 75.83 63.22 2.08
N LEU A 2194 76.93 62.79 1.45
CA LEU A 2194 77.95 62.06 2.21
C LEU A 2194 78.60 62.98 3.25
N VAL A 2195 79.02 64.17 2.81
CA VAL A 2195 79.62 65.15 3.69
C VAL A 2195 78.64 65.62 4.76
N LYS A 2196 77.45 66.02 4.33
CA LYS A 2196 76.34 66.34 5.20
C LYS A 2196 76.12 65.34 6.31
N THR A 2197 76.22 64.08 5.94
CA THR A 2197 75.92 63.06 6.93
C THR A 2197 77.05 62.94 7.93
N MET A 2198 78.30 62.99 7.47
CA MET A 2198 79.40 63.04 8.43
C MET A 2198 79.31 64.26 9.35
N ARG A 2199 79.12 65.46 8.77
CA ARG A 2199 79.03 66.67 9.59
C ARG A 2199 77.92 66.57 10.60
N ARG A 2200 76.91 65.78 10.29
CA ARG A 2200 75.80 65.64 11.20
C ARG A 2200 76.08 64.55 12.25
N VAL A 2201 76.82 63.49 11.91
CA VAL A 2201 76.82 62.26 12.70
C VAL A 2201 78.18 61.88 13.30
N ASP A 2202 79.26 61.98 12.55
CA ASP A 2202 80.55 61.54 13.08
C ASP A 2202 81.14 62.50 14.12
N PRO A 2203 81.48 62.05 15.34
CA PRO A 2203 81.92 63.01 16.36
C PRO A 2203 83.25 63.64 15.99
N VAL A 2204 84.18 62.84 15.48
CA VAL A 2204 85.49 63.37 15.10
C VAL A 2204 85.29 64.42 14.02
N TYR A 2205 84.50 64.07 13.01
CA TYR A 2205 84.21 64.96 11.90
C TYR A 2205 83.51 66.22 12.39
N ILE A 2206 82.49 66.06 13.25
CA ILE A 2206 81.78 67.21 13.80
C ILE A 2206 82.79 68.17 14.42
N HIS A 2207 83.66 67.63 15.27
CA HIS A 2207 84.72 68.40 15.93
C HIS A 2207 85.53 69.17 14.90
N LEU A 2208 86.01 68.46 13.87
CA LEU A 2208 86.76 69.11 12.79
C LEU A 2208 85.97 70.28 12.24
N ALA A 2209 84.67 70.08 11.95
CA ALA A 2209 83.85 71.14 11.41
C ALA A 2209 83.76 72.30 12.39
N GLU A 2210 83.75 71.99 13.69
CA GLU A 2210 83.68 73.03 14.72
C GLU A 2210 84.92 73.90 14.64
N ARG A 2211 86.07 73.31 14.27
CA ARG A 2211 87.30 74.09 14.27
C ARG A 2211 87.38 74.90 12.99
N LEU A 2212 87.05 74.27 11.85
CA LEU A 2212 86.84 75.02 10.61
C LEU A 2212 85.88 76.20 10.74
N GLY A 2213 84.96 76.18 11.71
CA GLY A 2213 84.11 77.33 11.94
C GLY A 2213 84.61 78.48 12.80
N THR A 2214 85.94 78.66 12.99
CA THR A 2214 86.39 79.85 13.73
C THR A 2214 86.94 80.97 12.84
N PRO A 2215 86.62 82.24 13.07
CA PRO A 2215 87.27 83.32 12.32
C PRO A 2215 88.68 83.56 12.87
N GLU A 2216 89.51 84.23 12.08
CA GLU A 2216 90.89 84.58 12.50
C GLU A 2216 91.66 83.35 12.99
N LEU A 2217 91.88 82.46 12.04
CA LEU A 2217 92.67 81.26 12.23
C LEU A 2217 93.99 81.47 11.50
N SER A 2218 95.05 80.91 12.07
CA SER A 2218 96.33 80.98 11.38
C SER A 2218 96.21 80.11 10.14
N THR A 2219 96.80 80.58 9.04
CA THR A 2219 96.73 79.80 7.81
C THR A 2219 97.29 78.39 7.98
N ALA A 2220 98.19 78.18 8.94
CA ALA A 2220 98.60 76.82 9.29
C ALA A 2220 97.41 75.98 9.73
N GLU A 2221 96.79 76.36 10.85
CA GLU A 2221 95.63 75.63 11.37
C GLU A 2221 94.54 75.49 10.33
N ARG A 2222 94.32 76.56 9.55
CA ARG A 2222 93.32 76.59 8.50
C ARG A 2222 93.57 75.51 7.45
N LYS A 2223 94.73 75.58 6.79
CA LYS A 2223 95.10 74.61 5.77
C LYS A 2223 95.07 73.19 6.34
N GLU A 2224 95.54 73.08 7.59
CA GLU A 2224 95.53 71.81 8.29
C GLU A 2224 94.13 71.26 8.41
N LEU A 2225 93.19 72.12 8.79
CA LEU A 2225 91.81 71.69 8.95
C LEU A 2225 91.22 71.20 7.63
N GLU A 2226 91.41 71.96 6.54
CA GLU A 2226 90.86 71.51 5.26
C GLU A 2226 91.40 70.12 4.91
N ASN A 2227 92.70 69.91 5.17
CA ASN A 2227 93.31 68.62 4.87
C ASN A 2227 92.69 67.54 5.75
N LYS A 2228 92.58 67.83 7.05
CA LYS A 2228 91.99 66.93 8.03
C LYS A 2228 90.59 66.52 7.60
N LEU A 2229 89.87 67.45 6.96
CA LEU A 2229 88.53 67.18 6.51
C LEU A 2229 88.51 66.19 5.35
N LYS A 2230 89.29 66.48 4.29
CA LYS A 2230 89.35 65.53 3.18
C LYS A 2230 89.85 64.15 3.60
N GLU A 2231 90.85 64.11 4.46
CA GLU A 2231 91.37 62.82 4.89
C GLU A 2231 90.40 62.02 5.73
N ARG A 2232 89.74 62.68 6.70
CA ARG A 2232 88.77 61.97 7.53
C ARG A 2232 87.64 61.44 6.66
N GLU A 2233 87.10 62.32 5.82
CA GLU A 2233 86.04 61.96 4.90
C GLU A 2233 86.41 60.77 4.03
N GLU A 2234 87.55 60.88 3.34
CA GLU A 2234 87.91 59.85 2.36
C GLU A 2234 88.11 58.48 2.98
N PHE A 2235 88.86 58.40 4.08
CA PHE A 2235 88.98 57.12 4.78
C PHE A 2235 87.63 56.58 5.24
N LEU A 2236 86.72 57.48 5.66
CA LEU A 2236 85.40 57.13 6.20
C LEU A 2236 84.31 56.81 5.17
N ILE A 2237 84.53 57.11 3.89
CA ILE A 2237 83.43 57.07 2.91
C ILE A 2237 82.73 55.73 2.75
N PRO A 2238 83.43 54.58 2.62
CA PRO A 2238 82.72 53.30 2.42
C PRO A 2238 81.58 52.86 3.33
N ILE A 2239 81.79 52.81 4.64
CA ILE A 2239 80.73 52.37 5.54
C ILE A 2239 79.48 53.22 5.39
N TYR A 2240 79.64 54.51 5.23
CA TYR A 2240 78.46 55.34 5.33
C TYR A 2240 77.62 55.15 4.07
N HIS A 2241 78.27 54.79 2.97
CA HIS A 2241 77.56 54.35 1.78
C HIS A 2241 76.76 53.10 2.06
N GLN A 2242 77.37 52.14 2.77
CA GLN A 2242 76.69 50.90 3.11
C GLN A 2242 75.45 51.20 3.94
N VAL A 2243 75.61 52.14 4.87
CA VAL A 2243 74.53 52.54 5.73
C VAL A 2243 73.46 53.20 4.89
N ALA A 2244 73.90 54.00 3.93
CA ALA A 2244 72.99 54.75 3.07
C ALA A 2244 72.10 53.80 2.31
N VAL A 2245 72.68 52.75 1.72
CA VAL A 2245 71.82 51.85 0.98
C VAL A 2245 70.83 51.18 1.93
N GLN A 2246 71.30 50.77 3.11
CA GLN A 2246 70.36 50.19 4.09
C GLN A 2246 69.27 51.19 4.39
N PHE A 2247 69.70 52.40 4.68
CA PHE A 2247 68.88 53.54 5.00
C PHE A 2247 67.81 53.73 3.93
N ALA A 2248 68.22 53.72 2.67
CA ALA A 2248 67.26 53.88 1.59
C ALA A 2248 66.25 52.75 1.64
N ASP A 2249 66.75 51.52 1.80
CA ASP A 2249 65.91 50.34 1.82
C ASP A 2249 64.83 50.42 2.89
N LEU A 2250 65.17 51.06 4.01
CA LEU A 2250 64.30 51.28 5.16
C LEU A 2250 63.12 52.20 4.88
N HIS A 2251 63.10 52.87 3.74
CA HIS A 2251 62.01 53.72 3.28
C HIS A 2251 60.82 52.95 2.72
N ASP A 2252 61.01 51.69 2.43
CA ASP A 2252 60.19 50.82 1.62
C ASP A 2252 59.31 49.90 2.44
N THR A 2253 59.07 50.21 3.70
CA THR A 2253 58.52 49.19 4.55
C THR A 2253 56.99 48.95 4.50
N PRO A 2254 56.58 47.78 5.03
CA PRO A 2254 55.17 47.41 5.07
C PRO A 2254 54.24 48.27 5.89
N GLY A 2255 54.67 48.82 7.03
CA GLY A 2255 53.79 49.66 7.82
C GLY A 2255 53.17 50.73 6.95
N ARG A 2256 54.02 51.44 6.23
CA ARG A 2256 53.52 52.48 5.35
C ARG A 2256 52.66 51.86 4.27
N MET A 2257 53.12 50.77 3.65
CA MET A 2257 52.26 50.14 2.63
C MET A 2257 50.83 49.92 3.13
N GLN A 2258 50.70 49.35 4.31
CA GLN A 2258 49.37 49.02 4.83
C GLN A 2258 48.61 50.28 5.13
N GLU A 2259 49.27 51.20 5.83
CA GLU A 2259 48.67 52.47 6.20
C GLU A 2259 48.14 53.17 4.95
N LYS A 2260 48.89 53.09 3.86
CA LYS A 2260 48.52 53.70 2.62
C LYS A 2260 47.52 52.85 1.86
N GLY A 2261 47.18 51.68 2.41
CA GLY A 2261 46.09 50.90 1.87
C GLY A 2261 46.45 50.02 0.72
N VAL A 2262 47.74 49.74 0.52
CA VAL A 2262 48.12 48.89 -0.59
C VAL A 2262 48.25 47.42 -0.22
N ILE A 2263 48.27 47.08 1.08
CA ILE A 2263 48.27 45.70 1.50
C ILE A 2263 47.26 45.47 2.59
N SER A 2264 46.77 44.24 2.67
CA SER A 2264 45.74 43.96 3.64
C SER A 2264 46.30 43.51 4.98
N ASP A 2265 47.43 42.79 5.03
CA ASP A 2265 47.95 42.38 6.33
C ASP A 2265 49.41 41.91 6.28
N ILE A 2266 50.07 41.99 7.45
CA ILE A 2266 51.38 41.35 7.70
C ILE A 2266 51.22 40.03 8.43
N LEU A 2267 51.77 38.97 7.88
CA LEU A 2267 51.75 37.64 8.49
C LEU A 2267 53.12 37.26 9.04
N ASP A 2268 53.09 36.16 9.78
CA ASP A 2268 54.27 35.49 10.32
C ASP A 2268 54.23 34.08 9.76
N TRP A 2269 55.31 33.71 9.09
CA TRP A 2269 55.38 32.51 8.27
C TRP A 2269 54.95 31.26 9.03
N LYS A 2270 55.47 31.07 10.24
CA LYS A 2270 55.15 29.88 11.02
C LYS A 2270 53.65 29.58 11.13
N THR A 2271 52.81 30.59 11.35
CA THR A 2271 51.36 30.37 11.44
C THR A 2271 50.64 30.88 10.20
N SER A 2272 51.43 31.20 9.19
CA SER A 2272 50.89 31.76 7.97
C SER A 2272 50.07 30.73 7.28
N ARG A 2273 50.48 29.48 7.39
CA ARG A 2273 49.76 28.37 6.80
C ARG A 2273 48.32 28.32 7.27
N THR A 2274 48.13 28.24 8.58
CA THR A 2274 46.81 28.17 9.16
C THR A 2274 46.00 29.37 8.72
N PHE A 2275 46.63 30.54 8.86
CA PHE A 2275 46.02 31.79 8.50
C PHE A 2275 45.51 31.74 7.08
N PHE A 2276 46.38 31.36 6.17
CA PHE A 2276 46.07 31.43 4.77
C PHE A 2276 45.00 30.46 4.40
N TYR A 2277 44.98 29.31 5.09
CA TYR A 2277 43.93 28.35 4.79
C TYR A 2277 42.58 28.98 5.01
N TRP A 2278 42.37 29.41 6.25
CA TRP A 2278 41.06 29.94 6.62
C TRP A 2278 40.75 31.19 5.83
N ARG A 2279 41.75 32.02 5.66
CA ARG A 2279 41.58 33.27 4.98
C ARG A 2279 41.17 33.07 3.55
N LEU A 2280 41.93 32.28 2.84
CA LEU A 2280 41.62 32.06 1.46
C LEU A 2280 40.29 31.37 1.28
N ARG A 2281 40.01 30.40 2.14
CA ARG A 2281 38.78 29.63 2.03
C ARG A 2281 37.55 30.49 2.18
N ARG A 2282 37.60 31.42 3.10
CA ARG A 2282 36.42 32.22 3.27
C ARG A 2282 36.38 33.33 2.25
N LEU A 2283 37.53 33.86 1.84
CA LEU A 2283 37.55 34.80 0.74
C LEU A 2283 36.81 34.19 -0.43
N LEU A 2284 37.07 32.91 -0.63
CA LEU A 2284 36.46 32.20 -1.71
C LEU A 2284 34.98 32.06 -1.50
N LEU A 2285 34.57 31.79 -0.29
CA LEU A 2285 33.17 31.54 -0.03
C LEU A 2285 32.35 32.82 -0.17
N GLU A 2286 32.82 33.89 0.43
CA GLU A 2286 32.15 35.16 0.27
C GLU A 2286 32.09 35.47 -1.21
N ASP A 2287 33.20 35.26 -1.88
CA ASP A 2287 33.23 35.49 -3.31
C ASP A 2287 32.17 34.67 -4.02
N LEU A 2288 32.02 33.42 -3.60
CA LEU A 2288 31.05 32.52 -4.23
C LEU A 2288 29.65 33.07 -4.13
N VAL A 2289 29.31 33.58 -2.96
CA VAL A 2289 27.98 34.13 -2.81
C VAL A 2289 27.87 35.40 -3.61
N LYS A 2290 28.90 36.24 -3.55
CA LYS A 2290 28.89 37.47 -4.30
C LYS A 2290 28.68 37.17 -5.76
N LYS A 2291 29.26 36.08 -6.23
CA LYS A 2291 29.01 35.65 -7.59
C LYS A 2291 27.53 35.41 -7.78
N LYS A 2292 26.88 34.88 -6.75
CA LYS A 2292 25.46 34.67 -6.90
C LYS A 2292 24.73 36.00 -7.01
N ILE A 2293 25.15 36.98 -6.22
CA ILE A 2293 24.51 38.28 -6.24
C ILE A 2293 24.72 38.99 -7.56
N HIS A 2294 25.95 38.99 -8.03
CA HIS A 2294 26.26 39.67 -9.29
C HIS A 2294 25.42 39.03 -10.37
N ASN A 2295 25.22 37.72 -10.27
CA ASN A 2295 24.38 37.02 -11.22
C ASN A 2295 22.97 37.53 -11.06
N ALA A 2296 22.59 37.79 -9.83
CA ALA A 2296 21.27 38.30 -9.54
C ALA A 2296 21.02 39.65 -10.19
N ASN A 2297 22.05 40.47 -10.31
CA ASN A 2297 21.92 41.80 -10.92
C ASN A 2297 23.31 42.17 -11.40
N PRO A 2298 23.62 41.83 -12.64
CA PRO A 2298 24.94 42.16 -13.17
C PRO A 2298 25.29 43.61 -13.21
N GLU A 2299 24.31 44.49 -13.28
CA GLU A 2299 24.65 45.89 -13.44
C GLU A 2299 25.26 46.52 -12.22
N LEU A 2300 25.04 45.96 -11.05
CA LEU A 2300 25.59 46.61 -9.88
C LEU A 2300 27.10 46.48 -9.84
N THR A 2301 27.78 47.59 -9.62
CA THR A 2301 29.21 47.50 -9.43
C THR A 2301 29.52 46.76 -8.14
N ASP A 2302 30.62 46.08 -8.22
CA ASP A 2302 31.33 45.40 -7.16
C ASP A 2302 31.36 46.11 -5.82
N GLY A 2303 31.59 47.42 -5.80
CA GLY A 2303 31.68 48.11 -4.53
C GLY A 2303 30.36 48.05 -3.79
N GLN A 2304 29.27 48.38 -4.49
CA GLN A 2304 28.01 48.40 -3.78
C GLN A 2304 27.60 46.99 -3.41
N ILE A 2305 27.99 45.98 -4.20
CA ILE A 2305 27.62 44.62 -3.79
C ILE A 2305 28.29 44.29 -2.47
N GLN A 2306 29.60 44.60 -2.37
CA GLN A 2306 30.32 44.46 -1.12
C GLN A 2306 29.52 45.08 0.01
N ALA A 2307 29.13 46.33 -0.19
CA ALA A 2307 28.41 47.06 0.83
C ALA A 2307 27.14 46.32 1.20
N MET A 2308 26.40 45.84 0.20
CA MET A 2308 25.16 45.12 0.46
C MET A 2308 25.35 43.94 1.37
N LEU A 2309 26.38 43.15 1.12
CA LEU A 2309 26.54 41.99 1.99
C LEU A 2309 26.89 42.43 3.40
N ARG A 2310 27.84 43.34 3.54
CA ARG A 2310 28.20 43.82 4.87
C ARG A 2310 27.02 44.45 5.58
N ARG A 2311 26.27 45.26 4.87
CA ARG A 2311 25.16 45.95 5.44
C ARG A 2311 24.06 45.00 5.87
N TRP A 2312 23.77 43.99 5.06
CA TRP A 2312 22.75 43.06 5.51
C TRP A 2312 23.19 42.29 6.72
N PHE A 2313 24.47 41.99 6.83
CA PHE A 2313 24.91 41.28 8.02
C PHE A 2313 24.80 42.11 9.30
N VAL A 2314 25.40 43.27 9.32
CA VAL A 2314 25.33 44.10 10.53
C VAL A 2314 23.91 44.55 10.85
N GLU A 2315 23.14 44.92 9.84
CA GLU A 2315 21.74 45.29 10.05
C GLU A 2315 20.94 44.15 10.69
N VAL A 2316 21.03 42.96 10.12
CA VAL A 2316 20.23 41.84 10.58
C VAL A 2316 20.66 41.47 11.99
N GLU A 2317 21.94 41.39 12.22
CA GLU A 2317 22.43 40.84 13.46
C GLU A 2317 22.57 41.95 14.48
N GLY A 2318 22.37 43.19 14.05
CA GLY A 2318 22.36 44.34 14.91
C GLY A 2318 23.62 45.16 14.92
N THR A 2319 23.38 46.47 14.91
CA THR A 2319 24.44 47.47 15.04
C THR A 2319 25.33 47.15 16.23
N VAL A 2320 24.75 46.56 17.26
CA VAL A 2320 25.51 46.15 18.43
C VAL A 2320 26.56 45.12 18.03
N LYS A 2321 26.34 44.38 16.94
CA LYS A 2321 27.20 43.27 16.59
C LYS A 2321 28.20 43.58 15.49
N ALA A 2322 28.31 44.84 15.05
CA ALA A 2322 29.26 45.25 14.01
C ALA A 2322 30.65 44.63 14.12
N TYR A 2323 31.25 44.73 15.31
CA TYR A 2323 32.62 44.29 15.53
C TYR A 2323 32.85 42.85 15.11
N VAL A 2324 31.80 42.03 15.18
CA VAL A 2324 31.89 40.62 14.84
C VAL A 2324 32.40 40.46 13.40
N TRP A 2325 31.99 41.36 12.50
CA TRP A 2325 32.42 41.36 11.10
C TRP A 2325 33.93 41.29 10.93
N ASP A 2326 34.68 41.84 11.87
CA ASP A 2326 36.13 41.88 11.73
C ASP A 2326 36.84 40.60 12.15
N ASN A 2327 36.12 39.55 12.53
CA ASN A 2327 36.72 38.26 12.77
C ASN A 2327 36.47 37.44 11.52
N ASN A 2328 37.55 37.16 10.78
CA ASN A 2328 37.44 36.46 9.50
C ASN A 2328 36.77 35.12 9.63
N LYS A 2329 37.32 34.29 10.52
CA LYS A 2329 36.91 32.91 10.69
C LYS A 2329 35.45 32.85 11.11
N ASP A 2330 35.10 33.66 12.10
CA ASP A 2330 33.79 33.59 12.73
C ASP A 2330 32.72 34.03 11.77
N LEU A 2331 33.04 35.05 10.99
CA LEU A 2331 32.13 35.57 9.98
C LEU A 2331 31.92 34.53 8.89
N ALA A 2332 32.97 33.79 8.57
CA ALA A 2332 32.89 32.71 7.59
C ALA A 2332 31.79 31.73 7.97
N GLU A 2333 31.82 31.29 9.21
CA GLU A 2333 30.82 30.38 9.72
C GLU A 2333 29.43 30.97 9.54
N TRP A 2334 29.29 32.26 9.72
CA TRP A 2334 27.97 32.86 9.59
C TRP A 2334 27.49 32.82 8.17
N LEU A 2335 28.37 33.21 7.27
CA LEU A 2335 28.03 33.26 5.87
C LEU A 2335 27.60 31.91 5.33
N GLU A 2336 28.28 30.84 5.71
CA GLU A 2336 27.90 29.54 5.21
C GLU A 2336 26.51 29.10 5.63
N LYS A 2337 26.15 29.28 6.90
CA LYS A 2337 24.82 28.87 7.35
C LYS A 2337 23.68 29.54 6.62
N GLN A 2338 23.80 30.82 6.26
CA GLN A 2338 22.68 31.41 5.55
C GLN A 2338 22.41 30.66 4.28
N LEU A 2339 23.46 30.36 3.54
CA LEU A 2339 23.28 29.62 2.31
C LEU A 2339 23.03 28.14 2.60
N THR A 2340 23.86 27.62 3.49
CA THR A 2340 23.89 26.21 3.84
C THR A 2340 22.70 25.72 4.65
N GLU A 2341 22.20 26.47 5.62
CA GLU A 2341 21.15 25.87 6.42
C GLU A 2341 19.84 26.05 5.68
N GLU A 2342 19.42 24.96 5.04
CA GLU A 2342 18.14 24.83 4.34
C GLU A 2342 16.87 24.85 5.20
N ASP A 2343 15.87 25.53 4.65
CA ASP A 2343 14.50 25.61 5.17
C ASP A 2343 14.45 26.02 6.64
N GLY A 2344 15.26 27.02 7.00
CA GLY A 2344 15.25 27.58 8.34
C GLY A 2344 14.65 28.97 8.40
N VAL A 2345 15.16 29.71 9.38
CA VAL A 2345 14.92 31.13 9.56
C VAL A 2345 16.13 31.94 9.08
N HIS A 2346 16.99 31.27 8.32
CA HIS A 2346 18.24 31.73 7.73
C HIS A 2346 18.04 32.19 6.31
N SER A 2347 16.94 31.81 5.64
CA SER A 2347 16.69 32.31 4.28
C SER A 2347 16.11 33.72 4.33
N VAL A 2348 16.95 34.58 4.88
CA VAL A 2348 16.72 35.98 5.07
C VAL A 2348 17.30 36.70 3.90
N ILE A 2349 18.56 36.37 3.68
CA ILE A 2349 19.31 36.94 2.60
C ILE A 2349 18.67 36.54 1.30
N GLU A 2350 18.18 35.31 1.25
CA GLU A 2350 17.47 34.80 0.08
C GLU A 2350 16.24 35.63 -0.25
N GLU A 2351 15.47 35.95 0.76
CA GLU A 2351 14.31 36.78 0.52
C GLU A 2351 14.71 38.17 0.07
N ASN A 2352 15.74 38.71 0.72
CA ASN A 2352 16.20 40.05 0.38
C ASN A 2352 16.64 40.13 -1.06
N ILE A 2353 17.41 39.15 -1.47
CA ILE A 2353 17.88 39.09 -2.85
C ILE A 2353 16.71 38.93 -3.79
N LYS A 2354 15.72 38.13 -3.42
CA LYS A 2354 14.58 38.01 -4.31
C LYS A 2354 13.97 39.38 -4.52
N CYS A 2355 13.88 40.15 -3.43
CA CYS A 2355 13.38 41.52 -3.55
C CYS A 2355 14.27 42.32 -4.48
N ILE A 2356 15.59 42.16 -4.34
CA ILE A 2356 16.54 42.88 -5.17
C ILE A 2356 16.36 42.53 -6.63
N SER A 2357 16.15 41.25 -6.90
CA SER A 2357 15.98 40.83 -8.28
C SER A 2357 14.74 41.46 -8.85
N ARG A 2358 13.69 41.46 -8.06
CA ARG A 2358 12.46 42.04 -8.50
C ARG A 2358 12.63 43.52 -8.79
N ASP A 2359 13.33 44.23 -7.92
CA ASP A 2359 13.52 45.66 -8.14
C ASP A 2359 14.31 45.94 -9.40
N TYR A 2360 15.42 45.23 -9.59
CA TYR A 2360 16.25 45.48 -10.76
C TYR A 2360 15.48 45.13 -12.01
N VAL A 2361 14.72 44.04 -11.93
CA VAL A 2361 13.94 43.61 -13.07
C VAL A 2361 12.94 44.68 -13.39
N LEU A 2362 12.38 45.27 -12.35
CA LEU A 2362 11.37 46.29 -12.54
C LEU A 2362 11.99 47.47 -13.26
N LYS A 2363 13.20 47.81 -12.86
CA LYS A 2363 13.90 48.89 -13.52
C LYS A 2363 14.14 48.55 -14.98
N GLN A 2364 14.44 47.28 -15.25
CA GLN A 2364 14.61 46.88 -16.63
C GLN A 2364 13.34 47.15 -17.38
N ILE A 2365 12.20 46.80 -16.78
CA ILE A 2365 10.97 47.06 -17.48
C ILE A 2365 10.76 48.53 -17.72
N ARG A 2366 11.08 49.35 -16.73
CA ARG A 2366 10.88 50.78 -16.91
C ARG A 2366 11.75 51.35 -18.02
N SER A 2367 13.03 50.99 -17.99
CA SER A 2367 13.94 51.50 -18.99
C SER A 2367 13.56 51.01 -20.37
N LEU A 2368 13.20 49.72 -20.42
CA LEU A 2368 12.82 49.10 -21.67
C LEU A 2368 11.60 49.74 -22.27
N VAL A 2369 10.61 50.02 -21.46
CA VAL A 2369 9.44 50.68 -22.02
C VAL A 2369 9.80 52.08 -22.44
N GLN A 2370 10.69 52.77 -21.71
CA GLN A 2370 11.02 54.12 -22.15
C GLN A 2370 11.63 54.08 -23.53
N ALA A 2371 12.56 53.17 -23.76
CA ALA A 2371 13.11 53.03 -25.10
C ALA A 2371 12.09 52.51 -26.09
N ASN A 2372 11.13 51.74 -25.62
CA ASN A 2372 10.18 51.03 -26.47
C ASN A 2372 8.79 51.15 -25.89
N PRO A 2373 8.20 52.33 -25.91
CA PRO A 2373 6.93 52.52 -25.21
C PRO A 2373 5.80 51.76 -25.85
N GLU A 2374 5.94 51.45 -27.14
CA GLU A 2374 4.93 50.74 -27.89
C GLU A 2374 4.63 49.35 -27.30
N VAL A 2375 5.56 48.79 -26.54
CA VAL A 2375 5.46 47.45 -25.98
C VAL A 2375 4.50 47.31 -24.81
N ALA A 2376 4.16 48.40 -24.13
CA ALA A 2376 3.34 48.35 -22.92
C ALA A 2376 2.08 47.52 -23.08
N MET A 2377 1.21 47.91 -24.02
CA MET A 2377 -0.11 47.27 -24.14
C MET A 2377 0.05 45.75 -24.26
N ASP A 2378 0.92 45.33 -25.16
CA ASP A 2378 1.05 43.92 -25.49
C ASP A 2378 1.73 43.18 -24.36
N SER A 2379 2.66 43.84 -23.69
CA SER A 2379 3.33 43.27 -22.54
C SER A 2379 2.36 42.85 -21.45
N ILE A 2380 1.32 43.62 -21.24
CA ILE A 2380 0.35 43.29 -20.21
C ILE A 2380 -0.45 42.05 -20.58
N ILE A 2381 -1.02 42.02 -21.79
CA ILE A 2381 -1.82 40.86 -22.23
C ILE A 2381 -1.08 39.56 -21.96
N HIS A 2382 0.20 39.53 -22.28
CA HIS A 2382 0.98 38.34 -22.04
C HIS A 2382 1.09 38.12 -20.54
N MET A 2383 1.26 39.22 -19.81
CA MET A 2383 1.43 39.14 -18.37
C MET A 2383 0.16 38.74 -17.67
N THR A 2384 -0.99 39.06 -18.27
CA THR A 2384 -2.27 38.90 -17.59
C THR A 2384 -2.91 37.56 -17.79
N GLN A 2385 -2.27 36.64 -18.48
CA GLN A 2385 -3.05 35.53 -19.01
C GLN A 2385 -3.40 34.66 -17.82
N HIS A 2386 -2.57 34.74 -16.78
CA HIS A 2386 -2.87 34.19 -15.47
C HIS A 2386 -2.42 35.21 -14.44
N ILE A 2387 -3.36 35.54 -13.55
CA ILE A 2387 -3.16 36.42 -12.40
C ILE A 2387 -4.46 36.26 -11.60
N SER A 2388 -4.47 36.71 -10.35
CA SER A 2388 -5.68 36.50 -9.54
C SER A 2388 -6.89 37.32 -9.99
N PRO A 2389 -8.10 36.78 -9.78
CA PRO A 2389 -9.32 37.53 -10.10
C PRO A 2389 -9.44 38.81 -9.29
N THR A 2390 -9.00 38.73 -8.04
CA THR A 2390 -8.97 39.90 -7.17
C THR A 2390 -8.10 40.98 -7.78
N GLN A 2391 -6.96 40.56 -8.29
CA GLN A 2391 -6.05 41.48 -8.95
C GLN A 2391 -6.73 42.08 -10.17
N ARG A 2392 -7.57 41.31 -10.85
CA ARG A 2392 -8.30 41.85 -11.98
C ARG A 2392 -9.18 42.99 -11.51
N ALA A 2393 -9.84 42.78 -10.37
CA ALA A 2393 -10.67 43.84 -9.83
C ALA A 2393 -9.84 45.08 -9.50
N GLU A 2394 -8.72 44.91 -8.78
CA GLU A 2394 -7.92 46.08 -8.45
C GLU A 2394 -7.46 46.86 -9.69
N VAL A 2395 -7.08 46.19 -10.77
CA VAL A 2395 -6.65 46.94 -11.96
C VAL A 2395 -7.80 47.76 -12.54
N ILE A 2396 -8.99 47.16 -12.70
CA ILE A 2396 -10.07 47.98 -13.24
C ILE A 2396 -10.48 49.12 -12.33
N ARG A 2397 -10.58 48.91 -11.01
CA ARG A 2397 -10.95 50.05 -10.16
C ARG A 2397 -9.91 51.16 -10.28
N ILE A 2398 -8.63 50.80 -10.26
CA ILE A 2398 -7.54 51.80 -10.33
C ILE A 2398 -7.26 52.12 -11.80
N ARG B 686 -6.68 74.22 50.33
CA ARG B 686 -6.71 72.77 50.39
C ARG B 686 -7.30 72.10 49.11
N PRO B 687 -7.43 70.77 49.08
CA PRO B 687 -7.76 70.09 47.82
C PRO B 687 -9.11 70.48 47.21
N ASP B 688 -9.31 69.91 46.02
CA ASP B 688 -10.54 69.97 45.25
C ASP B 688 -11.05 68.54 45.27
N THR B 689 -12.33 68.38 45.63
CA THR B 689 -12.96 67.07 45.78
C THR B 689 -12.63 65.99 44.76
N MET B 690 -12.81 66.24 43.46
CA MET B 690 -12.66 65.13 42.53
C MET B 690 -11.20 64.70 42.37
N LEU B 691 -10.27 65.66 42.35
CA LEU B 691 -8.87 65.30 42.53
C LEU B 691 -8.67 64.44 43.76
N GLY B 692 -9.27 64.85 44.88
CA GLY B 692 -9.19 64.07 46.09
C GLY B 692 -9.59 62.61 45.96
N VAL B 693 -10.82 62.39 45.51
CA VAL B 693 -11.32 61.02 45.33
C VAL B 693 -10.45 60.24 44.36
N VAL B 694 -10.05 60.88 43.27
CA VAL B 694 -9.23 60.26 42.23
C VAL B 694 -7.87 59.79 42.71
N CYS B 695 -7.03 60.78 43.07
CA CYS B 695 -5.71 60.48 43.58
C CYS B 695 -5.76 59.60 44.81
N GLY B 696 -6.84 59.68 45.56
CA GLY B 696 -7.13 58.77 46.65
C GLY B 696 -7.13 57.37 46.11
N ALA B 697 -8.09 57.13 45.22
CA ALA B 697 -8.32 55.81 44.64
C ALA B 697 -7.03 55.19 44.18
N LEU B 698 -6.22 55.93 43.43
CA LEU B 698 -4.93 55.38 43.05
C LEU B 698 -3.86 55.38 44.13
N HIS B 699 -4.02 56.11 45.24
CA HIS B 699 -3.07 55.91 46.33
C HIS B 699 -3.34 54.54 46.95
N VAL B 700 -4.63 54.26 47.24
CA VAL B 700 -5.04 52.97 47.77
C VAL B 700 -4.62 51.85 46.84
N ALA B 701 -4.89 52.05 45.55
CA ALA B 701 -4.50 51.12 44.52
C ALA B 701 -3.01 50.84 44.62
N ASP B 702 -2.21 51.89 44.39
CA ASP B 702 -0.74 51.75 44.37
C ASP B 702 -0.23 51.01 45.59
N VAL B 703 -0.73 51.36 46.77
CA VAL B 703 -0.28 50.71 48.01
C VAL B 703 -0.60 49.21 48.02
N SER B 704 -1.89 48.87 47.80
CA SER B 704 -2.27 47.45 47.71
C SER B 704 -1.46 46.73 46.66
N LEU B 705 -1.23 47.41 45.54
CA LEU B 705 -0.47 46.91 44.43
C LEU B 705 0.98 46.63 44.82
N ARG B 706 1.61 47.56 45.55
CA ARG B 706 2.95 47.31 46.10
C ARG B 706 2.95 46.06 46.96
N ASN B 707 1.91 45.86 47.76
CA ASN B 707 1.89 44.66 48.59
C ASN B 707 1.78 43.42 47.73
N SER B 708 0.81 43.41 46.80
CA SER B 708 0.55 42.27 45.94
C SER B 708 1.78 41.89 45.13
N VAL B 709 2.48 42.90 44.64
CA VAL B 709 3.73 42.71 43.89
C VAL B 709 4.80 42.09 44.77
N SER B 710 5.04 42.66 45.95
CA SER B 710 6.11 42.14 46.79
C SER B 710 5.80 40.74 47.29
N ASN B 711 4.50 40.40 47.37
CA ASN B 711 4.01 39.09 47.80
C ASN B 711 4.20 38.11 46.65
N PHE B 712 3.96 38.59 45.44
CA PHE B 712 4.33 37.87 44.25
C PHE B 712 5.81 37.58 44.21
N LEU B 713 6.63 38.57 44.51
CA LEU B 713 8.05 38.30 44.43
C LEU B 713 8.49 37.31 45.48
N HIS B 714 7.84 37.29 46.66
CA HIS B 714 8.08 36.17 47.56
C HIS B 714 7.80 34.84 46.87
N SER B 715 6.52 34.64 46.47
CA SER B 715 6.10 33.32 46.02
C SER B 715 6.90 32.85 44.84
N LEU B 716 7.25 33.76 43.95
CA LEU B 716 7.97 33.40 42.75
C LEU B 716 9.42 33.14 43.06
N GLU B 717 9.97 33.90 44.02
CA GLU B 717 11.33 33.66 44.47
C GLU B 717 11.49 32.25 44.99
N ARG B 718 10.53 31.81 45.78
CA ARG B 718 10.56 30.46 46.30
C ARG B 718 10.13 29.38 45.31
N GLY B 719 9.34 29.74 44.30
CA GLY B 719 8.89 28.78 43.30
C GLY B 719 7.44 28.35 43.40
N GLN B 720 6.67 28.93 44.30
CA GLN B 720 5.24 28.66 44.40
C GLN B 720 4.54 28.95 43.07
N VAL B 721 3.71 28.01 42.63
CA VAL B 721 2.98 28.20 41.39
C VAL B 721 1.72 28.88 41.89
N LEU B 722 1.84 30.19 41.99
CA LEU B 722 0.80 31.07 42.48
C LEU B 722 -0.34 31.27 41.50
N PRO B 723 -1.57 31.48 41.99
CA PRO B 723 -2.67 31.77 41.08
C PRO B 723 -2.46 33.17 40.51
N ALA B 724 -2.80 33.32 39.23
CA ALA B 724 -2.60 34.59 38.52
C ALA B 724 -3.16 35.74 39.32
N HIS B 725 -4.30 35.52 39.96
CA HIS B 725 -5.19 36.59 40.31
C HIS B 725 -4.47 37.53 41.27
N THR B 726 -3.50 36.98 42.02
CA THR B 726 -2.99 37.73 43.15
C THR B 726 -2.30 39.01 42.72
N LEU B 727 -1.90 39.15 41.45
CA LEU B 727 -1.21 40.40 41.13
C LEU B 727 -2.15 41.61 41.16
N LEU B 728 -3.47 41.39 41.16
CA LEU B 728 -4.46 42.43 41.43
C LEU B 728 -4.32 43.75 40.64
N ASN B 729 -4.73 43.75 39.37
CA ASN B 729 -5.17 44.99 38.73
C ASN B 729 -6.53 45.43 39.28
N THR B 730 -7.51 44.54 39.19
CA THR B 730 -8.88 44.87 39.55
C THR B 730 -8.97 45.18 41.04
N VAL B 731 -9.36 46.40 41.36
CA VAL B 731 -9.48 46.86 42.75
C VAL B 731 -10.79 47.63 42.90
N ASP B 732 -11.42 47.50 44.07
CA ASP B 732 -12.76 48.04 44.36
C ASP B 732 -12.67 48.82 45.66
N VAL B 733 -12.67 50.15 45.57
CA VAL B 733 -12.54 51.05 46.72
C VAL B 733 -13.84 51.78 47.03
N GLU B 734 -14.27 51.69 48.29
CA GLU B 734 -15.51 52.26 48.81
C GLU B 734 -15.06 53.18 49.95
N LEU B 735 -15.19 54.49 49.77
CA LEU B 735 -14.53 55.46 50.64
C LEU B 735 -15.55 56.52 51.03
N ILE B 736 -16.03 56.47 52.27
CA ILE B 736 -17.14 57.31 52.67
C ILE B 736 -16.58 58.59 53.28
N TYR B 737 -16.75 59.69 52.55
CA TYR B 737 -16.37 61.03 52.98
C TYR B 737 -17.65 61.82 53.23
N GLU B 738 -17.80 62.35 54.44
CA GLU B 738 -18.96 63.17 54.79
C GLU B 738 -20.26 62.35 54.70
N GLY B 739 -20.16 61.03 54.83
CA GLY B 739 -21.31 60.16 54.77
C GLY B 739 -21.74 59.76 53.38
N VAL B 740 -21.66 60.66 52.40
CA VAL B 740 -21.98 60.32 51.02
C VAL B 740 -20.78 59.56 50.48
N LYS B 741 -21.02 58.33 50.01
CA LYS B 741 -19.87 57.48 49.69
C LYS B 741 -19.25 57.90 48.37
N TYR B 742 -17.94 57.71 48.29
CA TYR B 742 -17.21 57.79 47.05
C TYR B 742 -17.18 56.33 46.62
N VAL B 743 -17.76 56.05 45.46
CA VAL B 743 -17.76 54.72 44.87
C VAL B 743 -16.67 54.66 43.82
N LEU B 744 -15.75 53.72 43.97
CA LEU B 744 -14.62 53.65 43.05
C LEU B 744 -14.24 52.22 42.72
N LYS B 745 -13.59 52.12 41.57
CA LYS B 745 -12.83 50.97 41.16
C LYS B 745 -11.52 51.59 40.68
N VAL B 746 -10.45 50.82 40.74
CA VAL B 746 -9.18 51.24 40.17
C VAL B 746 -8.67 50.02 39.44
N THR B 747 -8.47 50.17 38.13
CA THR B 747 -7.91 49.09 37.34
C THR B 747 -6.61 49.56 36.72
N ARG B 748 -5.56 48.81 37.00
CA ARG B 748 -4.27 49.07 36.42
C ARG B 748 -4.38 48.76 34.93
N GLN B 749 -4.08 49.72 34.05
CA GLN B 749 -4.48 49.57 32.66
C GLN B 749 -3.27 49.37 31.76
N SER B 750 -2.12 49.82 32.20
CA SER B 750 -0.86 49.85 31.51
C SER B 750 0.11 50.32 32.59
N PRO B 751 1.37 49.85 32.60
CA PRO B 751 2.33 50.30 33.63
C PRO B 751 2.36 51.79 33.90
N ASN B 752 2.08 52.60 32.87
CA ASN B 752 1.99 54.04 33.03
C ASN B 752 0.55 54.51 33.28
N SER B 753 -0.43 53.84 32.65
CA SER B 753 -1.78 54.35 32.61
C SER B 753 -2.69 53.59 33.59
N TYR B 754 -3.50 54.36 34.31
CA TYR B 754 -4.39 53.86 35.33
C TYR B 754 -5.79 54.35 34.98
N VAL B 755 -6.81 53.49 35.11
CA VAL B 755 -8.19 53.92 34.84
C VAL B 755 -9.02 53.73 36.09
N VAL B 756 -9.58 54.84 36.59
CA VAL B 756 -10.49 54.84 37.73
C VAL B 756 -11.90 54.79 37.18
N ILE B 757 -12.68 53.80 37.62
CA ILE B 757 -14.03 53.57 37.12
C ILE B 757 -15.01 53.57 38.29
N MET B 758 -15.81 54.62 38.37
CA MET B 758 -16.75 54.82 39.45
C MET B 758 -18.10 54.48 38.84
N ASN B 759 -18.65 53.32 39.24
CA ASN B 759 -20.06 52.97 39.04
C ASN B 759 -20.53 53.20 37.60
N GLY B 760 -19.64 52.97 36.63
CA GLY B 760 -19.94 53.20 35.24
C GLY B 760 -19.41 54.52 34.72
N SER B 761 -18.15 54.81 35.00
CA SER B 761 -17.48 55.97 34.43
C SER B 761 -16.04 55.60 34.12
N CYS B 762 -15.38 56.47 33.36
CA CYS B 762 -14.02 56.22 32.90
C CYS B 762 -13.17 57.48 33.04
N VAL B 763 -12.18 57.47 33.92
CA VAL B 763 -11.19 58.55 33.95
C VAL B 763 -9.82 57.91 33.80
N GLU B 764 -9.06 58.43 32.84
CA GLU B 764 -7.77 57.91 32.39
C GLU B 764 -6.64 58.83 32.83
N VAL B 765 -5.67 58.30 33.59
CA VAL B 765 -4.54 59.08 34.06
C VAL B 765 -3.25 58.36 33.71
N ASP B 766 -2.13 59.08 33.83
CA ASP B 766 -0.83 58.44 33.69
C ASP B 766 0.12 59.01 34.74
N VAL B 767 1.13 58.21 35.11
CA VAL B 767 1.98 58.51 36.26
C VAL B 767 3.45 58.34 35.86
N HIS B 768 4.34 58.49 36.84
CA HIS B 768 5.71 57.98 36.74
C HIS B 768 6.16 57.40 38.07
N LEU B 775 8.79 61.17 42.34
CA LEU B 775 7.48 60.90 41.77
C LEU B 775 6.88 62.22 41.30
N LEU B 776 6.68 62.29 40.00
CA LEU B 776 5.91 63.34 39.33
C LEU B 776 4.64 62.76 38.71
N LEU B 777 3.52 63.48 38.86
CA LEU B 777 2.28 63.14 38.17
C LEU B 777 1.80 64.23 37.22
N SER B 778 1.32 63.76 36.08
CA SER B 778 0.82 64.53 34.95
C SER B 778 -0.65 64.17 34.89
N TYR B 779 -1.52 65.16 34.81
CA TYR B 779 -2.93 64.84 34.79
C TYR B 779 -3.53 65.77 33.74
N ASP B 780 -4.85 65.94 33.71
CA ASP B 780 -5.41 67.04 32.92
C ASP B 780 -4.73 68.36 33.16
N GLY B 781 -4.73 68.83 34.40
CA GLY B 781 -4.44 70.23 34.64
C GLY B 781 -3.02 70.58 34.32
N SER B 782 -2.10 70.04 35.10
CA SER B 782 -0.74 70.54 35.18
C SER B 782 0.11 69.41 35.74
N SER B 783 1.29 69.74 36.24
CA SER B 783 2.25 68.77 36.72
C SER B 783 2.20 68.88 38.23
N TYR B 784 2.13 67.74 38.92
CA TYR B 784 1.89 67.73 40.37
C TYR B 784 2.86 66.77 41.02
N THR B 785 3.00 66.92 42.33
CA THR B 785 3.89 66.11 43.15
C THR B 785 3.06 65.56 44.31
N THR B 786 3.13 64.24 44.51
CA THR B 786 2.36 63.57 45.55
C THR B 786 3.25 62.66 46.39
N TYR B 787 2.93 62.60 47.67
CA TYR B 787 3.59 61.76 48.66
C TYR B 787 2.45 61.07 49.40
N MET B 788 2.74 59.86 49.86
CA MET B 788 1.74 58.97 50.45
C MET B 788 2.16 58.48 51.82
N LYS B 789 1.35 58.83 52.83
CA LYS B 789 1.51 58.33 54.20
C LYS B 789 0.35 57.42 54.56
N GLU B 790 0.71 56.23 55.03
CA GLU B 790 -0.20 55.19 55.47
C GLU B 790 -0.15 55.09 56.97
N GLU B 791 -1.30 54.83 57.56
CA GLU B 791 -1.36 54.55 58.97
C GLU B 791 -2.02 53.20 59.13
N VAL B 792 -1.80 52.60 60.29
CA VAL B 792 -2.55 51.48 60.81
C VAL B 792 -4.02 51.51 60.41
N ASP B 793 -4.70 52.62 60.69
CA ASP B 793 -6.15 52.74 60.47
C ASP B 793 -6.60 54.05 59.82
N ARG B 794 -5.70 54.80 59.20
CA ARG B 794 -6.03 56.07 58.55
C ARG B 794 -5.34 56.08 57.20
N TYR B 795 -5.86 56.94 56.31
CA TYR B 795 -5.35 57.03 54.95
C TYR B 795 -4.97 58.47 54.68
N ARG B 796 -3.67 58.72 54.54
CA ARG B 796 -3.12 60.04 54.82
C ARG B 796 -2.45 60.48 53.52
N ILE B 797 -3.10 61.37 52.77
CA ILE B 797 -2.75 61.61 51.39
C ILE B 797 -2.19 63.00 51.26
N THR B 798 -1.06 63.13 50.56
CA THR B 798 -0.47 64.42 50.28
C THR B 798 -0.33 64.65 48.79
N ILE B 799 -0.97 65.70 48.28
CA ILE B 799 -1.00 65.97 46.83
C ILE B 799 -0.33 67.34 46.73
N GLY B 800 0.97 67.37 46.88
CA GLY B 800 1.73 68.62 46.90
C GLY B 800 1.85 69.14 48.32
N ASN B 801 1.34 70.36 48.57
CA ASN B 801 1.43 70.97 49.91
C ASN B 801 0.18 70.72 50.71
N LYS B 802 -0.75 69.91 50.22
CA LYS B 802 -2.07 69.77 50.80
C LYS B 802 -2.13 68.37 51.39
N THR B 803 -2.71 68.24 52.58
CA THR B 803 -2.97 66.94 53.17
C THR B 803 -4.45 66.75 53.41
N CYS B 804 -4.92 65.52 53.19
CA CYS B 804 -6.26 65.14 53.59
C CYS B 804 -6.23 63.69 54.05
N VAL B 805 -7.06 63.40 55.05
CA VAL B 805 -7.02 62.12 55.77
C VAL B 805 -8.42 61.54 55.73
N PHE B 806 -8.49 60.24 55.46
CA PHE B 806 -9.73 59.51 55.27
C PHE B 806 -9.75 58.26 56.14
N GLU B 807 -10.97 57.90 56.51
CA GLU B 807 -11.27 56.75 57.34
C GLU B 807 -11.56 55.53 56.49
N LYS B 808 -11.12 54.40 57.00
CA LYS B 808 -11.47 53.07 56.51
C LYS B 808 -12.38 52.34 57.50
N GLU B 809 -13.53 51.91 56.99
CA GLU B 809 -14.58 51.26 57.78
C GLU B 809 -15.30 50.21 56.96
N HIS B 893 -23.46 60.66 45.92
CA HIS B 893 -22.85 59.33 45.87
C HIS B 893 -22.19 59.12 44.52
N THR B 894 -22.87 59.57 43.48
CA THR B 894 -22.50 59.29 42.10
C THR B 894 -21.97 60.54 41.44
N GLY B 895 -21.27 60.34 40.33
CA GLY B 895 -20.73 61.44 39.56
C GLY B 895 -20.08 60.94 38.29
N SER B 896 -19.63 61.90 37.48
CA SER B 896 -18.82 61.62 36.31
C SER B 896 -17.78 62.73 36.20
N LEU B 897 -16.56 62.36 35.81
CA LEU B 897 -15.41 63.26 35.85
C LEU B 897 -14.97 63.58 34.43
N PRO B 898 -15.69 64.45 33.71
CA PRO B 898 -15.22 64.81 32.36
C PRO B 898 -13.95 65.63 32.44
N ARG B 899 -12.82 64.98 32.16
CA ARG B 899 -11.50 65.62 32.24
C ARG B 899 -10.60 64.88 31.26
N ILE B 900 -10.08 65.62 30.27
CA ILE B 900 -9.14 65.04 29.31
C ILE B 900 -7.79 64.87 29.99
N LYS B 909 2.73 64.91 14.07
CA LYS B 909 1.93 64.53 15.22
C LYS B 909 1.45 63.08 15.08
N LEU B 910 1.20 62.67 13.84
CA LEU B 910 0.71 61.32 13.58
C LEU B 910 1.78 60.30 13.89
N HIS B 911 3.04 60.66 13.71
CA HIS B 911 4.13 59.80 14.12
C HIS B 911 4.02 59.38 15.57
N ARG B 912 3.86 60.34 16.47
CA ARG B 912 3.66 60.00 17.87
C ARG B 912 2.30 59.40 18.17
N VAL B 913 1.22 59.90 17.55
CA VAL B 913 -0.08 59.25 17.70
C VAL B 913 -0.06 57.76 17.40
N PHE B 914 0.50 57.41 16.25
CA PHE B 914 0.81 56.06 15.83
C PHE B 914 1.58 55.31 16.91
N HIS B 915 2.84 55.71 17.14
CA HIS B 915 3.72 55.03 18.10
C HIS B 915 3.02 54.83 19.43
N TYR B 916 2.37 55.90 19.88
CA TYR B 916 1.62 55.93 21.13
C TYR B 916 0.58 54.81 21.14
N VAL B 917 -0.30 54.79 20.12
CA VAL B 917 -1.36 53.78 20.02
C VAL B 917 -0.74 52.40 20.03
N LEU B 918 0.47 52.28 19.53
CA LEU B 918 1.08 50.97 19.43
C LEU B 918 1.51 50.54 20.80
N ASP B 919 2.11 51.45 21.55
CA ASP B 919 2.60 51.09 22.87
C ASP B 919 1.40 50.75 23.74
N ASN B 920 0.33 51.56 23.61
CA ASN B 920 -0.91 51.29 24.31
C ASN B 920 -1.36 49.88 23.98
N LEU B 921 -1.23 49.50 22.72
CA LEU B 921 -1.70 48.19 22.29
C LEU B 921 -0.85 47.04 22.83
N VAL B 922 0.47 47.16 22.81
CA VAL B 922 1.28 46.12 23.44
C VAL B 922 1.06 46.00 24.95
N ASN B 923 0.72 47.09 25.63
CA ASN B 923 0.30 46.89 27.01
C ASN B 923 -1.07 46.26 27.10
N VAL B 924 -1.94 46.65 26.19
CA VAL B 924 -3.24 46.04 26.08
C VAL B 924 -3.12 44.55 25.84
N MET B 925 -2.28 44.18 24.89
CA MET B 925 -2.29 42.87 24.28
C MET B 925 -1.17 41.96 24.76
N ASN B 926 -0.30 42.42 25.63
CA ASN B 926 0.50 41.46 26.35
C ASN B 926 -0.32 40.76 27.42
N GLY B 927 -1.48 41.32 27.79
CA GLY B 927 -2.32 40.72 28.81
C GLY B 927 -2.30 41.58 30.05
N TYR B 928 -2.34 42.91 29.96
CA TYR B 928 -2.31 43.66 31.21
C TYR B 928 -3.55 43.42 32.09
N CYS B 929 -4.75 43.61 31.53
CA CYS B 929 -6.12 43.33 32.03
C CYS B 929 -7.13 44.34 31.53
N LEU B 930 -8.38 43.92 31.24
CA LEU B 930 -9.34 44.89 30.74
C LEU B 930 -10.32 45.20 31.87
N PRO B 931 -10.55 46.45 32.27
CA PRO B 931 -11.50 46.65 33.37
C PRO B 931 -12.97 46.38 33.09
N ASP B 932 -13.50 46.84 31.95
CA ASP B 932 -14.92 46.75 31.68
C ASP B 932 -15.33 46.51 30.23
N PRO B 933 -16.63 46.44 29.90
CA PRO B 933 -16.97 46.22 28.49
C PRO B 933 -16.53 47.32 27.54
N PHE B 934 -16.70 48.61 27.90
CA PHE B 934 -16.30 49.76 27.08
C PHE B 934 -14.95 49.64 26.39
N PHE B 935 -14.08 48.79 26.95
CA PHE B 935 -12.78 48.55 26.35
C PHE B 935 -13.01 48.18 24.90
N SER B 936 -13.92 47.23 24.70
CA SER B 936 -14.23 46.58 23.42
C SER B 936 -14.70 47.62 22.38
N SER B 937 -15.06 48.83 22.84
CA SER B 937 -15.37 50.03 22.08
C SER B 937 -14.04 50.70 21.83
N LYS B 938 -13.25 50.84 22.89
CA LYS B 938 -12.09 51.71 22.86
C LYS B 938 -11.12 51.17 21.84
N VAL B 939 -10.88 49.85 21.87
CA VAL B 939 -9.94 49.29 20.94
C VAL B 939 -10.45 49.43 19.54
N LYS B 940 -11.76 49.49 19.35
CA LYS B 940 -12.22 49.52 17.98
C LYS B 940 -11.82 50.86 17.40
N ASP B 941 -12.08 51.93 18.19
CA ASP B 941 -11.64 53.27 17.79
C ASP B 941 -10.14 53.30 17.57
N TRP B 942 -9.40 52.77 18.55
CA TRP B 942 -7.96 52.72 18.55
C TRP B 942 -7.43 52.13 17.27
N VAL B 943 -8.13 51.14 16.77
CA VAL B 943 -7.53 50.14 15.90
C VAL B 943 -7.87 50.42 14.46
N GLU B 944 -9.07 50.90 14.17
CA GLU B 944 -9.20 51.51 12.86
C GLU B 944 -8.36 52.79 12.78
N ARG B 945 -8.36 53.63 13.84
CA ARG B 945 -7.49 54.82 13.77
C ARG B 945 -6.04 54.46 13.53
N LEU B 946 -5.59 53.39 14.18
CA LEU B 946 -4.24 52.90 14.00
C LEU B 946 -4.02 52.47 12.56
N MET B 947 -4.77 51.44 12.13
CA MET B 947 -4.62 50.78 10.84
C MET B 947 -4.57 51.83 9.75
N LYS B 948 -5.48 52.76 9.85
CA LYS B 948 -5.63 53.84 8.91
C LYS B 948 -4.38 54.73 8.98
N THR B 949 -3.91 55.05 10.20
CA THR B 949 -2.68 55.85 10.29
C THR B 949 -1.45 55.09 9.86
N LEU B 950 -1.54 53.79 9.61
CA LEU B 950 -0.38 53.04 9.17
C LEU B 950 -0.45 53.02 7.65
N ARG B 951 -1.65 53.23 7.10
CA ARG B 951 -1.85 53.33 5.66
C ARG B 951 -1.39 54.70 5.18
N ASP B 952 -1.66 55.73 5.98
CA ASP B 952 -1.35 57.11 5.64
C ASP B 952 0.09 57.30 5.16
N PRO B 953 0.29 57.52 3.86
CA PRO B 953 1.65 57.65 3.33
C PRO B 953 2.32 58.98 3.63
N SER B 954 1.83 59.78 4.57
CA SER B 954 2.62 60.91 5.04
C SER B 954 3.54 60.49 6.16
N LEU B 955 3.53 59.21 6.50
CA LEU B 955 4.41 58.71 7.55
C LEU B 955 5.84 58.84 7.06
N PRO B 956 6.23 58.22 5.95
CA PRO B 956 7.63 58.24 5.54
C PRO B 956 8.20 59.61 5.46
N LEU B 957 7.42 60.56 4.95
CA LEU B 957 7.81 61.96 4.96
C LEU B 957 8.08 62.48 6.36
N LEU B 958 7.19 62.21 7.31
CA LEU B 958 7.42 62.77 8.63
C LEU B 958 8.57 62.08 9.36
N GLU B 959 8.81 60.83 9.05
CA GLU B 959 9.93 60.09 9.60
C GLU B 959 11.27 60.44 8.97
N LEU B 960 11.31 60.72 7.67
CA LEU B 960 12.52 61.30 7.11
C LEU B 960 12.72 62.76 7.45
N GLN B 961 11.64 63.46 7.81
CA GLN B 961 11.84 64.76 8.41
C GLN B 961 12.59 64.55 9.69
N ASP B 962 12.12 63.61 10.51
CA ASP B 962 12.29 63.70 11.94
C ASP B 962 13.68 63.17 12.24
N ILE B 963 14.02 62.11 11.50
CA ILE B 963 15.39 61.61 11.52
C ILE B 963 16.32 62.66 10.95
N MET B 964 15.96 63.28 9.82
CA MET B 964 16.93 64.24 9.33
C MET B 964 17.00 65.48 10.19
N THR B 965 16.14 65.60 11.18
CA THR B 965 16.25 66.72 12.07
C THR B 965 17.19 66.30 13.17
N SER B 966 17.15 65.02 13.59
CA SER B 966 18.03 64.72 14.71
C SER B 966 19.41 64.35 14.20
N VAL B 967 19.58 64.22 12.88
CA VAL B 967 20.89 64.07 12.28
C VAL B 967 20.97 65.12 11.19
N SER B 968 20.62 66.35 11.51
CA SER B 968 20.76 67.41 10.52
C SER B 968 22.23 67.67 10.29
N GLY B 969 23.00 67.59 11.37
CA GLY B 969 24.44 67.64 11.30
C GLY B 969 24.96 66.26 10.96
N ARG B 970 26.28 66.12 11.07
CA ARG B 970 26.98 64.87 10.80
C ARG B 970 26.77 64.41 9.36
N ILE B 971 26.40 65.35 8.51
CA ILE B 971 25.64 65.12 7.29
C ILE B 971 26.57 65.27 6.09
N PRO B 972 26.57 64.37 5.12
CA PRO B 972 27.19 64.70 3.82
C PRO B 972 26.20 65.35 2.87
N PRO B 973 26.41 66.64 2.54
CA PRO B 973 25.41 67.37 1.74
C PRO B 973 25.12 66.79 0.38
N ASN B 974 26.06 66.05 -0.19
CA ASN B 974 25.84 65.38 -1.47
C ASN B 974 24.67 64.40 -1.36
N VAL B 975 24.71 63.62 -0.32
CA VAL B 975 23.78 62.53 -0.08
C VAL B 975 22.49 63.07 0.43
N GLU B 976 22.61 64.10 1.22
CA GLU B 976 21.46 64.81 1.72
C GLU B 976 20.69 65.52 0.62
N LYS B 977 21.38 66.25 -0.23
CA LYS B 977 20.67 66.87 -1.34
C LYS B 977 20.08 65.89 -2.35
N SER B 978 20.69 64.72 -2.52
CA SER B 978 20.07 63.70 -3.36
C SER B 978 18.77 63.18 -2.77
N ILE B 979 18.87 62.74 -1.52
CA ILE B 979 17.72 62.19 -0.83
C ILE B 979 16.67 63.26 -0.68
N LYS B 980 17.09 64.49 -0.48
CA LYS B 980 16.09 65.48 -0.16
C LYS B 980 15.38 65.84 -1.44
N LYS B 981 16.05 65.68 -2.58
CA LYS B 981 15.30 65.84 -3.81
C LYS B 981 14.20 64.81 -3.83
N GLU B 982 14.54 63.54 -3.57
CA GLU B 982 13.55 62.58 -4.00
C GLU B 982 12.46 62.40 -2.96
N MET B 983 12.70 62.78 -1.71
CA MET B 983 11.59 62.91 -0.78
C MET B 983 10.70 64.03 -1.27
N ALA B 984 11.33 65.14 -1.69
CA ALA B 984 10.60 66.25 -2.28
C ALA B 984 9.65 65.78 -3.35
N GLN B 985 10.06 64.80 -4.15
CA GLN B 985 9.13 64.24 -5.12
C GLN B 985 8.51 62.93 -4.70
N TYR B 986 8.74 62.48 -3.48
CA TYR B 986 7.68 61.80 -2.77
C TYR B 986 6.53 62.74 -2.49
N ALA B 987 6.86 63.96 -2.07
CA ALA B 987 5.84 64.97 -1.79
C ALA B 987 5.10 65.41 -3.04
N SER B 988 5.80 65.60 -4.17
CA SER B 988 5.08 65.98 -5.36
C SER B 988 4.25 64.82 -5.91
N ASN B 989 4.75 63.58 -5.83
CA ASN B 989 3.99 62.50 -6.45
C ASN B 989 3.07 61.80 -5.46
N ILE B 990 2.98 62.29 -4.23
CA ILE B 990 2.05 61.70 -3.29
C ILE B 990 0.62 62.00 -3.73
N THR B 991 -0.29 61.12 -3.33
CA THR B 991 -1.71 61.06 -3.60
C THR B 991 -1.90 60.46 -4.98
N SER B 992 -0.84 60.01 -5.63
CA SER B 992 -0.96 59.14 -6.77
C SER B 992 -1.23 57.74 -6.28
N VAL B 993 -1.88 56.98 -7.13
CA VAL B 993 -2.17 55.60 -6.80
C VAL B 993 -0.89 54.79 -6.82
N LEU B 994 0.10 55.23 -7.60
CA LEU B 994 1.33 54.48 -7.79
C LEU B 994 2.62 55.18 -7.38
N CYS B 995 2.74 55.50 -6.10
CA CYS B 995 3.92 56.13 -5.53
C CYS B 995 4.45 55.09 -4.58
N GLN B 996 5.67 54.63 -4.81
CA GLN B 996 6.38 53.83 -3.82
C GLN B 996 7.72 54.40 -3.43
N PHE B 997 8.10 53.98 -2.26
CA PHE B 997 9.36 54.40 -1.69
C PHE B 997 10.48 53.95 -2.63
N PRO B 998 11.47 54.77 -2.89
CA PRO B 998 12.61 54.33 -3.70
C PRO B 998 13.70 53.89 -2.74
N SER B 999 13.34 52.93 -1.89
CA SER B 999 14.25 52.22 -1.00
C SER B 999 15.60 51.87 -1.60
N GLN B 1000 15.60 50.92 -2.54
CA GLN B 1000 16.88 50.51 -3.09
C GLN B 1000 17.62 51.66 -3.73
N GLN B 1001 16.91 52.62 -4.33
CA GLN B 1001 17.59 53.74 -4.96
C GLN B 1001 18.34 54.59 -3.96
N ILE B 1002 17.70 54.96 -2.85
CA ILE B 1002 18.40 55.79 -1.89
C ILE B 1002 19.53 55.00 -1.27
N ALA B 1003 19.25 53.74 -0.98
CA ALA B 1003 20.26 52.90 -0.39
C ALA B 1003 21.44 52.72 -1.30
N ASN B 1004 21.17 52.46 -2.58
CA ASN B 1004 22.23 52.24 -3.55
C ASN B 1004 23.07 53.49 -3.68
N ILE B 1005 22.42 54.64 -3.74
CA ILE B 1005 23.15 55.89 -3.87
C ILE B 1005 24.06 56.06 -2.68
N LEU B 1006 23.48 55.88 -1.50
CA LEU B 1006 24.24 55.90 -0.28
C LEU B 1006 25.41 54.96 -0.34
N ASP B 1007 25.20 53.84 -1.00
CA ASP B 1007 26.21 52.82 -1.16
C ASP B 1007 27.18 53.12 -2.27
N SER B 1008 26.86 54.07 -3.13
CA SER B 1008 27.91 54.73 -3.87
C SER B 1008 28.86 55.34 -2.89
N HIS B 1009 28.32 55.95 -1.84
CA HIS B 1009 29.30 56.53 -0.96
C HIS B 1009 29.79 55.51 0.05
N ALA B 1010 29.19 54.31 0.09
CA ALA B 1010 29.83 53.20 0.76
C ALA B 1010 31.00 52.71 -0.09
N ALA B 1011 30.83 52.87 -1.40
CA ALA B 1011 31.83 52.48 -2.36
C ALA B 1011 33.08 53.28 -2.16
N THR B 1012 32.91 54.53 -1.76
CA THR B 1012 34.07 55.39 -1.61
C THR B 1012 34.53 55.52 -0.18
N LEU B 1013 33.63 55.55 0.78
CA LEU B 1013 34.08 55.73 2.16
C LEU B 1013 34.58 54.43 2.78
N ASN B 1014 34.00 53.30 2.38
CA ASN B 1014 34.01 52.15 3.28
C ASN B 1014 35.38 51.48 3.40
N ARG B 1015 36.39 51.93 2.65
CA ARG B 1015 37.71 51.33 2.75
C ARG B 1015 38.56 51.90 3.86
N LYS B 1016 37.99 52.64 4.83
CA LYS B 1016 38.80 53.60 5.59
C LYS B 1016 38.57 53.66 7.09
N SER B 1017 37.55 53.01 7.64
CA SER B 1017 37.28 53.09 9.08
C SER B 1017 36.99 54.51 9.52
N GLU B 1018 36.50 55.32 8.59
CA GLU B 1018 36.30 56.74 8.77
C GLU B 1018 34.87 57.05 9.17
N ARG B 1019 34.29 56.17 9.98
CA ARG B 1019 32.89 55.83 9.78
C ARG B 1019 32.00 55.73 11.01
N GLU B 1020 32.35 56.35 12.14
CA GLU B 1020 31.53 56.14 13.34
C GLU B 1020 30.43 57.20 13.53
N VAL B 1021 30.73 58.45 13.13
CA VAL B 1021 29.66 59.36 12.73
C VAL B 1021 28.89 58.73 11.59
N PHE B 1022 29.61 58.18 10.62
CA PHE B 1022 28.93 57.75 9.42
C PHE B 1022 28.13 56.55 9.79
N PHE B 1023 28.70 55.71 10.67
CA PHE B 1023 28.01 54.53 11.16
C PHE B 1023 26.67 54.89 11.74
N MET B 1024 26.63 55.88 12.64
CA MET B 1024 25.29 56.24 13.12
C MET B 1024 24.45 57.04 12.15
N ASN B 1025 24.94 57.44 10.97
CA ASN B 1025 23.99 58.03 10.02
C ASN B 1025 23.55 57.07 8.95
N THR B 1026 24.44 56.19 8.59
CA THR B 1026 24.19 55.14 7.64
C THR B 1026 23.55 53.98 8.34
N GLN B 1027 23.51 54.04 9.66
CA GLN B 1027 22.81 52.97 10.31
C GLN B 1027 21.46 53.51 10.67
N SER B 1028 21.37 54.75 11.19
CA SER B 1028 20.07 55.15 11.67
C SER B 1028 19.13 55.13 10.47
N ILE B 1029 19.68 55.46 9.29
CA ILE B 1029 18.91 55.44 8.05
C ILE B 1029 18.73 54.03 7.52
N VAL B 1030 19.74 53.16 7.58
CA VAL B 1030 19.51 51.84 7.01
C VAL B 1030 18.54 51.08 7.88
N GLN B 1031 18.49 51.40 9.15
CA GLN B 1031 17.51 50.81 10.01
C GLN B 1031 16.18 51.49 9.86
N LEU B 1032 16.18 52.78 9.50
CA LEU B 1032 14.94 53.43 9.16
C LEU B 1032 14.27 52.79 7.98
N VAL B 1033 15.03 52.62 6.94
CA VAL B 1033 14.56 52.04 5.72
C VAL B 1033 14.28 50.58 5.95
N GLN B 1034 15.06 49.93 6.80
CA GLN B 1034 14.75 48.56 7.16
C GLN B 1034 13.45 48.38 7.89
N ARG B 1035 12.91 49.40 8.52
CA ARG B 1035 11.61 49.15 9.11
C ARG B 1035 10.55 49.19 8.02
N TYR B 1036 10.90 49.83 6.89
CA TYR B 1036 10.00 50.51 5.96
C TYR B 1036 10.51 50.43 4.52
N ARG B 1037 11.61 49.72 4.25
CA ARG B 1037 12.12 49.58 2.89
C ARG B 1037 11.16 48.91 1.93
N SER B 1038 10.59 47.78 2.30
CA SER B 1038 9.63 47.16 1.42
C SER B 1038 8.24 47.66 1.64
N GLY B 1039 8.13 48.90 2.08
CA GLY B 1039 6.87 49.55 2.23
C GLY B 1039 6.14 49.23 3.50
N ILE B 1040 5.02 49.93 3.58
CA ILE B 1040 4.03 49.85 4.62
C ILE B 1040 3.37 48.49 4.82
N ARG B 1041 3.35 47.62 3.82
CA ARG B 1041 2.34 46.57 3.69
C ARG B 1041 2.80 45.21 4.21
N GLY B 1042 3.92 44.76 3.70
CA GLY B 1042 4.73 43.76 4.36
C GLY B 1042 5.04 44.03 5.82
N HIS B 1043 5.53 45.22 6.12
CA HIS B 1043 5.68 45.60 7.51
C HIS B 1043 4.39 45.62 8.34
N MET B 1044 3.31 46.28 7.89
CA MET B 1044 2.08 46.23 8.70
C MET B 1044 1.64 44.81 8.98
N LYS B 1045 1.98 43.90 8.08
CA LYS B 1045 1.79 42.48 8.34
C LYS B 1045 2.71 42.09 9.48
N ALA B 1046 3.99 42.28 9.26
CA ALA B 1046 5.08 41.73 10.05
C ALA B 1046 4.91 42.04 11.54
N VAL B 1047 4.76 43.32 11.87
CA VAL B 1047 4.74 43.72 13.28
C VAL B 1047 3.62 43.01 14.03
N VAL B 1048 2.38 43.11 13.54
CA VAL B 1048 1.28 42.47 14.25
C VAL B 1048 1.52 40.99 14.32
N MET B 1049 2.10 40.45 13.24
CA MET B 1049 2.46 39.05 13.17
C MET B 1049 3.41 38.69 14.30
N ASP B 1050 4.39 39.55 14.55
CA ASP B 1050 5.29 39.31 15.67
C ASP B 1050 4.54 39.28 16.99
N LEU B 1051 3.78 40.32 17.33
CA LEU B 1051 3.06 40.33 18.61
C LEU B 1051 2.20 39.09 18.80
N LEU B 1052 1.50 38.68 17.75
CA LEU B 1052 0.73 37.45 17.84
C LEU B 1052 1.64 36.31 18.23
N ARG B 1053 2.75 36.13 17.50
CA ARG B 1053 3.65 35.08 17.97
C ARG B 1053 4.13 35.31 19.41
N GLN B 1054 4.05 36.53 19.92
CA GLN B 1054 4.46 36.80 21.31
C GLN B 1054 3.51 36.15 22.32
N TYR B 1055 2.23 36.56 22.27
CA TYR B 1055 1.11 35.74 22.75
C TYR B 1055 1.28 34.25 22.57
N LEU B 1056 1.87 33.85 21.47
CA LEU B 1056 1.79 32.47 21.09
C LEU B 1056 2.84 31.79 21.93
N ARG B 1057 4.03 32.35 21.89
CA ARG B 1057 5.22 31.87 22.57
C ARG B 1057 4.91 31.72 24.04
N VAL B 1058 4.59 32.84 24.66
CA VAL B 1058 4.18 32.86 26.05
C VAL B 1058 3.15 31.76 26.30
N GLU B 1059 2.03 31.79 25.59
CA GLU B 1059 0.99 30.87 26.03
C GLU B 1059 1.17 29.45 25.52
N THR B 1060 2.15 29.16 24.69
CA THR B 1060 2.40 27.80 24.25
C THR B 1060 3.32 27.14 25.26
N GLN B 1061 4.36 27.85 25.74
CA GLN B 1061 5.12 27.23 26.81
C GLN B 1061 4.21 27.11 28.02
N PHE B 1062 3.30 28.08 28.18
CA PHE B 1062 2.39 28.08 29.32
C PHE B 1062 1.50 26.85 29.34
N GLN B 1063 0.94 26.47 28.20
CA GLN B 1063 0.07 25.31 28.17
C GLN B 1063 0.61 24.33 27.14
N ASN B 1064 1.06 23.19 27.68
CA ASN B 1064 1.59 22.03 27.00
C ASN B 1064 1.38 20.87 27.96
N GLY B 1065 0.14 20.43 28.08
CA GLY B 1065 -0.22 19.38 29.01
C GLY B 1065 -1.19 19.98 30.01
N HIS B 1066 -0.67 20.34 31.18
CA HIS B 1066 -1.50 20.96 32.20
C HIS B 1066 -0.66 21.97 32.96
N TYR B 1067 -1.36 22.93 33.55
CA TYR B 1067 -0.82 24.12 34.18
C TYR B 1067 0.40 23.86 35.07
N ASP B 1068 0.32 22.87 35.94
CA ASP B 1068 1.43 22.59 36.87
C ASP B 1068 2.71 22.18 36.14
N LYS B 1069 2.63 21.11 35.36
CA LYS B 1069 3.82 20.60 34.67
C LYS B 1069 4.37 21.72 33.79
N CYS B 1070 3.44 22.46 33.19
CA CYS B 1070 3.79 23.59 32.33
C CYS B 1070 4.51 24.70 33.10
N VAL B 1071 4.12 24.96 34.37
CA VAL B 1071 4.82 26.01 35.12
C VAL B 1071 6.24 25.59 35.40
N PHE B 1072 6.47 24.30 35.52
CA PHE B 1072 7.87 23.91 35.68
C PHE B 1072 8.61 24.08 34.36
N ALA B 1073 7.93 23.85 33.22
CA ALA B 1073 8.58 24.17 31.96
C ALA B 1073 8.82 25.66 31.74
N LEU B 1074 7.97 26.56 32.26
CA LEU B 1074 8.27 27.99 32.13
C LEU B 1074 9.47 28.37 32.99
N ARG B 1075 9.47 27.87 34.23
CA ARG B 1075 10.55 28.10 35.17
C ARG B 1075 11.87 27.69 34.55
N GLU B 1076 11.85 26.61 33.80
CA GLU B 1076 13.07 25.96 33.40
C GLU B 1076 13.45 26.40 32.02
N GLU B 1077 12.47 26.85 31.22
CA GLU B 1077 12.82 27.42 29.94
C GLU B 1077 13.61 28.69 30.18
N ASN B 1078 13.20 29.50 31.20
CA ASN B 1078 13.96 30.73 31.53
C ASN B 1078 14.24 30.86 33.04
N LYS B 1079 15.20 30.07 33.51
CA LYS B 1079 15.60 30.03 34.91
C LYS B 1079 16.28 31.30 35.45
N SER B 1080 17.15 31.93 34.64
CA SER B 1080 17.98 33.03 35.15
C SER B 1080 17.27 34.25 35.70
N ASP B 1081 16.25 34.75 35.04
CA ASP B 1081 15.55 35.93 35.53
C ASP B 1081 14.07 35.59 35.56
N MET B 1082 13.33 36.32 36.38
CA MET B 1082 11.90 36.08 36.49
C MET B 1082 11.05 37.34 36.35
N ASN B 1083 11.62 38.49 36.00
CA ASN B 1083 10.73 39.63 35.80
C ASN B 1083 9.89 39.36 34.56
N THR B 1084 10.57 38.81 33.55
CA THR B 1084 9.91 38.37 32.33
C THR B 1084 8.87 37.33 32.69
N VAL B 1085 9.21 36.49 33.66
CA VAL B 1085 8.29 35.49 34.15
C VAL B 1085 7.07 36.18 34.69
N LEU B 1086 7.25 37.29 35.40
CA LEU B 1086 6.07 37.89 36.00
C LEU B 1086 5.19 38.42 34.89
N ASN B 1087 5.81 39.05 33.91
CA ASN B 1087 5.07 39.49 32.73
C ASN B 1087 4.42 38.31 31.99
N TYR B 1088 5.10 37.16 31.94
CA TYR B 1088 4.52 35.96 31.34
C TYR B 1088 3.26 35.55 32.07
N ILE B 1089 3.39 35.44 33.37
CA ILE B 1089 2.33 34.91 34.21
C ILE B 1089 1.13 35.83 34.15
N PHE B 1090 1.44 37.10 34.25
CA PHE B 1090 0.54 38.23 34.08
C PHE B 1090 -0.14 38.15 32.73
N SER B 1091 0.62 37.79 31.70
CA SER B 1091 0.05 37.71 30.36
C SER B 1091 -0.99 36.60 30.31
N HIS B 1092 -0.62 35.37 30.63
CA HIS B 1092 -1.66 34.35 30.53
C HIS B 1092 -2.73 34.49 31.58
N ALA B 1093 -2.70 35.47 32.47
CA ALA B 1093 -3.80 35.56 33.40
C ALA B 1093 -5.11 35.94 32.71
N GLN B 1094 -5.08 36.98 31.87
CA GLN B 1094 -6.23 37.36 31.06
C GLN B 1094 -6.17 36.76 29.66
N VAL B 1095 -6.26 35.43 29.58
CA VAL B 1095 -6.31 34.85 28.26
C VAL B 1095 -7.62 35.19 27.60
N THR B 1096 -8.70 35.10 28.34
CA THR B 1096 -10.01 35.27 27.75
C THR B 1096 -10.15 36.64 27.10
N LYS B 1097 -9.53 37.65 27.70
CA LYS B 1097 -9.49 38.99 27.14
C LYS B 1097 -8.67 39.05 25.85
N LYS B 1098 -7.41 38.62 25.98
CA LYS B 1098 -6.41 38.33 24.96
C LYS B 1098 -7.00 37.61 23.77
N ASN B 1099 -7.97 36.75 24.01
CA ASN B 1099 -8.30 35.75 23.02
C ASN B 1099 -9.24 36.46 22.05
N LEU B 1100 -10.22 37.16 22.62
CA LEU B 1100 -11.13 38.03 21.88
C LEU B 1100 -10.34 39.03 21.06
N LEU B 1101 -9.42 39.74 21.71
CA LEU B 1101 -8.72 40.81 21.01
C LEU B 1101 -7.92 40.27 19.85
N VAL B 1102 -7.42 39.06 19.99
CA VAL B 1102 -6.81 38.42 18.86
C VAL B 1102 -7.82 38.28 17.75
N THR B 1103 -9.02 37.80 18.08
CA THR B 1103 -10.08 37.73 17.06
C THR B 1103 -10.29 39.07 16.36
N MET B 1104 -10.49 40.13 17.11
CA MET B 1104 -10.49 41.48 16.53
C MET B 1104 -9.38 41.76 15.50
N LEU B 1105 -8.12 41.51 15.89
CA LEU B 1105 -6.98 41.79 15.01
C LEU B 1105 -7.05 41.01 13.71
N ILE B 1106 -7.30 39.72 13.86
CA ILE B 1106 -7.40 38.84 12.72
C ILE B 1106 -8.60 39.25 11.90
N ASP B 1107 -9.64 39.70 12.59
CA ASP B 1107 -10.92 40.01 11.96
C ASP B 1107 -10.73 41.13 10.95
N GLN B 1108 -9.98 42.18 11.29
CA GLN B 1108 -9.85 43.23 10.28
C GLN B 1108 -8.71 43.02 9.29
N LEU B 1109 -7.63 42.41 9.72
CA LEU B 1109 -6.78 41.71 8.76
C LEU B 1109 -7.44 40.80 7.71
N CYS B 1110 -8.04 39.70 8.14
CA CYS B 1110 -8.84 38.86 7.24
C CYS B 1110 -9.93 39.64 6.56
N GLY B 1111 -10.42 40.69 7.22
CA GLY B 1111 -11.33 41.61 6.60
C GLY B 1111 -10.84 42.11 5.26
N ARG B 1112 -9.53 42.24 5.09
CA ARG B 1112 -9.01 42.40 3.73
C ARG B 1112 -7.76 41.55 3.48
N ASP B 1113 -7.82 40.25 3.81
CA ASP B 1113 -6.78 39.30 3.40
C ASP B 1113 -6.81 38.81 1.95
N PRO B 1114 -7.98 38.69 1.30
CA PRO B 1114 -8.25 37.41 0.61
C PRO B 1114 -7.23 36.76 -0.35
N THR B 1115 -6.14 37.39 -0.76
CA THR B 1115 -5.09 36.73 -1.55
C THR B 1115 -3.69 37.09 -1.02
N LEU B 1116 -3.47 36.88 0.28
CA LEU B 1116 -2.38 37.55 0.98
C LEU B 1116 -0.94 37.02 0.82
N THR B 1117 -0.53 35.92 1.49
CA THR B 1117 0.92 35.72 1.65
C THR B 1117 1.32 34.44 2.39
N ASP B 1118 2.21 33.68 1.78
CA ASP B 1118 2.54 32.34 2.26
C ASP B 1118 3.22 32.33 3.62
N GLU B 1119 4.30 33.10 3.80
CA GLU B 1119 4.96 33.22 5.10
C GLU B 1119 3.97 33.50 6.22
N LEU B 1120 2.87 34.15 5.90
CA LEU B 1120 1.90 34.46 6.93
C LEU B 1120 1.05 33.23 7.09
N LEU B 1121 0.45 32.74 6.00
CA LEU B 1121 -0.38 31.54 6.09
C LEU B 1121 0.34 30.41 6.83
N ASN B 1122 1.66 30.36 6.68
CA ASN B 1122 2.56 29.50 7.44
C ASN B 1122 2.50 29.73 8.94
N ILE B 1123 2.75 30.98 9.37
CA ILE B 1123 2.61 31.34 10.78
C ILE B 1123 1.20 31.07 11.31
N LEU B 1124 0.21 31.39 10.51
CA LEU B 1124 -1.16 31.15 10.87
C LEU B 1124 -1.41 29.66 11.01
N THR B 1125 -0.88 28.88 10.08
CA THR B 1125 -1.03 27.44 10.10
C THR B 1125 -0.34 26.87 11.32
N GLU B 1126 0.66 27.56 11.82
CA GLU B 1126 1.22 27.18 13.10
C GLU B 1126 0.17 27.41 14.16
N LEU B 1127 -0.57 28.50 14.01
CA LEU B 1127 -1.50 28.90 15.05
C LEU B 1127 -2.69 27.95 15.14
N THR B 1128 -3.19 27.42 14.01
CA THR B 1128 -4.33 26.52 14.15
C THR B 1128 -4.00 25.27 14.94
N GLN B 1129 -2.75 24.84 14.91
CA GLN B 1129 -2.52 23.57 15.57
C GLN B 1129 -2.53 23.68 17.07
N LEU B 1130 -2.60 24.90 17.63
CA LEU B 1130 -2.41 25.01 19.05
C LEU B 1130 -3.51 24.24 19.75
N SER B 1131 -3.07 23.37 20.62
CA SER B 1131 -3.86 22.22 21.03
C SER B 1131 -4.18 22.32 22.50
N LYS B 1132 -4.76 23.43 22.96
CA LYS B 1132 -5.09 23.45 24.38
C LYS B 1132 -6.37 24.25 24.61
N THR B 1133 -7.00 23.89 25.73
CA THR B 1133 -8.37 24.27 26.11
C THR B 1133 -8.78 25.75 26.11
N THR B 1134 -7.96 26.63 26.65
CA THR B 1134 -8.31 28.06 26.64
C THR B 1134 -8.27 28.73 25.26
N ASN B 1135 -7.24 28.43 24.48
CA ASN B 1135 -7.05 29.00 23.14
C ASN B 1135 -7.59 28.08 22.05
N ALA B 1136 -8.92 28.03 21.96
CA ALA B 1136 -9.55 27.14 21.01
C ALA B 1136 -10.47 27.80 20.00
N LYS B 1137 -11.11 28.93 20.30
CA LYS B 1137 -11.81 29.57 19.19
C LYS B 1137 -10.81 30.20 18.27
N VAL B 1138 -9.80 30.85 18.82
CA VAL B 1138 -8.89 31.61 18.00
C VAL B 1138 -8.15 30.69 17.04
N ALA B 1139 -7.74 29.54 17.57
CA ALA B 1139 -7.07 28.52 16.77
C ALA B 1139 -7.98 28.03 15.67
N LEU B 1140 -9.18 27.67 16.05
CA LEU B 1140 -10.14 27.30 15.03
C LEU B 1140 -10.47 28.44 14.07
N ARG B 1141 -10.37 29.69 14.52
CA ARG B 1141 -10.65 30.78 13.59
C ARG B 1141 -9.48 30.83 12.64
N ALA B 1142 -8.28 30.55 13.16
CA ALA B 1142 -7.06 30.51 12.36
C ALA B 1142 -7.37 29.59 11.19
N ARG B 1143 -8.07 28.48 11.47
CA ARG B 1143 -8.35 27.51 10.43
C ARG B 1143 -9.33 28.19 9.48
N GLN B 1144 -10.32 28.88 10.05
CA GLN B 1144 -11.35 29.52 9.26
C GLN B 1144 -10.72 30.50 8.32
N VAL B 1145 -9.68 31.16 8.79
CA VAL B 1145 -8.85 32.03 7.97
C VAL B 1145 -8.14 31.21 6.91
N LEU B 1146 -7.60 30.02 7.24
CA LEU B 1146 -6.79 29.35 6.24
C LEU B 1146 -7.66 28.96 5.07
N ILE B 1147 -8.95 28.80 5.31
CA ILE B 1147 -9.89 28.42 4.27
C ILE B 1147 -10.46 29.67 3.62
N ALA B 1148 -10.93 30.59 4.47
CA ALA B 1148 -11.51 31.85 4.06
C ALA B 1148 -10.61 32.65 3.15
N SER B 1149 -9.31 32.37 3.15
CA SER B 1149 -8.50 32.63 1.99
C SER B 1149 -9.24 32.23 0.70
N HIS B 1150 -9.77 31.00 0.64
CA HIS B 1150 -10.69 30.65 -0.44
C HIS B 1150 -12.02 31.37 -0.29
N LEU B 1151 -12.53 31.41 0.94
CA LEU B 1151 -13.92 31.76 1.23
C LEU B 1151 -14.02 33.09 1.98
N PRO B 1152 -14.01 34.24 1.29
CA PRO B 1152 -13.86 35.53 1.97
C PRO B 1152 -15.17 36.04 2.57
N SER B 1153 -15.05 37.08 3.40
CA SER B 1153 -16.10 37.43 4.36
C SER B 1153 -16.28 38.93 4.53
N TYR B 1154 -16.36 39.71 3.45
CA TYR B 1154 -16.38 41.16 3.61
C TYR B 1154 -17.18 41.82 2.47
N GLU B 1155 -16.82 43.04 2.08
CA GLU B 1155 -17.53 43.81 1.08
C GLU B 1155 -17.17 43.37 -0.32
N LEU B 1156 -16.08 42.62 -0.46
CA LEU B 1156 -15.65 42.16 -1.77
C LEU B 1156 -16.58 41.03 -2.19
N ARG B 1157 -16.90 40.15 -1.27
CA ARG B 1157 -17.78 39.07 -1.62
C ARG B 1157 -19.21 39.54 -1.49
N HIS B 1158 -19.42 40.63 -0.74
CA HIS B 1158 -20.67 41.35 -0.86
C HIS B 1158 -20.83 41.82 -2.29
N ASN B 1159 -19.72 42.20 -2.91
CA ASN B 1159 -19.74 42.50 -4.33
C ASN B 1159 -19.99 41.25 -5.14
N GLN B 1160 -19.51 40.11 -4.68
CA GLN B 1160 -19.72 38.91 -5.47
C GLN B 1160 -21.17 38.51 -5.49
N VAL B 1161 -21.84 38.65 -4.36
CA VAL B 1161 -23.25 38.30 -4.30
C VAL B 1161 -24.03 39.35 -5.06
N GLU B 1162 -23.63 40.60 -4.87
CA GLU B 1162 -24.09 41.68 -5.70
C GLU B 1162 -24.04 41.27 -7.17
N SER B 1163 -22.90 40.75 -7.59
CA SER B 1163 -22.74 40.33 -8.97
C SER B 1163 -23.74 39.28 -9.36
N ILE B 1164 -23.70 38.12 -8.71
CA ILE B 1164 -24.63 37.04 -9.06
C ILE B 1164 -26.06 37.52 -9.16
N PHE B 1165 -26.55 38.19 -8.11
CA PHE B 1165 -27.95 38.63 -8.10
C PHE B 1165 -28.25 39.70 -9.13
N LEU B 1166 -27.53 40.81 -9.09
CA LEU B 1166 -27.81 41.92 -10.00
C LEU B 1166 -27.54 41.50 -11.44
N SER B 1167 -26.52 40.69 -11.66
CA SER B 1167 -26.21 40.21 -12.98
C SER B 1167 -27.33 39.29 -13.45
N ALA B 1168 -27.72 38.37 -12.57
CA ALA B 1168 -28.75 37.39 -12.89
C ALA B 1168 -30.07 38.04 -13.27
N ILE B 1169 -30.52 39.02 -12.49
CA ILE B 1169 -31.88 39.52 -12.63
C ILE B 1169 -32.11 40.11 -14.01
N ASP B 1170 -33.28 39.82 -14.58
CA ASP B 1170 -33.64 40.34 -15.90
C ASP B 1170 -33.65 41.86 -15.90
N MET B 1171 -34.29 42.46 -14.90
CA MET B 1171 -34.57 43.89 -14.87
C MET B 1171 -35.44 44.34 -16.04
N TYR B 1172 -36.16 43.40 -16.67
CA TYR B 1172 -37.46 43.68 -17.25
C TYR B 1172 -38.50 43.26 -16.22
N GLY B 1173 -39.78 43.35 -16.61
CA GLY B 1173 -40.83 42.95 -15.70
C GLY B 1173 -40.81 41.49 -15.33
N HIS B 1174 -40.15 40.64 -16.13
CA HIS B 1174 -40.12 39.21 -15.84
C HIS B 1174 -39.40 38.95 -14.52
N GLN B 1175 -38.10 39.28 -14.48
CA GLN B 1175 -37.28 39.14 -13.29
C GLN B 1175 -37.40 37.69 -12.83
N PHE B 1176 -37.28 36.79 -13.81
CA PHE B 1176 -37.39 35.34 -13.67
C PHE B 1176 -36.04 34.65 -13.40
N CYS B 1177 -35.61 34.71 -12.15
CA CYS B 1177 -34.40 33.99 -11.69
C CYS B 1177 -34.76 32.80 -10.80
N ILE B 1178 -35.64 31.91 -11.25
CA ILE B 1178 -35.97 30.69 -10.50
C ILE B 1178 -34.80 29.72 -10.31
N GLU B 1179 -33.95 29.50 -11.33
CA GLU B 1179 -32.76 28.66 -11.11
C GLU B 1179 -31.79 29.28 -10.12
N ASN B 1180 -31.60 30.59 -10.21
CA ASN B 1180 -30.72 31.26 -9.28
C ASN B 1180 -31.37 31.25 -7.91
N LEU B 1181 -32.69 31.32 -7.89
CA LEU B 1181 -33.45 31.20 -6.66
C LEU B 1181 -33.18 29.84 -6.06
N GLN B 1182 -33.07 28.80 -6.88
CA GLN B 1182 -32.67 27.54 -6.27
C GLN B 1182 -31.26 27.58 -5.74
N LYS B 1183 -30.37 28.44 -6.27
CA LYS B 1183 -29.09 28.51 -5.58
C LYS B 1183 -29.20 29.26 -4.27
N LEU B 1184 -30.13 30.20 -4.22
CA LEU B 1184 -30.45 30.90 -2.99
C LEU B 1184 -31.05 29.98 -1.94
N ILE B 1185 -31.92 29.05 -2.37
CA ILE B 1185 -32.63 28.19 -1.43
C ILE B 1185 -31.86 26.92 -1.13
N LEU B 1186 -30.76 26.64 -1.84
CA LEU B 1186 -29.91 25.52 -1.50
C LEU B 1186 -28.52 26.11 -1.54
N SER B 1187 -28.36 27.06 -0.63
CA SER B 1187 -27.14 27.80 -0.47
C SER B 1187 -26.48 27.29 0.80
N GLU B 1188 -25.23 26.83 0.68
CA GLU B 1188 -24.50 26.45 1.88
C GLU B 1188 -24.32 27.70 2.69
N THR B 1189 -24.03 28.77 1.97
CA THR B 1189 -23.87 30.11 2.47
C THR B 1189 -25.21 30.70 2.86
N SER B 1190 -25.18 31.39 3.98
CA SER B 1190 -26.35 32.11 4.48
C SER B 1190 -26.44 33.44 3.79
N ILE B 1191 -27.64 33.79 3.31
CA ILE B 1191 -27.79 34.98 2.51
C ILE B 1191 -28.75 35.98 3.16
N PHE B 1192 -29.02 35.84 4.45
CA PHE B 1192 -29.66 36.88 5.26
C PHE B 1192 -28.73 38.04 5.61
N ASP B 1193 -27.43 37.94 5.30
CA ASP B 1193 -26.47 38.97 5.69
C ASP B 1193 -26.57 40.22 4.84
N VAL B 1194 -26.36 40.09 3.54
CA VAL B 1194 -26.19 41.26 2.67
C VAL B 1194 -27.50 41.54 1.94
N LEU B 1195 -28.24 40.49 1.58
CA LEU B 1195 -29.58 40.58 1.01
C LEU B 1195 -30.44 41.65 1.68
N PRO B 1196 -30.44 41.78 3.00
CA PRO B 1196 -31.12 42.93 3.60
C PRO B 1196 -30.58 44.25 3.18
N ASN B 1197 -29.30 44.33 2.90
CA ASN B 1197 -28.73 45.60 2.48
C ASN B 1197 -29.37 46.06 1.17
N PHE B 1198 -29.59 45.17 0.20
CA PHE B 1198 -30.34 45.61 -0.97
C PHE B 1198 -31.86 45.49 -0.98
N PHE B 1199 -32.55 44.62 -0.15
CA PHE B 1199 -34.03 44.68 -0.41
C PHE B 1199 -34.71 46.11 -0.01
N TYR B 1200 -33.91 47.13 0.32
CA TYR B 1200 -34.29 48.53 0.42
C TYR B 1200 -33.29 49.36 -0.37
N HIS B 1201 -32.85 48.86 -1.51
CA HIS B 1201 -31.98 49.64 -2.38
C HIS B 1201 -32.93 50.50 -3.23
N SER B 1202 -32.41 51.42 -4.02
CA SER B 1202 -33.27 52.33 -4.77
C SER B 1202 -33.83 51.70 -6.04
N ASN B 1203 -33.79 50.37 -6.17
CA ASN B 1203 -33.97 49.73 -7.47
C ASN B 1203 -35.13 48.75 -7.47
N GLN B 1204 -36.22 49.16 -8.14
CA GLN B 1204 -37.55 48.55 -7.98
C GLN B 1204 -37.48 47.05 -8.19
N VAL B 1205 -36.57 46.63 -9.05
CA VAL B 1205 -36.34 45.24 -9.37
C VAL B 1205 -35.69 44.52 -8.20
N VAL B 1206 -34.64 45.11 -7.64
CA VAL B 1206 -33.96 44.44 -6.54
C VAL B 1206 -34.82 44.42 -5.30
N ARG B 1207 -35.58 45.48 -5.08
CA ARG B 1207 -36.69 45.49 -4.14
C ARG B 1207 -37.54 44.24 -4.29
N MET B 1208 -38.30 44.18 -5.38
CA MET B 1208 -39.26 43.10 -5.61
C MET B 1208 -38.66 41.70 -5.40
N ALA B 1209 -37.62 41.38 -6.18
CA ALA B 1209 -36.95 40.08 -6.10
C ALA B 1209 -36.51 39.74 -4.70
N ALA B 1210 -35.67 40.60 -4.13
CA ALA B 1210 -35.07 40.35 -2.84
C ALA B 1210 -36.13 40.13 -1.77
N LEU B 1211 -37.15 40.98 -1.77
CA LEU B 1211 -38.20 40.92 -0.77
C LEU B 1211 -39.00 39.60 -0.87
N GLU B 1212 -39.44 39.19 -2.08
CA GLU B 1212 -40.21 37.95 -2.08
C GLU B 1212 -39.35 36.72 -1.84
N VAL B 1213 -38.08 36.74 -2.23
CA VAL B 1213 -37.24 35.59 -1.91
C VAL B 1213 -37.12 35.47 -0.41
N TYR B 1214 -37.06 36.60 0.28
CA TYR B 1214 -37.09 36.59 1.73
C TYR B 1214 -38.34 35.90 2.27
N VAL B 1215 -39.50 36.27 1.72
CA VAL B 1215 -40.76 35.58 2.08
C VAL B 1215 -40.54 34.08 1.98
N ARG B 1216 -40.07 33.64 0.82
CA ARG B 1216 -40.05 32.24 0.45
C ARG B 1216 -39.14 31.48 1.39
N ARG B 1217 -38.06 32.15 1.81
CA ARG B 1217 -37.03 31.70 2.73
C ARG B 1217 -37.53 31.72 4.16
N ALA B 1218 -38.66 32.38 4.39
CA ALA B 1218 -39.33 32.38 5.69
C ALA B 1218 -40.23 31.14 5.76
N TYR B 1219 -41.18 31.05 4.83
CA TYR B 1219 -42.23 30.03 4.77
C TYR B 1219 -41.86 28.79 4.00
N ILE B 1220 -40.56 28.52 3.83
CA ILE B 1220 -40.14 27.25 3.21
C ILE B 1220 -40.84 26.05 3.81
N ALA B 1221 -41.25 26.14 5.08
CA ALA B 1221 -41.95 25.04 5.73
C ALA B 1221 -43.36 24.86 5.16
N TYR B 1222 -44.16 25.95 5.12
CA TYR B 1222 -45.51 25.82 4.58
C TYR B 1222 -45.51 25.83 3.05
N GLU B 1223 -46.70 25.61 2.49
CA GLU B 1223 -46.94 25.58 1.05
C GLU B 1223 -47.52 26.92 0.59
N LEU B 1224 -46.85 27.55 -0.36
CA LEU B 1224 -47.22 28.87 -0.86
C LEU B 1224 -47.90 28.67 -2.22
N ASN B 1225 -49.17 29.12 -2.37
CA ASN B 1225 -49.84 28.86 -3.66
C ASN B 1225 -50.04 30.10 -4.51
N SER B 1226 -49.68 31.29 -4.03
CA SER B 1226 -49.83 32.51 -4.82
C SER B 1226 -49.13 33.64 -4.08
N VAL B 1227 -48.39 34.46 -4.85
CA VAL B 1227 -47.69 35.60 -4.29
C VAL B 1227 -47.62 36.64 -5.39
N GLN B 1228 -48.32 37.74 -5.23
CA GLN B 1228 -48.32 38.84 -6.19
C GLN B 1228 -47.79 40.10 -5.51
N HIS B 1229 -46.83 40.75 -6.16
CA HIS B 1229 -46.44 42.10 -5.75
C HIS B 1229 -47.43 43.16 -6.19
N ARG B 1230 -47.79 44.02 -5.25
CA ARG B 1230 -48.50 45.27 -5.46
C ARG B 1230 -47.50 46.38 -5.24
N GLN B 1231 -47.88 47.57 -5.69
CA GLN B 1231 -46.95 48.68 -5.88
C GLN B 1231 -47.85 49.90 -5.79
N LEU B 1232 -47.91 50.50 -4.60
CA LEU B 1232 -48.87 51.56 -4.36
C LEU B 1232 -48.21 52.75 -3.68
N LYS B 1233 -49.01 53.68 -3.19
CA LYS B 1233 -49.22 54.90 -3.95
C LYS B 1233 -48.06 55.19 -4.89
N ASP B 1234 -46.90 55.53 -4.37
CA ASP B 1234 -45.67 55.30 -5.12
C ASP B 1234 -44.60 54.69 -4.23
N ASN B 1235 -44.53 55.20 -3.00
CA ASN B 1235 -43.47 54.88 -2.07
C ASN B 1235 -43.65 53.55 -1.36
N THR B 1236 -44.65 52.75 -1.71
CA THR B 1236 -44.75 51.43 -1.10
C THR B 1236 -44.64 50.23 -2.04
N CYS B 1237 -43.79 49.29 -1.61
CA CYS B 1237 -43.49 48.07 -2.35
C CYS B 1237 -44.30 47.05 -1.59
N VAL B 1238 -45.20 46.34 -2.24
CA VAL B 1238 -45.95 45.30 -1.56
C VAL B 1238 -45.72 43.92 -2.13
N VAL B 1239 -45.53 42.93 -1.26
CA VAL B 1239 -45.61 41.52 -1.65
C VAL B 1239 -46.86 40.98 -0.97
N GLU B 1240 -47.47 39.98 -1.61
CA GLU B 1240 -48.62 39.24 -1.09
C GLU B 1240 -48.25 37.81 -0.76
N PHE B 1241 -48.78 37.30 0.36
CA PHE B 1241 -48.54 35.90 0.71
C PHE B 1241 -49.88 35.23 0.46
N GLN B 1242 -49.86 33.92 0.17
CA GLN B 1242 -51.06 33.10 0.07
C GLN B 1242 -50.73 31.66 0.44
N PHE B 1243 -51.29 31.06 1.50
CA PHE B 1243 -50.74 29.70 1.75
C PHE B 1243 -51.77 28.85 2.51
N MET B 1244 -51.36 27.67 2.98
CA MET B 1244 -52.23 26.86 3.83
C MET B 1244 -51.47 25.93 4.75
N LEU B 1245 -52.24 25.33 5.66
CA LEU B 1245 -51.77 24.50 6.78
C LEU B 1245 -51.40 23.08 6.33
N PRO B 1246 -50.12 22.62 6.49
CA PRO B 1246 -49.82 21.18 6.37
C PRO B 1246 -49.75 20.43 7.71
N THR B 1247 -50.89 20.13 8.33
CA THR B 1247 -50.95 19.49 9.66
C THR B 1247 -50.18 20.29 10.72
N SER B 1248 -49.95 21.57 10.49
CA SER B 1248 -49.24 22.39 11.45
C SER B 1248 -50.04 22.54 12.74
N HIS B 1249 -51.35 22.78 12.60
CA HIS B 1249 -52.30 22.97 13.69
C HIS B 1249 -53.63 23.48 13.14
N CYS B 1291 -58.72 27.43 6.37
CA CYS B 1291 -57.82 26.64 5.54
C CYS B 1291 -56.69 27.48 5.01
N GLN B 1292 -57.01 28.67 4.51
CA GLN B 1292 -56.04 29.53 3.83
C GLN B 1292 -56.16 30.91 4.45
N ARG B 1293 -55.19 31.75 4.12
CA ARG B 1293 -55.03 33.10 4.66
C ARG B 1293 -53.94 33.73 3.79
N MET B 1294 -53.92 35.06 3.79
CA MET B 1294 -52.84 35.77 3.11
C MET B 1294 -51.91 36.54 4.04
N GLY B 1295 -50.97 37.25 3.40
CA GLY B 1295 -49.94 38.02 4.07
C GLY B 1295 -49.49 39.24 3.28
N GLY B 1296 -48.71 40.08 3.95
CA GLY B 1296 -48.08 41.22 3.30
C GLY B 1296 -46.75 41.67 3.85
N MET B 1297 -45.75 41.81 2.96
CA MET B 1297 -44.47 42.42 3.30
C MET B 1297 -44.18 43.70 2.51
N VAL B 1298 -43.66 44.72 3.21
CA VAL B 1298 -43.19 45.99 2.64
C VAL B 1298 -41.84 46.41 3.22
N SER B 1299 -40.89 46.78 2.35
CA SER B 1299 -39.53 47.17 2.73
C SER B 1299 -39.35 48.70 2.80
N PHE B 1300 -39.00 49.22 3.98
CA PHE B 1300 -38.82 50.63 4.37
C PHE B 1300 -37.53 50.95 5.12
N ARG B 1301 -37.20 52.22 4.99
CA ARG B 1301 -35.95 52.89 5.29
C ARG B 1301 -35.96 53.34 6.75
N THR B 1302 -37.04 53.97 7.21
CA THR B 1302 -37.14 54.35 8.61
C THR B 1302 -38.53 54.08 9.15
N PHE B 1303 -38.62 53.88 10.47
CA PHE B 1303 -39.92 53.53 11.01
C PHE B 1303 -40.88 54.70 10.93
N GLU B 1304 -40.37 55.92 10.88
CA GLU B 1304 -41.25 57.07 11.01
C GLU B 1304 -42.15 57.10 9.79
N ASP B 1305 -41.50 57.04 8.61
CA ASP B 1305 -42.22 57.14 7.35
C ASP B 1305 -43.26 56.04 7.32
N PHE B 1306 -42.86 54.84 7.75
CA PHE B 1306 -43.81 53.75 7.86
C PHE B 1306 -45.03 54.19 8.63
N VAL B 1307 -44.84 54.53 9.91
CA VAL B 1307 -45.96 54.68 10.81
C VAL B 1307 -46.88 55.79 10.37
N ARG B 1308 -46.39 56.72 9.57
CA ARG B 1308 -47.30 57.60 8.86
C ARG B 1308 -47.98 56.85 7.73
N ILE B 1309 -47.22 55.97 7.06
CA ILE B 1309 -47.70 55.15 5.95
C ILE B 1309 -48.50 53.94 6.43
N PHE B 1310 -48.76 53.85 7.75
CA PHE B 1310 -49.67 52.86 8.32
C PHE B 1310 -50.91 52.67 7.49
N ASP B 1311 -51.60 53.74 7.16
CA ASP B 1311 -53.04 53.75 7.21
C ASP B 1311 -53.61 53.16 5.93
N GLU B 1312 -52.76 53.03 4.90
CA GLU B 1312 -53.08 52.35 3.65
C GLU B 1312 -52.91 50.85 3.78
N VAL B 1313 -52.07 50.39 4.69
CA VAL B 1313 -51.95 48.96 4.94
C VAL B 1313 -53.26 48.40 5.46
N MET B 1314 -53.84 49.10 6.43
CA MET B 1314 -55.19 48.76 6.81
C MET B 1314 -56.22 49.31 5.85
N GLY B 1315 -55.81 50.15 4.91
CA GLY B 1315 -56.72 50.61 3.89
C GLY B 1315 -57.07 49.46 2.96
N CYS B 1316 -56.05 48.79 2.44
CA CYS B 1316 -56.20 47.72 1.46
C CYS B 1316 -56.27 46.33 2.10
N PHE B 1317 -56.34 46.26 3.43
CA PHE B 1317 -56.35 44.97 4.14
C PHE B 1317 -57.33 43.94 3.54
N GLU B 1345 -62.07 35.82 12.63
CA GLU B 1345 -60.87 35.04 12.34
C GLU B 1345 -59.87 35.91 11.58
N PRO B 1346 -58.77 36.33 12.20
CA PRO B 1346 -57.73 37.04 11.45
C PRO B 1346 -56.99 36.13 10.48
N ILE B 1347 -56.98 36.52 9.21
CA ILE B 1347 -56.43 35.81 8.08
C ILE B 1347 -55.42 36.68 7.33
N HIS B 1348 -54.93 37.74 7.98
CA HIS B 1348 -53.81 38.50 7.44
C HIS B 1348 -52.55 38.46 8.29
N ILE B 1349 -51.45 38.27 7.58
CA ILE B 1349 -50.07 38.22 8.05
C ILE B 1349 -49.42 39.55 7.73
N LEU B 1350 -48.64 40.10 8.66
CA LEU B 1350 -47.95 41.34 8.38
C LEU B 1350 -46.53 41.35 8.91
N ASN B 1351 -45.59 41.48 7.97
CA ASN B 1351 -44.17 41.58 8.29
C ASN B 1351 -43.64 42.84 7.62
N VAL B 1352 -42.91 43.66 8.35
CA VAL B 1352 -42.41 44.94 7.84
C VAL B 1352 -40.90 44.98 7.88
N ALA B 1353 -40.29 45.31 6.75
CA ALA B 1353 -38.84 45.38 6.65
C ALA B 1353 -38.48 46.83 6.93
N ILE B 1354 -37.58 47.05 7.89
CA ILE B 1354 -37.17 48.38 8.33
C ILE B 1354 -35.65 48.50 8.41
N LYS B 1355 -35.21 49.75 8.47
CA LYS B 1355 -33.81 50.17 8.44
C LYS B 1355 -33.64 51.23 9.54
N THR B 1356 -32.56 52.04 9.49
CA THR B 1356 -32.10 53.03 10.48
C THR B 1356 -31.15 52.51 11.56
N ASP B 1357 -30.66 51.27 11.44
CA ASP B 1357 -29.39 50.80 12.02
C ASP B 1357 -29.00 51.36 13.38
N CYS B 1358 -29.96 51.51 14.28
CA CYS B 1358 -29.70 52.07 15.60
C CYS B 1358 -28.98 51.03 16.46
N ASP B 1359 -28.86 51.27 17.76
CA ASP B 1359 -27.86 50.60 18.59
C ASP B 1359 -28.45 50.36 19.98
N ILE B 1360 -27.57 50.17 20.99
CA ILE B 1360 -27.74 49.29 22.15
C ILE B 1360 -29.07 49.38 22.90
N GLU B 1361 -29.83 50.46 22.76
CA GLU B 1361 -30.79 50.84 23.79
C GLU B 1361 -32.03 49.96 23.86
N ASP B 1362 -31.82 48.64 23.99
CA ASP B 1362 -32.89 47.65 23.93
C ASP B 1362 -34.08 47.99 24.81
N ASP B 1363 -33.81 48.57 25.98
CA ASP B 1363 -34.87 48.98 26.89
C ASP B 1363 -35.75 50.04 26.24
N ARG B 1364 -35.16 51.20 26.00
CA ARG B 1364 -35.89 52.31 25.38
C ARG B 1364 -36.47 51.88 24.04
N LEU B 1365 -35.69 51.09 23.31
CA LEU B 1365 -36.03 50.50 22.04
C LEU B 1365 -37.35 49.76 22.12
N ALA B 1366 -37.30 48.48 22.48
CA ALA B 1366 -38.55 47.74 22.49
C ALA B 1366 -39.61 48.38 23.36
N ALA B 1367 -39.24 49.18 24.36
CA ALA B 1367 -40.28 49.73 25.21
C ALA B 1367 -41.16 50.68 24.40
N MET B 1368 -40.50 51.57 23.65
CA MET B 1368 -41.13 52.40 22.62
C MET B 1368 -41.98 51.61 21.64
N PHE B 1369 -41.41 50.52 21.18
CA PHE B 1369 -42.07 49.69 20.18
C PHE B 1369 -43.38 49.13 20.75
N ARG B 1370 -43.29 48.63 21.96
CA ARG B 1370 -44.42 48.13 22.72
C ARG B 1370 -45.48 49.20 22.83
N GLU B 1371 -45.09 50.40 23.22
CA GLU B 1371 -46.12 51.41 23.34
C GLU B 1371 -46.62 51.88 21.98
N PHE B 1372 -46.03 51.42 20.89
CA PHE B 1372 -46.68 51.58 19.60
C PHE B 1372 -47.84 50.62 19.51
N THR B 1373 -47.62 49.40 19.99
CA THR B 1373 -48.70 48.44 19.95
C THR B 1373 -49.82 48.84 20.91
N GLN B 1374 -49.46 49.18 22.14
CA GLN B 1374 -50.46 49.57 23.10
C GLN B 1374 -51.10 50.90 22.80
N GLN B 1375 -50.44 51.79 22.07
CA GLN B 1375 -51.17 52.99 21.65
C GLN B 1375 -52.17 52.61 20.58
N ASN B 1376 -51.74 51.86 19.55
CA ASN B 1376 -52.71 51.40 18.54
C ASN B 1376 -52.76 49.88 18.47
N LYS B 1377 -53.64 49.34 19.29
CA LYS B 1377 -54.45 48.15 19.07
C LYS B 1377 -55.50 48.32 17.95
N ALA B 1378 -55.49 49.52 17.34
CA ALA B 1378 -56.20 49.80 16.10
C ALA B 1378 -55.95 48.76 15.03
N THR B 1379 -54.73 48.21 14.99
CA THR B 1379 -54.49 47.06 14.12
C THR B 1379 -55.54 45.98 14.37
N LEU B 1380 -55.84 45.71 15.63
CA LEU B 1380 -56.87 44.72 15.91
C LEU B 1380 -58.22 45.22 15.46
N VAL B 1381 -58.48 46.52 15.66
CA VAL B 1381 -59.77 47.06 15.26
C VAL B 1381 -60.03 47.05 13.74
N ASP B 1382 -59.01 47.18 12.90
CA ASP B 1382 -59.24 47.05 11.44
C ASP B 1382 -59.38 45.61 10.96
N HIS B 1383 -60.46 44.97 11.39
CA HIS B 1383 -60.70 43.55 11.10
C HIS B 1383 -59.53 42.66 11.51
N GLY B 1384 -58.68 43.10 12.42
CA GLY B 1384 -57.74 42.20 13.04
C GLY B 1384 -56.64 41.73 12.12
N ILE B 1385 -55.46 41.56 12.70
CA ILE B 1385 -54.29 41.04 12.01
C ILE B 1385 -53.80 39.87 12.85
N ARG B 1386 -53.47 38.77 12.20
CA ARG B 1386 -52.88 37.67 12.93
C ARG B 1386 -51.55 38.05 13.55
N ARG B 1387 -50.65 38.65 12.78
CA ARG B 1387 -49.30 38.91 13.26
C ARG B 1387 -48.74 40.22 12.74
N LEU B 1388 -47.98 40.91 13.60
CA LEU B 1388 -47.22 42.09 13.16
C LEU B 1388 -45.77 41.88 13.60
N THR B 1389 -44.90 41.57 12.65
CA THR B 1389 -43.46 41.45 12.91
C THR B 1389 -42.70 42.65 12.40
N PHE B 1390 -41.85 43.25 13.24
CA PHE B 1390 -41.02 44.34 12.77
C PHE B 1390 -39.65 43.72 12.56
N LEU B 1391 -39.08 43.97 11.41
CA LEU B 1391 -37.76 43.49 11.01
C LEU B 1391 -36.80 44.65 10.89
N VAL B 1392 -35.77 44.72 11.72
CA VAL B 1392 -34.81 45.80 11.63
C VAL B 1392 -33.48 45.32 11.10
N ALA B 1393 -32.98 46.02 10.08
CA ALA B 1393 -31.74 45.71 9.38
C ALA B 1393 -30.58 46.48 10.04
N GLN B 1394 -29.37 46.35 9.51
CA GLN B 1394 -28.15 46.43 10.34
C GLN B 1394 -27.95 47.85 10.81
N PHE B 1413 -27.58 39.36 10.88
CA PHE B 1413 -28.93 39.21 10.31
C PHE B 1413 -30.00 40.06 10.99
N PRO B 1414 -31.11 40.31 10.27
CA PRO B 1414 -32.18 41.15 10.81
C PRO B 1414 -32.69 40.75 12.17
N LYS B 1415 -32.88 41.74 13.00
CA LYS B 1415 -33.36 41.56 14.35
C LYS B 1415 -34.88 41.62 14.23
N PHE B 1416 -35.56 40.55 14.59
CA PHE B 1416 -37.02 40.60 14.57
C PHE B 1416 -37.52 41.08 15.92
N PHE B 1417 -38.66 41.72 15.87
CA PHE B 1417 -39.32 42.27 17.03
C PHE B 1417 -40.76 41.83 16.73
N THR B 1418 -41.15 40.65 17.19
CA THR B 1418 -42.47 40.13 16.81
C THR B 1418 -43.48 40.56 17.84
N PHE B 1419 -44.50 41.26 17.37
CA PHE B 1419 -45.67 41.73 18.12
C PHE B 1419 -46.80 41.06 17.37
N ARG B 1420 -47.17 39.90 17.84
CA ARG B 1420 -48.25 39.14 17.27
C ARG B 1420 -49.48 39.19 18.15
N ALA B 1421 -50.55 39.77 17.60
CA ALA B 1421 -51.85 39.88 18.27
C ALA B 1421 -52.91 39.51 17.23
N ARG B 1422 -53.14 38.22 17.06
CA ARG B 1422 -54.32 37.78 16.34
C ARG B 1422 -55.58 38.13 17.14
N ASP B 1423 -55.54 37.85 18.43
CA ASP B 1423 -56.52 38.33 19.40
C ASP B 1423 -55.83 38.70 20.70
N LYS B 1424 -54.51 38.82 20.70
CA LYS B 1424 -53.70 38.63 21.89
C LYS B 1424 -53.14 39.94 22.41
N PHE B 1425 -52.39 39.81 23.49
CA PHE B 1425 -51.44 40.81 23.96
C PHE B 1425 -50.51 41.14 22.82
N GLU B 1426 -49.87 42.32 22.87
CA GLU B 1426 -49.12 42.81 21.73
C GLU B 1426 -48.01 41.85 21.32
N GLU B 1427 -47.27 41.30 22.29
CA GLU B 1427 -45.96 40.78 21.95
C GLU B 1427 -45.59 39.54 22.74
N ASP B 1428 -44.99 38.63 22.01
CA ASP B 1428 -44.65 37.29 22.44
C ASP B 1428 -43.14 37.26 22.46
N ARG B 1429 -42.55 36.76 23.53
CA ARG B 1429 -41.16 36.95 23.85
C ARG B 1429 -40.31 35.73 23.50
N ILE B 1430 -40.91 34.54 23.58
CA ILE B 1430 -40.30 33.26 23.22
C ILE B 1430 -39.85 33.19 21.77
N TYR B 1431 -40.66 33.68 20.85
CA TYR B 1431 -40.38 33.68 19.40
C TYR B 1431 -39.75 34.93 18.86
N ARG B 1432 -39.40 35.89 19.70
CA ARG B 1432 -38.68 37.02 19.16
C ARG B 1432 -37.32 36.61 18.59
N HIS B 1433 -36.93 37.29 17.51
CA HIS B 1433 -35.71 37.13 16.73
C HIS B 1433 -35.76 35.98 15.74
N LEU B 1434 -36.92 35.35 15.53
CA LEU B 1434 -37.02 34.28 14.55
C LEU B 1434 -38.40 34.25 13.93
N GLU B 1435 -38.47 33.73 12.71
CA GLU B 1435 -39.73 33.62 11.99
C GLU B 1435 -40.31 32.22 12.23
N PRO B 1436 -41.47 32.09 12.89
CA PRO B 1436 -41.98 30.76 13.27
C PRO B 1436 -42.26 29.76 12.16
N ALA B 1437 -42.38 30.14 10.89
CA ALA B 1437 -42.48 29.09 9.88
C ALA B 1437 -41.19 28.29 9.80
N LEU B 1438 -40.05 28.98 9.76
CA LEU B 1438 -38.81 28.25 9.72
C LEU B 1438 -38.53 27.64 11.08
N ALA B 1439 -38.96 28.33 12.14
CA ALA B 1439 -38.89 27.78 13.49
C ALA B 1439 -39.61 26.44 13.60
N PHE B 1440 -40.61 26.19 12.75
CA PHE B 1440 -41.34 24.93 12.79
C PHE B 1440 -40.35 23.76 12.72
N GLN B 1441 -39.29 23.91 11.93
CA GLN B 1441 -38.28 22.87 11.75
C GLN B 1441 -37.78 22.37 13.09
N LEU B 1442 -37.19 23.24 13.90
CA LEU B 1442 -37.07 22.89 15.32
C LEU B 1442 -38.51 22.92 15.78
N GLU B 1443 -39.13 21.75 15.83
CA GLU B 1443 -40.49 21.65 16.29
C GLU B 1443 -40.66 22.01 17.75
N LEU B 1444 -41.80 22.62 18.00
CA LEU B 1444 -42.16 23.37 19.18
C LEU B 1444 -43.00 22.56 20.11
N ASN B 1445 -43.40 21.38 19.68
CA ASN B 1445 -44.19 20.50 20.50
C ASN B 1445 -43.27 19.61 21.31
N ARG B 1446 -41.96 19.66 21.06
CA ARG B 1446 -41.13 18.73 21.77
C ARG B 1446 -40.80 19.28 23.14
N MET B 1447 -41.28 20.47 23.45
CA MET B 1447 -41.26 21.11 24.75
C MET B 1447 -42.69 21.58 25.01
N ARG B 1448 -43.67 20.89 24.46
CA ARG B 1448 -45.03 21.34 24.64
C ARG B 1448 -45.56 21.16 26.03
N ASN B 1449 -45.07 20.17 26.75
CA ASN B 1449 -45.41 20.02 28.15
C ASN B 1449 -44.53 20.93 29.00
N PHE B 1450 -44.45 22.23 28.75
CA PHE B 1450 -43.45 22.99 29.49
C PHE B 1450 -43.74 24.47 29.41
N ASP B 1451 -43.12 25.18 30.36
CA ASP B 1451 -43.10 26.64 30.38
C ASP B 1451 -41.67 27.13 30.35
N LEU B 1452 -41.28 27.76 29.24
CA LEU B 1452 -39.89 28.06 28.95
C LEU B 1452 -39.79 29.56 28.78
N THR B 1453 -38.71 30.12 29.30
CA THR B 1453 -38.51 31.57 29.37
C THR B 1453 -37.34 32.06 28.54
N ALA B 1454 -37.59 33.02 27.64
CA ALA B 1454 -36.56 33.50 26.73
C ALA B 1454 -35.65 34.41 27.53
N ILE B 1455 -34.38 34.07 27.57
CA ILE B 1455 -33.37 34.85 28.26
C ILE B 1455 -32.59 35.60 27.20
N PRO B 1456 -32.43 36.92 27.30
CA PRO B 1456 -31.67 37.61 26.26
C PRO B 1456 -30.17 37.41 26.41
N CYS B 1457 -29.53 37.33 25.26
CA CYS B 1457 -28.18 36.83 25.12
C CYS B 1457 -27.68 37.41 23.83
N ALA B 1458 -26.38 37.66 23.74
CA ALA B 1458 -25.84 38.07 22.47
C ALA B 1458 -25.76 36.90 21.52
N ASN B 1459 -25.41 37.21 20.28
CA ASN B 1459 -25.32 36.25 19.20
C ASN B 1459 -26.65 35.52 19.01
N HIS B 1460 -27.65 36.29 18.60
CA HIS B 1460 -29.04 35.91 18.87
C HIS B 1460 -29.49 34.73 18.03
N LYS B 1461 -28.76 34.43 16.96
CA LYS B 1461 -28.65 33.10 16.35
C LYS B 1461 -28.83 31.93 17.29
N MET B 1462 -28.17 32.03 18.44
CA MET B 1462 -28.17 30.98 19.46
C MET B 1462 -29.30 31.37 20.40
N HIS B 1463 -30.42 30.67 20.37
CA HIS B 1463 -31.56 31.08 21.19
C HIS B 1463 -31.65 30.17 22.41
N LEU B 1464 -31.56 30.71 23.64
CA LEU B 1464 -31.67 29.84 24.81
C LEU B 1464 -32.87 30.27 25.62
N TYR B 1465 -33.65 29.28 25.99
CA TYR B 1465 -34.88 29.42 26.72
C TYR B 1465 -34.67 28.70 28.04
N LEU B 1466 -35.23 29.22 29.14
CA LEU B 1466 -35.11 28.54 30.43
C LEU B 1466 -36.46 27.96 30.78
N GLY B 1467 -36.45 26.69 31.17
CA GLY B 1467 -37.65 25.91 31.39
C GLY B 1467 -37.86 25.52 32.84
N ALA B 1468 -39.07 25.77 33.30
CA ALA B 1468 -39.56 25.38 34.60
C ALA B 1468 -40.71 24.41 34.32
N ALA B 1469 -40.67 23.24 34.94
CA ALA B 1469 -41.71 22.25 34.68
C ALA B 1469 -43.05 22.82 35.08
N LYS B 1470 -43.93 22.94 34.10
CA LYS B 1470 -45.30 23.33 34.37
C LYS B 1470 -46.09 22.17 34.93
N VAL B 1471 -46.77 22.44 36.04
CA VAL B 1471 -47.32 21.43 36.92
C VAL B 1471 -48.72 21.88 37.28
N GLU B 1472 -49.45 20.99 37.94
CA GLU B 1472 -50.80 21.32 38.35
C GLU B 1472 -50.70 21.80 39.79
N VAL B 1473 -51.73 22.54 40.21
CA VAL B 1473 -51.93 22.97 41.58
C VAL B 1473 -51.57 21.92 42.65
N GLY B 1474 -51.75 20.65 42.32
CA GLY B 1474 -51.44 19.58 43.25
C GLY B 1474 -49.99 19.54 43.67
N THR B 1475 -49.09 19.99 42.81
CA THR B 1475 -47.66 19.83 43.05
C THR B 1475 -46.86 21.09 42.77
N GLU B 1476 -45.67 21.09 43.35
CA GLU B 1476 -44.74 22.19 43.35
C GLU B 1476 -43.60 21.78 42.43
N VAL B 1477 -43.06 22.72 41.65
CA VAL B 1477 -42.24 22.31 40.51
C VAL B 1477 -40.92 21.71 41.00
N THR B 1478 -40.48 20.68 40.30
CA THR B 1478 -39.20 20.01 40.51
C THR B 1478 -38.14 20.29 39.46
N ASP B 1479 -38.52 20.60 38.22
CA ASP B 1479 -37.57 20.82 37.14
C ASP B 1479 -37.38 22.26 36.75
N TYR B 1480 -36.13 22.49 36.34
CA TYR B 1480 -35.47 23.77 36.07
C TYR B 1480 -34.35 23.38 35.10
N ARG B 1481 -34.68 23.35 33.81
CA ARG B 1481 -33.78 22.95 32.73
C ARG B 1481 -33.38 24.13 31.90
N PHE B 1482 -32.12 24.17 31.51
CA PHE B 1482 -31.68 25.14 30.51
C PHE B 1482 -31.85 24.46 29.16
N PHE B 1483 -32.61 25.08 28.28
CA PHE B 1483 -32.70 24.69 26.88
C PHE B 1483 -31.91 25.64 26.01
N VAL B 1484 -31.14 25.11 25.06
CA VAL B 1484 -30.54 25.99 24.06
C VAL B 1484 -30.78 25.35 22.73
N ARG B 1485 -31.47 26.10 21.88
CA ARG B 1485 -31.84 25.65 20.55
C ARG B 1485 -31.34 26.75 19.66
N ALA B 1486 -30.44 26.42 18.77
CA ALA B 1486 -29.88 27.42 17.88
C ALA B 1486 -30.23 27.07 16.46
N ILE B 1487 -29.76 27.92 15.56
CA ILE B 1487 -29.90 27.56 14.15
C ILE B 1487 -28.59 28.10 13.60
N ILE B 1488 -27.97 27.37 12.68
CA ILE B 1488 -26.65 27.77 12.22
C ILE B 1488 -26.55 27.52 10.73
N ARG B 1489 -26.45 28.59 9.97
CA ARG B 1489 -26.32 28.60 8.52
C ARG B 1489 -25.08 29.51 8.47
N HIS B 1490 -23.89 28.89 8.57
CA HIS B 1490 -22.61 29.59 8.59
C HIS B 1490 -21.73 29.38 7.35
N SER B 1491 -22.28 28.80 6.29
CA SER B 1491 -21.52 28.56 5.05
C SER B 1491 -20.56 27.42 5.24
N GLU B 1497 -15.81 15.95 2.96
CA GLU B 1497 -14.53 16.52 3.39
C GLU B 1497 -14.77 17.85 4.11
N ALA B 1498 -15.68 18.63 3.57
CA ALA B 1498 -16.02 19.92 4.15
C ALA B 1498 -16.57 19.72 5.55
N SER B 1499 -17.34 18.65 5.73
CA SER B 1499 -18.02 18.40 6.98
C SER B 1499 -17.14 18.27 8.21
N PHE B 1500 -16.10 17.43 8.17
CA PHE B 1500 -15.35 17.27 9.42
C PHE B 1500 -14.70 18.57 9.85
N GLU B 1501 -14.02 19.26 8.93
CA GLU B 1501 -13.37 20.49 9.30
C GLU B 1501 -14.40 21.54 9.71
N TYR B 1502 -15.47 21.65 8.92
CA TYR B 1502 -16.48 22.64 9.19
C TYR B 1502 -17.14 22.39 10.51
N LEU B 1503 -17.55 21.14 10.73
CA LEU B 1503 -18.28 20.76 11.93
C LEU B 1503 -17.43 21.02 13.15
N GLN B 1504 -16.18 20.57 13.09
CA GLN B 1504 -15.30 20.70 14.22
C GLN B 1504 -15.13 22.16 14.59
N ASN B 1505 -14.76 22.98 13.61
CA ASN B 1505 -14.48 24.38 13.87
C ASN B 1505 -15.71 25.15 14.36
N GLU B 1506 -16.83 24.99 13.66
CA GLU B 1506 -18.01 25.75 14.03
C GLU B 1506 -18.56 25.23 15.35
N GLY B 1507 -18.50 23.90 15.54
CA GLY B 1507 -19.05 23.30 16.75
C GLY B 1507 -18.32 23.77 17.99
N GLU B 1508 -16.99 23.80 17.93
CA GLU B 1508 -16.20 24.23 19.09
C GLU B 1508 -16.51 25.67 19.44
N ARG B 1509 -16.58 26.52 18.40
CA ARG B 1509 -16.82 27.95 18.64
C ARG B 1509 -18.15 28.15 19.33
N LEU B 1510 -19.13 27.41 18.86
CA LEU B 1510 -20.47 27.47 19.41
C LEU B 1510 -20.44 27.01 20.85
N LEU B 1511 -19.63 26.00 21.14
CA LEU B 1511 -19.59 25.49 22.49
C LEU B 1511 -19.09 26.56 23.46
N LEU B 1512 -18.02 27.28 23.11
CA LEU B 1512 -17.59 28.33 24.04
C LEU B 1512 -18.66 29.39 24.16
N GLU B 1513 -19.28 29.77 23.05
CA GLU B 1513 -20.31 30.80 23.15
C GLU B 1513 -21.47 30.32 24.01
N ALA B 1514 -21.88 29.08 23.80
CA ALA B 1514 -22.98 28.48 24.51
C ALA B 1514 -22.75 28.41 26.01
N MET B 1515 -21.58 27.95 26.42
CA MET B 1515 -21.32 27.91 27.85
C MET B 1515 -21.18 29.30 28.43
N ASP B 1516 -20.74 30.28 27.63
CA ASP B 1516 -20.86 31.66 28.08
C ASP B 1516 -22.32 32.05 28.31
N GLU B 1517 -23.21 31.68 27.39
CA GLU B 1517 -24.61 32.08 27.52
C GLU B 1517 -25.20 31.48 28.78
N LEU B 1518 -25.03 30.19 28.96
CA LEU B 1518 -25.52 29.55 30.17
C LEU B 1518 -24.86 30.12 31.41
N GLU B 1519 -23.65 30.64 31.28
CA GLU B 1519 -23.05 31.32 32.42
C GLU B 1519 -23.86 32.56 32.76
N VAL B 1520 -24.21 33.35 31.74
CA VAL B 1520 -25.10 34.49 31.94
C VAL B 1520 -26.40 34.02 32.60
N ALA B 1521 -26.90 32.87 32.15
CA ALA B 1521 -28.12 32.33 32.72
C ALA B 1521 -27.99 31.99 34.21
N PHE B 1522 -26.88 31.39 34.62
CA PHE B 1522 -26.68 31.10 36.03
C PHE B 1522 -26.64 32.39 36.82
N ASN B 1523 -25.79 33.30 36.36
CA ASN B 1523 -25.53 34.57 37.03
C ASN B 1523 -26.85 35.29 37.23
N ASN B 1524 -27.62 35.34 36.15
CA ASN B 1524 -28.89 36.04 36.11
C ASN B 1524 -29.87 35.45 37.09
N THR B 1525 -30.11 34.15 36.99
CA THR B 1525 -30.94 33.43 37.93
C THR B 1525 -30.38 32.05 38.24
N ASN B 1526 -30.46 31.67 39.51
CA ASN B 1526 -29.91 30.42 40.00
C ASN B 1526 -31.05 29.66 40.70
N VAL B 1527 -31.15 28.36 40.42
CA VAL B 1527 -32.11 27.49 41.08
C VAL B 1527 -31.62 26.07 41.30
N ARG B 1528 -30.37 25.78 40.94
CA ARG B 1528 -29.90 24.40 40.78
C ARG B 1528 -30.69 23.65 39.69
N THR B 1529 -30.49 24.12 38.46
CA THR B 1529 -30.94 23.40 37.28
C THR B 1529 -30.31 22.01 37.17
N ASP B 1530 -31.03 21.13 36.50
CA ASP B 1530 -30.77 19.70 36.52
C ASP B 1530 -30.53 19.00 35.19
N CYS B 1531 -31.31 19.31 34.14
CA CYS B 1531 -31.30 18.52 32.90
C CYS B 1531 -31.04 19.29 31.60
N ASN B 1532 -29.84 19.89 31.48
CA ASN B 1532 -29.57 20.79 30.36
C ASN B 1532 -29.61 20.10 29.01
N HIS B 1533 -30.23 20.78 28.04
CA HIS B 1533 -30.37 20.32 26.66
C HIS B 1533 -29.63 21.21 25.68
N ILE B 1534 -28.96 20.61 24.69
CA ILE B 1534 -28.39 21.36 23.57
C ILE B 1534 -28.99 20.84 22.26
N PHE B 1535 -29.62 21.73 21.50
CA PHE B 1535 -30.16 21.41 20.18
C PHE B 1535 -29.58 22.27 19.06
N LEU B 1536 -28.99 21.62 18.05
CA LEU B 1536 -28.55 22.28 16.82
C LEU B 1536 -29.18 21.63 15.59
N ASN B 1537 -29.93 22.40 14.81
CA ASN B 1537 -30.48 21.93 13.53
C ASN B 1537 -29.69 22.43 12.32
N PHE B 1538 -28.77 21.60 11.80
CA PHE B 1538 -28.07 22.00 10.57
C PHE B 1538 -28.98 21.78 9.38
N VAL B 1539 -29.38 22.88 8.76
CA VAL B 1539 -30.06 22.93 7.48
C VAL B 1539 -29.14 22.98 6.26
N PRO B 1540 -27.81 23.16 6.34
CA PRO B 1540 -27.01 22.90 5.13
C PRO B 1540 -26.84 21.41 4.87
N THR B 1541 -26.15 21.08 3.74
CA THR B 1541 -25.94 19.68 3.32
C THR B 1541 -24.52 19.39 2.85
N VAL B 1542 -23.62 19.02 3.74
CA VAL B 1542 -22.22 18.82 3.37
C VAL B 1542 -22.05 17.36 2.88
N ILE B 1543 -20.88 17.00 2.35
CA ILE B 1543 -20.56 15.61 1.97
C ILE B 1543 -19.39 15.01 2.74
N MET B 1544 -19.64 13.92 3.46
CA MET B 1544 -18.59 13.21 4.21
C MET B 1544 -19.09 11.82 4.60
N ASP B 1545 -18.17 11.01 5.20
CA ASP B 1545 -18.41 9.67 5.71
C ASP B 1545 -18.72 9.71 7.21
N PRO B 1546 -19.34 8.67 7.76
CA PRO B 1546 -19.69 8.68 9.20
C PRO B 1546 -18.74 8.40 10.38
N SER B 1547 -17.68 7.60 10.26
CA SER B 1547 -17.02 7.20 11.50
C SER B 1547 -15.86 8.05 11.94
N LYS B 1548 -15.24 8.77 11.04
CA LYS B 1548 -14.29 9.77 11.48
C LYS B 1548 -14.99 11.00 11.96
N ILE B 1549 -16.20 11.24 11.45
CA ILE B 1549 -17.11 12.20 12.04
C ILE B 1549 -17.45 11.81 13.45
N GLU B 1550 -17.61 10.53 13.67
CA GLU B 1550 -17.99 10.02 14.97
C GLU B 1550 -16.87 10.13 15.98
N GLU B 1551 -15.66 9.81 15.55
CA GLU B 1551 -14.51 10.12 16.38
C GLU B 1551 -14.30 11.61 16.54
N SER B 1552 -14.56 12.40 15.51
CA SER B 1552 -14.30 13.82 15.66
C SER B 1552 -15.14 14.46 16.73
N VAL B 1553 -16.44 14.17 16.71
CA VAL B 1553 -17.28 14.74 17.73
C VAL B 1553 -17.05 14.10 19.09
N ARG B 1554 -16.62 12.84 19.10
CA ARG B 1554 -16.24 12.20 20.35
C ARG B 1554 -15.04 12.86 21.01
N SER B 1555 -13.97 12.97 20.27
CA SER B 1555 -12.76 13.60 20.80
C SER B 1555 -13.07 15.02 21.23
N MET B 1556 -13.85 15.73 20.43
CA MET B 1556 -14.24 17.10 20.72
C MET B 1556 -14.92 17.20 22.07
N VAL B 1557 -16.09 16.59 22.21
CA VAL B 1557 -16.88 16.70 23.44
C VAL B 1557 -16.11 16.20 24.63
N MET B 1558 -15.31 15.16 24.44
CA MET B 1558 -14.56 14.59 25.54
C MET B 1558 -13.54 15.57 26.06
N ARG B 1559 -12.86 16.26 25.15
CA ARG B 1559 -11.76 17.14 25.52
C ARG B 1559 -12.11 18.05 26.69
N TYR B 1560 -13.33 18.61 26.68
CA TYR B 1560 -13.84 19.34 27.84
C TYR B 1560 -14.70 18.45 28.74
N GLY B 1561 -14.32 18.35 30.02
CA GLY B 1561 -14.90 17.36 30.93
C GLY B 1561 -15.65 17.86 32.15
N SER B 1562 -14.92 18.14 33.24
CA SER B 1562 -15.55 18.64 34.47
C SER B 1562 -16.39 19.87 34.19
N ARG B 1563 -15.84 20.76 33.38
CA ARG B 1563 -16.48 22.01 32.98
C ARG B 1563 -17.88 21.77 32.47
N LEU B 1564 -18.02 20.71 31.67
CA LEU B 1564 -19.33 20.30 31.17
C LEU B 1564 -20.19 20.00 32.37
N TRP B 1565 -19.61 19.38 33.39
CA TRP B 1565 -20.33 18.81 34.52
C TRP B 1565 -20.72 19.95 35.46
N LYS B 1566 -19.93 21.02 35.47
CA LYS B 1566 -20.26 22.20 36.25
C LYS B 1566 -21.53 22.81 35.70
N LEU B 1567 -21.54 23.04 34.40
CA LEU B 1567 -22.73 23.46 33.68
C LEU B 1567 -23.75 22.34 33.62
N ARG B 1568 -23.30 21.13 33.91
CA ARG B 1568 -24.06 19.91 33.95
C ARG B 1568 -24.76 19.79 32.63
N VAL B 1569 -23.98 19.86 31.57
CA VAL B 1569 -24.62 19.65 30.29
C VAL B 1569 -24.69 18.16 30.05
N LEU B 1570 -25.90 17.61 29.90
CA LEU B 1570 -26.03 16.16 29.84
C LEU B 1570 -26.69 15.62 28.59
N GLN B 1571 -27.37 16.45 27.80
CA GLN B 1571 -28.06 15.88 26.64
C GLN B 1571 -27.87 16.82 25.48
N ALA B 1572 -27.50 16.25 24.35
CA ALA B 1572 -27.30 16.97 23.11
C ALA B 1572 -27.88 16.24 21.91
N GLU B 1573 -28.47 17.04 21.03
CA GLU B 1573 -29.07 16.61 19.78
C GLU B 1573 -28.51 17.48 18.69
N LEU B 1574 -28.12 16.83 17.61
CA LEU B 1574 -27.82 17.51 16.38
C LEU B 1574 -28.68 16.89 15.31
N LYS B 1575 -28.84 17.59 14.21
CA LYS B 1575 -29.15 16.90 12.98
C LYS B 1575 -28.24 17.45 11.90
N ILE B 1576 -28.16 16.66 10.83
CA ILE B 1576 -27.40 17.03 9.64
C ILE B 1576 -27.85 16.24 8.45
N ASN B 1577 -28.17 16.96 7.38
CA ASN B 1577 -28.64 16.31 6.19
C ASN B 1577 -27.32 16.00 5.49
N ILE B 1578 -27.10 14.76 5.05
CA ILE B 1578 -25.91 14.43 4.29
C ILE B 1578 -26.32 13.62 3.05
N ARG B 1579 -25.34 13.25 2.23
CA ARG B 1579 -25.53 12.45 1.02
C ARG B 1579 -24.16 12.22 0.42
N LEU B 1580 -24.13 11.43 -0.63
CA LEU B 1580 -22.89 11.03 -1.29
C LEU B 1580 -22.47 12.11 -2.29
N THR B 1581 -21.35 11.84 -2.96
CA THR B 1581 -20.66 12.90 -3.71
C THR B 1581 -21.47 13.42 -4.89
N PRO B 1582 -21.99 12.61 -5.80
CA PRO B 1582 -22.83 13.14 -6.88
C PRO B 1582 -24.28 13.34 -6.49
N THR B 1583 -24.78 12.45 -5.62
CA THR B 1583 -26.21 12.11 -5.62
C THR B 1583 -27.09 13.31 -5.30
N GLY B 1584 -26.76 14.06 -4.26
CA GLY B 1584 -27.62 15.12 -3.80
C GLY B 1584 -28.82 14.68 -2.97
N LYS B 1585 -29.07 13.38 -2.86
CA LYS B 1585 -30.23 12.87 -2.13
C LYS B 1585 -29.98 13.02 -0.63
N ALA B 1586 -30.27 14.23 -0.14
CA ALA B 1586 -29.94 14.56 1.23
C ALA B 1586 -30.86 13.83 2.20
N ILE B 1587 -30.27 13.04 3.09
CA ILE B 1587 -31.03 12.27 4.07
C ILE B 1587 -30.75 12.93 5.41
N PRO B 1588 -31.66 12.88 6.40
CA PRO B 1588 -31.36 13.48 7.71
C PRO B 1588 -30.95 12.49 8.77
N ILE B 1589 -30.05 12.85 9.67
CA ILE B 1589 -29.69 11.93 10.76
C ILE B 1589 -29.56 12.60 12.13
N ARG B 1590 -30.65 12.60 12.90
CA ARG B 1590 -30.69 13.34 14.16
C ARG B 1590 -29.93 12.52 15.18
N LEU B 1591 -28.72 12.92 15.52
CA LEU B 1591 -27.97 12.20 16.54
C LEU B 1591 -28.29 12.71 17.91
N PHE B 1592 -28.60 11.81 18.85
CA PHE B 1592 -28.87 12.27 20.20
C PHE B 1592 -27.91 11.49 21.08
N LEU B 1593 -27.18 12.21 21.88
CA LEU B 1593 -26.13 11.74 22.77
C LEU B 1593 -26.62 11.63 24.19
N THR B 1594 -26.20 10.58 24.86
CA THR B 1594 -26.64 10.33 26.22
C THR B 1594 -25.48 9.99 27.12
N ASN B 1595 -25.15 10.95 27.98
CA ASN B 1595 -24.13 10.76 28.99
C ASN B 1595 -24.63 11.40 30.26
N GLU B 1596 -24.49 10.62 31.33
CA GLU B 1596 -24.87 10.87 32.70
C GLU B 1596 -23.58 10.98 33.49
N SER B 1597 -23.61 10.65 34.79
CA SER B 1597 -22.38 10.70 35.54
C SER B 1597 -21.41 9.75 34.87
N GLY B 1598 -20.19 10.19 34.81
CA GLY B 1598 -19.19 9.46 34.10
C GLY B 1598 -19.21 10.03 32.70
N TYR B 1599 -18.13 9.83 31.96
CA TYR B 1599 -18.08 10.39 30.63
C TYR B 1599 -18.45 9.37 29.57
N TYR B 1600 -18.99 8.22 29.97
CA TYR B 1600 -19.32 7.23 28.97
C TYR B 1600 -20.56 7.75 28.30
N LEU B 1601 -20.54 7.81 26.97
CA LEU B 1601 -21.66 8.35 26.23
C LEU B 1601 -22.07 7.40 25.13
N ASP B 1602 -23.37 7.20 25.05
CA ASP B 1602 -24.00 6.31 24.11
C ASP B 1602 -24.63 7.16 23.02
N ILE B 1603 -24.40 6.78 21.78
CA ILE B 1603 -24.88 7.52 20.64
C ILE B 1603 -26.10 6.86 20.04
N SER B 1604 -27.12 7.67 19.85
CA SER B 1604 -28.36 7.22 19.27
C SER B 1604 -28.31 7.88 17.92
N LEU B 1605 -28.19 7.08 16.90
CA LEU B 1605 -28.21 7.56 15.55
C LEU B 1605 -29.34 6.87 14.84
N TYR B 1606 -30.09 7.61 14.03
CA TYR B 1606 -31.20 6.95 13.39
C TYR B 1606 -31.13 7.26 11.93
N LYS B 1607 -32.23 6.96 11.29
CA LYS B 1607 -32.52 7.39 9.97
C LYS B 1607 -33.99 7.75 10.06
N GLU B 1608 -34.45 8.59 9.14
CA GLU B 1608 -35.83 9.05 9.16
C GLU B 1608 -36.88 7.94 9.20
N VAL B 1609 -36.61 6.78 8.61
CA VAL B 1609 -37.56 6.13 7.68
C VAL B 1609 -39.01 6.38 7.99
N THR B 1610 -39.77 6.70 6.95
CA THR B 1610 -41.21 6.75 7.07
C THR B 1610 -41.79 5.39 7.43
N ALA B 1615 -47.62 6.97 7.42
CA ALA B 1615 -46.70 7.84 6.69
C ALA B 1615 -45.95 8.82 7.60
N GLN B 1616 -46.18 8.72 8.91
CA GLN B 1616 -45.63 9.62 9.89
C GLN B 1616 -44.28 9.11 10.39
N ILE B 1617 -43.24 9.86 10.04
CA ILE B 1617 -41.84 9.47 10.07
C ILE B 1617 -41.36 8.82 11.38
N MET B 1618 -40.41 7.89 11.21
CA MET B 1618 -40.11 6.82 12.17
C MET B 1618 -38.60 6.65 12.21
N PHE B 1619 -38.02 6.92 13.36
CA PHE B 1619 -36.59 6.77 13.65
C PHE B 1619 -36.12 5.32 13.66
N GLN B 1620 -35.42 4.92 12.60
CA GLN B 1620 -34.92 3.56 12.52
C GLN B 1620 -33.43 3.60 12.21
N ALA B 1621 -32.64 3.02 13.10
CA ALA B 1621 -31.19 2.96 12.97
C ALA B 1621 -30.75 2.33 11.64
N LYS B 1625 -26.00 -0.26 14.68
CA LYS B 1625 -25.99 -0.67 16.08
C LYS B 1625 -27.43 -1.08 16.47
N GLN B 1626 -27.77 -1.01 17.74
CA GLN B 1626 -29.11 -0.66 18.21
C GLN B 1626 -29.04 0.48 19.20
N GLY B 1627 -29.89 1.47 18.98
CA GLY B 1627 -29.89 2.75 19.65
C GLY B 1627 -31.15 3.04 20.45
N PRO B 1628 -31.00 3.64 21.64
CA PRO B 1628 -32.17 3.92 22.46
C PRO B 1628 -33.14 4.85 21.76
N LEU B 1629 -34.41 4.72 22.12
CA LEU B 1629 -35.46 5.50 21.50
C LEU B 1629 -35.39 5.24 20.01
N HIS B 1630 -35.50 3.97 19.68
CA HIS B 1630 -35.40 3.56 18.30
C HIS B 1630 -36.43 4.29 17.46
N GLY B 1631 -37.72 3.99 17.61
CA GLY B 1631 -38.72 4.52 16.69
C GLY B 1631 -39.77 5.35 17.35
N MET B 1632 -40.06 6.52 16.78
CA MET B 1632 -41.16 7.31 17.33
C MET B 1632 -41.61 8.35 16.32
N LEU B 1633 -42.81 8.87 16.55
CA LEU B 1633 -43.32 9.88 15.64
C LEU B 1633 -42.72 11.22 16.01
N ILE B 1634 -43.11 12.28 15.31
CA ILE B 1634 -42.22 13.41 15.33
C ILE B 1634 -42.57 14.46 16.38
N ASN B 1635 -43.85 14.59 16.74
CA ASN B 1635 -44.22 15.68 17.65
C ASN B 1635 -44.17 15.21 19.10
N THR B 1636 -43.02 14.68 19.48
CA THR B 1636 -42.86 14.00 20.76
C THR B 1636 -42.55 14.97 21.88
N PRO B 1637 -43.47 15.29 22.79
CA PRO B 1637 -43.09 16.24 23.83
C PRO B 1637 -42.03 15.62 24.71
N TYR B 1638 -41.19 16.47 25.25
CA TYR B 1638 -39.99 15.96 25.89
C TYR B 1638 -40.50 15.41 27.21
N VAL B 1639 -40.16 14.17 27.49
CA VAL B 1639 -40.58 13.49 28.71
C VAL B 1639 -40.17 14.31 29.92
N THR B 1640 -41.11 14.41 30.84
CA THR B 1640 -40.91 15.08 32.12
C THR B 1640 -40.55 14.09 33.23
N LYS B 1641 -39.35 14.34 33.75
CA LYS B 1641 -38.68 13.84 34.94
C LYS B 1641 -39.56 13.49 36.15
N ASP B 1642 -40.64 14.23 36.37
CA ASP B 1642 -41.41 14.02 37.60
C ASP B 1642 -42.03 12.62 37.70
N LEU B 1643 -42.15 11.90 36.59
CA LEU B 1643 -42.33 10.46 36.67
C LEU B 1643 -41.27 9.81 37.54
N LEU B 1644 -40.01 9.98 37.15
CA LEU B 1644 -38.89 9.43 37.90
C LEU B 1644 -38.89 9.88 39.33
N GLN B 1645 -38.87 11.19 39.55
CA GLN B 1645 -38.94 11.71 40.90
C GLN B 1645 -40.06 11.07 41.71
N SER B 1646 -41.24 10.97 41.12
CA SER B 1646 -42.40 10.42 41.82
C SER B 1646 -42.13 8.99 42.20
N LYS B 1647 -41.54 8.24 41.28
CA LYS B 1647 -41.29 6.82 41.47
C LYS B 1647 -40.16 6.62 42.46
N ARG B 1648 -39.21 7.54 42.45
CA ARG B 1648 -38.11 7.53 43.39
C ARG B 1648 -38.67 7.75 44.78
N PHE B 1649 -39.69 8.60 44.87
CA PHE B 1649 -40.34 8.85 46.15
C PHE B 1649 -41.04 7.60 46.63
N GLN B 1650 -41.72 6.90 45.71
CA GLN B 1650 -42.38 5.67 46.11
C GLN B 1650 -41.40 4.61 46.57
N ALA B 1651 -40.28 4.51 45.88
CA ALA B 1651 -39.31 3.50 46.24
C ALA B 1651 -38.62 3.79 47.56
N GLN B 1652 -38.11 5.00 47.72
CA GLN B 1652 -37.50 5.34 48.99
C GLN B 1652 -38.52 5.13 50.10
N SER B 1653 -39.79 5.46 49.82
CA SER B 1653 -40.82 5.27 50.83
C SER B 1653 -41.06 3.80 51.11
N LEU B 1654 -40.71 2.94 50.17
CA LEU B 1654 -40.68 1.50 50.40
C LEU B 1654 -39.29 1.02 50.81
N GLY B 1655 -38.37 1.93 51.12
CA GLY B 1655 -37.05 1.50 51.53
C GLY B 1655 -36.16 0.77 50.55
N THR B 1656 -36.19 1.09 49.24
CA THR B 1656 -35.29 0.42 48.30
C THR B 1656 -34.73 1.42 47.29
N THR B 1657 -33.96 0.89 46.35
CA THR B 1657 -33.28 1.66 45.32
C THR B 1657 -34.01 1.47 44.01
N TYR B 1658 -34.22 2.56 43.27
CA TYR B 1658 -34.82 2.43 41.97
C TYR B 1658 -34.04 1.58 41.00
N ILE B 1659 -34.80 0.72 40.33
CA ILE B 1659 -34.23 -0.29 39.46
C ILE B 1659 -33.27 0.29 38.41
N TYR B 1660 -33.69 1.30 37.64
CA TYR B 1660 -32.78 1.80 36.63
C TYR B 1660 -31.64 2.61 37.22
N ASP B 1661 -31.64 2.85 38.52
CA ASP B 1661 -30.52 3.47 39.18
C ASP B 1661 -29.54 2.43 39.63
N ILE B 1662 -29.96 1.18 39.60
CA ILE B 1662 -29.10 0.12 40.09
C ILE B 1662 -27.81 0.10 39.29
N PRO B 1663 -27.82 0.16 37.94
CA PRO B 1663 -26.55 0.08 37.19
C PRO B 1663 -25.50 1.07 37.61
N GLU B 1664 -25.90 2.31 37.85
CA GLU B 1664 -24.87 3.23 38.32
C GLU B 1664 -24.47 2.88 39.74
N MET B 1665 -25.37 2.26 40.51
CA MET B 1665 -24.95 1.80 41.82
C MET B 1665 -23.92 0.71 41.68
N PHE B 1666 -24.02 -0.06 40.62
CA PHE B 1666 -23.01 -1.06 40.31
C PHE B 1666 -21.72 -0.35 39.99
N ARG B 1667 -21.80 0.67 39.17
CA ARG B 1667 -20.58 1.36 38.78
C ARG B 1667 -19.88 1.95 39.97
N GLN B 1668 -20.63 2.56 40.86
CA GLN B 1668 -19.99 3.20 42.00
C GLN B 1668 -19.35 2.15 42.87
N SER B 1669 -20.06 1.05 43.03
CA SER B 1669 -19.54 -0.03 43.82
C SER B 1669 -18.28 -0.59 43.18
N LEU B 1670 -18.33 -0.76 41.88
CA LEU B 1670 -17.22 -1.27 41.12
C LEU B 1670 -15.99 -0.41 41.23
N ILE B 1671 -16.19 0.89 41.20
CA ILE B 1671 -15.08 1.81 41.36
C ILE B 1671 -14.47 1.68 42.73
N LYS B 1672 -15.34 1.67 43.73
CA LYS B 1672 -14.90 1.56 45.11
C LYS B 1672 -14.09 0.28 45.25
N LEU B 1673 -14.50 -0.75 44.50
CA LEU B 1673 -13.81 -2.01 44.52
C LEU B 1673 -12.45 -1.87 43.92
N TRP B 1674 -12.36 -1.23 42.76
CA TRP B 1674 -11.07 -1.02 42.12
C TRP B 1674 -10.10 -0.38 43.06
N GLU B 1675 -10.61 0.45 43.95
CA GLU B 1675 -9.75 1.13 44.87
C GLU B 1675 -9.34 0.15 45.95
N SER B 1676 -10.32 -0.54 46.51
CA SER B 1676 -10.08 -1.45 47.62
C SER B 1676 -9.12 -2.56 47.22
N MET B 1677 -9.25 -3.07 46.00
CA MET B 1677 -8.39 -4.18 45.59
C MET B 1677 -6.96 -3.74 45.39
N SER B 1678 -6.72 -2.45 45.23
CA SER B 1678 -5.34 -2.01 45.07
C SER B 1678 -4.58 -2.24 46.35
N THR B 1679 -5.29 -2.27 47.47
CA THR B 1679 -4.73 -2.79 48.71
C THR B 1679 -4.14 -4.16 48.49
N GLN B 1680 -4.94 -5.05 47.89
CA GLN B 1680 -4.53 -6.44 47.90
C GLN B 1680 -3.48 -6.76 46.85
N ALA B 1681 -3.55 -6.15 45.65
CA ALA B 1681 -2.67 -6.59 44.57
C ALA B 1681 -2.01 -5.49 43.77
N PHE B 1682 -0.92 -5.91 43.11
CA PHE B 1682 -0.29 -5.13 42.06
C PHE B 1682 -1.12 -5.32 40.81
N LEU B 1683 -1.67 -4.25 40.32
CA LEU B 1683 -2.56 -4.25 39.17
C LEU B 1683 -2.01 -3.33 38.10
N PRO B 1684 -2.40 -3.53 36.85
CA PRO B 1684 -2.10 -2.51 35.84
C PRO B 1684 -2.86 -1.23 36.16
N SER B 1685 -2.58 -0.17 35.40
CA SER B 1685 -3.33 1.05 35.63
C SER B 1685 -4.80 0.84 35.29
N PRO B 1686 -5.70 1.37 36.10
CA PRO B 1686 -7.11 1.16 35.83
C PRO B 1686 -7.56 1.73 34.56
N PRO B 1687 -8.64 1.19 33.94
CA PRO B 1687 -9.30 1.82 32.82
C PRO B 1687 -10.15 2.94 33.40
N LEU B 1688 -10.61 3.83 32.53
CA LEU B 1688 -11.51 4.87 32.98
C LEU B 1688 -12.90 4.39 33.43
N PRO B 1689 -13.50 5.08 34.41
CA PRO B 1689 -14.80 4.64 34.91
C PRO B 1689 -15.81 4.53 33.79
N SER B 1690 -15.71 5.44 32.83
CA SER B 1690 -16.57 5.43 31.66
C SER B 1690 -16.34 4.21 30.77
N ASP B 1691 -15.12 3.72 30.68
CA ASP B 1691 -14.80 2.60 29.79
C ASP B 1691 -14.87 1.24 30.47
N MET B 1692 -15.20 1.19 31.77
CA MET B 1692 -15.18 -0.10 32.49
C MET B 1692 -16.28 -1.07 32.14
N LEU B 1693 -17.45 -0.59 31.76
CA LEU B 1693 -18.60 -1.47 31.64
C LEU B 1693 -19.54 -1.05 30.55
N THR B 1694 -20.06 -2.02 29.84
CA THR B 1694 -21.15 -1.77 28.93
C THR B 1694 -22.20 -2.81 29.19
N TYR B 1695 -23.43 -2.35 29.23
CA TYR B 1695 -24.58 -3.20 29.43
C TYR B 1695 -25.56 -3.02 28.31
N THR B 1696 -26.34 -4.07 28.09
CA THR B 1696 -27.46 -4.03 27.18
C THR B 1696 -28.59 -4.77 27.88
N GLU B 1697 -29.75 -4.15 27.93
CA GLU B 1697 -30.90 -4.74 28.60
C GLU B 1697 -31.38 -5.95 27.84
N LEU B 1698 -31.72 -6.96 28.58
CA LEU B 1698 -32.28 -8.17 28.02
C LEU B 1698 -33.78 -8.22 28.17
N VAL B 1699 -34.44 -8.53 27.07
CA VAL B 1699 -35.88 -8.44 26.96
C VAL B 1699 -36.48 -9.58 26.17
N LEU B 1700 -37.64 -10.00 26.64
CA LEU B 1700 -38.43 -11.08 26.09
C LEU B 1700 -39.18 -10.61 24.86
N ASP B 1701 -39.05 -11.34 23.77
CA ASP B 1701 -39.86 -11.08 22.59
C ASP B 1701 -41.26 -11.68 22.78
N ASP B 1702 -42.07 -11.67 21.72
CA ASP B 1702 -43.40 -12.25 21.78
C ASP B 1702 -43.35 -13.74 22.09
N GLN B 1703 -42.35 -14.43 21.54
CA GLN B 1703 -42.18 -15.86 21.68
C GLN B 1703 -41.42 -16.27 22.93
N GLY B 1704 -41.24 -15.37 23.88
CA GLY B 1704 -40.47 -15.71 25.04
C GLY B 1704 -39.03 -16.03 24.74
N GLN B 1705 -38.47 -15.42 23.70
CA GLN B 1705 -37.10 -15.60 23.31
C GLN B 1705 -36.33 -14.31 23.55
N LEU B 1706 -35.05 -14.48 23.90
CA LEU B 1706 -34.23 -13.36 24.30
C LEU B 1706 -33.78 -12.41 23.22
N VAL B 1707 -33.79 -11.13 23.58
CA VAL B 1707 -33.43 -10.04 22.70
C VAL B 1707 -32.64 -8.95 23.42
N HIS B 1708 -31.54 -8.53 22.80
CA HIS B 1708 -30.65 -7.50 23.30
C HIS B 1708 -31.16 -6.12 22.94
N MET B 1709 -31.29 -5.24 23.93
CA MET B 1709 -31.91 -3.95 23.73
C MET B 1709 -31.12 -2.87 24.44
N ASN B 1710 -30.80 -1.82 23.71
CA ASN B 1710 -30.07 -0.65 24.20
C ASN B 1710 -31.08 0.50 24.32
N ARG B 1711 -31.82 0.55 25.42
CA ARG B 1711 -32.86 1.57 25.58
C ARG B 1711 -32.60 2.44 26.79
N LEU B 1712 -33.33 3.53 26.80
CA LEU B 1712 -33.26 4.56 27.83
C LEU B 1712 -33.85 4.02 29.13
N PRO B 1713 -33.29 4.37 30.29
CA PRO B 1713 -33.89 3.86 31.52
C PRO B 1713 -35.32 4.37 31.66
N GLY B 1714 -36.15 3.53 32.25
CA GLY B 1714 -37.55 3.85 32.42
C GLY B 1714 -38.46 3.23 31.40
N GLY B 1715 -37.95 2.38 30.52
CA GLY B 1715 -38.76 1.96 29.38
C GLY B 1715 -39.62 0.75 29.62
N ASN B 1716 -39.51 0.15 30.79
CA ASN B 1716 -40.20 -1.09 31.08
C ASN B 1716 -41.71 -1.01 30.97
N GLU B 1717 -42.28 -2.05 30.39
CA GLU B 1717 -43.73 -2.23 30.32
C GLU B 1717 -44.18 -3.39 31.19
N ILE B 1718 -43.26 -3.95 31.99
CA ILE B 1718 -43.56 -5.01 32.94
C ILE B 1718 -42.73 -4.78 34.18
N GLY B 1719 -43.10 -5.50 35.23
CA GLY B 1719 -42.51 -5.33 36.53
C GLY B 1719 -41.19 -6.04 36.77
N MET B 1720 -40.45 -6.32 35.71
CA MET B 1720 -39.19 -7.05 35.82
C MET B 1720 -38.23 -6.43 34.84
N VAL B 1721 -36.96 -6.35 35.23
CA VAL B 1721 -35.92 -5.77 34.39
C VAL B 1721 -34.71 -6.67 34.41
N ALA B 1722 -34.05 -6.76 33.25
CA ALA B 1722 -32.87 -7.61 33.10
C ALA B 1722 -31.86 -7.00 32.14
N TRP B 1723 -30.59 -7.30 32.39
CA TRP B 1723 -29.49 -6.88 31.53
C TRP B 1723 -28.41 -7.94 31.41
N LYS B 1724 -27.75 -7.88 30.28
CA LYS B 1724 -26.44 -8.47 30.11
C LYS B 1724 -25.47 -7.38 30.45
N MET B 1725 -24.48 -7.74 31.23
CA MET B 1725 -23.51 -6.79 31.70
C MET B 1725 -22.16 -7.34 31.34
N THR B 1726 -21.32 -6.45 30.83
CA THR B 1726 -19.93 -6.73 30.54
C THR B 1726 -19.11 -5.73 31.32
N PHE B 1727 -18.12 -6.23 32.04
CA PHE B 1727 -17.27 -5.31 32.75
C PHE B 1727 -15.85 -5.82 32.88
N LYS B 1728 -14.99 -4.84 33.05
CA LYS B 1728 -13.56 -5.01 33.18
C LYS B 1728 -13.25 -5.08 34.65
N SER B 1729 -12.54 -6.12 35.07
CA SER B 1729 -12.21 -6.23 36.47
C SER B 1729 -10.72 -6.46 36.67
N PRO B 1730 -10.21 -6.22 37.88
CA PRO B 1730 -8.78 -6.39 38.14
C PRO B 1730 -8.31 -7.77 37.76
N GLU B 1731 -9.21 -8.68 38.09
CA GLU B 1731 -9.11 -10.11 37.92
C GLU B 1731 -9.42 -10.56 36.49
N TYR B 1732 -10.24 -9.81 35.76
CA TYR B 1732 -10.59 -10.10 34.37
C TYR B 1732 -10.42 -8.78 33.64
N PRO B 1733 -9.18 -8.36 33.39
CA PRO B 1733 -9.01 -7.01 32.87
C PRO B 1733 -9.52 -6.91 31.47
N GLU B 1734 -9.55 -8.01 30.75
CA GLU B 1734 -10.16 -7.98 29.44
C GLU B 1734 -11.66 -8.12 29.54
N GLY B 1735 -12.17 -8.51 30.71
CA GLY B 1735 -13.61 -8.51 30.91
C GLY B 1735 -14.28 -9.83 31.22
N ARG B 1736 -15.43 -9.73 31.86
CA ARG B 1736 -16.24 -10.86 32.27
C ARG B 1736 -17.67 -10.39 32.16
N ASP B 1737 -18.54 -11.36 31.95
CA ASP B 1737 -19.95 -11.10 31.71
C ASP B 1737 -20.76 -11.68 32.87
N ILE B 1738 -21.84 -10.99 33.23
CA ILE B 1738 -22.82 -11.54 34.16
C ILE B 1738 -24.20 -11.13 33.66
N ILE B 1739 -25.22 -11.82 34.15
CA ILE B 1739 -26.62 -11.45 33.91
C ILE B 1739 -27.23 -10.94 35.20
N VAL B 1740 -27.84 -9.77 35.13
CA VAL B 1740 -28.47 -9.17 36.31
C VAL B 1740 -29.95 -8.96 36.03
N ILE B 1741 -30.80 -9.55 36.87
CA ILE B 1741 -32.26 -9.43 36.82
C ILE B 1741 -32.80 -8.90 38.13
N GLY B 1742 -33.83 -8.05 38.06
CA GLY B 1742 -34.42 -7.54 39.27
C GLY B 1742 -35.88 -7.14 39.11
N ASN B 1743 -36.71 -7.45 40.10
CA ASN B 1743 -38.07 -6.91 40.13
C ASN B 1743 -38.11 -5.44 40.56
N ASP B 1744 -39.11 -4.72 40.07
CA ASP B 1744 -39.46 -3.38 40.58
C ASP B 1744 -40.73 -3.40 41.44
N ILE B 1745 -40.57 -3.42 42.77
CA ILE B 1745 -41.73 -3.52 43.63
C ILE B 1745 -42.68 -2.35 43.45
N THR B 1746 -42.19 -1.24 42.91
CA THR B 1746 -43.04 -0.11 42.66
C THR B 1746 -43.95 -0.29 41.45
N TYR B 1747 -43.63 -1.20 40.55
CA TYR B 1747 -44.46 -1.43 39.38
C TYR B 1747 -45.43 -2.57 39.62
N ARG B 1748 -46.69 -2.22 39.83
CA ARG B 1748 -47.73 -3.19 40.05
C ARG B 1748 -47.35 -4.12 41.19
N ILE B 1749 -47.16 -3.52 42.36
CA ILE B 1749 -46.66 -4.11 43.62
C ILE B 1749 -45.75 -5.34 43.40
N GLY B 1750 -44.97 -5.34 42.32
CA GLY B 1750 -44.09 -6.47 42.07
C GLY B 1750 -44.75 -7.80 41.82
N SER B 1751 -45.98 -7.81 41.32
CA SER B 1751 -46.58 -9.11 41.08
C SER B 1751 -45.81 -9.87 40.01
N PHE B 1752 -46.11 -11.14 39.95
CA PHE B 1752 -45.37 -12.07 39.11
C PHE B 1752 -46.33 -12.50 38.03
N GLY B 1753 -46.28 -11.85 36.89
CA GLY B 1753 -47.03 -12.35 35.80
C GLY B 1753 -46.24 -13.35 34.99
N PRO B 1754 -46.91 -13.90 33.98
CA PRO B 1754 -46.30 -14.91 33.13
C PRO B 1754 -45.14 -14.37 32.35
N GLN B 1755 -45.25 -13.12 31.96
CA GLN B 1755 -44.17 -12.50 31.24
C GLN B 1755 -42.97 -12.28 32.13
N GLU B 1756 -43.21 -11.89 33.38
CA GLU B 1756 -42.11 -11.68 34.32
C GLU B 1756 -41.37 -12.97 34.59
N ASP B 1757 -42.14 -14.01 34.83
CA ASP B 1757 -41.55 -15.29 35.12
C ASP B 1757 -40.76 -15.78 33.92
N LEU B 1758 -41.28 -15.49 32.72
CA LEU B 1758 -40.68 -16.05 31.53
C LEU B 1758 -39.39 -15.37 31.16
N LEU B 1759 -39.35 -14.04 31.22
CA LEU B 1759 -38.10 -13.36 30.90
C LEU B 1759 -37.00 -13.80 31.85
N PHE B 1760 -37.30 -13.84 33.17
CA PHE B 1760 -36.26 -14.26 34.10
C PHE B 1760 -35.74 -15.63 33.71
N LEU B 1761 -36.67 -16.54 33.49
CA LEU B 1761 -36.34 -17.89 33.12
C LEU B 1761 -35.40 -17.95 31.92
N ARG B 1762 -35.77 -17.31 30.82
CA ARG B 1762 -35.00 -17.45 29.59
C ARG B 1762 -33.64 -16.77 29.69
N ALA B 1763 -33.55 -15.71 30.50
CA ALA B 1763 -32.24 -15.08 30.71
C ALA B 1763 -31.33 -16.03 31.44
N SER B 1764 -31.87 -16.73 32.42
CA SER B 1764 -31.06 -17.68 33.14
C SER B 1764 -30.62 -18.74 32.17
N GLU B 1765 -31.53 -19.17 31.30
CA GLU B 1765 -31.23 -20.17 30.29
C GLU B 1765 -30.03 -19.73 29.46
N LEU B 1766 -29.92 -18.45 29.17
CA LEU B 1766 -28.77 -17.99 28.42
C LEU B 1766 -27.54 -18.09 29.29
N ALA B 1767 -27.69 -17.68 30.55
CA ALA B 1767 -26.62 -17.76 31.51
C ALA B 1767 -26.02 -19.14 31.59
N ARG B 1768 -26.85 -20.16 31.74
CA ARG B 1768 -26.34 -21.52 31.81
C ARG B 1768 -25.72 -21.93 30.49
N ALA B 1769 -26.31 -21.49 29.36
CA ALA B 1769 -25.80 -21.91 28.06
C ALA B 1769 -24.35 -21.53 27.94
N GLU B 1770 -23.99 -20.36 28.47
CA GLU B 1770 -22.62 -19.88 28.40
C GLU B 1770 -21.88 -20.20 29.69
N GLY B 1771 -22.59 -20.73 30.69
CA GLY B 1771 -21.97 -21.10 31.93
C GLY B 1771 -21.75 -19.96 32.87
N ILE B 1772 -22.35 -18.81 32.59
CA ILE B 1772 -22.13 -17.57 33.30
C ILE B 1772 -23.12 -17.21 34.42
N PRO B 1773 -22.73 -16.33 35.36
CA PRO B 1773 -23.55 -16.07 36.57
C PRO B 1773 -24.88 -15.31 36.43
N ARG B 1774 -25.77 -15.59 37.38
CA ARG B 1774 -27.10 -15.00 37.50
C ARG B 1774 -27.35 -14.25 38.83
N ILE B 1775 -27.60 -12.92 38.76
CA ILE B 1775 -27.91 -12.06 39.93
C ILE B 1775 -29.40 -11.72 39.98
N TYR B 1776 -30.07 -11.99 41.11
CA TYR B 1776 -31.51 -11.75 41.23
C TYR B 1776 -31.77 -10.73 42.34
N VAL B 1777 -32.40 -9.62 41.98
CA VAL B 1777 -32.87 -8.61 42.93
C VAL B 1777 -34.32 -8.80 43.33
N SER B 1778 -34.46 -9.20 44.60
CA SER B 1778 -35.72 -9.58 45.20
C SER B 1778 -36.29 -8.48 46.07
N ALA B 1779 -37.44 -7.95 45.69
CA ALA B 1779 -38.19 -7.06 46.55
C ALA B 1779 -39.66 -7.17 46.13
N ASN B 1780 -40.49 -7.91 46.85
CA ASN B 1780 -41.74 -8.27 46.18
C ASN B 1780 -42.83 -8.62 47.19
N SER B 1781 -44.00 -8.95 46.62
CA SER B 1781 -45.25 -9.31 47.29
C SER B 1781 -45.75 -10.62 46.73
N GLY B 1782 -44.85 -11.43 46.16
CA GLY B 1782 -45.30 -12.62 45.58
C GLY B 1782 -46.20 -12.48 44.38
N ALA B 1783 -46.94 -13.56 44.21
CA ALA B 1783 -47.77 -13.85 43.05
C ALA B 1783 -48.84 -12.81 42.84
N ARG B 1784 -49.21 -12.62 41.59
CA ARG B 1784 -50.24 -11.64 41.26
C ARG B 1784 -51.56 -12.08 41.88
N ILE B 1785 -52.34 -11.10 42.35
CA ILE B 1785 -53.63 -11.36 42.94
C ILE B 1785 -54.66 -10.51 42.20
N GLY B 1786 -55.88 -11.01 42.07
CA GLY B 1786 -56.96 -10.18 41.54
C GLY B 1786 -58.27 -10.91 41.58
N LEU B 1787 -59.35 -10.14 41.41
CA LEU B 1787 -60.67 -10.70 41.18
C LEU B 1787 -61.24 -10.16 39.88
N ALA B 1788 -62.00 -10.99 39.18
CA ALA B 1788 -62.60 -10.58 37.92
C ALA B 1788 -63.63 -9.49 38.21
N GLU B 1789 -63.22 -8.25 37.99
CA GLU B 1789 -64.06 -7.09 38.29
C GLU B 1789 -65.38 -7.12 37.54
N GLU B 1790 -65.34 -7.52 36.27
CA GLU B 1790 -66.52 -7.53 35.42
C GLU B 1790 -67.64 -8.31 36.07
N ILE B 1791 -67.29 -9.35 36.83
CA ILE B 1791 -68.29 -10.13 37.53
C ILE B 1791 -68.55 -9.58 38.91
N ARG B 1792 -67.48 -9.10 39.58
CA ARG B 1792 -67.65 -8.60 40.94
C ARG B 1792 -68.75 -7.58 41.00
N HIS B 1793 -68.82 -6.74 39.95
CA HIS B 1793 -69.72 -5.60 39.93
C HIS B 1793 -71.09 -5.87 39.34
N MET B 1794 -71.38 -7.09 38.92
CA MET B 1794 -72.69 -7.34 38.33
C MET B 1794 -73.37 -8.60 38.84
N PHE B 1795 -72.76 -9.38 39.72
CA PHE B 1795 -73.48 -10.57 40.16
C PHE B 1795 -74.57 -10.23 41.16
N HIS B 1796 -75.59 -11.09 41.21
CA HIS B 1796 -76.70 -10.98 42.15
C HIS B 1796 -76.78 -12.23 43.00
N VAL B 1797 -77.39 -12.08 44.16
CA VAL B 1797 -77.51 -13.16 45.12
C VAL B 1797 -78.94 -13.72 45.10
N ALA B 1798 -79.04 -15.04 45.03
CA ALA B 1798 -80.29 -15.81 45.11
C ALA B 1798 -80.55 -16.26 46.54
N TRP B 1799 -81.29 -15.46 47.31
CA TRP B 1799 -81.49 -15.81 48.72
C TRP B 1799 -82.40 -16.99 48.97
N VAL B 1800 -82.05 -17.70 50.04
CA VAL B 1800 -82.92 -18.71 50.61
C VAL B 1800 -84.24 -18.04 50.96
N ASP B 1801 -84.16 -16.86 51.57
CA ASP B 1801 -85.33 -16.07 51.91
C ASP B 1801 -84.99 -14.59 51.80
N PRO B 1802 -85.66 -13.82 50.93
CA PRO B 1802 -85.34 -12.39 50.86
C PRO B 1802 -85.74 -11.64 52.12
N GLU B 1803 -86.90 -11.99 52.67
CA GLU B 1803 -87.42 -11.44 53.92
C GLU B 1803 -86.58 -11.75 55.14
N ASP B 1804 -85.56 -12.58 55.03
CA ASP B 1804 -84.60 -12.70 56.11
C ASP B 1804 -83.28 -13.16 55.52
N PRO B 1805 -82.26 -12.29 55.43
CA PRO B 1805 -81.00 -12.72 54.81
C PRO B 1805 -80.26 -13.72 55.66
N TYR B 1806 -80.42 -13.65 56.99
CA TYR B 1806 -79.67 -14.50 57.89
C TYR B 1806 -80.09 -15.96 57.76
N LYS B 1807 -81.19 -16.25 57.05
CA LYS B 1807 -81.54 -17.58 56.58
C LYS B 1807 -80.67 -18.13 55.46
N GLY B 1808 -79.51 -17.55 55.21
CA GLY B 1808 -78.62 -18.11 54.24
C GLY B 1808 -78.93 -17.69 52.81
N TYR B 1809 -77.94 -17.91 51.95
CA TYR B 1809 -78.02 -17.73 50.51
C TYR B 1809 -77.69 -19.01 49.76
N ARG B 1810 -78.27 -19.14 48.56
CA ARG B 1810 -78.09 -20.35 47.76
C ARG B 1810 -76.97 -20.27 46.74
N TYR B 1811 -76.94 -19.20 45.95
CA TYR B 1811 -75.95 -19.06 44.90
C TYR B 1811 -75.91 -17.64 44.36
N LEU B 1812 -74.86 -17.38 43.59
CA LEU B 1812 -74.66 -16.13 42.87
C LEU B 1812 -75.05 -16.42 41.42
N TYR B 1813 -75.56 -15.41 40.71
CA TYR B 1813 -76.05 -15.59 39.35
C TYR B 1813 -76.07 -14.24 38.65
N LEU B 1814 -76.32 -14.27 37.34
CA LEU B 1814 -76.41 -13.05 36.54
C LEU B 1814 -77.79 -12.86 35.93
N THR B 1815 -78.22 -11.61 35.90
CA THR B 1815 -79.42 -11.24 35.20
C THR B 1815 -79.13 -11.45 33.72
N PRO B 1816 -80.15 -11.62 32.86
CA PRO B 1816 -79.82 -11.88 31.46
C PRO B 1816 -79.04 -10.80 30.77
N GLN B 1817 -79.29 -9.56 31.13
CA GLN B 1817 -78.48 -8.46 30.62
C GLN B 1817 -77.02 -8.69 30.98
N ASP B 1818 -76.77 -9.00 32.25
CA ASP B 1818 -75.41 -9.25 32.70
C ASP B 1818 -74.78 -10.50 32.10
N TYR B 1819 -75.53 -11.58 31.83
CA TYR B 1819 -74.84 -12.73 31.26
C TYR B 1819 -74.43 -12.38 29.85
N LYS B 1820 -75.29 -11.66 29.14
CA LYS B 1820 -75.14 -11.36 27.72
C LYS B 1820 -73.88 -10.59 27.33
N ARG B 1821 -72.95 -10.32 28.26
CA ARG B 1821 -71.82 -9.44 27.98
C ARG B 1821 -70.48 -10.10 28.26
N VAL B 1822 -70.25 -10.60 29.48
CA VAL B 1822 -69.14 -11.51 29.75
C VAL B 1822 -69.27 -12.82 28.96
N SER B 1823 -70.52 -13.24 28.65
CA SER B 1823 -70.76 -14.54 28.03
C SER B 1823 -70.00 -14.75 26.74
N ALA B 1824 -69.94 -13.74 25.89
CA ALA B 1824 -69.19 -13.86 24.65
C ALA B 1824 -67.69 -14.10 24.85
N LEU B 1825 -67.14 -13.92 26.06
CA LEU B 1825 -65.72 -13.68 26.19
C LEU B 1825 -64.89 -14.73 26.94
N ASN B 1826 -65.42 -15.91 27.22
CA ASN B 1826 -64.66 -16.95 27.92
C ASN B 1826 -64.19 -16.43 29.28
N SER B 1827 -65.10 -15.79 29.99
CA SER B 1827 -64.86 -15.11 31.25
C SER B 1827 -65.19 -15.92 32.49
N VAL B 1828 -66.33 -16.61 32.49
CA VAL B 1828 -66.77 -17.45 33.59
C VAL B 1828 -67.35 -18.74 33.01
N HIS B 1829 -67.58 -19.71 33.89
CA HIS B 1829 -68.40 -20.86 33.52
C HIS B 1829 -69.68 -20.84 34.34
N CYS B 1830 -70.81 -20.86 33.62
CA CYS B 1830 -72.16 -20.89 34.17
C CYS B 1830 -72.95 -22.04 33.58
N GLU B 1831 -74.09 -22.27 34.21
CA GLU B 1831 -75.16 -23.14 33.72
C GLU B 1831 -76.50 -22.41 33.68
N HIS B 1832 -77.25 -22.63 32.60
CA HIS B 1832 -78.55 -22.00 32.51
C HIS B 1832 -79.39 -22.63 33.58
N VAL B 1833 -80.26 -21.85 34.20
CA VAL B 1833 -81.18 -22.38 35.18
C VAL B 1833 -82.47 -21.60 35.17
N GLU B 1834 -83.57 -22.29 35.43
CA GLU B 1834 -84.83 -21.65 35.76
C GLU B 1834 -84.96 -21.72 37.28
N ASP B 1835 -85.19 -20.59 37.94
CA ASP B 1835 -85.28 -20.61 39.39
C ASP B 1835 -86.19 -19.47 39.83
N GLU B 1836 -86.98 -19.72 40.88
CA GLU B 1836 -87.94 -18.78 41.44
C GLU B 1836 -88.70 -18.07 40.32
N GLY B 1837 -89.00 -18.81 39.26
CA GLY B 1837 -89.70 -18.33 38.10
C GLY B 1837 -88.74 -17.79 37.07
N GLU B 1838 -87.77 -17.00 37.49
CA GLU B 1838 -86.88 -16.33 36.54
C GLU B 1838 -85.79 -17.27 36.03
N SER B 1839 -85.24 -16.92 34.86
CA SER B 1839 -84.16 -17.65 34.22
C SER B 1839 -82.86 -16.90 34.49
N ARG B 1840 -81.90 -17.61 35.06
CA ARG B 1840 -80.66 -17.05 35.54
C ARG B 1840 -79.55 -17.89 34.94
N TYR B 1841 -78.33 -17.36 34.90
CA TYR B 1841 -77.20 -18.16 34.43
C TYR B 1841 -76.35 -18.30 35.68
N LYS B 1842 -76.64 -19.39 36.36
CA LYS B 1842 -76.04 -19.75 37.62
C LYS B 1842 -74.56 -19.98 37.48
N ILE B 1843 -73.79 -19.28 38.31
CA ILE B 1843 -72.33 -19.35 38.23
C ILE B 1843 -71.82 -20.60 38.91
N THR B 1844 -71.13 -21.42 38.12
CA THR B 1844 -70.64 -22.70 38.58
C THR B 1844 -69.16 -22.63 38.86
N ASP B 1845 -68.43 -21.89 38.02
CA ASP B 1845 -67.03 -21.60 38.20
C ASP B 1845 -66.80 -20.19 37.73
N ILE B 1846 -65.97 -19.46 38.45
CA ILE B 1846 -65.55 -18.14 38.01
C ILE B 1846 -64.14 -18.28 37.50
N ILE B 1847 -64.02 -18.01 36.22
CA ILE B 1847 -62.78 -18.20 35.51
C ILE B 1847 -61.97 -16.92 35.45
N GLY B 1848 -62.64 -15.83 35.14
CA GLY B 1848 -62.07 -14.51 35.22
C GLY B 1848 -61.40 -14.31 33.87
N LYS B 1849 -61.94 -13.41 33.06
CA LYS B 1849 -61.41 -13.22 31.71
C LYS B 1849 -60.02 -12.63 31.68
N GLU B 1850 -59.60 -11.92 32.72
CA GLU B 1850 -58.24 -11.41 32.70
C GLU B 1850 -57.28 -12.57 32.91
N GLU B 1851 -56.44 -12.83 31.92
CA GLU B 1851 -55.43 -13.86 32.02
C GLU B 1851 -54.26 -13.38 32.87
N GLY B 1852 -53.72 -14.26 33.71
CA GLY B 1852 -52.50 -13.94 34.44
C GLY B 1852 -52.66 -13.59 35.89
N ILE B 1853 -53.87 -13.62 36.44
CA ILE B 1853 -54.12 -13.28 37.85
C ILE B 1853 -54.55 -14.49 38.66
N GLY B 1854 -54.33 -15.69 38.15
CA GLY B 1854 -54.86 -16.88 38.74
C GLY B 1854 -53.70 -17.77 39.12
N PRO B 1855 -53.98 -19.03 39.45
CA PRO B 1855 -52.93 -19.92 39.88
C PRO B 1855 -51.88 -20.26 38.79
N GLU B 1856 -52.10 -19.90 37.53
CA GLU B 1856 -51.03 -19.98 36.54
C GLU B 1856 -49.77 -19.27 37.01
N ASN B 1857 -49.90 -18.17 37.77
CA ASN B 1857 -48.71 -17.47 38.23
C ASN B 1857 -47.95 -18.37 39.18
N LEU B 1858 -48.69 -19.28 39.82
CA LEU B 1858 -48.15 -20.25 40.73
C LEU B 1858 -47.38 -21.28 39.93
N ARG B 1859 -47.95 -21.69 38.77
CA ARG B 1859 -47.21 -22.61 37.92
C ARG B 1859 -45.91 -21.96 37.51
N GLY B 1860 -45.99 -20.72 37.05
CA GLY B 1860 -44.82 -20.00 36.60
C GLY B 1860 -43.79 -19.96 37.71
N SER B 1861 -44.28 -19.81 38.93
CA SER B 1861 -43.41 -19.72 40.07
C SER B 1861 -42.69 -21.03 40.28
N GLY B 1862 -43.43 -22.12 40.36
CA GLY B 1862 -42.79 -23.41 40.43
C GLY B 1862 -41.76 -23.64 39.33
N MET B 1863 -42.15 -23.29 38.10
CA MET B 1863 -41.30 -23.42 36.91
C MET B 1863 -39.94 -22.79 37.10
N ILE B 1864 -39.94 -21.57 37.61
CA ILE B 1864 -38.67 -20.89 37.78
C ILE B 1864 -37.96 -21.40 39.00
N ALA B 1865 -38.69 -21.99 39.93
CA ALA B 1865 -38.03 -22.67 41.02
C ALA B 1865 -37.22 -23.85 40.52
N GLY B 1866 -37.86 -24.75 39.77
CA GLY B 1866 -37.15 -25.91 39.25
C GLY B 1866 -35.94 -25.51 38.42
N GLU B 1867 -36.17 -24.59 37.49
CA GLU B 1867 -35.09 -24.13 36.63
C GLU B 1867 -33.98 -23.58 37.46
N SER B 1868 -34.32 -22.88 38.52
CA SER B 1868 -33.32 -22.25 39.33
C SER B 1868 -32.52 -23.30 40.07
N SER B 1869 -33.18 -24.33 40.53
CA SER B 1869 -32.48 -25.46 41.15
C SER B 1869 -31.47 -26.12 40.23
N LEU B 1870 -31.87 -26.35 38.98
CA LEU B 1870 -30.98 -27.01 38.03
C LEU B 1870 -29.83 -26.08 37.70
N ALA B 1871 -30.22 -24.85 37.43
CA ALA B 1871 -29.29 -23.81 37.12
C ALA B 1871 -28.27 -23.78 38.23
N TYR B 1872 -28.76 -23.87 39.45
CA TYR B 1872 -27.88 -23.81 40.59
C TYR B 1872 -26.87 -24.93 40.57
N ASN B 1873 -27.29 -26.09 40.13
CA ASN B 1873 -26.30 -27.13 40.06
C ASN B 1873 -25.34 -26.97 38.90
N GLU B 1874 -25.60 -25.99 38.01
CA GLU B 1874 -24.77 -25.81 36.83
C GLU B 1874 -24.01 -24.48 36.77
N ILE B 1875 -24.52 -23.38 37.33
CA ILE B 1875 -23.90 -22.07 37.24
C ILE B 1875 -24.12 -21.37 38.58
N ILE B 1876 -23.53 -20.19 38.69
CA ILE B 1876 -23.61 -19.35 39.89
C ILE B 1876 -24.89 -18.52 39.96
N THR B 1877 -25.60 -18.61 41.08
CA THR B 1877 -26.77 -17.78 41.34
C THR B 1877 -26.51 -16.98 42.60
N ILE B 1878 -26.85 -15.69 42.62
CA ILE B 1878 -26.78 -14.91 43.87
C ILE B 1878 -28.00 -14.01 43.93
N SER B 1879 -28.49 -13.75 45.16
CA SER B 1879 -29.69 -12.96 45.29
C SER B 1879 -29.62 -12.00 46.46
N LEU B 1880 -30.19 -10.81 46.24
CA LEU B 1880 -30.25 -9.76 47.25
C LEU B 1880 -31.66 -9.25 47.52
N VAL B 1881 -32.08 -9.33 48.77
CA VAL B 1881 -33.40 -8.92 49.25
C VAL B 1881 -33.34 -7.59 49.98
N THR B 1882 -34.04 -6.60 49.45
CA THR B 1882 -33.90 -5.21 49.84
C THR B 1882 -34.99 -4.76 50.79
N CYS B 1883 -36.25 -5.06 50.47
CA CYS B 1883 -37.41 -4.61 51.23
C CYS B 1883 -38.21 -5.78 51.76
N ARG B 1884 -38.69 -6.65 50.88
CA ARG B 1884 -39.33 -7.85 51.38
C ARG B 1884 -39.42 -8.81 50.21
N ALA B 1885 -39.23 -10.09 50.48
CA ALA B 1885 -39.50 -11.12 49.50
C ALA B 1885 -40.64 -11.99 49.96
N ILE B 1886 -41.65 -12.03 49.12
CA ILE B 1886 -42.89 -12.73 49.36
C ILE B 1886 -43.10 -13.84 48.35
N GLY B 1887 -43.56 -14.95 48.89
CA GLY B 1887 -43.89 -16.15 48.18
C GLY B 1887 -42.79 -16.64 47.27
N ILE B 1888 -43.06 -16.69 45.97
CA ILE B 1888 -42.07 -17.24 45.05
C ILE B 1888 -40.74 -16.52 45.13
N GLY B 1889 -40.75 -15.22 45.42
CA GLY B 1889 -39.49 -14.51 45.58
C GLY B 1889 -38.64 -15.07 46.71
N ALA B 1890 -39.27 -15.29 47.85
CA ALA B 1890 -38.61 -15.91 48.98
C ALA B 1890 -38.09 -17.28 48.62
N TYR B 1891 -38.93 -18.06 47.97
CA TYR B 1891 -38.53 -19.44 47.72
C TYR B 1891 -37.35 -19.48 46.75
N LEU B 1892 -37.33 -18.61 45.72
CA LEU B 1892 -36.18 -18.61 44.81
C LEU B 1892 -34.91 -18.12 45.47
N VAL B 1893 -35.01 -17.22 46.44
CA VAL B 1893 -33.77 -16.71 47.04
C VAL B 1893 -33.20 -17.79 47.89
N ARG B 1894 -34.06 -18.54 48.51
CA ARG B 1894 -33.59 -19.55 49.40
C ARG B 1894 -33.00 -20.64 48.53
N LEU B 1895 -33.70 -20.95 47.45
CA LEU B 1895 -33.21 -21.90 46.46
C LEU B 1895 -31.88 -21.47 45.88
N GLY B 1896 -31.69 -20.15 45.71
CA GLY B 1896 -30.43 -19.56 45.29
C GLY B 1896 -29.36 -19.69 46.31
N GLN B 1897 -29.77 -19.86 47.54
CA GLN B 1897 -28.98 -20.22 48.69
C GLN B 1897 -28.24 -19.00 49.18
N ARG B 1898 -27.52 -18.36 48.28
CA ARG B 1898 -26.75 -17.19 48.64
C ARG B 1898 -27.62 -15.96 48.64
N THR B 1899 -27.72 -15.41 49.84
CA THR B 1899 -28.78 -14.51 50.16
C THR B 1899 -28.28 -13.34 51.00
N ILE B 1900 -28.55 -12.12 50.51
CA ILE B 1900 -28.26 -10.89 51.24
C ILE B 1900 -29.54 -10.19 51.66
N GLN B 1901 -29.58 -9.70 52.90
CA GLN B 1901 -30.81 -9.12 53.44
C GLN B 1901 -30.51 -7.76 54.01
N VAL B 1902 -31.17 -6.77 53.46
CA VAL B 1902 -30.99 -5.42 53.95
C VAL B 1902 -31.75 -5.24 55.25
N GLU B 1903 -31.15 -4.49 56.16
CA GLU B 1903 -31.78 -4.17 57.43
C GLU B 1903 -33.15 -3.54 57.16
N ASN B 1904 -34.10 -3.82 58.05
CA ASN B 1904 -35.51 -3.38 58.04
C ASN B 1904 -36.33 -4.01 56.92
N SER B 1905 -35.74 -4.84 56.08
CA SER B 1905 -36.51 -5.67 55.18
C SER B 1905 -37.08 -6.87 55.95
N HIS B 1906 -38.07 -7.53 55.36
CA HIS B 1906 -38.63 -8.73 56.00
C HIS B 1906 -39.08 -9.76 54.99
N LEU B 1907 -39.13 -11.00 55.46
CA LEU B 1907 -39.17 -12.18 54.59
C LEU B 1907 -40.26 -13.14 55.07
N ILE B 1908 -41.39 -13.13 54.37
CA ILE B 1908 -42.59 -13.81 54.85
C ILE B 1908 -43.42 -14.30 53.68
N LEU B 1909 -44.32 -15.20 54.01
CA LEU B 1909 -45.29 -15.82 53.14
C LEU B 1909 -46.73 -15.33 53.32
N THR B 1910 -47.19 -15.20 54.56
CA THR B 1910 -48.57 -14.82 54.91
C THR B 1910 -48.58 -13.73 55.97
N GLY B 1911 -49.52 -12.79 55.86
CA GLY B 1911 -49.45 -11.58 56.65
C GLY B 1911 -49.94 -11.73 58.08
N ALA B 1912 -49.33 -10.87 58.91
CA ALA B 1912 -49.60 -10.79 60.34
C ALA B 1912 -51.07 -10.67 60.61
N GLY B 1913 -51.78 -9.97 59.75
CA GLY B 1913 -53.20 -9.82 59.96
C GLY B 1913 -53.89 -11.17 59.92
N ALA B 1914 -53.66 -11.92 58.83
CA ALA B 1914 -54.27 -13.22 58.70
C ALA B 1914 -53.95 -14.12 59.89
N LEU B 1915 -52.67 -14.16 60.31
CA LEU B 1915 -52.33 -15.07 61.40
C LEU B 1915 -52.93 -14.64 62.72
N ASN B 1916 -52.88 -13.35 62.97
CA ASN B 1916 -53.44 -12.81 64.19
C ASN B 1916 -54.94 -13.04 64.25
N LYS B 1917 -55.62 -12.85 63.13
CA LYS B 1917 -57.05 -13.08 63.08
C LYS B 1917 -57.42 -14.52 63.39
N VAL B 1918 -56.78 -15.48 62.71
CA VAL B 1918 -57.03 -16.89 63.00
C VAL B 1918 -56.73 -17.23 64.46
N LEU B 1919 -55.72 -16.60 65.06
CA LEU B 1919 -55.31 -16.92 66.43
C LEU B 1919 -55.97 -16.00 67.44
N GLY B 1920 -56.88 -15.14 66.98
CA GLY B 1920 -57.66 -14.34 67.87
C GLY B 1920 -56.94 -13.21 68.57
N ARG B 1921 -55.67 -12.94 68.25
CA ARG B 1921 -55.05 -11.78 68.86
C ARG B 1921 -53.88 -11.33 68.01
N GLU B 1922 -53.39 -10.15 68.34
CA GLU B 1922 -52.27 -9.50 67.66
C GLU B 1922 -50.98 -10.10 68.17
N VAL B 1923 -50.70 -11.35 67.76
CA VAL B 1923 -49.48 -11.99 68.25
C VAL B 1923 -48.29 -11.17 67.78
N TYR B 1924 -48.22 -10.92 66.48
CA TYR B 1924 -47.12 -10.21 65.86
C TYR B 1924 -47.62 -8.84 65.43
N THR B 1925 -46.75 -7.85 65.54
CA THR B 1925 -47.08 -6.47 65.25
C THR B 1925 -46.46 -5.92 63.98
N SER B 1926 -45.45 -6.58 63.44
CA SER B 1926 -44.71 -6.05 62.31
C SER B 1926 -44.14 -7.25 61.58
N ASN B 1927 -44.28 -7.28 60.26
CA ASN B 1927 -43.67 -8.33 59.47
C ASN B 1927 -42.18 -8.52 59.78
N ASN B 1928 -41.48 -7.45 60.16
CA ASN B 1928 -40.07 -7.59 60.56
C ASN B 1928 -39.91 -8.51 61.75
N GLN B 1929 -40.93 -8.57 62.61
CA GLN B 1929 -40.91 -9.51 63.71
C GLN B 1929 -40.81 -10.92 63.16
N LEU B 1930 -41.41 -11.14 62.00
CA LEU B 1930 -41.51 -12.46 61.41
C LEU B 1930 -40.33 -12.85 60.53
N GLY B 1931 -39.86 -11.94 59.67
CA GLY B 1931 -38.88 -12.31 58.65
C GLY B 1931 -37.66 -11.42 58.52
N GLY B 1932 -37.47 -10.50 59.45
CA GLY B 1932 -36.39 -9.56 59.35
C GLY B 1932 -35.08 -10.25 59.64
N ILE B 1933 -34.00 -9.47 59.50
CA ILE B 1933 -32.68 -10.04 59.74
C ILE B 1933 -32.59 -10.53 61.18
N GLN B 1934 -33.36 -9.93 62.08
CA GLN B 1934 -33.32 -10.34 63.46
C GLN B 1934 -33.88 -11.74 63.64
N ILE B 1935 -34.57 -12.25 62.63
CA ILE B 1935 -34.99 -13.64 62.58
C ILE B 1935 -34.09 -14.48 61.70
N MET B 1936 -33.97 -14.10 60.42
CA MET B 1936 -33.33 -14.96 59.45
C MET B 1936 -31.82 -14.98 59.60
N HIS B 1937 -31.25 -13.89 60.11
CA HIS B 1937 -29.83 -13.83 60.34
C HIS B 1937 -29.51 -14.60 61.61
N ASN B 1938 -30.41 -14.50 62.58
CA ASN B 1938 -30.28 -15.23 63.82
C ASN B 1938 -30.54 -16.72 63.66
N ASN B 1939 -31.15 -17.16 62.55
CA ASN B 1939 -31.37 -18.58 62.31
C ASN B 1939 -30.63 -19.12 61.11
N GLY B 1940 -29.86 -18.29 60.42
CA GLY B 1940 -29.05 -18.78 59.34
C GLY B 1940 -29.75 -18.86 58.01
N VAL B 1941 -30.99 -18.37 57.94
CA VAL B 1941 -31.71 -18.23 56.68
C VAL B 1941 -31.09 -17.16 55.80
N THR B 1942 -30.65 -16.06 56.39
CA THR B 1942 -29.91 -15.01 55.69
C THR B 1942 -28.41 -15.23 55.80
N HIS B 1943 -27.70 -15.12 54.66
CA HIS B 1943 -26.28 -15.37 54.68
C HIS B 1943 -25.55 -14.13 55.11
N CYS B 1944 -25.90 -12.99 54.55
CA CYS B 1944 -25.25 -11.76 54.99
C CYS B 1944 -26.32 -10.70 55.08
N THR B 1945 -26.11 -9.76 55.99
CA THR B 1945 -26.96 -8.59 56.10
C THR B 1945 -26.21 -7.30 55.85
N VAL B 1946 -26.93 -6.32 55.31
CA VAL B 1946 -26.34 -5.02 55.03
C VAL B 1946 -27.27 -3.89 55.42
N CYS B 1947 -26.67 -2.72 55.63
CA CYS B 1947 -27.47 -1.59 56.07
C CYS B 1947 -28.14 -0.93 54.87
N ASP B 1948 -27.55 -1.06 53.68
CA ASP B 1948 -28.14 -0.47 52.50
C ASP B 1948 -27.73 -1.20 51.22
N ASP B 1949 -28.38 -0.78 50.14
CA ASP B 1949 -28.17 -1.42 48.85
C ASP B 1949 -26.77 -1.29 48.29
N PHE B 1950 -26.21 -0.08 48.35
CA PHE B 1950 -24.87 0.11 47.80
C PHE B 1950 -23.82 -0.82 48.42
N GLU B 1951 -23.77 -0.87 49.75
CA GLU B 1951 -22.73 -1.68 50.38
C GLU B 1951 -23.01 -3.16 50.15
N GLY B 1952 -24.29 -3.49 49.97
CA GLY B 1952 -24.64 -4.85 49.60
C GLY B 1952 -23.99 -5.21 48.28
N VAL B 1953 -24.21 -4.37 47.28
CA VAL B 1953 -23.68 -4.59 45.95
C VAL B 1953 -22.16 -4.71 45.99
N PHE B 1954 -21.50 -3.87 46.79
CA PHE B 1954 -20.05 -3.99 46.92
C PHE B 1954 -19.69 -5.40 47.33
N THR B 1955 -20.41 -5.93 48.31
CA THR B 1955 -20.13 -7.29 48.73
C THR B 1955 -20.33 -8.28 47.59
N VAL B 1956 -21.41 -8.08 46.81
CA VAL B 1956 -21.71 -8.94 45.66
C VAL B 1956 -20.53 -9.04 44.71
N LEU B 1957 -20.09 -7.88 44.26
CA LEU B 1957 -18.99 -7.82 43.32
C LEU B 1957 -17.74 -8.40 43.94
N HIS B 1958 -17.59 -8.22 45.24
CA HIS B 1958 -16.41 -8.72 45.91
C HIS B 1958 -16.40 -10.22 45.83
N TRP B 1959 -17.55 -10.84 46.09
CA TRP B 1959 -17.64 -12.28 45.87
C TRP B 1959 -17.28 -12.65 44.45
N LEU B 1960 -17.90 -11.97 43.48
CA LEU B 1960 -17.58 -12.29 42.08
C LEU B 1960 -16.11 -12.20 41.81
N SER B 1961 -15.38 -11.42 42.58
CA SER B 1961 -13.96 -11.27 42.42
C SER B 1961 -13.24 -12.55 42.76
N TYR B 1962 -13.92 -13.46 43.42
CA TYR B 1962 -13.37 -14.77 43.64
C TYR B 1962 -13.72 -15.78 42.58
N MET B 1963 -14.59 -15.42 41.63
CA MET B 1963 -15.16 -16.48 40.82
C MET B 1963 -14.91 -16.48 39.31
N PRO B 1964 -14.76 -17.66 38.71
CA PRO B 1964 -14.49 -17.75 37.28
C PRO B 1964 -15.66 -17.40 36.42
N LYS B 1965 -15.39 -16.71 35.34
CA LYS B 1965 -16.43 -16.29 34.44
C LYS B 1965 -17.35 -17.44 34.07
N SER B 1966 -16.77 -18.61 33.87
CA SER B 1966 -17.49 -19.81 33.54
C SER B 1966 -16.74 -20.98 34.10
N VAL B 1967 -17.32 -22.15 33.92
CA VAL B 1967 -16.71 -23.39 34.34
C VAL B 1967 -15.57 -23.87 33.48
N HIS B 1968 -15.41 -23.39 32.24
CA HIS B 1968 -14.25 -23.91 31.52
C HIS B 1968 -12.95 -23.25 31.88
N SER B 1969 -12.94 -22.29 32.79
CA SER B 1969 -11.76 -21.48 32.99
C SER B 1969 -11.28 -21.57 34.41
N SER B 1970 -10.00 -21.39 34.58
CA SER B 1970 -9.48 -21.36 35.91
C SER B 1970 -9.71 -19.95 36.41
N VAL B 1971 -9.75 -19.78 37.71
CA VAL B 1971 -9.79 -18.41 38.21
C VAL B 1971 -8.60 -17.64 37.63
N PRO B 1972 -8.77 -16.41 37.15
CA PRO B 1972 -7.63 -15.66 36.62
C PRO B 1972 -6.90 -15.09 37.82
N LEU B 1973 -5.62 -15.41 37.93
CA LEU B 1973 -4.84 -15.04 39.09
C LEU B 1973 -4.06 -13.76 38.93
N LEU B 1974 -4.00 -13.02 40.03
CA LEU B 1974 -3.22 -11.82 40.16
C LEU B 1974 -2.02 -12.09 41.05
N ASN B 1975 -1.07 -11.18 40.97
CA ASN B 1975 0.06 -11.07 41.86
C ASN B 1975 -0.21 -10.08 42.98
N SER B 1976 -0.57 -10.60 44.14
CA SER B 1976 -1.09 -9.80 45.24
C SER B 1976 0.07 -9.13 46.00
N LYS B 1977 -0.26 -8.05 46.71
CA LYS B 1977 0.76 -7.34 47.45
C LYS B 1977 1.08 -7.98 48.77
N ASP B 1978 0.25 -8.90 49.24
CA ASP B 1978 0.59 -9.67 50.43
C ASP B 1978 1.35 -10.85 49.85
N PRO B 1979 2.66 -11.00 50.10
CA PRO B 1979 3.39 -12.06 49.40
C PRO B 1979 2.93 -13.44 49.81
N ILE B 1980 3.40 -14.40 49.02
CA ILE B 1980 2.92 -15.76 49.06
C ILE B 1980 3.86 -16.61 49.89
N ASP B 1981 5.15 -16.30 49.79
CA ASP B 1981 6.21 -17.02 50.49
C ASP B 1981 6.53 -16.38 51.83
N ARG B 1982 5.52 -15.85 52.52
CA ARG B 1982 5.64 -15.32 53.87
C ARG B 1982 5.11 -16.33 54.86
N ILE B 1983 5.50 -16.15 56.13
CA ILE B 1983 4.94 -16.95 57.21
C ILE B 1983 3.74 -16.27 57.88
N ILE B 1984 2.93 -17.13 58.48
CA ILE B 1984 1.75 -16.79 59.27
C ILE B 1984 2.19 -16.64 60.72
N GLU B 1985 1.84 -15.53 61.34
CA GLU B 1985 2.33 -15.28 62.70
C GLU B 1985 1.48 -15.94 63.76
N PHE B 1986 0.16 -15.91 63.62
CA PHE B 1986 -0.72 -16.54 64.60
C PHE B 1986 -0.67 -18.06 64.55
N VAL B 1987 -0.58 -18.66 65.73
CA VAL B 1987 -0.44 -20.11 65.89
C VAL B 1987 -1.60 -20.58 66.76
N PRO B 1988 -2.43 -21.52 66.30
CA PRO B 1988 -3.49 -22.05 67.16
C PRO B 1988 -2.96 -22.67 68.44
N THR B 1989 -3.79 -22.59 69.48
CA THR B 1989 -3.38 -22.90 70.83
C THR B 1989 -4.40 -23.90 71.40
N LYS B 1990 -3.98 -24.69 72.40
CA LYS B 1990 -4.97 -25.48 73.10
C LYS B 1990 -5.98 -24.58 73.76
N THR B 1991 -5.47 -23.48 74.30
CA THR B 1991 -6.34 -22.47 74.81
C THR B 1991 -7.19 -21.90 73.67
N PRO B 1992 -8.45 -21.58 73.90
CA PRO B 1992 -9.31 -21.14 72.81
C PRO B 1992 -9.02 -19.75 72.25
N TYR B 1993 -9.51 -19.53 71.02
CA TYR B 1993 -9.30 -18.34 70.21
C TYR B 1993 -10.38 -18.23 69.14
N ASP B 1994 -10.60 -17.01 68.67
CA ASP B 1994 -11.51 -16.77 67.55
C ASP B 1994 -10.84 -17.30 66.29
N PRO B 1995 -11.41 -18.27 65.57
CA PRO B 1995 -10.69 -18.82 64.42
C PRO B 1995 -10.63 -17.87 63.25
N ARG B 1996 -11.40 -16.79 63.29
CA ARG B 1996 -11.28 -15.85 62.22
C ARG B 1996 -9.92 -15.18 62.25
N TRP B 1997 -9.37 -15.00 63.45
CA TRP B 1997 -8.01 -14.51 63.56
C TRP B 1997 -7.06 -15.46 62.87
N MET B 1998 -7.29 -16.75 63.06
CA MET B 1998 -6.48 -17.78 62.43
C MET B 1998 -6.56 -17.71 60.92
N LEU B 1999 -7.73 -17.36 60.41
CA LEU B 1999 -7.93 -17.42 58.97
C LEU B 1999 -7.50 -16.14 58.26
N ALA B 2000 -8.11 -15.03 58.63
CA ALA B 2000 -7.97 -13.76 57.93
C ALA B 2000 -6.95 -12.85 58.60
N GLY B 2001 -6.55 -13.18 59.81
CA GLY B 2001 -5.65 -12.39 60.63
C GLY B 2001 -6.41 -11.44 61.48
N ARG B 2002 -5.65 -10.74 62.30
CA ARG B 2002 -6.23 -9.75 63.19
C ARG B 2002 -5.25 -8.62 63.41
N PRO B 2003 -5.72 -7.49 63.93
CA PRO B 2003 -4.82 -6.42 64.31
C PRO B 2003 -4.02 -6.89 65.50
N HIS B 2004 -2.83 -6.38 65.62
CA HIS B 2004 -2.01 -6.80 66.72
C HIS B 2004 -2.65 -6.22 67.98
N PRO B 2005 -2.94 -7.03 69.00
CA PRO B 2005 -3.46 -6.46 70.27
C PRO B 2005 -2.66 -5.37 70.96
N THR B 2006 -1.34 -5.44 70.96
CA THR B 2006 -0.48 -4.44 71.61
C THR B 2006 -0.06 -3.32 70.66
N GLN B 2007 1.13 -3.43 70.07
CA GLN B 2007 1.68 -2.39 69.21
C GLN B 2007 0.80 -2.30 67.97
N LYS B 2008 -0.31 -1.57 68.12
CA LYS B 2008 -1.15 -1.19 66.98
C LYS B 2008 -0.53 -0.02 66.24
N GLY B 2009 -0.83 0.14 64.94
CA GLY B 2009 -1.67 -0.71 64.10
C GLY B 2009 -0.85 -1.73 63.33
N GLN B 2010 -0.27 -2.67 64.07
CA GLN B 2010 0.30 -3.88 63.53
C GLN B 2010 -0.79 -4.94 63.47
N TRP B 2011 -0.40 -6.10 62.95
CA TRP B 2011 -1.31 -7.18 62.57
C TRP B 2011 -0.71 -8.53 62.92
N LEU B 2012 -1.41 -9.31 63.75
CA LEU B 2012 -1.00 -10.69 63.99
C LEU B 2012 -1.51 -11.43 62.79
N SER B 2013 -0.60 -11.89 61.93
CA SER B 2013 -1.08 -12.42 60.67
C SER B 2013 -1.83 -13.72 60.84
N GLY B 2014 -2.89 -13.80 60.05
CA GLY B 2014 -3.72 -14.97 59.94
C GLY B 2014 -3.24 -15.74 58.75
N PHE B 2015 -4.03 -16.73 58.37
CA PHE B 2015 -3.64 -17.45 57.18
C PHE B 2015 -3.71 -16.53 55.98
N PHE B 2016 -4.81 -15.84 55.81
CA PHE B 2016 -5.03 -15.06 54.60
C PHE B 2016 -4.53 -13.63 54.62
N ASP B 2017 -4.53 -13.09 53.39
CA ASP B 2017 -4.15 -11.73 53.05
C ASP B 2017 -4.92 -10.71 53.85
N TYR B 2018 -4.17 -9.74 54.40
CA TYR B 2018 -4.75 -8.65 55.16
C TYR B 2018 -5.92 -8.04 54.41
N GLY B 2019 -7.06 -8.03 55.07
CA GLY B 2019 -8.23 -7.40 54.53
C GLY B 2019 -8.91 -8.19 53.45
N SER B 2020 -8.52 -9.46 53.22
CA SER B 2020 -9.04 -10.20 52.08
C SER B 2020 -10.17 -11.16 52.36
N PHE B 2021 -10.39 -11.56 53.59
CA PHE B 2021 -11.37 -12.60 53.91
C PHE B 2021 -12.77 -12.05 54.02
N SER B 2022 -13.69 -12.65 53.29
CA SER B 2022 -15.09 -12.22 53.33
C SER B 2022 -15.95 -13.42 53.71
N GLU B 2023 -16.38 -13.37 54.97
CA GLU B 2023 -17.14 -14.41 55.61
C GLU B 2023 -18.55 -14.35 55.08
N ILE B 2024 -19.28 -15.45 55.20
CA ILE B 2024 -20.71 -15.41 55.02
C ILE B 2024 -21.33 -16.30 56.08
N MET B 2025 -22.61 -16.06 56.31
CA MET B 2025 -23.38 -16.79 57.31
C MET B 2025 -22.76 -16.75 58.71
N GLN B 2026 -22.19 -15.62 59.09
CA GLN B 2026 -21.40 -15.58 60.32
C GLN B 2026 -22.14 -15.95 61.60
N PRO B 2027 -23.36 -15.49 61.89
CA PRO B 2027 -23.92 -15.74 63.21
C PRO B 2027 -24.63 -17.05 63.42
N TRP B 2028 -24.73 -17.91 62.42
CA TRP B 2028 -25.44 -19.17 62.60
C TRP B 2028 -24.39 -20.26 62.64
N ALA B 2029 -24.51 -21.08 63.65
CA ALA B 2029 -23.67 -22.22 63.87
C ALA B 2029 -22.18 -21.84 63.83
N GLN B 2030 -21.81 -21.07 64.83
CA GLN B 2030 -20.54 -20.35 64.85
C GLN B 2030 -19.44 -21.21 65.45
N THR B 2031 -19.73 -22.46 65.77
CA THR B 2031 -18.66 -23.34 66.18
C THR B 2031 -17.68 -23.63 65.08
N VAL B 2032 -18.08 -23.48 63.83
CA VAL B 2032 -17.22 -23.57 62.67
C VAL B 2032 -17.49 -22.30 61.86
N VAL B 2033 -16.50 -21.86 61.10
CA VAL B 2033 -16.54 -20.62 60.36
C VAL B 2033 -16.18 -20.90 58.91
N VAL B 2034 -17.03 -20.44 58.00
CA VAL B 2034 -16.85 -20.70 56.59
C VAL B 2034 -16.95 -19.43 55.78
N GLY B 2035 -16.30 -19.46 54.62
CA GLY B 2035 -16.27 -18.30 53.78
C GLY B 2035 -15.35 -18.55 52.59
N ARG B 2036 -15.09 -17.47 51.88
CA ARG B 2036 -14.20 -17.47 50.73
C ARG B 2036 -13.09 -16.48 51.00
N ALA B 2037 -11.91 -16.74 50.45
CA ALA B 2037 -10.82 -15.82 50.66
C ALA B 2037 -9.81 -15.88 49.53
N ARG B 2038 -8.73 -15.14 49.72
CA ARG B 2038 -7.61 -15.15 48.81
C ARG B 2038 -6.36 -15.30 49.64
N LEU B 2039 -5.49 -16.16 49.17
CA LEU B 2039 -4.19 -16.40 49.76
C LEU B 2039 -3.22 -15.96 48.68
N GLY B 2040 -2.51 -14.87 48.92
CA GLY B 2040 -1.72 -14.25 47.88
C GLY B 2040 -2.52 -13.89 46.64
N GLY B 2041 -3.82 -13.66 46.79
CA GLY B 2041 -4.66 -13.29 45.68
C GLY B 2041 -5.26 -14.42 44.85
N ILE B 2042 -5.05 -15.66 45.25
CA ILE B 2042 -5.71 -16.82 44.65
C ILE B 2042 -7.02 -17.12 45.38
N PRO B 2043 -8.17 -17.15 44.70
CA PRO B 2043 -9.40 -17.49 45.42
C PRO B 2043 -9.45 -18.95 45.84
N VAL B 2044 -9.86 -19.15 47.10
CA VAL B 2044 -10.13 -20.45 47.68
C VAL B 2044 -11.41 -20.45 48.50
N GLY B 2045 -11.97 -21.66 48.71
CA GLY B 2045 -13.01 -21.83 49.73
C GLY B 2045 -12.35 -22.19 51.05
N VAL B 2046 -12.99 -21.80 52.16
CA VAL B 2046 -12.32 -21.79 53.47
C VAL B 2046 -13.21 -22.27 54.60
N VAL B 2047 -12.66 -23.19 55.43
CA VAL B 2047 -13.31 -23.69 56.65
C VAL B 2047 -12.36 -23.65 57.87
N ALA B 2048 -12.83 -23.11 59.02
CA ALA B 2048 -12.05 -23.11 60.27
C ALA B 2048 -12.98 -23.37 61.45
N VAL B 2049 -12.42 -23.68 62.62
CA VAL B 2049 -13.22 -24.15 63.76
C VAL B 2049 -13.11 -23.21 64.95
N GLU B 2050 -14.24 -22.84 65.48
CA GLU B 2050 -14.31 -22.03 66.68
C GLU B 2050 -13.87 -22.94 67.81
N THR B 2051 -13.06 -22.40 68.73
CA THR B 2051 -12.56 -23.21 69.83
C THR B 2051 -13.19 -22.98 71.22
N ARG B 2052 -13.83 -21.83 71.52
CA ARG B 2052 -14.44 -21.68 72.85
C ARG B 2052 -15.84 -22.25 72.85
N THR B 2053 -16.26 -22.71 74.03
CA THR B 2053 -17.60 -23.26 74.17
C THR B 2053 -18.55 -22.14 73.77
N VAL B 2054 -19.47 -22.46 72.91
CA VAL B 2054 -20.50 -21.55 72.47
C VAL B 2054 -21.67 -21.54 73.41
N GLU B 2055 -22.21 -20.35 73.60
CA GLU B 2055 -23.43 -20.17 74.34
C GLU B 2055 -24.43 -19.71 73.28
N LEU B 2056 -25.31 -20.60 72.87
CA LEU B 2056 -26.28 -20.29 71.84
C LEU B 2056 -27.56 -19.81 72.49
N SER B 2057 -28.04 -18.67 72.06
CA SER B 2057 -29.29 -18.10 72.51
C SER B 2057 -30.38 -18.48 71.52
N ILE B 2058 -31.41 -19.13 72.02
CA ILE B 2058 -32.58 -19.54 71.26
C ILE B 2058 -33.70 -18.57 71.59
N PRO B 2059 -34.30 -17.87 70.61
CA PRO B 2059 -35.31 -16.87 70.97
C PRO B 2059 -36.61 -17.45 71.47
N ALA B 2060 -37.34 -16.60 72.19
CA ALA B 2060 -38.63 -16.94 72.75
C ALA B 2060 -39.72 -16.85 71.69
N ASP B 2061 -40.67 -17.76 71.75
CA ASP B 2061 -41.84 -17.70 70.89
C ASP B 2061 -42.91 -16.76 71.43
N PRO B 2062 -43.20 -15.61 70.82
CA PRO B 2062 -44.23 -14.75 71.42
C PRO B 2062 -45.61 -15.34 71.28
N ALA B 2063 -45.84 -16.16 70.25
CA ALA B 2063 -47.11 -16.89 70.15
C ALA B 2063 -47.42 -17.68 71.40
N ASN B 2064 -46.40 -18.34 71.95
CA ASN B 2064 -46.59 -19.22 73.10
C ASN B 2064 -46.08 -18.43 74.29
N LEU B 2065 -46.95 -18.15 75.25
CA LEU B 2065 -46.55 -17.31 76.37
C LEU B 2065 -45.60 -18.00 77.33
N ASP B 2066 -45.48 -19.32 77.25
CA ASP B 2066 -44.52 -20.03 78.09
C ASP B 2066 -43.09 -19.80 77.63
N SER B 2067 -42.85 -19.93 76.33
CA SER B 2067 -41.52 -19.85 75.74
C SER B 2067 -40.71 -18.66 76.22
N GLU B 2068 -39.58 -18.93 76.88
CA GLU B 2068 -38.57 -17.90 77.05
C GLU B 2068 -37.29 -18.24 76.28
N ALA B 2069 -36.56 -17.19 75.90
CA ALA B 2069 -35.37 -17.34 75.08
C ALA B 2069 -34.26 -18.03 75.90
N LYS B 2070 -34.02 -19.29 75.64
CA LYS B 2070 -32.98 -20.05 76.32
C LYS B 2070 -31.59 -19.72 75.76
N ILE B 2071 -30.57 -20.20 76.48
CA ILE B 2071 -29.16 -20.00 76.21
C ILE B 2071 -28.52 -21.37 76.41
N ILE B 2072 -27.92 -21.89 75.35
CA ILE B 2072 -27.50 -23.28 75.25
C ILE B 2072 -26.00 -23.31 75.14
N GLN B 2073 -25.37 -24.25 75.85
CA GLN B 2073 -23.95 -24.48 75.71
C GLN B 2073 -23.87 -25.43 74.52
N GLN B 2074 -23.03 -25.11 73.53
CA GLN B 2074 -22.78 -26.01 72.40
C GLN B 2074 -21.30 -26.36 72.33
N ALA B 2075 -20.98 -27.61 72.69
CA ALA B 2075 -19.60 -28.08 72.76
C ALA B 2075 -18.85 -27.89 71.44
N GLY B 2076 -17.54 -27.64 71.58
CA GLY B 2076 -16.61 -27.57 70.48
C GLY B 2076 -16.20 -28.92 69.86
N GLN B 2077 -15.57 -28.81 68.68
CA GLN B 2077 -15.17 -29.96 67.87
C GLN B 2077 -16.34 -30.87 67.52
N VAL B 2078 -17.54 -30.32 67.39
CA VAL B 2078 -18.71 -31.11 67.02
C VAL B 2078 -19.50 -30.47 65.91
N TRP B 2079 -20.04 -31.34 65.09
CA TRP B 2079 -20.99 -31.01 64.06
C TRP B 2079 -22.38 -31.21 64.65
N PHE B 2080 -23.19 -30.20 64.56
CA PHE B 2080 -24.59 -30.35 64.88
C PHE B 2080 -25.34 -30.39 63.57
N PRO B 2081 -26.65 -30.59 63.59
CA PRO B 2081 -27.40 -30.50 62.33
C PRO B 2081 -27.13 -29.17 61.66
N ASP B 2082 -27.27 -28.07 62.41
CA ASP B 2082 -27.04 -26.76 61.82
C ASP B 2082 -25.64 -26.66 61.23
N SER B 2083 -24.61 -26.99 62.03
CA SER B 2083 -23.24 -26.83 61.56
C SER B 2083 -22.97 -27.71 60.34
N ALA B 2084 -23.44 -28.95 60.39
CA ALA B 2084 -23.17 -29.89 59.31
C ALA B 2084 -23.88 -29.43 58.05
N PHE B 2085 -25.09 -28.94 58.22
CA PHE B 2085 -25.85 -28.45 57.09
C PHE B 2085 -25.24 -27.21 56.47
N LYS B 2086 -24.97 -26.20 57.27
CA LYS B 2086 -24.30 -25.00 56.77
C LYS B 2086 -22.97 -25.37 56.12
N THR B 2087 -22.28 -26.34 56.70
CA THR B 2087 -21.00 -26.75 56.18
C THR B 2087 -21.15 -27.41 54.83
N TYR B 2088 -22.15 -28.25 54.75
CA TYR B 2088 -22.53 -28.90 53.50
C TYR B 2088 -22.81 -27.84 52.48
N GLN B 2089 -23.47 -26.78 52.90
CA GLN B 2089 -23.87 -25.78 51.95
C GLN B 2089 -22.68 -25.01 51.39
N ALA B 2090 -21.76 -24.53 52.25
CA ALA B 2090 -20.60 -23.79 51.74
C ALA B 2090 -19.72 -24.63 50.82
N ILE B 2091 -19.35 -25.83 51.29
CA ILE B 2091 -18.54 -26.75 50.51
C ILE B 2091 -19.21 -27.12 49.19
N LYS B 2092 -20.50 -27.41 49.25
CA LYS B 2092 -21.25 -27.82 48.06
C LYS B 2092 -21.20 -26.68 47.07
N ASP B 2093 -21.43 -25.48 47.56
CA ASP B 2093 -21.55 -24.32 46.70
C ASP B 2093 -20.25 -24.20 45.93
N PHE B 2094 -19.16 -24.23 46.69
CA PHE B 2094 -17.85 -24.11 46.08
C PHE B 2094 -17.70 -25.18 45.03
N ASN B 2095 -18.26 -26.36 45.27
CA ASN B 2095 -18.09 -27.43 44.31
C ASN B 2095 -18.80 -27.05 43.02
N ARG B 2096 -19.93 -26.35 43.10
CA ARG B 2096 -20.55 -26.01 41.83
C ARG B 2096 -19.83 -24.84 41.21
N GLU B 2097 -19.00 -24.17 42.00
CA GLU B 2097 -18.14 -23.12 41.48
C GLU B 2097 -16.89 -23.58 40.76
N GLY B 2098 -16.31 -24.68 41.20
CA GLY B 2098 -15.10 -25.20 40.61
C GLY B 2098 -13.86 -24.86 41.42
N LEU B 2099 -14.00 -24.53 42.62
CA LEU B 2099 -12.94 -24.07 43.50
C LEU B 2099 -12.23 -25.16 44.26
N PRO B 2100 -10.94 -24.97 44.52
CA PRO B 2100 -10.32 -25.75 45.56
C PRO B 2100 -10.84 -25.37 46.92
N LEU B 2101 -10.66 -26.33 47.78
CA LEU B 2101 -11.17 -26.26 49.12
C LEU B 2101 -9.97 -26.28 50.02
N MET B 2102 -9.97 -25.45 51.04
CA MET B 2102 -9.00 -25.64 52.10
C MET B 2102 -9.83 -25.71 53.37
N VAL B 2103 -9.80 -26.90 53.94
CA VAL B 2103 -10.48 -27.23 55.17
C VAL B 2103 -9.53 -27.33 56.34
N PHE B 2104 -9.78 -26.53 57.37
CA PHE B 2104 -9.05 -26.70 58.62
C PHE B 2104 -9.94 -27.60 59.47
N ALA B 2105 -9.78 -28.90 59.23
CA ALA B 2105 -10.70 -29.91 59.72
C ALA B 2105 -10.45 -30.16 61.20
N ASN B 2106 -11.52 -30.13 62.02
CA ASN B 2106 -11.40 -30.33 63.45
C ASN B 2106 -12.62 -30.82 64.24
N TRP B 2107 -13.14 -32.02 64.02
CA TRP B 2107 -14.37 -32.46 64.68
C TRP B 2107 -14.10 -33.74 65.46
N ARG B 2108 -14.45 -33.75 66.74
CA ARG B 2108 -14.26 -34.92 67.60
C ARG B 2108 -15.35 -35.96 67.44
N GLY B 2109 -16.49 -35.61 66.92
CA GLY B 2109 -17.58 -36.55 66.83
C GLY B 2109 -18.88 -35.80 66.77
N PHE B 2110 -19.95 -36.56 66.62
CA PHE B 2110 -21.30 -36.02 66.82
C PHE B 2110 -21.68 -36.06 68.30
N SER B 2111 -22.47 -35.07 68.70
CA SER B 2111 -23.00 -34.98 70.06
C SER B 2111 -24.04 -36.08 70.19
N GLY B 2112 -23.99 -36.83 71.29
CA GLY B 2112 -24.82 -38.01 71.38
C GLY B 2112 -25.93 -38.07 72.40
N GLY B 2113 -26.44 -36.94 72.88
CA GLY B 2113 -27.45 -37.03 73.92
C GLY B 2113 -28.81 -37.34 73.29
N MET B 2114 -29.75 -37.71 74.15
CA MET B 2114 -31.03 -38.22 73.68
C MET B 2114 -31.79 -37.28 72.75
N LYS B 2115 -31.97 -36.05 73.19
CA LYS B 2115 -32.80 -35.14 72.42
C LYS B 2115 -32.19 -34.86 71.03
N ASP B 2116 -30.93 -34.42 70.97
CA ASP B 2116 -30.37 -34.03 69.68
C ASP B 2116 -30.22 -35.23 68.74
N MET B 2117 -29.94 -36.40 69.33
CA MET B 2117 -29.82 -37.62 68.54
C MET B 2117 -31.16 -37.98 67.96
N TYR B 2118 -32.18 -37.92 68.79
CA TYR B 2118 -33.54 -38.07 68.32
C TYR B 2118 -33.79 -37.07 67.22
N ASP B 2119 -33.24 -35.88 67.38
CA ASP B 2119 -33.40 -34.80 66.43
C ASP B 2119 -32.49 -34.93 65.22
N GLN B 2120 -31.92 -36.11 65.00
CA GLN B 2120 -31.44 -36.52 63.66
C GLN B 2120 -30.13 -35.99 63.05
N VAL B 2121 -29.13 -35.69 63.88
CA VAL B 2121 -27.81 -35.20 63.42
C VAL B 2121 -27.13 -36.19 62.45
N LEU B 2122 -27.45 -37.48 62.58
CA LEU B 2122 -26.87 -38.53 61.76
C LEU B 2122 -27.15 -38.31 60.30
N LYS B 2123 -28.33 -37.78 60.02
CA LYS B 2123 -28.85 -37.74 58.69
C LYS B 2123 -28.02 -36.77 57.85
N PHE B 2124 -27.66 -35.67 58.48
CA PHE B 2124 -27.00 -34.60 57.79
C PHE B 2124 -25.53 -34.91 57.72
N GLY B 2125 -25.07 -35.75 58.66
CA GLY B 2125 -23.71 -36.24 58.55
C GLY B 2125 -23.54 -37.12 57.32
N ALA B 2126 -24.45 -38.06 57.13
CA ALA B 2126 -24.40 -38.84 55.88
C ALA B 2126 -24.42 -37.97 54.62
N TYR B 2127 -25.27 -36.96 54.64
CA TYR B 2127 -25.45 -36.16 53.44
C TYR B 2127 -24.17 -35.47 53.00
N ILE B 2128 -23.42 -34.92 53.96
CA ILE B 2128 -22.13 -34.32 53.61
C ILE B 2128 -21.27 -35.27 52.81
N VAL B 2129 -21.26 -36.54 53.19
CA VAL B 2129 -20.46 -37.53 52.48
C VAL B 2129 -20.86 -37.57 51.02
N ASP B 2130 -22.16 -37.72 50.73
CA ASP B 2130 -22.52 -37.68 49.32
C ASP B 2130 -21.94 -36.46 48.64
N GLY B 2131 -22.02 -35.33 49.33
CA GLY B 2131 -21.64 -34.07 48.72
C GLY B 2131 -20.18 -34.03 48.35
N LEU B 2132 -19.30 -34.45 49.26
CA LEU B 2132 -17.88 -34.34 48.95
C LEU B 2132 -17.51 -35.38 47.93
N ARG B 2133 -18.20 -36.52 47.96
CA ARG B 2133 -17.88 -37.56 46.98
C ARG B 2133 -18.05 -37.04 45.60
N GLU B 2134 -18.98 -36.12 45.38
CA GLU B 2134 -19.12 -35.63 44.02
C GLU B 2134 -18.11 -34.52 43.69
N CYS B 2135 -17.26 -34.12 44.64
CA CYS B 2135 -16.29 -33.06 44.38
C CYS B 2135 -15.27 -33.48 43.33
N CYS B 2136 -14.88 -32.52 42.47
CA CYS B 2136 -14.07 -32.76 41.29
C CYS B 2136 -12.73 -32.06 41.29
N GLN B 2137 -12.42 -31.28 42.31
CA GLN B 2137 -11.14 -30.58 42.43
C GLN B 2137 -10.49 -30.71 43.79
N PRO B 2138 -9.24 -30.28 43.89
CA PRO B 2138 -8.48 -30.48 45.12
C PRO B 2138 -9.14 -29.93 46.36
N VAL B 2139 -9.13 -30.75 47.39
CA VAL B 2139 -9.44 -30.34 48.74
C VAL B 2139 -8.23 -30.63 49.60
N LEU B 2140 -7.60 -29.60 50.12
CA LEU B 2140 -6.43 -29.79 50.96
C LEU B 2140 -6.93 -29.51 52.37
N VAL B 2141 -6.86 -30.56 53.18
CA VAL B 2141 -7.34 -30.58 54.55
C VAL B 2141 -6.18 -30.55 55.52
N TYR B 2142 -6.27 -29.69 56.51
CA TYR B 2142 -5.19 -29.54 57.46
C TYR B 2142 -5.80 -29.56 58.85
N ILE B 2143 -5.36 -30.49 59.69
CA ILE B 2143 -5.73 -30.50 61.10
C ILE B 2143 -4.70 -29.68 61.88
N PRO B 2144 -5.05 -28.51 62.42
CA PRO B 2144 -4.05 -27.69 63.09
C PRO B 2144 -3.55 -28.25 64.41
N PRO B 2145 -2.44 -27.69 64.90
CA PRO B 2145 -1.86 -28.10 66.19
C PRO B 2145 -2.78 -27.96 67.39
N GLN B 2146 -2.74 -28.97 68.26
CA GLN B 2146 -3.63 -29.16 69.39
C GLN B 2146 -5.03 -29.51 69.01
N ALA B 2147 -5.31 -29.70 67.73
CA ALA B 2147 -6.60 -30.19 67.36
C ALA B 2147 -6.61 -31.71 67.31
N GLU B 2148 -7.82 -32.25 67.21
CA GLU B 2148 -8.00 -33.68 67.04
C GLU B 2148 -9.24 -33.86 66.21
N LEU B 2149 -9.29 -34.97 65.50
CA LEU B 2149 -10.45 -35.24 64.65
C LEU B 2149 -10.70 -36.74 64.76
N ARG B 2150 -11.92 -37.11 65.16
CA ARG B 2150 -12.16 -38.45 65.64
C ARG B 2150 -13.39 -39.07 65.00
N GLY B 2151 -13.29 -40.37 64.79
CA GLY B 2151 -14.39 -41.24 64.47
C GLY B 2151 -15.26 -40.73 63.36
N GLY B 2152 -16.54 -40.45 63.60
CA GLY B 2152 -17.44 -40.16 62.49
C GLY B 2152 -16.93 -39.05 61.60
N SER B 2153 -16.34 -38.03 62.21
CA SER B 2153 -15.94 -36.89 61.42
C SER B 2153 -14.80 -37.31 60.52
N TRP B 2154 -13.95 -38.20 61.04
CA TRP B 2154 -12.87 -38.76 60.25
C TRP B 2154 -13.43 -39.65 59.14
N VAL B 2155 -14.32 -40.56 59.54
CA VAL B 2155 -14.91 -41.56 58.66
C VAL B 2155 -15.48 -40.90 57.43
N VAL B 2156 -16.21 -39.81 57.64
CA VAL B 2156 -16.89 -39.17 56.53
C VAL B 2156 -16.02 -38.28 55.67
N ILE B 2157 -14.78 -38.04 56.08
CA ILE B 2157 -13.86 -37.26 55.26
C ILE B 2157 -12.50 -37.81 54.93
N ASP B 2158 -12.28 -39.10 55.03
CA ASP B 2158 -10.99 -39.58 54.56
C ASP B 2158 -10.80 -39.40 53.05
N SER B 2159 -9.59 -39.03 52.68
CA SER B 2159 -9.20 -38.86 51.27
C SER B 2159 -9.41 -40.09 50.39
N SER B 2160 -9.50 -41.26 50.99
CA SER B 2160 -9.73 -42.49 50.25
C SER B 2160 -10.97 -42.48 49.37
N ILE B 2161 -12.01 -41.74 49.72
CA ILE B 2161 -13.26 -41.80 48.96
C ILE B 2161 -13.03 -41.29 47.55
N ASN B 2162 -12.20 -40.28 47.45
CA ASN B 2162 -11.86 -39.59 46.22
C ASN B 2162 -10.39 -39.26 46.30
N PRO B 2163 -9.55 -40.28 46.17
CA PRO B 2163 -8.10 -40.05 46.26
C PRO B 2163 -7.62 -39.10 45.20
N ARG B 2164 -8.28 -39.15 44.03
CA ARG B 2164 -7.98 -38.24 42.94
C ARG B 2164 -7.93 -36.80 43.38
N HIS B 2165 -8.77 -36.42 44.34
CA HIS B 2165 -8.93 -35.02 44.65
C HIS B 2165 -8.70 -34.68 46.09
N MET B 2166 -8.68 -35.64 47.00
CA MET B 2166 -8.54 -35.28 48.39
C MET B 2166 -7.11 -35.45 48.84
N GLU B 2167 -6.71 -34.56 49.73
CA GLU B 2167 -5.41 -34.67 50.35
C GLU B 2167 -5.56 -34.18 51.77
N MET B 2168 -4.81 -34.81 52.64
CA MET B 2168 -4.86 -34.62 54.07
C MET B 2168 -3.49 -34.31 54.61
N TYR B 2169 -3.42 -33.32 55.50
CA TYR B 2169 -2.16 -32.93 56.10
C TYR B 2169 -2.48 -32.74 57.57
N ALA B 2170 -1.52 -33.08 58.41
CA ALA B 2170 -1.60 -32.92 59.85
C ALA B 2170 -0.43 -32.22 60.49
N ASP B 2171 -0.73 -31.33 61.41
CA ASP B 2171 0.34 -30.72 62.17
C ASP B 2171 0.90 -31.79 63.09
N ARG B 2172 2.17 -31.63 63.46
CA ARG B 2172 2.79 -32.53 64.44
C ARG B 2172 1.90 -32.66 65.68
N GLU B 2173 1.30 -31.55 66.11
CA GLU B 2173 0.51 -31.52 67.32
C GLU B 2173 -0.95 -31.79 67.06
N SER B 2174 -1.29 -32.61 66.08
CA SER B 2174 -2.69 -32.90 65.83
C SER B 2174 -2.89 -34.37 66.13
N ARG B 2175 -4.15 -34.81 66.11
CA ARG B 2175 -4.40 -36.20 66.47
C ARG B 2175 -5.66 -36.68 65.77
N GLY B 2176 -5.77 -37.98 65.51
CA GLY B 2176 -6.99 -38.43 64.84
C GLY B 2176 -7.24 -39.91 64.84
N SER B 2177 -8.50 -40.32 65.06
CA SER B 2177 -8.77 -41.75 65.26
C SER B 2177 -10.22 -42.10 65.00
N VAL B 2178 -10.48 -43.40 64.92
CA VAL B 2178 -11.83 -43.91 64.98
C VAL B 2178 -12.46 -43.58 66.33
N LEU B 2179 -11.66 -43.64 67.39
CA LEU B 2179 -12.15 -43.49 68.74
C LEU B 2179 -11.17 -42.71 69.58
N GLU B 2180 -11.74 -41.82 70.34
CA GLU B 2180 -11.02 -40.98 71.24
C GLU B 2180 -10.34 -41.82 72.33
N PRO B 2181 -9.29 -41.26 72.94
CA PRO B 2181 -8.52 -42.01 73.94
C PRO B 2181 -9.36 -42.57 75.07
N GLU B 2182 -10.30 -41.82 75.69
CA GLU B 2182 -11.08 -42.38 76.79
C GLU B 2182 -11.81 -43.65 76.42
N GLY B 2183 -12.37 -43.75 75.21
CA GLY B 2183 -13.18 -44.90 74.90
C GLY B 2183 -12.29 -46.05 74.50
N THR B 2184 -11.16 -45.72 73.89
CA THR B 2184 -10.14 -46.72 73.66
C THR B 2184 -9.63 -47.30 74.97
N VAL B 2185 -9.30 -46.45 75.94
CA VAL B 2185 -8.78 -46.90 77.23
C VAL B 2185 -9.83 -47.77 77.91
N GLU B 2186 -11.05 -47.23 77.98
CA GLU B 2186 -12.20 -47.88 78.59
C GLU B 2186 -12.34 -49.34 78.12
N ILE B 2187 -12.07 -49.59 76.83
CA ILE B 2187 -12.14 -50.94 76.26
C ILE B 2187 -10.85 -51.73 76.52
N LYS B 2188 -9.71 -51.07 76.39
CA LYS B 2188 -8.35 -51.58 76.33
C LYS B 2188 -7.49 -51.04 77.47
N PHE B 2189 -8.15 -50.74 78.58
CA PHE B 2189 -7.57 -50.40 79.87
C PHE B 2189 -8.45 -50.69 81.09
N ARG B 2190 -8.77 -51.94 81.24
CA ARG B 2190 -9.61 -52.45 82.29
C ARG B 2190 -8.73 -52.72 83.50
N ARG B 2191 -9.36 -53.28 84.53
CA ARG B 2191 -8.69 -53.53 85.80
C ARG B 2191 -7.37 -54.28 85.59
N LYS B 2192 -7.44 -55.43 84.90
CA LYS B 2192 -6.27 -56.24 84.61
C LYS B 2192 -5.09 -55.40 84.10
N ASP B 2193 -5.37 -54.56 83.11
CA ASP B 2193 -4.33 -53.70 82.56
C ASP B 2193 -3.86 -52.69 83.59
N LEU B 2194 -4.77 -52.21 84.45
CA LEU B 2194 -4.34 -51.25 85.47
C LEU B 2194 -3.39 -51.90 86.48
N VAL B 2195 -3.80 -53.06 87.01
CA VAL B 2195 -2.95 -53.78 87.96
C VAL B 2195 -1.65 -54.25 87.35
N LYS B 2196 -1.74 -54.98 86.24
CA LYS B 2196 -0.58 -55.35 85.45
C LYS B 2196 0.37 -54.21 85.16
N THR B 2197 -0.16 -53.04 84.82
CA THR B 2197 0.75 -51.98 84.40
C THR B 2197 1.50 -51.43 85.61
N MET B 2198 0.80 -51.24 86.72
CA MET B 2198 1.52 -50.93 87.96
C MET B 2198 2.52 -52.01 88.27
N ARG B 2199 2.07 -53.27 88.19
CA ARG B 2199 2.90 -54.43 88.49
C ARG B 2199 4.15 -54.45 87.65
N ARG B 2200 4.08 -53.86 86.48
CA ARG B 2200 5.22 -53.82 85.60
C ARG B 2200 6.10 -52.61 85.89
N VAL B 2201 5.52 -51.46 86.31
CA VAL B 2201 6.19 -50.16 86.24
C VAL B 2201 6.44 -49.48 87.59
N ASP B 2202 5.50 -49.50 88.50
CA ASP B 2202 5.71 -48.77 89.75
C ASP B 2202 6.71 -49.48 90.66
N PRO B 2203 7.79 -48.81 91.11
CA PRO B 2203 8.80 -49.56 91.87
C PRO B 2203 8.28 -50.03 93.21
N VAL B 2204 7.53 -49.18 93.91
CA VAL B 2204 7.00 -49.56 95.20
C VAL B 2204 6.08 -50.76 95.02
N TYR B 2205 5.20 -50.67 94.03
CA TYR B 2205 4.25 -51.73 93.72
C TYR B 2205 4.98 -53.01 93.34
N ILE B 2206 5.98 -52.90 92.45
CA ILE B 2206 6.78 -54.05 92.04
C ILE B 2206 7.34 -54.74 93.27
N HIS B 2207 7.95 -53.96 94.15
CA HIS B 2207 8.52 -54.45 95.40
C HIS B 2207 7.49 -55.24 96.19
N LEU B 2208 6.31 -54.63 96.41
CA LEU B 2208 5.23 -55.30 97.12
C LEU B 2208 4.96 -56.65 96.48
N ALA B 2209 4.85 -56.67 95.15
CA ALA B 2209 4.59 -57.91 94.43
C ALA B 2209 5.72 -58.89 94.67
N GLU B 2210 6.94 -58.38 94.81
CA GLU B 2210 8.11 -59.22 95.04
C GLU B 2210 7.94 -59.96 96.35
N ARG B 2211 7.30 -59.32 97.34
CA ARG B 2211 7.16 -59.92 98.65
C ARG B 2211 6.01 -60.91 98.64
N LEU B 2212 4.87 -60.52 98.06
CA LEU B 2212 3.80 -61.46 97.77
C LEU B 2212 4.26 -62.71 97.00
N GLY B 2213 5.35 -62.64 96.25
CA GLY B 2213 5.88 -63.83 95.60
C GLY B 2213 6.79 -64.77 96.36
N THR B 2214 6.79 -64.77 97.71
CA THR B 2214 7.59 -65.77 98.43
C THR B 2214 6.76 -66.93 99.00
N PRO B 2215 7.19 -68.19 98.91
CA PRO B 2215 6.47 -69.28 99.59
C PRO B 2215 6.79 -69.24 101.09
N GLU B 2216 5.97 -69.91 101.91
CA GLU B 2216 6.22 -69.98 103.36
C GLU B 2216 6.42 -68.58 103.96
N LEU B 2217 5.32 -67.84 103.91
CA LEU B 2217 5.18 -66.53 104.50
C LEU B 2217 4.28 -66.67 105.71
N SER B 2218 4.55 -65.88 106.74
CA SER B 2218 3.66 -65.89 107.89
C SER B 2218 2.33 -65.30 107.45
N THR B 2219 1.24 -65.87 107.95
CA THR B 2219 -0.08 -65.35 107.56
C THR B 2219 -0.25 -63.86 107.87
N ALA B 2220 0.48 -63.36 108.87
CA ALA B 2220 0.51 -61.91 109.10
C ALA B 2220 1.03 -61.19 107.86
N GLU B 2221 2.28 -61.45 107.50
CA GLU B 2221 2.90 -60.83 106.33
C GLU B 2221 2.04 -61.05 105.08
N ARG B 2222 1.47 -62.24 104.95
CA ARG B 2222 0.64 -62.57 103.80
C ARG B 2222 -0.56 -61.64 103.68
N LYS B 2223 -1.45 -61.66 104.69
CA LYS B 2223 -2.62 -60.78 104.69
C LYS B 2223 -2.20 -59.32 104.56
N GLU B 2224 -1.12 -58.98 105.25
CA GLU B 2224 -0.55 -57.64 105.22
C GLU B 2224 -0.18 -57.23 103.82
N LEU B 2225 0.49 -58.11 103.09
CA LEU B 2225 0.89 -57.83 101.72
C LEU B 2225 -0.32 -57.62 100.82
N GLU B 2226 -1.31 -58.51 100.89
CA GLU B 2226 -2.50 -58.33 100.04
C GLU B 2226 -3.10 -56.96 100.30
N ASN B 2227 -3.13 -56.54 101.57
CA ASN B 2227 -3.68 -55.24 101.92
C ASN B 2227 -2.83 -54.16 101.30
N LYS B 2228 -1.51 -54.27 101.44
CA LYS B 2228 -0.58 -53.31 100.87
C LYS B 2228 -0.81 -53.16 99.38
N LEU B 2229 -1.20 -54.25 98.71
CA LEU B 2229 -1.45 -54.21 97.28
C LEU B 2229 -2.70 -53.41 96.97
N LYS B 2230 -3.83 -53.76 97.62
CA LYS B 2230 -5.04 -52.98 97.40
C LYS B 2230 -4.88 -51.50 97.74
N GLU B 2231 -4.21 -51.20 98.85
CA GLU B 2231 -4.05 -49.81 99.24
C GLU B 2231 -3.14 -49.02 98.30
N ARG B 2232 -1.99 -49.60 97.93
CA ARG B 2232 -1.08 -48.89 97.02
C ARG B 2232 -1.77 -48.64 95.68
N GLU B 2233 -2.35 -49.71 95.12
CA GLU B 2233 -3.06 -49.61 93.85
C GLU B 2233 -4.16 -48.57 93.88
N GLU B 2234 -5.08 -48.70 94.83
CA GLU B 2234 -6.27 -47.84 94.84
C GLU B 2234 -5.94 -46.36 95.03
N PHE B 2235 -5.05 -46.05 95.98
CA PHE B 2235 -4.62 -44.65 96.11
C PHE B 2235 -3.96 -44.15 94.82
N LEU B 2236 -3.21 -45.02 94.13
CA LEU B 2236 -2.48 -44.70 92.91
C LEU B 2236 -3.29 -44.67 91.62
N ILE B 2237 -4.51 -45.17 91.62
CA ILE B 2237 -5.24 -45.43 90.37
C ILE B 2237 -5.45 -44.22 89.46
N PRO B 2238 -5.89 -43.04 89.95
CA PRO B 2238 -6.14 -41.90 89.05
C PRO B 2238 -5.09 -41.45 88.04
N ILE B 2239 -3.87 -41.16 88.44
CA ILE B 2239 -2.86 -40.71 87.49
C ILE B 2239 -2.68 -41.70 86.36
N TYR B 2240 -2.68 -42.99 86.66
CA TYR B 2240 -2.30 -43.92 85.62
C TYR B 2240 -3.41 -44.00 84.58
N HIS B 2241 -4.64 -43.72 84.99
CA HIS B 2241 -5.70 -43.55 84.02
C HIS B 2241 -5.41 -42.37 83.09
N GLN B 2242 -4.93 -41.27 83.67
CA GLN B 2242 -4.60 -40.09 82.86
C GLN B 2242 -3.51 -40.46 81.86
N VAL B 2243 -2.55 -41.24 82.33
CA VAL B 2243 -1.46 -41.67 81.51
C VAL B 2243 -1.99 -42.55 80.41
N ALA B 2244 -2.95 -43.40 80.77
CA ALA B 2244 -3.55 -44.34 79.84
C ALA B 2244 -4.21 -43.61 78.70
N VAL B 2245 -4.99 -42.58 79.01
CA VAL B 2245 -5.64 -41.88 77.91
C VAL B 2245 -4.60 -41.25 77.01
N GLN B 2246 -3.56 -40.64 77.59
CA GLN B 2246 -2.50 -40.08 76.75
C GLN B 2246 -1.91 -41.19 75.89
N PHE B 2247 -1.58 -42.27 76.56
CA PHE B 2247 -1.02 -43.47 75.99
C PHE B 2247 -1.84 -43.96 74.82
N ALA B 2248 -3.16 -44.05 75.00
CA ALA B 2248 -4.02 -44.49 73.93
C ALA B 2248 -3.92 -43.53 72.76
N ASP B 2249 -4.00 -42.23 73.05
CA ASP B 2249 -3.97 -41.20 72.03
C ASP B 2249 -2.73 -41.31 71.16
N LEU B 2250 -1.62 -41.70 71.79
CA LEU B 2250 -0.32 -41.87 71.17
C LEU B 2250 -0.26 -43.00 70.14
N HIS B 2251 -1.29 -43.84 70.07
CA HIS B 2251 -1.37 -44.89 69.07
C HIS B 2251 -1.80 -44.41 67.69
N ASP B 2252 -2.34 -43.20 67.63
CA ASP B 2252 -3.08 -42.64 66.52
C ASP B 2252 -2.26 -41.70 65.69
N THR B 2253 -0.95 -41.79 65.76
CA THR B 2253 -0.11 -40.74 65.23
C THR B 2253 0.18 -40.75 63.71
N PRO B 2254 0.65 -39.59 63.22
CA PRO B 2254 1.00 -39.44 61.80
C PRO B 2254 2.10 -40.30 61.25
N GLY B 2255 3.16 -40.63 62.00
CA GLY B 2255 4.20 -41.49 61.45
C GLY B 2255 3.63 -42.75 60.85
N ARG B 2256 2.82 -43.44 61.64
CA ARG B 2256 2.19 -44.65 61.13
C ARG B 2256 1.28 -44.29 59.99
N MET B 2257 0.45 -43.25 60.15
CA MET B 2257 -0.42 -42.87 59.04
C MET B 2257 0.33 -42.74 57.71
N GLN B 2258 1.45 -42.05 57.73
CA GLN B 2258 2.19 -41.78 56.51
C GLN B 2258 2.76 -43.08 55.97
N GLU B 2259 3.41 -43.82 56.86
CA GLU B 2259 4.00 -45.09 56.49
C GLU B 2259 2.94 -45.98 55.83
N LYS B 2260 1.72 -45.95 56.36
CA LYS B 2260 0.62 -46.73 55.84
C LYS B 2260 -0.01 -46.06 54.63
N GLY B 2261 0.44 -44.86 54.28
CA GLY B 2261 0.05 -44.24 53.04
C GLY B 2261 -1.25 -43.50 53.08
N VAL B 2262 -1.76 -43.19 54.28
CA VAL B 2262 -3.03 -42.49 54.38
C VAL B 2262 -2.88 -40.99 54.48
N ILE B 2263 -1.68 -40.49 54.70
CA ILE B 2263 -1.43 -39.06 54.73
C ILE B 2263 -0.24 -38.73 53.86
N SER B 2264 -0.24 -37.52 53.28
CA SER B 2264 0.84 -37.17 52.38
C SER B 2264 2.00 -36.43 53.06
N ASP B 2265 1.73 -35.60 54.07
CA ASP B 2265 2.81 -34.88 54.75
C ASP B 2265 2.42 -34.23 56.07
N ILE B 2266 3.43 -34.00 56.91
CA ILE B 2266 3.35 -33.17 58.12
C ILE B 2266 3.91 -31.78 57.83
N LEU B 2267 3.15 -30.74 58.09
CA LEU B 2267 3.60 -29.36 57.91
C LEU B 2267 3.88 -28.67 59.23
N ASP B 2268 4.48 -27.49 59.09
CA ASP B 2268 4.75 -26.58 60.19
C ASP B 2268 4.01 -25.31 59.82
N TRP B 2269 3.13 -24.91 60.72
CA TRP B 2269 2.15 -23.86 60.46
C TRP B 2269 2.74 -22.59 59.90
N LYS B 2270 3.81 -22.08 60.52
CA LYS B 2270 4.39 -20.82 60.07
C LYS B 2270 4.66 -20.77 58.58
N THR B 2271 5.20 -21.85 57.99
CA THR B 2271 5.46 -21.86 56.54
C THR B 2271 4.50 -22.76 55.81
N SER B 2272 3.44 -23.19 56.49
CA SER B 2272 2.52 -24.11 55.90
C SER B 2272 1.80 -23.44 54.77
N ARG B 2273 1.53 -22.15 54.94
CA ARG B 2273 0.88 -21.36 53.91
C ARG B 2273 1.65 -21.40 52.61
N THR B 2274 2.92 -21.02 52.67
CA THR B 2274 3.77 -20.98 51.48
C THR B 2274 3.74 -22.35 50.83
N PHE B 2275 3.93 -23.36 51.67
CA PHE B 2275 3.93 -24.75 51.24
C PHE B 2275 2.66 -25.05 50.48
N PHE B 2276 1.53 -24.71 51.10
CA PHE B 2276 0.24 -25.10 50.59
C PHE B 2276 -0.01 -24.41 49.28
N TYR B 2277 0.51 -23.19 49.15
CA TYR B 2277 0.37 -22.48 47.90
C TYR B 2277 0.96 -23.28 46.76
N TRP B 2278 2.26 -23.55 46.88
CA TRP B 2278 2.93 -24.23 45.78
C TRP B 2278 2.35 -25.61 45.55
N ARG B 2279 2.04 -26.28 46.65
CA ARG B 2279 1.49 -27.61 46.61
C ARG B 2279 0.17 -27.62 45.89
N LEU B 2280 -0.69 -26.72 46.30
CA LEU B 2280 -2.00 -26.61 45.71
C LEU B 2280 -1.91 -26.24 44.25
N ARG B 2281 -0.99 -25.33 43.95
CA ARG B 2281 -0.86 -24.83 42.60
C ARG B 2281 -0.52 -25.96 41.66
N ARG B 2282 0.31 -26.89 42.14
CA ARG B 2282 0.62 -27.97 41.23
C ARG B 2282 -0.50 -28.96 41.17
N LEU B 2283 -1.20 -29.16 42.28
CA LEU B 2283 -2.36 -30.02 42.24
C LEU B 2283 -3.27 -29.53 41.13
N LEU B 2284 -3.40 -28.23 41.03
CA LEU B 2284 -4.25 -27.65 40.03
C LEU B 2284 -3.72 -27.87 38.64
N LEU B 2285 -2.43 -27.71 38.48
CA LEU B 2285 -1.87 -27.80 37.14
C LEU B 2285 -1.86 -29.20 36.61
N GLU B 2286 -1.41 -30.13 37.42
CA GLU B 2286 -1.43 -31.51 37.01
C GLU B 2286 -2.85 -31.88 36.66
N ASP B 2287 -3.77 -31.49 37.53
CA ASP B 2287 -5.17 -31.77 37.29
C ASP B 2287 -5.62 -31.19 35.96
N LEU B 2288 -5.16 -29.98 35.69
CA LEU B 2288 -5.51 -29.27 34.47
C LEU B 2288 -5.07 -30.02 33.24
N VAL B 2289 -3.87 -30.55 33.29
CA VAL B 2289 -3.42 -31.27 32.12
C VAL B 2289 -4.17 -32.57 31.99
N LYS B 2290 -4.32 -33.33 33.07
CA LYS B 2290 -5.06 -34.57 32.94
C LYS B 2290 -6.47 -34.32 32.44
N LYS B 2291 -7.12 -33.23 32.86
CA LYS B 2291 -8.44 -32.99 32.26
C LYS B 2291 -8.28 -32.85 30.76
N LYS B 2292 -7.17 -32.25 30.31
CA LYS B 2292 -7.03 -32.16 28.87
C LYS B 2292 -6.87 -33.54 28.25
N ILE B 2293 -6.08 -34.40 28.89
CA ILE B 2293 -5.87 -35.75 28.38
C ILE B 2293 -7.14 -36.56 28.41
N HIS B 2294 -7.83 -36.53 29.55
CA HIS B 2294 -9.04 -37.30 29.72
C HIS B 2294 -10.04 -36.86 28.67
N ASN B 2295 -10.01 -35.57 28.34
CA ASN B 2295 -10.87 -35.07 27.30
C ASN B 2295 -10.44 -35.70 26.00
N ALA B 2296 -9.14 -35.85 25.85
CA ALA B 2296 -8.60 -36.47 24.65
C ALA B 2296 -9.02 -37.92 24.50
N ASN B 2297 -9.19 -38.66 25.60
CA ASN B 2297 -9.58 -40.07 25.55
C ASN B 2297 -10.21 -40.41 26.90
N PRO B 2298 -11.53 -40.28 27.00
CA PRO B 2298 -12.20 -40.59 28.26
C PRO B 2298 -12.10 -41.98 28.84
N GLU B 2299 -11.89 -43.02 28.04
CA GLU B 2299 -11.90 -44.34 28.65
C GLU B 2299 -10.71 -44.58 29.54
N LEU B 2300 -9.66 -43.82 29.36
CA LEU B 2300 -8.48 -44.06 30.15
C LEU B 2300 -8.72 -43.73 31.60
N THR B 2301 -8.35 -44.67 32.46
CA THR B 2301 -8.41 -44.41 33.87
C THR B 2301 -7.42 -43.35 34.30
N ASP B 2302 -7.84 -42.61 35.28
CA ASP B 2302 -7.04 -41.68 36.05
C ASP B 2302 -5.64 -42.15 36.44
N GLY B 2303 -5.50 -43.39 36.91
CA GLY B 2303 -4.19 -43.85 37.38
C GLY B 2303 -3.19 -43.97 36.24
N GLN B 2304 -3.60 -44.62 35.17
CA GLN B 2304 -2.67 -44.83 34.08
C GLN B 2304 -2.37 -43.50 33.42
N ILE B 2305 -3.34 -42.59 33.45
CA ILE B 2305 -3.13 -41.26 32.90
C ILE B 2305 -2.02 -40.57 33.66
N GLN B 2306 -2.11 -40.62 34.99
CA GLN B 2306 -1.06 -40.13 35.87
C GLN B 2306 0.27 -40.66 35.38
N ALA B 2307 0.33 -41.98 35.21
CA ALA B 2307 1.56 -42.63 34.81
C ALA B 2307 2.04 -42.04 33.50
N MET B 2308 1.14 -41.83 32.55
CA MET B 2308 1.53 -41.28 31.26
C MET B 2308 2.25 -39.96 31.40
N LEU B 2309 1.72 -39.08 32.21
CA LEU B 2309 2.39 -37.81 32.34
C LEU B 2309 3.76 -37.95 32.99
N ARG B 2310 3.82 -38.69 34.11
CA ARG B 2310 5.11 -38.87 34.77
C ARG B 2310 6.13 -39.51 33.86
N ARG B 2311 5.70 -40.53 33.14
CA ARG B 2311 6.57 -41.25 32.25
C ARG B 2311 7.04 -40.40 31.09
N TRP B 2312 6.17 -39.60 30.51
CA TRP B 2312 6.66 -38.76 29.44
C TRP B 2312 7.65 -37.73 29.93
N PHE B 2313 7.48 -37.26 31.15
CA PHE B 2313 8.45 -36.32 31.68
C PHE B 2313 9.82 -36.92 31.90
N VAL B 2314 9.90 -37.99 32.68
CA VAL B 2314 11.19 -38.63 32.93
C VAL B 2314 11.84 -39.18 31.67
N GLU B 2315 11.06 -39.81 30.80
CA GLU B 2315 11.58 -40.30 29.51
C GLU B 2315 12.19 -39.18 28.67
N VAL B 2316 11.44 -38.10 28.48
CA VAL B 2316 11.88 -37.02 27.60
C VAL B 2316 13.10 -36.36 28.18
N GLU B 2317 13.07 -36.09 29.46
CA GLU B 2317 14.09 -35.28 30.08
C GLU B 2317 15.20 -36.18 30.55
N GLY B 2318 14.99 -37.49 30.46
CA GLY B 2318 15.97 -38.48 30.78
C GLY B 2318 15.81 -39.15 32.12
N THR B 2319 16.02 -40.46 32.06
CA THR B 2319 16.06 -41.32 33.24
C THR B 2319 16.96 -40.74 34.30
N VAL B 2320 18.01 -40.05 33.87
CA VAL B 2320 18.93 -39.39 34.78
C VAL B 2320 18.20 -38.34 35.60
N LYS B 2321 17.08 -37.80 35.11
CA LYS B 2321 16.44 -36.67 35.74
C LYS B 2321 15.21 -37.02 36.59
N ALA B 2322 14.94 -38.32 36.80
CA ALA B 2322 13.81 -38.79 37.61
C ALA B 2322 13.58 -38.01 38.90
N TYR B 2323 14.64 -37.86 39.71
CA TYR B 2323 14.56 -37.24 41.03
C TYR B 2323 13.90 -35.88 40.99
N VAL B 2324 14.02 -35.18 39.87
CA VAL B 2324 13.48 -33.84 39.71
C VAL B 2324 11.96 -33.83 39.96
N TRP B 2325 11.28 -34.91 39.57
CA TRP B 2325 9.83 -35.07 39.75
C TRP B 2325 9.29 -34.81 41.15
N ASP B 2326 10.07 -35.05 42.18
CA ASP B 2326 9.52 -34.89 43.53
C ASP B 2326 9.52 -33.47 44.06
N ASN B 2327 9.90 -32.48 43.24
CA ASN B 2327 9.80 -31.07 43.60
C ASN B 2327 8.54 -30.44 42.99
N ASN B 2328 7.59 -30.08 43.87
CA ASN B 2328 6.30 -29.54 43.41
C ASN B 2328 6.52 -28.32 42.55
N LYS B 2329 7.27 -27.37 43.10
CA LYS B 2329 7.50 -26.07 42.52
C LYS B 2329 8.16 -26.24 41.17
N ASP B 2330 9.18 -27.07 41.10
CA ASP B 2330 10.02 -27.16 39.93
C ASP B 2330 9.24 -27.74 38.77
N LEU B 2331 8.39 -28.72 39.05
CA LEU B 2331 7.57 -29.29 38.00
C LEU B 2331 6.55 -28.29 37.51
N ALA B 2332 6.03 -27.47 38.42
CA ALA B 2332 5.08 -26.45 38.05
C ALA B 2332 5.67 -25.59 36.96
N GLU B 2333 6.87 -25.12 37.20
CA GLU B 2333 7.58 -24.35 36.20
C GLU B 2333 7.72 -25.15 34.91
N TRP B 2334 7.97 -26.44 35.03
CA TRP B 2334 8.19 -27.22 33.82
C TRP B 2334 6.95 -27.42 32.99
N LEU B 2335 5.88 -27.83 33.63
CA LEU B 2335 4.63 -28.09 32.93
C LEU B 2335 4.11 -26.86 32.22
N GLU B 2336 4.18 -25.72 32.87
CA GLU B 2336 3.67 -24.50 32.25
C GLU B 2336 4.42 -24.14 31.00
N LYS B 2337 5.75 -24.21 31.01
CA LYS B 2337 6.50 -23.87 29.81
C LYS B 2337 6.15 -24.73 28.61
N GLN B 2338 5.92 -26.02 28.82
CA GLN B 2338 5.54 -26.85 27.68
C GLN B 2338 4.23 -26.39 27.11
N LEU B 2339 3.32 -26.10 27.98
CA LEU B 2339 1.98 -25.68 27.65
C LEU B 2339 1.93 -24.24 27.19
N THR B 2340 2.60 -23.40 27.95
CA THR B 2340 2.65 -21.97 27.74
C THR B 2340 3.51 -21.55 26.56
N GLU B 2341 4.65 -22.18 26.34
CA GLU B 2341 5.51 -21.65 25.28
C GLU B 2341 5.03 -22.21 23.94
N GLU B 2342 4.33 -21.33 23.23
CA GLU B 2342 3.84 -21.55 21.87
C GLU B 2342 4.90 -21.63 20.77
N ASP B 2343 4.63 -22.55 19.84
CA ASP B 2343 5.39 -22.76 18.60
C ASP B 2343 6.90 -22.90 18.83
N GLY B 2344 7.26 -23.68 19.83
CA GLY B 2344 8.65 -23.99 20.10
C GLY B 2344 9.04 -25.42 19.77
N VAL B 2345 10.03 -25.90 20.52
CA VAL B 2345 10.48 -27.29 20.52
C VAL B 2345 9.94 -28.02 21.75
N HIS B 2346 8.96 -27.41 22.41
CA HIS B 2346 8.27 -27.83 23.62
C HIS B 2346 6.98 -28.57 23.33
N SER B 2347 6.44 -28.44 22.11
CA SER B 2347 5.23 -29.16 21.74
C SER B 2347 5.54 -30.61 21.36
N VAL B 2348 6.07 -31.26 22.38
CA VAL B 2348 6.45 -32.64 22.36
C VAL B 2348 5.33 -33.46 22.91
N ILE B 2349 4.92 -33.03 24.09
CA ILE B 2349 3.82 -33.66 24.79
C ILE B 2349 2.57 -33.48 23.97
N GLU B 2350 2.45 -32.32 23.34
CA GLU B 2350 1.32 -32.05 22.47
C GLU B 2350 1.26 -33.05 21.33
N GLU B 2351 2.40 -33.31 20.74
CA GLU B 2351 2.43 -34.28 19.67
C GLU B 2351 2.11 -35.68 20.20
N ASN B 2352 2.65 -36.02 21.36
CA ASN B 2352 2.42 -37.34 21.92
C ASN B 2352 0.95 -37.57 22.18
N ILE B 2353 0.30 -36.58 22.78
CA ILE B 2353 -1.12 -36.68 23.06
C ILE B 2353 -1.87 -36.76 21.76
N LYS B 2354 -1.41 -36.01 20.77
CA LYS B 2354 -2.05 -36.10 19.48
C LYS B 2354 -1.98 -37.52 18.97
N CYS B 2355 -0.83 -38.18 19.16
CA CYS B 2355 -0.71 -39.56 18.73
C CYS B 2355 -1.72 -40.45 19.45
N ILE B 2356 -1.89 -40.28 20.76
CA ILE B 2356 -2.90 -41.07 21.44
C ILE B 2356 -4.27 -40.79 20.91
N SER B 2357 -4.56 -39.53 20.61
CA SER B 2357 -5.89 -39.23 20.11
C SER B 2357 -6.12 -39.99 18.82
N ARG B 2358 -5.12 -40.00 17.95
CA ARG B 2358 -5.29 -40.72 16.70
C ARG B 2358 -5.51 -42.21 16.98
N ASP B 2359 -4.73 -42.78 17.90
CA ASP B 2359 -4.87 -44.20 18.23
C ASP B 2359 -6.22 -44.55 18.82
N TYR B 2360 -6.68 -43.75 19.76
CA TYR B 2360 -7.95 -44.03 20.40
C TYR B 2360 -9.06 -43.93 19.39
N VAL B 2361 -8.95 -42.96 18.51
CA VAL B 2361 -9.96 -42.80 17.49
C VAL B 2361 -9.97 -44.03 16.63
N LEU B 2362 -8.77 -44.53 16.36
CA LEU B 2362 -8.65 -45.69 15.49
C LEU B 2362 -9.33 -46.87 16.15
N LYS B 2363 -9.11 -46.99 17.44
CA LYS B 2363 -9.69 -48.05 18.23
C LYS B 2363 -11.19 -47.94 18.25
N GLN B 2364 -11.70 -46.71 18.33
CA GLN B 2364 -13.14 -46.51 18.31
C GLN B 2364 -13.70 -47.05 17.02
N ILE B 2365 -13.03 -46.73 15.93
CA ILE B 2365 -13.50 -47.20 14.64
C ILE B 2365 -13.44 -48.70 14.57
N ARG B 2366 -12.40 -49.29 15.13
CA ARG B 2366 -12.31 -50.74 15.10
C ARG B 2366 -13.49 -51.34 15.83
N SER B 2367 -13.79 -50.80 17.00
CA SER B 2367 -14.88 -51.31 17.80
C SER B 2367 -16.20 -51.14 17.07
N LEU B 2368 -16.38 -49.98 16.44
CA LEU B 2368 -17.61 -49.70 15.72
C LEU B 2368 -17.84 -50.67 14.60
N VAL B 2369 -16.79 -50.97 13.85
CA VAL B 2369 -17.01 -51.93 12.80
C VAL B 2369 -17.28 -53.28 13.38
N GLN B 2370 -16.65 -53.62 14.51
CA GLN B 2370 -16.94 -54.95 15.06
C GLN B 2370 -18.41 -55.06 15.40
N ALA B 2371 -18.94 -54.06 16.09
CA ALA B 2371 -20.37 -54.08 16.38
C ALA B 2371 -21.23 -53.89 15.13
N ASN B 2372 -20.70 -53.19 14.15
CA ASN B 2372 -21.44 -52.75 12.97
C ASN B 2372 -20.60 -52.94 11.73
N PRO B 2373 -20.34 -54.18 11.34
CA PRO B 2373 -19.40 -54.41 10.25
C PRO B 2373 -19.90 -53.90 8.92
N GLU B 2374 -21.20 -53.76 8.79
CA GLU B 2374 -21.83 -53.30 7.55
C GLU B 2374 -21.39 -51.89 7.16
N VAL B 2375 -20.91 -51.11 8.12
CA VAL B 2375 -20.52 -49.72 7.91
C VAL B 2375 -19.20 -49.50 7.18
N ALA B 2376 -18.31 -50.50 7.16
CA ALA B 2376 -16.97 -50.34 6.61
C ALA B 2376 -16.96 -49.71 5.22
N MET B 2377 -17.61 -50.36 4.25
CA MET B 2377 -17.53 -49.93 2.85
C MET B 2377 -17.88 -48.44 2.71
N ASP B 2378 -18.98 -48.06 3.32
CA ASP B 2378 -19.52 -46.72 3.15
C ASP B 2378 -18.70 -45.68 3.88
N SER B 2379 -18.15 -46.08 5.02
CA SER B 2379 -17.28 -45.19 5.78
C SER B 2379 -16.07 -44.70 5.01
N ILE B 2380 -15.47 -45.56 4.21
CA ILE B 2380 -14.30 -45.16 3.44
C ILE B 2380 -14.66 -44.18 2.34
N ILE B 2381 -15.69 -44.50 1.55
CA ILE B 2381 -16.09 -43.64 0.43
C ILE B 2381 -16.23 -42.17 0.85
N HIS B 2382 -16.90 -41.91 1.97
CA HIS B 2382 -17.00 -40.51 2.35
C HIS B 2382 -15.62 -40.03 2.77
N MET B 2383 -14.90 -40.92 3.45
CA MET B 2383 -13.57 -40.64 3.97
C MET B 2383 -12.54 -40.49 2.87
N THR B 2384 -12.77 -41.16 1.76
CA THR B 2384 -11.76 -41.23 0.73
C THR B 2384 -11.94 -40.09 -0.25
N GLN B 2385 -12.89 -39.21 0.03
CA GLN B 2385 -13.44 -38.35 -0.98
C GLN B 2385 -12.38 -37.31 -1.29
N HIS B 2386 -11.53 -37.06 -0.31
CA HIS B 2386 -10.31 -36.30 -0.46
C HIS B 2386 -9.30 -37.08 0.36
N ILE B 2387 -8.16 -37.39 -0.29
CA ILE B 2387 -6.96 -38.05 0.25
C ILE B 2387 -5.97 -37.94 -0.92
N SER B 2388 -4.68 -38.19 -0.68
CA SER B 2388 -3.68 -38.04 -1.74
C SER B 2388 -3.80 -39.06 -2.86
N PRO B 2389 -3.41 -38.68 -4.08
CA PRO B 2389 -3.42 -39.63 -5.20
C PRO B 2389 -2.51 -40.80 -4.97
N THR B 2390 -1.38 -40.55 -4.32
CA THR B 2390 -0.45 -41.62 -3.97
C THR B 2390 -1.14 -42.63 -3.08
N GLN B 2391 -1.90 -42.12 -2.12
CA GLN B 2391 -2.67 -42.98 -1.22
C GLN B 2391 -3.67 -43.78 -2.04
N ARG B 2392 -4.20 -43.18 -3.10
CA ARG B 2392 -5.09 -43.90 -3.98
C ARG B 2392 -4.34 -45.08 -4.55
N ALA B 2393 -3.08 -44.84 -4.92
CA ALA B 2393 -2.28 -45.94 -5.44
C ALA B 2393 -2.18 -47.06 -4.41
N GLU B 2394 -1.88 -46.74 -3.14
CA GLU B 2394 -1.83 -47.81 -2.13
C GLU B 2394 -3.14 -48.62 -2.08
N VAL B 2395 -4.30 -47.98 -2.23
CA VAL B 2395 -5.51 -48.82 -2.23
C VAL B 2395 -5.45 -49.78 -3.41
N ILE B 2396 -5.01 -49.29 -4.57
CA ILE B 2396 -4.89 -50.18 -5.73
C ILE B 2396 -3.86 -51.30 -5.52
N ARG B 2397 -2.70 -51.03 -4.89
CA ARG B 2397 -1.75 -52.14 -4.71
C ARG B 2397 -2.40 -53.25 -3.90
N ILE B 2398 -3.14 -52.92 -2.82
CA ILE B 2398 -3.73 -54.04 -2.07
C ILE B 2398 -5.04 -54.32 -2.79
N ALA C 1439 45.30 109.41 -13.13
CA ALA C 1439 46.46 108.86 -13.80
C ALA C 1439 46.67 107.39 -13.41
N PHE C 1440 46.24 107.05 -12.20
CA PHE C 1440 46.32 105.68 -11.70
C PHE C 1440 45.60 104.75 -12.68
N GLN C 1441 44.49 105.24 -13.24
CA GLN C 1441 43.60 104.55 -14.20
C GLN C 1441 44.41 103.91 -15.34
N LEU C 1442 45.27 104.69 -16.00
CA LEU C 1442 46.27 104.00 -16.81
C LEU C 1442 47.04 103.21 -15.76
N GLU C 1443 46.67 101.93 -15.76
CA GLU C 1443 47.14 100.82 -14.97
C GLU C 1443 48.58 100.44 -15.20
N LEU C 1444 49.40 101.08 -14.39
CA LEU C 1444 50.84 101.20 -14.52
C LEU C 1444 51.55 100.21 -13.61
N ASN C 1445 50.82 99.49 -12.75
CA ASN C 1445 51.46 98.51 -11.90
C ASN C 1445 51.48 97.16 -12.59
N ARG C 1446 50.77 97.03 -13.71
CA ARG C 1446 50.69 95.75 -14.38
C ARG C 1446 51.87 95.60 -15.33
N MET C 1447 52.73 96.62 -15.36
CA MET C 1447 54.00 96.63 -16.05
C MET C 1447 55.05 97.07 -15.05
N ARG C 1448 54.81 96.77 -13.77
CA ARG C 1448 55.76 97.12 -12.72
C ARG C 1448 57.02 96.27 -12.84
N ASN C 1449 56.89 95.11 -13.46
CA ASN C 1449 57.96 94.18 -13.84
C ASN C 1449 58.67 94.66 -15.10
N PHE C 1450 59.20 95.89 -15.14
CA PHE C 1450 59.78 96.43 -16.37
C PHE C 1450 60.63 97.63 -16.13
N ASP C 1451 61.49 97.90 -17.11
CA ASP C 1451 62.30 99.10 -17.18
C ASP C 1451 61.94 99.78 -18.49
N LEU C 1452 61.26 100.92 -18.41
CA LEU C 1452 60.62 101.51 -19.57
C LEU C 1452 61.13 102.92 -19.81
N THR C 1453 61.29 103.26 -21.09
CA THR C 1453 61.88 104.50 -21.53
C THR C 1453 60.82 105.33 -22.25
N ALA C 1454 60.63 106.56 -21.79
CA ALA C 1454 59.55 107.40 -22.31
C ALA C 1454 59.96 107.94 -23.67
N ILE C 1455 59.17 107.64 -24.69
CA ILE C 1455 59.38 108.10 -26.05
C ILE C 1455 58.35 109.20 -26.35
N PRO C 1456 58.75 110.38 -26.82
CA PRO C 1456 57.77 111.43 -27.09
C PRO C 1456 56.98 111.26 -28.38
N CYS C 1457 55.72 111.68 -28.33
CA CYS C 1457 54.73 111.32 -29.33
C CYS C 1457 53.64 112.38 -29.28
N ALA C 1458 53.02 112.62 -30.44
CA ALA C 1458 51.86 113.50 -30.51
C ALA C 1458 50.61 112.82 -29.97
N ASN C 1459 49.53 113.60 -29.85
CA ASN C 1459 48.28 113.10 -29.30
C ASN C 1459 48.48 112.55 -27.89
N HIS C 1460 48.82 113.46 -26.99
CA HIS C 1460 49.54 113.08 -25.79
C HIS C 1460 48.69 112.26 -24.84
N LYS C 1461 47.36 112.29 -25.00
CA LYS C 1461 46.45 111.19 -24.63
C LYS C 1461 47.12 109.82 -24.74
N MET C 1462 47.84 109.63 -25.85
CA MET C 1462 48.50 108.37 -26.16
C MET C 1462 49.93 108.46 -25.64
N HIS C 1463 50.22 107.79 -24.53
CA HIS C 1463 51.55 107.87 -23.94
C HIS C 1463 52.21 106.55 -24.31
N LEU C 1464 53.34 106.57 -25.03
CA LEU C 1464 53.97 105.30 -25.36
C LEU C 1464 55.37 105.27 -24.79
N TYR C 1465 55.65 104.17 -24.13
CA TYR C 1465 56.87 103.87 -23.41
C TYR C 1465 57.49 102.65 -24.08
N LEU C 1466 58.80 102.60 -24.11
CA LEU C 1466 59.47 101.45 -24.68
C LEU C 1466 59.99 100.73 -23.46
N GLY C 1467 59.74 99.42 -23.42
CA GLY C 1467 60.00 98.61 -22.25
C GLY C 1467 61.13 97.62 -22.46
N ALA C 1468 62.02 97.61 -21.49
CA ALA C 1468 63.13 96.69 -21.39
C ALA C 1468 62.91 95.84 -20.15
N ALA C 1469 62.97 94.52 -20.34
CA ALA C 1469 62.73 93.59 -19.26
C ALA C 1469 63.78 93.82 -18.19
N LYS C 1470 63.33 94.19 -17.00
CA LYS C 1470 64.22 94.32 -15.86
C LYS C 1470 64.61 92.97 -15.27
N VAL C 1471 65.92 92.80 -15.10
CA VAL C 1471 66.58 91.53 -14.85
C VAL C 1471 67.60 91.79 -13.75
N GLU C 1472 68.21 90.72 -13.22
CA GLU C 1472 69.20 90.89 -12.17
C GLU C 1472 70.58 90.88 -12.83
N VAL C 1473 71.56 91.45 -12.13
CA VAL C 1473 72.98 91.40 -12.50
C VAL C 1473 73.48 90.07 -13.07
N GLY C 1474 72.90 88.96 -12.62
CA GLY C 1474 73.34 87.67 -13.12
C GLY C 1474 73.15 87.49 -14.62
N THR C 1475 72.14 88.14 -15.18
CA THR C 1475 71.78 87.94 -16.57
C THR C 1475 71.52 89.27 -17.24
N GLU C 1476 71.58 89.24 -18.56
CA GLU C 1476 71.50 90.40 -19.42
C GLU C 1476 70.14 90.33 -20.10
N VAL C 1477 69.51 91.48 -20.31
CA VAL C 1477 68.08 91.47 -20.60
C VAL C 1477 67.84 90.84 -21.98
N THR C 1478 66.76 90.07 -22.09
CA THR C 1478 66.33 89.46 -23.34
C THR C 1478 65.13 90.09 -24.03
N ASP C 1479 64.20 90.70 -23.29
CA ASP C 1479 63.01 91.29 -23.89
C ASP C 1479 63.10 92.81 -23.93
N TYR C 1480 62.43 93.29 -24.97
CA TYR C 1480 62.50 94.64 -25.52
C TYR C 1480 61.13 94.75 -26.21
N ARG C 1481 60.14 95.17 -25.44
CA ARG C 1481 58.75 95.20 -25.86
C ARG C 1481 58.38 96.64 -26.13
N PHE C 1482 57.57 96.88 -27.17
CA PHE C 1482 57.03 98.22 -27.37
C PHE C 1482 55.75 98.32 -26.56
N PHE C 1483 55.68 99.30 -25.67
CA PHE C 1483 54.45 99.67 -25.00
C PHE C 1483 53.83 100.95 -25.55
N VAL C 1484 52.52 100.92 -25.81
CA VAL C 1484 51.81 102.16 -26.11
C VAL C 1484 50.54 102.08 -25.28
N ARG C 1485 50.36 103.03 -24.37
CA ARG C 1485 49.21 102.99 -23.49
C ARG C 1485 48.51 104.34 -23.57
N ALA C 1486 47.26 104.36 -24.00
CA ALA C 1486 46.52 105.60 -24.13
C ALA C 1486 45.32 105.63 -23.19
N ILE C 1487 44.65 106.78 -23.24
CA ILE C 1487 43.41 106.99 -22.50
C ILE C 1487 42.59 107.84 -23.44
N ILE C 1488 41.27 107.65 -23.42
CA ILE C 1488 40.43 108.35 -24.39
C ILE C 1488 39.20 108.84 -23.66
N ARG C 1489 39.10 110.17 -23.54
CA ARG C 1489 38.02 110.92 -22.90
C ARG C 1489 37.68 111.87 -24.04
N HIS C 1490 36.86 111.39 -24.97
CA HIS C 1490 36.46 112.16 -26.13
C HIS C 1490 34.97 112.52 -26.14
N SER C 1491 34.28 112.31 -25.02
CA SER C 1491 32.85 112.60 -24.85
C SER C 1491 32.02 111.57 -25.58
N GLU C 1497 25.36 103.32 -29.96
CA GLU C 1497 25.60 103.05 -31.38
C GLU C 1497 26.38 104.22 -31.97
N ALA C 1498 25.99 105.43 -31.59
CA ALA C 1498 26.66 106.64 -32.06
C ALA C 1498 28.12 106.62 -31.60
N SER C 1499 28.33 106.18 -30.37
CA SER C 1499 29.66 106.13 -29.79
C SER C 1499 30.54 105.19 -30.59
N PHE C 1500 30.01 104.01 -30.93
CA PHE C 1500 30.82 103.01 -31.64
C PHE C 1500 31.30 103.54 -32.98
N GLU C 1501 30.43 104.14 -33.79
CA GLU C 1501 30.95 104.65 -35.06
C GLU C 1501 31.96 105.75 -34.77
N TYR C 1502 31.64 106.62 -33.79
CA TYR C 1502 32.50 107.73 -33.41
C TYR C 1502 33.83 107.17 -32.92
N LEU C 1503 33.72 106.18 -32.04
CA LEU C 1503 34.86 105.53 -31.39
C LEU C 1503 35.72 104.92 -32.47
N GLN C 1504 35.05 104.25 -33.41
CA GLN C 1504 35.68 103.53 -34.51
C GLN C 1504 36.55 104.50 -35.26
N ASN C 1505 36.01 105.66 -35.59
CA ASN C 1505 36.77 106.63 -36.38
C ASN C 1505 38.03 106.98 -35.58
N GLU C 1506 37.88 107.17 -34.26
CA GLU C 1506 39.05 107.53 -33.47
C GLU C 1506 40.02 106.36 -33.51
N GLY C 1507 39.47 105.13 -33.51
CA GLY C 1507 40.30 103.94 -33.56
C GLY C 1507 41.09 103.91 -34.84
N GLU C 1508 40.45 104.24 -35.96
CA GLU C 1508 41.12 104.23 -37.25
C GLU C 1508 42.29 105.21 -37.23
N ARG C 1509 42.03 106.42 -36.70
CA ARG C 1509 43.09 107.41 -36.64
C ARG C 1509 44.23 106.89 -35.78
N LEU C 1510 43.86 106.30 -34.64
CA LEU C 1510 44.84 105.79 -33.70
C LEU C 1510 45.65 104.68 -34.33
N LEU C 1511 45.00 103.81 -35.08
CA LEU C 1511 45.75 102.72 -35.67
C LEU C 1511 46.76 103.22 -36.69
N LEU C 1512 46.36 104.13 -37.59
CA LEU C 1512 47.37 104.57 -38.56
C LEU C 1512 48.49 105.38 -37.90
N GLU C 1513 48.14 106.31 -37.01
CA GLU C 1513 49.17 107.11 -36.33
C GLU C 1513 50.06 106.26 -35.44
N ALA C 1514 49.44 105.37 -34.68
CA ALA C 1514 50.16 104.51 -33.74
C ALA C 1514 51.14 103.63 -34.50
N MET C 1515 50.67 103.00 -35.57
CA MET C 1515 51.57 102.20 -36.36
C MET C 1515 52.59 103.03 -37.11
N ASP C 1516 52.29 104.28 -37.45
CA ASP C 1516 53.35 105.16 -37.95
C ASP C 1516 54.45 105.37 -36.91
N GLU C 1517 54.06 105.63 -35.65
CA GLU C 1517 55.05 105.88 -34.61
C GLU C 1517 55.91 104.65 -34.42
N LEU C 1518 55.26 103.51 -34.22
CA LEU C 1518 55.96 102.26 -34.05
C LEU C 1518 56.77 101.92 -35.30
N GLU C 1519 56.34 102.42 -36.47
CA GLU C 1519 57.13 102.22 -37.69
C GLU C 1519 58.44 102.96 -37.59
N VAL C 1520 58.39 104.22 -37.17
CA VAL C 1520 59.61 104.96 -36.95
C VAL C 1520 60.49 104.24 -35.94
N ALA C 1521 59.87 103.68 -34.90
CA ALA C 1521 60.64 102.95 -33.91
C ALA C 1521 61.35 101.74 -34.50
N PHE C 1522 60.66 100.96 -35.34
CA PHE C 1522 61.34 99.85 -36.00
C PHE C 1522 62.45 100.33 -36.89
N ASN C 1523 62.13 101.26 -37.78
CA ASN C 1523 63.10 101.75 -38.74
C ASN C 1523 64.34 102.28 -38.02
N ASN C 1524 64.11 103.15 -37.03
CA ASN C 1524 65.21 103.77 -36.31
C ASN C 1524 66.07 102.75 -35.56
N THR C 1525 65.44 101.94 -34.70
CA THR C 1525 66.15 100.85 -34.04
C THR C 1525 65.33 99.59 -33.90
N ASN C 1526 65.98 98.47 -34.13
CA ASN C 1526 65.37 97.16 -34.12
C ASN C 1526 66.15 96.30 -33.13
N VAL C 1527 65.44 95.56 -32.29
CA VAL C 1527 66.04 94.62 -31.36
C VAL C 1527 65.17 93.39 -31.17
N ARG C 1528 64.45 93.00 -32.22
CA ARG C 1528 63.51 91.88 -32.23
C ARG C 1528 62.57 91.93 -31.02
N THR C 1529 61.75 92.96 -31.01
CA THR C 1529 60.75 93.03 -29.96
C THR C 1529 59.76 91.89 -30.08
N ASP C 1530 59.25 91.50 -28.93
CA ASP C 1530 58.51 90.24 -28.85
C ASP C 1530 57.10 90.37 -28.26
N CYS C 1531 56.93 91.14 -27.19
CA CYS C 1531 55.66 91.12 -26.43
C CYS C 1531 55.08 92.50 -26.25
N ASN C 1532 54.79 93.12 -27.39
CA ASN C 1532 54.39 94.50 -27.41
C ASN C 1532 53.06 94.63 -26.68
N HIS C 1533 52.87 95.71 -25.92
CA HIS C 1533 51.62 95.94 -25.19
C HIS C 1533 50.89 97.12 -25.80
N ILE C 1534 49.57 96.98 -25.93
CA ILE C 1534 48.67 98.07 -26.30
C ILE C 1534 47.65 98.21 -25.18
N PHE C 1535 47.54 99.41 -24.60
CA PHE C 1535 46.53 99.68 -23.58
C PHE C 1535 45.61 100.78 -24.09
N LEU C 1536 44.31 100.51 -24.08
CA LEU C 1536 43.31 101.52 -24.41
C LEU C 1536 42.37 101.68 -23.22
N ASN C 1537 42.32 102.88 -22.64
CA ASN C 1537 41.33 103.13 -21.58
C ASN C 1537 40.15 103.95 -22.10
N PHE C 1538 39.04 103.29 -22.48
CA PHE C 1538 37.86 104.07 -22.83
C PHE C 1538 37.31 104.43 -21.47
N VAL C 1539 37.37 105.71 -21.12
CA VAL C 1539 36.69 106.23 -19.95
C VAL C 1539 35.26 106.75 -20.17
N PRO C 1540 34.70 106.86 -21.42
CA PRO C 1540 33.24 107.06 -21.44
C PRO C 1540 32.51 105.78 -21.11
N THR C 1541 31.17 105.82 -21.07
CA THR C 1541 30.36 104.65 -20.70
C THR C 1541 29.13 104.45 -21.60
N VAL C 1542 29.30 103.68 -22.68
CA VAL C 1542 28.25 103.47 -23.67
C VAL C 1542 27.40 102.32 -23.16
N ILE C 1543 26.27 102.01 -23.81
CA ILE C 1543 25.47 100.82 -23.49
C ILE C 1543 25.38 99.86 -24.67
N MET C 1544 25.86 98.62 -24.50
CA MET C 1544 25.74 97.62 -25.56
C MET C 1544 25.99 96.25 -24.90
N ASP C 1545 25.88 95.11 -25.72
CA ASP C 1545 26.08 93.75 -25.22
C ASP C 1545 27.53 93.29 -25.42
N PRO C 1546 27.99 92.26 -24.66
CA PRO C 1546 29.38 91.80 -24.82
C PRO C 1546 29.85 90.93 -25.97
N SER C 1547 29.02 90.09 -26.60
CA SER C 1547 29.62 89.12 -27.53
C SER C 1547 29.68 89.58 -28.98
N LYS C 1548 28.87 90.54 -29.38
CA LYS C 1548 29.08 91.19 -30.66
C LYS C 1548 30.17 92.23 -30.53
N ILE C 1549 30.39 92.74 -29.31
CA ILE C 1549 31.61 93.47 -29.00
C ILE C 1549 32.82 92.58 -29.20
N GLU C 1550 32.68 91.31 -28.87
CA GLU C 1550 33.79 90.37 -29.02
C GLU C 1550 34.06 90.08 -30.49
N GLU C 1551 33.00 89.96 -31.30
CA GLU C 1551 33.22 89.93 -32.74
C GLU C 1551 33.79 91.25 -33.25
N SER C 1552 33.38 92.37 -32.68
CA SER C 1552 33.90 93.64 -33.14
C SER C 1552 35.41 93.75 -32.91
N VAL C 1553 35.89 93.35 -31.74
CA VAL C 1553 37.33 93.42 -31.48
C VAL C 1553 38.06 92.42 -32.34
N ARG C 1554 37.39 91.32 -32.71
CA ARG C 1554 37.97 90.43 -33.71
C ARG C 1554 38.14 91.15 -35.03
N SER C 1555 37.08 91.80 -35.52
CA SER C 1555 37.14 92.52 -36.79
C SER C 1555 38.27 93.55 -36.76
N MET C 1556 38.40 94.27 -35.65
CA MET C 1556 39.44 95.26 -35.47
C MET C 1556 40.83 94.68 -35.64
N VAL C 1557 41.21 93.76 -34.75
CA VAL C 1557 42.56 93.20 -34.77
C VAL C 1557 42.84 92.47 -36.08
N MET C 1558 41.81 91.80 -36.65
CA MET C 1558 42.02 91.01 -37.86
C MET C 1558 42.35 91.83 -39.10
N ARG C 1559 41.68 92.98 -39.33
CA ARG C 1559 41.88 93.71 -40.60
C ARG C 1559 43.36 93.83 -40.94
N TYR C 1560 44.20 94.13 -39.95
CA TYR C 1560 45.65 94.05 -40.08
C TYR C 1560 46.15 92.69 -39.62
N GLY C 1561 46.84 92.02 -40.52
CA GLY C 1561 47.21 90.64 -40.37
C GLY C 1561 48.71 90.64 -40.33
N SER C 1562 49.29 90.63 -41.54
CA SER C 1562 50.75 90.65 -41.68
C SER C 1562 51.32 91.82 -40.92
N ARG C 1563 50.67 92.97 -41.05
CA ARG C 1563 51.08 94.20 -40.39
C ARG C 1563 51.30 93.99 -38.91
N LEU C 1564 50.41 93.24 -38.26
CA LEU C 1564 50.63 92.96 -36.85
C LEU C 1564 51.94 92.22 -36.71
N TRP C 1565 52.22 91.29 -37.62
CA TRP C 1565 53.32 90.36 -37.43
C TRP C 1565 54.63 91.05 -37.75
N LYS C 1566 54.56 92.07 -38.61
CA LYS C 1566 55.72 92.89 -38.89
C LYS C 1566 56.08 93.63 -37.64
N LEU C 1567 55.09 94.31 -37.09
CA LEU C 1567 55.23 94.97 -35.80
C LEU C 1567 55.34 93.99 -34.65
N ARG C 1568 54.98 92.74 -34.88
CA ARG C 1568 55.04 91.66 -33.91
C ARG C 1568 54.33 92.09 -32.64
N VAL C 1569 53.06 92.42 -32.82
CA VAL C 1569 52.21 92.78 -31.71
C VAL C 1569 51.68 91.56 -30.99
N LEU C 1570 51.93 91.47 -29.68
CA LEU C 1570 51.62 90.25 -28.95
C LEU C 1570 50.62 90.40 -27.82
N GLN C 1571 50.39 91.62 -27.34
CA GLN C 1571 49.53 91.82 -26.17
C GLN C 1571 48.68 93.08 -26.29
N ALA C 1572 47.38 92.96 -26.04
CA ALA C 1572 46.49 94.12 -26.02
C ALA C 1572 45.46 94.06 -24.90
N GLU C 1573 45.22 95.19 -24.26
CA GLU C 1573 44.21 95.37 -23.21
C GLU C 1573 43.36 96.58 -23.58
N LEU C 1574 42.04 96.45 -23.47
CA LEU C 1574 41.18 97.63 -23.48
C LEU C 1574 40.23 97.59 -22.28
N LYS C 1575 39.65 98.76 -22.00
CA LYS C 1575 38.39 98.80 -21.26
C LYS C 1575 37.40 99.68 -21.96
N ILE C 1576 36.14 99.46 -21.57
CA ILE C 1576 34.99 100.22 -21.99
C ILE C 1576 33.88 99.96 -20.98
N ASN C 1577 33.30 101.03 -20.44
CA ASN C 1577 32.30 100.90 -19.40
C ASN C 1577 30.93 100.69 -20.04
N ILE C 1578 30.18 99.70 -19.58
CA ILE C 1578 28.82 99.49 -20.05
C ILE C 1578 27.91 99.35 -18.84
N ARG C 1579 26.63 99.14 -19.15
CA ARG C 1579 25.53 98.96 -18.21
C ARG C 1579 24.37 98.87 -19.18
N LEU C 1580 23.17 98.70 -18.66
CA LEU C 1580 21.98 98.67 -19.51
C LEU C 1580 21.16 99.94 -19.32
N THR C 1581 20.19 100.11 -20.21
CA THR C 1581 19.44 101.36 -20.27
C THR C 1581 18.74 101.72 -18.97
N PRO C 1582 18.11 100.82 -18.22
CA PRO C 1582 17.48 101.28 -16.97
C PRO C 1582 18.49 101.57 -15.87
N THR C 1583 19.48 100.71 -15.69
CA THR C 1583 20.31 100.78 -14.49
C THR C 1583 21.17 102.03 -14.47
N GLY C 1584 21.78 102.38 -15.61
CA GLY C 1584 22.66 103.54 -15.66
C GLY C 1584 23.82 103.48 -14.69
N LYS C 1585 24.24 102.28 -14.32
CA LYS C 1585 25.34 102.04 -13.39
C LYS C 1585 26.52 101.55 -14.21
N ALA C 1586 27.36 102.47 -14.66
CA ALA C 1586 28.42 102.07 -15.56
C ALA C 1586 29.44 101.22 -14.81
N ILE C 1587 29.62 100.00 -15.31
CA ILE C 1587 30.54 99.00 -14.79
C ILE C 1587 31.65 98.91 -15.83
N PRO C 1588 32.86 98.50 -15.49
CA PRO C 1588 33.93 98.37 -16.51
C PRO C 1588 34.04 96.93 -16.95
N ILE C 1589 34.41 96.72 -18.21
CA ILE C 1589 34.55 95.37 -18.75
C ILE C 1589 35.89 95.29 -19.48
N ARG C 1590 36.92 94.84 -18.76
CA ARG C 1590 38.29 94.87 -19.27
C ARG C 1590 38.40 93.72 -20.24
N LEU C 1591 38.37 94.03 -21.53
CA LEU C 1591 38.53 93.00 -22.54
C LEU C 1591 40.04 92.90 -22.75
N PHE C 1592 40.59 91.68 -22.71
CA PHE C 1592 42.03 91.50 -22.87
C PHE C 1592 42.22 90.52 -24.01
N LEU C 1593 43.10 90.89 -24.90
CA LEU C 1593 43.38 90.18 -26.14
C LEU C 1593 44.60 89.31 -25.88
N THR C 1594 44.55 88.07 -26.37
CA THR C 1594 45.59 87.07 -26.15
C THR C 1594 45.98 86.39 -27.43
N ASN C 1595 47.16 86.70 -27.95
CA ASN C 1595 47.65 86.03 -29.15
C ASN C 1595 49.13 85.81 -28.93
N GLU C 1596 49.57 84.59 -29.25
CA GLU C 1596 50.91 84.11 -29.10
C GLU C 1596 51.51 83.93 -30.48
N SER C 1597 52.50 83.04 -30.61
CA SER C 1597 53.06 82.80 -31.93
C SER C 1597 51.90 82.31 -32.76
N GLY C 1598 51.83 82.76 -34.00
CA GLY C 1598 50.66 82.38 -34.76
C GLY C 1598 49.62 83.48 -34.57
N TYR C 1599 48.64 83.50 -35.44
CA TYR C 1599 47.62 84.54 -35.40
C TYR C 1599 46.40 84.08 -34.62
N TYR C 1600 46.54 83.00 -33.86
CA TYR C 1600 45.43 82.43 -33.11
C TYR C 1600 45.19 83.36 -31.95
N LEU C 1601 43.94 83.78 -31.76
CA LEU C 1601 43.69 84.71 -30.66
C LEU C 1601 42.53 84.32 -29.77
N ASP C 1602 42.78 84.35 -28.47
CA ASP C 1602 41.77 84.05 -27.47
C ASP C 1602 41.46 85.41 -26.85
N ILE C 1603 40.19 85.74 -26.81
CA ILE C 1603 39.70 87.00 -26.27
C ILE C 1603 39.04 86.73 -24.94
N SER C 1604 39.46 87.47 -23.93
CA SER C 1604 38.92 87.30 -22.59
C SER C 1604 38.07 88.51 -22.27
N LEU C 1605 36.78 88.29 -22.07
CA LEU C 1605 35.88 89.36 -21.67
C LEU C 1605 35.26 89.03 -20.34
N TYR C 1606 35.16 90.05 -19.50
CA TYR C 1606 34.68 89.90 -18.14
C TYR C 1606 33.61 90.95 -17.86
N LYS C 1607 33.40 91.13 -16.57
CA LYS C 1607 32.68 92.20 -15.96
C LYS C 1607 33.64 92.46 -14.82
N GLU C 1608 33.62 93.63 -14.20
CA GLU C 1608 34.57 93.86 -13.12
C GLU C 1608 33.76 93.88 -11.85
N VAL C 1609 34.05 92.92 -10.97
CA VAL C 1609 33.25 92.64 -9.80
C VAL C 1609 34.11 92.48 -8.58
N THR C 1610 33.69 93.08 -7.48
CA THR C 1610 34.29 92.80 -6.20
C THR C 1610 34.13 91.34 -5.80
N ALA C 1615 36.78 91.28 -0.79
CA ALA C 1615 36.47 92.63 -1.23
C ALA C 1615 37.45 93.18 -2.28
N GLN C 1616 38.40 92.33 -2.67
CA GLN C 1616 39.48 92.69 -3.58
C GLN C 1616 39.09 92.46 -5.03
N ILE C 1617 38.92 93.56 -5.78
CA ILE C 1617 38.25 93.54 -7.10
C ILE C 1617 38.79 92.43 -8.00
N MET C 1618 37.88 91.87 -8.78
CA MET C 1618 38.03 90.54 -9.36
C MET C 1618 37.44 90.50 -10.77
N PHE C 1619 38.26 90.19 -11.78
CA PHE C 1619 37.69 90.08 -13.11
C PHE C 1619 36.71 88.92 -13.20
N GLN C 1620 35.42 89.21 -13.15
CA GLN C 1620 34.39 88.17 -13.23
C GLN C 1620 33.33 88.50 -14.27
N ALA C 1621 33.16 87.60 -15.24
CA ALA C 1621 32.16 87.78 -16.27
C ALA C 1621 30.81 87.92 -15.58
N LYS C 1625 30.90 80.52 -21.78
CA LYS C 1625 32.02 80.24 -22.66
C LYS C 1625 33.09 79.44 -21.95
N GLN C 1626 34.33 79.55 -22.42
CA GLN C 1626 35.50 79.47 -21.56
C GLN C 1626 36.43 80.65 -21.70
N GLY C 1627 36.75 81.27 -20.56
CA GLY C 1627 37.53 82.46 -20.56
C GLY C 1627 38.78 82.27 -19.71
N PRO C 1628 39.96 82.68 -20.18
CA PRO C 1628 41.16 82.55 -19.34
C PRO C 1628 41.02 83.48 -18.15
N LEU C 1629 41.67 83.14 -17.03
CA LEU C 1629 41.62 83.99 -15.84
C LEU C 1629 40.17 84.24 -15.41
N HIS C 1630 39.46 83.14 -15.14
CA HIS C 1630 38.06 83.25 -14.75
C HIS C 1630 37.90 84.12 -13.52
N GLY C 1631 38.92 84.20 -12.67
CA GLY C 1631 38.98 85.28 -11.72
C GLY C 1631 40.34 85.52 -11.12
N MET C 1632 40.82 86.75 -11.23
CA MET C 1632 42.01 87.23 -10.55
C MET C 1632 41.84 88.73 -10.40
N LEU C 1633 42.64 89.33 -9.51
CA LEU C 1633 42.52 90.75 -9.32
C LEU C 1633 43.24 91.52 -10.44
N ILE C 1634 43.24 92.85 -10.33
CA ILE C 1634 43.51 93.66 -11.52
C ILE C 1634 44.98 94.09 -11.58
N ASN C 1635 45.62 94.22 -10.41
CA ASN C 1635 46.97 94.77 -10.36
C ASN C 1635 48.07 93.72 -10.46
N THR C 1636 48.03 92.90 -11.49
CA THR C 1636 48.91 91.73 -11.61
C THR C 1636 50.23 92.17 -12.26
N PRO C 1637 51.36 92.25 -11.54
CA PRO C 1637 52.57 92.71 -12.24
C PRO C 1637 52.94 91.70 -13.33
N TYR C 1638 53.59 92.18 -14.38
CA TYR C 1638 53.68 91.39 -15.61
C TYR C 1638 54.69 90.25 -15.52
N VAL C 1639 54.19 89.05 -15.87
CA VAL C 1639 54.96 87.82 -15.90
C VAL C 1639 56.17 88.03 -16.80
N THR C 1640 57.35 87.63 -16.34
CA THR C 1640 58.54 87.68 -17.19
C THR C 1640 58.81 86.31 -17.80
N LYS C 1641 58.75 86.28 -19.12
CA LYS C 1641 59.16 85.28 -20.09
C LYS C 1641 60.43 84.51 -19.75
N ASP C 1642 61.32 85.15 -19.00
CA ASP C 1642 62.68 84.70 -18.86
C ASP C 1642 62.78 83.25 -18.39
N LEU C 1643 62.02 82.85 -17.37
CA LEU C 1643 61.81 81.41 -17.16
C LEU C 1643 61.31 80.61 -18.35
N LEU C 1644 60.53 81.20 -19.27
CA LEU C 1644 60.15 80.42 -20.44
C LEU C 1644 61.40 79.97 -21.15
N GLN C 1645 62.18 80.98 -21.54
CA GLN C 1645 63.50 80.76 -22.12
C GLN C 1645 64.33 79.79 -21.28
N SER C 1646 64.32 79.96 -19.96
CA SER C 1646 65.14 79.11 -19.11
C SER C 1646 64.76 77.66 -19.26
N LYS C 1647 63.46 77.36 -19.31
CA LYS C 1647 63.11 75.94 -19.38
C LYS C 1647 63.42 75.46 -20.79
N ARG C 1648 63.25 76.35 -21.78
CA ARG C 1648 63.57 75.99 -23.15
C ARG C 1648 65.05 75.70 -23.28
N PHE C 1649 65.86 76.44 -22.55
CA PHE C 1649 67.30 76.24 -22.56
C PHE C 1649 67.64 74.89 -21.97
N GLN C 1650 66.97 74.52 -20.89
CA GLN C 1650 67.21 73.22 -20.29
C GLN C 1650 66.83 72.11 -21.24
N ALA C 1651 65.73 72.28 -21.99
CA ALA C 1651 65.31 71.24 -22.92
C ALA C 1651 66.23 71.10 -24.12
N GLN C 1652 66.52 72.20 -24.82
CA GLN C 1652 67.46 72.11 -25.93
C GLN C 1652 68.79 71.55 -25.46
N SER C 1653 69.24 71.98 -24.28
CA SER C 1653 70.49 71.49 -23.73
C SER C 1653 70.39 70.03 -23.36
N LEU C 1654 69.16 69.56 -23.15
CA LEU C 1654 68.84 68.16 -22.98
C LEU C 1654 68.45 67.50 -24.30
N GLY C 1655 68.67 68.16 -25.42
CA GLY C 1655 68.34 67.61 -26.73
C GLY C 1655 66.87 67.35 -26.96
N THR C 1656 66.01 68.19 -26.42
CA THR C 1656 64.59 68.04 -26.63
C THR C 1656 63.91 69.39 -26.80
N THR C 1657 62.60 69.31 -26.89
CA THR C 1657 61.70 70.43 -27.12
C THR C 1657 61.00 70.79 -25.82
N TYR C 1658 60.88 72.09 -25.56
CA TYR C 1658 60.09 72.51 -24.42
C TYR C 1658 58.67 72.00 -24.53
N ILE C 1659 58.18 71.47 -23.41
CA ILE C 1659 56.92 70.75 -23.37
C ILE C 1659 55.77 71.56 -23.98
N TYR C 1660 55.60 72.81 -23.55
CA TYR C 1660 54.48 73.57 -24.07
C TYR C 1660 54.66 74.05 -25.51
N ASP C 1661 55.82 73.84 -26.12
CA ASP C 1661 55.98 74.17 -27.54
C ASP C 1661 55.59 73.06 -28.46
N ILE C 1662 55.41 71.86 -27.93
CA ILE C 1662 55.09 70.72 -28.77
C ILE C 1662 53.82 70.96 -29.55
N PRO C 1663 52.75 71.47 -28.96
CA PRO C 1663 51.54 71.65 -29.73
C PRO C 1663 51.81 72.41 -30.99
N GLU C 1664 52.64 73.43 -30.89
CA GLU C 1664 52.97 74.13 -32.09
C GLU C 1664 53.84 73.27 -32.99
N MET C 1665 54.62 72.37 -32.40
CA MET C 1665 55.40 71.43 -33.19
C MET C 1665 54.48 70.49 -33.94
N PHE C 1666 53.35 70.23 -33.35
CA PHE C 1666 52.32 69.46 -33.99
C PHE C 1666 51.82 70.22 -35.19
N ARG C 1667 51.56 71.50 -35.00
CA ARG C 1667 51.04 72.23 -36.12
C ARG C 1667 52.02 72.25 -37.28
N GLN C 1668 53.31 72.46 -37.02
CA GLN C 1668 54.22 72.52 -38.16
C GLN C 1668 54.35 71.17 -38.85
N SER C 1669 54.41 70.10 -38.08
CA SER C 1669 54.50 68.78 -38.70
C SER C 1669 53.23 68.54 -39.50
N LEU C 1670 52.10 68.93 -38.95
CA LEU C 1670 50.84 68.77 -39.63
C LEU C 1670 50.84 69.48 -40.96
N ILE C 1671 51.46 70.64 -40.99
CA ILE C 1671 51.60 71.36 -42.24
C ILE C 1671 52.41 70.54 -43.22
N LYS C 1672 53.53 70.00 -42.74
CA LYS C 1672 54.36 69.17 -43.61
C LYS C 1672 53.55 68.02 -44.15
N LEU C 1673 52.67 67.50 -43.33
CA LEU C 1673 51.88 66.36 -43.78
C LEU C 1673 50.94 66.80 -44.85
N TRP C 1674 50.25 67.93 -44.62
CA TRP C 1674 49.36 68.46 -45.65
C TRP C 1674 50.11 68.58 -46.96
N GLU C 1675 51.40 68.85 -46.90
CA GLU C 1675 52.15 69.03 -48.12
C GLU C 1675 52.46 67.66 -48.71
N SER C 1676 53.04 66.79 -47.90
CA SER C 1676 53.50 65.49 -48.36
C SER C 1676 52.37 64.59 -48.81
N MET C 1677 51.28 64.58 -48.07
CA MET C 1677 50.19 63.68 -48.40
C MET C 1677 49.42 64.11 -49.62
N SER C 1678 49.50 65.38 -50.01
CA SER C 1678 48.77 65.81 -51.20
C SER C 1678 49.37 65.20 -52.44
N THR C 1679 50.66 64.86 -52.37
CA THR C 1679 51.27 63.99 -53.36
C THR C 1679 50.46 62.72 -53.49
N GLN C 1680 50.15 62.10 -52.35
CA GLN C 1680 49.60 60.76 -52.32
C GLN C 1680 48.11 60.76 -52.63
N ALA C 1681 47.39 61.79 -52.18
CA ALA C 1681 45.94 61.80 -52.24
C ALA C 1681 45.46 63.15 -52.75
N PHE C 1682 44.24 63.12 -53.27
CA PHE C 1682 43.44 64.28 -53.62
C PHE C 1682 42.80 64.95 -52.41
N LEU C 1683 43.10 66.23 -52.20
CA LEU C 1683 42.64 66.98 -51.05
C LEU C 1683 41.80 68.21 -51.35
N PRO C 1684 40.94 68.61 -50.38
CA PRO C 1684 40.32 69.94 -50.46
C PRO C 1684 41.44 70.94 -50.25
N SER C 1685 41.13 72.21 -50.36
CA SER C 1685 42.15 73.19 -50.08
C SER C 1685 42.49 73.06 -48.60
N PRO C 1686 43.75 73.17 -48.21
CA PRO C 1686 44.06 73.01 -46.81
C PRO C 1686 43.34 74.08 -46.02
N PRO C 1687 43.07 73.84 -44.75
CA PRO C 1687 42.49 74.91 -43.96
C PRO C 1687 43.53 75.95 -43.58
N LEU C 1688 42.99 77.07 -43.15
CA LEU C 1688 43.79 78.14 -42.62
C LEU C 1688 44.41 77.71 -41.30
N PRO C 1689 45.63 78.17 -40.98
CA PRO C 1689 46.24 77.72 -39.72
C PRO C 1689 45.34 78.02 -38.56
N SER C 1690 44.65 79.17 -38.65
CA SER C 1690 43.70 79.60 -37.63
C SER C 1690 42.52 78.66 -37.50
N ASP C 1691 42.07 78.07 -38.60
CA ASP C 1691 40.92 77.19 -38.56
C ASP C 1691 41.33 75.72 -38.38
N MET C 1692 42.63 75.47 -38.35
CA MET C 1692 43.19 74.14 -38.27
C MET C 1692 43.17 73.45 -36.91
N LEU C 1693 43.24 74.18 -35.81
CA LEU C 1693 43.42 73.51 -34.53
C LEU C 1693 42.76 74.21 -33.36
N THR C 1694 42.18 73.38 -32.49
CA THR C 1694 41.72 73.79 -31.19
C THR C 1694 42.24 72.83 -30.15
N TYR C 1695 42.75 73.38 -29.05
CA TYR C 1695 43.21 72.59 -27.92
C TYR C 1695 42.53 73.13 -26.68
N THR C 1696 42.40 72.29 -25.68
CA THR C 1696 41.92 72.73 -24.39
C THR C 1696 42.72 72.03 -23.30
N GLU C 1697 43.29 72.81 -22.38
CA GLU C 1697 44.08 72.22 -21.31
C GLU C 1697 43.17 71.52 -20.33
N LEU C 1698 43.62 70.36 -19.89
CA LEU C 1698 42.93 69.59 -18.88
C LEU C 1698 43.66 69.77 -17.55
N VAL C 1699 42.92 70.07 -16.48
CA VAL C 1699 43.55 70.44 -15.21
C VAL C 1699 42.80 69.87 -14.01
N LEU C 1700 43.58 69.47 -13.01
CA LEU C 1700 43.06 68.87 -11.78
C LEU C 1700 42.50 69.92 -10.83
N ASP C 1701 41.28 69.72 -10.37
CA ASP C 1701 40.74 70.56 -9.30
C ASP C 1701 41.31 70.06 -7.98
N ASP C 1702 40.78 70.57 -6.87
CA ASP C 1702 41.24 70.11 -5.57
C ASP C 1702 40.98 68.62 -5.43
N GLN C 1703 39.87 68.13 -5.99
CA GLN C 1703 39.50 66.74 -5.87
C GLN C 1703 40.11 65.86 -6.94
N GLY C 1704 41.11 66.34 -7.68
CA GLY C 1704 41.61 65.49 -8.73
C GLY C 1704 40.58 65.20 -9.80
N GLN C 1705 39.71 66.15 -10.06
CA GLN C 1705 38.69 66.00 -11.09
C GLN C 1705 39.04 66.94 -12.22
N LEU C 1706 38.69 66.51 -13.42
CA LEU C 1706 39.11 67.22 -14.61
C LEU C 1706 38.35 68.51 -14.75
N VAL C 1707 39.07 69.52 -15.22
CA VAL C 1707 38.53 70.84 -15.40
C VAL C 1707 39.12 71.36 -16.70
N HIS C 1708 38.26 71.89 -17.55
CA HIS C 1708 38.72 72.38 -18.83
C HIS C 1708 39.27 73.77 -18.58
N MET C 1709 40.51 74.01 -18.97
CA MET C 1709 41.16 75.25 -18.60
C MET C 1709 41.97 75.84 -19.74
N ASN C 1710 41.72 77.12 -19.97
CA ASN C 1710 42.40 77.93 -20.97
C ASN C 1710 43.34 78.82 -20.17
N ARG C 1711 44.48 78.26 -19.81
CA ARG C 1711 45.44 78.94 -18.96
C ARG C 1711 46.75 79.10 -19.71
N LEU C 1712 47.58 79.97 -19.18
CA LEU C 1712 48.82 80.27 -19.84
C LEU C 1712 49.77 79.08 -19.74
N PRO C 1713 50.52 78.78 -20.81
CA PRO C 1713 51.47 77.69 -20.68
C PRO C 1713 52.52 78.04 -19.64
N GLY C 1714 52.97 77.02 -18.96
CA GLY C 1714 53.94 77.10 -17.89
C GLY C 1714 53.31 77.08 -16.53
N GLY C 1715 51.99 76.94 -16.45
CA GLY C 1715 51.39 77.14 -15.16
C GLY C 1715 51.31 75.88 -14.36
N ASN C 1716 51.69 74.76 -14.96
CA ASN C 1716 51.54 73.47 -14.32
C ASN C 1716 52.37 73.48 -13.05
N GLU C 1717 51.84 72.84 -12.03
CA GLU C 1717 52.52 72.66 -10.75
C GLU C 1717 52.97 71.23 -10.56
N ILE C 1718 52.91 70.41 -11.62
CA ILE C 1718 53.40 69.05 -11.62
C ILE C 1718 54.04 68.76 -12.96
N GLY C 1719 54.78 67.65 -13.01
CA GLY C 1719 55.58 67.27 -14.15
C GLY C 1719 54.85 66.58 -15.27
N MET C 1720 53.55 66.82 -15.40
CA MET C 1720 52.74 66.16 -16.41
C MET C 1720 51.75 67.16 -16.98
N VAL C 1721 51.50 67.09 -18.28
CA VAL C 1721 50.57 68.01 -18.94
C VAL C 1721 49.68 67.29 -19.92
N ALA C 1722 48.45 67.79 -20.02
CA ALA C 1722 47.51 67.20 -20.92
C ALA C 1722 46.54 68.18 -21.55
N TRP C 1723 46.18 67.85 -22.79
CA TRP C 1723 45.16 68.60 -23.54
C TRP C 1723 44.33 67.65 -24.36
N LYS C 1724 43.09 68.06 -24.57
CA LYS C 1724 42.28 67.51 -25.64
C LYS C 1724 42.36 68.39 -26.88
N MET C 1725 42.57 67.78 -28.05
CA MET C 1725 42.67 68.51 -29.31
C MET C 1725 41.80 67.94 -30.39
N THR C 1726 41.15 68.83 -31.14
CA THR C 1726 40.41 68.43 -32.32
C THR C 1726 40.95 69.23 -33.51
N PHE C 1727 41.27 68.53 -34.59
CA PHE C 1727 41.74 69.18 -35.80
C PHE C 1727 41.34 68.40 -37.05
N LYS C 1728 41.29 69.10 -38.16
CA LYS C 1728 40.97 68.53 -39.47
C LYS C 1728 42.28 68.19 -40.17
N SER C 1729 42.37 66.94 -40.60
CA SER C 1729 43.54 66.37 -41.26
C SER C 1729 43.15 65.74 -42.59
N PRO C 1730 44.15 65.45 -43.44
CA PRO C 1730 43.86 64.90 -44.77
C PRO C 1730 42.96 63.68 -44.77
N GLU C 1731 43.18 62.83 -43.78
CA GLU C 1731 42.44 61.60 -43.57
C GLU C 1731 41.11 61.90 -42.87
N TYR C 1732 41.04 62.98 -42.10
CA TYR C 1732 39.83 63.37 -41.35
C TYR C 1732 39.50 64.84 -41.60
N PRO C 1733 39.01 65.16 -42.79
CA PRO C 1733 38.86 66.58 -43.12
C PRO C 1733 37.78 67.27 -42.32
N GLU C 1734 36.80 66.52 -41.84
CA GLU C 1734 35.74 67.03 -40.97
C GLU C 1734 36.18 67.18 -39.52
N GLY C 1735 37.33 66.61 -39.16
CA GLY C 1735 37.96 66.79 -37.87
C GLY C 1735 38.10 65.50 -37.10
N ARG C 1736 39.10 65.46 -36.24
CA ARG C 1736 39.38 64.27 -35.45
C ARG C 1736 39.98 64.73 -34.13
N ASP C 1737 39.78 63.93 -33.10
CA ASP C 1737 40.19 64.25 -31.75
C ASP C 1737 41.25 63.32 -31.22
N ILE C 1738 42.14 63.86 -30.40
CA ILE C 1738 43.04 63.01 -29.65
C ILE C 1738 43.17 63.61 -28.27
N ILE C 1739 43.66 62.77 -27.38
CA ILE C 1739 44.08 63.16 -26.05
C ILE C 1739 45.58 63.01 -25.97
N VAL C 1740 46.24 64.05 -25.48
CA VAL C 1740 47.68 64.05 -25.36
C VAL C 1740 48.11 64.21 -23.93
N ILE C 1741 48.96 63.29 -23.51
CA ILE C 1741 49.59 63.31 -22.20
C ILE C 1741 51.09 63.37 -22.48
N GLY C 1742 51.79 64.11 -21.63
CA GLY C 1742 53.22 64.26 -21.82
C GLY C 1742 53.97 64.51 -20.55
N ASN C 1743 55.17 63.93 -20.45
CA ASN C 1743 56.01 64.30 -19.32
C ASN C 1743 56.53 65.71 -19.50
N ASP C 1744 56.73 66.39 -18.37
CA ASP C 1744 57.46 67.64 -18.36
C ASP C 1744 58.82 67.33 -17.74
N ILE C 1745 59.82 67.10 -18.58
CA ILE C 1745 61.15 66.73 -18.10
C ILE C 1745 61.77 67.81 -17.26
N THR C 1746 61.28 69.04 -17.39
CA THR C 1746 61.79 70.15 -16.62
C THR C 1746 61.36 70.09 -15.18
N TYR C 1747 60.31 69.35 -14.85
CA TYR C 1747 59.92 69.24 -13.47
C TYR C 1747 60.57 67.97 -13.01
N ARG C 1748 61.69 68.12 -12.33
CA ARG C 1748 62.42 67.01 -11.78
C ARG C 1748 62.67 65.92 -12.83
N ILE C 1749 63.44 66.23 -13.88
CA ILE C 1749 63.60 65.34 -15.03
C ILE C 1749 62.42 64.43 -15.38
N GLY C 1750 61.20 64.94 -15.20
CA GLY C 1750 59.98 64.20 -15.50
C GLY C 1750 59.64 62.97 -14.68
N SER C 1751 60.07 62.92 -13.42
CA SER C 1751 59.70 61.78 -12.60
C SER C 1751 58.19 61.81 -12.37
N PHE C 1752 57.67 60.72 -11.81
CA PHE C 1752 56.22 60.49 -11.68
C PHE C 1752 55.78 60.57 -10.22
N GLY C 1753 55.29 61.71 -9.81
CA GLY C 1753 54.67 61.79 -8.51
C GLY C 1753 53.19 61.42 -8.64
N PRO C 1754 52.48 61.39 -7.51
CA PRO C 1754 51.07 61.00 -7.54
C PRO C 1754 50.17 61.92 -8.29
N GLN C 1755 50.47 63.21 -8.25
CA GLN C 1755 49.67 64.13 -9.01
C GLN C 1755 49.88 63.92 -10.49
N GLU C 1756 51.13 63.65 -10.88
CA GLU C 1756 51.39 63.36 -12.29
C GLU C 1756 50.65 62.10 -12.69
N ASP C 1757 50.73 61.10 -11.82
CA ASP C 1757 50.10 59.82 -12.05
C ASP C 1757 48.61 60.01 -12.17
N LEU C 1758 48.11 60.95 -11.39
CA LEU C 1758 46.70 61.20 -11.25
C LEU C 1758 46.19 61.95 -12.47
N LEU C 1759 46.97 62.92 -12.96
CA LEU C 1759 46.58 63.63 -14.15
C LEU C 1759 46.42 62.64 -15.26
N PHE C 1760 47.44 61.80 -15.40
CA PHE C 1760 47.43 60.75 -16.38
C PHE C 1760 46.22 59.87 -16.20
N LEU C 1761 46.02 59.46 -14.98
CA LEU C 1761 44.93 58.59 -14.62
C LEU C 1761 43.58 59.13 -15.01
N ARG C 1762 43.25 60.32 -14.55
CA ARG C 1762 41.88 60.75 -14.76
C ARG C 1762 41.63 61.14 -16.19
N ALA C 1763 42.65 61.68 -16.85
CA ALA C 1763 42.51 62.00 -18.25
C ALA C 1763 42.40 60.75 -19.07
N SER C 1764 43.20 59.78 -18.71
CA SER C 1764 43.23 58.53 -19.42
C SER C 1764 41.90 57.85 -19.24
N GLU C 1765 41.41 57.86 -18.01
CA GLU C 1765 40.12 57.28 -17.69
C GLU C 1765 39.04 57.88 -18.53
N LEU C 1766 39.15 59.17 -18.77
CA LEU C 1766 38.15 59.80 -19.59
C LEU C 1766 38.30 59.39 -21.02
N ALA C 1767 39.54 59.38 -21.47
CA ALA C 1767 39.89 58.96 -22.81
C ALA C 1767 39.28 57.62 -23.10
N ARG C 1768 39.43 56.73 -22.13
CA ARG C 1768 38.88 55.41 -22.27
C ARG C 1768 37.39 55.52 -22.35
N ALA C 1769 36.82 56.47 -21.59
CA ALA C 1769 35.37 56.58 -21.58
C ALA C 1769 34.84 56.80 -22.97
N GLU C 1770 35.52 57.60 -23.78
CA GLU C 1770 34.99 57.82 -25.12
C GLU C 1770 35.66 56.99 -26.21
N GLY C 1771 36.73 56.28 -25.89
CA GLY C 1771 37.32 55.40 -26.90
C GLY C 1771 38.25 56.03 -27.92
N ILE C 1772 38.68 57.27 -27.76
CA ILE C 1772 39.49 57.96 -28.75
C ILE C 1772 40.96 57.81 -28.35
N PRO C 1773 41.93 57.97 -29.26
CA PRO C 1773 43.31 57.67 -28.92
C PRO C 1773 44.02 58.55 -27.92
N ARG C 1774 45.01 57.88 -27.33
CA ARG C 1774 45.90 58.39 -26.31
C ARG C 1774 47.34 58.42 -26.78
N ILE C 1775 47.90 59.62 -26.86
CA ILE C 1775 49.30 59.81 -27.25
C ILE C 1775 50.10 60.14 -26.02
N TYR C 1776 51.14 59.36 -25.74
CA TYR C 1776 51.93 59.59 -24.55
C TYR C 1776 53.35 59.90 -25.00
N VAL C 1777 53.84 61.08 -24.64
CA VAL C 1777 55.23 61.44 -24.89
C VAL C 1777 56.13 61.18 -23.68
N SER C 1778 56.97 60.17 -23.85
CA SER C 1778 57.82 59.63 -22.81
C SER C 1778 59.27 60.08 -22.90
N ALA C 1779 59.74 60.81 -21.90
CA ALA C 1779 61.17 61.10 -21.78
C ALA C 1779 61.38 61.35 -20.29
N ASN C 1780 61.89 60.36 -19.56
CA ASN C 1780 61.73 60.44 -18.12
C ASN C 1780 62.75 59.57 -17.39
N SER C 1781 62.63 59.60 -16.06
CA SER C 1781 63.51 58.92 -15.12
C SER C 1781 62.71 58.05 -14.16
N GLY C 1782 61.53 57.62 -14.57
CA GLY C 1782 60.65 56.85 -13.72
C GLY C 1782 60.07 57.58 -12.51
N ALA C 1783 59.68 56.76 -11.54
CA ALA C 1783 58.88 57.21 -10.41
C ALA C 1783 59.58 58.25 -9.58
N ARG C 1784 58.78 59.13 -8.98
CA ARG C 1784 59.36 60.12 -8.13
C ARG C 1784 59.95 59.33 -6.99
N ILE C 1785 61.08 59.80 -6.53
CA ILE C 1785 61.75 59.15 -5.44
C ILE C 1785 61.97 60.21 -4.37
N GLY C 1786 61.98 59.77 -3.13
CA GLY C 1786 62.37 60.69 -2.10
C GLY C 1786 62.51 60.00 -0.77
N LEU C 1787 63.16 60.70 0.13
CA LEU C 1787 63.24 60.37 1.53
C LEU C 1787 62.73 61.58 2.30
N ALA C 1788 62.13 61.31 3.44
CA ALA C 1788 61.56 62.36 4.25
C ALA C 1788 62.70 63.28 4.70
N GLU C 1789 62.81 64.42 4.04
CA GLU C 1789 63.91 65.35 4.32
C GLU C 1789 63.90 65.74 5.78
N GLU C 1790 62.70 65.99 6.30
CA GLU C 1790 62.49 66.43 7.67
C GLU C 1790 63.15 65.48 8.67
N ILE C 1791 63.18 64.19 8.34
CA ILE C 1791 63.81 63.21 9.21
C ILE C 1791 65.27 63.10 8.82
N ARG C 1792 65.58 63.20 7.51
CA ARG C 1792 66.95 63.04 7.05
C ARG C 1792 67.88 63.95 7.80
N HIS C 1793 67.41 65.15 8.10
CA HIS C 1793 68.32 66.12 8.66
C HIS C 1793 68.38 66.09 10.17
N MET C 1794 67.64 65.18 10.82
CA MET C 1794 67.63 65.12 12.27
C MET C 1794 67.74 63.68 12.81
N PHE C 1795 67.82 62.66 11.97
CA PHE C 1795 67.95 61.31 12.50
C PHE C 1795 69.40 61.17 12.95
N HIS C 1796 69.62 60.28 13.91
CA HIS C 1796 70.95 60.01 14.44
C HIS C 1796 71.33 58.54 14.30
N VAL C 1797 72.64 58.28 14.29
CA VAL C 1797 73.17 56.93 14.18
C VAL C 1797 73.66 56.56 15.56
N ALA C 1798 73.28 55.37 16.03
CA ALA C 1798 73.75 54.83 17.29
C ALA C 1798 74.97 53.96 17.06
N TRP C 1799 76.16 54.55 17.13
CA TRP C 1799 77.35 53.78 16.82
C TRP C 1799 77.67 52.78 17.91
N VAL C 1800 78.24 51.65 17.47
CA VAL C 1800 78.83 50.71 18.40
C VAL C 1800 79.88 51.46 19.21
N ASP C 1801 80.68 52.30 18.53
CA ASP C 1801 81.66 53.14 19.18
C ASP C 1801 81.70 54.43 18.36
N PRO C 1802 81.39 55.60 18.93
CA PRO C 1802 81.46 56.82 18.10
C PRO C 1802 82.88 57.17 17.71
N GLU C 1803 83.83 57.02 18.63
CA GLU C 1803 85.25 57.22 18.36
C GLU C 1803 85.81 56.24 17.34
N ASP C 1804 85.02 55.25 16.92
CA ASP C 1804 85.37 54.45 15.76
C ASP C 1804 84.05 53.95 15.20
N PRO C 1805 83.58 54.55 14.09
CA PRO C 1805 82.29 54.12 13.52
C PRO C 1805 82.34 52.76 12.86
N TYR C 1806 83.49 52.35 12.34
CA TYR C 1806 83.59 51.11 11.58
C TYR C 1806 83.37 49.88 12.45
N LYS C 1807 83.33 50.03 13.77
CA LYS C 1807 82.80 49.00 14.66
C LYS C 1807 81.28 48.85 14.61
N GLY C 1808 80.61 49.41 13.60
CA GLY C 1808 79.20 49.23 13.41
C GLY C 1808 78.37 50.21 14.24
N TYR C 1809 77.11 50.33 13.84
CA TYR C 1809 76.06 51.05 14.54
C TYR C 1809 74.92 50.12 14.89
N ARG C 1810 74.18 50.47 15.94
CA ARG C 1810 73.10 49.61 16.41
C ARG C 1810 71.74 49.97 15.81
N TYR C 1811 71.35 51.25 15.79
CA TYR C 1811 70.04 51.64 15.26
C TYR C 1811 70.04 53.14 15.03
N LEU C 1812 69.01 53.62 14.33
CA LEU C 1812 68.82 55.04 14.10
C LEU C 1812 67.75 55.58 15.05
N TYR C 1813 67.88 56.86 15.42
CA TYR C 1813 66.94 57.43 16.39
C TYR C 1813 66.87 58.96 16.33
N LEU C 1814 65.86 59.50 17.01
CA LEU C 1814 65.59 60.93 17.13
C LEU C 1814 65.63 61.39 18.58
N THR C 1815 66.15 62.59 18.83
CA THR C 1815 66.04 63.11 20.18
C THR C 1815 64.56 63.38 20.48
N PRO C 1816 64.17 63.35 21.76
CA PRO C 1816 62.73 63.54 22.07
C PRO C 1816 62.08 64.88 21.68
N GLN C 1817 62.79 66.01 21.78
CA GLN C 1817 62.21 67.30 21.34
C GLN C 1817 61.80 67.31 19.87
N ASP C 1818 62.71 66.95 18.98
CA ASP C 1818 62.38 66.91 17.57
C ASP C 1818 61.37 65.82 17.28
N TYR C 1819 61.38 64.72 18.05
CA TYR C 1819 60.44 63.65 17.78
C TYR C 1819 59.01 64.08 18.12
N LYS C 1820 58.82 64.86 19.18
CA LYS C 1820 57.46 65.17 19.67
C LYS C 1820 56.54 65.90 18.67
N ARG C 1821 56.96 66.15 17.42
CA ARG C 1821 56.23 66.98 16.47
C ARG C 1821 56.02 66.23 15.17
N VAL C 1822 57.10 65.65 14.62
CA VAL C 1822 57.01 64.70 13.53
C VAL C 1822 56.15 63.50 13.91
N SER C 1823 56.12 63.16 15.20
CA SER C 1823 55.39 61.99 15.64
C SER C 1823 53.93 62.13 15.23
N ALA C 1824 53.41 63.35 15.39
CA ALA C 1824 52.06 63.79 15.03
C ALA C 1824 51.71 63.72 13.56
N LEU C 1825 52.67 63.51 12.66
CA LEU C 1825 52.50 63.89 11.26
C LEU C 1825 52.54 62.70 10.31
N ASN C 1826 52.41 61.48 10.82
CA ASN C 1826 52.46 60.27 10.01
C ASN C 1826 53.80 60.19 9.31
N SER C 1827 54.84 60.53 10.06
CA SER C 1827 56.17 60.56 9.50
C SER C 1827 56.94 59.29 9.84
N VAL C 1828 56.92 58.88 11.10
CA VAL C 1828 57.59 57.66 11.53
C VAL C 1828 56.72 56.94 12.54
N HIS C 1829 57.11 55.70 12.80
CA HIS C 1829 56.65 54.92 13.93
C HIS C 1829 57.93 54.73 14.72
N CYS C 1830 57.91 55.10 16.00
CA CYS C 1830 59.09 54.90 16.84
C CYS C 1830 58.78 54.13 18.10
N GLU C 1831 59.86 53.70 18.74
CA GLU C 1831 59.83 53.18 20.10
C GLU C 1831 60.80 53.90 21.01
N HIS C 1832 60.34 54.23 22.21
CA HIS C 1832 61.23 54.88 23.17
C HIS C 1832 62.25 53.85 23.61
N VAL C 1833 63.48 54.31 23.88
CA VAL C 1833 64.50 53.41 24.42
C VAL C 1833 65.41 54.20 25.34
N GLU C 1834 65.88 53.50 26.35
CA GLU C 1834 66.96 53.97 27.20
C GLU C 1834 68.27 53.30 26.78
N ASP C 1835 69.28 54.12 26.50
CA ASP C 1835 70.58 53.60 26.09
C ASP C 1835 71.58 54.65 26.54
N GLU C 1836 72.73 54.19 27.06
CA GLU C 1836 73.81 55.05 27.54
C GLU C 1836 73.29 56.27 28.30
N GLY C 1837 72.21 56.11 29.07
CA GLY C 1837 71.63 57.20 29.83
C GLY C 1837 70.55 57.97 29.09
N GLU C 1838 70.81 58.31 27.82
CA GLU C 1838 69.88 59.16 27.09
C GLU C 1838 68.70 58.33 26.59
N SER C 1839 67.61 59.04 26.33
CA SER C 1839 66.35 58.49 25.81
C SER C 1839 66.31 58.75 24.31
N ARG C 1840 66.09 57.70 23.52
CA ARG C 1840 66.21 57.83 22.07
C ARG C 1840 64.92 57.27 21.52
N TYR C 1841 64.58 57.64 20.29
CA TYR C 1841 63.37 57.12 19.64
C TYR C 1841 63.67 56.27 18.40
N LYS C 1842 63.78 54.96 18.58
CA LYS C 1842 64.14 54.05 17.50
C LYS C 1842 63.10 54.07 16.40
N ILE C 1843 63.55 54.34 15.18
CA ILE C 1843 62.65 54.44 14.03
C ILE C 1843 62.36 53.01 13.57
N THR C 1844 61.09 52.64 13.62
CA THR C 1844 60.67 51.27 13.33
C THR C 1844 60.05 51.14 11.96
N ASP C 1845 59.26 52.13 11.58
CA ASP C 1845 58.66 52.25 10.27
C ASP C 1845 58.68 53.73 9.99
N ILE C 1846 59.01 54.08 8.77
CA ILE C 1846 58.92 55.46 8.30
C ILE C 1846 57.71 55.58 7.36
N ILE C 1847 56.72 56.36 7.78
CA ILE C 1847 55.47 56.51 7.05
C ILE C 1847 55.51 57.73 6.14
N GLY C 1848 55.97 58.84 6.65
CA GLY C 1848 56.28 60.03 5.90
C GLY C 1848 55.19 61.03 5.62
N LYS C 1849 55.28 62.21 6.25
CA LYS C 1849 54.27 63.25 6.10
C LYS C 1849 54.28 63.87 4.70
N GLU C 1850 55.41 63.81 4.00
CA GLU C 1850 55.51 64.36 2.65
C GLU C 1850 54.75 63.51 1.65
N GLU C 1851 53.76 64.12 1.02
CA GLU C 1851 53.02 63.42 0.00
C GLU C 1851 53.83 63.37 -1.29
N GLY C 1852 53.81 62.20 -1.93
CA GLY C 1852 54.37 61.98 -3.26
C GLY C 1852 55.70 61.29 -3.43
N ILE C 1853 56.39 60.91 -2.35
CA ILE C 1853 57.67 60.20 -2.46
C ILE C 1853 57.59 58.78 -1.91
N GLY C 1854 56.37 58.25 -1.73
CA GLY C 1854 56.16 57.00 -1.05
C GLY C 1854 55.45 55.91 -1.83
N PRO C 1855 55.05 54.84 -1.14
CA PRO C 1855 54.40 53.72 -1.83
C PRO C 1855 53.06 54.09 -2.41
N GLU C 1856 52.52 55.23 -2.00
CA GLU C 1856 51.38 55.78 -2.70
C GLU C 1856 51.69 55.91 -4.18
N ASN C 1857 52.96 56.19 -4.51
CA ASN C 1857 53.29 56.31 -5.91
C ASN C 1857 53.13 54.96 -6.58
N LEU C 1858 53.31 53.90 -5.82
CA LEU C 1858 53.11 52.55 -6.32
C LEU C 1858 51.65 52.27 -6.49
N ARG C 1859 50.82 52.67 -5.54
CA ARG C 1859 49.41 52.39 -5.74
C ARG C 1859 48.96 53.08 -7.00
N GLY C 1860 49.26 54.37 -7.11
CA GLY C 1860 48.85 55.11 -8.29
C GLY C 1860 49.43 54.48 -9.53
N SER C 1861 50.66 54.01 -9.42
CA SER C 1861 51.34 53.44 -10.56
C SER C 1861 50.70 52.14 -10.97
N GLY C 1862 50.62 51.20 -10.04
CA GLY C 1862 49.95 49.93 -10.29
C GLY C 1862 48.58 50.13 -10.89
N MET C 1863 47.85 51.06 -10.31
CA MET C 1863 46.53 51.42 -10.77
C MET C 1863 46.55 51.69 -12.24
N ILE C 1864 47.54 52.48 -12.63
CA ILE C 1864 47.64 52.83 -14.01
C ILE C 1864 48.30 51.79 -14.86
N ALA C 1865 49.09 50.91 -14.27
CA ALA C 1865 49.56 49.79 -15.06
C ALA C 1865 48.40 48.96 -15.52
N GLY C 1866 47.56 48.53 -14.58
CA GLY C 1866 46.41 47.75 -14.95
C GLY C 1866 45.50 48.49 -15.92
N GLU C 1867 45.15 49.71 -15.55
CA GLU C 1867 44.25 50.51 -16.38
C GLU C 1867 44.78 50.75 -17.77
N SER C 1868 46.05 51.07 -17.87
CA SER C 1868 46.60 51.38 -19.17
C SER C 1868 46.75 50.14 -20.01
N SER C 1869 47.15 49.04 -19.38
CA SER C 1869 47.23 47.76 -20.05
C SER C 1869 45.88 47.43 -20.62
N LEU C 1870 44.88 47.72 -19.82
CA LEU C 1870 43.53 47.48 -20.21
C LEU C 1870 43.20 48.38 -21.35
N ALA C 1871 43.58 49.64 -21.19
CA ALA C 1871 43.36 50.63 -22.21
C ALA C 1871 43.89 50.12 -23.52
N TYR C 1872 45.09 49.56 -23.47
CA TYR C 1872 45.74 49.08 -24.67
C TYR C 1872 44.87 48.01 -25.28
N ASN C 1873 44.20 47.22 -24.43
CA ASN C 1873 43.27 46.23 -24.92
C ASN C 1873 41.95 46.81 -25.41
N GLU C 1874 41.72 48.09 -25.20
CA GLU C 1874 40.48 48.75 -25.58
C GLU C 1874 40.59 49.87 -26.59
N ILE C 1875 41.72 50.57 -26.66
CA ILE C 1875 41.89 51.75 -27.46
C ILE C 1875 43.27 51.85 -28.11
N ILE C 1876 43.43 52.91 -28.90
CA ILE C 1876 44.65 53.23 -29.60
C ILE C 1876 45.61 53.90 -28.62
N THR C 1877 46.81 53.35 -28.55
CA THR C 1877 47.92 53.82 -27.75
C THR C 1877 49.10 54.16 -28.65
N ILE C 1878 49.77 55.26 -28.37
CA ILE C 1878 50.98 55.59 -29.10
C ILE C 1878 51.99 56.13 -28.10
N SER C 1879 53.27 55.88 -28.41
CA SER C 1879 54.33 56.26 -27.49
C SER C 1879 55.46 56.85 -28.32
N LEU C 1880 56.03 57.90 -27.74
CA LEU C 1880 57.12 58.62 -28.36
C LEU C 1880 58.33 58.71 -27.47
N VAL C 1881 59.46 58.20 -27.96
CA VAL C 1881 60.71 58.19 -27.19
C VAL C 1881 61.65 59.29 -27.66
N THR C 1882 61.86 60.27 -26.79
CA THR C 1882 62.49 61.52 -27.19
C THR C 1882 63.91 61.65 -26.68
N CYS C 1883 64.10 61.43 -25.38
CA CYS C 1883 65.39 61.63 -24.73
C CYS C 1883 65.88 60.38 -24.04
N ARG C 1884 65.12 59.90 -23.08
CA ARG C 1884 65.41 58.63 -22.44
C ARG C 1884 64.15 58.24 -21.68
N ALA C 1885 63.81 56.96 -21.73
CA ALA C 1885 62.78 56.39 -20.87
C ALA C 1885 63.38 55.36 -19.93
N ILE C 1886 63.20 55.56 -18.62
CA ILE C 1886 63.78 54.69 -17.62
C ILE C 1886 62.63 54.05 -16.85
N GLY C 1887 62.77 52.75 -16.60
CA GLY C 1887 61.83 51.96 -15.83
C GLY C 1887 60.35 51.97 -16.22
N ILE C 1888 59.51 52.47 -15.33
CA ILE C 1888 58.07 52.43 -15.57
C ILE C 1888 57.67 53.11 -16.86
N GLY C 1889 58.38 54.17 -17.24
CA GLY C 1889 58.13 54.82 -18.51
C GLY C 1889 58.32 53.88 -19.67
N ALA C 1890 59.42 53.15 -19.63
CA ALA C 1890 59.67 52.14 -20.62
C ALA C 1890 58.55 51.12 -20.63
N TYR C 1891 58.13 50.68 -19.45
CA TYR C 1891 57.18 49.58 -19.45
C TYR C 1891 55.84 50.02 -20.01
N LEU C 1892 55.43 51.23 -19.65
CA LEU C 1892 54.17 51.77 -20.15
C LEU C 1892 54.27 52.03 -21.63
N VAL C 1893 55.49 52.30 -22.08
CA VAL C 1893 55.74 52.64 -23.46
C VAL C 1893 55.52 51.37 -24.24
N ARG C 1894 55.88 50.25 -23.62
CA ARG C 1894 55.73 48.98 -24.27
C ARG C 1894 54.26 48.65 -24.28
N LEU C 1895 53.57 48.92 -23.19
CA LEU C 1895 52.13 48.73 -23.22
C LEU C 1895 51.50 49.55 -24.32
N GLY C 1896 52.04 50.74 -24.59
CA GLY C 1896 51.55 51.46 -25.74
C GLY C 1896 51.91 50.77 -27.04
N GLN C 1897 52.98 49.99 -27.00
CA GLN C 1897 53.41 49.04 -28.03
C GLN C 1897 54.05 49.74 -29.22
N ARG C 1898 53.33 50.70 -29.79
CA ARG C 1898 53.80 51.47 -30.94
C ARG C 1898 54.70 52.61 -30.56
N THR C 1899 55.93 52.55 -31.04
CA THR C 1899 57.03 53.31 -30.49
C THR C 1899 57.85 53.89 -31.62
N ILE C 1900 58.00 55.21 -31.57
CA ILE C 1900 58.89 55.91 -32.47
C ILE C 1900 60.02 56.42 -31.60
N GLN C 1901 61.24 56.26 -32.07
CA GLN C 1901 62.39 56.58 -31.26
C GLN C 1901 63.40 57.44 -32.00
N VAL C 1902 63.64 58.60 -31.47
CA VAL C 1902 64.61 59.53 -32.04
C VAL C 1902 66.01 59.07 -31.72
N GLU C 1903 66.92 59.30 -32.66
CA GLU C 1903 68.31 58.98 -32.45
C GLU C 1903 68.80 59.63 -31.17
N ASN C 1904 69.69 58.95 -30.48
CA ASN C 1904 70.27 59.31 -29.20
C ASN C 1904 69.27 59.22 -28.06
N SER C 1905 68.00 58.93 -28.33
CA SER C 1905 67.15 58.53 -27.23
C SER C 1905 67.45 57.06 -26.95
N HIS C 1906 67.07 56.61 -25.78
CA HIS C 1906 67.25 55.20 -25.47
C HIS C 1906 66.14 54.76 -24.53
N LEU C 1907 65.88 53.47 -24.52
CA LEU C 1907 64.69 52.88 -23.95
C LEU C 1907 65.29 51.77 -23.12
N ILE C 1908 65.39 52.04 -21.82
CA ILE C 1908 66.19 51.20 -20.94
C ILE C 1908 65.54 51.23 -19.60
N LEU C 1909 65.93 50.26 -18.84
CA LEU C 1909 65.54 50.04 -17.48
C LEU C 1909 66.68 50.35 -16.54
N THR C 1910 67.87 49.90 -16.92
CA THR C 1910 69.09 50.05 -16.15
C THR C 1910 70.23 50.52 -17.03
N GLY C 1911 71.03 51.43 -16.49
CA GLY C 1911 72.01 52.12 -17.27
C GLY C 1911 73.27 51.31 -17.43
N ALA C 1912 73.93 51.57 -18.57
CA ALA C 1912 75.19 50.91 -18.88
C ALA C 1912 76.18 51.08 -17.72
N GLY C 1913 76.15 52.24 -17.08
CA GLY C 1913 77.03 52.50 -15.95
C GLY C 1913 76.75 51.54 -14.81
N ALA C 1914 75.47 51.47 -14.41
CA ALA C 1914 75.06 50.59 -13.31
C ALA C 1914 75.54 49.17 -13.54
N LEU C 1915 75.34 48.66 -14.75
CA LEU C 1915 75.73 47.29 -15.01
C LEU C 1915 77.26 47.16 -14.99
N ASN C 1916 77.96 48.19 -15.49
CA ASN C 1916 79.42 48.17 -15.46
C ASN C 1916 79.93 48.08 -14.04
N LYS C 1917 79.30 48.84 -13.14
CA LYS C 1917 79.65 48.80 -11.72
C LYS C 1917 79.43 47.41 -11.15
N VAL C 1918 78.27 46.82 -11.44
CA VAL C 1918 78.00 45.45 -11.00
C VAL C 1918 79.07 44.50 -11.49
N LEU C 1919 79.61 44.73 -12.69
CA LEU C 1919 80.61 43.84 -13.28
C LEU C 1919 82.02 44.32 -12.97
N GLY C 1920 82.17 45.37 -12.18
CA GLY C 1920 83.49 45.79 -11.75
C GLY C 1920 84.30 46.43 -12.83
N ARG C 1921 83.74 46.66 -14.01
CA ARG C 1921 84.46 47.37 -15.05
C ARG C 1921 83.46 47.95 -16.02
N GLU C 1922 83.97 48.81 -16.90
CA GLU C 1922 83.21 49.54 -17.91
C GLU C 1922 82.87 48.66 -19.11
N VAL C 1923 81.92 47.75 -18.88
CA VAL C 1923 81.51 46.84 -19.94
C VAL C 1923 80.91 47.64 -21.10
N TYR C 1924 79.96 48.52 -20.79
CA TYR C 1924 79.19 49.33 -21.71
C TYR C 1924 79.54 50.81 -21.70
N THR C 1925 79.44 51.44 -22.87
CA THR C 1925 79.82 52.83 -23.05
C THR C 1925 78.65 53.78 -23.21
N SER C 1926 77.45 53.31 -23.52
CA SER C 1926 76.35 54.22 -23.78
C SER C 1926 75.03 53.52 -23.52
N ASN C 1927 74.15 54.19 -22.79
CA ASN C 1927 72.80 53.67 -22.60
C ASN C 1927 72.13 53.32 -23.93
N ASN C 1928 72.47 54.03 -25.01
CA ASN C 1928 71.93 53.68 -26.33
C ASN C 1928 72.34 52.28 -26.73
N GLN C 1929 73.50 51.82 -26.24
CA GLN C 1929 73.93 50.44 -26.49
C GLN C 1929 72.89 49.49 -25.97
N LEU C 1930 72.20 49.85 -24.90
CA LEU C 1930 71.23 48.98 -24.28
C LEU C 1930 69.86 49.20 -24.90
N GLY C 1931 69.50 50.46 -25.11
CA GLY C 1931 68.16 50.80 -25.51
C GLY C 1931 68.04 51.73 -26.69
N GLY C 1932 69.13 52.00 -27.38
CA GLY C 1932 69.07 52.94 -28.46
C GLY C 1932 68.34 52.26 -29.61
N ILE C 1933 68.10 53.03 -30.68
CA ILE C 1933 67.40 52.46 -31.82
C ILE C 1933 68.22 51.31 -32.37
N GLN C 1934 69.53 51.36 -32.17
CA GLN C 1934 70.37 50.30 -32.64
C GLN C 1934 70.10 49.01 -31.91
N ILE C 1935 69.39 49.05 -30.80
CA ILE C 1935 68.94 47.84 -30.13
C ILE C 1935 67.48 47.60 -30.49
N MET C 1936 66.65 48.61 -30.23
CA MET C 1936 65.20 48.43 -30.29
C MET C 1936 64.66 48.35 -31.69
N HIS C 1937 65.31 49.01 -32.61
CA HIS C 1937 64.88 48.92 -33.98
C HIS C 1937 65.38 47.62 -34.54
N ASN C 1938 66.56 47.26 -34.09
CA ASN C 1938 67.20 46.02 -34.47
C ASN C 1938 66.58 44.79 -33.83
N ASN C 1939 65.76 44.93 -32.77
CA ASN C 1939 65.06 43.78 -32.19
C ASN C 1939 63.54 43.89 -32.30
N GLY C 1940 63.02 44.95 -32.91
CA GLY C 1940 61.59 45.08 -33.17
C GLY C 1940 60.78 45.68 -32.04
N VAL C 1941 61.43 46.14 -30.98
CA VAL C 1941 60.73 46.86 -29.93
C VAL C 1941 60.25 48.21 -30.42
N THR C 1942 61.09 48.90 -31.18
CA THR C 1942 60.76 50.15 -31.85
C THR C 1942 60.35 49.92 -33.29
N HIS C 1943 59.26 50.56 -33.65
CA HIS C 1943 58.68 50.47 -34.97
C HIS C 1943 59.35 51.44 -35.93
N CYS C 1944 59.59 52.68 -35.50
CA CYS C 1944 60.26 53.60 -36.43
C CYS C 1944 61.33 54.38 -35.69
N THR C 1945 62.35 54.77 -36.44
CA THR C 1945 63.40 55.63 -35.93
C THR C 1945 63.46 56.98 -36.64
N VAL C 1946 63.87 58.03 -35.91
CA VAL C 1946 63.97 59.37 -36.47
C VAL C 1946 65.21 60.12 -36.00
N CYS C 1947 65.59 61.11 -36.80
CA CYS C 1947 66.80 61.89 -36.53
C CYS C 1947 66.56 63.02 -35.52
N ASP C 1948 65.33 63.53 -35.39
CA ASP C 1948 65.03 64.63 -34.48
C ASP C 1948 63.58 64.61 -34.02
N ASP C 1949 63.26 65.51 -33.07
CA ASP C 1949 61.92 65.56 -32.50
C ASP C 1949 60.84 65.87 -33.52
N PHE C 1950 61.09 66.87 -34.35
CA PHE C 1950 60.13 67.25 -35.37
C PHE C 1950 59.80 66.06 -36.27
N GLU C 1951 60.82 65.35 -36.74
CA GLU C 1951 60.56 64.25 -37.64
C GLU C 1951 59.87 63.11 -36.92
N GLY C 1952 60.11 62.99 -35.62
CA GLY C 1952 59.38 61.99 -34.88
C GLY C 1952 57.91 62.24 -34.90
N VAL C 1953 57.54 63.43 -34.47
CA VAL C 1953 56.14 63.77 -34.40
C VAL C 1953 55.49 63.69 -35.78
N PHE C 1954 56.20 64.17 -36.80
CA PHE C 1954 55.67 64.07 -38.14
C PHE C 1954 55.37 62.63 -38.49
N THR C 1955 56.31 61.75 -38.18
CA THR C 1955 56.16 60.33 -38.46
C THR C 1955 54.94 59.78 -37.73
N VAL C 1956 54.75 60.22 -36.48
CA VAL C 1956 53.58 59.82 -35.68
C VAL C 1956 52.33 60.10 -36.48
N LEU C 1957 52.23 61.32 -36.94
CA LEU C 1957 51.08 61.73 -37.71
C LEU C 1957 50.94 60.91 -38.96
N HIS C 1958 52.07 60.53 -39.54
CA HIS C 1958 52.05 59.75 -40.77
C HIS C 1958 51.43 58.37 -40.54
N TRP C 1959 51.81 57.70 -39.47
CA TRP C 1959 51.15 56.45 -39.11
C TRP C 1959 49.67 56.69 -38.91
N LEU C 1960 49.38 57.70 -38.09
CA LEU C 1960 48.06 58.12 -37.70
C LEU C 1960 47.15 58.42 -38.86
N SER C 1961 47.69 58.73 -40.00
CA SER C 1961 46.84 59.03 -41.14
C SER C 1961 46.02 57.83 -41.59
N TYR C 1962 46.39 56.63 -41.15
CA TYR C 1962 45.70 55.38 -41.34
C TYR C 1962 44.66 54.94 -40.29
N MET C 1963 44.41 55.69 -39.15
CA MET C 1963 43.65 55.08 -38.02
C MET C 1963 42.29 55.69 -37.74
N PRO C 1964 41.34 54.87 -37.28
CA PRO C 1964 39.99 55.37 -37.01
C PRO C 1964 39.94 56.31 -35.81
N LYS C 1965 39.15 57.37 -35.97
CA LYS C 1965 38.99 58.44 -34.98
C LYS C 1965 38.76 57.94 -33.57
N SER C 1966 37.99 56.87 -33.43
CA SER C 1966 37.67 56.25 -32.16
C SER C 1966 37.50 54.76 -32.36
N VAL C 1967 37.28 54.06 -31.25
CA VAL C 1967 37.02 52.64 -31.39
C VAL C 1967 35.62 52.35 -31.90
N HIS C 1968 34.69 53.26 -31.71
CA HIS C 1968 33.34 53.18 -32.24
C HIS C 1968 33.23 53.68 -33.67
N SER C 1969 34.36 54.01 -34.29
CA SER C 1969 34.39 54.75 -35.52
C SER C 1969 35.06 53.97 -36.64
N SER C 1970 34.67 54.27 -37.88
CA SER C 1970 35.30 53.59 -39.00
C SER C 1970 36.65 54.23 -39.33
N VAL C 1971 37.47 53.42 -39.98
CA VAL C 1971 38.75 53.75 -40.57
C VAL C 1971 38.68 54.93 -41.54
N PRO C 1972 39.64 55.86 -41.56
CA PRO C 1972 39.56 56.98 -42.49
C PRO C 1972 39.98 56.58 -43.90
N LEU C 1973 39.07 56.79 -44.86
CA LEU C 1973 39.29 56.39 -46.24
C LEU C 1973 39.80 57.57 -47.05
N LEU C 1974 40.77 57.32 -47.95
CA LEU C 1974 41.24 58.33 -48.88
C LEU C 1974 40.83 58.05 -50.33
N ASN C 1975 40.88 59.11 -51.14
CA ASN C 1975 40.85 59.03 -52.60
C ASN C 1975 42.29 59.16 -53.09
N SER C 1976 42.96 58.04 -53.33
CA SER C 1976 44.40 58.12 -53.57
C SER C 1976 44.68 58.49 -55.01
N LYS C 1977 45.86 59.07 -55.20
CA LYS C 1977 46.31 59.43 -56.54
C LYS C 1977 46.91 58.28 -57.32
N ASP C 1978 47.22 57.15 -56.68
CA ASP C 1978 47.66 56.00 -57.44
C ASP C 1978 46.43 55.20 -57.85
N PRO C 1979 46.07 55.13 -59.13
CA PRO C 1979 44.83 54.45 -59.50
C PRO C 1979 44.93 52.96 -59.23
N ILE C 1980 43.76 52.33 -59.32
CA ILE C 1980 43.56 50.96 -58.88
C ILE C 1980 43.63 50.05 -60.10
N ASP C 1981 43.18 50.54 -61.26
CA ASP C 1981 43.13 49.76 -62.49
C ASP C 1981 44.38 49.85 -63.32
N ARG C 1982 45.51 49.89 -62.65
CA ARG C 1982 46.80 49.81 -63.28
C ARG C 1982 47.29 48.37 -63.15
N ILE C 1983 48.25 48.02 -63.97
CA ILE C 1983 48.95 46.75 -63.83
C ILE C 1983 50.21 46.94 -63.00
N ILE C 1984 50.69 45.85 -62.41
CA ILE C 1984 51.92 45.86 -61.65
C ILE C 1984 53.03 45.56 -62.64
N GLU C 1985 54.02 46.42 -62.69
CA GLU C 1985 55.07 46.24 -63.68
C GLU C 1985 56.14 45.29 -63.16
N PHE C 1986 56.51 45.42 -61.88
CA PHE C 1986 57.50 44.54 -61.29
C PHE C 1986 56.87 43.16 -61.15
N VAL C 1987 57.61 42.12 -61.53
CA VAL C 1987 57.12 40.75 -61.53
C VAL C 1987 58.04 39.91 -60.65
N PRO C 1988 57.54 39.26 -59.61
CA PRO C 1988 58.37 38.34 -58.83
C PRO C 1988 58.94 37.17 -59.61
N THR C 1989 60.11 36.73 -59.17
CA THR C 1989 60.94 35.77 -59.88
C THR C 1989 61.29 34.64 -58.92
N LYS C 1990 61.62 33.49 -59.50
CA LYS C 1990 62.16 32.41 -58.70
C LYS C 1990 63.45 32.82 -57.99
N THR C 1991 64.28 33.59 -58.67
CA THR C 1991 65.45 34.16 -58.03
C THR C 1991 65.04 35.09 -56.89
N PRO C 1992 65.78 35.13 -55.79
CA PRO C 1992 65.32 35.96 -54.68
C PRO C 1992 65.45 37.41 -55.06
N TYR C 1993 64.70 38.24 -54.36
CA TYR C 1993 64.64 39.66 -54.71
C TYR C 1993 64.17 40.41 -53.49
N ASP C 1994 64.45 41.70 -53.47
CA ASP C 1994 63.95 42.49 -52.38
C ASP C 1994 62.44 42.56 -52.56
N PRO C 1995 61.65 42.06 -51.61
CA PRO C 1995 60.20 42.04 -51.81
C PRO C 1995 59.58 43.40 -51.75
N ARG C 1996 60.33 44.38 -51.34
CA ARG C 1996 59.80 45.71 -51.36
C ARG C 1996 59.56 46.12 -52.80
N TRP C 1997 60.36 45.61 -53.73
CA TRP C 1997 60.07 45.86 -55.13
C TRP C 1997 58.72 45.29 -55.52
N MET C 1998 58.39 44.08 -55.07
CA MET C 1998 57.07 43.53 -55.38
C MET C 1998 55.96 44.37 -54.77
N LEU C 1999 56.22 44.97 -53.62
CA LEU C 1999 55.18 45.68 -52.90
C LEU C 1999 55.04 47.10 -53.39
N ALA C 2000 56.13 47.82 -53.30
CA ALA C 2000 56.27 49.24 -53.49
C ALA C 2000 56.77 49.59 -54.87
N GLY C 2001 57.27 48.62 -55.61
CA GLY C 2001 57.86 48.88 -56.88
C GLY C 2001 59.34 49.17 -56.80
N ARG C 2002 59.93 49.35 -57.97
CA ARG C 2002 61.35 49.63 -58.08
C ARG C 2002 61.61 50.56 -59.26
N PRO C 2003 62.80 51.13 -59.35
CA PRO C 2003 63.13 51.95 -60.52
C PRO C 2003 63.20 51.09 -61.77
N HIS C 2004 62.81 51.66 -62.89
CA HIS C 2004 62.85 50.92 -64.12
C HIS C 2004 64.32 50.80 -64.53
N PRO C 2005 64.85 49.59 -64.82
CA PRO C 2005 66.24 49.49 -65.33
C PRO C 2005 66.59 50.28 -66.58
N THR C 2006 65.67 50.37 -67.54
CA THR C 2006 65.89 51.08 -68.81
C THR C 2006 65.46 52.54 -68.77
N GLN C 2007 64.25 52.87 -69.20
CA GLN C 2007 63.80 54.26 -69.30
C GLN C 2007 63.70 54.79 -67.89
N LYS C 2008 64.84 55.21 -67.37
CA LYS C 2008 64.81 55.98 -66.14
C LYS C 2008 64.41 57.41 -66.48
N GLY C 2009 63.80 58.13 -65.55
CA GLY C 2009 63.42 57.71 -64.20
C GLY C 2009 61.98 57.25 -64.20
N GLN C 2010 61.70 56.10 -64.83
CA GLN C 2010 60.45 55.41 -64.65
C GLN C 2010 60.56 54.46 -63.45
N TRP C 2011 59.46 53.79 -63.14
CA TRP C 2011 59.30 53.04 -61.92
C TRP C 2011 58.53 51.77 -62.20
N LEU C 2012 59.11 50.62 -61.88
CA LEU C 2012 58.39 49.36 -62.00
C LEU C 2012 57.47 49.29 -60.81
N SER C 2013 56.18 49.41 -61.07
CA SER C 2013 55.21 49.52 -60.01
C SER C 2013 55.12 48.23 -59.22
N GLY C 2014 54.93 48.40 -57.92
CA GLY C 2014 54.72 47.30 -57.01
C GLY C 2014 53.24 47.05 -56.88
N PHE C 2015 52.89 46.19 -55.94
CA PHE C 2015 51.49 45.95 -55.72
C PHE C 2015 50.76 47.18 -55.20
N PHE C 2016 51.32 47.83 -54.19
CA PHE C 2016 50.63 48.91 -53.50
C PHE C 2016 50.84 50.31 -54.09
N ASP C 2017 50.00 51.23 -53.59
CA ASP C 2017 50.02 52.64 -53.96
C ASP C 2017 51.42 53.22 -53.83
N TYR C 2018 51.88 53.89 -54.88
CA TYR C 2018 53.19 54.55 -54.87
C TYR C 2018 53.36 55.39 -53.62
N GLY C 2019 54.42 55.11 -52.87
CA GLY C 2019 54.73 55.93 -51.72
C GLY C 2019 53.90 55.66 -50.50
N SER C 2020 53.08 54.61 -50.48
CA SER C 2020 52.17 54.44 -49.38
C SER C 2020 52.69 53.51 -48.31
N PHE C 2021 53.65 52.68 -48.66
CA PHE C 2021 54.11 51.67 -47.72
C PHE C 2021 55.12 52.29 -46.80
N SER C 2022 54.86 52.22 -45.51
CA SER C 2022 55.76 52.76 -44.51
C SER C 2022 56.08 51.63 -43.56
N GLU C 2023 57.29 51.13 -43.67
CA GLU C 2023 57.71 49.99 -42.93
C GLU C 2023 57.92 50.34 -41.47
N ILE C 2024 57.87 49.30 -40.64
CA ILE C 2024 58.34 49.38 -39.27
C ILE C 2024 59.11 48.15 -38.89
N MET C 2025 59.92 48.32 -37.86
CA MET C 2025 60.76 47.27 -37.30
C MET C 2025 61.61 46.62 -38.40
N GLN C 2026 62.05 47.44 -39.33
CA GLN C 2026 62.69 46.93 -40.53
C GLN C 2026 63.96 46.13 -40.30
N PRO C 2027 64.88 46.54 -39.43
CA PRO C 2027 66.18 45.87 -39.37
C PRO C 2027 66.23 44.63 -38.51
N TRP C 2028 65.12 44.22 -37.93
CA TRP C 2028 65.10 43.05 -37.08
C TRP C 2028 64.43 41.95 -37.87
N ALA C 2029 65.08 40.81 -37.91
CA ALA C 2029 64.54 39.64 -38.59
C ALA C 2029 64.13 39.99 -40.03
N GLN C 2030 65.15 40.23 -40.84
CA GLN C 2030 64.94 40.86 -42.13
C GLN C 2030 64.61 39.82 -43.17
N THR C 2031 64.50 38.57 -42.75
CA THR C 2031 63.96 37.59 -43.64
C THR C 2031 62.50 37.86 -43.89
N VAL C 2032 61.83 38.62 -43.02
CA VAL C 2032 60.47 39.03 -43.25
C VAL C 2032 60.39 40.54 -43.08
N VAL C 2033 59.43 41.13 -43.78
CA VAL C 2033 59.24 42.57 -43.86
C VAL C 2033 57.78 42.87 -43.53
N VAL C 2034 57.57 43.77 -42.57
CA VAL C 2034 56.23 44.11 -42.09
C VAL C 2034 56.05 45.62 -42.06
N GLY C 2035 54.81 46.06 -42.21
CA GLY C 2035 54.58 47.49 -42.25
C GLY C 2035 53.13 47.78 -42.58
N ARG C 2036 52.87 49.05 -42.89
CA ARG C 2036 51.54 49.51 -43.23
C ARG C 2036 51.58 50.15 -44.61
N ALA C 2037 50.48 50.08 -45.34
CA ALA C 2037 50.39 50.72 -46.65
C ALA C 2037 48.93 51.03 -46.92
N ARG C 2038 48.64 51.48 -48.13
CA ARG C 2038 47.29 51.73 -48.60
C ARG C 2038 47.17 51.08 -49.96
N LEU C 2039 46.02 50.44 -50.18
CA LEU C 2039 45.67 49.81 -51.45
C LEU C 2039 44.46 50.55 -52.01
N GLY C 2040 44.67 51.27 -53.11
CA GLY C 2040 43.66 52.16 -53.62
C GLY C 2040 43.21 53.18 -52.60
N GLY C 2041 44.08 53.49 -51.65
CA GLY C 2041 43.80 54.45 -50.61
C GLY C 2041 43.10 53.89 -49.40
N ILE C 2042 42.88 52.57 -49.34
CA ILE C 2042 42.43 51.93 -48.12
C ILE C 2042 43.65 51.48 -47.35
N PRO C 2043 43.87 51.93 -46.12
CA PRO C 2043 45.01 51.43 -45.39
C PRO C 2043 44.81 50.00 -44.95
N VAL C 2044 45.85 49.19 -45.11
CA VAL C 2044 45.87 47.85 -44.56
C VAL C 2044 47.27 47.74 -43.97
N GLY C 2045 47.41 46.83 -43.02
CA GLY C 2045 48.74 46.42 -42.63
C GLY C 2045 49.15 45.20 -43.44
N VAL C 2046 50.46 45.09 -43.70
CA VAL C 2046 50.94 44.15 -44.71
C VAL C 2046 52.21 43.48 -44.23
N VAL C 2047 52.26 42.16 -44.40
CA VAL C 2047 53.45 41.38 -44.11
C VAL C 2047 53.79 40.51 -45.30
N ALA C 2048 55.04 40.55 -45.69
CA ALA C 2048 55.51 39.68 -46.73
C ALA C 2048 56.90 39.24 -46.34
N VAL C 2049 57.40 38.24 -47.05
CA VAL C 2049 58.61 37.52 -46.68
C VAL C 2049 59.73 37.59 -47.70
N GLU C 2050 60.93 37.88 -47.19
CA GLU C 2050 62.15 37.89 -47.97
C GLU C 2050 62.45 36.48 -48.40
N THR C 2051 62.90 36.37 -49.63
CA THR C 2051 63.20 35.11 -50.27
C THR C 2051 64.70 34.88 -50.33
N ARG C 2052 65.48 35.94 -50.20
CA ARG C 2052 66.91 35.80 -50.22
C ARG C 2052 67.37 35.48 -48.82
N THR C 2053 68.43 34.70 -48.74
CA THR C 2053 68.97 34.46 -47.42
C THR C 2053 69.48 35.78 -46.87
N VAL C 2054 69.06 36.09 -45.72
CA VAL C 2054 69.58 37.24 -45.00
C VAL C 2054 70.79 36.75 -44.24
N GLU C 2055 71.80 37.58 -44.13
CA GLU C 2055 72.94 37.29 -43.29
C GLU C 2055 72.79 38.28 -42.15
N LEU C 2056 72.39 37.73 -41.02
CA LEU C 2056 72.10 38.48 -39.82
C LEU C 2056 73.30 38.61 -38.89
N SER C 2057 73.57 39.83 -38.47
CA SER C 2057 74.65 40.14 -37.54
C SER C 2057 74.14 40.24 -36.10
N ILE C 2058 74.71 39.43 -35.23
CA ILE C 2058 74.41 39.42 -33.80
C ILE C 2058 75.54 40.08 -33.03
N PRO C 2059 75.29 41.14 -32.28
CA PRO C 2059 76.39 41.79 -31.58
C PRO C 2059 76.86 40.94 -30.42
N ALA C 2060 78.10 41.20 -30.02
CA ALA C 2060 78.69 40.48 -28.90
C ALA C 2060 78.19 41.05 -27.59
N ASP C 2061 77.98 40.19 -26.62
CA ASP C 2061 77.68 40.72 -25.30
C ASP C 2061 79.03 41.06 -24.69
N PRO C 2062 79.34 42.34 -24.49
CA PRO C 2062 80.66 42.66 -23.96
C PRO C 2062 80.80 42.21 -22.52
N ALA C 2063 79.68 42.13 -21.81
CA ALA C 2063 79.65 41.56 -20.48
C ALA C 2063 80.26 40.17 -20.46
N ASN C 2064 79.99 39.38 -21.49
CA ASN C 2064 80.39 37.97 -21.54
C ASN C 2064 81.63 37.94 -22.43
N LEU C 2065 82.72 37.47 -21.85
CA LEU C 2065 84.00 37.46 -22.54
C LEU C 2065 84.08 36.45 -23.67
N ASP C 2066 83.19 35.47 -23.69
CA ASP C 2066 83.12 34.53 -24.79
C ASP C 2066 82.53 35.21 -26.01
N SER C 2067 81.41 35.89 -25.80
CA SER C 2067 80.63 36.54 -26.84
C SER C 2067 81.50 37.36 -27.76
N GLU C 2068 81.51 36.98 -29.02
CA GLU C 2068 81.98 37.80 -30.13
C GLU C 2068 80.81 38.14 -31.02
N ALA C 2069 80.91 39.22 -31.77
CA ALA C 2069 79.77 39.63 -32.58
C ALA C 2069 79.58 38.56 -33.65
N LYS C 2070 78.59 37.70 -33.49
CA LYS C 2070 78.38 36.69 -34.51
C LYS C 2070 77.69 37.26 -35.73
N ILE C 2071 77.74 36.48 -36.80
CA ILE C 2071 77.14 36.84 -38.06
C ILE C 2071 76.52 35.56 -38.58
N ILE C 2072 75.21 35.57 -38.74
CA ILE C 2072 74.46 34.37 -38.97
C ILE C 2072 73.76 34.46 -40.31
N GLN C 2073 73.76 33.35 -41.01
CA GLN C 2073 73.03 33.22 -42.26
C GLN C 2073 71.63 32.84 -41.82
N GLN C 2074 70.65 33.58 -42.31
CA GLN C 2074 69.26 33.24 -42.06
C GLN C 2074 68.56 33.00 -43.38
N ALA C 2075 68.28 31.73 -43.67
CA ALA C 2075 67.68 31.33 -44.94
C ALA C 2075 66.37 32.02 -45.22
N GLY C 2076 66.14 32.26 -46.51
CA GLY C 2076 64.86 32.74 -46.97
C GLY C 2076 63.80 31.67 -46.99
N GLN C 2077 62.55 32.12 -47.10
CA GLN C 2077 61.37 31.25 -47.08
C GLN C 2077 61.29 30.35 -45.85
N VAL C 2078 61.78 30.80 -44.70
CA VAL C 2078 61.68 30.00 -43.47
C VAL C 2078 61.17 30.88 -42.34
N TRP C 2079 60.41 30.26 -41.45
CA TRP C 2079 60.01 30.92 -40.23
C TRP C 2079 61.06 30.62 -39.19
N PHE C 2080 61.60 31.65 -38.63
CA PHE C 2080 62.46 31.52 -37.48
C PHE C 2080 61.68 32.04 -36.28
N PRO C 2081 62.26 31.94 -35.07
CA PRO C 2081 61.63 32.52 -33.89
C PRO C 2081 61.31 33.99 -34.09
N ASP C 2082 62.32 34.73 -34.50
CA ASP C 2082 62.17 36.16 -34.72
C ASP C 2082 61.03 36.41 -35.71
N SER C 2083 61.01 35.70 -36.84
CA SER C 2083 60.00 35.97 -37.85
C SER C 2083 58.63 35.79 -37.29
N ALA C 2084 58.47 34.71 -36.57
CA ALA C 2084 57.17 34.40 -36.03
C ALA C 2084 56.74 35.45 -35.01
N PHE C 2085 57.68 35.91 -34.17
CA PHE C 2085 57.36 36.93 -33.17
C PHE C 2085 57.00 38.26 -33.80
N LYS C 2086 57.84 38.75 -34.70
CA LYS C 2086 57.56 39.96 -35.44
C LYS C 2086 56.21 39.85 -36.12
N THR C 2087 55.91 38.65 -36.61
CA THR C 2087 54.68 38.40 -37.32
C THR C 2087 53.50 38.48 -36.37
N TYR C 2088 53.67 37.83 -35.23
CA TYR C 2088 52.68 37.83 -34.16
C TYR C 2088 52.36 39.20 -33.67
N GLN C 2089 53.38 40.00 -33.47
CA GLN C 2089 53.16 41.30 -32.88
C GLN C 2089 52.45 42.18 -33.88
N ALA C 2090 52.92 42.15 -35.12
CA ALA C 2090 52.31 42.93 -36.17
C ALA C 2090 50.84 42.57 -36.33
N ILE C 2091 50.55 41.28 -36.40
CA ILE C 2091 49.18 40.83 -36.53
C ILE C 2091 48.33 41.34 -35.38
N LYS C 2092 48.84 41.18 -34.16
CA LYS C 2092 48.05 41.60 -33.00
C LYS C 2092 47.83 43.09 -33.01
N ASP C 2093 48.92 43.83 -33.19
CA ASP C 2093 48.89 45.26 -33.07
C ASP C 2093 47.97 45.83 -34.13
N PHE C 2094 48.18 45.44 -35.39
CA PHE C 2094 47.36 45.97 -36.48
C PHE C 2094 45.91 45.65 -36.20
N ASN C 2095 45.67 44.49 -35.63
CA ASN C 2095 44.31 44.11 -35.33
C ASN C 2095 43.76 45.03 -34.27
N ARG C 2096 44.62 45.49 -33.36
CA ARG C 2096 44.16 46.37 -32.31
C ARG C 2096 43.96 47.78 -32.81
N GLU C 2097 44.49 48.12 -33.97
CA GLU C 2097 44.10 49.38 -34.54
C GLU C 2097 42.76 49.21 -35.20
N GLY C 2098 42.49 47.99 -35.64
CA GLY C 2098 41.28 47.69 -36.34
C GLY C 2098 41.49 47.58 -37.82
N LEU C 2099 42.66 47.32 -38.23
CA LEU C 2099 43.03 47.27 -39.63
C LEU C 2099 42.80 45.88 -40.16
N PRO C 2100 42.42 45.71 -41.41
CA PRO C 2100 42.62 44.42 -42.03
C PRO C 2100 44.10 44.14 -42.24
N LEU C 2101 44.40 42.85 -42.37
CA LEU C 2101 45.76 42.33 -42.43
C LEU C 2101 45.90 41.72 -43.83
N MET C 2102 47.05 41.92 -44.49
CA MET C 2102 47.33 41.20 -45.73
C MET C 2102 48.67 40.48 -45.71
N VAL C 2103 48.64 39.14 -45.80
CA VAL C 2103 49.84 38.30 -45.83
C VAL C 2103 50.19 37.79 -47.22
N PHE C 2104 51.37 38.12 -47.70
CA PHE C 2104 51.91 37.57 -48.95
C PHE C 2104 52.85 36.39 -48.72
N ALA C 2105 52.26 35.21 -48.61
CA ALA C 2105 52.87 33.98 -48.12
C ALA C 2105 53.83 33.24 -49.06
N ASN C 2106 55.01 32.87 -48.54
CA ASN C 2106 56.07 32.13 -49.25
C ASN C 2106 57.01 31.43 -48.27
N TRP C 2107 56.50 30.40 -47.62
CA TRP C 2107 57.19 29.68 -46.55
C TRP C 2107 57.31 28.21 -46.89
N ARG C 2108 58.52 27.68 -46.75
CA ARG C 2108 58.74 26.26 -47.03
C ARG C 2108 58.34 25.36 -45.88
N GLY C 2109 58.22 25.89 -44.68
CA GLY C 2109 57.92 25.07 -43.52
C GLY C 2109 58.43 25.80 -42.30
N PHE C 2110 58.18 25.21 -41.16
CA PHE C 2110 58.86 25.69 -39.98
C PHE C 2110 60.22 25.03 -39.89
N SER C 2111 61.17 25.80 -39.37
CA SER C 2111 62.52 25.31 -39.16
C SER C 2111 62.51 24.34 -38.00
N GLY C 2112 63.13 23.18 -38.21
CA GLY C 2112 63.08 22.11 -37.24
C GLY C 2112 64.43 21.77 -36.68
N GLY C 2113 65.36 22.70 -36.77
CA GLY C 2113 66.70 22.40 -36.34
C GLY C 2113 66.80 22.56 -34.85
N MET C 2114 67.91 22.06 -34.29
CA MET C 2114 68.03 21.99 -32.85
C MET C 2114 67.85 23.35 -32.23
N LYS C 2115 68.59 24.32 -32.75
CA LYS C 2115 68.57 25.65 -32.18
C LYS C 2115 67.19 26.28 -32.26
N ASP C 2116 66.61 26.34 -33.46
CA ASP C 2116 65.35 27.05 -33.62
C ASP C 2116 64.23 26.38 -32.85
N MET C 2117 64.30 25.07 -32.77
CA MET C 2117 63.33 24.34 -32.00
C MET C 2117 63.52 24.67 -30.53
N TYR C 2118 64.78 24.67 -30.08
CA TYR C 2118 65.07 25.16 -28.74
C TYR C 2118 64.50 26.54 -28.58
N ASP C 2119 64.59 27.35 -29.61
CA ASP C 2119 64.09 28.71 -29.59
C ASP C 2119 62.57 28.78 -29.80
N GLN C 2120 61.87 27.64 -29.67
CA GLN C 2120 60.44 27.70 -29.38
C GLN C 2120 59.48 28.04 -30.51
N VAL C 2121 59.80 27.63 -31.72
CA VAL C 2121 58.93 27.91 -32.86
C VAL C 2121 57.52 27.36 -32.63
N LEU C 2122 57.41 26.28 -31.87
CA LEU C 2122 56.10 25.69 -31.59
C LEU C 2122 55.23 26.65 -30.80
N LYS C 2123 55.84 27.37 -29.87
CA LYS C 2123 55.09 28.17 -28.92
C LYS C 2123 54.45 29.32 -29.65
N PHE C 2124 55.18 29.88 -30.60
CA PHE C 2124 54.72 31.06 -31.27
C PHE C 2124 53.77 30.65 -32.35
N GLY C 2125 53.87 29.41 -32.81
CA GLY C 2125 52.86 28.94 -33.72
C GLY C 2125 51.54 28.90 -33.00
N ALA C 2126 51.51 28.35 -31.80
CA ALA C 2126 50.27 28.47 -31.06
C ALA C 2126 49.80 29.92 -30.89
N TYR C 2127 50.71 30.83 -30.53
CA TYR C 2127 50.27 32.20 -30.26
C TYR C 2127 49.68 32.91 -31.46
N ILE C 2128 50.28 32.76 -32.65
CA ILE C 2128 49.69 33.38 -33.84
C ILE C 2128 48.23 33.02 -33.95
N VAL C 2129 47.93 31.76 -33.67
CA VAL C 2129 46.56 31.32 -33.72
C VAL C 2129 45.76 32.15 -32.74
N ASP C 2130 46.25 32.27 -31.49
CA ASP C 2130 45.56 33.13 -30.53
C ASP C 2130 45.29 34.49 -31.16
N GLY C 2131 46.29 35.02 -31.86
CA GLY C 2131 46.21 36.37 -32.39
C GLY C 2131 45.07 36.41 -33.37
N LEU C 2132 45.00 35.40 -34.21
CA LEU C 2132 44.01 35.36 -35.25
C LEU C 2132 42.65 35.11 -34.65
N ARG C 2133 42.60 34.35 -33.56
CA ARG C 2133 41.34 34.10 -32.91
C ARG C 2133 40.77 35.42 -32.42
N GLU C 2134 41.66 36.34 -32.01
CA GLU C 2134 41.23 37.64 -31.53
C GLU C 2134 41.07 38.61 -32.69
N CYS C 2135 41.39 38.21 -33.92
CA CYS C 2135 41.20 39.15 -35.00
C CYS C 2135 39.73 39.47 -35.23
N CYS C 2136 39.48 40.75 -35.49
CA CYS C 2136 38.13 41.25 -35.56
C CYS C 2136 37.78 41.86 -36.89
N GLN C 2137 38.72 41.94 -37.81
CA GLN C 2137 38.46 42.53 -39.12
C GLN C 2137 39.03 41.63 -40.19
N PRO C 2138 38.73 41.90 -41.46
CA PRO C 2138 39.18 41.00 -42.53
C PRO C 2138 40.70 40.78 -42.51
N VAL C 2139 41.10 39.53 -42.64
CA VAL C 2139 42.49 39.12 -42.87
C VAL C 2139 42.58 38.38 -44.21
N LEU C 2140 43.29 38.98 -45.18
CA LEU C 2140 43.47 38.43 -46.53
C LEU C 2140 44.84 37.82 -46.81
N VAL C 2141 44.85 36.52 -47.13
CA VAL C 2141 46.06 35.77 -47.39
C VAL C 2141 46.18 35.52 -48.87
N TYR C 2142 47.35 35.83 -49.45
CA TYR C 2142 47.56 35.68 -50.88
C TYR C 2142 48.91 35.01 -51.03
N ILE C 2143 48.95 33.88 -51.71
CA ILE C 2143 50.19 33.21 -52.06
C ILE C 2143 50.73 33.79 -53.37
N PRO C 2144 51.84 34.52 -53.37
CA PRO C 2144 52.29 35.13 -54.61
C PRO C 2144 52.84 34.10 -55.59
N PRO C 2145 52.99 34.50 -56.85
CA PRO C 2145 53.56 33.63 -57.88
C PRO C 2145 54.98 33.16 -57.57
N GLN C 2146 55.23 31.88 -57.81
CA GLN C 2146 56.47 31.18 -57.47
C GLN C 2146 56.69 30.96 -55.97
N ALA C 2147 55.72 31.27 -55.11
CA ALA C 2147 55.85 30.93 -53.71
C ALA C 2147 55.32 29.53 -53.44
N GLU C 2148 55.60 29.02 -52.25
CA GLU C 2148 55.06 27.73 -51.86
C GLU C 2148 54.79 27.71 -50.39
N LEU C 2149 53.86 26.86 -49.99
CA LEU C 2149 53.45 26.73 -48.62
C LEU C 2149 53.21 25.29 -48.26
N ARG C 2150 53.91 24.83 -47.24
CA ARG C 2150 54.01 23.42 -47.02
C ARG C 2150 53.75 23.16 -45.56
N GLY C 2151 53.07 22.06 -45.31
CA GLY C 2151 52.95 21.45 -44.01
C GLY C 2151 52.62 22.40 -42.88
N GLY C 2152 53.54 22.47 -41.92
CA GLY C 2152 53.28 23.19 -40.69
C GLY C 2152 52.88 24.63 -40.90
N SER C 2153 53.53 25.31 -41.85
CA SER C 2153 53.29 26.74 -41.95
C SER C 2153 51.92 27.07 -42.46
N TRP C 2154 51.42 26.31 -43.42
CA TRP C 2154 50.07 26.54 -43.88
C TRP C 2154 49.07 26.14 -42.82
N VAL C 2155 49.26 24.92 -42.33
CA VAL C 2155 48.35 24.30 -41.38
C VAL C 2155 48.03 25.22 -40.22
N VAL C 2156 49.03 25.91 -39.68
CA VAL C 2156 48.75 26.73 -38.50
C VAL C 2156 48.05 28.04 -38.85
N ILE C 2157 47.87 28.37 -40.14
CA ILE C 2157 47.08 29.54 -40.53
C ILE C 2157 45.96 29.30 -41.53
N ASP C 2158 45.44 28.09 -41.62
CA ASP C 2158 44.28 27.91 -42.49
C ASP C 2158 43.13 28.79 -42.01
N SER C 2159 42.37 29.27 -42.99
CA SER C 2159 41.21 30.12 -42.80
C SER C 2159 40.18 29.55 -41.84
N SER C 2160 40.21 28.25 -41.59
CA SER C 2160 39.32 27.61 -40.64
C SER C 2160 39.34 28.15 -39.21
N ILE C 2161 40.43 28.71 -38.69
CA ILE C 2161 40.47 29.04 -37.26
C ILE C 2161 39.45 30.11 -36.90
N ASN C 2162 39.28 31.09 -37.75
CA ASN C 2162 38.34 32.17 -37.54
C ASN C 2162 37.78 32.45 -38.92
N PRO C 2163 36.96 31.54 -39.44
CA PRO C 2163 36.41 31.67 -40.79
C PRO C 2163 35.63 32.92 -40.95
N ARG C 2164 35.02 33.34 -39.86
CA ARG C 2164 34.30 34.58 -39.79
C ARG C 2164 35.07 35.75 -40.37
N HIS C 2165 36.40 35.77 -40.24
CA HIS C 2165 37.17 36.95 -40.55
C HIS C 2165 38.27 36.77 -41.62
N MET C 2166 38.64 35.54 -41.95
CA MET C 2166 39.74 35.22 -42.86
C MET C 2166 39.30 34.90 -44.29
N GLU C 2167 40.18 35.21 -45.26
CA GLU C 2167 39.98 34.85 -46.65
C GLU C 2167 41.30 34.43 -47.28
N MET C 2168 41.22 33.45 -48.17
CA MET C 2168 42.39 32.83 -48.76
C MET C 2168 42.38 32.75 -50.28
N TYR C 2169 43.49 33.17 -50.89
CA TYR C 2169 43.71 33.16 -52.34
C TYR C 2169 45.13 32.74 -52.65
N ALA C 2170 45.27 32.04 -53.75
CA ALA C 2170 46.56 31.60 -54.25
C ALA C 2170 46.82 31.97 -55.70
N ASP C 2171 48.04 32.42 -55.98
CA ASP C 2171 48.39 32.65 -57.35
C ASP C 2171 48.53 31.31 -58.09
N ARG C 2172 48.30 31.35 -59.40
CA ARG C 2172 48.52 30.19 -60.27
C ARG C 2172 49.88 29.59 -60.06
N GLU C 2173 50.87 30.44 -59.89
CA GLU C 2173 52.26 30.05 -59.78
C GLU C 2173 52.68 29.81 -58.37
N SER C 2174 51.77 29.29 -57.56
CA SER C 2174 52.07 29.01 -56.17
C SER C 2174 52.06 27.51 -56.00
N ARG C 2175 52.43 27.05 -54.81
CA ARG C 2175 52.56 25.61 -54.64
C ARG C 2175 52.27 25.26 -53.19
N GLY C 2176 51.76 24.07 -52.94
CA GLY C 2176 51.50 23.77 -51.54
C GLY C 2176 51.21 22.34 -51.21
N SER C 2177 51.72 21.82 -50.10
CA SER C 2177 51.57 20.40 -49.86
C SER C 2177 51.68 20.10 -48.39
N VAL C 2178 51.29 18.87 -48.05
CA VAL C 2178 51.64 18.34 -46.75
C VAL C 2178 53.16 18.26 -46.65
N LEU C 2179 53.81 17.86 -47.75
CA LEU C 2179 55.23 17.64 -47.80
C LEU C 2179 55.75 18.05 -49.16
N GLU C 2180 56.87 18.73 -49.13
CA GLU C 2180 57.53 19.16 -50.31
C GLU C 2180 57.97 17.96 -51.14
N PRO C 2181 58.18 18.15 -52.45
CA PRO C 2181 58.52 17.02 -53.33
C PRO C 2181 59.73 16.22 -52.88
N GLU C 2182 60.83 16.84 -52.43
CA GLU C 2182 62.00 16.05 -52.02
C GLU C 2182 61.60 15.05 -50.96
N GLY C 2183 60.71 15.43 -50.05
CA GLY C 2183 60.39 14.58 -48.93
C GLY C 2183 59.39 13.54 -49.39
N THR C 2184 58.56 13.93 -50.38
CA THR C 2184 57.72 12.93 -51.02
C THR C 2184 58.54 11.86 -51.73
N VAL C 2185 59.52 12.26 -52.54
CA VAL C 2185 60.29 11.25 -53.27
C VAL C 2185 61.04 10.34 -52.31
N GLU C 2186 61.78 10.92 -51.35
CA GLU C 2186 62.53 10.12 -50.39
C GLU C 2186 61.70 9.00 -49.77
N ILE C 2187 60.44 9.28 -49.45
CA ILE C 2187 59.62 8.19 -48.88
C ILE C 2187 58.95 7.32 -49.96
N LYS C 2188 58.39 7.90 -51.03
CA LYS C 2188 57.50 7.23 -51.98
C LYS C 2188 58.00 7.23 -53.42
N PHE C 2189 59.30 7.27 -53.67
CA PHE C 2189 59.79 7.09 -55.04
C PHE C 2189 61.20 6.50 -55.10
N ARG C 2190 61.30 5.30 -54.58
CA ARG C 2190 62.49 4.47 -54.41
C ARG C 2190 62.73 3.67 -55.69
N ARG C 2191 63.71 2.78 -55.59
CA ARG C 2191 64.21 1.99 -56.70
C ARG C 2191 63.06 1.35 -57.44
N LYS C 2192 62.22 0.65 -56.70
CA LYS C 2192 61.06 -0.06 -57.23
C LYS C 2192 60.36 0.83 -58.24
N ASP C 2193 60.11 2.09 -57.86
CA ASP C 2193 59.50 3.04 -58.77
C ASP C 2193 60.43 3.33 -59.94
N LEU C 2194 61.74 3.29 -59.70
CA LEU C 2194 62.68 3.52 -60.80
C LEU C 2194 62.54 2.39 -61.82
N VAL C 2195 62.48 1.17 -61.31
CA VAL C 2195 62.28 0.00 -62.14
C VAL C 2195 60.97 0.12 -62.89
N LYS C 2196 59.90 0.44 -62.17
CA LYS C 2196 58.60 0.77 -62.73
C LYS C 2196 58.72 1.72 -63.93
N THR C 2197 59.57 2.75 -63.82
CA THR C 2197 59.59 3.69 -64.93
C THR C 2197 60.33 3.15 -66.16
N MET C 2198 61.49 2.51 -65.98
CA MET C 2198 62.12 1.87 -67.14
C MET C 2198 61.25 0.81 -67.80
N ARG C 2199 60.71 -0.15 -67.04
CA ARG C 2199 59.93 -1.17 -67.73
C ARG C 2199 58.74 -0.57 -68.48
N ARG C 2200 58.18 0.58 -68.05
CA ARG C 2200 57.06 1.07 -68.85
C ARG C 2200 57.51 1.93 -70.02
N VAL C 2201 58.58 2.69 -69.83
CA VAL C 2201 58.92 3.79 -70.71
C VAL C 2201 60.25 3.62 -71.40
N ASP C 2202 61.28 3.13 -70.71
CA ASP C 2202 62.58 3.05 -71.38
C ASP C 2202 62.60 1.95 -72.44
N PRO C 2203 62.90 2.27 -73.71
CA PRO C 2203 62.83 1.26 -74.76
C PRO C 2203 63.90 0.19 -74.62
N VAL C 2204 65.12 0.61 -74.27
CA VAL C 2204 66.25 -0.30 -74.13
C VAL C 2204 65.95 -1.34 -73.06
N TYR C 2205 65.44 -0.88 -71.92
CA TYR C 2205 65.13 -1.78 -70.84
C TYR C 2205 64.11 -2.80 -71.32
N ILE C 2206 63.08 -2.31 -72.01
CA ILE C 2206 62.04 -3.18 -72.58
C ILE C 2206 62.69 -4.24 -73.44
N HIS C 2207 63.56 -3.81 -74.35
CA HIS C 2207 64.29 -4.69 -75.27
C HIS C 2207 65.04 -5.80 -74.55
N LEU C 2208 65.87 -5.43 -73.56
CA LEU C 2208 66.60 -6.42 -72.78
C LEU C 2208 65.63 -7.41 -72.21
N ALA C 2209 64.56 -6.90 -71.61
CA ALA C 2209 63.57 -7.75 -71.01
C ALA C 2209 62.93 -8.64 -72.06
N GLU C 2210 62.78 -8.11 -73.27
CA GLU C 2210 62.17 -8.88 -74.34
C GLU C 2210 63.03 -10.08 -74.68
N ARG C 2211 64.36 -9.95 -74.58
CA ARG C 2211 65.19 -11.07 -74.99
C ARG C 2211 65.29 -12.07 -73.86
N LEU C 2212 65.54 -11.59 -72.65
CA LEU C 2212 65.41 -12.42 -71.46
C LEU C 2212 64.04 -13.10 -71.38
N GLY C 2213 63.02 -12.52 -72.00
CA GLY C 2213 61.70 -13.12 -72.10
C GLY C 2213 61.56 -14.09 -73.24
N THR C 2214 62.68 -14.62 -73.74
CA THR C 2214 62.68 -15.65 -74.75
C THR C 2214 62.94 -17.01 -74.12
N PRO C 2215 62.26 -18.09 -74.51
CA PRO C 2215 62.62 -19.40 -73.97
C PRO C 2215 63.90 -19.90 -74.63
N GLU C 2216 64.53 -20.90 -74.01
CA GLU C 2216 65.74 -21.55 -74.54
C GLU C 2216 66.83 -20.53 -74.88
N LEU C 2217 67.34 -19.89 -73.84
CA LEU C 2217 68.44 -18.96 -73.97
C LEU C 2217 69.72 -19.56 -73.41
N SER C 2218 70.82 -19.20 -74.06
CA SER C 2218 72.15 -19.58 -73.61
C SER C 2218 72.50 -18.88 -72.31
N THR C 2219 73.17 -19.59 -71.39
CA THR C 2219 73.57 -18.98 -70.13
C THR C 2219 74.44 -17.76 -70.35
N ALA C 2220 75.16 -17.73 -71.48
CA ALA C 2220 75.86 -16.53 -71.90
C ALA C 2220 74.89 -15.37 -72.05
N GLU C 2221 73.94 -15.50 -72.99
CA GLU C 2221 72.96 -14.43 -73.22
C GLU C 2221 72.23 -14.05 -71.93
N ARG C 2222 71.90 -15.04 -71.10
CA ARG C 2222 71.22 -14.72 -69.85
C ARG C 2222 72.07 -13.81 -68.97
N LYS C 2223 73.27 -14.28 -68.58
CA LYS C 2223 74.15 -13.47 -67.74
C LYS C 2223 74.43 -12.11 -68.36
N GLU C 2224 74.63 -12.11 -69.68
CA GLU C 2224 74.86 -10.88 -70.43
C GLU C 2224 73.70 -9.92 -70.31
N LEU C 2225 72.48 -10.42 -70.46
CA LEU C 2225 71.30 -9.57 -70.37
C LEU C 2225 71.19 -8.96 -68.98
N GLU C 2226 71.33 -9.78 -67.95
CA GLU C 2226 71.21 -9.25 -66.59
C GLU C 2226 72.23 -8.12 -66.37
N ASN C 2227 73.46 -8.30 -66.87
CA ASN C 2227 74.49 -7.27 -66.70
C ASN C 2227 74.11 -6.01 -67.47
N LYS C 2228 73.71 -6.19 -68.73
CA LYS C 2228 73.29 -5.09 -69.61
C LYS C 2228 72.18 -4.29 -68.95
N LEU C 2229 71.33 -4.97 -68.18
CA LEU C 2229 70.26 -4.32 -67.43
C LEU C 2229 70.77 -3.49 -66.28
N LYS C 2230 71.63 -4.06 -65.44
CA LYS C 2230 72.17 -3.27 -64.35
C LYS C 2230 72.89 -2.02 -64.87
N GLU C 2231 73.60 -2.16 -65.98
CA GLU C 2231 74.30 -1.04 -66.57
C GLU C 2231 73.35 0.01 -67.12
N ARG C 2232 72.29 -0.44 -67.82
CA ARG C 2232 71.32 0.50 -68.33
C ARG C 2232 70.66 1.29 -67.22
N GLU C 2233 70.18 0.58 -66.20
CA GLU C 2233 69.55 1.22 -65.07
C GLU C 2233 70.45 2.28 -64.42
N GLU C 2234 71.66 1.89 -64.02
CA GLU C 2234 72.50 2.85 -63.28
C GLU C 2234 72.87 4.04 -64.13
N PHE C 2235 73.24 3.81 -65.40
CA PHE C 2235 73.47 4.92 -66.30
C PHE C 2235 72.27 5.85 -66.41
N LEU C 2236 71.06 5.29 -66.36
CA LEU C 2236 69.80 6.02 -66.49
C LEU C 2236 69.35 6.75 -65.21
N ILE C 2237 69.98 6.50 -64.07
CA ILE C 2237 69.43 6.95 -62.77
C ILE C 2237 69.16 8.45 -62.62
N PRO C 2238 70.08 9.40 -63.01
CA PRO C 2238 69.80 10.82 -62.71
C PRO C 2238 68.46 11.51 -63.05
N ILE C 2239 67.99 11.50 -64.30
CA ILE C 2239 66.74 12.15 -64.69
C ILE C 2239 65.53 11.66 -63.92
N TYR C 2240 65.47 10.38 -63.66
CA TYR C 2240 64.24 9.79 -63.23
C TYR C 2240 63.87 10.20 -61.80
N HIS C 2241 64.86 10.53 -60.97
CA HIS C 2241 64.59 11.17 -59.68
C HIS C 2241 63.87 12.52 -59.87
N GLN C 2242 64.35 13.31 -60.83
CA GLN C 2242 63.73 14.59 -61.14
C GLN C 2242 62.28 14.39 -61.58
N VAL C 2243 62.03 13.32 -62.33
CA VAL C 2243 60.66 13.07 -62.77
C VAL C 2243 59.82 12.84 -61.55
N ALA C 2244 60.38 12.11 -60.58
CA ALA C 2244 59.62 11.80 -59.37
C ALA C 2244 59.19 13.05 -58.60
N VAL C 2245 60.13 14.00 -58.35
CA VAL C 2245 59.69 15.19 -57.61
C VAL C 2245 58.67 15.99 -58.41
N GLN C 2246 58.88 16.10 -59.73
CA GLN C 2246 57.92 16.82 -60.55
C GLN C 2246 56.53 16.23 -60.41
N PHE C 2247 56.45 14.92 -60.61
CA PHE C 2247 55.21 14.18 -60.50
C PHE C 2247 54.54 14.43 -59.15
N ALA C 2248 55.29 14.32 -58.04
CA ALA C 2248 54.69 14.53 -56.73
C ALA C 2248 54.14 15.95 -56.60
N ASP C 2249 54.94 16.92 -57.02
CA ASP C 2249 54.55 18.32 -56.94
C ASP C 2249 53.26 18.57 -57.69
N LEU C 2250 53.01 17.83 -58.77
CA LEU C 2250 51.79 18.05 -59.54
C LEU C 2250 50.53 17.75 -58.73
N HIS C 2251 50.65 17.08 -57.59
CA HIS C 2251 49.50 16.91 -56.72
C HIS C 2251 49.29 18.14 -55.87
N ASP C 2252 50.30 18.99 -55.78
CA ASP C 2252 50.41 20.04 -54.78
C ASP C 2252 50.04 21.40 -55.35
N THR C 2253 49.39 21.40 -56.48
CA THR C 2253 49.11 22.53 -57.34
C THR C 2253 47.86 23.27 -56.89
N PRO C 2254 47.69 24.50 -57.37
CA PRO C 2254 46.47 25.24 -57.02
C PRO C 2254 45.21 24.58 -57.50
N GLY C 2255 45.22 23.95 -58.68
CA GLY C 2255 44.03 23.26 -59.16
C GLY C 2255 43.49 22.31 -58.11
N ARG C 2256 44.37 21.43 -57.61
CA ARG C 2256 43.95 20.48 -56.59
C ARG C 2256 43.52 21.23 -55.33
N MET C 2257 44.34 22.19 -54.88
CA MET C 2257 44.01 22.97 -53.69
C MET C 2257 42.59 23.55 -53.74
N GLN C 2258 42.25 24.19 -54.86
CA GLN C 2258 40.95 24.85 -54.99
C GLN C 2258 39.87 23.80 -54.99
N GLU C 2259 40.05 22.78 -55.81
CA GLU C 2259 39.10 21.70 -55.92
C GLU C 2259 38.84 21.09 -54.54
N LYS C 2260 39.89 20.93 -53.74
CA LYS C 2260 39.74 20.32 -52.44
C LYS C 2260 39.23 21.28 -51.38
N GLY C 2261 39.08 22.55 -51.70
CA GLY C 2261 38.35 23.46 -50.82
C GLY C 2261 38.98 24.14 -49.64
N VAL C 2262 40.30 24.20 -49.48
CA VAL C 2262 40.83 24.91 -48.32
C VAL C 2262 41.13 26.35 -48.69
N ILE C 2263 41.09 26.68 -49.99
CA ILE C 2263 41.24 28.03 -50.49
C ILE C 2263 40.12 28.30 -51.48
N SER C 2264 39.78 29.57 -51.64
CA SER C 2264 38.64 29.93 -52.46
C SER C 2264 38.88 30.15 -53.96
N ASP C 2265 40.03 30.65 -54.41
CA ASP C 2265 40.19 30.83 -55.85
C ASP C 2265 41.64 31.02 -56.28
N ILE C 2266 41.88 30.74 -57.59
CA ILE C 2266 43.14 31.04 -58.29
C ILE C 2266 43.00 32.37 -59.02
N LEU C 2267 43.92 33.27 -58.73
CA LEU C 2267 44.02 34.62 -59.29
C LEU C 2267 45.14 34.81 -60.30
N ASP C 2268 45.08 35.98 -60.91
CA ASP C 2268 46.07 36.49 -61.84
C ASP C 2268 46.60 37.78 -61.27
N TRP C 2269 47.92 37.80 -61.09
CA TRP C 2269 48.62 38.83 -60.34
C TRP C 2269 48.26 40.22 -60.83
N LYS C 2270 48.32 40.39 -62.13
CA LYS C 2270 48.05 41.65 -62.81
C LYS C 2270 46.74 42.33 -62.41
N THR C 2271 45.65 41.58 -62.17
CA THR C 2271 44.38 42.22 -61.82
C THR C 2271 44.09 42.09 -60.34
N SER C 2272 45.10 41.69 -59.58
CA SER C 2272 44.94 41.46 -58.16
C SER C 2272 44.69 42.73 -57.37
N ARG C 2273 45.33 43.83 -57.75
CA ARG C 2273 45.13 45.07 -57.03
C ARG C 2273 43.68 45.53 -57.03
N THR C 2274 43.12 45.74 -58.22
CA THR C 2274 41.73 46.18 -58.33
C THR C 2274 40.79 45.21 -57.63
N PHE C 2275 40.97 43.93 -57.95
CA PHE C 2275 40.11 42.90 -57.38
C PHE C 2275 40.07 42.98 -55.86
N PHE C 2276 41.25 42.97 -55.25
CA PHE C 2276 41.32 42.88 -53.80
C PHE C 2276 40.82 44.16 -53.17
N TYR C 2277 41.01 45.28 -53.86
CA TYR C 2277 40.52 46.56 -53.37
C TYR C 2277 39.01 46.51 -53.14
N TRP C 2278 38.28 46.20 -54.22
CA TRP C 2278 36.83 46.24 -54.14
C TRP C 2278 36.29 45.24 -53.14
N ARG C 2279 36.87 44.03 -53.14
CA ARG C 2279 36.41 43.00 -52.22
C ARG C 2279 36.63 43.43 -50.77
N LEU C 2280 37.85 43.89 -50.44
CA LEU C 2280 38.12 44.25 -49.06
C LEU C 2280 37.24 45.38 -48.56
N ARG C 2281 36.98 46.38 -49.39
CA ARG C 2281 36.18 47.49 -48.89
C ARG C 2281 34.80 46.97 -48.50
N ARG C 2282 34.27 46.04 -49.29
CA ARG C 2282 32.95 45.52 -48.95
C ARG C 2282 33.02 44.47 -47.83
N LEU C 2283 34.09 43.68 -47.76
CA LEU C 2283 34.29 42.78 -46.63
C LEU C 2283 34.18 43.56 -45.32
N LEU C 2284 34.78 44.74 -45.32
CA LEU C 2284 34.85 45.66 -44.19
C LEU C 2284 33.48 46.20 -43.87
N LEU C 2285 32.70 46.50 -44.90
CA LEU C 2285 31.38 47.06 -44.67
C LEU C 2285 30.53 46.02 -44.02
N GLU C 2286 30.62 44.79 -44.53
CA GLU C 2286 29.89 43.69 -43.96
C GLU C 2286 30.22 43.57 -42.49
N ASP C 2287 31.50 43.63 -42.12
CA ASP C 2287 31.83 43.54 -40.71
C ASP C 2287 31.16 44.64 -39.87
N LEU C 2288 31.18 45.87 -40.38
CA LEU C 2288 30.58 46.98 -39.64
C LEU C 2288 29.09 46.79 -39.39
N VAL C 2289 28.38 46.35 -40.43
CA VAL C 2289 26.94 46.16 -40.29
C VAL C 2289 26.63 44.99 -39.37
N LYS C 2290 27.35 43.88 -39.52
CA LYS C 2290 27.12 42.78 -38.60
C LYS C 2290 27.34 43.21 -37.17
N LYS C 2291 28.33 44.07 -36.92
CA LYS C 2291 28.49 44.55 -35.56
C LYS C 2291 27.26 45.28 -35.08
N LYS C 2292 26.64 46.04 -35.98
CA LYS C 2292 25.45 46.75 -35.57
C LYS C 2292 24.31 45.78 -35.27
N ILE C 2293 24.19 44.74 -36.09
CA ILE C 2293 23.13 43.76 -35.93
C ILE C 2293 23.28 43.00 -34.62
N HIS C 2294 24.49 42.53 -34.33
CA HIS C 2294 24.72 41.78 -33.10
C HIS C 2294 24.40 42.66 -31.92
N ASN C 2295 24.70 43.93 -32.07
CA ASN C 2295 24.39 44.87 -31.02
C ASN C 2295 22.89 44.95 -30.89
N ALA C 2296 22.19 44.87 -32.03
CA ALA C 2296 20.75 44.90 -32.06
C ALA C 2296 20.10 43.75 -31.31
N ASN C 2297 20.74 42.57 -31.28
CA ASN C 2297 20.21 41.39 -30.59
C ASN C 2297 21.38 40.48 -30.25
N PRO C 2298 21.96 40.62 -29.07
CA PRO C 2298 23.14 39.81 -28.72
C PRO C 2298 23.02 38.30 -28.76
N GLU C 2299 21.83 37.73 -28.59
CA GLU C 2299 21.80 36.27 -28.53
C GLU C 2299 22.03 35.58 -29.88
N LEU C 2300 21.82 36.26 -31.00
CA LEU C 2300 21.96 35.63 -32.30
C LEU C 2300 23.41 35.31 -32.66
N THR C 2301 23.66 34.08 -33.09
CA THR C 2301 24.99 33.74 -33.56
C THR C 2301 25.40 34.44 -34.85
N ASP C 2302 26.70 34.73 -34.90
CA ASP C 2302 27.50 35.15 -36.03
C ASP C 2302 27.23 34.42 -37.34
N GLY C 2303 27.09 33.10 -37.27
CA GLY C 2303 26.87 32.31 -38.47
C GLY C 2303 25.53 32.67 -39.06
N GLN C 2304 24.54 32.75 -38.20
CA GLN C 2304 23.22 33.01 -38.66
C GLN C 2304 23.20 34.42 -39.19
N ILE C 2305 24.05 35.27 -38.62
CA ILE C 2305 24.15 36.63 -39.10
C ILE C 2305 24.68 36.65 -40.52
N GLN C 2306 25.78 35.92 -40.79
CA GLN C 2306 26.32 35.80 -42.15
C GLN C 2306 25.25 35.48 -43.16
N ALA C 2307 24.57 34.38 -42.89
CA ALA C 2307 23.53 33.92 -43.79
C ALA C 2307 22.45 34.98 -43.92
N MET C 2308 22.05 35.53 -42.79
CA MET C 2308 21.01 36.54 -42.72
C MET C 2308 21.29 37.74 -43.56
N LEU C 2309 22.50 38.25 -43.53
CA LEU C 2309 22.76 39.43 -44.35
C LEU C 2309 22.64 39.04 -45.80
N ARG C 2310 23.21 37.90 -46.19
CA ARG C 2310 23.04 37.49 -47.59
C ARG C 2310 21.55 37.40 -47.92
N ARG C 2311 20.79 36.88 -46.97
CA ARG C 2311 19.37 36.73 -47.18
C ARG C 2311 18.72 38.08 -47.31
N TRP C 2312 19.15 39.06 -46.52
CA TRP C 2312 18.57 40.37 -46.65
C TRP C 2312 18.91 40.99 -47.99
N PHE C 2313 20.08 40.68 -48.53
CA PHE C 2313 20.42 41.16 -49.86
C PHE C 2313 19.51 40.56 -50.90
N VAL C 2314 19.40 39.24 -50.87
CA VAL C 2314 18.56 38.55 -51.81
C VAL C 2314 17.13 39.04 -51.67
N GLU C 2315 16.69 39.26 -50.44
CA GLU C 2315 15.39 39.86 -50.18
C GLU C 2315 15.22 41.22 -50.84
N VAL C 2316 16.14 42.14 -50.57
CA VAL C 2316 15.99 43.50 -51.08
C VAL C 2316 16.14 43.55 -52.59
N GLU C 2317 17.19 42.95 -53.11
CA GLU C 2317 17.53 43.15 -54.51
C GLU C 2317 16.96 42.06 -55.40
N GLY C 2318 16.40 41.02 -54.83
CA GLY C 2318 15.76 39.98 -55.60
C GLY C 2318 16.60 38.76 -55.82
N THR C 2319 15.91 37.63 -55.67
CA THR C 2319 16.47 36.31 -55.95
C THR C 2319 17.12 36.24 -57.30
N VAL C 2320 16.60 36.98 -58.26
CA VAL C 2320 17.19 36.97 -59.59
C VAL C 2320 18.62 37.47 -59.57
N LYS C 2321 18.96 38.33 -58.62
CA LYS C 2321 20.25 38.98 -58.61
C LYS C 2321 21.25 38.46 -57.58
N ALA C 2322 20.93 37.34 -56.90
CA ALA C 2322 21.84 36.72 -55.92
C ALA C 2322 23.30 36.70 -56.36
N TYR C 2323 23.54 36.23 -57.59
CA TYR C 2323 24.87 36.01 -58.15
C TYR C 2323 25.74 37.25 -58.02
N VAL C 2324 25.12 38.43 -58.01
CA VAL C 2324 25.78 39.71 -57.93
C VAL C 2324 26.66 39.74 -56.70
N TRP C 2325 26.23 39.06 -55.63
CA TRP C 2325 26.99 39.01 -54.39
C TRP C 2325 28.44 38.65 -54.65
N ASP C 2326 28.70 37.84 -55.66
CA ASP C 2326 30.06 37.43 -55.98
C ASP C 2326 30.74 38.43 -56.88
N ASN C 2327 30.06 39.54 -57.19
CA ASN C 2327 30.62 40.66 -57.91
C ASN C 2327 30.99 41.68 -56.84
N ASN C 2328 32.29 41.91 -56.71
CA ASN C 2328 32.81 42.79 -55.67
C ASN C 2328 32.18 44.16 -55.74
N LYS C 2329 32.19 44.75 -56.92
CA LYS C 2329 31.77 46.13 -57.11
C LYS C 2329 30.34 46.38 -56.69
N ASP C 2330 29.42 45.57 -57.18
CA ASP C 2330 28.01 45.89 -57.04
C ASP C 2330 27.48 45.84 -55.62
N LEU C 2331 27.89 44.86 -54.82
CA LEU C 2331 27.39 44.83 -53.45
C LEU C 2331 27.93 46.00 -52.63
N ALA C 2332 29.17 46.39 -52.86
CA ALA C 2332 29.75 47.53 -52.16
C ALA C 2332 28.89 48.78 -52.34
N GLU C 2333 28.55 49.10 -53.59
CA GLU C 2333 27.68 50.24 -53.83
C GLU C 2333 26.38 50.09 -53.06
N TRP C 2334 25.87 48.86 -52.99
CA TRP C 2334 24.59 48.62 -52.34
C TRP C 2334 24.71 48.86 -50.85
N LEU C 2335 25.77 48.32 -50.24
CA LEU C 2335 26.03 48.52 -48.82
C LEU C 2335 26.17 49.98 -48.45
N GLU C 2336 26.87 50.76 -49.28
CA GLU C 2336 27.06 52.17 -48.97
C GLU C 2336 25.74 52.91 -48.92
N LYS C 2337 24.88 52.67 -49.91
CA LYS C 2337 23.54 53.26 -49.97
C LYS C 2337 22.62 52.84 -48.81
N GLN C 2338 23.10 52.78 -47.57
CA GLN C 2338 22.22 52.44 -46.46
C GLN C 2338 22.53 53.26 -45.22
N LEU C 2339 23.83 53.40 -44.97
CA LEU C 2339 24.43 54.11 -43.85
C LEU C 2339 24.37 55.62 -44.00
N THR C 2340 24.29 56.12 -45.23
CA THR C 2340 24.29 57.56 -45.44
C THR C 2340 23.01 58.20 -44.97
N GLU C 2341 21.86 57.57 -45.19
CA GLU C 2341 20.61 58.22 -44.80
C GLU C 2341 20.39 57.88 -43.34
N GLU C 2342 20.66 58.84 -42.47
CA GLU C 2342 20.36 58.76 -41.05
C GLU C 2342 19.40 59.90 -40.79
N ASP C 2343 18.39 59.65 -39.96
CA ASP C 2343 17.41 60.66 -39.57
C ASP C 2343 16.85 61.32 -40.83
N GLY C 2344 16.52 60.48 -41.79
CA GLY C 2344 15.90 60.88 -43.04
C GLY C 2344 15.15 59.71 -43.60
N VAL C 2345 15.04 59.66 -44.92
CA VAL C 2345 14.45 58.48 -45.55
C VAL C 2345 15.38 57.32 -45.22
N HIS C 2346 14.89 56.45 -44.37
CA HIS C 2346 15.62 55.29 -43.88
C HIS C 2346 15.29 54.05 -44.69
N SER C 2347 16.12 53.02 -44.53
CA SER C 2347 15.86 51.73 -45.14
C SER C 2347 14.94 50.82 -44.35
N VAL C 2348 14.22 50.04 -45.14
CA VAL C 2348 13.28 49.04 -44.64
C VAL C 2348 13.97 48.16 -43.63
N ILE C 2349 15.15 47.68 -43.99
CA ILE C 2349 15.87 46.80 -43.08
C ILE C 2349 16.15 47.49 -41.76
N GLU C 2350 16.42 48.80 -41.76
CA GLU C 2350 16.57 49.47 -40.48
C GLU C 2350 15.29 49.31 -39.68
N GLU C 2351 14.15 49.45 -40.35
CA GLU C 2351 12.87 49.28 -39.66
C GLU C 2351 12.78 47.86 -39.13
N ASN C 2352 13.22 46.91 -39.93
CA ASN C 2352 13.20 45.53 -39.52
C ASN C 2352 14.07 45.33 -38.31
N ILE C 2353 15.24 45.96 -38.28
CA ILE C 2353 16.16 45.75 -37.16
C ILE C 2353 15.53 46.22 -35.87
N LYS C 2354 14.89 47.37 -35.89
CA LYS C 2354 14.21 47.75 -34.66
C LYS C 2354 13.12 46.74 -34.32
N CYS C 2355 12.38 46.26 -35.33
CA CYS C 2355 11.34 45.27 -35.03
C CYS C 2355 11.88 43.98 -34.43
N ILE C 2356 12.96 43.42 -34.98
CA ILE C 2356 13.50 42.21 -34.38
C ILE C 2356 13.97 42.53 -32.98
N SER C 2357 14.58 43.69 -32.83
CA SER C 2357 15.08 44.10 -31.54
C SER C 2357 13.94 44.18 -30.55
N ARG C 2358 12.83 44.74 -31.00
CA ARG C 2358 11.63 44.90 -30.19
C ARG C 2358 11.10 43.56 -29.75
N ASP C 2359 11.06 42.63 -30.68
CA ASP C 2359 10.58 41.31 -30.40
C ASP C 2359 11.47 40.65 -29.35
N TYR C 2360 12.78 40.79 -29.52
CA TYR C 2360 13.72 40.15 -28.62
C TYR C 2360 13.64 40.70 -27.20
N VAL C 2361 13.51 42.01 -27.08
CA VAL C 2361 13.42 42.61 -25.74
C VAL C 2361 12.15 42.12 -25.08
N LEU C 2362 11.10 42.01 -25.89
CA LEU C 2362 9.83 41.59 -25.38
C LEU C 2362 9.94 40.18 -24.84
N LYS C 2363 10.67 39.33 -25.56
CA LYS C 2363 10.87 37.97 -25.08
C LYS C 2363 11.62 37.96 -23.75
N GLN C 2364 12.57 38.88 -23.56
CA GLN C 2364 13.24 38.89 -22.26
C GLN C 2364 12.23 39.13 -21.16
N ILE C 2365 11.34 40.08 -21.40
CA ILE C 2365 10.31 40.36 -20.41
C ILE C 2365 9.39 39.16 -20.25
N ARG C 2366 9.08 38.47 -21.33
CA ARG C 2366 8.20 37.31 -21.27
C ARG C 2366 8.78 36.25 -20.37
N SER C 2367 10.07 36.00 -20.54
CA SER C 2367 10.74 35.02 -19.72
C SER C 2367 10.75 35.47 -18.27
N LEU C 2368 10.99 36.76 -18.06
CA LEU C 2368 11.06 37.33 -16.73
C LEU C 2368 9.76 37.19 -15.98
N VAL C 2369 8.65 37.46 -16.64
CA VAL C 2369 7.35 37.31 -16.00
C VAL C 2369 7.10 35.86 -15.76
N GLN C 2370 7.57 35.00 -16.67
CA GLN C 2370 7.35 33.59 -16.50
C GLN C 2370 8.02 33.13 -15.22
N ALA C 2371 9.25 33.57 -14.99
CA ALA C 2371 9.88 33.23 -13.74
C ALA C 2371 9.22 33.88 -12.54
N ASN C 2372 8.63 35.06 -12.71
CA ASN C 2372 8.11 35.82 -11.57
C ASN C 2372 6.75 36.46 -11.82
N PRO C 2373 5.69 35.65 -11.98
CA PRO C 2373 4.39 36.24 -12.35
C PRO C 2373 3.77 37.07 -11.27
N GLU C 2374 4.13 36.82 -10.01
CA GLU C 2374 3.58 37.53 -8.87
C GLU C 2374 3.85 39.04 -8.92
N VAL C 2375 4.87 39.42 -9.66
CA VAL C 2375 5.33 40.80 -9.76
C VAL C 2375 4.44 41.67 -10.64
N ALA C 2376 3.61 41.05 -11.48
CA ALA C 2376 2.81 41.76 -12.47
C ALA C 2376 2.06 42.98 -11.95
N MET C 2377 1.18 42.82 -10.96
CA MET C 2377 0.29 43.91 -10.56
C MET C 2377 1.06 45.20 -10.33
N ASP C 2378 2.13 45.14 -9.57
CA ASP C 2378 2.81 46.37 -9.23
C ASP C 2378 3.53 46.90 -10.46
N SER C 2379 4.06 45.99 -11.27
CA SER C 2379 4.67 46.35 -12.54
C SER C 2379 3.69 47.07 -13.44
N ILE C 2380 2.45 46.62 -13.41
CA ILE C 2380 1.40 47.15 -14.27
C ILE C 2380 1.03 48.59 -13.95
N ILE C 2381 0.79 48.93 -12.70
CA ILE C 2381 0.43 50.32 -12.38
C ILE C 2381 1.41 51.28 -13.07
N HIS C 2382 2.70 50.99 -12.98
CA HIS C 2382 3.73 51.79 -13.62
C HIS C 2382 3.63 51.64 -15.13
N MET C 2383 3.22 50.44 -15.58
CA MET C 2383 3.11 50.11 -16.99
C MET C 2383 2.03 50.96 -17.62
N THR C 2384 1.08 51.40 -16.82
CA THR C 2384 -0.09 52.10 -17.31
C THR C 2384 0.16 53.57 -17.42
N GLN C 2385 1.36 54.02 -17.11
CA GLN C 2385 1.62 55.40 -16.79
C GLN C 2385 1.55 56.23 -18.08
N HIS C 2386 1.86 55.55 -19.19
CA HIS C 2386 1.72 55.91 -20.59
C HIS C 2386 0.26 55.81 -21.04
N ILE C 2387 -0.01 55.30 -22.26
CA ILE C 2387 -1.27 54.98 -22.96
C ILE C 2387 -2.59 54.87 -22.16
N SER C 2388 -2.50 54.76 -20.87
CA SER C 2388 -3.54 54.58 -19.87
C SER C 2388 -5.03 54.78 -20.15
N PRO C 2389 -5.59 55.90 -20.64
CA PRO C 2389 -7.06 55.87 -20.78
C PRO C 2389 -7.59 54.83 -21.74
N THR C 2390 -6.92 54.73 -22.87
CA THR C 2390 -7.21 53.70 -23.85
C THR C 2390 -6.91 52.34 -23.28
N GLN C 2391 -5.79 52.26 -22.56
CA GLN C 2391 -5.37 50.99 -21.98
C GLN C 2391 -6.41 50.48 -20.99
N ARG C 2392 -6.99 51.37 -20.19
CA ARG C 2392 -8.05 50.91 -19.31
C ARG C 2392 -9.23 50.44 -20.11
N ALA C 2393 -9.59 51.21 -21.14
CA ALA C 2393 -10.75 50.76 -21.88
C ALA C 2393 -10.54 49.39 -22.53
N GLU C 2394 -9.46 49.18 -23.29
CA GLU C 2394 -9.31 47.86 -23.89
C GLU C 2394 -9.21 46.72 -22.88
N VAL C 2395 -8.47 46.91 -21.77
CA VAL C 2395 -8.35 45.81 -20.81
C VAL C 2395 -9.71 45.47 -20.22
N ILE C 2396 -10.44 46.49 -19.85
CA ILE C 2396 -11.78 46.30 -19.32
C ILE C 2396 -12.66 45.69 -20.40
N ARG C 2397 -12.50 46.13 -21.65
CA ARG C 2397 -13.32 45.56 -22.72
C ARG C 2397 -13.09 44.07 -22.80
N ILE C 2398 -11.83 43.65 -22.71
CA ILE C 2398 -11.49 42.26 -22.83
C ILE C 2398 -11.60 41.65 -21.44
N ALA D 1439 -7.19 -104.05 57.63
CA ALA D 1439 -8.18 -103.49 58.54
C ALA D 1439 -8.03 -101.98 58.66
N PHE D 1440 -6.81 -101.48 58.50
CA PHE D 1440 -6.59 -100.04 58.55
C PHE D 1440 -7.48 -99.34 57.51
N GLN D 1441 -7.64 -99.96 56.33
CA GLN D 1441 -8.42 -99.42 55.21
C GLN D 1441 -9.84 -99.01 55.61
N LEU D 1442 -10.46 -99.70 56.57
CA LEU D 1442 -11.62 -99.08 57.23
C LEU D 1442 -11.00 -97.94 58.00
N GLU D 1443 -11.12 -96.75 57.40
CA GLU D 1443 -10.65 -95.52 58.01
C GLU D 1443 -11.39 -95.09 59.27
N LEU D 1444 -10.85 -95.60 60.36
CA LEU D 1444 -11.45 -95.59 61.68
C LEU D 1444 -10.85 -94.50 62.54
N ASN D 1445 -9.82 -93.80 62.05
CA ASN D 1445 -9.22 -92.71 62.80
C ASN D 1445 -9.89 -91.39 62.48
N ARG D 1446 -10.77 -91.36 61.48
CA ARG D 1446 -11.35 -90.09 61.10
C ARG D 1446 -12.54 -89.78 61.98
N MET D 1447 -12.85 -90.67 62.92
CA MET D 1447 -13.85 -90.47 63.94
C MET D 1447 -13.24 -90.78 65.31
N ARG D 1448 -11.93 -90.59 65.46
CA ARG D 1448 -11.27 -90.86 66.73
C ARG D 1448 -11.65 -89.80 67.76
N ASN D 1449 -12.12 -88.64 67.30
CA ASN D 1449 -12.63 -87.56 68.14
C ASN D 1449 -14.04 -87.95 68.63
N PHE D 1450 -14.11 -89.10 69.32
CA PHE D 1450 -15.35 -89.70 69.76
C PHE D 1450 -15.09 -90.74 70.81
N ASP D 1451 -16.15 -91.06 71.55
CA ASP D 1451 -16.15 -92.17 72.49
C ASP D 1451 -17.26 -93.10 72.06
N LEU D 1452 -16.89 -94.27 71.56
CA LEU D 1452 -17.82 -95.14 70.84
C LEU D 1452 -17.96 -96.50 71.52
N THR D 1453 -19.18 -97.00 71.49
CA THR D 1453 -19.57 -98.23 72.17
C THR D 1453 -19.96 -99.26 71.12
N ALA D 1454 -19.31 -100.42 71.19
CA ALA D 1454 -19.50 -101.44 70.16
C ALA D 1454 -20.84 -102.14 70.39
N ILE D 1455 -21.71 -102.09 69.39
CA ILE D 1455 -23.01 -102.73 69.43
C ILE D 1455 -22.97 -103.96 68.52
N PRO D 1456 -23.33 -105.16 68.99
CA PRO D 1456 -23.28 -106.34 68.11
C PRO D 1456 -24.43 -106.45 67.12
N CYS D 1457 -24.10 -106.98 65.94
CA CYS D 1457 -24.95 -106.87 64.76
C CYS D 1457 -24.58 -108.02 63.84
N ALA D 1458 -25.56 -108.50 63.08
CA ALA D 1458 -25.31 -109.49 62.04
C ALA D 1458 -24.65 -108.85 60.82
N ASN D 1459 -24.25 -109.71 59.88
CA ASN D 1459 -23.55 -109.28 58.67
C ASN D 1459 -22.28 -108.51 59.04
N HIS D 1460 -21.34 -109.25 59.64
CA HIS D 1460 -20.37 -108.61 60.50
C HIS D 1460 -19.37 -107.77 59.72
N LYS D 1461 -19.24 -107.98 58.40
CA LYS D 1461 -18.82 -106.96 57.43
C LYS D 1461 -19.23 -105.54 57.83
N MET D 1462 -20.48 -105.43 58.28
CA MET D 1462 -21.09 -104.16 58.65
C MET D 1462 -20.91 -104.00 60.16
N HIS D 1463 -19.99 -103.14 60.58
CA HIS D 1463 -19.69 -102.98 62.00
C HIS D 1463 -20.33 -101.67 62.45
N LEU D 1464 -21.24 -101.69 63.44
CA LEU D 1464 -21.83 -100.43 63.85
C LEU D 1464 -21.52 -100.17 65.32
N TYR D 1465 -21.05 -98.96 65.55
CA TYR D 1465 -20.60 -98.41 66.81
C TYR D 1465 -21.51 -97.23 67.14
N LEU D 1466 -21.77 -97.01 68.40
CA LEU D 1466 -22.59 -95.87 68.78
C LEU D 1466 -21.56 -94.93 69.37
N GLY D 1467 -21.60 -93.68 68.93
CA GLY D 1467 -20.59 -92.69 69.26
C GLY D 1467 -21.11 -91.59 70.16
N ALA D 1468 -20.33 -91.33 71.20
CA ALA D 1468 -20.55 -90.26 72.15
C ALA D 1468 -19.39 -89.28 72.02
N ALA D 1469 -19.73 -88.01 71.84
CA ALA D 1469 -18.74 -86.97 71.65
C ALA D 1469 -17.88 -86.90 72.90
N LYS D 1470 -16.59 -87.17 72.72
CA LYS D 1470 -15.62 -87.01 73.80
C LYS D 1470 -15.27 -85.56 74.07
N VAL D 1471 -15.34 -85.21 75.35
CA VAL D 1471 -15.36 -83.85 75.85
C VAL D 1471 -14.42 -83.83 77.05
N GLU D 1472 -14.13 -82.64 77.58
CA GLU D 1472 -13.25 -82.55 78.73
C GLU D 1472 -14.13 -82.47 79.97
N VAL D 1473 -13.54 -82.80 81.13
CA VAL D 1473 -14.15 -82.64 82.45
C VAL D 1473 -14.95 -81.36 82.66
N GLY D 1474 -14.56 -80.27 82.00
CA GLY D 1474 -15.28 -79.02 82.16
C GLY D 1474 -16.73 -79.10 81.73
N THR D 1475 -17.03 -79.94 80.75
CA THR D 1475 -18.36 -79.99 80.17
C THR D 1475 -18.79 -81.44 80.00
N GLU D 1476 -20.10 -81.60 79.87
CA GLU D 1476 -20.77 -82.87 79.82
C GLU D 1476 -21.22 -83.06 78.38
N VAL D 1477 -21.17 -84.29 77.87
CA VAL D 1477 -21.24 -84.48 76.43
C VAL D 1477 -22.62 -84.10 75.92
N THR D 1478 -22.66 -83.47 74.74
CA THR D 1478 -23.89 -83.10 74.06
C THR D 1478 -24.27 -83.94 72.85
N ASP D 1479 -23.30 -84.52 72.13
CA ASP D 1479 -23.60 -85.29 70.94
C ASP D 1479 -23.45 -86.78 71.18
N TYR D 1480 -24.30 -87.48 70.43
CA TYR D 1480 -24.65 -88.87 70.56
C TYR D 1480 -25.09 -89.24 69.14
N ARG D 1481 -24.13 -89.63 68.32
CA ARG D 1481 -24.32 -89.89 66.90
C ARG D 1481 -24.28 -91.41 66.73
N PHE D 1482 -25.12 -91.92 65.84
CA PHE D 1482 -25.03 -93.34 65.48
C PHE D 1482 -24.01 -93.46 64.36
N PHE D 1483 -22.99 -94.26 64.60
CA PHE D 1483 -22.03 -94.68 63.58
C PHE D 1483 -22.23 -96.10 63.06
N VAL D 1484 -22.20 -96.25 61.74
CA VAL D 1484 -22.15 -97.60 61.19
C VAL D 1484 -21.13 -97.56 60.06
N ARG D 1485 -20.09 -98.38 60.18
CA ARG D 1485 -19.03 -98.37 59.17
C ARG D 1485 -18.82 -99.80 58.69
N ALA D 1486 -19.02 -100.03 57.40
CA ALA D 1486 -18.87 -101.36 56.82
C ALA D 1486 -17.75 -101.42 55.77
N ILE D 1487 -17.59 -102.63 55.28
CA ILE D 1487 -16.67 -102.93 54.18
C ILE D 1487 -17.39 -103.99 53.38
N ILE D 1488 -17.21 -103.98 52.07
CA ILE D 1488 -17.98 -104.90 51.23
C ILE D 1488 -17.00 -105.44 50.19
N ARG D 1489 -16.72 -106.75 50.29
CA ARG D 1489 -15.83 -107.52 49.43
C ARG D 1489 -16.78 -108.66 49.06
N HIS D 1490 -17.61 -108.43 48.05
CA HIS D 1490 -18.59 -109.40 47.59
C HIS D 1490 -18.31 -109.93 46.20
N SER D 1491 -17.12 -109.64 45.65
CA SER D 1491 -16.68 -110.08 44.32
C SER D 1491 -17.41 -109.28 43.25
N GLU D 1497 -21.56 -103.09 34.56
CA GLU D 1497 -23.02 -103.08 34.59
C GLU D 1497 -23.50 -104.15 35.58
N ALA D 1498 -22.84 -105.31 35.51
CA ALA D 1498 -23.20 -106.43 36.40
C ALA D 1498 -22.96 -106.04 37.84
N SER D 1499 -21.86 -105.34 38.12
CA SER D 1499 -21.52 -104.96 39.48
C SER D 1499 -22.59 -104.05 40.06
N PHE D 1500 -23.00 -103.04 39.29
CA PHE D 1500 -23.96 -102.06 39.80
C PHE D 1500 -25.29 -102.71 40.18
N GLU D 1501 -25.85 -103.55 39.32
CA GLU D 1501 -27.12 -104.17 39.72
C GLU D 1501 -26.87 -105.05 40.94
N TYR D 1502 -25.77 -105.81 40.91
CA TYR D 1502 -25.38 -106.72 41.98
C TYR D 1502 -25.19 -105.90 43.27
N LEU D 1503 -24.43 -104.80 43.12
CA LEU D 1503 -24.07 -103.90 44.21
C LEU D 1503 -25.33 -103.33 44.79
N GLN D 1504 -26.21 -102.90 43.90
CA GLN D 1504 -27.47 -102.26 44.23
C GLN D 1504 -28.27 -103.18 45.11
N ASN D 1505 -28.38 -104.45 44.70
CA ASN D 1505 -29.20 -105.38 45.47
C ASN D 1505 -28.61 -105.47 46.88
N GLU D 1506 -27.27 -105.55 46.97
CA GLU D 1506 -26.71 -105.67 48.31
C GLU D 1506 -26.99 -104.38 49.07
N GLY D 1507 -26.94 -103.25 48.38
CA GLY D 1507 -27.18 -101.97 49.04
C GLY D 1507 -28.59 -101.85 49.58
N GLU D 1508 -29.60 -102.25 48.77
CA GLU D 1508 -30.97 -102.14 49.23
C GLU D 1508 -31.17 -103.02 50.45
N ARG D 1509 -30.63 -104.26 50.39
CA ARG D 1509 -30.79 -105.16 51.52
C ARG D 1509 -30.15 -104.55 52.75
N LEU D 1510 -28.96 -103.99 52.56
CA LEU D 1510 -28.22 -103.39 53.67
C LEU D 1510 -29.00 -102.23 54.23
N LEU D 1511 -29.61 -101.45 53.36
CA LEU D 1511 -30.34 -100.30 53.86
C LEU D 1511 -31.52 -100.73 54.72
N LEU D 1512 -32.32 -101.73 54.28
CA LEU D 1512 -33.43 -102.13 55.15
C LEU D 1512 -32.95 -102.75 56.45
N GLU D 1513 -31.97 -103.65 56.38
CA GLU D 1513 -31.44 -104.29 57.59
C GLU D 1513 -30.76 -103.28 58.51
N ALA D 1514 -29.94 -102.41 57.93
CA ALA D 1514 -29.20 -101.41 58.68
C ALA D 1514 -30.15 -100.48 59.40
N MET D 1515 -31.15 -100.00 58.67
CA MET D 1515 -32.15 -99.15 59.30
C MET D 1515 -33.02 -99.91 60.27
N ASP D 1516 -33.23 -101.21 60.10
CA ASP D 1516 -33.85 -102.01 61.15
C ASP D 1516 -33.00 -101.99 62.42
N GLU D 1517 -31.68 -102.17 62.28
CA GLU D 1517 -30.82 -102.21 63.46
C GLU D 1517 -30.87 -100.88 64.18
N LEU D 1518 -30.64 -99.80 63.43
CA LEU D 1518 -30.70 -98.47 64.01
C LEU D 1518 -32.09 -98.17 64.54
N GLU D 1519 -33.13 -98.81 63.98
CA GLU D 1519 -34.47 -98.67 64.53
C GLU D 1519 -34.56 -99.28 65.91
N VAL D 1520 -34.04 -100.50 66.06
CA VAL D 1520 -33.98 -101.11 67.38
C VAL D 1520 -33.22 -100.20 68.34
N ALA D 1521 -32.14 -99.59 67.85
CA ALA D 1521 -31.37 -98.70 68.69
C ALA D 1521 -32.19 -97.50 69.14
N PHE D 1522 -32.96 -96.90 68.23
CA PHE D 1522 -33.83 -95.80 68.63
C PHE D 1522 -34.87 -96.26 69.64
N ASN D 1523 -35.59 -97.33 69.30
CA ASN D 1523 -36.65 -97.83 70.14
C ASN D 1523 -36.10 -98.10 71.53
N ASN D 1524 -34.98 -98.81 71.57
CA ASN D 1524 -34.34 -99.22 72.80
C ASN D 1524 -33.90 -98.02 73.64
N THR D 1525 -33.08 -97.15 73.05
CA THR D 1525 -32.70 -95.91 73.70
C THR D 1525 -32.63 -94.75 72.73
N ASN D 1526 -33.12 -93.61 73.18
CA ASN D 1526 -33.21 -92.41 72.37
C ASN D 1526 -32.50 -91.31 73.14
N VAL D 1527 -31.67 -90.54 72.43
CA VAL D 1527 -30.99 -89.38 73.00
C VAL D 1527 -30.84 -88.27 71.97
N ARG D 1528 -31.80 -88.16 71.04
CA ARG D 1528 -31.79 -87.17 69.96
C ARG D 1528 -30.44 -87.12 69.25
N THR D 1529 -30.15 -88.21 68.55
CA THR D 1529 -28.92 -88.23 67.78
C THR D 1529 -29.02 -87.28 66.61
N ASP D 1530 -27.88 -86.75 66.21
CA ASP D 1530 -27.93 -85.61 65.31
C ASP D 1530 -27.15 -85.79 64.02
N CYS D 1531 -25.93 -86.33 64.07
CA CYS D 1531 -25.05 -86.35 62.91
C CYS D 1531 -24.55 -87.77 62.65
N ASN D 1532 -25.52 -88.63 62.38
CA ASN D 1532 -25.27 -90.05 62.26
C ASN D 1532 -24.30 -90.25 61.10
N HIS D 1533 -23.36 -91.18 61.23
CA HIS D 1533 -22.39 -91.44 60.17
C HIS D 1533 -22.64 -92.80 59.55
N ILE D 1534 -22.54 -92.86 58.22
CA ILE D 1534 -22.55 -94.11 57.45
C ILE D 1534 -21.26 -94.17 56.65
N PHE D 1535 -20.49 -95.24 56.80
CA PHE D 1535 -19.27 -95.45 56.01
C PHE D 1535 -19.46 -96.73 55.22
N LEU D 1536 -19.27 -96.64 53.90
CA LEU D 1536 -19.29 -97.83 53.05
C LEU D 1536 -17.95 -97.92 52.32
N ASN D 1537 -17.20 -98.99 52.56
CA ASN D 1537 -15.97 -99.21 51.79
C ASN D 1537 -16.16 -100.26 50.70
N PHE D 1538 -16.43 -99.83 49.46
CA PHE D 1538 -16.46 -100.81 48.38
C PHE D 1538 -14.99 -101.04 48.10
N VAL D 1539 -14.53 -102.22 48.41
CA VAL D 1539 -13.20 -102.68 48.02
C VAL D 1539 -13.10 -103.40 46.67
N PRO D 1540 -14.18 -103.76 45.96
CA PRO D 1540 -13.96 -104.16 44.56
C PRO D 1540 -13.71 -102.91 43.73
N THR D 1541 -13.46 -103.11 42.43
CA THR D 1541 -13.14 -102.01 41.51
C THR D 1541 -13.86 -102.07 40.16
N VAL D 1542 -15.04 -101.44 40.07
CA VAL D 1542 -15.87 -101.49 38.88
C VAL D 1542 -15.37 -100.37 37.96
N ILE D 1543 -15.87 -100.27 36.73
CA ILE D 1543 -15.56 -99.16 35.83
C ILE D 1543 -16.80 -98.36 35.42
N MET D 1544 -16.84 -97.06 35.73
CA MET D 1544 -17.97 -96.22 35.33
C MET D 1544 -17.53 -94.74 35.45
N ASP D 1545 -18.48 -93.76 35.04
CA ASP D 1545 -18.31 -92.31 35.04
C ASP D 1545 -18.85 -91.69 36.34
N PRO D 1546 -18.44 -90.45 36.69
CA PRO D 1546 -18.93 -89.81 37.92
C PRO D 1546 -20.31 -89.17 38.05
N SER D 1547 -20.94 -88.66 36.98
CA SER D 1547 -22.15 -87.86 37.22
C SER D 1547 -23.45 -88.66 37.17
N LYS D 1548 -23.45 -89.81 36.53
CA LYS D 1548 -24.55 -90.74 36.66
C LYS D 1548 -24.41 -91.51 37.96
N ILE D 1549 -23.17 -91.62 38.46
CA ILE D 1549 -22.95 -92.03 39.85
C ILE D 1549 -23.59 -91.03 40.79
N GLU D 1550 -23.52 -89.75 40.43
CA GLU D 1550 -24.10 -88.70 41.26
C GLU D 1550 -25.61 -88.72 41.24
N GLU D 1551 -26.22 -88.95 40.07
CA GLU D 1551 -27.66 -89.21 40.06
C GLU D 1551 -27.98 -90.49 40.79
N SER D 1552 -27.13 -91.49 40.71
CA SER D 1552 -27.43 -92.71 41.43
C SER D 1552 -27.46 -92.48 42.94
N VAL D 1553 -26.50 -91.74 43.49
CA VAL D 1553 -26.53 -91.52 44.93
C VAL D 1553 -27.70 -90.63 45.36
N ARG D 1554 -28.16 -89.70 44.50
CA ARG D 1554 -29.42 -89.02 44.83
C ARG D 1554 -30.59 -89.99 44.85
N SER D 1555 -30.77 -90.78 43.78
CA SER D 1555 -31.88 -91.71 43.76
C SER D 1555 -31.84 -92.64 44.97
N MET D 1556 -30.64 -93.11 45.31
CA MET D 1556 -30.45 -93.97 46.48
C MET D 1556 -30.94 -93.32 47.75
N VAL D 1557 -30.30 -92.22 48.15
CA VAL D 1557 -30.63 -91.56 49.41
C VAL D 1557 -32.08 -91.10 49.41
N MET D 1558 -32.57 -90.67 48.24
CA MET D 1558 -33.94 -90.17 48.08
C MET D 1558 -35.01 -91.22 48.25
N ARG D 1559 -34.83 -92.42 47.67
CA ARG D 1559 -35.91 -93.43 47.67
C ARG D 1559 -36.51 -93.58 49.06
N TYR D 1560 -35.66 -93.61 50.08
CA TYR D 1560 -36.11 -93.53 51.46
C TYR D 1560 -36.03 -92.07 51.89
N GLY D 1561 -37.14 -91.53 52.33
CA GLY D 1561 -37.31 -90.11 52.56
C GLY D 1561 -37.54 -89.95 54.04
N SER D 1562 -38.80 -90.12 54.43
CA SER D 1562 -39.18 -89.98 55.83
C SER D 1562 -38.30 -90.85 56.70
N ARG D 1563 -38.06 -92.09 56.26
CA ARG D 1563 -37.23 -93.05 56.99
C ARG D 1563 -35.90 -92.41 57.39
N LEU D 1564 -35.29 -91.67 56.47
CA LEU D 1564 -34.05 -90.98 56.78
C LEU D 1564 -34.30 -90.01 57.90
N TRP D 1565 -35.42 -89.31 57.85
CA TRP D 1565 -35.64 -88.18 58.74
C TRP D 1565 -36.06 -88.65 60.11
N LYS D 1566 -36.70 -89.80 60.16
CA LYS D 1566 -37.07 -90.42 61.41
C LYS D 1566 -35.80 -90.80 62.14
N LEU D 1567 -34.93 -91.54 61.46
CA LEU D 1567 -33.63 -91.83 62.03
C LEU D 1567 -32.75 -90.58 62.07
N ARG D 1568 -33.12 -89.58 61.28
CA ARG D 1568 -32.49 -88.28 61.17
C ARG D 1568 -30.99 -88.42 60.95
N VAL D 1569 -30.73 -89.10 59.84
CA VAL D 1569 -29.39 -89.33 59.31
C VAL D 1569 -28.80 -88.16 58.52
N LEU D 1570 -27.60 -87.74 58.95
CA LEU D 1570 -26.90 -86.54 58.50
C LEU D 1570 -25.57 -86.71 57.79
N GLN D 1571 -24.90 -87.84 57.90
CA GLN D 1571 -23.57 -87.92 57.30
C GLN D 1571 -23.32 -89.27 56.67
N ALA D 1572 -22.83 -89.26 55.43
CA ALA D 1572 -22.46 -90.48 54.73
C ALA D 1572 -21.18 -90.33 53.93
N GLU D 1573 -20.33 -91.36 53.98
CA GLU D 1573 -19.08 -91.45 53.24
C GLU D 1573 -19.10 -92.79 52.53
N LEU D 1574 -18.76 -92.82 51.24
CA LEU D 1574 -18.46 -94.08 50.57
C LEU D 1574 -17.12 -94.01 49.83
N LYS D 1575 -16.61 -95.19 49.48
CA LYS D 1575 -15.67 -95.30 48.38
C LYS D 1575 -16.08 -96.40 47.43
N ILE D 1576 -15.50 -96.30 46.23
CA ILE D 1576 -15.63 -97.26 45.17
C ILE D 1576 -14.48 -97.01 44.20
N ASN D 1577 -13.72 -98.06 43.88
CA ASN D 1577 -12.55 -97.93 43.04
C ASN D 1577 -12.97 -97.99 41.58
N ILE D 1578 -12.48 -97.04 40.77
CA ILE D 1578 -12.70 -97.06 39.34
C ILE D 1578 -11.37 -96.86 38.66
N ARG D 1579 -11.42 -96.86 37.34
CA ARG D 1579 -10.34 -96.68 36.39
C ARG D 1579 -11.02 -96.85 35.06
N LEU D 1580 -10.28 -96.65 33.99
CA LEU D 1580 -10.84 -96.79 32.67
C LEU D 1580 -10.50 -98.16 32.09
N THR D 1581 -11.22 -98.52 31.04
CA THR D 1581 -11.13 -99.88 30.51
C THR D 1581 -9.73 -100.27 30.04
N PRO D 1582 -8.90 -99.39 29.42
CA PRO D 1582 -7.54 -99.82 29.09
C PRO D 1582 -6.61 -99.86 30.29
N THR D 1583 -6.66 -98.83 31.14
CA THR D 1583 -5.61 -98.64 32.13
C THR D 1583 -5.60 -99.75 33.17
N GLY D 1584 -6.78 -100.17 33.65
CA GLY D 1584 -6.84 -101.21 34.66
C GLY D 1584 -6.10 -100.88 35.94
N LYS D 1585 -5.95 -99.60 36.24
CA LYS D 1585 -5.25 -99.11 37.43
C LYS D 1585 -6.31 -98.59 38.38
N ALA D 1586 -6.82 -99.45 39.25
CA ALA D 1586 -7.94 -99.05 40.08
C ALA D 1586 -7.50 -97.98 41.07
N ILE D 1587 -8.15 -96.83 40.98
CA ILE D 1587 -7.93 -95.66 41.81
C ILE D 1587 -9.17 -95.57 42.70
N PRO D 1588 -9.10 -94.95 43.88
CA PRO D 1588 -10.30 -94.83 44.71
C PRO D 1588 -10.91 -93.45 44.52
N ILE D 1589 -12.25 -93.37 44.64
CA ILE D 1589 -12.95 -92.11 44.47
C ILE D 1589 -13.92 -91.96 45.65
N ARG D 1590 -13.45 -91.28 46.69
CA ARG D 1590 -14.20 -91.19 47.94
C ARG D 1590 -15.31 -90.19 47.72
N LEU D 1591 -16.53 -90.69 47.53
CA LEU D 1591 -17.68 -89.80 47.37
C LEU D 1591 -18.14 -89.52 48.79
N PHE D 1592 -18.34 -88.25 49.14
CA PHE D 1592 -18.75 -87.89 50.49
C PHE D 1592 -20.01 -87.08 50.35
N LEU D 1593 -20.99 -87.44 51.14
CA LEU D 1593 -22.33 -86.90 51.13
C LEU D 1593 -22.37 -85.84 52.21
N THR D 1594 -22.99 -84.70 51.88
CA THR D 1594 -23.05 -83.55 52.78
C THR D 1594 -24.46 -83.02 52.90
N ASN D 1595 -25.09 -83.27 54.04
CA ASN D 1595 -26.42 -82.75 54.29
C ASN D 1595 -26.45 -82.34 55.73
N GLU D 1596 -27.00 -81.15 55.96
CA GLU D 1596 -27.14 -80.47 57.22
C GLU D 1596 -28.63 -80.44 57.53
N SER D 1597 -29.06 -79.46 58.31
CA SER D 1597 -30.48 -79.36 58.59
C SER D 1597 -31.13 -79.20 57.23
N GLY D 1598 -32.26 -79.84 57.04
CA GLY D 1598 -32.84 -79.80 55.72
C GLY D 1598 -32.32 -81.00 54.95
N TYR D 1599 -33.01 -81.32 53.88
CA TYR D 1599 -32.69 -82.48 53.05
C TYR D 1599 -31.80 -82.06 51.88
N TYR D 1600 -31.24 -80.86 51.97
CA TYR D 1600 -30.47 -80.27 50.91
C TYR D 1600 -29.16 -81.03 50.91
N LEU D 1601 -28.70 -81.55 49.79
CA LEU D 1601 -27.45 -82.33 49.84
C LEU D 1601 -26.43 -81.93 48.81
N ASP D 1602 -25.20 -81.73 49.27
CA ASP D 1602 -24.09 -81.36 48.43
C ASP D 1602 -23.23 -82.62 48.35
N ILE D 1603 -22.89 -83.06 47.14
CA ILE D 1603 -22.08 -84.26 46.98
C ILE D 1603 -20.69 -83.87 46.55
N SER D 1604 -19.69 -84.37 47.25
CA SER D 1604 -18.32 -84.07 46.92
C SER D 1604 -17.74 -85.33 46.34
N LEU D 1605 -17.35 -85.29 45.08
CA LEU D 1605 -16.72 -86.42 44.43
C LEU D 1605 -15.34 -86.02 43.96
N TYR D 1606 -14.41 -86.94 44.16
CA TYR D 1606 -13.01 -86.69 43.87
C TYR D 1606 -12.42 -87.82 43.03
N LYS D 1607 -11.11 -87.84 43.06
CA LYS D 1607 -10.22 -88.90 42.63
C LYS D 1607 -9.26 -88.84 43.78
N GLU D 1608 -8.51 -89.90 44.06
CA GLU D 1608 -7.60 -89.83 45.20
C GLU D 1608 -6.22 -89.77 44.59
N VAL D 1609 -5.54 -88.66 44.88
CA VAL D 1609 -4.28 -88.32 44.22
C VAL D 1609 -3.25 -87.87 45.22
N THR D 1610 -2.03 -88.36 45.07
CA THR D 1610 -0.91 -87.82 45.81
C THR D 1610 -0.69 -86.35 45.48
N ALA D 1615 3.72 -85.21 48.92
CA ALA D 1615 3.49 -86.64 48.73
C ALA D 1615 2.34 -87.17 49.60
N GLN D 1616 1.69 -86.28 50.32
CA GLN D 1616 0.65 -86.61 51.28
C GLN D 1616 -0.72 -86.61 50.61
N ILE D 1617 -1.31 -87.81 50.48
CA ILE D 1617 -2.48 -88.07 49.61
C ILE D 1617 -3.59 -87.07 49.81
N MET D 1618 -4.28 -86.76 48.72
CA MET D 1618 -5.05 -85.53 48.57
C MET D 1618 -6.33 -85.80 47.78
N PHE D 1619 -7.50 -85.57 48.38
CA PHE D 1619 -8.74 -85.74 47.63
C PHE D 1619 -8.83 -84.71 46.50
N GLN D 1620 -8.55 -85.11 45.27
CA GLN D 1620 -8.62 -84.23 44.10
C GLN D 1620 -9.42 -84.81 42.95
N ALA D 1621 -10.47 -84.11 42.52
CA ALA D 1621 -11.31 -84.58 41.40
C ALA D 1621 -10.43 -84.79 40.18
N LYS D 1625 -14.95 -78.64 38.12
CA LYS D 1625 -16.13 -78.15 38.80
C LYS D 1625 -15.72 -77.15 39.88
N GLN D 1626 -16.56 -77.02 40.90
CA GLN D 1626 -16.11 -76.72 42.25
C GLN D 1626 -16.61 -77.68 43.31
N GLY D 1627 -15.67 -78.22 44.07
CA GLY D 1627 -15.93 -79.25 45.03
C GLY D 1627 -15.49 -78.81 46.42
N PRO D 1628 -16.27 -79.04 47.48
CA PRO D 1628 -15.79 -78.63 48.80
C PRO D 1628 -14.58 -79.49 49.09
N LEU D 1629 -13.65 -78.98 49.91
CA LEU D 1629 -12.45 -79.75 50.24
C LEU D 1629 -11.74 -80.16 48.93
N HIS D 1630 -11.38 -79.14 48.15
CA HIS D 1630 -10.75 -79.37 46.87
C HIS D 1630 -9.47 -80.19 47.01
N GLY D 1631 -8.85 -80.15 48.18
CA GLY D 1631 -8.01 -81.26 48.60
C GLY D 1631 -7.49 -81.13 50.00
N MET D 1632 -7.67 -82.19 50.78
CA MET D 1632 -7.15 -82.36 52.12
C MET D 1632 -6.79 -83.83 52.21
N LEU D 1633 -6.00 -84.20 53.21
CA LEU D 1633 -5.66 -85.60 53.33
C LEU D 1633 -6.82 -86.36 53.96
N ILE D 1634 -6.62 -87.66 54.16
CA ILE D 1634 -7.75 -88.55 54.36
C ILE D 1634 -8.01 -88.76 55.84
N ASN D 1635 -6.94 -88.65 56.65
CA ASN D 1635 -7.04 -88.98 58.08
C ASN D 1635 -7.40 -87.80 58.96
N THR D 1636 -8.51 -87.14 58.64
CA THR D 1636 -8.89 -85.88 59.26
C THR D 1636 -9.66 -86.20 60.55
N PRO D 1637 -9.10 -86.00 61.75
CA PRO D 1637 -9.90 -86.36 62.93
C PRO D 1637 -11.15 -85.50 63.00
N TYR D 1638 -12.20 -86.05 63.60
CA TYR D 1638 -13.53 -85.48 63.43
C TYR D 1638 -13.79 -84.21 64.23
N VAL D 1639 -14.25 -83.18 63.50
CA VAL D 1639 -14.61 -81.87 64.05
C VAL D 1639 -15.67 -82.04 65.13
N THR D 1640 -15.48 -81.38 66.28
CA THR D 1640 -16.50 -81.38 67.33
C THR D 1640 -17.34 -80.10 67.23
N LYS D 1641 -18.63 -80.32 66.95
CA LYS D 1641 -19.78 -79.41 66.99
C LYS D 1641 -19.78 -78.36 68.11
N ASP D 1642 -19.20 -78.72 69.25
CA ASP D 1642 -19.37 -77.94 70.47
C ASP D 1642 -18.91 -76.50 70.30
N LEU D 1643 -17.98 -76.24 69.40
CA LEU D 1643 -17.78 -74.89 68.89
C LEU D 1643 -19.05 -74.23 68.38
N LEU D 1644 -19.75 -74.90 67.46
CA LEU D 1644 -20.99 -74.35 66.94
C LEU D 1644 -21.96 -74.02 68.07
N GLN D 1645 -22.30 -75.03 68.86
CA GLN D 1645 -23.13 -74.79 70.04
C GLN D 1645 -22.60 -73.63 70.88
N SER D 1646 -21.29 -73.58 71.11
CA SER D 1646 -20.72 -72.54 71.96
C SER D 1646 -21.00 -71.16 71.38
N LYS D 1647 -20.85 -71.00 70.07
CA LYS D 1647 -21.06 -69.67 69.52
C LYS D 1647 -22.54 -69.36 69.52
N ARG D 1648 -23.37 -70.39 69.33
CA ARG D 1648 -24.80 -70.18 69.35
C ARG D 1648 -25.23 -69.76 70.74
N PHE D 1649 -24.57 -70.29 71.76
CA PHE D 1649 -24.89 -69.92 73.13
C PHE D 1649 -24.53 -68.47 73.35
N GLN D 1650 -23.39 -68.03 72.83
CA GLN D 1650 -23.00 -66.64 72.97
C GLN D 1650 -23.99 -65.72 72.27
N ALA D 1651 -24.50 -66.13 71.11
CA ALA D 1651 -25.45 -65.29 70.39
C ALA D 1651 -26.80 -65.21 71.07
N GLN D 1652 -27.41 -66.35 71.39
CA GLN D 1652 -28.68 -66.29 72.11
C GLN D 1652 -28.52 -65.51 73.40
N SER D 1653 -27.41 -65.71 74.11
CA SER D 1653 -27.16 -64.99 75.34
C SER D 1653 -26.95 -63.51 75.07
N LEU D 1654 -26.57 -63.18 73.84
CA LEU D 1654 -26.51 -61.83 73.34
C LEU D 1654 -27.81 -61.41 72.64
N GLY D 1655 -28.87 -62.20 72.78
CA GLY D 1655 -30.14 -61.87 72.16
C GLY D 1655 -30.12 -61.83 70.65
N THR D 1656 -29.34 -62.69 70.03
CA THR D 1656 -29.29 -62.74 68.58
C THR D 1656 -29.18 -64.18 68.09
N THR D 1657 -29.01 -64.27 66.78
CA THR D 1657 -28.94 -65.50 66.03
C THR D 1657 -27.50 -65.77 65.62
N TYR D 1658 -27.08 -67.03 65.74
CA TYR D 1658 -25.77 -67.39 65.23
C TYR D 1658 -25.67 -67.08 63.76
N ILE D 1659 -24.54 -66.47 63.41
CA ILE D 1659 -24.33 -65.90 62.08
C ILE D 1659 -24.61 -66.91 60.97
N TYR D 1660 -24.02 -68.11 61.06
CA TYR D 1660 -24.24 -69.07 59.99
C TYR D 1660 -25.63 -69.70 59.98
N ASP D 1661 -26.48 -69.44 60.97
CA ASP D 1661 -27.85 -69.94 60.93
C ASP D 1661 -28.81 -69.01 60.24
N ILE D 1662 -28.38 -67.80 59.96
CA ILE D 1662 -29.26 -66.83 59.33
C ILE D 1662 -29.78 -67.35 58.02
N PRO D 1663 -28.97 -67.92 57.15
CA PRO D 1663 -29.49 -68.38 55.88
C PRO D 1663 -30.69 -69.26 56.10
N GLU D 1664 -30.59 -70.12 57.08
CA GLU D 1664 -31.75 -70.94 57.35
C GLU D 1664 -32.88 -70.10 57.94
N MET D 1665 -32.54 -69.02 58.62
CA MET D 1665 -33.56 -68.09 59.11
C MET D 1665 -34.26 -67.42 57.96
N PHE D 1666 -33.51 -67.24 56.89
CA PHE D 1666 -34.08 -66.73 55.68
C PHE D 1666 -35.07 -67.72 55.15
N ARG D 1667 -34.68 -68.97 55.14
CA ARG D 1667 -35.59 -69.95 54.60
C ARG D 1667 -36.90 -69.99 55.39
N GLN D 1668 -36.84 -69.97 56.71
CA GLN D 1668 -38.10 -70.06 57.45
C GLN D 1668 -38.95 -68.83 57.23
N SER D 1669 -38.32 -67.65 57.20
CA SER D 1669 -39.10 -66.44 56.94
C SER D 1669 -39.71 -66.55 55.56
N LEU D 1670 -38.94 -67.04 54.61
CA LEU D 1670 -39.41 -67.21 53.25
C LEU D 1670 -40.62 -68.09 53.19
N ILE D 1671 -40.63 -69.14 53.98
CA ILE D 1671 -41.78 -70.02 54.05
C ILE D 1671 -42.99 -69.28 54.54
N LYS D 1672 -42.80 -68.54 55.63
CA LYS D 1672 -43.89 -67.77 56.17
C LYS D 1672 -44.41 -66.79 55.13
N LEU D 1673 -43.51 -66.27 54.32
CA LEU D 1673 -43.91 -65.35 53.29
C LEU D 1673 -44.70 -66.06 52.21
N TRP D 1674 -44.17 -67.20 51.74
CA TRP D 1674 -44.86 -67.95 50.71
C TRP D 1674 -46.29 -68.24 51.10
N GLU D 1675 -46.52 -68.44 52.39
CA GLU D 1675 -47.87 -68.76 52.82
C GLU D 1675 -48.69 -67.47 52.91
N SER D 1676 -48.13 -66.47 53.61
CA SER D 1676 -48.86 -65.25 53.88
C SER D 1676 -49.20 -64.46 52.62
N MET D 1677 -48.28 -64.40 51.69
CA MET D 1677 -48.51 -63.59 50.50
C MET D 1677 -49.51 -64.17 49.53
N SER D 1678 -49.79 -65.46 49.60
CA SER D 1678 -50.77 -66.03 48.67
C SER D 1678 -52.15 -65.51 49.00
N THR D 1679 -52.37 -65.11 50.25
CA THR D 1679 -53.53 -64.31 50.63
C THR D 1679 -53.65 -63.10 49.72
N GLN D 1680 -52.56 -62.36 49.60
CA GLN D 1680 -52.59 -61.04 48.97
C GLN D 1680 -52.62 -61.16 47.46
N ALA D 1681 -51.92 -62.16 46.95
CA ALA D 1681 -51.70 -62.30 45.52
C ALA D 1681 -51.96 -63.75 45.12
N PHE D 1682 -52.20 -63.92 43.83
CA PHE D 1682 -52.24 -65.22 43.21
C PHE D 1682 -50.82 -65.69 43.02
N LEU D 1683 -50.50 -66.83 43.61
CA LEU D 1683 -49.17 -67.35 43.60
C LEU D 1683 -49.11 -68.72 42.95
N PRO D 1684 -47.96 -69.12 42.40
CA PRO D 1684 -47.78 -70.50 41.97
C PRO D 1684 -47.77 -71.44 43.16
N SER D 1685 -47.73 -72.71 42.85
CA SER D 1685 -47.59 -73.67 43.91
C SER D 1685 -46.21 -73.40 44.50
N PRO D 1686 -46.04 -73.44 45.82
CA PRO D 1686 -44.71 -73.16 46.34
C PRO D 1686 -43.75 -74.14 45.80
N PRO D 1687 -42.47 -73.80 45.69
CA PRO D 1687 -41.47 -74.76 45.30
C PRO D 1687 -41.14 -75.67 46.47
N LEU D 1688 -40.51 -76.75 46.13
CA LEU D 1688 -39.99 -77.64 47.13
C LEU D 1688 -38.87 -76.94 47.87
N PRO D 1689 -38.69 -77.21 49.17
CA PRO D 1689 -37.62 -76.51 49.88
C PRO D 1689 -36.30 -76.78 49.21
N SER D 1690 -36.14 -77.99 48.68
CA SER D 1690 -34.93 -78.35 47.96
C SER D 1690 -34.71 -77.52 46.72
N ASP D 1691 -35.78 -77.12 46.04
CA ASP D 1691 -35.66 -76.35 44.81
C ASP D 1691 -35.73 -74.85 45.09
N MET D 1692 -35.96 -74.48 46.34
CA MET D 1692 -36.15 -73.09 46.73
C MET D 1692 -34.91 -72.22 46.82
N LEU D 1693 -33.74 -72.78 47.18
CA LEU D 1693 -32.60 -71.92 47.47
C LEU D 1693 -31.26 -72.52 47.12
N THR D 1694 -30.40 -71.65 46.59
CA THR D 1694 -29.00 -71.94 46.40
C THR D 1694 -28.17 -70.80 46.97
N TYR D 1695 -27.14 -71.14 47.73
CA TYR D 1695 -26.22 -70.15 48.25
C TYR D 1695 -24.81 -70.57 47.87
N THR D 1696 -23.92 -69.59 47.78
CA THR D 1696 -22.51 -69.87 47.59
C THR D 1696 -21.70 -68.93 48.46
N GLU D 1697 -20.80 -69.49 49.27
CA GLU D 1697 -19.98 -68.65 50.13
C GLU D 1697 -18.95 -67.92 49.31
N LEU D 1698 -18.75 -66.66 49.65
CA LEU D 1698 -17.75 -65.84 49.01
C LEU D 1698 -16.55 -65.72 49.94
N VAL D 1699 -15.34 -65.94 49.41
CA VAL D 1699 -14.15 -66.03 50.25
C VAL D 1699 -12.92 -65.39 49.63
N LEU D 1700 -12.11 -64.75 50.47
CA LEU D 1700 -10.90 -64.04 50.07
C LEU D 1700 -9.73 -64.98 49.81
N ASP D 1701 -9.08 -64.85 48.66
CA ASP D 1701 -7.84 -65.58 48.44
C ASP D 1701 -6.71 -64.86 49.14
N ASP D 1702 -5.47 -65.27 48.89
CA ASP D 1702 -4.33 -64.59 49.49
C ASP D 1702 -4.29 -63.14 49.06
N GLN D 1703 -4.68 -62.86 47.82
CA GLN D 1703 -4.63 -61.51 47.29
C GLN D 1703 -5.87 -60.69 47.58
N GLY D 1704 -6.75 -61.13 48.49
CA GLY D 1704 -7.94 -60.35 48.67
C GLY D 1704 -8.82 -60.32 47.45
N GLN D 1705 -8.81 -61.40 46.67
CA GLN D 1705 -9.63 -61.50 45.48
C GLN D 1705 -10.70 -62.53 45.77
N LEU D 1706 -11.86 -62.30 45.16
CA LEU D 1706 -13.02 -63.11 45.49
C LEU D 1706 -12.87 -64.49 44.89
N VAL D 1707 -13.32 -65.46 45.67
CA VAL D 1707 -13.25 -66.85 45.29
C VAL D 1707 -14.55 -67.48 45.74
N HIS D 1708 -15.17 -68.23 44.85
CA HIS D 1708 -16.44 -68.84 45.17
C HIS D 1708 -16.11 -70.09 45.95
N MET D 1709 -16.68 -70.23 47.13
CA MET D 1709 -16.26 -71.31 48.01
C MET D 1709 -17.44 -71.98 48.70
N ASN D 1710 -17.43 -73.31 48.58
CA ASN D 1710 -18.41 -74.20 49.20
C ASN D 1710 -17.67 -74.83 50.36
N ARG D 1711 -17.62 -74.11 51.47
CA ARG D 1711 -16.89 -74.55 52.64
C ARG D 1711 -17.84 -74.70 53.80
N LEU D 1712 -17.37 -75.40 54.81
CA LEU D 1712 -18.21 -75.68 55.95
C LEU D 1712 -18.46 -74.41 56.76
N PRO D 1713 -19.67 -74.21 57.27
CA PRO D 1713 -19.89 -73.03 58.09
C PRO D 1713 -19.01 -73.11 59.33
N GLY D 1714 -18.57 -71.97 59.77
CA GLY D 1714 -17.70 -71.78 60.90
C GLY D 1714 -16.26 -71.61 60.51
N GLY D 1715 -15.96 -71.60 59.22
CA GLY D 1715 -14.57 -71.66 58.86
C GLY D 1715 -13.93 -70.32 58.73
N ASN D 1716 -14.73 -69.26 58.87
CA ASN D 1716 -14.24 -67.92 58.65
C ASN D 1716 -13.15 -67.64 59.67
N GLU D 1717 -12.12 -66.92 59.21
CA GLU D 1717 -11.02 -66.49 60.06
C GLU D 1717 -11.10 -64.99 60.33
N ILE D 1718 -12.22 -64.36 59.99
CA ILE D 1718 -12.46 -62.95 60.27
C ILE D 1718 -13.92 -62.77 60.65
N GLY D 1719 -14.22 -61.60 61.21
CA GLY D 1719 -15.52 -61.28 61.77
C GLY D 1719 -16.57 -60.85 60.78
N MET D 1720 -16.44 -61.26 59.52
CA MET D 1720 -17.36 -60.84 58.47
C MET D 1720 -17.61 -62.03 57.56
N VAL D 1721 -18.85 -62.18 57.11
CA VAL D 1721 -19.23 -63.30 56.24
C VAL D 1721 -20.13 -62.84 55.10
N ALA D 1722 -19.94 -63.50 53.96
CA ALA D 1722 -20.75 -63.16 52.82
C ALA D 1722 -21.08 -64.34 51.95
N TRP D 1723 -22.27 -64.28 51.37
CA TRP D 1723 -22.73 -65.25 50.39
C TRP D 1723 -23.54 -64.58 49.32
N LYS D 1724 -23.49 -65.17 48.15
CA LYS D 1724 -24.50 -64.92 47.14
C LYS D 1724 -25.62 -65.96 47.17
N MET D 1725 -26.86 -65.50 47.09
CA MET D 1725 -28.01 -66.38 47.09
C MET D 1725 -28.93 -66.05 45.95
N THR D 1726 -29.41 -67.08 45.27
CA THR D 1726 -30.43 -66.93 44.26
C THR D 1726 -31.59 -67.83 44.65
N PHE D 1727 -32.79 -67.26 44.65
CA PHE D 1727 -34.00 -68.01 44.96
C PHE D 1727 -35.20 -67.45 44.22
N LYS D 1728 -36.19 -68.31 44.04
CA LYS D 1728 -37.45 -67.98 43.41
C LYS D 1728 -38.42 -67.60 44.50
N SER D 1729 -39.03 -66.44 44.35
CA SER D 1729 -39.98 -65.85 45.29
C SER D 1729 -41.27 -65.47 44.59
N PRO D 1730 -42.35 -65.23 45.34
CA PRO D 1730 -43.65 -64.91 44.73
C PRO D 1730 -43.59 -63.79 43.71
N GLU D 1731 -42.78 -62.80 44.02
CA GLU D 1731 -42.56 -61.64 43.18
C GLU D 1731 -41.57 -61.97 42.05
N TYR D 1732 -40.68 -62.93 42.28
CA TYR D 1732 -39.68 -63.34 41.29
C TYR D 1732 -39.67 -64.85 41.13
N PRO D 1733 -40.71 -65.41 40.50
CA PRO D 1733 -40.84 -66.86 40.50
C PRO D 1733 -39.78 -67.55 39.66
N GLU D 1734 -39.22 -66.85 38.69
CA GLU D 1734 -38.12 -67.35 37.88
C GLU D 1734 -36.76 -67.24 38.58
N GLY D 1735 -36.69 -66.49 39.67
CA GLY D 1735 -35.54 -66.40 40.54
C GLY D 1735 -34.95 -65.02 40.63
N ARG D 1736 -34.31 -64.74 41.75
CA ARG D 1736 -33.71 -63.44 41.99
C ARG D 1736 -32.49 -63.66 42.87
N ASP D 1737 -31.51 -62.80 42.74
CA ASP D 1737 -30.24 -62.91 43.43
C ASP D 1737 -30.00 -61.75 44.37
N ILE D 1738 -29.33 -62.01 45.48
CA ILE D 1738 -28.84 -60.94 46.32
C ILE D 1738 -27.48 -61.30 46.83
N ILE D 1739 -26.79 -60.28 47.30
CA ILE D 1739 -25.55 -60.44 48.04
C ILE D 1739 -25.79 -60.02 49.46
N VAL D 1740 -25.40 -60.88 50.39
CA VAL D 1740 -25.56 -60.60 51.80
C VAL D 1740 -24.22 -60.60 52.49
N ILE D 1741 -24.01 -59.53 53.23
CA ILE D 1741 -22.84 -59.33 54.05
C ILE D 1741 -23.35 -59.20 55.47
N GLY D 1742 -22.60 -59.73 56.41
CA GLY D 1742 -23.02 -59.70 57.80
C GLY D 1742 -21.87 -59.69 58.76
N ASN D 1743 -22.03 -58.94 59.85
CA ASN D 1743 -21.03 -59.06 60.90
C ASN D 1743 -21.14 -60.40 61.58
N ASP D 1744 -20.00 -60.90 62.05
CA ASP D 1744 -19.96 -62.04 62.95
C ASP D 1744 -19.63 -61.48 64.32
N ILE D 1745 -20.66 -61.26 65.14
CA ILE D 1745 -20.48 -60.66 66.45
C ILE D 1745 -19.64 -61.53 67.35
N THR D 1746 -19.52 -62.82 67.03
CA THR D 1746 -18.72 -63.72 67.83
C THR D 1746 -17.25 -63.48 67.65
N TYR D 1747 -16.83 -62.86 66.56
CA TYR D 1747 -15.42 -62.58 66.39
C TYR D 1747 -15.27 -61.17 66.90
N ARG D 1748 -14.80 -61.05 68.12
CA ARG D 1748 -14.54 -59.77 68.72
C ARG D 1748 -15.74 -58.84 68.61
N ILE D 1749 -16.87 -59.21 69.22
CA ILE D 1749 -18.14 -58.50 69.04
C ILE D 1749 -18.35 -57.81 67.68
N GLY D 1750 -17.86 -58.45 66.61
CA GLY D 1750 -17.99 -57.93 65.25
C GLY D 1750 -17.28 -56.65 64.88
N SER D 1751 -16.15 -56.34 65.50
CA SER D 1751 -15.43 -55.14 65.09
C SER D 1751 -14.92 -55.34 63.65
N PHE D 1752 -14.43 -54.25 63.04
CA PHE D 1752 -14.13 -54.24 61.60
C PHE D 1752 -12.63 -54.15 61.39
N GLY D 1753 -11.97 -55.28 61.17
CA GLY D 1753 -10.59 -55.21 60.78
C GLY D 1753 -10.46 -55.07 59.27
N PRO D 1754 -9.23 -54.96 58.76
CA PRO D 1754 -9.02 -54.78 57.32
C PRO D 1754 -9.48 -55.91 56.47
N GLN D 1755 -9.36 -57.12 56.98
CA GLN D 1755 -9.84 -58.25 56.23
C GLN D 1755 -11.35 -58.21 56.18
N GLU D 1756 -11.99 -57.82 57.28
CA GLU D 1756 -13.45 -57.70 57.29
C GLU D 1756 -13.85 -56.64 56.30
N ASP D 1757 -13.11 -55.53 56.33
CA ASP D 1757 -13.38 -54.40 55.46
C ASP D 1757 -13.21 -54.84 54.03
N LEU D 1758 -12.26 -55.71 53.82
CA LEU D 1758 -11.89 -56.08 52.48
C LEU D 1758 -12.93 -57.02 51.93
N LEU D 1759 -13.41 -57.93 52.77
CA LEU D 1759 -14.46 -58.84 52.35
C LEU D 1759 -15.66 -58.06 51.92
N PHE D 1760 -16.07 -57.14 52.79
CA PHE D 1760 -17.21 -56.29 52.52
C PHE D 1760 -17.03 -55.53 51.23
N LEU D 1761 -15.89 -54.87 51.15
CA LEU D 1761 -15.55 -54.07 50.02
C LEU D 1761 -15.62 -54.83 48.72
N ARG D 1762 -14.89 -55.92 48.63
CA ARG D 1762 -14.74 -56.58 47.35
C ARG D 1762 -16.00 -57.30 46.93
N ALA D 1763 -16.74 -57.80 47.90
CA ALA D 1763 -18.00 -58.42 47.57
C ALA D 1763 -18.95 -57.36 47.08
N SER D 1764 -18.91 -56.24 47.76
CA SER D 1764 -19.75 -55.14 47.44
C SER D 1764 -19.40 -54.64 46.06
N GLU D 1765 -18.11 -54.55 45.78
CA GLU D 1765 -17.63 -54.11 44.49
C GLU D 1765 -18.18 -54.98 43.40
N LEU D 1766 -18.27 -56.27 43.67
CA LEU D 1766 -18.80 -57.14 42.65
C LEU D 1766 -20.28 -56.89 42.50
N ALA D 1767 -20.94 -56.77 43.64
CA ALA D 1767 -22.36 -56.49 43.69
C ALA D 1767 -22.66 -55.30 42.83
N ARG D 1768 -21.85 -54.28 42.99
CA ARG D 1768 -22.02 -53.07 42.22
C ARG D 1768 -21.81 -53.40 40.76
N ALA D 1769 -20.89 -54.32 40.48
CA ALA D 1769 -20.59 -54.63 39.10
C ALA D 1769 -21.84 -55.09 38.38
N GLU D 1770 -22.67 -55.89 39.05
CA GLU D 1770 -23.89 -56.36 38.38
C GLU D 1770 -25.13 -55.57 38.74
N GLY D 1771 -25.05 -54.67 39.72
CA GLY D 1771 -26.19 -53.84 40.05
C GLY D 1771 -27.27 -54.42 40.93
N ILE D 1772 -27.07 -55.57 41.56
CA ILE D 1772 -28.12 -56.20 42.36
C ILE D 1772 -27.95 -55.83 43.82
N PRO D 1773 -28.97 -56.00 44.65
CA PRO D 1773 -28.92 -55.48 46.02
C PRO D 1773 -27.95 -56.12 46.98
N ARG D 1774 -27.64 -55.27 47.95
CA ARG D 1774 -26.72 -55.50 49.05
C ARG D 1774 -27.45 -55.43 50.38
N ILE D 1775 -27.47 -56.55 51.10
CA ILE D 1775 -28.08 -56.62 52.42
C ILE D 1775 -26.99 -56.67 53.46
N TYR D 1776 -27.03 -55.74 54.42
CA TYR D 1776 -25.99 -55.66 55.43
C TYR D 1776 -26.65 -55.89 56.78
N VAL D 1777 -26.23 -56.94 57.48
CA VAL D 1777 -26.68 -57.18 58.86
C VAL D 1777 -25.71 -56.63 59.89
N SER D 1778 -26.19 -55.57 60.55
CA SER D 1778 -25.41 -54.78 61.49
C SER D 1778 -25.69 -55.07 62.96
N ALA D 1779 -24.70 -55.56 63.68
CA ALA D 1779 -24.79 -55.65 65.13
C ALA D 1779 -23.34 -55.62 65.61
N ASN D 1780 -22.85 -54.47 66.06
CA ASN D 1780 -21.40 -54.36 66.14
C ASN D 1780 -20.98 -53.27 67.11
N SER D 1781 -19.65 -53.11 67.21
CA SER D 1781 -18.98 -52.17 68.08
C SER D 1781 -18.01 -51.31 67.30
N GLY D 1782 -18.26 -51.14 66.02
CA GLY D 1782 -17.39 -50.41 65.13
C GLY D 1782 -16.02 -51.00 64.88
N ALA D 1783 -15.12 -50.13 64.48
CA ALA D 1783 -13.82 -50.49 63.94
C ALA D 1783 -12.97 -51.26 64.93
N ARG D 1784 -12.13 -52.13 64.38
CA ARG D 1784 -11.26 -52.88 65.25
C ARG D 1784 -10.37 -51.87 65.90
N ILE D 1785 -10.05 -52.14 67.12
CA ILE D 1785 -9.21 -51.28 67.91
C ILE D 1785 -8.06 -52.12 68.43
N GLY D 1786 -6.92 -51.49 68.62
CA GLY D 1786 -5.86 -52.20 69.29
C GLY D 1786 -4.70 -51.30 69.60
N LEU D 1787 -3.87 -51.82 70.48
CA LEU D 1787 -2.58 -51.26 70.82
C LEU D 1787 -1.55 -52.34 70.56
N ALA D 1788 -0.35 -51.92 70.20
CA ALA D 1788 0.72 -52.85 69.90
C ALA D 1788 1.04 -53.62 71.16
N GLU D 1789 0.54 -54.86 71.24
CA GLU D 1789 0.69 -55.69 72.43
C GLU D 1789 2.16 -55.85 72.74
N GLU D 1790 2.95 -56.05 71.68
CA GLU D 1790 4.38 -56.25 71.77
C GLU D 1790 5.02 -55.10 72.53
N ILE D 1791 4.44 -53.91 72.40
CA ILE D 1791 4.93 -52.74 73.11
C ILE D 1791 4.26 -52.67 74.46
N ARG D 1792 2.96 -53.05 74.56
CA ARG D 1792 2.26 -52.93 75.84
C ARG D 1792 3.05 -53.60 76.93
N HIS D 1793 3.63 -54.74 76.59
CA HIS D 1793 4.23 -55.55 77.62
C HIS D 1793 5.69 -55.23 77.86
N MET D 1794 6.26 -54.25 77.15
CA MET D 1794 7.65 -53.92 77.34
C MET D 1794 7.92 -52.42 77.40
N PHE D 1795 6.91 -51.57 77.28
CA PHE D 1795 7.18 -50.13 77.34
C PHE D 1795 7.44 -49.77 78.79
N HIS D 1796 8.20 -48.71 79.00
CA HIS D 1796 8.49 -48.22 80.34
C HIS D 1796 8.07 -46.77 80.48
N VAL D 1797 7.83 -46.36 81.73
CA VAL D 1797 7.42 -44.99 82.02
C VAL D 1797 8.66 -44.31 82.60
N ALA D 1798 8.97 -43.14 82.09
CA ALA D 1798 10.06 -42.32 82.63
C ALA D 1798 9.47 -41.37 83.66
N TRP D 1799 9.43 -41.79 84.91
CA TRP D 1799 8.81 -40.95 85.92
C TRP D 1799 9.69 -39.74 86.23
N VAL D 1800 9.00 -38.65 86.55
CA VAL D 1800 9.69 -37.51 87.12
C VAL D 1800 10.42 -37.99 88.37
N ASP D 1801 9.74 -38.83 89.16
CA ASP D 1801 10.35 -39.44 90.33
C ASP D 1801 9.71 -40.82 90.44
N PRO D 1802 10.47 -41.92 90.35
CA PRO D 1802 9.79 -43.23 90.48
C PRO D 1802 9.26 -43.45 91.89
N GLU D 1803 10.04 -43.05 92.90
CA GLU D 1803 9.63 -43.11 94.29
C GLU D 1803 8.43 -42.22 94.60
N ASP D 1804 7.98 -41.41 93.64
CA ASP D 1804 6.70 -40.74 93.73
C ASP D 1804 6.24 -40.52 92.30
N PRO D 1805 5.29 -41.33 91.81
CA PRO D 1805 4.84 -41.18 90.41
C PRO D 1805 4.01 -39.94 90.17
N TYR D 1806 3.28 -39.45 91.18
CA TYR D 1806 2.36 -38.35 90.99
C TYR D 1806 3.07 -37.04 90.67
N LYS D 1807 4.39 -36.98 90.81
CA LYS D 1807 5.19 -35.91 90.22
C LYS D 1807 5.33 -35.98 88.70
N GLY D 1808 4.51 -36.77 88.01
CA GLY D 1808 4.52 -36.81 86.57
C GLY D 1808 5.59 -37.73 86.01
N TYR D 1809 5.42 -38.07 84.73
CA TYR D 1809 6.39 -38.80 83.93
C TYR D 1809 6.78 -37.98 82.71
N ARG D 1810 7.99 -38.24 82.22
CA ARG D 1810 8.53 -37.46 81.09
C ARG D 1810 8.25 -38.09 79.72
N TYR D 1811 8.49 -39.39 79.53
CA TYR D 1811 8.29 -40.04 78.23
C TYR D 1811 8.28 -41.55 78.44
N LEU D 1812 7.88 -42.27 77.40
CA LEU D 1812 7.91 -43.72 77.44
C LEU D 1812 9.13 -44.24 76.69
N TYR D 1813 9.65 -45.40 77.12
CA TYR D 1813 10.89 -45.91 76.52
C TYR D 1813 11.11 -47.40 76.72
N LEU D 1814 12.11 -47.90 76.00
CA LEU D 1814 12.58 -49.29 76.04
C LEU D 1814 14.03 -49.38 76.47
N THR D 1815 14.35 -50.40 77.24
CA THR D 1815 15.74 -50.60 77.52
C THR D 1815 16.38 -50.98 76.19
N PRO D 1816 17.69 -50.76 76.02
CA PRO D 1816 18.30 -51.07 74.72
C PRO D 1816 18.24 -52.54 74.30
N GLN D 1817 18.35 -53.47 75.24
CA GLN D 1817 18.19 -54.90 74.92
C GLN D 1817 16.82 -55.20 74.33
N ASP D 1818 15.76 -54.77 74.99
CA ASP D 1818 14.42 -55.00 74.50
C ASP D 1818 14.16 -54.25 73.20
N TYR D 1819 14.76 -53.07 73.05
CA TYR D 1819 14.53 -52.27 71.85
C TYR D 1819 15.21 -52.87 70.64
N LYS D 1820 16.43 -53.42 70.78
CA LYS D 1820 17.23 -53.82 69.62
C LYS D 1820 16.66 -54.90 68.70
N ARG D 1821 15.45 -55.38 68.95
CA ARG D 1821 14.92 -56.52 68.22
C ARG D 1821 13.55 -56.23 67.64
N VAL D 1822 12.62 -55.75 68.47
CA VAL D 1822 11.39 -55.19 67.95
C VAL D 1822 11.65 -53.99 67.03
N SER D 1823 12.73 -53.25 67.27
CA SER D 1823 13.03 -52.02 66.51
C SER D 1823 13.13 -52.29 65.02
N ALA D 1824 13.76 -53.41 64.68
CA ALA D 1824 14.00 -53.94 63.35
C ALA D 1824 12.76 -54.23 62.52
N LEU D 1825 11.57 -54.23 63.09
CA LEU D 1825 10.44 -54.92 62.51
C LEU D 1825 9.31 -54.00 62.08
N ASN D 1826 9.57 -52.70 61.95
CA ASN D 1826 8.54 -51.70 61.58
C ASN D 1826 7.46 -51.68 62.65
N SER D 1827 7.90 -51.73 63.90
CA SER D 1827 7.01 -51.76 65.04
C SER D 1827 6.87 -50.39 65.67
N VAL D 1828 7.98 -49.68 65.87
CA VAL D 1828 7.99 -48.34 66.45
C VAL D 1828 9.01 -47.49 65.70
N HIS D 1829 8.93 -46.19 65.96
CA HIS D 1829 9.97 -45.24 65.61
C HIS D 1829 10.46 -44.74 66.97
N CYS D 1830 11.75 -44.84 67.22
CA CYS D 1830 12.31 -44.34 68.48
C CYS D 1830 13.47 -43.40 68.26
N GLU D 1831 13.84 -42.72 69.36
CA GLU D 1831 15.07 -41.98 69.47
C GLU D 1831 15.89 -42.39 70.69
N HIS D 1832 17.20 -42.53 70.48
CA HIS D 1832 18.08 -42.89 71.59
C HIS D 1832 18.17 -41.69 72.53
N VAL D 1833 18.29 -41.97 73.83
CA VAL D 1833 18.49 -40.90 74.80
C VAL D 1833 19.34 -41.40 75.94
N GLU D 1834 20.15 -40.51 76.47
CA GLU D 1834 20.84 -40.71 77.73
C GLU D 1834 20.10 -39.98 78.85
N ASP D 1835 19.77 -40.72 79.91
CA ASP D 1835 19.06 -40.12 81.03
C ASP D 1835 19.46 -40.95 82.25
N GLU D 1836 19.68 -40.27 83.38
CA GLU D 1836 20.07 -40.90 84.65
C GLU D 1836 21.09 -42.01 84.45
N GLY D 1837 22.02 -41.85 83.50
CA GLY D 1837 23.03 -42.86 83.23
C GLY D 1837 22.62 -43.88 82.18
N GLU D 1838 21.40 -44.39 82.28
CA GLU D 1838 21.00 -45.45 81.38
C GLU D 1838 20.61 -44.86 80.03
N SER D 1839 20.67 -45.72 79.02
CA SER D 1839 20.32 -45.40 77.64
C SER D 1839 18.91 -45.93 77.39
N ARG D 1840 18.03 -45.05 76.90
CA ARG D 1840 16.63 -45.40 76.81
C ARG D 1840 16.24 -45.11 75.38
N TYR D 1841 15.16 -45.72 74.92
CA TYR D 1841 14.67 -45.50 73.56
C TYR D 1841 13.27 -44.85 73.53
N LYS D 1842 13.23 -43.53 73.42
CA LYS D 1842 11.97 -42.79 73.45
C LYS D 1842 11.09 -43.17 72.28
N ILE D 1843 9.86 -43.57 72.58
CA ILE D 1843 8.90 -44.01 71.58
C ILE D 1843 8.29 -42.77 70.96
N THR D 1844 8.50 -42.60 69.65
CA THR D 1844 8.08 -41.40 68.94
C THR D 1844 6.84 -41.64 68.11
N ASP D 1845 6.78 -42.79 67.48
CA ASP D 1845 5.64 -43.29 66.74
C ASP D 1845 5.63 -44.77 67.01
N ILE D 1846 4.44 -45.31 67.20
CA ILE D 1846 4.23 -46.75 67.34
C ILE D 1846 3.58 -47.25 66.04
N ILE D 1847 4.29 -48.12 65.33
CA ILE D 1847 3.84 -48.61 64.03
C ILE D 1847 3.07 -49.90 64.15
N GLY D 1848 3.56 -50.88 64.89
CA GLY D 1848 2.77 -52.05 65.22
C GLY D 1848 2.72 -53.25 64.29
N LYS D 1849 3.30 -54.37 64.71
CA LYS D 1849 3.35 -55.57 63.87
C LYS D 1849 1.99 -56.18 63.62
N GLU D 1850 1.04 -55.95 64.51
CA GLU D 1850 -0.30 -56.48 64.31
C GLU D 1850 -1.00 -55.75 63.19
N GLU D 1851 -1.33 -56.48 62.14
CA GLU D 1851 -2.06 -55.87 61.06
C GLU D 1851 -3.50 -55.74 61.53
N GLY D 1852 -4.12 -54.61 61.22
CA GLY D 1852 -5.53 -54.42 61.49
C GLY D 1852 -5.97 -53.59 62.68
N ILE D 1853 -5.06 -53.06 63.49
CA ILE D 1853 -5.43 -52.22 64.62
C ILE D 1853 -4.98 -50.78 64.43
N GLY D 1854 -4.65 -50.38 63.20
CA GLY D 1854 -4.05 -49.10 62.93
C GLY D 1854 -4.83 -48.23 61.97
N PRO D 1855 -4.21 -47.15 61.51
CA PRO D 1855 -4.93 -46.23 60.62
C PRO D 1855 -5.25 -46.84 59.27
N GLU D 1856 -4.62 -47.97 58.96
CA GLU D 1856 -5.04 -48.77 57.85
C GLU D 1856 -6.52 -49.11 57.96
N ASN D 1857 -7.03 -49.28 59.18
CA ASN D 1857 -8.44 -49.60 59.29
C ASN D 1857 -9.27 -48.42 58.81
N LEU D 1858 -8.72 -47.22 58.96
CA LEU D 1858 -9.39 -46.02 58.46
C LEU D 1858 -9.30 -45.96 56.97
N ARG D 1859 -8.14 -46.30 56.40
CA ARG D 1859 -8.07 -46.24 54.96
C ARG D 1859 -9.10 -47.20 54.40
N GLY D 1860 -9.08 -48.44 54.89
CA GLY D 1860 -10.02 -49.43 54.41
C GLY D 1860 -11.44 -48.96 54.63
N SER D 1861 -11.66 -48.31 55.75
CA SER D 1861 -12.98 -47.86 56.11
C SER D 1861 -13.44 -46.77 55.17
N GLY D 1862 -12.65 -45.71 55.07
CA GLY D 1862 -12.93 -44.65 54.13
C GLY D 1862 -13.19 -45.18 52.75
N MET D 1863 -12.35 -46.11 52.34
CA MET D 1863 -12.45 -46.76 51.06
C MET D 1863 -13.86 -47.29 50.88
N ILE D 1864 -14.35 -47.97 51.90
CA ILE D 1864 -15.68 -48.51 51.79
C ILE D 1864 -16.73 -47.48 52.05
N ALA D 1865 -16.38 -46.40 52.74
CA ALA D 1865 -17.30 -45.30 52.86
C ALA D 1865 -17.59 -44.71 51.51
N GLY D 1866 -16.55 -44.36 50.77
CA GLY D 1866 -16.74 -43.83 49.44
C GLY D 1866 -17.52 -44.80 48.58
N GLU D 1867 -17.07 -46.05 48.59
CA GLU D 1867 -17.71 -47.06 47.78
C GLU D 1867 -19.16 -47.20 48.14
N SER D 1868 -19.45 -47.20 49.41
CA SER D 1868 -20.80 -47.39 49.84
C SER D 1868 -21.66 -46.17 49.56
N SER D 1869 -21.08 -45.00 49.75
CA SER D 1869 -21.75 -43.75 49.45
C SER D 1869 -22.20 -43.73 48.03
N LEU D 1870 -21.33 -44.17 47.16
CA LEU D 1870 -21.69 -44.21 45.76
C LEU D 1870 -22.73 -45.29 45.61
N ALA D 1871 -22.50 -46.41 46.29
CA ALA D 1871 -23.41 -47.53 46.24
C ALA D 1871 -24.83 -47.11 46.50
N TYR D 1872 -25.10 -46.28 47.50
CA TYR D 1872 -26.49 -45.98 47.76
C TYR D 1872 -27.11 -45.29 46.55
N ASN D 1873 -26.32 -44.47 45.89
CA ASN D 1873 -26.68 -43.79 44.65
C ASN D 1873 -26.61 -44.68 43.44
N GLU D 1874 -26.11 -45.87 43.60
CA GLU D 1874 -25.89 -46.78 42.50
C GLU D 1874 -26.70 -48.05 42.55
N ILE D 1875 -27.01 -48.55 43.74
CA ILE D 1875 -27.66 -49.83 43.96
C ILE D 1875 -28.62 -49.76 45.14
N ILE D 1876 -29.30 -50.88 45.35
CA ILE D 1876 -30.22 -51.06 46.45
C ILE D 1876 -29.40 -51.44 47.69
N THR D 1877 -29.61 -50.72 48.77
CA THR D 1877 -28.98 -50.95 50.06
C THR D 1877 -30.04 -51.23 51.10
N ILE D 1878 -29.80 -52.22 51.96
CA ILE D 1878 -30.69 -52.50 53.08
C ILE D 1878 -29.87 -52.80 54.32
N SER D 1879 -30.44 -52.47 55.47
CA SER D 1879 -29.74 -52.62 56.73
C SER D 1879 -30.70 -53.19 57.76
N LEU D 1880 -30.13 -54.07 58.57
CA LEU D 1880 -30.86 -54.74 59.62
C LEU D 1880 -30.19 -54.55 60.97
N VAL D 1881 -30.95 -53.98 61.92
CA VAL D 1881 -30.43 -53.70 63.26
C VAL D 1881 -30.93 -54.73 64.27
N THR D 1882 -30.00 -55.54 64.76
CA THR D 1882 -30.33 -56.74 65.51
C THR D 1882 -30.09 -56.63 66.99
N CYS D 1883 -28.89 -56.20 67.38
CA CYS D 1883 -28.49 -56.16 68.78
C CYS D 1883 -28.09 -54.78 69.23
N ARG D 1884 -27.08 -54.22 68.60
CA ARG D 1884 -26.69 -52.85 68.84
C ARG D 1884 -25.78 -52.48 67.69
N ALA D 1885 -25.93 -51.26 67.18
CA ALA D 1885 -24.96 -50.70 66.25
C ALA D 1885 -24.33 -49.46 66.87
N ILE D 1886 -22.99 -49.47 66.99
CA ILE D 1886 -22.28 -48.38 67.61
C ILE D 1886 -21.40 -47.76 66.54
N GLY D 1887 -21.38 -46.44 66.53
CA GLY D 1887 -20.58 -45.64 65.63
C GLY D 1887 -20.63 -45.92 64.14
N ILE D 1888 -19.50 -46.34 63.57
CA ILE D 1888 -19.43 -46.53 62.13
C ILE D 1888 -20.47 -47.50 61.60
N GLY D 1889 -20.83 -48.51 62.38
CA GLY D 1889 -21.90 -49.40 61.96
C GLY D 1889 -23.20 -48.65 61.75
N ALA D 1890 -23.51 -47.78 62.71
CA ALA D 1890 -24.67 -46.91 62.61
C ALA D 1890 -24.60 -46.06 61.36
N TYR D 1891 -23.42 -45.48 61.10
CA TYR D 1891 -23.34 -44.54 59.99
C TYR D 1891 -23.58 -45.27 58.70
N LEU D 1892 -23.05 -46.48 58.65
CA LEU D 1892 -23.20 -47.37 57.51
C LEU D 1892 -24.63 -47.79 57.35
N VAL D 1893 -25.34 -47.88 58.46
CA VAL D 1893 -26.72 -48.35 58.46
C VAL D 1893 -27.60 -47.26 57.88
N ARG D 1894 -27.24 -46.02 58.20
CA ARG D 1894 -28.01 -44.87 57.75
C ARG D 1894 -27.69 -44.72 56.30
N LEU D 1895 -26.42 -44.87 56.00
CA LEU D 1895 -25.96 -44.88 54.64
C LEU D 1895 -26.67 -45.98 53.89
N GLY D 1896 -26.97 -47.06 54.60
CA GLY D 1896 -27.76 -48.10 54.00
C GLY D 1896 -29.14 -47.62 53.71
N GLN D 1897 -29.60 -46.60 54.42
CA GLN D 1897 -30.80 -45.83 54.07
C GLN D 1897 -32.13 -46.50 54.36
N ARG D 1898 -32.13 -47.72 54.87
CA ARG D 1898 -33.33 -48.50 55.18
C ARG D 1898 -33.08 -49.48 56.29
N THR D 1899 -33.82 -49.32 57.37
CA THR D 1899 -33.47 -49.89 58.64
C THR D 1899 -34.71 -50.51 59.26
N ILE D 1900 -34.54 -51.78 59.57
CA ILE D 1900 -35.54 -52.50 60.33
C ILE D 1900 -34.84 -52.74 61.64
N GLN D 1901 -35.56 -52.51 62.73
CA GLN D 1901 -34.93 -52.55 64.04
C GLN D 1901 -35.72 -53.38 65.01
N VAL D 1902 -35.09 -54.41 65.50
CA VAL D 1902 -35.70 -55.28 66.48
C VAL D 1902 -35.70 -54.59 67.83
N GLU D 1903 -36.75 -54.85 68.59
CA GLU D 1903 -36.84 -54.31 69.94
C GLU D 1903 -35.58 -54.67 70.71
N ASN D 1904 -35.18 -53.74 71.59
CA ASN D 1904 -33.98 -53.82 72.41
C ASN D 1904 -32.69 -53.68 71.60
N SER D 1905 -32.77 -53.62 70.28
CA SER D 1905 -31.60 -53.16 69.55
C SER D 1905 -31.58 -51.65 69.64
N HIS D 1906 -30.42 -51.07 69.36
CA HIS D 1906 -30.35 -49.62 69.35
C HIS D 1906 -29.30 -49.19 68.33
N LEU D 1907 -29.44 -47.95 67.88
CA LEU D 1907 -28.76 -47.44 66.69
C LEU D 1907 -28.22 -46.12 67.22
N ILE D 1908 -26.93 -46.14 67.56
CA ILE D 1908 -26.32 -45.08 68.33
C ILE D 1908 -24.88 -44.98 67.89
N LEU D 1909 -24.31 -43.86 68.25
CA LEU D 1909 -22.92 -43.55 68.03
C LEU D 1909 -22.15 -43.66 69.32
N THR D 1910 -22.74 -43.09 70.38
CA THR D 1910 -22.15 -43.04 71.71
C THR D 1910 -23.16 -43.42 72.76
N GLY D 1911 -22.69 -44.18 73.75
CA GLY D 1911 -23.57 -44.81 74.69
C GLY D 1911 -23.99 -43.89 75.81
N ALA D 1912 -25.19 -44.19 76.30
CA ALA D 1912 -25.78 -43.45 77.41
C ALA D 1912 -24.81 -43.40 78.58
N GLY D 1913 -24.07 -44.48 78.80
CA GLY D 1913 -23.12 -44.53 79.90
C GLY D 1913 -22.04 -43.48 79.73
N ALA D 1914 -21.41 -43.48 78.54
CA ALA D 1914 -20.34 -42.53 78.24
C ALA D 1914 -20.80 -41.11 78.50
N LEU D 1915 -21.99 -40.77 78.02
CA LEU D 1915 -22.47 -39.41 78.20
C LEU D 1915 -22.75 -39.12 79.67
N ASN D 1916 -23.26 -40.12 80.40
CA ASN D 1916 -23.52 -39.93 81.83
C ASN D 1916 -22.22 -39.62 82.56
N LYS D 1917 -21.15 -40.32 82.21
CA LYS D 1917 -19.85 -40.07 82.79
C LYS D 1917 -19.39 -38.65 82.49
N VAL D 1918 -19.52 -38.24 81.22
CA VAL D 1918 -19.18 -36.87 80.84
C VAL D 1918 -19.94 -35.86 81.69
N LEU D 1919 -21.18 -36.17 82.06
CA LEU D 1919 -22.02 -35.26 82.83
C LEU D 1919 -21.92 -35.53 84.32
N GLY D 1920 -21.06 -36.47 84.72
CA GLY D 1920 -20.82 -36.68 86.12
C GLY D 1920 -21.95 -37.36 86.83
N ARG D 1921 -22.99 -37.79 86.12
CA ARG D 1921 -24.05 -38.55 86.75
C ARG D 1921 -24.78 -39.34 85.67
N GLU D 1922 -25.63 -40.23 86.16
CA GLU D 1922 -26.42 -41.18 85.37
C GLU D 1922 -27.63 -40.50 84.73
N VAL D 1923 -27.36 -39.68 83.71
CA VAL D 1923 -28.45 -38.98 83.04
C VAL D 1923 -29.39 -40.01 82.39
N TYR D 1924 -28.80 -40.93 81.62
CA TYR D 1924 -29.47 -41.95 80.82
C TYR D 1924 -29.32 -43.36 81.39
N THR D 1925 -30.36 -44.18 81.17
CA THR D 1925 -30.42 -45.52 81.71
C THR D 1925 -30.23 -46.62 80.67
N SER D 1926 -30.38 -46.32 79.38
CA SER D 1926 -30.33 -47.38 78.38
C SER D 1926 -29.94 -46.79 77.05
N ASN D 1927 -28.97 -47.41 76.39
CA ASN D 1927 -28.63 -47.01 75.03
C ASN D 1927 -29.86 -46.95 74.11
N ASN D 1928 -30.88 -47.78 74.38
CA ASN D 1928 -32.12 -47.70 73.60
C ASN D 1928 -32.77 -46.34 73.75
N GLN D 1929 -32.55 -45.68 74.90
CA GLN D 1929 -33.04 -44.32 75.09
C GLN D 1929 -32.49 -43.42 74.02
N LEU D 1930 -31.28 -43.71 73.56
CA LEU D 1930 -30.62 -42.89 72.56
C LEU D 1930 -30.96 -43.36 71.18
N GLY D 1931 -30.97 -44.67 70.97
CA GLY D 1931 -31.09 -45.21 69.64
C GLY D 1931 -32.11 -46.32 69.47
N GLY D 1932 -32.94 -46.56 70.47
CA GLY D 1932 -33.86 -47.65 70.36
C GLY D 1932 -34.94 -47.23 69.39
N ILE D 1933 -35.86 -48.16 69.09
CA ILE D 1933 -36.92 -47.84 68.15
C ILE D 1933 -37.74 -46.69 68.70
N GLN D 1934 -37.75 -46.55 70.01
CA GLN D 1934 -38.48 -45.48 70.63
C GLN D 1934 -37.88 -44.14 70.28
N ILE D 1935 -36.65 -44.11 69.77
CA ILE D 1935 -36.07 -42.88 69.25
C ILE D 1935 -36.18 -42.90 67.74
N MET D 1936 -35.65 -43.95 67.12
CA MET D 1936 -35.48 -43.96 65.68
C MET D 1936 -36.75 -44.17 64.91
N HIS D 1937 -37.69 -44.85 65.49
CA HIS D 1937 -38.95 -45.02 64.83
C HIS D 1937 -39.74 -43.76 65.03
N ASN D 1938 -39.56 -43.19 66.21
CA ASN D 1938 -40.19 -41.95 66.58
C ASN D 1938 -39.60 -40.72 65.89
N ASN D 1939 -38.41 -40.80 65.30
CA ASN D 1939 -37.85 -39.68 64.53
C ASN D 1939 -37.67 -39.99 63.05
N GLY D 1940 -38.06 -41.19 62.60
CA GLY D 1940 -38.05 -41.53 61.18
C GLY D 1940 -36.73 -42.06 60.65
N VAL D 1941 -35.75 -42.29 61.53
CA VAL D 1941 -34.51 -42.95 61.13
C VAL D 1941 -34.74 -44.41 60.80
N THR D 1942 -35.54 -45.08 61.61
CA THR D 1942 -35.98 -46.45 61.36
C THR D 1942 -37.34 -46.50 60.68
N HIS D 1943 -37.40 -47.31 59.66
CA HIS D 1943 -38.59 -47.51 58.85
C HIS D 1943 -39.51 -48.52 59.49
N CYS D 1944 -38.99 -49.64 59.98
CA CYS D 1944 -39.89 -50.60 60.61
C CYS D 1944 -39.27 -51.12 61.89
N THR D 1945 -40.14 -51.50 62.81
CA THR D 1945 -39.75 -52.15 64.05
C THR D 1945 -40.29 -53.56 64.16
N VAL D 1946 -39.51 -54.44 64.83
CA VAL D 1946 -39.91 -55.84 65.03
C VAL D 1946 -39.60 -56.34 66.43
N CYS D 1947 -40.32 -57.39 66.81
CA CYS D 1947 -40.19 -57.96 68.15
C CYS D 1947 -39.02 -58.94 68.26
N ASP D 1948 -38.60 -59.57 67.16
CA ASP D 1948 -37.50 -60.54 67.19
C ASP D 1948 -36.78 -60.65 65.85
N ASP D 1949 -35.69 -61.43 65.85
CA ASP D 1949 -34.86 -61.56 64.65
C ASP D 1949 -35.61 -62.16 63.48
N PHE D 1950 -36.35 -63.24 63.73
CA PHE D 1950 -37.10 -63.88 62.67
C PHE D 1950 -38.06 -62.89 61.99
N GLU D 1951 -38.81 -62.13 62.80
CA GLU D 1951 -39.79 -61.21 62.24
C GLU D 1951 -39.10 -60.08 61.51
N GLY D 1952 -37.87 -59.77 61.94
CA GLY D 1952 -37.10 -58.81 61.19
C GLY D 1952 -36.87 -59.29 59.78
N VAL D 1953 -36.34 -60.49 59.68
CA VAL D 1953 -36.03 -61.05 58.38
C VAL D 1953 -37.27 -61.15 57.51
N PHE D 1954 -38.37 -61.59 58.09
CA PHE D 1954 -39.61 -61.66 57.33
C PHE D 1954 -39.98 -60.30 56.78
N THR D 1955 -39.89 -59.29 57.63
CA THR D 1955 -40.22 -57.96 57.20
C THR D 1955 -39.33 -57.50 56.05
N VAL D 1956 -38.04 -57.82 56.12
CA VAL D 1956 -37.09 -57.47 55.06
C VAL D 1956 -37.59 -58.00 53.73
N LEU D 1957 -37.86 -59.29 53.69
CA LEU D 1957 -38.31 -59.89 52.45
C LEU D 1957 -39.63 -59.28 52.03
N HIS D 1958 -40.46 -58.87 53.00
CA HIS D 1958 -41.75 -58.30 52.69
C HIS D 1958 -41.61 -56.97 51.96
N TRP D 1959 -40.73 -56.09 52.42
CA TRP D 1959 -40.45 -54.87 51.66
C TRP D 1959 -39.93 -55.22 50.28
N LEU D 1960 -38.93 -56.09 50.28
CA LEU D 1960 -38.28 -56.58 49.08
C LEU D 1960 -39.20 -57.19 48.07
N SER D 1961 -40.36 -57.64 48.50
CA SER D 1961 -41.30 -58.27 47.58
C SER D 1961 -41.82 -57.29 46.54
N TYR D 1962 -41.63 -56.00 46.79
CA TYR D 1962 -41.90 -54.90 45.90
C TYR D 1962 -40.75 -54.45 45.00
N MET D 1963 -39.52 -55.04 45.09
CA MET D 1963 -38.36 -54.35 44.50
C MET D 1963 -37.68 -55.04 43.31
N PRO D 1964 -37.14 -54.26 42.37
CA PRO D 1964 -36.53 -54.85 41.18
C PRO D 1964 -35.24 -55.60 41.46
N LYS D 1965 -35.10 -56.76 40.79
CA LYS D 1965 -33.97 -57.67 40.96
C LYS D 1965 -32.61 -57.00 40.93
N SER D 1966 -32.45 -56.02 40.06
CA SER D 1966 -31.22 -55.27 39.90
C SER D 1966 -31.57 -53.86 39.47
N VAL D 1967 -30.55 -53.01 39.35
CA VAL D 1967 -30.83 -51.67 38.86
C VAL D 1967 -31.08 -51.63 37.36
N HIS D 1968 -30.60 -52.60 36.63
CA HIS D 1968 -30.85 -52.77 35.21
C HIS D 1968 -32.15 -53.49 34.92
N SER D 1969 -32.93 -53.76 35.94
CA SER D 1969 -34.05 -54.68 35.87
C SER D 1969 -35.36 -53.99 36.20
N SER D 1970 -36.45 -54.52 35.65
CA SER D 1970 -37.75 -53.93 35.96
C SER D 1970 -38.26 -54.43 37.30
N VAL D 1971 -39.14 -53.63 37.86
CA VAL D 1971 -39.94 -53.87 39.06
C VAL D 1971 -40.72 -55.18 38.98
N PRO D 1972 -40.81 -55.98 40.05
CA PRO D 1972 -41.58 -57.23 39.96
C PRO D 1972 -43.08 -57.00 40.05
N LEU D 1973 -43.80 -57.45 39.03
CA LEU D 1973 -45.23 -57.23 38.91
C LEU D 1973 -45.97 -58.45 39.44
N LEU D 1974 -47.06 -58.23 40.17
CA LEU D 1974 -47.94 -59.30 40.63
C LEU D 1974 -49.29 -59.31 39.91
N ASN D 1975 -49.94 -60.47 39.97
CA ASN D 1975 -51.36 -60.61 39.64
C ASN D 1975 -52.12 -60.59 40.97
N SER D 1976 -52.61 -59.43 41.37
CA SER D 1976 -53.14 -59.32 42.73
C SER D 1976 -54.56 -59.84 42.81
N LYS D 1977 -54.92 -60.24 44.02
CA LYS D 1977 -56.26 -60.73 44.30
C LYS D 1977 -57.28 -59.62 44.52
N ASP D 1978 -56.87 -58.37 44.70
CA ASP D 1978 -57.83 -57.28 44.77
C ASP D 1978 -58.13 -56.77 43.37
N PRO D 1979 -59.34 -56.98 42.84
CA PRO D 1979 -59.60 -56.55 41.46
C PRO D 1979 -59.55 -55.04 41.38
N ILE D 1980 -59.54 -54.57 40.15
CA ILE D 1980 -59.25 -53.17 39.86
C ILE D 1980 -60.57 -52.43 39.68
N ASP D 1981 -61.59 -53.12 39.14
CA ASP D 1981 -62.88 -52.51 38.85
C ASP D 1981 -63.86 -52.62 40.00
N ARG D 1982 -63.34 -52.47 41.21
CA ARG D 1982 -64.17 -52.39 42.40
C ARG D 1982 -64.27 -50.93 42.76
N ILE D 1983 -65.27 -50.61 43.56
CA ILE D 1983 -65.40 -49.29 44.16
C ILE D 1983 -64.75 -49.28 45.53
N ILE D 1984 -64.39 -48.09 45.98
CA ILE D 1984 -63.84 -47.88 47.30
C ILE D 1984 -65.03 -47.64 48.20
N GLU D 1985 -65.15 -48.41 49.28
CA GLU D 1985 -66.35 -48.26 50.08
C GLU D 1985 -66.18 -47.10 51.07
N PHE D 1986 -65.01 -46.98 51.67
CA PHE D 1986 -64.75 -45.87 52.58
C PHE D 1986 -64.66 -44.60 51.75
N VAL D 1987 -65.32 -43.55 52.20
CA VAL D 1987 -65.40 -42.29 51.45
C VAL D 1987 -64.82 -41.17 52.32
N PRO D 1988 -63.80 -40.45 51.85
CA PRO D 1988 -63.30 -39.31 52.61
C PRO D 1988 -64.34 -38.23 52.85
N THR D 1989 -64.18 -37.55 53.98
CA THR D 1989 -65.16 -36.63 54.52
C THR D 1989 -64.49 -35.32 54.84
N LYS D 1990 -65.29 -34.26 54.88
CA LYS D 1990 -64.79 -32.98 55.38
C LYS D 1990 -64.31 -33.09 56.81
N THR D 1991 -65.00 -33.86 57.64
CA THR D 1991 -64.53 -34.14 58.98
C THR D 1991 -63.19 -34.88 58.93
N PRO D 1992 -62.27 -34.61 59.86
CA PRO D 1992 -60.98 -35.26 59.76
C PRO D 1992 -61.15 -36.73 60.08
N TYR D 1993 -60.18 -37.53 59.62
CA TYR D 1993 -60.30 -38.96 59.76
C TYR D 1993 -58.92 -39.58 59.63
N ASP D 1994 -58.79 -40.78 60.14
CA ASP D 1994 -57.54 -41.48 59.95
C ASP D 1994 -57.47 -41.79 58.46
N PRO D 1995 -56.46 -41.28 57.75
CA PRO D 1995 -56.42 -41.47 56.29
C PRO D 1995 -56.11 -42.88 55.89
N ARG D 1996 -55.72 -43.69 56.84
CA ARG D 1996 -55.51 -45.07 56.50
C ARG D 1996 -56.83 -45.70 56.10
N TRP D 1997 -57.93 -45.22 56.67
CA TRP D 1997 -59.22 -45.70 56.19
C TRP D 1997 -59.40 -45.40 54.71
N MET D 1998 -59.06 -44.18 54.28
CA MET D 1998 -59.16 -43.86 52.85
C MET D 1998 -58.25 -44.74 52.02
N LEU D 1999 -57.10 -45.11 52.56
CA LEU D 1999 -56.09 -45.81 51.78
C LEU D 1999 -56.33 -47.31 51.79
N ALA D 2000 -56.34 -47.86 52.99
CA ALA D 2000 -56.34 -49.25 53.34
C ALA D 2000 -57.71 -49.77 53.68
N GLY D 2001 -58.66 -48.87 53.88
CA GLY D 2001 -59.98 -49.28 54.29
C GLY D 2001 -60.13 -49.32 55.80
N ARG D 2002 -61.35 -49.63 56.22
CA ARG D 2002 -61.68 -49.71 57.62
C ARG D 2002 -62.74 -50.78 57.85
N PRO D 2003 -62.97 -51.18 59.11
CA PRO D 2003 -64.06 -52.13 59.37
C PRO D 2003 -65.39 -51.46 59.08
N HIS D 2004 -66.34 -52.25 58.62
CA HIS D 2004 -67.64 -51.70 58.29
C HIS D 2004 -68.32 -51.39 59.63
N PRO D 2005 -68.83 -50.17 59.88
CA PRO D 2005 -69.61 -49.92 61.12
C PRO D 2005 -70.81 -50.81 61.39
N THR D 2006 -71.57 -51.18 60.37
CA THR D 2006 -72.77 -52.00 60.51
C THR D 2006 -72.47 -53.49 60.38
N GLN D 2007 -72.63 -54.06 59.20
CA GLN D 2007 -72.49 -55.50 58.99
C GLN D 2007 -71.03 -55.85 59.23
N LYS D 2008 -70.69 -56.02 60.50
CA LYS D 2008 -69.40 -56.59 60.80
C LYS D 2008 -69.50 -58.09 60.63
N GLY D 2009 -68.39 -58.77 60.32
CA GLY D 2009 -67.05 -58.24 60.09
C GLY D 2009 -66.83 -58.01 58.62
N GLN D 2010 -67.53 -57.03 58.03
CA GLN D 2010 -67.20 -56.53 56.71
C GLN D 2010 -66.17 -55.40 56.85
N TRP D 2011 -65.74 -54.88 55.71
CA TRP D 2011 -64.60 -53.98 55.61
C TRP D 2011 -64.90 -52.91 54.58
N LEU D 2012 -64.83 -51.65 54.99
CA LEU D 2012 -64.97 -50.56 54.04
C LEU D 2012 -63.65 -50.44 53.33
N SER D 2013 -63.64 -50.78 52.06
CA SER D 2013 -62.41 -50.86 51.31
C SER D 2013 -61.82 -49.48 51.13
N GLY D 2014 -60.49 -49.44 51.17
CA GLY D 2014 -59.73 -48.23 50.94
C GLY D 2014 -59.36 -48.14 49.48
N PHE D 2015 -58.52 -47.18 49.19
CA PHE D 2015 -58.07 -47.03 47.81
C PHE D 2015 -57.25 -48.22 47.34
N PHE D 2016 -56.28 -48.65 48.14
CA PHE D 2016 -55.31 -49.65 47.73
C PHE D 2016 -55.73 -51.09 47.99
N ASP D 2017 -54.95 -52.01 47.40
CA ASP D 2017 -55.17 -53.45 47.54
C ASP D 2017 -55.27 -53.81 49.01
N TYR D 2018 -56.33 -54.54 49.37
CA TYR D 2018 -56.50 -55.00 50.75
C TYR D 2018 -55.24 -55.65 51.28
N GLY D 2019 -54.74 -55.14 52.40
CA GLY D 2019 -53.61 -55.74 53.05
C GLY D 2019 -52.27 -55.42 52.42
N SER D 2020 -52.22 -54.49 51.47
CA SER D 2020 -50.97 -54.28 50.75
C SER D 2020 -50.16 -53.15 51.30
N PHE D 2021 -50.77 -52.26 52.05
CA PHE D 2021 -50.05 -51.09 52.49
C PHE D 2021 -49.28 -51.45 53.73
N SER D 2022 -47.99 -51.26 53.69
CA SER D 2022 -47.12 -51.55 54.82
C SER D 2022 -46.38 -50.27 55.11
N GLU D 2023 -46.78 -49.63 56.19
CA GLU D 2023 -46.27 -48.33 56.53
C GLU D 2023 -44.85 -48.43 57.03
N ILE D 2024 -44.16 -47.31 56.95
CA ILE D 2024 -42.89 -47.13 57.63
C ILE D 2024 -42.82 -45.75 58.26
N MET D 2025 -41.93 -45.66 59.24
CA MET D 2025 -41.67 -44.44 59.99
C MET D 2025 -42.96 -43.83 60.54
N GLN D 2026 -43.88 -44.68 60.95
CA GLN D 2026 -45.21 -44.23 61.29
C GLN D 2026 -45.26 -43.24 62.45
N PRO D 2027 -44.53 -43.42 63.55
CA PRO D 2027 -44.77 -42.60 64.72
C PRO D 2027 -44.07 -41.26 64.74
N TRP D 2028 -43.37 -40.89 63.68
CA TRP D 2028 -42.68 -39.61 63.67
C TRP D 2028 -43.50 -38.74 62.74
N ALA D 2029 -43.82 -37.55 63.21
CA ALA D 2029 -44.56 -36.60 62.42
C ALA D 2029 -45.84 -37.22 61.87
N GLN D 2030 -46.76 -37.49 62.79
CA GLN D 2030 -47.88 -38.36 62.48
C GLN D 2030 -48.99 -37.58 61.84
N THR D 2031 -48.77 -36.31 61.61
CA THR D 2031 -49.69 -35.57 60.79
C THR D 2031 -49.61 -36.05 59.36
N VAL D 2032 -48.52 -36.70 58.98
CA VAL D 2032 -48.42 -37.30 57.65
C VAL D 2032 -48.05 -38.76 57.79
N VAL D 2033 -48.48 -39.54 56.80
CA VAL D 2033 -48.33 -40.97 56.77
C VAL D 2033 -47.68 -41.36 55.44
N VAL D 2034 -46.59 -42.13 55.53
CA VAL D 2034 -45.84 -42.53 54.35
C VAL D 2034 -45.61 -44.04 54.41
N GLY D 2035 -45.45 -44.66 53.24
CA GLY D 2035 -45.29 -46.10 53.25
C GLY D 2035 -45.30 -46.62 51.83
N ARG D 2036 -45.41 -47.94 51.73
CA ARG D 2036 -45.45 -48.62 50.44
C ARG D 2036 -46.73 -49.43 50.36
N ALA D 2037 -47.25 -49.60 49.16
CA ALA D 2037 -48.44 -50.43 48.94
C ALA D 2037 -48.39 -50.94 47.51
N ARG D 2038 -49.45 -51.60 47.09
CA ARG D 2038 -49.64 -52.07 45.73
C ARG D 2038 -51.00 -51.64 45.28
N LEU D 2039 -51.08 -51.17 44.04
CA LEU D 2039 -52.33 -50.77 43.40
C LEU D 2039 -52.56 -51.72 42.24
N GLY D 2040 -53.59 -52.55 42.36
CA GLY D 2040 -53.78 -53.64 41.42
C GLY D 2040 -52.58 -54.54 41.31
N GLY D 2041 -51.78 -54.61 42.36
CA GLY D 2041 -50.61 -55.42 42.40
C GLY D 2041 -49.36 -54.79 41.85
N ILE D 2042 -49.40 -53.53 41.45
CA ILE D 2042 -48.20 -52.77 41.12
C ILE D 2042 -47.75 -52.06 42.39
N PRO D 2043 -46.54 -52.31 42.87
CA PRO D 2043 -46.10 -51.56 44.04
C PRO D 2043 -45.81 -50.12 43.70
N VAL D 2044 -46.26 -49.22 44.56
CA VAL D 2044 -45.88 -47.82 44.49
C VAL D 2044 -45.60 -47.45 45.92
N GLY D 2045 -44.81 -46.40 46.11
CA GLY D 2045 -44.75 -45.79 47.42
C GLY D 2045 -45.76 -44.65 47.49
N VAL D 2046 -46.29 -44.41 48.70
CA VAL D 2046 -47.47 -43.57 48.84
C VAL D 2046 -47.33 -42.70 50.08
N VAL D 2047 -47.65 -41.42 49.91
CA VAL D 2047 -47.69 -40.48 51.02
C VAL D 2047 -48.98 -39.69 51.01
N ALA D 2048 -49.62 -39.63 52.16
CA ALA D 2048 -50.80 -38.81 52.30
C ALA D 2048 -50.77 -38.20 53.68
N VAL D 2049 -51.63 -37.21 53.89
CA VAL D 2049 -51.61 -36.33 55.06
C VAL D 2049 -52.87 -36.40 55.91
N GLU D 2050 -52.63 -36.50 57.22
CA GLU D 2050 -53.65 -36.48 58.27
C GLU D 2050 -54.21 -35.07 58.32
N THR D 2051 -55.52 -35.00 58.51
CA THR D 2051 -56.22 -33.73 58.53
C THR D 2051 -56.59 -33.26 59.93
N ARG D 2052 -56.65 -34.15 60.90
CA ARG D 2052 -56.95 -33.74 62.25
C ARG D 2052 -55.65 -33.33 62.91
N THR D 2053 -55.74 -32.39 63.83
CA THR D 2053 -54.56 -31.97 64.55
C THR D 2053 -53.97 -33.11 65.35
N VAL D 2054 -52.72 -33.32 65.17
CA VAL D 2054 -51.96 -34.26 65.96
C VAL D 2054 -51.48 -33.55 67.20
N GLU D 2055 -51.47 -34.26 68.30
CA GLU D 2055 -50.87 -33.75 69.52
C GLU D 2055 -49.63 -34.61 69.68
N LEU D 2056 -48.51 -33.99 69.40
CA LEU D 2056 -47.21 -34.63 69.41
C LEU D 2056 -46.51 -34.50 70.75
N SER D 2057 -46.02 -35.61 71.27
CA SER D 2057 -45.27 -35.66 72.52
C SER D 2057 -43.77 -35.63 72.28
N ILE D 2058 -43.11 -34.63 72.86
CA ILE D 2058 -41.66 -34.48 72.80
C ILE D 2058 -41.04 -34.88 74.13
N PRO D 2059 -40.15 -35.84 74.17
CA PRO D 2059 -39.58 -36.26 75.45
C PRO D 2059 -38.62 -35.20 75.97
N ALA D 2060 -38.41 -35.25 77.27
CA ALA D 2060 -37.52 -34.32 77.92
C ALA D 2060 -36.07 -34.76 77.73
N ASP D 2061 -35.19 -33.80 77.57
CA ASP D 2061 -33.78 -34.17 77.54
C ASP D 2061 -33.39 -34.27 79.01
N PRO D 2062 -33.10 -35.45 79.53
CA PRO D 2062 -32.78 -35.54 80.95
C PRO D 2062 -31.45 -34.89 81.26
N ALA D 2063 -30.57 -34.84 80.27
CA ALA D 2063 -29.32 -34.08 80.37
C ALA D 2063 -29.59 -32.65 80.79
N ASN D 2064 -30.64 -32.05 80.26
CA ASN D 2064 -30.93 -30.64 80.45
C ASN D 2064 -32.01 -30.59 81.52
N LEU D 2065 -31.70 -29.93 82.62
CA LEU D 2065 -32.57 -29.88 83.78
C LEU D 2065 -33.81 -29.04 83.54
N ASP D 2066 -33.79 -28.17 82.54
CA ASP D 2066 -34.98 -27.41 82.18
C ASP D 2066 -35.98 -28.31 81.48
N SER D 2067 -35.48 -29.07 80.50
CA SER D 2067 -36.28 -29.93 79.65
C SER D 2067 -37.24 -30.77 80.45
N GLU D 2068 -38.52 -30.57 80.20
CA GLU D 2068 -39.60 -31.47 80.58
C GLU D 2068 -40.22 -32.06 79.32
N ALA D 2069 -40.84 -33.21 79.45
CA ALA D 2069 -41.37 -33.86 78.26
C ALA D 2069 -42.51 -32.98 77.75
N LYS D 2070 -42.25 -32.22 76.68
CA LYS D 2070 -43.32 -31.40 76.16
C LYS D 2070 -44.33 -32.21 75.37
N ILE D 2071 -45.47 -31.57 75.13
CA ILE D 2071 -46.56 -32.17 74.39
C ILE D 2071 -47.09 -31.05 73.52
N ILE D 2072 -47.00 -31.23 72.22
CA ILE D 2072 -47.20 -30.17 71.26
C ILE D 2072 -48.38 -30.52 70.38
N GLN D 2073 -49.19 -29.52 70.10
CA GLN D 2073 -50.27 -29.66 69.15
C GLN D 2073 -49.64 -29.41 67.80
N GLN D 2074 -49.85 -30.34 66.89
CA GLN D 2074 -49.40 -30.19 65.52
C GLN D 2074 -50.61 -30.27 64.59
N ALA D 2075 -51.02 -29.12 64.05
CA ALA D 2075 -52.21 -29.02 63.23
C ALA D 2075 -52.18 -29.95 62.02
N GLY D 2076 -53.36 -30.43 61.66
CA GLY D 2076 -53.51 -31.17 60.43
C GLY D 2076 -53.53 -30.26 59.21
N GLN D 2077 -53.35 -30.88 58.04
CA GLN D 2077 -53.27 -30.14 56.79
C GLN D 2077 -52.24 -29.02 56.77
N VAL D 2078 -51.14 -29.22 57.47
CA VAL D 2078 -50.08 -28.23 57.48
C VAL D 2078 -48.79 -28.96 57.20
N TRP D 2079 -47.90 -28.28 56.52
CA TRP D 2079 -46.57 -28.81 56.30
C TRP D 2079 -45.72 -28.31 57.44
N PHE D 2080 -45.12 -29.20 58.19
CA PHE D 2080 -44.12 -28.85 59.18
C PHE D 2080 -42.73 -29.23 58.73
N PRO D 2081 -41.70 -28.87 59.50
CA PRO D 2081 -40.35 -29.35 59.17
C PRO D 2081 -40.27 -30.85 59.08
N ASP D 2082 -40.75 -31.51 60.13
CA ASP D 2082 -40.72 -32.95 60.19
C ASP D 2082 -41.44 -33.55 59.00
N SER D 2083 -42.64 -33.05 58.71
CA SER D 2083 -43.42 -33.64 57.64
C SER D 2083 -42.66 -33.54 56.34
N ALA D 2084 -42.08 -32.38 56.12
CA ALA D 2084 -41.37 -32.15 54.89
C ALA D 2084 -40.13 -33.03 54.79
N PHE D 2085 -39.44 -33.21 55.89
CA PHE D 2085 -38.25 -34.06 55.90
C PHE D 2085 -38.60 -35.52 55.66
N LYS D 2086 -39.56 -36.04 56.40
CA LYS D 2086 -40.05 -37.39 56.20
C LYS D 2086 -40.48 -37.57 54.75
N THR D 2087 -41.08 -36.52 54.19
CA THR D 2087 -41.56 -36.57 52.83
C THR D 2087 -40.41 -36.63 51.85
N TYR D 2088 -39.42 -35.80 52.11
CA TYR D 2088 -38.21 -35.74 51.33
C TYR D 2088 -37.46 -37.05 51.31
N GLN D 2089 -37.32 -37.66 52.47
CA GLN D 2089 -36.51 -38.87 52.52
C GLN D 2089 -37.24 -39.97 51.81
N ALA D 2090 -38.54 -40.08 52.10
CA ALA D 2090 -39.34 -41.10 51.46
C ALA D 2090 -39.31 -40.97 49.95
N ILE D 2091 -39.52 -39.75 49.43
CA ILE D 2091 -39.48 -39.55 48.00
C ILE D 2091 -38.15 -39.95 47.42
N LYS D 2092 -37.07 -39.49 48.06
CA LYS D 2092 -35.75 -39.79 47.51
C LYS D 2092 -35.48 -41.28 47.56
N ASP D 2093 -35.72 -41.88 48.72
CA ASP D 2093 -35.37 -43.27 48.94
C ASP D 2093 -36.15 -44.14 47.98
N PHE D 2094 -37.48 -43.95 47.95
CA PHE D 2094 -38.34 -44.74 47.08
C PHE D 2094 -37.88 -44.56 45.65
N ASN D 2095 -37.46 -43.33 45.33
CA ASN D 2095 -37.02 -43.06 43.99
C ASN D 2095 -35.77 -43.85 43.71
N ARG D 2096 -34.96 -44.06 44.74
CA ARG D 2096 -33.74 -44.80 44.56
C ARG D 2096 -34.00 -46.28 44.49
N GLU D 2097 -35.18 -46.71 44.89
CA GLU D 2097 -35.54 -48.08 44.63
C GLU D 2097 -35.97 -48.19 43.19
N GLY D 2098 -36.50 -47.09 42.67
CA GLY D 2098 -37.01 -47.06 41.34
C GLY D 2098 -38.50 -47.10 41.29
N LEU D 2099 -39.15 -46.75 42.33
CA LEU D 2099 -40.59 -46.85 42.44
C LEU D 2099 -41.24 -45.58 41.94
N PRO D 2100 -42.41 -45.65 41.33
CA PRO D 2100 -43.23 -44.47 41.23
C PRO D 2100 -43.75 -44.04 42.59
N LEU D 2101 -44.11 -42.77 42.65
CA LEU D 2101 -44.51 -42.10 43.89
C LEU D 2101 -45.97 -41.72 43.70
N MET D 2102 -46.81 -41.90 44.72
CA MET D 2102 -48.16 -41.35 44.68
C MET D 2102 -48.46 -40.51 45.92
N VAL D 2103 -48.70 -39.21 45.70
CA VAL D 2103 -49.06 -38.28 46.77
C VAL D 2103 -50.54 -37.96 46.75
N PHE D 2104 -51.22 -38.24 47.86
CA PHE D 2104 -52.62 -37.84 48.01
C PHE D 2104 -52.73 -36.53 48.80
N ALA D 2105 -52.64 -35.44 48.03
CA ALA D 2105 -52.44 -34.08 48.51
C ALA D 2105 -53.69 -33.44 49.12
N ASN D 2106 -53.51 -32.86 50.32
CA ASN D 2106 -54.55 -32.15 51.07
C ASN D 2106 -53.94 -31.18 52.07
N TRP D 2107 -53.40 -30.08 51.57
CA TRP D 2107 -52.68 -29.12 52.38
C TRP D 2107 -53.30 -27.74 52.31
N ARG D 2108 -53.54 -27.18 53.48
CA ARG D 2108 -54.07 -25.85 53.65
C ARG D 2108 -52.97 -24.83 53.48
N GLY D 2109 -51.73 -25.27 53.60
CA GLY D 2109 -50.63 -24.36 53.54
C GLY D 2109 -49.42 -24.92 54.22
N PHE D 2110 -48.40 -24.11 54.14
CA PHE D 2110 -47.17 -24.21 54.88
C PHE D 2110 -47.34 -23.61 56.25
N SER D 2111 -46.65 -24.18 57.22
CA SER D 2111 -46.68 -23.55 58.53
C SER D 2111 -45.82 -22.30 58.44
N GLY D 2112 -46.34 -21.15 58.87
CA GLY D 2112 -45.60 -19.91 58.69
C GLY D 2112 -45.23 -19.24 59.99
N GLY D 2113 -45.22 -19.99 61.07
CA GLY D 2113 -44.98 -19.41 62.37
C GLY D 2113 -43.52 -19.24 62.66
N MET D 2114 -43.25 -18.48 63.73
CA MET D 2114 -41.88 -18.10 64.03
C MET D 2114 -41.04 -19.35 64.19
N LYS D 2115 -41.52 -20.26 65.03
CA LYS D 2115 -40.75 -21.46 65.33
C LYS D 2115 -40.51 -22.31 64.10
N ASP D 2116 -41.57 -22.66 63.36
CA ASP D 2116 -41.39 -23.59 62.25
C ASP D 2116 -40.53 -22.97 61.16
N MET D 2117 -40.66 -21.67 61.02
CA MET D 2117 -39.84 -20.95 60.07
C MET D 2117 -38.41 -20.99 60.55
N TYR D 2118 -38.21 -20.74 61.84
CA TYR D 2118 -36.90 -20.93 62.44
C TYR D 2118 -36.41 -22.32 62.16
N ASP D 2119 -37.30 -23.29 62.22
CA ASP D 2119 -36.94 -24.67 61.99
C ASP D 2119 -36.85 -25.00 60.49
N GLN D 2120 -36.81 -23.98 59.63
CA GLN D 2120 -36.29 -24.15 58.28
C GLN D 2120 -37.17 -24.84 57.26
N VAL D 2121 -38.48 -24.65 57.37
CA VAL D 2121 -39.40 -25.26 56.42
C VAL D 2121 -39.09 -24.85 54.98
N LEU D 2122 -38.55 -23.65 54.80
CA LEU D 2122 -38.21 -23.16 53.47
C LEU D 2122 -37.13 -24.01 52.81
N LYS D 2123 -36.19 -24.48 53.62
CA LYS D 2123 -34.99 -25.13 53.10
C LYS D 2123 -35.39 -26.44 52.50
N PHE D 2124 -36.34 -27.09 53.14
CA PHE D 2124 -36.74 -28.42 52.75
C PHE D 2124 -37.69 -28.25 51.61
N GLY D 2125 -38.29 -27.07 51.49
CA GLY D 2125 -39.04 -26.80 50.29
C GLY D 2125 -38.09 -26.80 49.12
N ALA D 2126 -36.97 -26.11 49.25
CA ALA D 2126 -36.00 -26.24 48.17
C ALA D 2126 -35.60 -27.71 47.90
N TYR D 2127 -35.32 -28.46 48.98
CA TYR D 2127 -34.83 -29.83 48.78
C TYR D 2127 -35.83 -30.75 48.12
N ILE D 2128 -37.11 -30.65 48.48
CA ILE D 2128 -38.12 -31.49 47.84
C ILE D 2128 -38.00 -31.39 46.34
N VAL D 2129 -37.79 -30.17 45.88
CA VAL D 2129 -37.62 -29.92 44.48
C VAL D 2129 -36.40 -30.68 43.99
N ASP D 2130 -35.26 -30.51 44.70
CA ASP D 2130 -34.06 -31.27 44.32
C ASP D 2130 -34.39 -32.74 44.15
N GLY D 2131 -35.17 -33.27 45.08
CA GLY D 2131 -35.45 -34.69 45.13
C GLY D 2131 -36.18 -35.06 43.86
N LEU D 2132 -37.15 -34.24 43.50
CA LEU D 2132 -37.97 -34.54 42.34
C LEU D 2132 -37.15 -34.33 41.09
N ARG D 2133 -36.22 -33.39 41.13
CA ARG D 2133 -35.39 -33.17 39.95
C ARG D 2133 -34.61 -34.45 39.68
N GLU D 2134 -34.24 -35.17 40.76
CA GLU D 2134 -33.52 -36.41 40.57
C GLU D 2134 -34.47 -37.57 40.37
N CYS D 2135 -35.78 -37.34 40.43
CA CYS D 2135 -36.71 -38.44 40.21
C CYS D 2135 -36.67 -38.97 38.79
N CYS D 2136 -36.74 -40.28 38.68
CA CYS D 2136 -36.55 -40.95 37.42
C CYS D 2136 -37.73 -41.79 36.98
N GLN D 2137 -38.79 -41.88 37.77
CA GLN D 2137 -39.95 -42.67 37.38
C GLN D 2137 -41.22 -41.88 37.63
N PRO D 2138 -42.36 -42.38 37.16
CA PRO D 2138 -43.61 -41.61 37.28
C PRO D 2138 -43.90 -41.18 38.72
N VAL D 2139 -44.29 -39.91 38.88
CA VAL D 2139 -44.83 -39.38 40.15
C VAL D 2139 -46.26 -38.86 39.96
N LEU D 2140 -47.25 -39.52 40.59
CA LEU D 2140 -48.68 -39.17 40.49
C LEU D 2140 -49.29 -38.51 41.73
N VAL D 2141 -49.78 -37.27 41.57
CA VAL D 2141 -50.37 -36.50 42.66
C VAL D 2141 -51.87 -36.44 42.47
N TYR D 2142 -52.64 -36.73 43.52
CA TYR D 2142 -54.09 -36.75 43.41
C TYR D 2142 -54.60 -35.97 44.61
N ILE D 2143 -55.37 -34.92 44.36
CA ILE D 2143 -56.05 -34.17 45.41
C ILE D 2143 -57.40 -34.81 45.72
N PRO D 2144 -57.58 -35.42 46.89
CA PRO D 2144 -58.84 -36.11 47.16
C PRO D 2144 -60.01 -35.16 47.37
N PRO D 2145 -61.23 -35.69 47.33
CA PRO D 2145 -62.43 -34.89 47.58
C PRO D 2145 -62.43 -34.25 48.96
N GLN D 2146 -62.86 -32.99 49.02
CA GLN D 2146 -62.81 -32.14 50.20
C GLN D 2146 -61.41 -31.70 50.62
N ALA D 2147 -60.38 -32.01 49.83
CA ALA D 2147 -59.05 -31.50 50.10
C ALA D 2147 -58.80 -30.15 49.44
N GLU D 2148 -57.68 -29.52 49.81
CA GLU D 2148 -57.32 -28.27 49.18
C GLU D 2148 -55.81 -28.15 49.12
N LEU D 2149 -55.38 -27.35 48.15
CA LEU D 2149 -53.98 -27.12 47.88
C LEU D 2149 -53.75 -25.65 47.58
N ARG D 2150 -52.88 -25.05 48.36
CA ARG D 2150 -52.79 -23.61 48.39
C ARG D 2150 -51.33 -23.23 48.32
N GLY D 2151 -51.07 -22.15 47.61
CA GLY D 2151 -49.80 -21.47 47.69
C GLY D 2151 -48.57 -22.35 47.62
N GLY D 2152 -47.84 -22.30 48.75
CA GLY D 2152 -46.54 -22.93 48.82
C GLY D 2152 -46.59 -24.39 48.44
N SER D 2153 -47.66 -25.07 48.82
CA SER D 2153 -47.64 -26.50 48.61
C SER D 2153 -47.71 -26.86 47.13
N TRP D 2154 -48.50 -26.14 46.33
CA TRP D 2154 -48.49 -26.43 44.90
C TRP D 2154 -47.23 -25.98 44.23
N VAL D 2155 -46.88 -24.73 44.45
CA VAL D 2155 -45.75 -24.12 43.78
C VAL D 2155 -44.49 -24.97 43.88
N VAL D 2156 -44.21 -25.52 45.06
CA VAL D 2156 -42.96 -26.26 45.18
C VAL D 2156 -43.05 -27.64 44.55
N ILE D 2157 -44.22 -28.06 44.05
CA ILE D 2157 -44.35 -29.33 43.33
C ILE D 2157 -44.98 -29.19 41.94
N ASP D 2158 -44.91 -28.02 41.34
CA ASP D 2158 -45.38 -27.92 39.97
C ASP D 2158 -44.58 -28.84 39.06
N SER D 2159 -45.29 -29.39 38.09
CA SER D 2159 -44.80 -30.30 37.07
C SER D 2159 -43.59 -29.83 36.28
N SER D 2160 -43.33 -28.55 36.24
CA SER D 2160 -42.15 -28.05 35.54
C SER D 2160 -40.81 -28.63 35.98
N ILE D 2161 -40.62 -29.04 37.23
CA ILE D 2161 -39.27 -29.42 37.63
C ILE D 2161 -38.79 -30.65 36.88
N ASN D 2162 -39.67 -31.62 36.69
CA ASN D 2162 -39.34 -32.84 35.96
C ASN D 2162 -40.61 -33.18 35.21
N PRO D 2163 -40.96 -32.38 34.21
CA PRO D 2163 -42.20 -32.61 33.44
C PRO D 2163 -42.21 -33.94 32.80
N ARG D 2164 -41.02 -34.37 32.43
CA ARG D 2164 -40.77 -35.66 31.86
C ARG D 2164 -41.42 -36.79 32.65
N HIS D 2165 -41.52 -36.66 33.98
CA HIS D 2165 -41.91 -37.79 34.81
C HIS D 2165 -43.15 -37.58 35.72
N MET D 2166 -43.62 -36.35 35.91
CA MET D 2166 -44.71 -36.02 36.84
C MET D 2166 -46.10 -35.81 36.24
N GLU D 2167 -47.16 -36.18 37.01
CA GLU D 2167 -48.54 -35.85 36.63
C GLU D 2167 -49.38 -35.55 37.86
N MET D 2168 -50.29 -34.57 37.75
CA MET D 2168 -51.11 -34.14 38.86
C MET D 2168 -52.58 -34.07 38.46
N TYR D 2169 -53.47 -34.57 39.32
CA TYR D 2169 -54.91 -34.57 39.09
C TYR D 2169 -55.59 -34.17 40.38
N ALA D 2170 -56.71 -33.50 40.24
CA ALA D 2170 -57.53 -33.07 41.36
C ALA D 2170 -58.97 -33.51 41.23
N ASP D 2171 -59.52 -33.97 42.35
CA ASP D 2171 -60.93 -34.30 42.38
C ASP D 2171 -61.79 -33.05 42.28
N ARG D 2172 -63.00 -33.22 41.75
CA ARG D 2172 -63.98 -32.13 41.70
C ARG D 2172 -64.15 -31.47 43.03
N GLU D 2173 -64.11 -32.25 44.10
CA GLU D 2173 -64.36 -31.74 45.43
C GLU D 2173 -63.08 -31.31 46.11
N SER D 2174 -62.15 -30.78 45.32
CA SER D 2174 -60.88 -30.30 45.83
C SER D 2174 -60.88 -28.78 45.64
N ARG D 2175 -59.85 -28.12 46.15
CA ARG D 2175 -59.87 -26.66 46.10
C ARG D 2175 -58.44 -26.17 46.01
N GLY D 2176 -58.21 -25.02 45.39
CA GLY D 2176 -56.83 -24.59 45.33
C GLY D 2176 -56.55 -23.19 44.89
N SER D 2177 -55.59 -22.49 45.51
CA SER D 2177 -55.44 -21.07 45.17
C SER D 2177 -54.06 -20.57 45.48
N VAL D 2178 -53.80 -19.38 44.94
CA VAL D 2178 -52.65 -18.60 45.37
C VAL D 2178 -52.83 -18.27 46.85
N LEU D 2179 -54.05 -17.96 47.23
CA LEU D 2179 -54.39 -17.56 48.58
C LEU D 2179 -55.76 -18.13 48.87
N GLU D 2180 -55.85 -18.69 50.04
CA GLU D 2180 -57.08 -19.24 50.50
C GLU D 2180 -58.14 -18.14 50.66
N PRO D 2181 -59.42 -18.53 50.62
CA PRO D 2181 -60.49 -17.52 50.70
C PRO D 2181 -60.47 -16.59 51.92
N GLU D 2182 -60.26 -17.06 53.16
CA GLU D 2182 -60.31 -16.12 54.29
C GLU D 2182 -59.29 -15.00 54.07
N GLY D 2183 -58.14 -15.32 53.49
CA GLY D 2183 -57.09 -14.33 53.35
C GLY D 2183 -57.42 -13.46 52.14
N THR D 2184 -58.11 -14.05 51.16
CA THR D 2184 -58.64 -13.26 50.06
C THR D 2184 -59.62 -12.21 50.55
N VAL D 2185 -60.58 -12.60 51.40
CA VAL D 2185 -61.55 -11.62 51.89
C VAL D 2185 -60.82 -10.53 52.65
N GLU D 2186 -59.92 -10.95 53.56
CA GLU D 2186 -59.15 -10.00 54.36
C GLU D 2186 -58.59 -8.85 53.53
N ILE D 2187 -58.06 -9.14 52.34
CA ILE D 2187 -57.53 -8.05 51.50
C ILE D 2187 -58.58 -7.39 50.57
N LYS D 2188 -59.46 -8.17 49.92
CA LYS D 2188 -60.30 -7.73 48.79
C LYS D 2188 -61.80 -7.84 49.02
N PHE D 2189 -62.30 -7.75 50.24
CA PHE D 2189 -63.77 -7.71 50.42
C PHE D 2189 -64.23 -6.94 51.67
N ARG D 2190 -63.90 -5.66 51.66
CA ARG D 2190 -64.12 -4.71 52.73
C ARG D 2190 -65.52 -4.06 52.66
N ARG D 2191 -65.68 -3.12 53.58
CA ARG D 2191 -66.93 -2.43 53.87
C ARG D 2191 -67.53 -1.89 52.58
N LYS D 2192 -66.73 -1.14 51.81
CA LYS D 2192 -67.14 -0.54 50.55
C LYS D 2192 -67.95 -1.54 49.74
N ASP D 2193 -67.39 -2.74 49.61
CA ASP D 2193 -68.05 -3.80 48.88
C ASP D 2193 -69.33 -4.20 49.59
N LEU D 2194 -69.34 -4.13 50.92
CA LEU D 2194 -70.60 -4.47 51.61
C LEU D 2194 -71.69 -3.49 51.23
N VAL D 2195 -71.34 -2.22 51.24
CA VAL D 2195 -72.28 -1.18 50.87
C VAL D 2195 -72.77 -1.38 49.44
N LYS D 2196 -71.83 -1.54 48.50
CA LYS D 2196 -72.17 -1.92 47.13
C LYS D 2196 -73.19 -3.04 47.06
N THR D 2197 -73.01 -4.06 47.91
CA THR D 2197 -73.84 -5.24 47.83
C THR D 2197 -75.24 -5.01 48.35
N MET D 2198 -75.37 -4.30 49.47
CA MET D 2198 -76.69 -3.90 49.91
C MET D 2198 -77.40 -3.07 48.86
N ARG D 2199 -76.72 -2.07 48.32
CA ARG D 2199 -77.38 -1.22 47.34
C ARG D 2199 -77.87 -2.03 46.13
N ARG D 2200 -77.20 -3.16 45.80
CA ARG D 2200 -77.70 -3.91 44.64
C ARG D 2200 -78.78 -4.91 45.01
N VAL D 2201 -78.67 -5.51 46.20
CA VAL D 2201 -79.41 -6.71 46.55
C VAL D 2201 -80.34 -6.51 47.73
N ASP D 2202 -79.91 -5.79 48.76
CA ASP D 2202 -80.78 -5.64 49.93
C ASP D 2202 -81.97 -4.74 49.64
N PRO D 2203 -83.21 -5.22 49.83
CA PRO D 2203 -84.37 -4.41 49.45
C PRO D 2203 -84.53 -3.20 50.35
N VAL D 2204 -84.29 -3.38 51.65
CA VAL D 2204 -84.42 -2.31 52.62
C VAL D 2204 -83.46 -1.18 52.28
N TYR D 2205 -82.22 -1.55 51.99
CA TYR D 2205 -81.23 -0.55 51.64
C TYR D 2205 -81.68 0.21 50.41
N ILE D 2206 -82.16 -0.52 49.40
CA ILE D 2206 -82.67 0.09 48.17
C ILE D 2206 -83.73 1.13 48.54
N HIS D 2207 -84.71 0.71 49.36
CA HIS D 2207 -85.78 1.57 49.81
C HIS D 2207 -85.29 2.87 50.45
N LEU D 2208 -84.41 2.75 51.44
CA LEU D 2208 -83.83 3.93 52.08
C LEU D 2208 -83.22 4.83 51.03
N ALA D 2209 -82.42 4.24 50.16
CA ALA D 2209 -81.76 5.00 49.13
C ALA D 2209 -82.77 5.65 48.20
N GLU D 2210 -83.89 4.96 47.95
CA GLU D 2210 -84.89 5.51 47.06
C GLU D 2210 -85.47 6.77 47.67
N ARG D 2211 -85.61 6.83 48.99
CA ARG D 2211 -86.25 8.01 49.54
C ARG D 2211 -85.26 9.15 49.70
N LEU D 2212 -84.08 8.84 50.26
CA LEU D 2212 -82.97 9.78 50.23
C LEU D 2212 -82.65 10.28 48.83
N GLY D 2213 -82.96 9.48 47.82
CA GLY D 2213 -82.83 9.88 46.42
C GLY D 2213 -84.00 10.66 45.90
N THR D 2214 -84.80 11.25 46.78
CA THR D 2214 -85.89 12.11 46.39
C THR D 2214 -85.52 13.58 46.53
N PRO D 2215 -85.87 14.48 45.61
CA PRO D 2215 -85.58 15.90 45.85
C PRO D 2215 -86.59 16.44 46.85
N GLU D 2216 -86.28 17.60 47.43
CA GLU D 2216 -87.17 18.29 48.38
C GLU D 2216 -87.62 17.38 49.52
N LEU D 2217 -86.64 17.00 50.33
CA LEU D 2217 -86.88 16.21 51.52
C LEU D 2217 -86.72 17.03 52.78
N SER D 2218 -87.54 16.69 53.76
CA SER D 2218 -87.46 17.31 55.08
C SER D 2218 -86.18 16.87 55.79
N THR D 2219 -85.55 17.80 56.51
CA THR D 2219 -84.33 17.47 57.24
C THR D 2219 -84.56 16.33 58.23
N ALA D 2220 -85.80 16.19 58.71
CA ALA D 2220 -86.18 15.03 59.50
C ALA D 2220 -85.94 13.76 58.70
N GLU D 2221 -86.66 13.60 57.58
CA GLU D 2221 -86.52 12.40 56.75
C GLU D 2221 -85.07 12.17 56.36
N ARG D 2222 -84.34 13.23 56.03
CA ARG D 2222 -82.94 13.06 55.65
C ARG D 2222 -82.13 12.43 56.79
N LYS D 2223 -82.07 13.13 57.94
CA LYS D 2223 -81.32 12.62 59.09
C LYS D 2223 -81.76 11.21 59.48
N GLU D 2224 -83.08 11.00 59.47
CA GLU D 2224 -83.66 9.71 59.78
C GLU D 2224 -83.15 8.63 58.84
N LEU D 2225 -83.15 8.93 57.55
CA LEU D 2225 -82.70 7.95 56.56
C LEU D 2225 -81.23 7.59 56.77
N GLU D 2226 -80.37 8.61 56.95
CA GLU D 2226 -78.96 8.30 57.16
C GLU D 2226 -78.79 7.36 58.37
N ASN D 2227 -79.55 7.62 59.45
CA ASN D 2227 -79.45 6.77 60.64
C ASN D 2227 -79.92 5.36 60.33
N LYS D 2228 -81.08 5.26 59.68
CA LYS D 2228 -81.69 4.01 59.26
C LYS D 2228 -80.72 3.20 58.42
N LEU D 2229 -79.89 3.90 57.65
CA LEU D 2229 -78.89 3.27 56.81
C LEU D 2229 -77.77 2.66 57.64
N LYS D 2230 -77.19 3.44 58.57
CA LYS D 2230 -76.15 2.88 59.43
C LYS D 2230 -76.65 1.67 60.21
N GLU D 2231 -77.89 1.74 60.68
CA GLU D 2231 -78.47 0.63 61.44
C GLU D 2231 -78.68 -0.59 60.56
N ARG D 2232 -79.19 -0.38 59.35
CA ARG D 2232 -79.39 -1.49 58.43
C ARG D 2232 -78.08 -2.18 58.10
N GLU D 2233 -77.09 -1.39 57.73
CA GLU D 2233 -75.78 -1.94 57.41
C GLU D 2233 -75.20 -2.80 58.54
N GLU D 2234 -75.10 -2.22 59.76
CA GLU D 2234 -74.45 -2.97 60.84
C GLU D 2234 -75.22 -4.21 61.21
N PHE D 2235 -76.53 -4.11 61.30
CA PHE D 2235 -77.34 -5.30 61.52
C PHE D 2235 -77.11 -6.36 60.45
N LEU D 2236 -76.88 -5.93 59.21
CA LEU D 2236 -76.67 -6.80 58.06
C LEU D 2236 -75.27 -7.41 57.95
N ILE D 2237 -74.30 -6.96 58.74
CA ILE D 2237 -72.89 -7.33 58.51
C ILE D 2237 -72.59 -8.84 58.49
N PRO D 2238 -73.08 -9.69 59.46
CA PRO D 2238 -72.67 -11.12 59.41
C PRO D 2238 -72.76 -11.96 58.13
N ILE D 2239 -73.93 -12.06 57.50
CA ILE D 2239 -74.13 -12.87 56.29
C ILE D 2239 -73.22 -12.50 55.13
N TYR D 2240 -73.01 -11.22 54.94
CA TYR D 2240 -72.43 -10.79 53.71
C TYR D 2240 -70.94 -11.12 53.63
N HIS D 2241 -70.26 -11.22 54.78
CA HIS D 2241 -68.88 -11.71 54.80
C HIS D 2241 -68.77 -13.16 54.30
N GLN D 2242 -69.65 -14.05 54.76
CA GLN D 2242 -69.60 -15.42 54.26
C GLN D 2242 -69.88 -15.47 52.77
N VAL D 2243 -70.81 -14.63 52.28
CA VAL D 2243 -71.08 -14.69 50.85
C VAL D 2243 -69.82 -14.30 50.11
N ALA D 2244 -69.12 -13.30 50.63
CA ALA D 2244 -67.92 -12.81 49.98
C ALA D 2244 -66.84 -13.89 49.90
N VAL D 2245 -66.57 -14.58 51.01
CA VAL D 2245 -65.52 -15.62 50.99
C VAL D 2245 -65.92 -16.74 50.05
N GLN D 2246 -67.20 -17.09 50.03
CA GLN D 2246 -67.68 -18.12 49.11
C GLN D 2246 -67.33 -17.73 47.69
N PHE D 2247 -67.70 -16.50 47.34
CA PHE D 2247 -67.42 -15.94 46.04
C PHE D 2247 -65.94 -16.06 45.69
N ALA D 2248 -65.04 -15.68 46.61
CA ALA D 2248 -63.60 -15.78 46.31
C ALA D 2248 -63.20 -17.23 46.04
N ASP D 2249 -63.64 -18.15 46.89
CA ASP D 2249 -63.30 -19.56 46.74
C ASP D 2249 -63.72 -20.09 45.39
N LEU D 2250 -64.82 -19.58 44.84
CA LEU D 2250 -65.29 -20.06 43.54
C LEU D 2250 -64.31 -19.80 42.41
N HIS D 2251 -63.31 -18.94 42.62
CA HIS D 2251 -62.28 -18.75 41.63
C HIS D 2251 -61.24 -19.85 41.70
N ASP D 2252 -61.23 -20.58 42.80
CA ASP D 2252 -60.13 -21.44 43.19
C ASP D 2252 -60.44 -22.91 42.90
N THR D 2253 -61.42 -23.14 42.08
CA THR D 2253 -62.02 -24.44 41.86
C THR D 2253 -61.27 -25.27 40.81
N PRO D 2254 -61.53 -26.58 40.78
CA PRO D 2254 -60.88 -27.41 39.77
C PRO D 2254 -61.24 -27.06 38.35
N GLY D 2255 -62.48 -26.66 38.08
CA GLY D 2255 -62.85 -26.28 36.72
C GLY D 2255 -61.90 -25.26 36.16
N ARG D 2256 -61.68 -24.19 36.92
CA ARG D 2256 -60.76 -23.16 36.47
C ARG D 2256 -59.35 -23.71 36.36
N MET D 2257 -58.90 -24.43 37.40
CA MET D 2257 -57.55 -25.03 37.40
C MET D 2257 -57.27 -25.81 36.11
N GLN D 2258 -58.22 -26.68 35.75
CA GLN D 2258 -58.04 -27.55 34.60
C GLN D 2258 -58.01 -26.72 33.35
N GLU D 2259 -58.98 -25.82 33.23
CA GLU D 2259 -59.06 -24.96 32.08
C GLU D 2259 -57.75 -24.21 31.88
N LYS D 2260 -57.13 -23.73 32.97
CA LYS D 2260 -55.89 -22.99 32.87
C LYS D 2260 -54.67 -23.87 32.72
N GLY D 2261 -54.82 -25.19 32.77
CA GLY D 2261 -53.72 -26.04 32.37
C GLY D 2261 -52.60 -26.43 33.30
N VAL D 2262 -52.73 -26.30 34.63
CA VAL D 2262 -51.60 -26.73 35.44
C VAL D 2262 -51.83 -28.18 35.84
N ILE D 2263 -53.04 -28.70 35.61
CA ILE D 2263 -53.38 -30.10 35.79
C ILE D 2263 -54.11 -30.57 34.54
N SER D 2264 -54.06 -31.87 34.29
CA SER D 2264 -54.62 -32.40 33.06
C SER D 2264 -56.10 -32.77 33.14
N ASP D 2265 -56.62 -33.20 34.29
CA ASP D 2265 -58.04 -33.54 34.33
C ASP D 2265 -58.60 -33.61 35.75
N ILE D 2266 -59.93 -33.48 35.83
CA ILE D 2266 -60.70 -33.74 37.05
C ILE D 2266 -61.28 -35.14 37.01
N LEU D 2267 -61.00 -35.90 38.05
CA LEU D 2267 -61.45 -37.26 38.27
C LEU D 2267 -62.55 -37.37 39.32
N ASP D 2268 -63.09 -38.57 39.35
CA ASP D 2268 -64.08 -39.01 40.32
C ASP D 2268 -63.51 -40.19 41.08
N TRP D 2269 -63.50 -40.03 42.40
CA TRP D 2269 -62.81 -40.88 43.33
C TRP D 2269 -63.11 -42.35 43.09
N LYS D 2270 -64.38 -42.67 42.96
CA LYS D 2270 -64.85 -44.03 42.75
C LYS D 2270 -64.14 -44.79 41.63
N THR D 2271 -63.80 -44.13 40.51
CA THR D 2271 -63.15 -44.84 39.41
C THR D 2271 -61.66 -44.56 39.34
N SER D 2272 -61.16 -43.96 40.41
CA SER D 2272 -59.77 -43.55 40.47
C SER D 2272 -58.79 -44.71 40.52
N ARG D 2273 -59.15 -45.78 41.21
CA ARG D 2273 -58.26 -46.93 41.28
C ARG D 2273 -57.95 -47.51 39.92
N THR D 2274 -58.99 -47.92 39.19
CA THR D 2274 -58.79 -48.51 37.86
C THR D 2274 -58.05 -47.56 36.96
N PHE D 2275 -58.52 -46.32 36.91
CA PHE D 2275 -57.92 -45.32 36.04
C PHE D 2275 -56.42 -45.19 36.26
N PHE D 2276 -56.05 -44.96 37.52
CA PHE D 2276 -54.67 -44.67 37.80
C PHE D 2276 -53.81 -45.92 37.60
N TYR D 2277 -54.40 -47.09 37.85
CA TYR D 2277 -53.68 -48.34 37.64
C TYR D 2277 -53.21 -48.45 36.21
N TRP D 2278 -54.17 -48.41 35.26
CA TRP D 2278 -53.82 -48.63 33.87
C TRP D 2278 -52.86 -47.58 33.36
N ARG D 2279 -53.11 -46.32 33.73
CA ARG D 2279 -52.25 -45.24 33.28
C ARG D 2279 -50.83 -45.44 33.78
N LEU D 2280 -50.66 -45.68 35.09
CA LEU D 2280 -49.32 -45.82 35.63
C LEU D 2280 -48.54 -46.95 35.02
N ARG D 2281 -49.18 -48.09 34.80
CA ARG D 2281 -48.40 -49.21 34.26
C ARG D 2281 -47.85 -48.83 32.88
N ARG D 2282 -48.66 -48.10 32.12
CA ARG D 2282 -48.17 -47.71 30.80
C ARG D 2282 -47.21 -46.52 30.89
N LEU D 2283 -47.41 -45.61 31.83
CA LEU D 2283 -46.44 -44.54 32.08
C LEU D 2283 -45.05 -45.15 32.27
N LEU D 2284 -45.02 -46.25 33.03
CA LEU D 2284 -43.80 -46.99 33.36
C LEU D 2284 -43.20 -47.64 32.14
N LEU D 2285 -44.06 -48.17 31.29
CA LEU D 2285 -43.57 -48.85 30.10
C LEU D 2285 -42.93 -47.82 29.20
N GLU D 2286 -43.59 -46.68 29.07
CA GLU D 2286 -43.07 -45.59 28.28
C GLU D 2286 -41.68 -45.24 28.77
N ASP D 2287 -41.49 -45.12 30.09
CA ASP D 2287 -40.16 -44.80 30.58
C ASP D 2287 -39.13 -45.85 30.15
N LEU D 2288 -39.49 -47.13 30.24
CA LEU D 2288 -38.55 -48.19 29.89
C LEU D 2288 -38.12 -48.13 28.42
N VAL D 2289 -39.09 -47.91 27.53
CA VAL D 2289 -38.76 -47.86 26.10
C VAL D 2289 -37.95 -46.63 25.79
N LYS D 2290 -38.33 -45.48 26.35
CA LYS D 2290 -37.54 -44.28 26.14
C LYS D 2290 -36.11 -44.50 26.59
N LYS D 2291 -35.91 -45.25 27.68
CA LYS D 2291 -34.54 -45.55 28.07
C LYS D 2291 -33.81 -46.29 26.98
N LYS D 2292 -34.52 -47.19 26.30
CA LYS D 2292 -33.88 -47.91 25.22
C LYS D 2292 -33.51 -46.98 24.08
N ILE D 2293 -34.40 -46.04 23.80
CA ILE D 2293 -34.21 -45.09 22.72
C ILE D 2293 -33.02 -44.19 23.01
N HIS D 2294 -32.96 -43.66 24.23
CA HIS D 2294 -31.86 -42.78 24.58
C HIS D 2294 -30.55 -43.50 24.48
N ASN D 2295 -30.56 -44.77 24.82
CA ASN D 2295 -29.34 -45.53 24.69
C ASN D 2295 -28.97 -45.63 23.23
N ALA D 2296 -29.99 -45.82 22.38
CA ALA D 2296 -29.79 -45.90 20.94
C ALA D 2296 -29.21 -44.64 20.32
N ASN D 2297 -29.52 -43.45 20.86
CA ASN D 2297 -29.05 -42.18 20.29
C ASN D 2297 -29.03 -41.10 21.36
N PRO D 2298 -27.91 -40.88 22.03
CA PRO D 2298 -27.85 -39.87 23.10
C PRO D 2298 -28.26 -38.47 22.74
N GLU D 2299 -28.21 -38.05 21.50
CA GLU D 2299 -28.53 -36.65 21.23
C GLU D 2299 -29.99 -36.24 21.42
N LEU D 2300 -30.92 -37.16 21.34
CA LEU D 2300 -32.31 -36.75 21.47
C LEU D 2300 -32.70 -36.33 22.87
N THR D 2301 -33.32 -35.18 22.99
CA THR D 2301 -33.88 -34.77 24.25
C THR D 2301 -35.06 -35.68 24.58
N ASP D 2302 -35.26 -35.92 25.87
CA ASP D 2302 -36.46 -36.56 26.41
C ASP D 2302 -37.74 -36.06 25.73
N GLY D 2303 -37.83 -34.77 25.50
CA GLY D 2303 -39.03 -34.20 24.90
C GLY D 2303 -39.19 -34.72 23.49
N GLN D 2304 -38.09 -34.72 22.74
CA GLN D 2304 -38.17 -35.13 21.36
C GLN D 2304 -38.49 -36.60 21.34
N ILE D 2305 -38.03 -37.29 22.37
CA ILE D 2305 -38.29 -38.69 22.52
C ILE D 2305 -39.79 -38.90 22.71
N GLN D 2306 -40.41 -38.13 23.62
CA GLN D 2306 -41.86 -38.18 23.85
C GLN D 2306 -42.61 -38.12 22.55
N ALA D 2307 -42.33 -37.07 21.78
CA ALA D 2307 -43.03 -36.88 20.52
C ALA D 2307 -42.79 -38.09 19.63
N MET D 2308 -41.53 -38.51 19.56
CA MET D 2308 -41.12 -39.64 18.74
C MET D 2308 -41.88 -40.91 19.06
N LEU D 2309 -42.05 -41.19 20.33
CA LEU D 2309 -42.76 -42.40 20.70
C LEU D 2309 -44.19 -42.28 20.22
N ARG D 2310 -44.83 -41.13 20.46
CA ARG D 2310 -46.20 -40.96 19.96
C ARG D 2310 -46.24 -41.13 18.45
N ARG D 2311 -45.24 -40.59 17.78
CA ARG D 2311 -45.19 -40.69 16.34
C ARG D 2311 -45.03 -42.14 15.92
N TRP D 2312 -44.22 -42.89 16.64
CA TRP D 2312 -44.09 -44.29 16.29
C TRP D 2312 -45.38 -45.03 16.51
N PHE D 2313 -46.15 -44.62 17.52
CA PHE D 2313 -47.46 -45.23 17.75
C PHE D 2313 -48.40 -44.93 16.62
N VAL D 2314 -48.53 -43.65 16.30
CA VAL D 2314 -49.41 -43.24 15.24
C VAL D 2314 -48.99 -43.92 13.94
N GLU D 2315 -47.69 -44.01 13.70
CA GLU D 2315 -47.18 -44.74 12.55
C GLU D 2315 -47.62 -46.20 12.53
N VAL D 2316 -47.37 -46.91 13.62
CA VAL D 2316 -47.66 -48.34 13.65
C VAL D 2316 -49.16 -48.61 13.63
N GLU D 2317 -49.89 -47.93 14.50
CA GLU D 2317 -51.29 -48.26 14.73
C GLU D 2317 -52.25 -47.44 13.90
N GLY D 2318 -51.76 -46.42 13.20
CA GLY D 2318 -52.61 -45.67 12.31
C GLY D 2318 -53.10 -44.34 12.82
N THR D 2319 -53.05 -43.39 11.88
CA THR D 2319 -53.57 -42.05 12.06
C THR D 2319 -54.98 -42.05 12.60
N VAL D 2320 -55.75 -43.05 12.23
CA VAL D 2320 -57.11 -43.17 12.72
C VAL D 2320 -57.15 -43.35 14.21
N LYS D 2321 -56.07 -43.92 14.77
CA LYS D 2321 -56.07 -44.31 16.17
C LYS D 2321 -55.32 -43.41 17.13
N ALA D 2322 -54.88 -42.23 16.69
CA ALA D 2322 -54.18 -41.28 17.57
C ALA D 2322 -54.84 -41.16 18.95
N TYR D 2323 -56.15 -40.93 18.95
CA TYR D 2323 -56.94 -40.68 20.16
C TYR D 2323 -56.74 -41.77 21.21
N VAL D 2324 -56.44 -42.98 20.75
CA VAL D 2324 -56.27 -44.16 21.58
C VAL D 2324 -55.20 -43.88 22.62
N TRP D 2325 -54.19 -43.08 22.27
CA TRP D 2325 -53.13 -42.75 23.20
C TRP D 2325 -53.70 -42.27 24.53
N ASP D 2326 -54.83 -41.61 24.50
CA ASP D 2326 -55.46 -41.09 25.70
C ASP D 2326 -56.34 -42.15 26.35
N ASN D 2327 -56.36 -43.35 25.80
CA ASN D 2327 -57.04 -44.50 26.37
C ASN D 2327 -55.95 -45.29 27.07
N ASN D 2328 -56.03 -45.34 28.39
CA ASN D 2328 -55.01 -45.99 29.20
C ASN D 2328 -54.79 -47.43 28.78
N LYS D 2329 -55.88 -48.18 28.68
CA LYS D 2329 -55.81 -49.62 28.43
C LYS D 2329 -55.09 -49.98 27.14
N ASP D 2330 -55.50 -49.35 26.05
CA ASP D 2330 -55.08 -49.81 24.73
C ASP D 2330 -53.61 -49.61 24.45
N LEU D 2331 -53.03 -48.47 24.84
CA LEU D 2331 -51.61 -48.31 24.57
C LEU D 2331 -50.75 -49.28 25.38
N ALA D 2332 -51.16 -49.55 26.62
CA ALA D 2332 -50.45 -50.51 27.44
C ALA D 2332 -50.33 -51.86 26.73
N GLU D 2333 -51.45 -52.38 26.25
CA GLU D 2333 -51.40 -53.62 25.50
C GLU D 2333 -50.46 -53.48 24.33
N TRP D 2334 -50.46 -52.31 23.70
CA TRP D 2334 -49.63 -52.11 22.53
C TRP D 2334 -48.16 -52.12 22.92
N LEU D 2335 -47.82 -51.38 23.99
CA LEU D 2335 -46.45 -51.38 24.47
C LEU D 2335 -45.97 -52.76 24.86
N GLU D 2336 -46.81 -53.53 25.55
CA GLU D 2336 -46.39 -54.86 25.95
C GLU D 2336 -46.12 -55.73 24.74
N LYS D 2337 -47.04 -55.73 23.77
CA LYS D 2337 -46.85 -56.48 22.54
C LYS D 2337 -45.69 -56.02 21.66
N GLN D 2338 -44.53 -55.71 22.23
CA GLN D 2338 -43.38 -55.35 21.41
C GLN D 2338 -42.16 -56.03 21.98
N LEU D 2339 -42.06 -55.97 23.30
CA LEU D 2339 -41.00 -56.56 24.08
C LEU D 2339 -41.15 -58.06 24.23
N THR D 2340 -42.23 -58.64 23.69
CA THR D 2340 -42.43 -60.07 23.85
C THR D 2340 -41.45 -60.86 23.00
N GLU D 2341 -41.23 -60.44 21.77
CA GLU D 2341 -40.36 -61.18 20.85
C GLU D 2341 -38.92 -60.73 21.07
N GLU D 2342 -38.14 -61.54 21.75
CA GLU D 2342 -36.70 -61.32 21.88
C GLU D 2342 -36.08 -62.53 21.20
N ASP D 2343 -35.00 -62.30 20.44
CA ASP D 2343 -34.26 -63.37 19.78
C ASP D 2343 -35.23 -64.23 18.98
N GLY D 2344 -36.11 -63.56 18.27
CA GLY D 2344 -37.08 -64.20 17.38
C GLY D 2344 -37.49 -63.20 16.34
N VAL D 2345 -38.72 -63.34 15.86
CA VAL D 2345 -39.33 -62.38 14.96
C VAL D 2345 -39.10 -61.00 15.53
N HIS D 2346 -38.46 -60.12 14.77
CA HIS D 2346 -38.13 -58.79 15.23
C HIS D 2346 -39.17 -57.77 14.78
N SER D 2347 -39.33 -56.74 15.61
CA SER D 2347 -40.21 -55.65 15.23
C SER D 2347 -39.49 -54.61 14.38
N VAL D 2348 -40.28 -54.05 13.47
CA VAL D 2348 -39.82 -53.03 12.54
C VAL D 2348 -39.14 -51.92 13.30
N ILE D 2349 -39.79 -51.44 14.36
CA ILE D 2349 -39.21 -50.36 15.13
C ILE D 2349 -37.87 -50.75 15.72
N GLU D 2350 -37.70 -52.00 16.14
CA GLU D 2350 -36.38 -52.42 16.60
C GLU D 2350 -35.38 -52.20 15.50
N GLU D 2351 -35.76 -52.57 14.27
CA GLU D 2351 -34.87 -52.38 13.14
C GLU D 2351 -34.57 -50.91 12.97
N ASN D 2352 -35.59 -50.08 13.13
CA ASN D 2352 -35.39 -48.66 13.00
C ASN D 2352 -34.43 -48.16 14.04
N ILE D 2353 -34.56 -48.64 15.28
CA ILE D 2353 -33.68 -48.16 16.34
C ILE D 2353 -32.23 -48.48 16.05
N LYS D 2354 -31.97 -49.69 15.59
CA LYS D 2354 -30.60 -49.97 15.20
C LYS D 2354 -30.18 -49.06 14.06
N CYS D 2355 -31.08 -48.80 13.11
CA CYS D 2355 -30.73 -47.92 12.00
C CYS D 2355 -30.37 -46.51 12.46
N ILE D 2356 -31.14 -45.92 13.37
CA ILE D 2356 -30.75 -44.59 13.83
C ILE D 2356 -29.42 -44.69 14.52
N SER D 2357 -29.24 -45.75 15.29
CA SER D 2357 -27.99 -45.94 16.01
C SER D 2357 -26.85 -46.04 15.01
N ARG D 2358 -27.09 -46.76 13.93
CA ARG D 2358 -26.13 -46.97 12.86
C ARG D 2358 -25.76 -45.65 12.23
N ASP D 2359 -26.77 -44.83 11.99
CA ASP D 2359 -26.56 -43.54 11.40
C ASP D 2359 -25.70 -42.70 12.32
N TYR D 2360 -26.01 -42.72 13.61
CA TYR D 2360 -25.26 -41.90 14.56
C TYR D 2360 -23.81 -42.32 14.65
N VAL D 2361 -23.55 -43.62 14.67
CA VAL D 2361 -22.17 -44.05 14.78
C VAL D 2361 -21.42 -43.60 13.55
N LEU D 2362 -22.08 -43.68 12.41
CA LEU D 2362 -21.43 -43.29 11.18
C LEU D 2362 -21.08 -41.81 11.22
N LYS D 2363 -22.00 -40.99 11.71
CA LYS D 2363 -21.73 -39.56 11.83
C LYS D 2363 -20.59 -39.29 12.78
N GLN D 2364 -20.50 -40.07 13.86
CA GLN D 2364 -19.42 -39.90 14.81
C GLN D 2364 -18.09 -40.08 14.11
N ILE D 2365 -17.99 -41.13 13.31
CA ILE D 2365 -16.77 -41.36 12.56
C ILE D 2365 -16.56 -40.23 11.55
N ARG D 2366 -17.63 -39.75 10.94
CA ARG D 2366 -17.53 -38.70 9.94
C ARG D 2366 -16.91 -37.46 10.54
N SER D 2367 -17.39 -37.09 11.71
CA SER D 2367 -16.87 -35.93 12.39
C SER D 2367 -15.40 -36.15 12.73
N LEU D 2368 -15.10 -37.36 13.18
CA LEU D 2368 -13.73 -37.71 13.57
C LEU D 2368 -12.77 -37.60 12.42
N VAL D 2369 -13.17 -38.09 11.26
CA VAL D 2369 -12.33 -37.99 10.08
C VAL D 2369 -12.24 -36.54 9.68
N GLN D 2370 -13.32 -35.79 9.89
CA GLN D 2370 -13.30 -34.39 9.51
C GLN D 2370 -12.21 -33.69 10.28
N ALA D 2371 -12.12 -33.95 11.58
CA ALA D 2371 -11.01 -33.36 12.30
C ALA D 2371 -9.67 -33.92 11.85
N ASN D 2372 -9.64 -35.18 11.40
CA ASN D 2372 -8.36 -35.85 11.09
C ASN D 2372 -8.38 -36.68 9.81
N PRO D 2373 -8.51 -36.05 8.63
CA PRO D 2373 -8.67 -36.85 7.41
C PRO D 2373 -7.43 -37.62 7.01
N GLU D 2374 -6.25 -37.15 7.44
CA GLU D 2374 -4.97 -37.75 7.13
C GLU D 2374 -4.82 -39.20 7.61
N VAL D 2375 -5.60 -39.56 8.61
CA VAL D 2375 -5.56 -40.85 9.27
C VAL D 2375 -6.16 -41.98 8.46
N ALA D 2376 -6.98 -41.65 7.45
CA ALA D 2376 -7.75 -42.62 6.68
C ALA D 2376 -6.97 -43.84 6.25
N MET D 2377 -5.88 -43.65 5.48
CA MET D 2377 -5.19 -44.79 4.87
C MET D 2377 -4.88 -45.89 5.88
N ASP D 2378 -4.31 -45.51 7.02
CA ASP D 2378 -3.90 -46.56 7.93
C ASP D 2378 -5.15 -47.16 8.55
N SER D 2379 -6.14 -46.32 8.77
CA SER D 2379 -7.44 -46.78 9.22
C SER D 2379 -8.08 -47.72 8.23
N ILE D 2380 -7.90 -47.42 6.95
CA ILE D 2380 -8.51 -48.20 5.88
C ILE D 2380 -7.98 -49.61 5.79
N ILE D 2381 -6.66 -49.79 5.79
CA ILE D 2381 -6.12 -51.15 5.69
C ILE D 2381 -6.85 -52.08 6.68
N HIS D 2382 -7.03 -51.62 7.90
CA HIS D 2382 -7.75 -52.37 8.93
C HIS D 2382 -9.22 -52.45 8.57
N MET D 2383 -9.74 -51.37 7.94
CA MET D 2383 -11.14 -51.25 7.57
C MET D 2383 -11.50 -52.27 6.53
N THR D 2384 -10.51 -52.71 5.77
CA THR D 2384 -10.73 -53.56 4.63
C THR D 2384 -10.72 -55.02 5.01
N GLN D 2385 -10.57 -55.31 6.28
CA GLN D 2385 -10.13 -56.61 6.75
C GLN D 2385 -11.27 -57.61 6.59
N HIS D 2386 -12.49 -57.09 6.66
CA HIS D 2386 -13.80 -57.68 6.36
C HIS D 2386 -14.04 -57.79 4.84
N ILE D 2387 -15.27 -57.49 4.36
CA ILE D 2387 -15.81 -57.39 2.98
C ILE D 2387 -14.84 -57.25 1.79
N SER D 2388 -13.62 -56.92 2.05
CA SER D 2388 -12.52 -56.64 1.17
C SER D 2388 -12.51 -56.98 -0.31
N PRO D 2389 -12.75 -58.19 -0.85
CA PRO D 2389 -12.64 -58.30 -2.32
C PRO D 2389 -13.60 -57.43 -3.12
N THR D 2390 -14.84 -57.37 -2.67
CA THR D 2390 -15.82 -56.48 -3.29
C THR D 2390 -15.44 -55.04 -3.11
N GLN D 2391 -14.99 -54.71 -1.90
CA GLN D 2391 -14.59 -53.36 -1.57
C GLN D 2391 -13.40 -52.90 -2.42
N ARG D 2392 -12.45 -53.79 -2.68
CA ARG D 2392 -11.35 -53.42 -3.56
C ARG D 2392 -11.88 -53.15 -4.92
N ALA D 2393 -12.78 -54.01 -5.38
CA ALA D 2393 -13.30 -53.77 -6.69
C ALA D 2393 -14.01 -52.44 -6.80
N GLU D 2394 -14.96 -52.13 -5.90
CA GLU D 2394 -15.62 -50.84 -6.04
C GLU D 2394 -14.68 -49.63 -5.98
N VAL D 2395 -13.69 -49.63 -5.09
CA VAL D 2395 -12.77 -48.49 -5.05
C VAL D 2395 -12.01 -48.37 -6.35
N ILE D 2396 -11.51 -49.49 -6.82
CA ILE D 2396 -10.82 -49.51 -8.10
C ILE D 2396 -11.77 -49.11 -9.22
N ARG D 2397 -13.03 -49.57 -9.14
CA ARG D 2397 -14.00 -49.21 -10.15
C ARG D 2397 -14.15 -47.71 -10.23
N ILE D 2398 -14.22 -47.06 -9.09
CA ILE D 2398 -14.40 -45.62 -9.05
C ILE D 2398 -13.02 -45.00 -9.13
N ARG E 686 -27.13 20.43 -80.45
CA ARG E 686 -26.50 21.72 -80.76
C ARG E 686 -26.55 22.69 -79.55
N PRO E 687 -26.05 23.95 -79.71
CA PRO E 687 -25.87 24.84 -78.56
C PRO E 687 -27.12 25.20 -77.76
N ASP E 688 -26.87 25.94 -76.69
CA ASP E 688 -27.89 26.52 -75.82
C ASP E 688 -27.82 28.02 -76.01
N THR E 689 -28.97 28.62 -76.29
CA THR E 689 -29.12 30.05 -76.57
C THR E 689 -28.28 30.96 -75.67
N MET E 690 -28.42 30.84 -74.35
CA MET E 690 -27.77 31.82 -73.47
C MET E 690 -26.26 31.63 -73.47
N LEU E 691 -25.78 30.38 -73.50
CA LEU E 691 -24.38 30.13 -73.85
C LEU E 691 -24.01 30.85 -75.14
N GLY E 692 -24.89 30.77 -76.14
CA GLY E 692 -24.73 31.45 -77.41
C GLY E 692 -24.43 32.92 -77.18
N VAL E 693 -25.31 33.60 -76.46
CA VAL E 693 -25.10 35.01 -76.13
C VAL E 693 -23.77 35.21 -75.42
N VAL E 694 -23.42 34.30 -74.51
CA VAL E 694 -22.17 34.40 -73.76
C VAL E 694 -20.96 34.35 -74.67
N CYS E 695 -20.75 33.19 -75.31
CA CYS E 695 -19.63 33.03 -76.21
C CYS E 695 -19.64 34.03 -77.34
N GLY E 696 -20.81 34.49 -77.80
CA GLY E 696 -20.84 35.60 -78.72
C GLY E 696 -20.19 36.84 -78.14
N ALA E 697 -20.87 37.37 -77.12
CA ALA E 697 -20.48 38.62 -76.47
C ALA E 697 -19.02 38.66 -76.10
N LEU E 698 -18.55 37.62 -75.40
CA LEU E 698 -17.13 37.59 -75.09
C LEU E 698 -16.19 37.15 -76.19
N HIS E 699 -16.64 36.51 -77.27
CA HIS E 699 -15.70 36.32 -78.37
C HIS E 699 -15.43 37.60 -79.13
N VAL E 700 -16.51 38.28 -79.53
CA VAL E 700 -16.36 39.57 -80.20
C VAL E 700 -15.63 40.52 -79.28
N ALA E 701 -16.04 40.56 -78.02
CA ALA E 701 -15.37 41.37 -77.02
C ALA E 701 -13.88 41.08 -76.97
N ASP E 702 -13.52 39.84 -76.60
CA ASP E 702 -12.10 39.48 -76.43
C ASP E 702 -11.28 39.89 -77.63
N VAL E 703 -11.81 39.61 -78.83
CA VAL E 703 -11.10 39.97 -80.04
C VAL E 703 -10.93 41.49 -80.11
N SER E 704 -12.04 42.21 -80.01
CA SER E 704 -12.03 43.68 -79.97
C SER E 704 -11.16 44.29 -78.87
N LEU E 705 -11.18 43.73 -77.66
CA LEU E 705 -10.40 44.27 -76.56
C LEU E 705 -8.91 44.20 -76.81
N ARG E 706 -8.44 43.01 -77.15
CA ARG E 706 -7.05 42.79 -77.56
C ARG E 706 -6.71 43.60 -78.83
N ASN E 707 -7.66 43.70 -79.75
CA ASN E 707 -7.41 44.47 -80.97
C ASN E 707 -7.20 45.91 -80.57
N SER E 708 -8.06 46.41 -79.68
CA SER E 708 -8.00 47.78 -79.21
C SER E 708 -6.62 48.04 -78.65
N VAL E 709 -6.07 47.03 -77.97
CA VAL E 709 -4.70 47.11 -77.48
C VAL E 709 -3.78 47.25 -78.69
N SER E 710 -4.00 46.42 -79.73
CA SER E 710 -3.14 46.42 -80.91
C SER E 710 -3.26 47.75 -81.68
N ASN E 711 -4.38 48.46 -81.52
CA ASN E 711 -4.67 49.75 -82.14
C ASN E 711 -3.90 50.81 -81.36
N PHE E 712 -3.87 50.62 -80.05
CA PHE E 712 -2.99 51.41 -79.22
C PHE E 712 -1.56 51.18 -79.68
N LEU E 713 -1.17 49.93 -79.94
CA LEU E 713 0.20 49.71 -80.35
C LEU E 713 0.51 50.34 -81.70
N HIS E 714 -0.48 50.43 -82.61
CA HIS E 714 -0.29 51.28 -83.79
C HIS E 714 0.13 52.65 -83.29
N SER E 715 -0.76 53.27 -82.51
CA SER E 715 -0.58 54.67 -82.14
C SER E 715 0.75 54.87 -81.40
N LEU E 716 1.17 53.87 -80.61
CA LEU E 716 2.37 54.03 -79.81
C LEU E 716 3.65 53.93 -80.63
N GLU E 717 3.73 53.02 -81.59
CA GLU E 717 4.88 53.06 -82.49
C GLU E 717 4.90 54.38 -83.28
N ARG E 718 3.73 54.80 -83.78
CA ARG E 718 3.64 56.05 -84.52
C ARG E 718 3.63 57.29 -83.60
N GLY E 719 3.90 57.13 -82.30
CA GLY E 719 3.99 58.27 -81.40
C GLY E 719 2.73 59.07 -81.24
N GLN E 720 1.57 58.43 -81.36
CA GLN E 720 0.31 59.13 -81.49
C GLN E 720 -0.37 59.14 -80.13
N VAL E 721 -0.82 60.31 -79.68
CA VAL E 721 -1.48 60.40 -78.38
C VAL E 721 -2.98 60.18 -78.62
N LEU E 722 -3.36 58.92 -78.63
CA LEU E 722 -4.73 58.52 -78.80
C LEU E 722 -5.52 58.81 -77.53
N PRO E 723 -6.82 59.09 -77.63
CA PRO E 723 -7.60 59.32 -76.41
C PRO E 723 -7.69 57.98 -75.71
N ALA E 724 -7.66 58.01 -74.36
CA ALA E 724 -7.68 56.79 -73.56
C ALA E 724 -8.77 55.86 -74.02
N HIS E 725 -9.93 56.42 -74.41
CA HIS E 725 -11.16 55.64 -74.41
C HIS E 725 -10.98 54.50 -75.41
N THR E 726 -10.14 54.73 -76.43
CA THR E 726 -10.03 53.85 -77.59
C THR E 726 -9.55 52.46 -77.18
N LEU E 727 -8.99 52.32 -75.97
CA LEU E 727 -8.51 51.00 -75.56
C LEU E 727 -9.68 50.03 -75.40
N LEU E 728 -10.94 50.54 -75.38
CA LEU E 728 -12.14 49.72 -75.49
C LEU E 728 -12.18 48.56 -74.54
N ASN E 729 -12.51 48.80 -73.28
CA ASN E 729 -13.09 47.74 -72.46
C ASN E 729 -14.50 47.40 -72.91
N THR E 730 -15.43 48.36 -72.79
CA THR E 730 -16.82 48.09 -73.11
C THR E 730 -16.99 47.77 -74.59
N VAL E 731 -17.66 46.66 -74.90
CA VAL E 731 -18.02 46.29 -76.27
C VAL E 731 -19.52 46.03 -76.29
N ASP E 732 -20.26 46.84 -77.04
CA ASP E 732 -21.72 46.89 -76.97
C ASP E 732 -22.32 46.08 -78.12
N VAL E 733 -22.82 44.88 -77.80
CA VAL E 733 -23.40 43.99 -78.78
C VAL E 733 -24.91 43.91 -78.56
N GLU E 734 -25.67 44.21 -79.61
CA GLU E 734 -27.12 44.24 -79.58
C GLU E 734 -27.56 43.27 -80.68
N LEU E 735 -28.13 42.13 -80.29
CA LEU E 735 -28.31 40.98 -81.20
C LEU E 735 -29.71 40.38 -81.10
N ILE E 736 -30.55 40.60 -82.12
CA ILE E 736 -31.96 40.26 -82.05
C ILE E 736 -32.18 38.86 -82.63
N TYR E 737 -32.50 37.92 -81.74
CA TYR E 737 -32.84 36.54 -82.09
C TYR E 737 -34.32 36.36 -81.81
N GLU E 738 -35.08 35.99 -82.83
CA GLU E 738 -36.50 35.67 -82.67
C GLU E 738 -37.30 36.88 -82.16
N GLY E 739 -36.88 38.09 -82.51
CA GLY E 739 -37.58 39.29 -82.11
C GLY E 739 -37.09 39.93 -80.82
N VAL E 740 -36.77 39.13 -79.79
CA VAL E 740 -36.25 39.68 -78.53
C VAL E 740 -34.84 40.19 -78.81
N LYS E 741 -34.59 41.47 -78.58
CA LYS E 741 -33.22 41.93 -78.74
C LYS E 741 -32.42 41.45 -77.53
N TYR E 742 -31.16 41.12 -77.77
CA TYR E 742 -30.22 40.90 -76.68
C TYR E 742 -29.49 42.23 -76.55
N VAL E 743 -29.60 42.92 -75.41
CA VAL E 743 -28.83 44.15 -75.20
C VAL E 743 -27.61 43.86 -74.32
N LEU E 744 -26.40 44.16 -74.81
CA LEU E 744 -25.20 43.81 -74.06
C LEU E 744 -24.08 44.83 -74.15
N LYS E 745 -23.21 44.73 -73.15
CA LYS E 745 -21.88 45.31 -73.02
C LYS E 745 -20.97 44.17 -72.59
N VAL E 746 -19.68 44.27 -72.91
CA VAL E 746 -18.70 43.30 -72.40
C VAL E 746 -17.47 44.09 -71.94
N THR E 747 -17.13 43.97 -70.66
CA THR E 747 -15.94 44.63 -70.09
C THR E 747 -14.91 43.66 -69.53
N ARG E 748 -13.66 43.71 -70.00
CA ARG E 748 -12.63 42.88 -69.37
C ARG E 748 -12.36 43.41 -67.97
N GLN E 749 -12.46 42.53 -66.97
CA GLN E 749 -12.61 42.88 -65.56
C GLN E 749 -11.35 42.59 -64.75
N SER E 750 -10.49 41.72 -65.22
CA SER E 750 -9.29 41.21 -64.56
C SER E 750 -8.59 40.41 -65.66
N PRO E 751 -7.22 40.36 -65.67
CA PRO E 751 -6.50 39.63 -66.73
C PRO E 751 -7.00 38.25 -67.12
N ASN E 752 -7.51 37.48 -66.15
CA ASN E 752 -8.18 36.23 -66.53
C ASN E 752 -9.58 36.49 -67.05
N SER E 753 -10.23 37.52 -66.53
CA SER E 753 -11.69 37.57 -66.41
C SER E 753 -12.34 38.61 -67.32
N TYR E 754 -13.43 38.18 -67.93
CA TYR E 754 -14.23 38.92 -68.88
C TYR E 754 -15.62 38.90 -68.28
N VAL E 755 -16.34 40.03 -68.33
CA VAL E 755 -17.70 40.11 -67.80
C VAL E 755 -18.67 40.49 -68.91
N VAL E 756 -19.65 39.62 -69.09
CA VAL E 756 -20.76 39.79 -70.03
C VAL E 756 -21.84 40.49 -69.21
N ILE E 757 -22.30 41.60 -69.76
CA ILE E 757 -23.20 42.56 -69.12
C ILE E 757 -24.46 42.71 -69.92
N MET E 758 -25.55 42.20 -69.36
CA MET E 758 -26.87 42.19 -69.99
C MET E 758 -27.51 43.34 -69.26
N ASN E 759 -27.69 44.45 -69.98
CA ASN E 759 -28.51 45.58 -69.53
C ASN E 759 -28.05 46.03 -68.15
N GLY E 760 -26.74 45.95 -67.92
CA GLY E 760 -26.16 46.20 -66.62
C GLY E 760 -26.16 45.02 -65.67
N SER E 761 -25.94 43.81 -66.19
CA SER E 761 -25.75 42.61 -65.40
C SER E 761 -24.27 42.24 -65.43
N CYS E 762 -23.90 41.29 -64.58
CA CYS E 762 -22.49 40.89 -64.45
C CYS E 762 -22.39 39.38 -64.37
N VAL E 763 -21.85 38.73 -65.41
CA VAL E 763 -21.50 37.31 -65.36
C VAL E 763 -20.03 37.23 -65.75
N GLU E 764 -19.23 36.57 -64.92
CA GLU E 764 -17.78 36.54 -65.04
C GLU E 764 -17.24 35.18 -65.46
N VAL E 765 -16.50 35.17 -66.57
CA VAL E 765 -15.86 33.98 -67.14
C VAL E 765 -14.40 34.36 -67.29
N ASP E 766 -13.54 33.36 -67.52
CA ASP E 766 -12.14 33.66 -67.86
C ASP E 766 -11.60 32.76 -68.95
N VAL E 767 -10.59 33.28 -69.66
CA VAL E 767 -10.09 32.68 -70.89
C VAL E 767 -8.57 32.62 -70.82
N HIS E 768 -7.97 32.24 -71.95
CA HIS E 768 -6.55 32.50 -72.19
C HIS E 768 -6.39 32.96 -73.63
N LEU E 775 -7.62 29.14 -77.78
CA LEU E 775 -8.84 29.59 -77.13
C LEU E 775 -9.30 28.56 -76.12
N LEU E 776 -9.29 28.95 -74.85
CA LEU E 776 -9.93 28.20 -73.78
C LEU E 776 -11.11 28.98 -73.25
N LEU E 777 -12.23 28.30 -73.04
CA LEU E 777 -13.37 28.90 -72.38
C LEU E 777 -13.73 28.14 -71.10
N SER E 778 -14.03 28.92 -70.07
CA SER E 778 -14.40 28.46 -68.74
C SER E 778 -15.83 28.96 -68.58
N TYR E 779 -16.77 28.11 -68.19
CA TYR E 779 -18.15 28.55 -68.12
C TYR E 779 -18.74 27.99 -66.81
N ASP E 780 -20.07 27.93 -66.65
CA ASP E 780 -20.70 27.21 -65.53
C ASP E 780 -20.15 25.81 -65.32
N GLY E 781 -20.38 24.92 -66.24
CA GLY E 781 -20.14 23.52 -65.97
C GLY E 781 -18.67 23.14 -65.89
N SER E 782 -17.93 23.53 -66.92
CA SER E 782 -16.64 22.93 -67.22
C SER E 782 -15.99 23.74 -68.33
N SER E 783 -14.99 23.16 -68.99
CA SER E 783 -14.21 23.83 -70.00
C SER E 783 -14.69 23.28 -71.34
N TYR E 784 -14.88 24.17 -72.30
CA TYR E 784 -15.53 23.93 -73.58
C TYR E 784 -14.72 24.53 -74.73
N THR E 785 -15.07 24.11 -75.94
CA THR E 785 -14.39 24.56 -77.15
C THR E 785 -15.44 25.14 -78.08
N THR E 786 -15.15 26.36 -78.51
CA THR E 786 -15.97 27.21 -79.35
C THR E 786 -15.14 27.75 -80.51
N TYR E 787 -15.82 27.93 -81.64
CA TYR E 787 -15.24 28.47 -82.86
C TYR E 787 -16.16 29.59 -83.31
N MET E 788 -15.55 30.61 -83.89
CA MET E 788 -16.21 31.87 -84.23
C MET E 788 -16.03 32.32 -85.66
N LYS E 789 -17.14 32.42 -86.37
CA LYS E 789 -17.16 33.00 -87.70
C LYS E 789 -17.94 34.29 -87.54
N GLU E 790 -17.30 35.40 -87.95
CA GLU E 790 -17.90 36.72 -87.91
C GLU E 790 -18.23 37.18 -89.32
N GLU E 791 -19.37 37.85 -89.47
CA GLU E 791 -19.75 38.48 -90.73
C GLU E 791 -20.04 39.95 -90.50
N VAL E 792 -20.04 40.71 -91.59
CA VAL E 792 -20.60 42.06 -91.69
C VAL E 792 -21.84 42.32 -90.82
N ASP E 793 -22.90 41.50 -90.98
CA ASP E 793 -24.16 41.75 -90.28
C ASP E 793 -24.82 40.50 -89.69
N ARG E 794 -24.11 39.39 -89.57
CA ARG E 794 -24.67 38.16 -89.01
C ARG E 794 -23.59 37.63 -88.07
N TYR E 795 -23.97 36.83 -87.07
CA TYR E 795 -22.98 36.38 -86.08
C TYR E 795 -23.05 34.86 -85.97
N ARG E 796 -21.99 34.18 -86.38
CA ARG E 796 -22.09 32.79 -86.82
C ARG E 796 -21.20 31.90 -85.96
N ILE E 797 -21.76 31.14 -85.01
CA ILE E 797 -20.95 30.50 -83.97
C ILE E 797 -21.05 29.02 -84.27
N THR E 798 -19.91 28.35 -84.26
CA THR E 798 -19.80 26.90 -84.44
C THR E 798 -19.15 26.29 -83.22
N ILE E 799 -19.83 25.36 -82.57
CA ILE E 799 -19.36 24.80 -81.31
C ILE E 799 -19.09 23.33 -81.59
N GLY E 800 -17.98 23.08 -82.25
CA GLY E 800 -17.56 21.75 -82.71
C GLY E 800 -18.07 21.49 -84.12
N ASN E 801 -18.89 20.46 -84.27
CA ASN E 801 -19.40 20.07 -85.58
C ASN E 801 -20.78 20.71 -85.83
N LYS E 802 -21.20 21.60 -84.91
CA LYS E 802 -22.53 22.17 -84.83
C LYS E 802 -22.42 23.64 -85.23
N THR E 803 -23.40 24.12 -85.99
CA THR E 803 -23.52 25.54 -86.34
C THR E 803 -24.83 26.16 -85.82
N CYS E 804 -24.73 27.42 -85.40
CA CYS E 804 -25.91 28.24 -85.09
C CYS E 804 -25.62 29.66 -85.54
N VAL E 805 -26.67 30.30 -86.05
CA VAL E 805 -26.59 31.57 -86.75
C VAL E 805 -27.55 32.58 -86.17
N PHE E 806 -27.07 33.82 -85.98
CA PHE E 806 -27.92 34.87 -85.41
C PHE E 806 -27.79 36.09 -86.30
N GLU E 807 -28.90 36.83 -86.43
CA GLU E 807 -28.94 38.06 -87.20
C GLU E 807 -28.77 39.23 -86.25
N LYS E 808 -28.05 40.25 -86.71
CA LYS E 808 -28.05 41.54 -86.03
C LYS E 808 -28.77 42.51 -86.95
N GLU E 809 -29.82 43.14 -86.43
CA GLU E 809 -30.67 44.00 -87.21
C GLU E 809 -31.22 45.14 -86.35
N HIS E 893 -33.35 41.32 -72.15
CA HIS E 893 -34.09 42.52 -71.79
C HIS E 893 -33.71 43.02 -70.40
N THR E 894 -34.18 42.30 -69.37
CA THR E 894 -33.84 42.59 -67.97
C THR E 894 -33.61 41.27 -67.27
N GLY E 895 -32.35 40.93 -67.03
CA GLY E 895 -32.05 39.64 -66.43
C GLY E 895 -30.59 39.55 -66.03
N SER E 896 -30.34 38.58 -65.15
CA SER E 896 -28.99 38.26 -64.68
C SER E 896 -28.86 36.76 -64.59
N LEU E 897 -27.63 36.27 -64.78
CA LEU E 897 -27.35 34.85 -64.78
C LEU E 897 -26.73 34.44 -63.46
N PRO E 898 -27.34 33.52 -62.69
CA PRO E 898 -26.58 32.90 -61.60
C PRO E 898 -25.65 31.84 -62.16
N ARG E 899 -24.37 32.19 -62.31
CA ARG E 899 -23.33 31.27 -62.78
C ARG E 899 -22.12 31.56 -61.91
N ILE E 900 -22.05 30.88 -60.78
CA ILE E 900 -21.23 31.31 -59.64
C ILE E 900 -20.38 30.15 -59.12
N LYS E 909 -10.57 27.41 -47.16
CA LYS E 909 -11.24 28.31 -48.08
C LYS E 909 -10.77 29.75 -47.96
N LEU E 910 -10.41 30.16 -46.75
CA LEU E 910 -10.00 31.55 -46.54
C LEU E 910 -8.67 31.86 -47.21
N HIS E 911 -7.77 30.90 -47.26
CA HIS E 911 -6.53 31.11 -47.98
C HIS E 911 -6.73 31.52 -49.44
N ARG E 912 -7.51 30.77 -50.21
CA ARG E 912 -7.81 31.20 -51.58
C ARG E 912 -8.77 32.38 -51.70
N VAL E 913 -9.84 32.44 -50.89
CA VAL E 913 -10.66 33.65 -50.90
C VAL E 913 -9.82 34.89 -50.69
N PHE E 914 -8.96 34.88 -49.68
CA PHE E 914 -7.97 35.93 -49.57
C PHE E 914 -7.12 36.24 -50.78
N HIS E 915 -6.21 35.34 -51.12
CA HIS E 915 -5.30 35.60 -52.23
C HIS E 915 -6.03 36.00 -53.50
N TYR E 916 -7.05 35.22 -53.85
CA TYR E 916 -7.84 35.44 -55.05
C TYR E 916 -8.50 36.82 -55.04
N VAL E 917 -9.33 37.08 -54.02
CA VAL E 917 -10.04 38.35 -53.92
C VAL E 917 -9.09 39.53 -53.85
N LEU E 918 -7.92 39.34 -53.26
CA LEU E 918 -7.07 40.49 -53.05
C LEU E 918 -6.47 40.83 -54.38
N ASP E 919 -6.00 39.81 -55.08
CA ASP E 919 -5.32 40.03 -56.34
C ASP E 919 -6.30 40.61 -57.36
N ASN E 920 -7.51 40.04 -57.40
CA ASN E 920 -8.54 40.59 -58.28
C ASN E 920 -8.78 42.06 -58.00
N LEU E 921 -8.84 42.44 -56.71
CA LEU E 921 -9.15 43.84 -56.46
C LEU E 921 -7.98 44.74 -56.82
N VAL E 922 -6.75 44.37 -56.49
CA VAL E 922 -5.60 45.16 -56.92
C VAL E 922 -5.43 45.25 -58.44
N ASN E 923 -5.87 44.26 -59.21
CA ASN E 923 -5.92 44.50 -60.66
C ASN E 923 -7.05 45.44 -61.05
N VAL E 924 -8.19 45.30 -60.38
CA VAL E 924 -9.29 46.24 -60.55
C VAL E 924 -8.82 47.66 -60.22
N MET E 925 -8.07 47.78 -59.12
CA MET E 925 -7.77 49.00 -58.37
C MET E 925 -6.41 49.54 -58.68
N ASN E 926 -5.68 48.89 -59.58
CA ASN E 926 -4.59 49.61 -60.21
C ASN E 926 -5.20 50.61 -61.20
N GLY E 927 -6.49 50.43 -61.53
CA GLY E 927 -7.22 51.29 -62.44
C GLY E 927 -7.57 50.69 -63.78
N TYR E 928 -8.03 49.45 -63.85
CA TYR E 928 -8.36 48.96 -65.17
C TYR E 928 -9.57 49.70 -65.76
N CYS E 929 -10.72 49.72 -65.04
CA CYS E 929 -11.99 50.45 -65.27
C CYS E 929 -13.01 49.68 -64.43
N LEU E 930 -14.32 49.67 -64.84
CA LEU E 930 -15.39 48.99 -64.11
C LEU E 930 -16.61 48.69 -64.97
N PRO E 931 -17.11 47.45 -64.99
CA PRO E 931 -18.27 47.16 -65.83
C PRO E 931 -19.58 47.81 -65.43
N ASP E 932 -19.91 47.84 -64.11
CA ASP E 932 -21.21 48.37 -63.72
C ASP E 932 -21.27 49.16 -62.41
N PRO E 933 -22.47 49.65 -62.02
CA PRO E 933 -22.59 50.39 -60.75
C PRO E 933 -22.24 49.62 -59.48
N PHE E 934 -22.62 48.34 -59.38
CA PHE E 934 -22.39 47.45 -58.24
C PHE E 934 -21.08 47.56 -57.47
N PHE E 935 -20.03 48.12 -58.08
CA PHE E 935 -18.71 48.25 -57.46
C PHE E 935 -18.75 48.84 -56.05
N SER E 936 -19.42 49.99 -55.85
CA SER E 936 -19.40 50.69 -54.57
C SER E 936 -19.92 49.88 -53.40
N SER E 937 -20.68 48.84 -53.68
CA SER E 937 -21.20 47.80 -52.81
C SER E 937 -20.18 46.67 -52.73
N LYS E 938 -19.74 46.26 -53.91
CA LYS E 938 -19.04 45.00 -54.11
C LYS E 938 -17.74 45.09 -53.35
N VAL E 939 -17.05 46.20 -53.51
CA VAL E 939 -15.78 46.37 -52.84
C VAL E 939 -15.99 46.46 -51.35
N LYS E 940 -17.17 46.90 -50.91
CA LYS E 940 -17.33 47.07 -49.48
C LYS E 940 -17.35 45.71 -48.82
N ASP E 941 -18.14 44.80 -49.40
CA ASP E 941 -18.15 43.42 -48.93
C ASP E 941 -16.76 42.79 -49.03
N TRP E 942 -16.16 42.94 -50.21
CA TRP E 942 -14.82 42.41 -50.52
C TRP E 942 -13.81 42.84 -49.47
N VAL E 943 -13.83 44.13 -49.13
CA VAL E 943 -12.88 44.71 -48.20
C VAL E 943 -13.09 44.13 -46.81
N GLU E 944 -14.35 43.94 -46.41
CA GLU E 944 -14.50 43.32 -45.10
C GLU E 944 -13.99 41.88 -45.13
N ARG E 945 -14.27 41.09 -46.20
CA ARG E 945 -13.69 39.74 -46.19
C ARG E 945 -12.19 39.76 -46.07
N LEU E 946 -11.53 40.69 -46.76
CA LEU E 946 -10.10 40.78 -46.64
C LEU E 946 -9.67 41.12 -45.23
N MET E 947 -10.03 42.34 -44.78
CA MET E 947 -9.56 42.85 -43.49
C MET E 947 -9.86 41.84 -42.39
N LYS E 948 -11.08 41.32 -42.43
CA LYS E 948 -11.57 40.39 -41.43
C LYS E 948 -10.78 39.10 -41.46
N THR E 949 -10.59 38.54 -42.65
CA THR E 949 -9.78 37.33 -42.73
C THR E 949 -8.31 37.60 -42.51
N LEU E 950 -7.93 38.88 -42.45
CA LEU E 950 -6.56 39.26 -42.26
C LEU E 950 -6.32 39.52 -40.79
N ARG E 951 -7.39 39.83 -40.03
CA ARG E 951 -7.20 39.96 -38.59
C ARG E 951 -7.18 38.56 -38.04
N ASP E 952 -8.05 37.70 -38.61
CA ASP E 952 -8.21 36.32 -38.19
C ASP E 952 -6.82 35.70 -38.14
N PRO E 953 -6.26 35.45 -36.94
CA PRO E 953 -4.89 34.93 -36.88
C PRO E 953 -4.73 33.47 -37.28
N SER E 954 -5.74 32.90 -37.93
CA SER E 954 -5.62 31.61 -38.58
C SER E 954 -5.10 31.73 -40.01
N LEU E 955 -4.75 32.95 -40.45
CA LEU E 955 -4.22 33.11 -41.80
C LEU E 955 -2.86 32.43 -41.89
N PRO E 956 -1.84 32.80 -41.07
CA PRO E 956 -0.51 32.21 -41.26
C PRO E 956 -0.56 30.71 -41.26
N LEU E 957 -1.39 30.16 -40.39
CA LEU E 957 -1.69 28.74 -40.42
C LEU E 957 -2.26 28.28 -41.74
N LEU E 958 -3.24 29.00 -42.29
CA LEU E 958 -3.83 28.42 -43.48
C LEU E 958 -2.93 28.48 -44.70
N GLU E 959 -2.12 29.52 -44.76
CA GLU E 959 -1.12 29.66 -45.81
C GLU E 959 0.17 28.88 -45.58
N LEU E 960 0.63 28.76 -44.34
CA LEU E 960 1.72 27.84 -44.08
C LEU E 960 1.36 26.38 -44.05
N GLN E 961 0.10 26.03 -43.80
CA GLN E 961 -0.29 24.66 -44.06
C GLN E 961 -0.14 24.44 -45.54
N ASP E 962 -0.69 25.34 -46.32
CA ASP E 962 -1.14 24.93 -47.63
C ASP E 962 0.08 24.92 -48.54
N ILE E 963 0.91 25.96 -48.36
CA ILE E 963 2.19 26.04 -49.02
C ILE E 963 3.15 24.95 -48.55
N MET E 964 3.31 24.78 -47.21
CA MET E 964 4.30 23.76 -46.86
C MET E 964 3.82 22.35 -47.14
N THR E 965 2.57 22.19 -47.54
CA THR E 965 2.09 20.89 -47.93
C THR E 965 2.36 20.72 -49.41
N SER E 966 2.29 21.82 -50.17
CA SER E 966 2.43 21.69 -51.60
C SER E 966 3.88 21.72 -52.04
N VAL E 967 4.83 21.96 -51.12
CA VAL E 967 6.25 21.78 -51.44
C VAL E 967 6.73 20.84 -50.35
N SER E 968 6.00 19.75 -50.18
CA SER E 968 6.34 18.72 -49.20
C SER E 968 7.58 17.91 -49.57
N GLY E 969 7.80 17.60 -50.85
CA GLY E 969 9.03 16.93 -51.25
C GLY E 969 10.24 17.83 -51.41
N ARG E 970 11.32 17.24 -51.97
CA ARG E 970 12.58 17.94 -52.20
C ARG E 970 13.17 18.46 -50.88
N ILE E 971 12.75 17.81 -49.82
CA ILE E 971 12.65 18.37 -48.48
C ILE E 971 13.78 17.82 -47.62
N PRO E 972 14.48 18.64 -46.85
CA PRO E 972 15.35 18.13 -45.75
C PRO E 972 14.61 17.98 -44.43
N PRO E 973 14.49 16.74 -43.90
CA PRO E 973 13.65 16.51 -42.71
C PRO E 973 13.96 17.34 -41.47
N ASN E 974 15.17 17.88 -41.28
CA ASN E 974 15.38 18.78 -40.14
C ASN E 974 14.41 19.94 -40.27
N VAL E 975 14.34 20.49 -41.47
CA VAL E 975 13.56 21.66 -41.78
C VAL E 975 12.09 21.25 -41.90
N GLU E 976 11.81 20.05 -42.42
CA GLU E 976 10.43 19.56 -42.44
C GLU E 976 9.87 19.26 -41.05
N LYS E 977 10.61 18.53 -40.22
CA LYS E 977 10.08 18.33 -38.87
C LYS E 977 9.95 19.63 -38.11
N SER E 978 10.80 20.62 -38.41
CA SER E 978 10.64 21.94 -37.82
C SER E 978 9.38 22.64 -38.29
N ILE E 979 9.20 22.73 -39.61
CA ILE E 979 8.03 23.42 -40.15
C ILE E 979 6.76 22.70 -39.80
N LYS E 980 6.79 21.37 -39.80
CA LYS E 980 5.51 20.70 -39.65
C LYS E 980 5.10 20.66 -38.20
N LYS E 981 6.10 20.63 -37.31
CA LYS E 981 5.79 20.77 -35.90
C LYS E 981 5.16 22.13 -35.68
N GLU E 982 5.80 23.17 -36.20
CA GLU E 982 5.47 24.46 -35.68
C GLU E 982 4.27 25.05 -36.37
N MET E 983 3.93 24.59 -37.58
CA MET E 983 2.64 24.93 -38.14
C MET E 983 1.56 24.30 -37.29
N ALA E 984 1.74 23.01 -36.98
CA ALA E 984 0.83 22.29 -36.10
C ALA E 984 0.57 22.93 -34.74
N GLN E 985 1.60 23.49 -34.07
CA GLN E 985 1.33 24.21 -32.81
C GLN E 985 1.35 25.71 -32.88
N TYR E 986 1.45 26.33 -34.06
CA TYR E 986 0.70 27.55 -34.28
C TYR E 986 -0.78 27.22 -34.25
N ALA E 987 -1.15 26.10 -34.86
CA ALA E 987 -2.54 25.65 -34.88
C ALA E 987 -3.07 25.33 -33.50
N SER E 988 -2.25 24.66 -32.69
CA SER E 988 -2.67 24.37 -31.33
C SER E 988 -2.69 25.61 -30.47
N ASN E 989 -1.73 26.51 -30.69
CA ASN E 989 -1.63 27.67 -29.82
C ASN E 989 -2.38 28.87 -30.37
N ILE E 990 -3.09 28.73 -31.50
CA ILE E 990 -3.90 29.84 -31.94
C ILE E 990 -5.03 29.98 -30.94
N THR E 991 -5.55 31.20 -30.81
CA THR E 991 -6.61 31.56 -29.88
C THR E 991 -6.01 31.74 -28.49
N SER E 992 -4.69 31.70 -28.36
CA SER E 992 -4.02 32.15 -27.15
C SER E 992 -3.96 33.66 -27.09
N VAL E 993 -3.90 34.19 -25.87
CA VAL E 993 -3.83 35.63 -25.63
C VAL E 993 -2.51 36.19 -26.07
N LEU E 994 -1.47 35.38 -26.03
CA LEU E 994 -0.12 35.78 -26.33
C LEU E 994 0.42 34.90 -27.45
N CYS E 995 -0.20 34.98 -28.63
CA CYS E 995 0.24 34.18 -29.77
C CYS E 995 0.76 35.14 -30.81
N GLN E 996 2.04 34.98 -31.13
CA GLN E 996 2.68 35.59 -32.27
C GLN E 996 3.36 34.55 -33.15
N PHE E 997 3.49 34.87 -34.44
CA PHE E 997 4.14 33.95 -35.34
C PHE E 997 5.58 33.69 -34.89
N PRO E 998 6.09 32.46 -34.93
CA PRO E 998 7.49 32.22 -34.57
C PRO E 998 8.42 32.43 -35.78
N SER E 999 8.30 33.59 -36.43
CA SER E 999 9.20 34.07 -37.47
C SER E 999 10.66 33.88 -37.17
N GLN E 1000 11.15 34.52 -36.11
CA GLN E 1000 12.58 34.44 -35.82
C GLN E 1000 13.02 32.99 -35.65
N GLN E 1001 12.15 32.16 -35.09
CA GLN E 1001 12.51 30.76 -34.90
C GLN E 1001 12.70 30.01 -36.20
N ILE E 1002 11.75 30.15 -37.14
CA ILE E 1002 11.92 29.40 -38.39
C ILE E 1002 13.12 29.94 -39.14
N ALA E 1003 13.26 31.26 -39.15
CA ALA E 1003 14.35 31.87 -39.86
C ALA E 1003 15.67 31.43 -39.29
N ASN E 1004 15.79 31.37 -37.96
CA ASN E 1004 17.05 30.98 -37.32
C ASN E 1004 17.42 29.55 -37.69
N ILE E 1005 16.44 28.63 -37.68
CA ILE E 1005 16.76 27.24 -38.02
C ILE E 1005 17.31 27.18 -39.44
N LEU E 1006 16.58 27.79 -40.37
CA LEU E 1006 17.05 27.94 -41.73
C LEU E 1006 18.42 28.57 -41.78
N ASP E 1007 18.70 29.45 -40.83
CA ASP E 1007 19.90 30.28 -40.82
C ASP E 1007 21.10 29.45 -40.44
N SER E 1008 20.94 28.55 -39.47
CA SER E 1008 22.03 27.70 -39.02
C SER E 1008 22.32 26.60 -40.03
N HIS E 1009 21.28 25.96 -40.61
CA HIS E 1009 21.72 24.91 -41.52
C HIS E 1009 21.99 25.46 -42.90
N ALA E 1010 21.64 26.73 -43.13
CA ALA E 1010 22.19 27.47 -44.26
C ALA E 1010 23.64 27.82 -43.97
N ALA E 1011 23.96 28.02 -42.67
CA ALA E 1011 25.29 28.36 -42.20
C ALA E 1011 26.25 27.25 -42.53
N THR E 1012 25.79 26.01 -42.47
CA THR E 1012 26.67 24.89 -42.73
C THR E 1012 26.51 24.37 -44.15
N LEU E 1013 25.42 24.68 -44.83
CA LEU E 1013 25.34 24.47 -46.26
C LEU E 1013 25.93 25.62 -47.07
N ASN E 1014 26.57 26.61 -46.43
CA ASN E 1014 27.00 27.81 -47.12
C ASN E 1014 28.19 27.53 -48.04
N ARG E 1015 29.21 26.87 -47.51
CA ARG E 1015 30.41 26.54 -48.27
C ARG E 1015 30.11 25.65 -49.47
N LYS E 1016 28.98 24.94 -49.43
CA LYS E 1016 28.81 23.75 -50.22
C LYS E 1016 28.57 24.08 -51.70
N SER E 1017 27.56 24.89 -52.01
CA SER E 1017 27.19 25.27 -53.37
C SER E 1017 26.51 24.12 -54.12
N GLU E 1018 25.66 23.38 -53.40
CA GLU E 1018 24.77 22.36 -53.92
C GLU E 1018 23.37 22.59 -53.36
N ARG E 1019 22.89 23.82 -53.53
CA ARG E 1019 22.00 24.46 -52.58
C ARG E 1019 20.77 25.08 -53.25
N GLU E 1020 20.39 24.60 -54.43
CA GLU E 1020 19.29 25.24 -55.15
C GLU E 1020 17.91 24.63 -54.91
N VAL E 1021 17.84 23.37 -54.50
CA VAL E 1021 16.70 22.90 -53.73
C VAL E 1021 16.55 23.75 -52.48
N PHE E 1022 17.68 23.97 -51.80
CA PHE E 1022 17.63 24.58 -50.49
C PHE E 1022 17.26 26.02 -50.72
N PHE E 1023 17.80 26.58 -51.82
CA PHE E 1023 17.52 27.93 -52.24
C PHE E 1023 16.01 28.17 -52.43
N MET E 1024 15.32 27.30 -53.20
CA MET E 1024 13.88 27.48 -53.36
C MET E 1024 13.02 27.07 -52.18
N ASN E 1025 13.59 26.50 -51.13
CA ASN E 1025 12.79 26.32 -49.92
C ASN E 1025 13.05 27.40 -48.91
N THR E 1026 14.27 27.92 -48.93
CA THR E 1026 14.69 29.03 -48.11
C THR E 1026 14.16 30.35 -48.65
N GLN E 1027 13.64 30.36 -49.87
CA GLN E 1027 12.98 31.56 -50.36
C GLN E 1027 11.51 31.37 -50.17
N SER E 1028 10.99 30.16 -50.50
CA SER E 1028 9.56 30.01 -50.51
C SER E 1028 9.08 30.30 -49.09
N ILE E 1029 9.92 29.93 -48.11
CA ILE E 1029 9.69 30.16 -46.68
C ILE E 1029 9.98 31.60 -46.28
N VAL E 1030 11.07 32.20 -46.83
CA VAL E 1030 11.41 33.54 -46.38
C VAL E 1030 10.49 34.66 -46.82
N GLN E 1031 9.81 34.58 -47.95
CA GLN E 1031 8.89 35.71 -48.16
C GLN E 1031 7.58 35.57 -47.42
N LEU E 1032 7.11 34.34 -47.23
CA LEU E 1032 5.94 34.11 -46.39
C LEU E 1032 6.19 34.55 -44.94
N VAL E 1033 7.32 34.15 -44.36
CA VAL E 1033 7.68 34.54 -43.00
C VAL E 1033 7.99 36.02 -42.92
N GLN E 1034 8.55 36.58 -43.98
CA GLN E 1034 8.79 38.02 -44.03
C GLN E 1034 7.51 38.84 -44.02
N ARG E 1035 6.35 38.31 -44.38
CA ARG E 1035 5.23 39.24 -44.22
C ARG E 1035 4.81 39.34 -42.76
N TYR E 1036 5.13 38.32 -41.97
CA TYR E 1036 4.38 37.97 -40.78
C TYR E 1036 5.04 38.37 -39.47
N ARG E 1037 6.22 39.00 -39.49
CA ARG E 1037 6.80 39.48 -38.22
C ARG E 1037 6.00 40.54 -37.50
N SER E 1038 5.58 41.60 -38.18
CA SER E 1038 4.81 42.60 -37.45
C SER E 1038 3.32 42.33 -37.43
N GLY E 1039 2.87 41.07 -37.47
CA GLY E 1039 1.45 40.89 -37.28
C GLY E 1039 0.56 41.16 -38.45
N ILE E 1040 -0.72 40.94 -38.14
CA ILE E 1040 -1.80 41.23 -39.05
C ILE E 1040 -1.77 42.69 -39.42
N ARG E 1041 -1.19 43.54 -38.55
CA ARG E 1041 -0.96 44.91 -38.92
C ARG E 1041 0.42 45.12 -39.47
N GLY E 1042 1.21 44.06 -39.48
CA GLY E 1042 2.27 43.94 -40.43
C GLY E 1042 1.76 44.07 -41.84
N HIS E 1043 0.77 43.24 -42.20
CA HIS E 1043 0.06 43.48 -43.44
C HIS E 1043 -0.71 44.81 -43.51
N MET E 1044 -1.59 45.12 -42.54
CA MET E 1044 -2.31 46.39 -42.71
C MET E 1044 -1.39 47.57 -42.89
N LYS E 1045 -0.19 47.53 -42.32
CA LYS E 1045 0.72 48.58 -42.70
C LYS E 1045 1.14 48.35 -44.14
N ALA E 1046 1.88 47.25 -44.30
CA ALA E 1046 2.66 47.03 -45.52
C ALA E 1046 1.84 47.02 -46.79
N VAL E 1047 0.88 46.09 -46.88
CA VAL E 1047 0.16 45.91 -48.15
C VAL E 1047 -0.60 47.16 -48.53
N VAL E 1048 -1.46 47.63 -47.63
CA VAL E 1048 -2.25 48.79 -47.95
C VAL E 1048 -1.42 50.05 -48.14
N MET E 1049 -0.39 50.26 -47.32
CA MET E 1049 0.47 51.44 -47.48
C MET E 1049 1.15 51.45 -48.83
N ASP E 1050 1.67 50.30 -49.22
CA ASP E 1050 2.28 50.15 -50.51
C ASP E 1050 1.26 50.43 -51.59
N LEU E 1051 0.13 49.72 -51.54
CA LEU E 1051 -0.95 49.86 -52.50
C LEU E 1051 -1.33 51.34 -52.60
N LEU E 1052 -1.37 52.00 -51.45
CA LEU E 1052 -1.62 53.42 -51.40
C LEU E 1052 -0.61 54.18 -52.22
N ARG E 1053 0.68 53.99 -51.93
CA ARG E 1053 1.65 54.64 -52.77
C ARG E 1053 1.55 54.21 -54.22
N GLN E 1054 0.92 53.07 -54.50
CA GLN E 1054 0.80 52.61 -55.87
C GLN E 1054 -0.13 53.52 -56.67
N TYR E 1055 -1.42 53.57 -56.27
CA TYR E 1055 -2.31 54.72 -56.51
C TYR E 1055 -1.70 56.11 -56.48
N LEU E 1056 -0.77 56.37 -55.57
CA LEU E 1056 -0.42 57.74 -55.25
C LEU E 1056 0.49 58.18 -56.35
N ARG E 1057 1.53 57.38 -56.48
CA ARG E 1057 2.62 57.55 -57.42
C ARG E 1057 2.04 57.64 -58.80
N VAL E 1058 1.32 56.59 -59.22
CA VAL E 1058 0.65 56.62 -60.51
C VAL E 1058 -0.06 57.95 -60.70
N GLU E 1059 -1.03 58.28 -59.85
CA GLU E 1059 -1.83 59.45 -60.23
C GLU E 1059 -1.19 60.79 -59.86
N THR E 1060 -0.06 60.80 -59.16
CA THR E 1060 0.66 62.02 -58.83
C THR E 1060 1.60 62.36 -59.97
N GLN E 1061 2.24 61.33 -60.54
CA GLN E 1061 3.02 61.58 -61.72
C GLN E 1061 2.05 62.01 -62.78
N PHE E 1062 0.84 61.47 -62.72
CA PHE E 1062 -0.21 61.80 -63.65
C PHE E 1062 -0.56 63.28 -63.62
N GLN E 1063 -0.58 63.92 -62.44
CA GLN E 1063 -1.03 65.31 -62.42
C GLN E 1063 0.06 66.34 -62.13
N ASN E 1064 0.31 67.13 -63.17
CA ASN E 1064 1.23 68.25 -63.15
C ASN E 1064 0.82 69.18 -64.29
N GLY E 1065 -0.29 69.90 -64.15
CA GLY E 1065 -0.79 70.78 -65.20
C GLY E 1065 -2.14 70.43 -65.81
N HIS E 1066 -2.17 69.83 -67.01
CA HIS E 1066 -3.44 69.42 -67.61
C HIS E 1066 -3.21 68.15 -68.43
N TYR E 1067 -4.29 67.38 -68.65
CA TYR E 1067 -4.22 66.05 -69.25
C TYR E 1067 -3.34 65.97 -70.49
N ASP E 1068 -3.52 66.88 -71.45
CA ASP E 1068 -2.76 66.79 -72.69
C ASP E 1068 -1.26 66.99 -72.44
N LYS E 1069 -0.89 68.15 -71.88
CA LYS E 1069 0.52 68.46 -71.66
C LYS E 1069 1.16 67.43 -70.74
N CYS E 1070 0.41 67.00 -69.73
CA CYS E 1070 0.88 66.01 -68.77
C CYS E 1070 1.14 64.71 -69.47
N VAL E 1071 0.28 64.36 -70.42
CA VAL E 1071 0.50 63.15 -71.19
C VAL E 1071 1.71 63.32 -72.09
N PHE E 1072 2.04 64.55 -72.54
CA PHE E 1072 3.27 64.68 -73.31
C PHE E 1072 4.51 64.58 -72.43
N ALA E 1073 4.46 65.12 -71.21
CA ALA E 1073 5.57 64.89 -70.27
C ALA E 1073 5.68 63.44 -69.82
N LEU E 1074 4.56 62.73 -69.71
CA LEU E 1074 4.57 61.31 -69.37
C LEU E 1074 5.17 60.54 -70.54
N ARG E 1075 4.69 60.93 -71.72
CA ARG E 1075 5.12 60.42 -73.00
C ARG E 1075 6.60 60.53 -73.10
N GLU E 1076 7.17 61.61 -72.56
CA GLU E 1076 8.52 61.87 -72.96
C GLU E 1076 9.44 61.32 -71.87
N GLU E 1077 8.93 61.16 -70.63
CA GLU E 1077 9.76 60.49 -69.62
C GLU E 1077 10.01 59.06 -70.07
N ASN E 1078 9.00 58.40 -70.68
CA ASN E 1078 9.19 57.05 -71.23
C ASN E 1078 8.62 57.19 -72.63
N LYS E 1079 9.40 57.85 -73.49
CA LYS E 1079 8.92 58.10 -74.84
C LYS E 1079 8.72 56.83 -75.66
N SER E 1080 9.64 55.86 -75.52
CA SER E 1080 9.60 54.67 -76.36
C SER E 1080 8.33 53.85 -76.19
N ASP E 1081 7.85 53.64 -74.96
CA ASP E 1081 6.66 52.84 -74.76
C ASP E 1081 5.69 53.65 -73.90
N MET E 1082 4.40 53.30 -74.05
CA MET E 1082 3.31 53.94 -73.34
C MET E 1082 2.36 52.92 -72.73
N ASN E 1083 2.66 51.61 -72.75
CA ASN E 1083 1.71 50.66 -72.17
C ASN E 1083 1.59 50.70 -70.64
N THR E 1084 2.70 50.82 -69.88
CA THR E 1084 2.55 50.99 -68.43
C THR E 1084 1.81 52.27 -68.14
N VAL E 1085 2.18 53.29 -68.90
CA VAL E 1085 1.57 54.58 -68.84
C VAL E 1085 0.11 54.45 -69.23
N LEU E 1086 -0.18 53.60 -70.21
CA LEU E 1086 -1.55 53.53 -70.70
C LEU E 1086 -2.40 52.92 -69.61
N ASN E 1087 -1.90 51.91 -68.91
CA ASN E 1087 -2.66 51.42 -67.77
C ASN E 1087 -2.85 52.55 -66.77
N TYR E 1088 -1.84 53.42 -66.63
CA TYR E 1088 -1.98 54.61 -65.81
C TYR E 1088 -3.11 55.51 -66.36
N ILE E 1089 -3.09 55.77 -67.69
CA ILE E 1089 -4.01 56.71 -68.34
C ILE E 1089 -5.46 56.21 -68.24
N PHE E 1090 -5.56 54.93 -68.52
CA PHE E 1090 -6.72 54.08 -68.39
C PHE E 1090 -7.22 54.16 -66.96
N SER E 1091 -6.28 54.16 -66.02
CA SER E 1091 -6.60 54.26 -64.61
C SER E 1091 -7.22 55.62 -64.30
N HIS E 1092 -6.53 56.73 -64.61
CA HIS E 1092 -7.17 57.99 -64.22
C HIS E 1092 -8.42 58.29 -65.04
N ALA E 1093 -8.87 57.46 -65.98
CA ALA E 1093 -10.16 57.82 -66.57
C ALA E 1093 -11.24 57.68 -65.51
N GLN E 1094 -11.26 56.54 -64.81
CA GLN E 1094 -12.09 56.29 -63.64
C GLN E 1094 -11.32 56.58 -62.35
N VAL E 1095 -10.90 57.82 -62.07
CA VAL E 1095 -10.22 58.09 -60.80
C VAL E 1095 -11.15 57.97 -59.62
N THR E 1096 -12.34 58.53 -59.75
CA THR E 1096 -13.27 58.63 -58.65
C THR E 1096 -13.61 57.25 -58.11
N LYS E 1097 -13.60 56.24 -58.97
CA LYS E 1097 -13.85 54.90 -58.50
C LYS E 1097 -12.75 54.47 -57.55
N LYS E 1098 -11.52 54.45 -58.07
CA LYS E 1098 -10.30 54.36 -57.28
C LYS E 1098 -10.30 55.27 -56.08
N ASN E 1099 -10.86 56.46 -56.23
CA ASN E 1099 -10.54 57.51 -55.28
C ASN E 1099 -11.43 57.33 -54.07
N LEU E 1100 -12.71 57.13 -54.34
CA LEU E 1100 -13.66 56.80 -53.30
C LEU E 1100 -13.18 55.59 -52.54
N LEU E 1101 -12.85 54.51 -53.26
CA LEU E 1101 -12.45 53.28 -52.56
C LEU E 1101 -11.18 53.48 -51.78
N VAL E 1102 -10.31 54.36 -52.26
CA VAL E 1102 -9.15 54.70 -51.49
C VAL E 1102 -9.61 55.27 -50.16
N THR E 1103 -10.57 56.20 -50.21
CA THR E 1103 -11.16 56.70 -48.98
C THR E 1103 -11.67 55.55 -48.09
N MET E 1104 -12.48 54.64 -48.64
CA MET E 1104 -12.84 53.40 -47.93
C MET E 1104 -11.67 52.74 -47.19
N LEU E 1105 -10.59 52.50 -47.92
CA LEU E 1105 -9.43 51.81 -47.35
C LEU E 1105 -8.86 52.57 -46.16
N ILE E 1106 -8.65 53.87 -46.34
CA ILE E 1106 -8.12 54.69 -45.26
C ILE E 1106 -9.13 54.72 -44.14
N ASP E 1107 -10.40 54.72 -44.50
CA ASP E 1107 -11.50 54.91 -43.57
C ASP E 1107 -11.54 53.78 -42.56
N GLN E 1108 -11.39 52.53 -43.01
CA GLN E 1108 -11.45 51.42 -42.08
C GLN E 1108 -10.10 51.06 -41.46
N LEU E 1109 -9.01 51.33 -42.17
CA LEU E 1109 -7.75 51.61 -41.52
C LEU E 1109 -7.90 52.50 -40.29
N CYS E 1110 -8.54 53.65 -40.48
CA CYS E 1110 -8.90 54.50 -39.36
C CYS E 1110 -9.98 53.91 -38.48
N GLY E 1111 -10.69 52.90 -38.97
CA GLY E 1111 -11.38 52.00 -38.08
C GLY E 1111 -10.47 51.42 -37.01
N ARG E 1112 -9.18 51.29 -37.33
CA ARG E 1112 -8.21 50.85 -36.32
C ARG E 1112 -6.89 51.64 -36.38
N ASP E 1113 -6.96 52.98 -36.49
CA ASP E 1113 -5.74 53.79 -36.56
C ASP E 1113 -5.06 54.16 -35.24
N PRO E 1114 -5.79 54.47 -34.16
CA PRO E 1114 -5.51 55.73 -33.44
C PRO E 1114 -4.06 56.12 -33.06
N THR E 1115 -3.05 55.28 -33.23
CA THR E 1115 -1.69 55.58 -32.78
C THR E 1115 -0.66 55.23 -33.84
N LEU E 1116 -0.89 55.62 -35.10
CA LEU E 1116 -0.31 54.85 -36.20
C LEU E 1116 1.21 54.84 -36.33
N THR E 1117 1.83 55.81 -37.02
CA THR E 1117 3.28 55.71 -37.23
C THR E 1117 3.86 56.79 -38.13
N ASP E 1118 5.19 56.93 -38.04
CA ASP E 1118 5.90 58.00 -38.72
C ASP E 1118 5.85 57.80 -40.23
N GLU E 1119 6.26 56.62 -40.72
CA GLU E 1119 6.19 56.28 -42.14
C GLU E 1119 4.82 56.56 -42.75
N LEU E 1120 3.78 56.45 -41.96
CA LEU E 1120 2.46 56.63 -42.52
C LEU E 1120 2.19 58.11 -42.53
N LEU E 1121 2.28 58.75 -41.37
CA LEU E 1121 2.06 60.18 -41.27
C LEU E 1121 2.87 60.94 -42.32
N ASN E 1122 4.06 60.41 -42.63
CA ASN E 1122 4.90 60.87 -43.73
C ASN E 1122 4.17 60.79 -45.06
N ILE E 1123 3.66 59.60 -45.39
CA ILE E 1123 2.81 59.49 -46.57
C ILE E 1123 1.63 60.44 -46.51
N LEU E 1124 1.03 60.64 -45.35
CA LEU E 1124 -0.10 61.56 -45.24
C LEU E 1124 0.31 62.99 -45.58
N THR E 1125 1.44 63.48 -45.07
CA THR E 1125 1.83 64.84 -45.43
C THR E 1125 2.15 64.89 -46.91
N GLU E 1126 2.57 63.76 -47.48
CA GLU E 1126 2.71 63.67 -48.92
C GLU E 1126 1.33 63.79 -49.57
N LEU E 1127 0.33 63.17 -48.93
CA LEU E 1127 -1.00 63.06 -49.51
C LEU E 1127 -1.72 64.39 -49.54
N THR E 1128 -1.51 65.24 -48.54
CA THR E 1128 -2.20 66.54 -48.53
C THR E 1128 -1.84 67.43 -49.71
N GLN E 1129 -0.67 67.24 -50.30
CA GLN E 1129 -0.26 68.19 -51.34
C GLN E 1129 -1.01 67.98 -52.65
N LEU E 1130 -1.84 66.96 -52.74
CA LEU E 1130 -2.43 66.55 -54.01
C LEU E 1130 -3.34 67.60 -54.65
N SER E 1131 -3.06 67.92 -55.92
CA SER E 1131 -3.52 69.17 -56.51
C SER E 1131 -4.47 69.05 -57.70
N LYS E 1132 -5.55 68.27 -57.65
CA LYS E 1132 -6.45 68.28 -58.81
C LYS E 1132 -7.89 67.99 -58.40
N THR E 1133 -8.82 68.48 -59.22
CA THR E 1133 -10.25 68.40 -58.90
C THR E 1133 -10.70 66.98 -58.59
N THR E 1134 -10.20 66.02 -59.38
CA THR E 1134 -10.45 64.59 -59.16
C THR E 1134 -9.81 64.09 -57.89
N ASN E 1135 -8.59 64.52 -57.62
CA ASN E 1135 -7.87 64.14 -56.40
C ASN E 1135 -8.11 65.25 -55.39
N ALA E 1136 -9.32 65.21 -54.91
CA ALA E 1136 -9.89 66.14 -53.97
C ALA E 1136 -10.43 65.46 -52.72
N LYS E 1137 -10.82 64.19 -52.81
CA LYS E 1137 -11.20 63.45 -51.62
C LYS E 1137 -10.03 63.12 -50.73
N VAL E 1138 -8.92 62.67 -51.30
CA VAL E 1138 -7.84 62.12 -50.49
C VAL E 1138 -7.29 63.18 -49.55
N ALA E 1139 -7.15 64.41 -50.05
CA ALA E 1139 -6.64 65.52 -49.25
C ALA E 1139 -7.51 65.81 -48.04
N LEU E 1140 -8.82 65.96 -48.26
CA LEU E 1140 -9.73 66.11 -47.15
C LEU E 1140 -9.68 64.90 -46.27
N ARG E 1141 -9.41 63.75 -46.86
CA ARG E 1141 -9.31 62.56 -46.06
C ARG E 1141 -8.05 62.63 -45.22
N ALA E 1142 -6.97 63.14 -45.82
CA ALA E 1142 -5.71 63.27 -45.11
C ALA E 1142 -5.90 64.07 -43.83
N ARG E 1143 -6.60 65.20 -43.94
CA ARG E 1143 -6.76 66.05 -42.76
C ARG E 1143 -7.73 65.42 -41.77
N GLN E 1144 -8.86 64.95 -42.28
CA GLN E 1144 -9.93 64.43 -41.44
C GLN E 1144 -9.40 63.28 -40.62
N VAL E 1145 -8.57 62.48 -41.27
CA VAL E 1145 -7.87 61.42 -40.59
C VAL E 1145 -6.91 62.02 -39.58
N LEU E 1146 -6.16 63.06 -39.96
CA LEU E 1146 -5.11 63.49 -39.05
C LEU E 1146 -5.69 64.06 -37.78
N ILE E 1147 -6.93 64.56 -37.83
CA ILE E 1147 -7.56 65.19 -36.68
C ILE E 1147 -8.32 64.16 -35.87
N ALA E 1148 -9.17 63.38 -36.55
CA ALA E 1148 -9.94 62.34 -35.87
C ALA E 1148 -8.99 61.34 -35.23
N SER E 1149 -7.80 61.20 -35.80
CA SER E 1149 -6.66 60.62 -35.11
C SER E 1149 -6.47 61.28 -33.74
N HIS E 1150 -6.40 62.61 -33.71
CA HIS E 1150 -6.20 63.30 -32.44
C HIS E 1150 -7.41 63.25 -31.52
N LEU E 1151 -8.57 62.83 -32.00
CA LEU E 1151 -9.76 62.82 -31.16
C LEU E 1151 -10.82 61.89 -31.75
N PRO E 1152 -11.35 60.89 -31.03
CA PRO E 1152 -12.31 59.97 -31.65
C PRO E 1152 -13.70 60.61 -31.74
N SER E 1153 -14.40 60.37 -32.85
CA SER E 1153 -15.76 60.93 -33.05
C SER E 1153 -16.69 59.92 -33.75
N TYR E 1154 -16.85 58.70 -33.23
CA TYR E 1154 -17.63 57.70 -33.98
C TYR E 1154 -18.34 56.86 -32.88
N GLU E 1155 -18.60 55.56 -33.05
CA GLU E 1155 -19.35 54.75 -32.08
C GLU E 1155 -18.46 54.29 -30.92
N LEU E 1156 -17.15 54.38 -31.08
CA LEU E 1156 -16.27 53.96 -30.01
C LEU E 1156 -16.33 55.08 -28.97
N ARG E 1157 -16.39 56.32 -29.43
CA ARG E 1157 -16.49 57.39 -28.47
C ARG E 1157 -17.95 57.50 -28.08
N HIS E 1158 -18.87 56.94 -28.88
CA HIS E 1158 -20.19 56.73 -28.29
C HIS E 1158 -20.07 55.86 -27.04
N ASN E 1159 -19.14 54.89 -27.00
CA ASN E 1159 -18.90 54.19 -25.75
C ASN E 1159 -18.32 55.13 -24.70
N GLN E 1160 -17.50 56.07 -25.13
CA GLN E 1160 -16.86 56.99 -24.20
C GLN E 1160 -17.92 57.90 -23.57
N VAL E 1161 -18.92 58.29 -24.36
CA VAL E 1161 -20.00 59.13 -23.87
C VAL E 1161 -20.89 58.33 -22.95
N GLU E 1162 -21.13 57.04 -23.26
CA GLU E 1162 -21.77 56.17 -22.26
C GLU E 1162 -21.15 56.49 -20.91
N SER E 1163 -19.81 56.46 -20.85
CA SER E 1163 -19.16 56.78 -19.59
C SER E 1163 -19.49 58.19 -19.11
N ILE E 1164 -19.13 59.21 -19.91
CA ILE E 1164 -19.34 60.63 -19.54
C ILE E 1164 -20.76 60.91 -19.02
N PHE E 1165 -21.77 60.50 -19.79
CA PHE E 1165 -23.17 60.77 -19.48
C PHE E 1165 -23.64 60.08 -18.22
N LEU E 1166 -23.54 58.76 -18.21
CA LEU E 1166 -24.04 58.00 -17.08
C LEU E 1166 -23.25 58.33 -15.83
N SER E 1167 -21.95 58.56 -15.99
CA SER E 1167 -21.10 58.93 -14.88
C SER E 1167 -21.53 60.29 -14.37
N ALA E 1168 -21.69 61.24 -15.29
CA ALA E 1168 -22.04 62.62 -14.94
C ALA E 1168 -23.36 62.69 -14.19
N ILE E 1169 -24.30 61.77 -14.46
CA ILE E 1169 -25.54 61.76 -13.70
C ILE E 1169 -25.25 61.65 -12.20
N ASP E 1170 -26.11 62.26 -11.39
CA ASP E 1170 -25.95 62.24 -9.94
C ASP E 1170 -26.66 61.07 -9.28
N MET E 1171 -27.78 60.62 -9.86
CA MET E 1171 -28.48 59.40 -9.43
C MET E 1171 -28.92 59.49 -7.97
N TYR E 1172 -29.86 60.40 -7.75
CA TYR E 1172 -30.64 60.50 -6.51
C TYR E 1172 -31.80 61.44 -6.82
N GLY E 1173 -32.69 61.63 -5.84
CA GLY E 1173 -33.68 62.70 -5.93
C GLY E 1173 -33.08 64.07 -6.18
N HIS E 1174 -31.79 64.27 -5.85
CA HIS E 1174 -31.10 65.50 -6.23
C HIS E 1174 -31.17 65.66 -7.74
N GLN E 1175 -30.50 64.76 -8.47
CA GLN E 1175 -30.58 64.72 -9.92
C GLN E 1175 -30.16 66.08 -10.53
N PHE E 1176 -29.31 66.82 -9.80
CA PHE E 1176 -28.81 68.14 -10.21
C PHE E 1176 -27.50 68.00 -10.97
N CYS E 1177 -27.53 68.32 -12.26
CA CYS E 1177 -26.35 68.37 -13.12
C CYS E 1177 -26.48 69.55 -14.07
N ILE E 1178 -27.02 70.65 -13.57
CA ILE E 1178 -27.15 71.90 -14.32
C ILE E 1178 -25.81 72.48 -14.77
N GLU E 1179 -24.77 72.46 -13.92
CA GLU E 1179 -23.45 72.89 -14.39
C GLU E 1179 -22.95 72.01 -15.52
N ASN E 1180 -23.20 70.72 -15.40
CA ASN E 1180 -22.80 69.80 -16.46
C ASN E 1180 -23.67 70.04 -17.68
N LEU E 1181 -24.93 70.44 -17.47
CA LEU E 1181 -25.76 70.77 -18.60
C LEU E 1181 -25.15 71.93 -19.37
N GLN E 1182 -24.63 72.94 -18.68
CA GLN E 1182 -23.89 73.93 -19.46
C GLN E 1182 -22.61 73.41 -20.06
N LYS E 1183 -21.97 72.34 -19.55
CA LYS E 1183 -20.84 71.84 -20.37
C LYS E 1183 -21.37 71.15 -21.62
N LEU E 1184 -22.58 70.58 -21.55
CA LEU E 1184 -23.24 70.05 -22.74
C LEU E 1184 -23.52 71.18 -23.71
N ILE E 1185 -23.87 72.36 -23.17
CA ILE E 1185 -24.25 73.51 -24.00
C ILE E 1185 -23.00 74.30 -24.37
N LEU E 1186 -21.82 73.96 -23.81
CA LEU E 1186 -20.55 74.56 -24.21
C LEU E 1186 -19.60 73.38 -24.38
N SER E 1187 -20.00 72.54 -25.32
CA SER E 1187 -19.30 71.34 -25.71
C SER E 1187 -18.72 71.62 -27.07
N GLU E 1188 -17.42 71.43 -27.26
CA GLU E 1188 -16.92 71.58 -28.62
C GLU E 1188 -17.59 70.52 -29.48
N THR E 1189 -17.75 69.34 -28.89
CA THR E 1189 -18.44 68.22 -29.51
C THR E 1189 -19.93 68.49 -29.56
N SER E 1190 -20.56 68.14 -30.68
CA SER E 1190 -22.01 68.28 -30.79
C SER E 1190 -22.64 67.05 -30.15
N ILE E 1191 -23.61 67.25 -29.25
CA ILE E 1191 -24.16 66.10 -28.53
C ILE E 1191 -25.69 65.96 -28.71
N PHE E 1192 -26.29 66.55 -29.75
CA PHE E 1192 -27.66 66.15 -30.10
C PHE E 1192 -27.71 64.79 -30.78
N ASP E 1193 -26.55 64.23 -31.11
CA ASP E 1193 -26.41 62.97 -31.82
C ASP E 1193 -26.61 61.74 -30.95
N VAL E 1194 -25.80 61.59 -29.91
CA VAL E 1194 -25.70 60.32 -29.19
C VAL E 1194 -26.53 60.29 -27.92
N LEU E 1195 -26.59 61.38 -27.18
CA LEU E 1195 -27.48 61.55 -26.04
C LEU E 1195 -28.90 61.00 -26.20
N PRO E 1196 -29.55 61.21 -27.37
CA PRO E 1196 -30.85 60.57 -27.57
C PRO E 1196 -30.82 59.06 -27.46
N ASN E 1197 -29.71 58.48 -27.84
CA ASN E 1197 -29.51 57.04 -27.74
C ASN E 1197 -29.57 56.60 -26.28
N PHE E 1198 -29.05 57.43 -25.37
CA PHE E 1198 -29.14 57.13 -23.94
C PHE E 1198 -30.39 57.52 -23.17
N PHE E 1199 -31.23 58.49 -23.59
CA PHE E 1199 -32.40 58.70 -22.62
C PHE E 1199 -33.40 57.38 -22.56
N TYR E 1200 -33.10 56.21 -23.12
CA TYR E 1200 -33.83 54.96 -22.97
C TYR E 1200 -32.99 53.77 -22.53
N HIS E 1201 -32.12 54.02 -21.56
CA HIS E 1201 -31.32 52.99 -20.90
C HIS E 1201 -32.19 52.41 -19.79
N SER E 1202 -31.63 51.77 -18.75
CA SER E 1202 -32.41 50.93 -17.81
C SER E 1202 -32.07 51.18 -16.32
N ASN E 1203 -32.18 52.42 -15.83
CA ASN E 1203 -32.11 52.64 -14.38
C ASN E 1203 -32.91 53.88 -14.00
N GLN E 1204 -34.09 53.69 -13.37
CA GLN E 1204 -35.15 54.71 -13.31
C GLN E 1204 -34.73 56.08 -12.80
N VAL E 1205 -33.78 56.16 -11.88
CA VAL E 1205 -33.33 57.47 -11.41
C VAL E 1205 -32.49 58.16 -12.48
N VAL E 1206 -31.52 57.42 -13.01
CA VAL E 1206 -30.64 57.95 -14.02
C VAL E 1206 -31.38 58.14 -15.34
N ARG E 1207 -32.37 57.29 -15.59
CA ARG E 1207 -33.41 57.42 -16.60
C ARG E 1207 -33.84 58.87 -16.44
N MET E 1208 -34.51 59.15 -15.31
CA MET E 1208 -35.08 60.48 -15.04
C MET E 1208 -34.08 61.61 -15.31
N ALA E 1209 -32.91 61.57 -14.65
CA ALA E 1209 -31.88 62.59 -14.84
C ALA E 1209 -31.56 62.82 -16.32
N ALA E 1210 -31.14 61.74 -17.00
CA ALA E 1210 -30.69 61.84 -18.39
C ALA E 1210 -31.81 62.42 -19.25
N LEU E 1211 -33.01 61.91 -19.01
CA LEU E 1211 -34.19 62.31 -19.76
C LEU E 1211 -34.49 63.78 -19.57
N GLU E 1212 -34.46 64.28 -18.33
CA GLU E 1212 -34.77 65.70 -18.21
C GLU E 1212 -33.66 66.56 -18.78
N VAL E 1213 -32.40 66.09 -18.75
CA VAL E 1213 -31.36 66.90 -19.38
C VAL E 1213 -31.65 67.00 -20.88
N TYR E 1214 -32.19 65.91 -21.46
CA TYR E 1214 -32.66 65.94 -22.86
C TYR E 1214 -33.75 66.99 -23.04
N VAL E 1215 -34.74 67.00 -22.13
CA VAL E 1215 -35.77 68.04 -22.15
C VAL E 1215 -35.12 69.41 -22.23
N ARG E 1216 -34.20 69.66 -21.31
CA ARG E 1216 -33.66 70.99 -21.06
C ARG E 1216 -32.92 71.43 -22.30
N ARG E 1217 -32.24 70.48 -22.95
CA ARG E 1217 -31.52 70.68 -24.19
C ARG E 1217 -32.43 70.75 -25.40
N ALA E 1218 -33.71 70.38 -25.29
CA ALA E 1218 -34.59 70.58 -26.44
C ALA E 1218 -35.10 72.01 -26.41
N TYR E 1219 -35.84 72.38 -25.35
CA TYR E 1219 -36.46 73.71 -25.24
C TYR E 1219 -35.65 74.75 -24.50
N ILE E 1220 -34.33 74.58 -24.39
CA ILE E 1220 -33.48 75.64 -23.83
C ILE E 1220 -33.77 77.00 -24.49
N ALA E 1221 -34.30 77.04 -25.73
CA ALA E 1221 -34.56 78.33 -26.36
C ALA E 1221 -35.69 79.10 -25.65
N TYR E 1222 -36.89 78.50 -25.49
CA TYR E 1222 -37.93 79.22 -24.75
C TYR E 1222 -37.68 79.04 -23.24
N GLU E 1223 -38.53 79.67 -22.45
CA GLU E 1223 -38.44 79.64 -21.00
C GLU E 1223 -39.37 78.62 -20.37
N LEU E 1224 -38.78 77.73 -19.58
CA LEU E 1224 -39.46 76.61 -18.94
C LEU E 1224 -39.68 77.00 -17.49
N ASN E 1225 -40.94 77.03 -17.04
CA ASN E 1225 -41.21 77.46 -15.67
C ASN E 1225 -41.67 76.33 -14.77
N SER E 1226 -41.82 75.12 -15.31
CA SER E 1226 -42.26 73.98 -14.52
C SER E 1226 -42.08 72.72 -15.36
N VAL E 1227 -41.60 71.68 -14.71
CA VAL E 1227 -41.34 70.38 -15.33
C VAL E 1227 -41.51 69.30 -14.28
N GLN E 1228 -42.50 68.42 -14.44
CA GLN E 1228 -42.71 67.34 -13.48
C GLN E 1228 -42.43 66.05 -14.22
N HIS E 1229 -41.62 65.20 -13.59
CA HIS E 1229 -41.48 63.84 -14.07
C HIS E 1229 -42.73 63.07 -13.71
N ARG E 1230 -43.26 62.40 -14.73
CA ARG E 1230 -44.32 61.42 -14.64
C ARG E 1230 -43.77 60.02 -14.89
N GLN E 1231 -44.59 59.06 -14.51
CA GLN E 1231 -44.17 57.68 -14.27
C GLN E 1231 -45.42 56.82 -14.46
N LEU E 1232 -45.56 56.22 -15.65
CA LEU E 1232 -46.78 55.54 -16.01
C LEU E 1232 -46.49 54.17 -16.61
N LYS E 1233 -47.58 53.46 -16.85
CA LYS E 1233 -47.95 52.36 -15.98
C LYS E 1233 -46.74 51.69 -15.39
N ASP E 1234 -46.02 50.97 -16.23
CA ASP E 1234 -44.70 50.44 -15.90
C ASP E 1234 -43.77 50.72 -17.06
N ASN E 1235 -44.30 50.60 -18.29
CA ASN E 1235 -43.53 50.66 -19.50
C ASN E 1235 -43.36 52.05 -20.07
N THR E 1236 -44.05 53.07 -19.54
CA THR E 1236 -43.81 54.42 -20.00
C THR E 1236 -43.30 55.46 -19.02
N CYS E 1237 -42.27 56.19 -19.46
CA CYS E 1237 -41.62 57.20 -18.65
C CYS E 1237 -42.20 58.46 -19.29
N VAL E 1238 -42.86 59.32 -18.53
CA VAL E 1238 -43.34 60.55 -19.14
C VAL E 1238 -42.69 61.77 -18.51
N VAL E 1239 -42.29 62.73 -19.34
CA VAL E 1239 -41.87 64.02 -18.80
C VAL E 1239 -42.91 65.05 -19.19
N GLU E 1240 -43.05 66.09 -18.37
CA GLU E 1240 -43.89 67.27 -18.63
C GLU E 1240 -43.10 68.53 -18.89
N PHE E 1241 -43.56 69.30 -19.88
CA PHE E 1241 -42.93 70.59 -20.16
C PHE E 1241 -43.92 71.63 -19.69
N GLN E 1242 -43.44 72.83 -19.37
CA GLN E 1242 -44.29 73.97 -19.07
C GLN E 1242 -43.57 75.22 -19.51
N PHE E 1243 -44.10 75.96 -20.48
CA PHE E 1243 -43.33 77.09 -21.00
C PHE E 1243 -44.31 78.09 -21.60
N MET E 1244 -43.78 79.06 -22.34
CA MET E 1244 -44.61 79.98 -23.11
C MET E 1244 -43.90 80.50 -24.34
N LEU E 1245 -44.70 81.16 -25.18
CA LEU E 1245 -44.30 81.63 -26.51
C LEU E 1245 -43.51 82.93 -26.41
N PRO E 1246 -42.23 82.98 -26.82
CA PRO E 1246 -41.62 84.29 -27.13
C PRO E 1246 -41.77 84.70 -28.60
N THR E 1247 -43.01 85.03 -29.00
CA THR E 1247 -43.27 85.80 -30.22
C THR E 1247 -42.96 85.00 -31.49
N SER E 1248 -42.97 83.67 -31.43
CA SER E 1248 -42.67 82.88 -32.62
C SER E 1248 -43.73 83.06 -33.70
N HIS E 1249 -45.00 83.04 -33.31
CA HIS E 1249 -46.18 83.20 -34.18
C HIS E 1249 -47.42 82.81 -33.39
N CYS E 1291 -50.75 81.63 -25.20
CA CYS E 1291 -49.70 82.24 -24.38
C CYS E 1291 -48.75 81.21 -23.81
N GLN E 1292 -49.31 80.11 -23.30
CA GLN E 1292 -48.53 79.11 -22.58
C GLN E 1292 -48.89 77.74 -23.13
N ARG E 1293 -48.12 76.73 -22.75
CA ARG E 1293 -48.30 75.37 -23.28
C ARG E 1293 -47.47 74.46 -22.42
N MET E 1294 -47.84 73.16 -22.42
CA MET E 1294 -47.04 72.13 -21.76
C MET E 1294 -46.48 71.23 -22.82
N GLY E 1295 -45.84 70.14 -22.37
CA GLY E 1295 -45.21 69.20 -23.27
C GLY E 1295 -45.23 67.78 -22.72
N GLY E 1296 -44.86 66.83 -23.59
CA GLY E 1296 -44.72 65.43 -23.23
C GLY E 1296 -43.64 64.68 -24.00
N MET E 1297 -42.75 64.01 -23.23
CA MET E 1297 -41.75 63.08 -23.76
C MET E 1297 -42.02 61.66 -23.27
N VAL E 1298 -41.89 60.71 -24.20
CA VAL E 1298 -42.00 59.27 -23.91
C VAL E 1298 -40.90 58.44 -24.57
N SER E 1299 -40.24 57.58 -23.80
CA SER E 1299 -39.15 56.73 -24.31
C SER E 1299 -39.64 55.31 -24.60
N PHE E 1300 -39.60 54.90 -25.89
CA PHE E 1300 -40.11 53.60 -26.40
C PHE E 1300 -39.21 52.82 -27.36
N ARG E 1301 -39.45 51.50 -27.30
CA ARG E 1301 -38.72 50.35 -27.82
C ARG E 1301 -39.15 49.98 -29.23
N THR E 1302 -40.46 49.89 -29.51
CA THR E 1302 -40.88 49.62 -30.88
C THR E 1302 -42.12 50.46 -31.19
N PHE E 1303 -42.32 50.73 -32.50
CA PHE E 1303 -43.42 51.61 -32.81
C PHE E 1303 -44.74 50.90 -32.52
N GLU E 1304 -44.71 49.55 -32.53
CA GLU E 1304 -45.97 48.82 -32.39
C GLU E 1304 -46.45 49.12 -31.00
N ASP E 1305 -45.53 48.93 -30.03
CA ASP E 1305 -45.86 49.14 -28.64
C ASP E 1305 -46.35 50.55 -28.50
N PHE E 1306 -45.67 51.50 -29.16
CA PHE E 1306 -46.15 52.86 -29.15
C PHE E 1306 -47.63 52.96 -29.52
N VAL E 1307 -48.08 52.22 -30.53
CA VAL E 1307 -49.47 52.33 -30.97
C VAL E 1307 -50.42 51.46 -30.15
N ARG E 1308 -49.92 50.60 -29.26
CA ARG E 1308 -50.78 49.86 -28.32
C ARG E 1308 -50.75 50.43 -26.91
N ILE E 1309 -49.63 51.05 -26.56
CA ILE E 1309 -49.41 51.96 -25.44
C ILE E 1309 -49.91 53.34 -25.86
N PHE E 1310 -50.51 53.46 -27.07
CA PHE E 1310 -51.21 54.66 -27.52
C PHE E 1310 -51.98 55.21 -26.33
N ASP E 1311 -52.77 54.37 -25.67
CA ASP E 1311 -54.05 54.82 -25.17
C ASP E 1311 -53.84 55.50 -23.83
N GLU E 1312 -52.70 55.22 -23.18
CA GLU E 1312 -52.27 55.92 -21.97
C GLU E 1312 -51.52 57.22 -22.23
N VAL E 1313 -50.84 57.37 -23.37
CA VAL E 1313 -50.21 58.65 -23.65
C VAL E 1313 -51.26 59.76 -23.83
N MET E 1314 -52.28 59.51 -24.66
CA MET E 1314 -53.41 60.43 -24.64
C MET E 1314 -54.34 60.13 -23.47
N GLY E 1315 -54.12 59.03 -22.75
CA GLY E 1315 -54.92 58.77 -21.57
C GLY E 1315 -54.60 59.81 -20.51
N CYS E 1316 -53.31 59.98 -20.20
CA CYS E 1316 -52.84 60.87 -19.16
C CYS E 1316 -52.51 62.27 -19.70
N PHE E 1317 -52.81 62.56 -20.98
CA PHE E 1317 -52.47 63.87 -21.59
C PHE E 1317 -52.85 65.08 -20.72
N GLU E 1345 -58.69 74.43 -27.33
CA GLU E 1345 -57.36 74.85 -27.79
C GLU E 1345 -56.30 73.82 -27.35
N PRO E 1346 -55.72 73.05 -28.26
CA PRO E 1346 -54.60 72.18 -27.85
C PRO E 1346 -53.37 73.01 -27.50
N ILE E 1347 -52.89 72.80 -26.29
CA ILE E 1347 -51.81 73.52 -25.62
C ILE E 1347 -50.76 72.53 -25.15
N HIS E 1348 -50.76 71.32 -25.71
CA HIS E 1348 -49.70 70.36 -25.45
C HIS E 1348 -48.84 70.05 -26.67
N ILE E 1349 -47.57 69.94 -26.39
CA ILE E 1349 -46.50 69.64 -27.33
C ILE E 1349 -46.30 68.16 -27.11
N LEU E 1350 -46.16 67.38 -28.18
CA LEU E 1350 -45.93 65.97 -27.96
C LEU E 1350 -44.90 65.39 -28.89
N ASN E 1351 -43.83 64.91 -28.28
CA ASN E 1351 -42.74 64.25 -28.97
C ASN E 1351 -42.55 62.88 -28.35
N VAL E 1352 -42.50 61.87 -29.20
CA VAL E 1352 -42.40 60.48 -28.78
C VAL E 1352 -41.15 59.85 -29.34
N ALA E 1353 -40.35 59.27 -28.46
CA ALA E 1353 -39.10 58.64 -28.83
C ALA E 1353 -39.35 57.17 -29.08
N ILE E 1354 -38.90 56.71 -30.23
CA ILE E 1354 -39.08 55.35 -30.68
C ILE E 1354 -37.71 54.87 -31.14
N LYS E 1355 -37.62 53.57 -31.27
CA LYS E 1355 -36.45 52.77 -31.58
C LYS E 1355 -36.74 52.21 -32.99
N THR E 1356 -36.01 51.18 -33.42
CA THR E 1356 -36.16 50.41 -34.66
C THR E 1356 -35.41 51.01 -35.83
N ASP E 1357 -34.75 52.15 -35.68
CA ASP E 1357 -33.59 52.55 -36.51
C ASP E 1357 -33.92 52.46 -38.01
N CYS E 1358 -34.81 53.35 -38.43
CA CYS E 1358 -35.49 53.29 -39.73
C CYS E 1358 -34.56 53.02 -40.91
N ASP E 1359 -35.12 52.49 -42.00
CA ASP E 1359 -34.38 51.72 -42.99
C ASP E 1359 -34.83 52.14 -44.39
N ILE E 1360 -34.56 51.26 -45.37
CA ILE E 1360 -34.57 51.60 -46.80
C ILE E 1360 -35.87 52.22 -47.27
N GLU E 1361 -36.97 51.97 -46.57
CA GLU E 1361 -38.32 52.22 -47.10
C GLU E 1361 -38.87 53.57 -46.65
N ASP E 1362 -38.01 54.60 -46.59
CA ASP E 1362 -38.36 55.98 -46.21
C ASP E 1362 -39.73 56.42 -46.70
N ASP E 1363 -40.01 56.12 -47.97
CA ASP E 1363 -41.32 56.42 -48.56
C ASP E 1363 -42.44 55.75 -47.77
N ARG E 1364 -42.49 54.41 -47.75
CA ARG E 1364 -43.56 53.74 -47.04
C ARG E 1364 -43.41 53.90 -45.54
N LEU E 1365 -42.18 54.07 -45.07
CA LEU E 1365 -41.89 54.40 -43.68
C LEU E 1365 -42.67 55.62 -43.24
N ALA E 1366 -42.12 56.82 -43.39
CA ALA E 1366 -42.88 57.96 -42.90
C ALA E 1366 -44.28 58.05 -43.53
N ALA E 1367 -44.51 57.48 -44.72
CA ALA E 1367 -45.85 57.62 -45.30
C ALA E 1367 -46.84 56.90 -44.40
N MET E 1368 -46.47 55.69 -44.00
CA MET E 1368 -47.14 54.96 -42.93
C MET E 1368 -47.31 55.79 -41.66
N PHE E 1369 -46.27 56.51 -41.24
CA PHE E 1369 -46.39 57.29 -39.99
C PHE E 1369 -47.49 58.36 -40.10
N ARG E 1370 -47.43 59.11 -41.19
CA ARG E 1370 -48.46 60.09 -41.50
C ARG E 1370 -49.82 59.40 -41.57
N GLU E 1371 -49.88 58.25 -42.24
CA GLU E 1371 -51.14 57.54 -42.34
C GLU E 1371 -51.54 56.89 -41.01
N PHE E 1372 -50.69 56.96 -39.98
CA PHE E 1372 -51.15 56.68 -38.62
C PHE E 1372 -51.99 57.85 -38.16
N THR E 1373 -51.53 59.05 -38.49
CA THR E 1373 -52.32 60.22 -38.09
C THR E 1373 -53.66 60.27 -38.83
N GLN E 1374 -53.66 60.11 -40.17
CA GLN E 1374 -54.94 60.13 -40.89
C GLN E 1374 -55.82 58.91 -40.67
N GLN E 1375 -55.26 57.76 -40.31
CA GLN E 1375 -56.14 56.66 -39.94
C GLN E 1375 -56.79 56.98 -38.60
N ASN E 1376 -55.99 57.42 -37.62
CA ASN E 1376 -56.56 57.85 -36.34
C ASN E 1376 -56.24 59.32 -36.14
N LYS E 1377 -57.18 60.13 -36.60
CA LYS E 1377 -57.56 61.42 -36.04
C LYS E 1377 -58.18 61.30 -34.66
N ALA E 1378 -58.29 60.09 -34.09
CA ALA E 1378 -58.63 59.94 -32.68
C ALA E 1378 -57.79 60.86 -31.81
N THR E 1379 -56.53 61.04 -32.16
CA THR E 1379 -55.72 62.09 -31.55
C THR E 1379 -56.44 63.43 -31.61
N LEU E 1380 -57.03 63.73 -32.77
CA LEU E 1380 -57.76 64.98 -32.92
C LEU E 1380 -58.99 65.00 -32.03
N VAL E 1381 -59.67 63.85 -31.93
CA VAL E 1381 -60.84 63.74 -31.06
C VAL E 1381 -60.52 63.91 -29.58
N ASP E 1382 -59.33 63.50 -29.13
CA ASP E 1382 -58.96 63.77 -27.74
C ASP E 1382 -58.53 65.23 -27.50
N HIS E 1383 -59.46 66.15 -27.68
CA HIS E 1383 -59.17 67.59 -27.58
C HIS E 1383 -57.97 67.98 -28.44
N GLY E 1384 -57.61 67.22 -29.48
CA GLY E 1384 -56.66 67.79 -30.41
C GLY E 1384 -55.27 67.85 -29.80
N ILE E 1385 -54.25 67.69 -30.64
CA ILE E 1385 -52.86 67.78 -30.23
C ILE E 1385 -52.28 68.87 -31.13
N ARG E 1386 -51.52 69.78 -30.51
CA ARG E 1386 -50.86 70.78 -31.32
C ARG E 1386 -49.84 70.18 -32.26
N ARG E 1387 -48.95 69.34 -31.75
CA ARG E 1387 -47.87 68.83 -32.56
C ARG E 1387 -47.56 67.40 -32.16
N LEU E 1388 -47.24 66.60 -33.18
CA LEU E 1388 -46.76 65.25 -32.97
C LEU E 1388 -45.45 65.05 -33.72
N THR E 1389 -44.35 65.00 -32.98
CA THR E 1389 -43.06 64.68 -33.57
C THR E 1389 -42.73 63.24 -33.19
N PHE E 1390 -42.37 62.41 -34.16
CA PHE E 1390 -41.92 61.07 -33.81
C PHE E 1390 -40.42 61.21 -33.94
N LEU E 1391 -39.72 60.76 -32.92
CA LEU E 1391 -38.28 60.80 -32.87
C LEU E 1391 -37.84 59.35 -32.96
N VAL E 1392 -37.18 58.96 -34.03
CA VAL E 1392 -36.71 57.58 -34.16
C VAL E 1392 -35.20 57.66 -33.98
N ALA E 1393 -34.64 56.82 -33.11
CA ALA E 1393 -33.23 56.97 -32.85
C ALA E 1393 -32.41 56.12 -33.82
N GLN E 1394 -31.10 56.19 -33.66
CA GLN E 1394 -30.21 56.08 -34.79
C GLN E 1394 -30.16 54.67 -35.37
N PHE E 1413 -27.49 61.39 -35.81
CA PHE E 1413 -28.68 62.19 -35.58
C PHE E 1413 -30.04 61.50 -35.71
N PRO E 1414 -30.78 61.37 -34.58
CA PRO E 1414 -32.08 60.73 -34.64
C PRO E 1414 -32.94 61.39 -35.71
N LYS E 1415 -33.68 60.57 -36.42
CA LYS E 1415 -34.49 61.03 -37.55
C LYS E 1415 -35.80 61.51 -36.94
N PHE E 1416 -36.08 62.79 -37.15
CA PHE E 1416 -37.30 63.40 -36.69
C PHE E 1416 -38.36 63.27 -37.77
N PHE E 1417 -39.61 63.25 -37.33
CA PHE E 1417 -40.79 63.05 -38.18
C PHE E 1417 -41.80 64.08 -37.70
N THR E 1418 -41.82 65.26 -38.33
CA THR E 1418 -42.65 66.36 -37.83
C THR E 1418 -44.04 66.31 -38.48
N PHE E 1419 -45.06 66.23 -37.62
CA PHE E 1419 -46.50 66.26 -37.88
C PHE E 1419 -47.09 67.44 -37.12
N ARG E 1420 -47.22 68.56 -37.82
CA ARG E 1420 -47.83 69.76 -37.26
C ARG E 1420 -49.22 69.92 -37.83
N ALA E 1421 -50.20 69.87 -36.94
CA ALA E 1421 -51.59 70.06 -37.26
C ALA E 1421 -52.42 69.92 -36.00
N ARG E 1422 -52.69 71.06 -35.38
CA ARG E 1422 -53.88 71.18 -34.57
C ARG E 1422 -55.11 71.25 -35.47
N ASP E 1423 -55.02 72.02 -36.55
CA ASP E 1423 -56.06 72.11 -37.57
C ASP E 1423 -55.46 72.26 -38.96
N LYS E 1424 -54.24 71.76 -39.16
CA LYS E 1424 -53.47 72.04 -40.38
C LYS E 1424 -53.19 70.74 -41.14
N PHE E 1425 -52.39 70.87 -42.19
CA PHE E 1425 -51.98 69.74 -43.00
C PHE E 1425 -51.20 68.74 -42.16
N GLU E 1426 -51.26 67.47 -42.55
CA GLU E 1426 -50.91 66.37 -41.66
C GLU E 1426 -49.45 66.42 -41.19
N GLU E 1427 -48.54 66.81 -42.09
CA GLU E 1427 -47.13 66.48 -41.98
C GLU E 1427 -46.31 67.64 -42.52
N ASP E 1428 -45.20 67.93 -41.84
CA ASP E 1428 -44.40 69.12 -42.10
C ASP E 1428 -43.06 68.72 -42.70
N ARG E 1429 -42.71 69.37 -43.82
CA ARG E 1429 -41.65 68.97 -44.74
C ARG E 1429 -40.38 69.80 -44.66
N ILE E 1430 -40.53 71.09 -44.37
CA ILE E 1430 -39.40 72.01 -44.24
C ILE E 1430 -38.47 71.59 -43.11
N TYR E 1431 -39.06 71.20 -41.99
CA TYR E 1431 -38.45 70.77 -40.75
C TYR E 1431 -38.31 69.27 -40.56
N ARG E 1432 -38.58 68.43 -41.56
CA ARG E 1432 -38.29 67.04 -41.27
C ARG E 1432 -36.81 66.87 -40.97
N HIS E 1433 -36.54 65.99 -40.01
CA HIS E 1433 -35.23 65.65 -39.49
C HIS E 1433 -34.87 66.75 -38.49
N LEU E 1434 -35.82 67.63 -38.12
CA LEU E 1434 -35.53 68.73 -37.20
C LEU E 1434 -36.68 69.14 -36.30
N GLU E 1435 -36.32 69.67 -35.10
CA GLU E 1435 -37.29 70.16 -34.12
C GLU E 1435 -37.46 71.68 -34.25
N PRO E 1436 -38.63 72.20 -34.63
CA PRO E 1436 -38.78 73.65 -34.90
C PRO E 1436 -38.52 74.72 -33.81
N ALA E 1437 -38.51 74.43 -32.50
CA ALA E 1437 -38.12 75.52 -31.59
C ALA E 1437 -36.65 75.93 -31.76
N LEU E 1438 -35.76 74.95 -31.71
CA LEU E 1438 -34.35 75.22 -31.88
C LEU E 1438 -34.02 75.47 -33.36
N ALA E 1439 -34.87 74.96 -34.25
CA ALA E 1439 -34.69 75.13 -35.68
C ALA E 1439 -35.04 76.52 -36.18
N PHE E 1440 -35.95 77.22 -35.52
CA PHE E 1440 -36.34 78.55 -35.96
C PHE E 1440 -35.12 79.46 -36.15
N GLN E 1441 -34.12 79.37 -35.27
CA GLN E 1441 -32.93 80.22 -35.35
C GLN E 1441 -32.26 80.19 -36.74
N LEU E 1442 -32.45 79.13 -37.52
CA LEU E 1442 -32.16 79.25 -38.96
C LEU E 1442 -33.28 80.18 -39.39
N GLU E 1443 -32.92 81.45 -39.53
CA GLU E 1443 -33.85 82.48 -39.99
C GLU E 1443 -34.30 82.25 -41.42
N LEU E 1444 -35.40 81.51 -41.45
CA LEU E 1444 -36.04 80.84 -42.56
C LEU E 1444 -37.22 81.69 -43.02
N ASN E 1445 -37.51 82.77 -42.29
CA ASN E 1445 -38.56 83.73 -42.59
C ASN E 1445 -38.00 84.82 -43.48
N ARG E 1446 -36.68 84.79 -43.69
CA ARG E 1446 -35.95 85.78 -44.45
C ARG E 1446 -36.04 85.45 -45.93
N MET E 1447 -36.76 84.38 -46.26
CA MET E 1447 -37.10 83.97 -47.60
C MET E 1447 -38.61 83.76 -47.72
N ARG E 1448 -39.43 84.48 -46.95
CA ARG E 1448 -40.86 84.24 -47.10
C ARG E 1448 -41.36 84.72 -48.45
N ASN E 1449 -40.65 85.68 -49.06
CA ASN E 1449 -40.94 86.11 -50.41
C ASN E 1449 -40.38 85.10 -51.40
N PHE E 1450 -40.73 83.82 -51.26
CA PHE E 1450 -40.16 82.76 -52.06
C PHE E 1450 -41.09 81.57 -51.86
N ASP E 1451 -40.98 80.60 -52.76
CA ASP E 1451 -41.70 79.33 -52.63
C ASP E 1451 -40.69 78.20 -52.58
N LEU E 1452 -40.58 77.55 -51.42
CA LEU E 1452 -39.47 76.66 -51.15
C LEU E 1452 -39.99 75.26 -50.87
N THR E 1453 -39.31 74.27 -51.44
CA THR E 1453 -39.73 72.88 -51.34
C THR E 1453 -38.64 72.12 -50.61
N ALA E 1454 -39.00 71.46 -49.51
CA ALA E 1454 -37.97 70.78 -48.75
C ALA E 1454 -37.69 69.49 -49.51
N ILE E 1455 -36.45 69.28 -49.92
CA ILE E 1455 -36.03 68.07 -50.61
C ILE E 1455 -35.26 67.22 -49.61
N PRO E 1456 -35.59 65.94 -49.44
CA PRO E 1456 -34.81 65.15 -48.50
C PRO E 1456 -33.49 64.85 -49.19
N CYS E 1457 -32.43 64.82 -48.39
CA CYS E 1457 -31.10 64.96 -48.94
C CYS E 1457 -30.08 64.34 -47.98
N ALA E 1458 -28.97 63.84 -48.53
CA ALA E 1458 -27.89 63.38 -47.66
C ALA E 1458 -27.21 64.58 -47.05
N ASN E 1459 -26.30 64.30 -46.11
CA ASN E 1459 -25.63 65.35 -45.36
C ASN E 1459 -26.76 66.15 -44.69
N HIS E 1460 -27.48 65.44 -43.81
CA HIS E 1460 -28.85 65.87 -43.55
C HIS E 1460 -28.94 67.14 -42.72
N LYS E 1461 -27.88 67.48 -42.00
CA LYS E 1461 -27.46 68.82 -41.58
C LYS E 1461 -27.83 69.89 -42.59
N MET E 1462 -27.56 69.56 -43.84
CA MET E 1462 -27.73 70.44 -44.98
C MET E 1462 -29.09 70.22 -45.62
N HIS E 1463 -29.99 71.17 -45.43
CA HIS E 1463 -31.34 71.13 -45.94
C HIS E 1463 -31.26 72.10 -47.10
N LEU E 1464 -31.57 71.65 -48.33
CA LEU E 1464 -31.47 72.58 -49.45
C LEU E 1464 -32.87 72.73 -50.02
N TYR E 1465 -33.21 73.99 -50.24
CA TYR E 1465 -34.52 74.42 -50.68
C TYR E 1465 -34.32 75.06 -52.04
N LEU E 1466 -35.27 74.89 -52.95
CA LEU E 1466 -35.18 75.53 -54.25
C LEU E 1466 -36.23 76.61 -54.14
N GLY E 1467 -35.86 77.84 -54.50
CA GLY E 1467 -36.71 79.00 -54.29
C GLY E 1467 -37.23 79.64 -55.56
N ALA E 1468 -38.53 79.88 -55.56
CA ALA E 1468 -39.26 80.61 -56.58
C ALA E 1468 -39.81 81.83 -55.87
N ALA E 1469 -39.54 83.03 -56.41
CA ALA E 1469 -39.96 84.27 -55.77
C ALA E 1469 -41.46 84.32 -55.62
N LYS E 1470 -41.90 84.40 -54.37
CA LYS E 1470 -43.30 84.57 -54.04
C LYS E 1470 -43.77 85.99 -54.31
N VAL E 1471 -44.88 86.03 -55.01
CA VAL E 1471 -45.42 87.18 -55.72
C VAL E 1471 -46.92 87.15 -55.37
N GLU E 1472 -47.65 88.18 -55.77
CA GLU E 1472 -49.07 88.20 -55.47
C GLU E 1472 -49.79 87.62 -56.68
N VAL E 1473 -51.03 87.19 -56.46
CA VAL E 1473 -51.94 86.72 -57.51
C VAL E 1473 -51.86 87.51 -58.81
N GLY E 1474 -51.57 88.81 -58.72
CA GLY E 1474 -51.46 89.61 -59.92
C GLY E 1474 -50.35 89.16 -60.85
N THR E 1475 -49.28 88.60 -60.29
CA THR E 1475 -48.07 88.25 -61.04
C THR E 1475 -47.52 86.86 -60.68
N GLU E 1476 -46.70 86.39 -61.61
CA GLU E 1476 -46.09 85.07 -61.71
C GLU E 1476 -44.60 85.17 -61.41
N VAL E 1477 -44.02 84.12 -60.79
CA VAL E 1477 -42.74 84.28 -60.12
C VAL E 1477 -41.68 84.57 -61.18
N THR E 1478 -40.72 85.44 -60.83
CA THR E 1478 -39.57 85.81 -61.67
C THR E 1478 -38.22 85.22 -61.28
N ASP E 1479 -38.00 84.91 -60.02
CA ASP E 1479 -36.73 84.36 -59.53
C ASP E 1479 -36.88 82.88 -59.25
N TYR E 1480 -35.76 82.18 -59.44
CA TYR E 1480 -35.54 80.73 -59.48
C TYR E 1480 -34.09 80.50 -59.10
N ARG E 1481 -33.88 80.47 -57.79
CA ARG E 1481 -32.58 80.37 -57.13
C ARG E 1481 -32.43 79.03 -56.42
N PHE E 1482 -31.24 78.41 -56.45
CA PHE E 1482 -31.00 77.28 -55.57
C PHE E 1482 -30.49 77.83 -54.26
N PHE E 1483 -31.20 77.48 -53.21
CA PHE E 1483 -30.82 77.67 -51.82
C PHE E 1483 -30.33 76.37 -51.21
N VAL E 1484 -29.24 76.45 -50.49
CA VAL E 1484 -28.73 75.34 -49.70
C VAL E 1484 -28.45 75.95 -48.34
N ARG E 1485 -29.09 75.39 -47.31
CA ARG E 1485 -29.05 75.91 -45.96
C ARG E 1485 -28.61 74.78 -45.05
N ALA E 1486 -27.52 74.98 -44.35
CA ALA E 1486 -26.95 73.96 -43.48
C ALA E 1486 -27.05 74.35 -42.02
N ILE E 1487 -26.53 73.46 -41.20
CA ILE E 1487 -26.45 73.64 -39.75
C ILE E 1487 -25.09 73.05 -39.46
N ILE E 1488 -24.36 73.61 -38.48
CA ILE E 1488 -22.98 73.19 -38.34
C ILE E 1488 -22.57 72.99 -36.88
N ARG E 1489 -22.27 71.73 -36.53
CA ARG E 1489 -21.84 71.27 -35.21
C ARG E 1489 -21.47 69.80 -35.41
N HIS E 1490 -20.23 69.55 -35.85
CA HIS E 1490 -19.69 68.21 -36.11
C HIS E 1490 -18.55 67.82 -35.15
N SER E 1491 -18.32 68.58 -34.08
CA SER E 1491 -17.25 68.32 -33.09
C SER E 1491 -15.90 68.73 -33.69
N GLU E 1497 -7.35 76.15 -32.19
CA GLU E 1497 -6.72 76.33 -33.48
C GLU E 1497 -7.20 75.25 -34.44
N ALA E 1498 -7.27 74.04 -33.89
CA ALA E 1498 -7.70 72.87 -34.64
C ALA E 1498 -9.13 73.01 -35.12
N SER E 1499 -10.01 73.55 -34.29
CA SER E 1499 -11.41 73.68 -34.64
C SER E 1499 -11.61 74.56 -35.85
N PHE E 1500 -10.94 75.73 -35.88
CA PHE E 1500 -11.17 76.64 -37.00
C PHE E 1500 -10.76 75.98 -38.31
N GLU E 1501 -9.57 75.39 -38.36
CA GLU E 1501 -9.12 74.75 -39.59
C GLU E 1501 -10.07 73.63 -39.90
N TYR E 1502 -10.46 72.93 -38.84
CA TYR E 1502 -11.37 71.81 -38.92
C TYR E 1502 -12.65 72.31 -39.54
N LEU E 1503 -13.11 73.50 -39.10
CA LEU E 1503 -14.36 74.06 -39.58
C LEU E 1503 -14.26 74.16 -41.10
N GLN E 1504 -13.14 74.71 -41.57
CA GLN E 1504 -12.92 74.90 -43.01
C GLN E 1504 -12.98 73.56 -43.72
N ASN E 1505 -12.25 72.58 -43.20
CA ASN E 1505 -12.14 71.27 -43.84
C ASN E 1505 -13.51 70.64 -43.96
N GLU E 1506 -14.30 70.74 -42.89
CA GLU E 1506 -15.60 70.13 -42.91
C GLU E 1506 -16.44 70.87 -43.94
N GLY E 1507 -16.21 72.19 -44.05
CA GLY E 1507 -16.96 72.95 -45.00
C GLY E 1507 -16.66 72.44 -46.40
N GLU E 1508 -15.39 72.17 -46.67
CA GLU E 1508 -15.00 71.67 -47.97
C GLU E 1508 -15.68 70.33 -48.26
N ARG E 1509 -15.67 69.44 -47.26
CA ARG E 1509 -16.27 68.12 -47.45
C ARG E 1509 -17.74 68.27 -47.78
N LEU E 1510 -18.38 69.15 -47.03
CA LEU E 1510 -19.79 69.43 -47.16
C LEU E 1510 -20.04 70.00 -48.53
N LEU E 1511 -19.13 70.84 -49.01
CA LEU E 1511 -19.31 71.45 -50.31
C LEU E 1511 -19.32 70.40 -51.39
N LEU E 1512 -18.41 69.42 -51.33
CA LEU E 1512 -18.42 68.39 -52.37
C LEU E 1512 -19.69 67.55 -52.30
N GLU E 1513 -20.10 67.14 -51.09
CA GLU E 1513 -21.33 66.36 -50.99
C GLU E 1513 -22.52 67.20 -51.43
N ALA E 1514 -22.53 68.44 -51.00
CA ALA E 1514 -23.59 69.39 -51.28
C ALA E 1514 -23.71 69.57 -52.78
N MET E 1515 -22.59 69.71 -53.47
CA MET E 1515 -22.66 69.80 -54.91
C MET E 1515 -23.10 68.48 -55.53
N ASP E 1516 -22.84 67.34 -54.90
CA ASP E 1516 -23.49 66.11 -55.35
C ASP E 1516 -25.01 66.22 -55.21
N GLU E 1517 -25.45 66.73 -54.06
CA GLU E 1517 -26.87 66.87 -53.75
C GLU E 1517 -27.54 67.86 -54.70
N LEU E 1518 -26.96 69.05 -54.84
CA LEU E 1518 -27.49 70.06 -55.75
C LEU E 1518 -27.49 69.52 -57.19
N GLU E 1519 -26.59 68.58 -57.50
CA GLU E 1519 -26.64 67.93 -58.80
C GLU E 1519 -27.92 67.11 -58.89
N VAL E 1520 -28.21 66.33 -57.84
CA VAL E 1520 -29.47 65.61 -57.75
C VAL E 1520 -30.63 66.59 -57.85
N ALA E 1521 -30.49 67.77 -57.23
CA ALA E 1521 -31.52 68.79 -57.28
C ALA E 1521 -31.77 69.24 -58.72
N PHE E 1522 -30.69 69.42 -59.52
CA PHE E 1522 -30.88 69.77 -60.92
C PHE E 1522 -31.65 68.66 -61.62
N ASN E 1523 -31.17 67.42 -61.49
CA ASN E 1523 -31.76 66.28 -62.19
C ASN E 1523 -33.25 66.18 -61.86
N ASN E 1524 -33.57 66.23 -60.57
CA ASN E 1524 -34.94 66.09 -60.10
C ASN E 1524 -35.82 67.21 -60.64
N THR E 1525 -35.40 68.46 -60.41
CA THR E 1525 -36.08 69.60 -61.00
C THR E 1525 -35.08 70.66 -61.45
N ASN E 1526 -35.36 71.25 -62.61
CA ASN E 1526 -34.45 72.20 -63.23
C ASN E 1526 -35.17 73.50 -63.51
N VAL E 1527 -34.48 74.58 -63.17
CA VAL E 1527 -34.92 75.93 -63.47
C VAL E 1527 -33.75 76.85 -63.79
N ARG E 1528 -32.53 76.30 -63.76
CA ARG E 1528 -31.31 77.02 -64.15
C ARG E 1528 -31.08 78.27 -63.29
N THR E 1529 -30.66 77.98 -62.06
CA THR E 1529 -30.36 79.00 -61.05
C THR E 1529 -28.99 79.63 -61.28
N ASP E 1530 -28.86 80.87 -60.82
CA ASP E 1530 -27.78 81.79 -61.15
C ASP E 1530 -27.02 82.32 -59.95
N CYS E 1531 -27.71 82.67 -58.87
CA CYS E 1531 -27.12 83.38 -57.73
C CYS E 1531 -27.40 82.58 -56.47
N ASN E 1532 -26.85 81.38 -56.48
CA ASN E 1532 -27.13 80.37 -55.49
C ASN E 1532 -26.73 80.87 -54.11
N HIS E 1533 -27.51 80.49 -53.11
CA HIS E 1533 -27.29 80.88 -51.72
C HIS E 1533 -26.87 79.71 -50.84
N ILE E 1534 -25.95 80.03 -49.94
CA ILE E 1534 -25.47 79.19 -48.86
C ILE E 1534 -25.79 79.86 -47.54
N PHE E 1535 -26.47 79.15 -46.65
CA PHE E 1535 -26.78 79.68 -45.32
C PHE E 1535 -26.01 78.73 -44.42
N LEU E 1536 -25.13 79.28 -43.58
CA LEU E 1536 -24.37 78.53 -42.58
C LEU E 1536 -24.57 79.01 -41.16
N ASN E 1537 -25.08 78.15 -40.30
CA ASN E 1537 -25.17 78.46 -38.87
C ASN E 1537 -24.06 77.71 -38.13
N PHE E 1538 -22.92 78.37 -37.86
CA PHE E 1538 -21.87 77.73 -37.08
C PHE E 1538 -22.28 77.84 -35.62
N VAL E 1539 -22.59 76.70 -35.02
CA VAL E 1539 -22.83 76.53 -33.58
C VAL E 1539 -21.62 76.20 -32.70
N PRO E 1540 -20.43 75.88 -33.20
CA PRO E 1540 -19.28 75.86 -32.29
C PRO E 1540 -18.81 77.26 -31.92
N THR E 1541 -17.76 77.31 -31.08
CA THR E 1541 -17.21 78.57 -30.59
C THR E 1541 -15.68 78.56 -30.65
N VAL E 1542 -15.14 78.99 -31.79
CA VAL E 1542 -13.69 78.91 -31.96
C VAL E 1542 -13.11 80.19 -31.38
N ILE E 1543 -11.79 80.26 -31.28
CA ILE E 1543 -11.07 81.48 -30.92
C ILE E 1543 -10.18 81.79 -32.11
N MET E 1544 -10.37 82.94 -32.75
CA MET E 1544 -9.53 83.30 -33.88
C MET E 1544 -9.63 84.80 -34.13
N ASP E 1545 -8.80 85.29 -35.11
CA ASP E 1545 -8.78 86.69 -35.51
C ASP E 1545 -9.69 86.84 -36.72
N PRO E 1546 -10.16 88.04 -37.03
CA PRO E 1546 -11.02 88.15 -38.22
C PRO E 1546 -10.35 88.16 -39.59
N SER E 1547 -9.11 88.62 -39.68
CA SER E 1547 -8.55 88.81 -41.00
C SER E 1547 -7.77 87.63 -41.50
N LYS E 1548 -7.29 86.77 -40.63
CA LYS E 1548 -6.75 85.50 -41.07
C LYS E 1548 -7.87 84.53 -41.38
N ILE E 1549 -9.01 84.74 -40.74
CA ILE E 1549 -10.21 84.09 -41.19
C ILE E 1549 -10.54 84.52 -42.61
N GLU E 1550 -10.30 85.80 -42.92
CA GLU E 1550 -10.59 86.30 -44.26
C GLU E 1550 -9.63 85.77 -45.30
N GLU E 1551 -8.33 85.69 -44.98
CA GLU E 1551 -7.40 84.97 -45.84
C GLU E 1551 -7.67 83.48 -45.91
N SER E 1552 -8.07 82.84 -44.82
CA SER E 1552 -8.30 81.41 -44.90
C SER E 1552 -9.46 81.10 -45.85
N VAL E 1553 -10.55 81.85 -45.71
CA VAL E 1553 -11.71 81.63 -46.57
C VAL E 1553 -11.40 82.05 -47.99
N ARG E 1554 -10.49 83.00 -48.13
CA ARG E 1554 -9.98 83.36 -49.44
C ARG E 1554 -9.28 82.16 -50.04
N SER E 1555 -8.37 81.56 -49.28
CA SER E 1555 -7.66 80.40 -49.78
C SER E 1555 -8.63 79.31 -50.19
N MET E 1556 -9.67 79.07 -49.39
CA MET E 1556 -10.68 78.06 -49.74
C MET E 1556 -11.33 78.37 -51.09
N VAL E 1557 -12.02 79.50 -51.13
CA VAL E 1557 -12.78 79.88 -52.31
C VAL E 1557 -11.86 79.98 -53.50
N MET E 1558 -10.63 80.44 -53.29
CA MET E 1558 -9.73 80.54 -54.42
C MET E 1558 -9.39 79.13 -54.88
N ARG E 1559 -9.08 78.26 -53.92
CA ARG E 1559 -8.66 76.91 -54.19
C ARG E 1559 -9.64 76.22 -55.12
N TYR E 1560 -10.94 76.42 -54.89
CA TYR E 1560 -11.96 75.94 -55.79
C TYR E 1560 -12.40 76.99 -56.80
N GLY E 1561 -12.26 76.68 -58.08
CA GLY E 1561 -12.42 77.68 -59.13
C GLY E 1561 -13.56 77.42 -60.09
N SER E 1562 -13.26 76.62 -61.12
CA SER E 1562 -14.23 76.28 -62.16
C SER E 1562 -15.53 75.68 -61.62
N ARG E 1563 -15.41 74.72 -60.69
CA ARG E 1563 -16.57 74.06 -60.08
C ARG E 1563 -17.57 75.07 -59.54
N LEU E 1564 -17.04 76.12 -58.89
CA LEU E 1564 -17.90 77.19 -58.39
C LEU E 1564 -18.65 77.77 -59.57
N TRP E 1565 -17.98 77.95 -60.71
CA TRP E 1565 -18.55 78.70 -61.81
C TRP E 1565 -19.56 77.84 -62.57
N LYS E 1566 -19.38 76.51 -62.54
CA LYS E 1566 -20.36 75.64 -63.16
C LYS E 1566 -21.69 75.77 -62.42
N LEU E 1567 -21.67 75.57 -61.10
CA LEU E 1567 -22.89 75.83 -60.34
C LEU E 1567 -23.20 77.33 -60.23
N ARG E 1568 -22.21 78.17 -60.47
CA ARG E 1568 -22.22 79.63 -60.43
C ARG E 1568 -22.84 80.03 -59.11
N VAL E 1569 -22.20 79.55 -58.05
CA VAL E 1569 -22.61 79.93 -56.72
C VAL E 1569 -22.04 81.30 -56.42
N LEU E 1570 -22.91 82.21 -56.07
CA LEU E 1570 -22.55 83.61 -55.96
C LEU E 1570 -22.74 84.15 -54.55
N GLN E 1571 -23.45 83.42 -53.70
CA GLN E 1571 -23.77 83.96 -52.39
C GLN E 1571 -23.62 82.91 -51.32
N ALA E 1572 -22.94 83.33 -50.27
CA ALA E 1572 -22.74 82.54 -49.07
C ALA E 1572 -22.88 83.43 -47.86
N GLU E 1573 -23.52 82.87 -46.85
CA GLU E 1573 -23.75 83.51 -45.56
C GLU E 1573 -23.29 82.54 -44.50
N LEU E 1574 -22.55 83.03 -43.53
CA LEU E 1574 -22.35 82.28 -42.31
C LEU E 1574 -22.67 83.15 -41.10
N LYS E 1575 -22.83 82.47 -39.97
CA LYS E 1575 -22.62 83.14 -38.71
C LYS E 1575 -21.71 82.22 -37.95
N ILE E 1576 -21.09 82.75 -36.92
CA ILE E 1576 -20.28 81.88 -36.10
C ILE E 1576 -20.03 82.49 -34.75
N ASN E 1577 -20.33 81.73 -33.71
CA ASN E 1577 -20.13 82.27 -32.39
C ASN E 1577 -18.68 81.94 -32.20
N ILE E 1578 -17.90 82.91 -31.77
CA ILE E 1578 -16.51 82.68 -31.45
C ILE E 1578 -16.29 83.30 -30.10
N ARG E 1579 -15.09 83.22 -29.58
CA ARG E 1579 -14.84 83.82 -28.29
C ARG E 1579 -13.36 84.10 -28.22
N LEU E 1580 -12.95 84.74 -27.15
CA LEU E 1580 -11.55 85.06 -26.95
C LEU E 1580 -11.23 84.76 -25.50
N THR E 1581 -10.44 83.71 -25.29
CA THR E 1581 -10.07 83.23 -23.97
C THR E 1581 -9.48 84.30 -23.05
N PRO E 1582 -8.89 85.40 -23.54
CA PRO E 1582 -8.68 86.52 -22.60
C PRO E 1582 -9.98 86.99 -21.96
N THR E 1583 -11.06 87.10 -22.73
CA THR E 1583 -12.37 87.33 -22.14
C THR E 1583 -13.14 86.04 -21.89
N GLY E 1584 -12.79 84.97 -22.59
CA GLY E 1584 -13.54 83.73 -22.56
C GLY E 1584 -15.04 83.96 -22.72
N LYS E 1585 -15.41 84.78 -23.70
CA LYS E 1585 -16.75 85.36 -23.80
C LYS E 1585 -17.20 85.25 -25.25
N ALA E 1586 -18.30 84.56 -25.50
CA ALA E 1586 -18.61 84.16 -26.87
C ALA E 1586 -19.55 85.15 -27.53
N ILE E 1587 -19.10 85.73 -28.63
CA ILE E 1587 -19.80 86.72 -29.42
C ILE E 1587 -20.25 86.09 -30.74
N PRO E 1588 -21.34 86.58 -31.39
CA PRO E 1588 -21.72 86.03 -32.71
C PRO E 1588 -21.21 86.98 -33.77
N ILE E 1589 -20.79 86.48 -34.92
CA ILE E 1589 -20.32 87.39 -35.98
C ILE E 1589 -20.88 86.99 -37.32
N ARG E 1590 -21.99 87.58 -37.71
CA ARG E 1590 -22.64 87.10 -38.91
C ARG E 1590 -21.81 87.64 -40.06
N LEU E 1591 -20.98 86.77 -40.62
CA LEU E 1591 -20.15 87.08 -41.78
C LEU E 1591 -20.95 86.77 -43.03
N PHE E 1592 -20.99 87.69 -43.99
CA PHE E 1592 -21.78 87.39 -45.17
C PHE E 1592 -20.82 87.53 -46.34
N LEU E 1593 -20.84 86.55 -47.21
CA LEU E 1593 -19.96 86.41 -48.35
C LEU E 1593 -20.65 86.94 -49.61
N THR E 1594 -19.89 87.67 -50.43
CA THR E 1594 -20.39 88.33 -51.63
C THR E 1594 -19.55 88.13 -52.88
N ASN E 1595 -20.03 87.33 -53.83
CA ASN E 1595 -19.29 87.15 -55.09
C ASN E 1595 -20.30 87.12 -56.22
N GLU E 1596 -20.00 87.84 -57.30
CA GLU E 1596 -20.92 87.92 -58.43
C GLU E 1596 -20.40 87.19 -59.66
N SER E 1597 -20.87 87.59 -60.83
CA SER E 1597 -20.38 87.00 -62.08
C SER E 1597 -18.90 87.31 -62.13
N GLY E 1598 -18.10 86.37 -62.60
CA GLY E 1598 -16.69 86.60 -62.53
C GLY E 1598 -16.18 85.99 -61.24
N TYR E 1599 -14.86 85.82 -61.18
CA TYR E 1599 -14.24 85.20 -60.03
C TYR E 1599 -13.77 86.28 -59.06
N TYR E 1600 -14.25 87.51 -59.27
CA TYR E 1600 -13.88 88.67 -58.48
C TYR E 1600 -14.62 88.43 -57.18
N LEU E 1601 -13.98 88.53 -56.01
CA LEU E 1601 -14.71 88.22 -54.77
C LEU E 1601 -14.64 89.26 -53.66
N ASP E 1602 -15.81 89.60 -53.14
CA ASP E 1602 -15.98 90.56 -52.06
C ASP E 1602 -16.36 89.87 -50.76
N ILE E 1603 -15.66 90.15 -49.68
CA ILE E 1603 -15.98 89.55 -48.38
C ILE E 1603 -16.62 90.64 -47.54
N SER E 1604 -17.80 90.36 -46.99
CA SER E 1604 -18.51 91.32 -46.17
C SER E 1604 -18.50 90.87 -44.72
N LEU E 1605 -17.87 91.67 -43.86
CA LEU E 1605 -17.83 91.42 -42.44
C LEU E 1605 -18.52 92.57 -41.75
N TYR E 1606 -19.29 92.23 -40.72
CA TYR E 1606 -20.08 93.23 -40.02
C TYR E 1606 -19.79 93.05 -38.53
N LYS E 1607 -20.66 93.61 -37.72
CA LYS E 1607 -20.72 93.37 -36.28
C LYS E 1607 -22.20 93.25 -35.98
N GLU E 1608 -22.53 92.61 -34.86
CA GLU E 1608 -23.90 92.39 -34.46
C GLU E 1608 -24.12 93.26 -33.24
N VAL E 1609 -25.05 94.20 -33.37
CA VAL E 1609 -25.24 95.23 -32.33
C VAL E 1609 -26.72 95.35 -32.04
N THR E 1610 -27.06 95.41 -30.75
CA THR E 1610 -28.38 95.76 -30.33
C THR E 1610 -28.74 97.16 -30.79
N ALA E 1615 -33.98 96.80 -30.21
CA ALA E 1615 -33.27 95.65 -29.67
C ALA E 1615 -32.95 94.58 -30.73
N GLN E 1616 -33.31 94.87 -31.97
CA GLN E 1616 -33.20 93.97 -33.12
C GLN E 1616 -31.85 94.10 -33.81
N ILE E 1617 -31.04 93.04 -33.72
CA ILE E 1617 -29.61 92.96 -34.01
C ILE E 1617 -29.28 93.61 -35.34
N MET E 1618 -28.07 94.21 -35.43
CA MET E 1618 -27.74 95.25 -36.40
C MET E 1618 -26.33 95.09 -36.95
N PHE E 1619 -26.23 94.85 -38.26
CA PHE E 1619 -24.98 94.75 -39.03
C PHE E 1619 -24.23 96.09 -39.09
N GLN E 1620 -23.16 96.26 -38.30
CA GLN E 1620 -22.37 97.51 -38.31
C GLN E 1620 -20.90 97.20 -38.51
N ALA E 1621 -20.31 97.77 -39.58
CA ALA E 1621 -18.90 97.55 -39.89
C ALA E 1621 -18.01 97.91 -38.70
N LYS E 1625 -14.71 99.95 -42.82
CA LYS E 1625 -14.48 100.22 -44.24
C LYS E 1625 -15.59 101.11 -44.79
N GLN E 1626 -15.84 101.08 -46.10
CA GLN E 1626 -17.20 101.24 -46.62
C GLN E 1626 -17.59 100.12 -47.57
N GLY E 1627 -18.74 99.52 -47.26
CA GLY E 1627 -19.24 98.36 -47.94
C GLY E 1627 -20.60 98.73 -48.50
N PRO E 1628 -20.94 98.38 -49.74
CA PRO E 1628 -22.28 98.73 -50.21
C PRO E 1628 -23.26 97.95 -49.35
N LEU E 1629 -24.46 98.50 -49.19
CA LEU E 1629 -25.49 97.87 -48.36
C LEU E 1629 -24.89 97.59 -46.98
N HIS E 1630 -24.38 98.68 -46.39
CA HIS E 1630 -23.70 98.69 -45.10
C HIS E 1630 -24.53 98.19 -43.92
N GLY E 1631 -25.56 98.95 -43.53
CA GLY E 1631 -26.14 98.83 -42.21
C GLY E 1631 -27.61 98.47 -42.19
N MET E 1632 -27.92 97.25 -41.78
CA MET E 1632 -29.28 96.76 -41.67
C MET E 1632 -29.35 95.74 -40.56
N LEU E 1633 -30.57 95.46 -40.13
CA LEU E 1633 -30.79 94.47 -39.08
C LEU E 1633 -30.74 93.07 -39.70
N ILE E 1634 -31.01 92.04 -38.90
CA ILE E 1634 -30.57 90.71 -39.30
C ILE E 1634 -31.63 89.91 -40.02
N ASN E 1635 -32.90 90.15 -39.72
CA ASN E 1635 -33.90 89.30 -40.35
C ASN E 1635 -34.35 89.95 -41.65
N THR E 1636 -33.36 90.25 -42.50
CA THR E 1636 -33.56 91.06 -43.69
C THR E 1636 -33.99 90.12 -44.80
N PRO E 1637 -35.24 90.10 -45.24
CA PRO E 1637 -35.58 89.12 -46.28
C PRO E 1637 -34.86 89.37 -47.59
N TYR E 1638 -34.66 88.29 -48.31
CA TYR E 1638 -33.72 88.29 -49.42
C TYR E 1638 -34.31 89.04 -50.60
N VAL E 1639 -33.53 89.99 -51.11
CA VAL E 1639 -33.94 90.80 -52.24
C VAL E 1639 -34.35 89.93 -53.40
N THR E 1640 -35.52 90.23 -53.95
CA THR E 1640 -36.04 89.62 -55.16
C THR E 1640 -35.81 90.61 -56.30
N LYS E 1641 -35.03 90.18 -57.29
CA LYS E 1641 -34.93 90.87 -58.58
C LYS E 1641 -36.26 91.50 -59.03
N ARG F 686 -70.99 -35.49 -36.75
CA ARG F 686 -71.19 -36.67 -35.92
C ARG F 686 -69.89 -37.42 -35.55
N PRO F 687 -70.00 -38.55 -34.81
CA PRO F 687 -68.80 -39.20 -34.25
C PRO F 687 -67.80 -39.69 -35.29
N ASP F 688 -66.69 -40.21 -34.76
CA ASP F 688 -65.64 -40.84 -35.54
C ASP F 688 -65.66 -42.32 -35.19
N THR F 689 -65.70 -43.14 -36.24
CA THR F 689 -65.78 -44.60 -36.15
C THR F 689 -64.93 -45.21 -35.04
N MET F 690 -63.63 -44.91 -35.02
CA MET F 690 -62.76 -45.62 -34.08
C MET F 690 -63.03 -45.20 -32.64
N LEU F 691 -63.30 -43.92 -32.39
CA LEU F 691 -63.92 -43.51 -31.13
C LEU F 691 -65.15 -44.37 -30.86
N GLY F 692 -65.98 -44.58 -31.86
CA GLY F 692 -67.16 -45.44 -31.79
C GLY F 692 -66.78 -46.79 -31.20
N VAL F 693 -65.80 -47.46 -31.82
CA VAL F 693 -65.33 -48.74 -31.32
C VAL F 693 -64.87 -48.63 -29.87
N VAL F 694 -64.20 -47.53 -29.53
CA VAL F 694 -63.69 -47.33 -28.16
C VAL F 694 -64.84 -47.27 -27.17
N CYS F 695 -65.67 -46.23 -27.28
CA CYS F 695 -66.82 -46.08 -26.40
C CYS F 695 -67.76 -47.26 -26.45
N GLY F 696 -67.85 -47.96 -27.57
CA GLY F 696 -68.55 -49.23 -27.63
C GLY F 696 -67.94 -50.23 -26.66
N ALA F 697 -66.70 -50.62 -27.01
CA ALA F 697 -65.95 -51.65 -26.29
C ALA F 697 -65.97 -51.41 -24.79
N LEU F 698 -65.66 -50.19 -24.38
CA LEU F 698 -65.76 -49.92 -22.96
C LEU F 698 -67.16 -49.66 -22.42
N HIS F 699 -68.18 -49.37 -23.23
CA HIS F 699 -69.49 -49.37 -22.63
C HIS F 699 -70.00 -50.76 -22.30
N VAL F 700 -69.98 -51.66 -23.30
CA VAL F 700 -70.39 -53.03 -23.04
C VAL F 700 -69.52 -53.65 -21.98
N ALA F 701 -68.21 -53.48 -22.14
CA ALA F 701 -67.26 -53.96 -21.16
C ALA F 701 -67.56 -53.44 -19.77
N ASP F 702 -67.47 -52.12 -19.58
CA ASP F 702 -67.67 -51.53 -18.25
C ASP F 702 -68.93 -52.04 -17.58
N VAL F 703 -70.03 -52.05 -18.34
CA VAL F 703 -71.30 -52.50 -17.79
C VAL F 703 -71.19 -53.95 -17.39
N SER F 704 -70.76 -54.80 -18.32
CA SER F 704 -70.51 -56.21 -18.06
C SER F 704 -69.54 -56.50 -16.92
N LEU F 705 -68.45 -55.73 -16.80
CA LEU F 705 -67.47 -56.00 -15.76
C LEU F 705 -68.04 -55.82 -14.36
N ARG F 706 -68.64 -54.64 -14.14
CA ARG F 706 -69.35 -54.35 -12.90
C ARG F 706 -70.53 -55.30 -12.68
N ASN F 707 -71.23 -55.65 -13.75
CA ASN F 707 -72.36 -56.57 -13.62
C ASN F 707 -71.80 -57.89 -13.15
N SER F 708 -70.71 -58.34 -13.77
CA SER F 708 -70.07 -59.61 -13.45
C SER F 708 -69.75 -59.62 -11.95
N VAL F 709 -69.33 -58.46 -11.43
CA VAL F 709 -69.12 -58.34 -10.00
C VAL F 709 -70.45 -58.57 -9.28
N SER F 710 -71.52 -57.93 -9.77
CA SER F 710 -72.84 -58.04 -9.13
C SER F 710 -73.43 -59.46 -9.24
N ASN F 711 -72.99 -60.24 -10.23
CA ASN F 711 -73.37 -61.63 -10.48
C ASN F 711 -72.62 -62.49 -9.49
N PHE F 712 -71.37 -62.10 -9.26
CA PHE F 712 -70.61 -62.66 -8.16
C PHE F 712 -71.34 -62.41 -6.86
N LEU F 713 -71.83 -61.19 -6.64
CA LEU F 713 -72.48 -60.98 -5.35
C LEU F 713 -73.76 -61.79 -5.23
N HIS F 714 -74.48 -62.06 -6.34
CA HIS F 714 -75.56 -63.04 -6.30
C HIS F 714 -74.98 -64.32 -5.71
N SER F 715 -73.99 -64.88 -6.41
CA SER F 715 -73.47 -66.20 -6.06
C SER F 715 -72.95 -66.22 -4.62
N LEU F 716 -72.38 -65.10 -4.14
CA LEU F 716 -71.76 -65.12 -2.82
C LEU F 716 -72.78 -65.09 -1.69
N GLU F 717 -73.82 -64.28 -1.77
CA GLU F 717 -74.89 -64.39 -0.76
C GLU F 717 -75.60 -65.74 -0.87
N ARG F 718 -75.91 -66.18 -2.10
CA ARG F 718 -76.59 -67.45 -2.36
C ARG F 718 -75.67 -68.67 -2.28
N GLY F 719 -74.46 -68.54 -1.75
CA GLY F 719 -73.67 -69.71 -1.43
C GLY F 719 -73.08 -70.46 -2.60
N GLN F 720 -73.37 -70.04 -3.83
CA GLN F 720 -72.82 -70.74 -4.98
C GLN F 720 -71.35 -70.37 -5.16
N VAL F 721 -70.50 -71.39 -5.32
CA VAL F 721 -69.07 -71.18 -5.51
C VAL F 721 -68.89 -71.11 -7.02
N LEU F 722 -69.04 -69.90 -7.53
CA LEU F 722 -68.91 -69.68 -8.96
C LEU F 722 -67.44 -69.78 -9.40
N PRO F 723 -67.20 -70.21 -10.64
CA PRO F 723 -65.83 -70.29 -11.13
C PRO F 723 -65.33 -68.86 -11.29
N ALA F 724 -64.02 -68.67 -11.02
CA ALA F 724 -63.41 -67.34 -11.07
C ALA F 724 -63.78 -66.63 -12.37
N HIS F 725 -63.87 -67.39 -13.47
CA HIS F 725 -63.75 -66.79 -14.79
C HIS F 725 -64.90 -65.81 -14.96
N THR F 726 -66.03 -66.09 -14.25
CA THR F 726 -67.29 -65.40 -14.48
C THR F 726 -67.17 -63.91 -14.14
N LEU F 727 -66.11 -63.50 -13.43
CA LEU F 727 -65.96 -62.09 -13.10
C LEU F 727 -65.71 -61.26 -14.36
N LEU F 728 -65.41 -61.91 -15.49
CA LEU F 728 -65.41 -61.28 -16.80
C LEU F 728 -64.64 -59.97 -16.94
N ASN F 729 -63.31 -60.05 -17.06
CA ASN F 729 -62.60 -58.96 -17.72
C ASN F 729 -62.86 -58.97 -19.22
N THR F 730 -62.42 -60.02 -19.93
CA THR F 730 -62.49 -60.03 -21.40
C THR F 730 -63.94 -60.01 -21.87
N VAL F 731 -64.24 -59.10 -22.81
CA VAL F 731 -65.56 -59.04 -23.45
C VAL F 731 -65.36 -59.01 -24.97
N ASP F 732 -65.98 -59.97 -25.68
CA ASP F 732 -65.72 -60.28 -27.09
C ASP F 732 -66.77 -59.62 -27.98
N VAL F 733 -66.39 -58.54 -28.65
CA VAL F 733 -67.29 -57.79 -29.52
C VAL F 733 -66.92 -57.96 -30.99
N GLU F 734 -67.90 -58.37 -31.81
CA GLU F 734 -67.74 -58.63 -33.24
C GLU F 734 -68.76 -57.70 -33.87
N LEU F 735 -68.29 -56.64 -34.52
CA LEU F 735 -69.17 -55.53 -34.90
C LEU F 735 -68.92 -55.09 -36.33
N ILE F 736 -69.81 -55.44 -37.26
CA ILE F 736 -69.57 -55.23 -38.68
C ILE F 736 -70.15 -53.89 -39.12
N TYR F 737 -69.26 -52.94 -39.41
CA TYR F 737 -69.63 -51.63 -39.93
C TYR F 737 -69.15 -51.60 -41.37
N GLU F 738 -70.07 -51.60 -42.32
CA GLU F 738 -69.71 -51.45 -43.73
C GLU F 738 -68.87 -52.63 -44.23
N GLY F 739 -69.26 -53.85 -43.83
CA GLY F 739 -68.63 -55.06 -44.31
C GLY F 739 -67.48 -55.57 -43.47
N VAL F 740 -66.57 -54.70 -43.00
CA VAL F 740 -65.45 -55.13 -42.19
C VAL F 740 -65.97 -55.48 -40.80
N LYS F 741 -65.77 -56.72 -40.35
CA LYS F 741 -66.07 -56.98 -38.96
C LYS F 741 -65.01 -56.31 -38.13
N TYR F 742 -65.40 -55.81 -36.97
CA TYR F 742 -64.46 -55.36 -35.97
C TYR F 742 -64.32 -56.53 -35.02
N VAL F 743 -63.13 -57.13 -34.88
CA VAL F 743 -62.93 -58.20 -33.90
C VAL F 743 -62.23 -57.63 -32.67
N LEU F 744 -62.85 -57.76 -31.50
CA LEU F 744 -62.32 -57.16 -30.28
C LEU F 744 -62.52 -58.02 -29.03
N LYS F 745 -61.71 -57.68 -28.04
CA LYS F 745 -61.78 -58.07 -26.64
C LYS F 745 -61.70 -56.76 -25.87
N VAL F 746 -62.23 -56.73 -24.66
CA VAL F 746 -62.08 -55.57 -23.78
C VAL F 746 -61.74 -56.09 -22.38
N THR F 747 -60.57 -55.69 -21.85
CA THR F 747 -60.13 -56.07 -20.50
C THR F 747 -59.89 -54.88 -19.55
N ARG F 748 -60.54 -54.87 -18.38
CA ARG F 748 -60.22 -53.80 -17.41
C ARG F 748 -58.81 -53.98 -16.87
N GLN F 749 -58.00 -52.92 -16.95
CA GLN F 749 -56.55 -52.99 -16.85
C GLN F 749 -56.04 -52.41 -15.54
N SER F 750 -56.83 -51.55 -14.88
CA SER F 750 -56.45 -50.81 -13.68
C SER F 750 -57.74 -50.12 -13.24
N PRO F 751 -57.99 -49.94 -11.91
CA PRO F 751 -59.24 -49.32 -11.43
C PRO F 751 -59.73 -48.07 -12.15
N ASN F 752 -58.80 -47.26 -12.67
CA ASN F 752 -59.21 -46.17 -13.56
C ASN F 752 -59.43 -46.68 -14.98
N SER F 753 -58.61 -47.66 -15.39
CA SER F 753 -58.25 -47.88 -16.78
C SER F 753 -58.88 -49.12 -17.39
N TYR F 754 -59.36 -48.96 -18.61
CA TYR F 754 -60.04 -49.96 -19.41
C TYR F 754 -59.22 -50.03 -20.68
N VAL F 755 -58.98 -51.23 -21.19
CA VAL F 755 -58.21 -51.42 -22.43
C VAL F 755 -59.05 -52.12 -23.49
N VAL F 756 -59.17 -51.44 -24.63
CA VAL F 756 -59.87 -51.93 -25.82
C VAL F 756 -58.78 -52.63 -26.62
N ILE F 757 -59.06 -53.88 -26.97
CA ILE F 757 -58.13 -54.82 -27.57
C ILE F 757 -58.65 -55.32 -28.91
N MET F 758 -58.00 -54.88 -29.97
CA MET F 758 -58.39 -55.22 -31.33
C MET F 758 -57.36 -56.28 -31.64
N ASN F 759 -57.82 -57.53 -31.70
CA ASN F 759 -57.03 -58.64 -32.21
C ASN F 759 -55.69 -58.71 -31.48
N GLY F 760 -55.73 -58.42 -30.18
CA GLY F 760 -54.54 -58.32 -29.37
C GLY F 760 -53.82 -57.00 -29.46
N SER F 761 -54.56 -55.90 -29.56
CA SER F 761 -54.04 -54.55 -29.45
C SER F 761 -54.39 -53.99 -28.08
N CYS F 762 -53.78 -52.86 -27.73
CA CYS F 762 -53.97 -52.26 -26.42
C CYS F 762 -54.15 -50.75 -26.57
N VAL F 763 -55.36 -50.23 -26.33
CA VAL F 763 -55.57 -48.78 -26.21
C VAL F 763 -56.23 -48.56 -24.86
N GLU F 764 -55.67 -47.66 -24.07
CA GLU F 764 -56.04 -47.45 -22.68
C GLU F 764 -56.75 -46.12 -22.43
N VAL F 765 -57.95 -46.20 -21.86
CA VAL F 765 -58.78 -45.04 -21.52
C VAL F 765 -59.12 -45.24 -20.04
N ASP F 766 -59.62 -44.19 -19.38
CA ASP F 766 -60.12 -44.38 -18.02
C ASP F 766 -61.40 -43.60 -17.78
N VAL F 767 -62.19 -44.08 -16.82
CA VAL F 767 -63.55 -43.62 -16.60
C VAL F 767 -63.76 -43.35 -15.12
N HIS F 768 -65.01 -43.09 -14.75
CA HIS F 768 -65.46 -43.17 -13.38
C HIS F 768 -66.79 -43.92 -13.34
N LEU F 775 -71.10 -41.49 -16.30
CA LEU F 775 -70.10 -41.81 -17.31
C LEU F 775 -69.22 -40.57 -17.56
N LEU F 776 -67.93 -40.70 -17.24
CA LEU F 776 -66.92 -39.73 -17.66
C LEU F 776 -66.03 -40.47 -18.63
N LEU F 777 -65.70 -39.81 -19.75
CA LEU F 777 -64.73 -40.38 -20.66
C LEU F 777 -63.52 -39.47 -20.83
N SER F 778 -62.37 -40.11 -20.85
CA SER F 778 -61.07 -39.50 -20.99
C SER F 778 -60.60 -40.11 -22.30
N TYR F 779 -60.11 -39.30 -23.24
CA TYR F 779 -59.72 -39.86 -24.53
C TYR F 779 -58.40 -39.20 -24.89
N ASP F 780 -57.97 -39.24 -26.16
CA ASP F 780 -56.85 -38.43 -26.66
C ASP F 780 -56.88 -36.96 -26.26
N GLY F 781 -57.84 -36.19 -26.76
CA GLY F 781 -57.79 -34.74 -26.59
C GLY F 781 -58.96 -34.05 -25.94
N SER F 782 -59.90 -34.77 -25.34
CA SER F 782 -61.16 -34.15 -24.95
C SER F 782 -62.02 -35.10 -24.14
N SER F 783 -63.01 -34.50 -23.50
CA SER F 783 -63.95 -35.15 -22.60
C SER F 783 -65.25 -35.19 -23.39
N TYR F 784 -65.93 -36.33 -23.37
CA TYR F 784 -67.07 -36.61 -24.22
C TYR F 784 -68.20 -37.19 -23.39
N THR F 785 -69.39 -37.20 -24.00
CA THR F 785 -70.60 -37.68 -23.34
C THR F 785 -71.17 -38.75 -24.26
N THR F 786 -71.42 -39.91 -23.67
CA THR F 786 -71.90 -41.10 -24.35
C THR F 786 -73.11 -41.69 -23.65
N TYR F 787 -74.01 -42.23 -24.47
CA TYR F 787 -75.24 -42.90 -24.11
C TYR F 787 -75.31 -44.22 -24.86
N MET F 788 -75.97 -45.19 -24.21
CA MET F 788 -76.01 -46.57 -24.66
C MET F 788 -77.42 -47.11 -24.78
N LYS F 789 -77.78 -47.47 -26.00
CA LYS F 789 -79.01 -48.18 -26.24
C LYS F 789 -78.56 -49.53 -26.74
N GLU F 790 -79.04 -50.57 -26.05
CA GLU F 790 -78.75 -51.95 -26.36
C GLU F 790 -79.95 -52.63 -26.97
N GLU F 791 -79.70 -53.47 -27.95
CA GLU F 791 -80.69 -54.32 -28.56
C GLU F 791 -80.20 -55.76 -28.47
N VAL F 792 -81.12 -56.70 -28.66
CA VAL F 792 -80.81 -58.10 -28.92
C VAL F 792 -79.55 -58.37 -29.74
N ASP F 793 -79.41 -57.78 -30.95
CA ASP F 793 -78.29 -58.09 -31.83
C ASP F 793 -77.68 -56.86 -32.51
N ARG F 794 -77.96 -55.65 -32.04
CA ARG F 794 -77.40 -54.44 -32.63
C ARG F 794 -76.94 -53.57 -31.46
N TYR F 795 -76.00 -52.67 -31.74
CA TYR F 795 -75.37 -51.81 -30.72
C TYR F 795 -75.41 -50.33 -31.05
N ARG F 796 -76.17 -49.55 -30.26
CA ARG F 796 -76.72 -48.28 -30.71
C ARG F 796 -76.26 -47.15 -29.81
N ILE F 797 -75.29 -46.33 -30.26
CA ILE F 797 -74.58 -45.42 -29.35
C ILE F 797 -74.99 -44.02 -29.79
N THR F 798 -75.34 -43.18 -28.81
CA THR F 798 -75.68 -41.78 -29.02
C THR F 798 -74.70 -40.94 -28.21
N ILE F 799 -74.00 -40.03 -28.89
CA ILE F 799 -72.90 -39.29 -28.26
C ILE F 799 -73.31 -37.83 -28.19
N GLY F 800 -74.19 -37.54 -27.23
CA GLY F 800 -74.79 -36.23 -27.03
C GLY F 800 -76.07 -36.14 -27.83
N ASN F 801 -76.13 -35.18 -28.74
CA ASN F 801 -77.29 -34.96 -29.58
C ASN F 801 -77.13 -35.71 -30.89
N LYS F 802 -76.07 -36.54 -30.98
CA LYS F 802 -75.59 -37.20 -32.17
C LYS F 802 -75.92 -38.69 -32.02
N THR F 803 -76.35 -39.33 -33.10
CA THR F 803 -76.56 -40.78 -33.13
C THR F 803 -75.68 -41.51 -34.14
N CYS F 804 -75.22 -42.71 -33.75
CA CYS F 804 -74.57 -43.64 -34.66
C CYS F 804 -74.95 -45.06 -34.26
N VAL F 805 -75.12 -45.90 -35.28
CA VAL F 805 -75.68 -47.23 -35.12
C VAL F 805 -74.79 -48.28 -35.75
N PHE F 806 -74.54 -49.37 -35.02
CA PHE F 806 -73.68 -50.44 -35.53
C PHE F 806 -74.38 -51.77 -35.30
N GLU F 807 -74.20 -52.71 -36.23
CA GLU F 807 -74.76 -54.05 -36.13
C GLU F 807 -73.67 -54.97 -35.60
N LYS F 808 -74.06 -55.91 -34.76
CA LYS F 808 -73.22 -57.04 -34.38
C LYS F 808 -73.81 -58.31 -34.97
N GLU F 809 -72.97 -59.04 -35.72
CA GLU F 809 -73.36 -60.23 -36.47
C GLU F 809 -72.21 -61.23 -36.46
N HIS F 893 -59.90 -53.78 -39.37
CA HIS F 893 -59.72 -55.21 -39.19
C HIS F 893 -58.76 -55.53 -38.06
N THR F 894 -57.47 -55.37 -38.33
CA THR F 894 -56.39 -55.81 -37.44
C THR F 894 -55.37 -54.67 -37.34
N GLY F 895 -55.29 -54.02 -36.19
CA GLY F 895 -54.36 -52.91 -36.03
C GLY F 895 -54.31 -52.42 -34.62
N SER F 896 -53.63 -51.29 -34.45
CA SER F 896 -53.45 -50.64 -33.16
C SER F 896 -53.59 -49.13 -33.32
N LEU F 897 -53.81 -48.46 -32.20
CA LEU F 897 -54.01 -47.02 -32.17
C LEU F 897 -52.86 -46.34 -31.43
N PRO F 898 -52.18 -45.35 -32.03
CA PRO F 898 -51.37 -44.46 -31.19
C PRO F 898 -52.24 -43.41 -30.54
N ARG F 899 -52.55 -43.61 -29.24
CA ARG F 899 -53.30 -42.64 -28.43
C ARG F 899 -52.60 -42.65 -27.08
N ILE F 900 -51.58 -41.79 -26.95
CA ILE F 900 -50.56 -41.93 -25.91
C ILE F 900 -50.41 -40.61 -25.17
N LYS F 909 -41.51 -34.96 -13.79
CA LYS F 909 -42.00 -36.12 -14.52
C LYS F 909 -41.57 -37.43 -13.89
N LEU F 910 -40.38 -37.44 -13.30
CA LEU F 910 -39.85 -38.67 -12.74
C LEU F 910 -40.62 -39.09 -11.50
N HIS F 911 -41.07 -38.13 -10.72
CA HIS F 911 -41.93 -38.42 -9.58
C HIS F 911 -43.20 -39.19 -9.94
N ARG F 912 -43.98 -38.69 -10.91
CA ARG F 912 -45.14 -39.44 -11.36
C ARG F 912 -44.86 -40.68 -12.19
N VAL F 913 -43.89 -40.66 -13.11
CA VAL F 913 -43.53 -41.91 -13.78
C VAL F 913 -43.24 -43.01 -12.78
N PHE F 914 -42.39 -42.72 -11.79
CA PHE F 914 -42.24 -43.63 -10.67
C PHE F 914 -43.51 -44.10 -9.96
N HIS F 915 -44.13 -43.18 -9.22
CA HIS F 915 -45.31 -43.53 -8.43
C HIS F 915 -46.37 -44.24 -9.27
N TYR F 916 -46.68 -43.65 -10.41
CA TYR F 916 -47.69 -44.17 -11.32
C TYR F 916 -47.35 -45.59 -11.77
N VAL F 917 -46.19 -45.76 -12.42
CA VAL F 917 -45.81 -47.08 -12.92
C VAL F 917 -45.71 -48.12 -11.84
N LEU F 918 -45.30 -47.72 -10.65
CA LEU F 918 -45.05 -48.72 -9.63
C LEU F 918 -46.38 -49.21 -9.12
N ASP F 919 -47.26 -48.24 -8.88
CA ASP F 919 -48.55 -48.54 -8.30
C ASP F 919 -49.35 -49.36 -9.29
N ASN F 920 -49.29 -48.99 -10.57
CA ASN F 920 -49.96 -49.77 -11.61
C ASN F 920 -49.51 -51.22 -11.60
N LEU F 921 -48.20 -51.49 -11.46
CA LEU F 921 -47.81 -52.90 -11.54
C LEU F 921 -48.24 -53.68 -10.29
N VAL F 922 -48.03 -53.12 -9.11
CA VAL F 922 -48.53 -53.76 -7.89
C VAL F 922 -50.04 -53.89 -7.90
N ASN F 923 -50.73 -52.99 -8.60
CA ASN F 923 -52.17 -53.18 -8.79
C ASN F 923 -52.45 -54.32 -9.76
N VAL F 924 -51.60 -54.47 -10.78
CA VAL F 924 -51.65 -55.62 -11.69
C VAL F 924 -51.52 -56.89 -10.88
N MET F 925 -50.61 -56.89 -9.91
CA MET F 925 -50.08 -58.06 -9.25
C MET F 925 -50.75 -58.27 -7.91
N ASN F 926 -51.71 -57.42 -7.58
CA ASN F 926 -52.69 -57.72 -6.57
C ASN F 926 -53.70 -58.74 -7.08
N GLY F 927 -53.73 -58.99 -8.40
CA GLY F 927 -54.68 -59.89 -9.04
C GLY F 927 -55.68 -59.32 -9.95
N TYR F 928 -55.43 -58.15 -10.52
CA TYR F 928 -56.40 -57.57 -11.42
C TYR F 928 -56.58 -58.38 -12.71
N CYS F 929 -55.48 -58.70 -13.43
CA CYS F 929 -55.32 -59.59 -14.61
C CYS F 929 -54.38 -58.94 -15.62
N LEU F 930 -54.53 -59.26 -16.95
CA LEU F 930 -53.69 -58.72 -18.02
C LEU F 930 -54.35 -58.91 -19.39
N PRO F 931 -54.47 -57.84 -20.18
CA PRO F 931 -55.10 -57.97 -21.50
C PRO F 931 -54.39 -58.78 -22.57
N ASP F 932 -53.06 -58.61 -22.71
CA ASP F 932 -52.39 -59.28 -23.84
C ASP F 932 -50.98 -59.82 -23.61
N PRO F 933 -50.35 -60.42 -24.65
CA PRO F 933 -48.97 -60.93 -24.47
C PRO F 933 -47.92 -59.88 -24.12
N PHE F 934 -47.97 -58.68 -24.71
CA PHE F 934 -47.03 -57.57 -24.49
C PHE F 934 -46.52 -57.32 -23.07
N PHE F 935 -47.25 -57.80 -22.07
CA PHE F 935 -46.90 -57.61 -20.67
C PHE F 935 -45.44 -57.98 -20.41
N SER F 936 -44.99 -59.16 -20.85
CA SER F 936 -43.65 -59.67 -20.54
C SER F 936 -42.51 -58.77 -21.04
N SER F 937 -42.80 -57.87 -21.97
CA SER F 937 -41.99 -56.77 -22.50
C SER F 937 -42.21 -55.57 -21.59
N LYS F 938 -43.48 -55.31 -21.32
CA LYS F 938 -43.95 -54.07 -20.75
C LYS F 938 -43.34 -53.93 -19.37
N VAL F 939 -43.40 -55.01 -18.61
CA VAL F 939 -42.87 -54.98 -17.27
C VAL F 939 -41.37 -54.82 -17.32
N LYS F 940 -40.72 -55.23 -18.41
CA LYS F 940 -39.27 -55.13 -18.38
C LYS F 940 -38.88 -53.68 -18.44
N ASP F 941 -39.49 -52.94 -19.38
CA ASP F 941 -39.26 -51.50 -19.44
C ASP F 941 -39.63 -50.84 -18.13
N TRP F 942 -40.85 -51.14 -17.67
CA TRP F 942 -41.39 -50.62 -16.42
C TRP F 942 -40.43 -50.82 -15.28
N VAL F 943 -39.84 -52.02 -15.19
CA VAL F 943 -39.02 -52.38 -14.03
C VAL F 943 -37.67 -51.71 -14.12
N GLU F 944 -37.10 -51.56 -15.32
CA GLU F 944 -35.88 -50.77 -15.35
C GLU F 944 -36.20 -49.36 -14.91
N ARG F 945 -37.34 -48.79 -15.36
CA ARG F 945 -37.67 -47.46 -14.87
C ARG F 945 -37.76 -47.41 -13.35
N LEU F 946 -38.31 -48.46 -12.76
CA LEU F 946 -38.37 -48.49 -11.32
C LEU F 946 -36.98 -48.53 -10.71
N MET F 947 -36.24 -49.62 -10.93
CA MET F 947 -34.95 -49.82 -10.28
C MET F 947 -34.05 -48.62 -10.48
N LYS F 948 -34.01 -48.16 -11.72
CA LYS F 948 -33.16 -47.07 -12.15
C LYS F 948 -33.55 -45.76 -11.48
N THR F 949 -34.85 -45.45 -11.51
CA THR F 949 -35.30 -44.24 -10.83
C THR F 949 -35.30 -44.38 -9.33
N LEU F 950 -35.05 -45.58 -8.81
CA LEU F 950 -35.04 -45.80 -7.39
C LEU F 950 -33.62 -45.70 -6.91
N ARG F 951 -32.66 -45.91 -7.83
CA ARG F 951 -31.29 -45.69 -7.45
C ARG F 951 -31.06 -44.20 -7.51
N ASP F 952 -31.65 -43.57 -8.54
CA ASP F 952 -31.55 -42.16 -8.84
C ASP F 952 -31.89 -41.33 -7.61
N PRO F 953 -30.90 -40.69 -6.96
CA PRO F 953 -31.19 -39.94 -5.74
C PRO F 953 -31.92 -38.62 -5.96
N SER F 954 -32.50 -38.40 -7.14
CA SER F 954 -33.39 -37.28 -7.32
C SER F 954 -34.82 -37.59 -6.92
N LEU F 955 -35.09 -38.79 -6.41
CA LEU F 955 -36.46 -39.10 -6.00
C LEU F 955 -36.82 -38.26 -4.78
N PRO F 956 -36.10 -38.34 -3.64
CA PRO F 956 -36.53 -37.61 -2.44
C PRO F 956 -36.70 -36.13 -2.70
N LEU F 957 -35.80 -35.57 -3.48
CA LEU F 957 -35.96 -34.21 -3.96
C LEU F 957 -37.23 -33.98 -4.76
N LEU F 958 -37.52 -34.85 -5.70
CA LEU F 958 -38.66 -34.52 -6.54
C LEU F 958 -39.99 -34.70 -5.80
N GLU F 959 -40.03 -35.64 -4.88
CA GLU F 959 -41.19 -35.84 -4.03
C GLU F 959 -41.30 -34.87 -2.86
N LEU F 960 -40.19 -34.48 -2.26
CA LEU F 960 -40.22 -33.38 -1.31
C LEU F 960 -40.33 -32.00 -1.90
N GLN F 961 -39.92 -31.80 -3.14
CA GLN F 961 -40.28 -30.56 -3.79
C GLN F 961 -41.77 -30.54 -3.90
N ASP F 962 -42.35 -31.62 -4.40
CA ASP F 962 -43.60 -31.48 -5.09
C ASP F 962 -44.68 -31.45 -4.04
N ILE F 963 -44.51 -32.32 -3.04
CA ILE F 963 -45.37 -32.32 -1.86
C ILE F 963 -45.19 -31.05 -1.03
N MET F 964 -43.94 -30.66 -0.73
CA MET F 964 -43.88 -29.47 0.13
C MET F 964 -44.26 -28.20 -0.62
N THR F 965 -44.47 -28.30 -1.92
CA THR F 965 -44.94 -27.16 -2.68
C THR F 965 -46.45 -27.18 -2.64
N SER F 966 -47.05 -28.38 -2.63
CA SER F 966 -48.49 -28.43 -2.70
C SER F 966 -49.14 -28.30 -1.33
N VAL F 967 -48.34 -28.27 -0.25
CA VAL F 967 -48.89 -27.93 1.06
C VAL F 967 -47.99 -26.80 1.52
N SER F 968 -47.82 -25.81 0.65
CA SER F 968 -47.01 -24.64 0.97
C SER F 968 -47.67 -23.72 1.98
N GLY F 969 -48.99 -23.55 1.96
CA GLY F 969 -49.66 -22.76 2.99
C GLY F 969 -49.91 -23.51 4.29
N ARG F 970 -50.70 -22.87 5.17
CA ARG F 970 -51.05 -23.42 6.49
C ARG F 970 -49.79 -23.68 7.32
N ILE F 971 -48.74 -22.97 6.97
CA ILE F 971 -47.36 -23.40 7.17
C ILE F 971 -46.78 -22.58 8.32
N PRO F 972 -46.08 -23.20 9.27
CA PRO F 972 -45.24 -22.44 10.22
C PRO F 972 -43.82 -22.20 9.71
N PRO F 973 -43.41 -20.94 9.49
CA PRO F 973 -42.11 -20.67 8.84
C PRO F 973 -40.87 -21.27 9.49
N ASN F 974 -40.83 -21.61 10.77
CA ASN F 974 -39.65 -22.31 11.29
C ASN F 974 -39.48 -23.60 10.50
N VAL F 975 -40.59 -24.31 10.32
CA VAL F 975 -40.62 -25.61 9.69
C VAL F 975 -40.54 -25.40 8.18
N GLU F 976 -41.12 -24.31 7.66
CA GLU F 976 -40.96 -23.99 6.24
C GLU F 976 -39.53 -23.59 5.88
N LYS F 977 -38.90 -22.70 6.63
CA LYS F 977 -37.51 -22.40 6.29
C LYS F 977 -36.61 -23.62 6.46
N SER F 978 -36.96 -24.52 7.39
CA SER F 978 -36.22 -25.78 7.49
C SER F 978 -36.43 -26.68 6.29
N ILE F 979 -37.68 -26.93 5.93
CA ILE F 979 -37.93 -27.81 4.79
C ILE F 979 -37.46 -27.18 3.51
N LYS F 980 -37.60 -25.87 3.36
CA LYS F 980 -37.31 -25.32 2.05
C LYS F 980 -35.82 -25.12 1.88
N LYS F 981 -35.10 -24.85 2.97
CA LYS F 981 -33.66 -24.82 2.88
C LYS F 981 -33.20 -26.22 2.50
N GLU F 982 -33.69 -27.23 3.21
CA GLU F 982 -32.96 -28.46 3.12
C GLU F 982 -33.39 -29.28 1.92
N MET F 983 -34.58 -29.02 1.37
CA MET F 983 -34.90 -29.59 0.06
C MET F 983 -33.97 -28.97 -0.96
N ALA F 984 -33.85 -27.64 -0.89
CA ALA F 984 -32.93 -26.89 -1.73
C ALA F 984 -31.48 -27.35 -1.72
N GLN F 985 -30.91 -27.74 -0.57
CA GLN F 985 -29.55 -28.30 -0.61
C GLN F 985 -29.45 -29.81 -0.44
N TYR F 986 -30.54 -30.56 -0.40
CA TYR F 986 -30.54 -31.87 -1.03
C TYR F 986 -30.37 -31.66 -2.53
N ALA F 987 -31.03 -30.62 -3.06
CA ALA F 987 -30.98 -30.24 -4.47
C ALA F 987 -29.59 -29.80 -4.87
N SER F 988 -28.92 -29.07 -4.00
CA SER F 988 -27.56 -28.67 -4.29
C SER F 988 -26.68 -29.88 -4.26
N ASN F 989 -26.97 -30.82 -3.36
CA ASN F 989 -26.10 -31.96 -3.22
C ASN F 989 -26.57 -33.15 -4.07
N ILE F 990 -27.62 -32.98 -4.90
CA ILE F 990 -27.98 -34.07 -5.80
C ILE F 990 -26.91 -34.16 -6.86
N THR F 991 -26.72 -35.36 -7.39
CA THR F 991 -25.72 -35.70 -8.40
C THR F 991 -24.36 -35.85 -7.73
N SER F 992 -24.29 -35.75 -6.41
CA SER F 992 -23.13 -36.19 -5.67
C SER F 992 -23.17 -37.69 -5.56
N VAL F 993 -21.99 -38.28 -5.43
CA VAL F 993 -21.90 -39.72 -5.27
C VAL F 993 -22.43 -40.13 -3.90
N LEU F 994 -22.34 -39.23 -2.91
CA LEU F 994 -22.71 -39.48 -1.53
C LEU F 994 -23.77 -38.52 -1.01
N CYS F 995 -24.98 -38.55 -1.58
CA CYS F 995 -26.06 -37.68 -1.14
C CYS F 995 -27.12 -38.60 -0.56
N GLN F 996 -27.40 -38.41 0.72
CA GLN F 996 -28.52 -38.99 1.42
C GLN F 996 -29.43 -38.00 2.13
N PHE F 997 -30.68 -38.41 2.29
CA PHE F 997 -31.67 -37.60 2.95
C PHE F 997 -31.28 -37.30 4.40
N PRO F 998 -31.47 -36.07 4.90
CA PRO F 998 -31.21 -35.79 6.32
C PRO F 998 -32.48 -36.02 7.15
N SER F 999 -32.96 -37.27 7.10
CA SER F 999 -34.04 -37.79 7.93
C SER F 999 -34.02 -37.38 9.40
N GLN F 1000 -32.97 -37.77 10.13
CA GLN F 1000 -32.95 -37.48 11.56
C GLN F 1000 -33.08 -35.98 11.80
N GLN F 1001 -32.50 -35.18 10.93
CA GLN F 1001 -32.56 -33.75 11.07
C GLN F 1001 -33.98 -33.19 10.92
N ILE F 1002 -34.71 -33.62 9.88
CA ILE F 1002 -36.05 -33.07 9.74
C ILE F 1002 -36.93 -33.52 10.89
N ALA F 1003 -36.78 -34.79 11.26
CA ALA F 1003 -37.58 -35.33 12.34
C ALA F 1003 -37.31 -34.59 13.63
N ASN F 1004 -36.03 -34.33 13.93
CA ASN F 1004 -35.67 -33.64 15.18
C ASN F 1004 -36.28 -32.25 15.23
N ILE F 1005 -36.22 -31.50 14.11
CA ILE F 1005 -36.78 -30.14 14.13
C ILE F 1005 -38.27 -30.21 14.43
N LEU F 1006 -38.96 -31.06 13.69
CA LEU F 1006 -40.35 -31.35 13.99
C LEU F 1006 -40.55 -31.77 15.43
N ASP F 1007 -39.53 -32.36 16.03
CA ASP F 1007 -39.64 -33.01 17.33
C ASP F 1007 -39.61 -31.99 18.44
N SER F 1008 -38.73 -30.99 18.32
CA SER F 1008 -38.66 -29.92 19.32
C SER F 1008 -39.87 -28.99 19.21
N HIS F 1009 -40.28 -28.62 17.97
CA HIS F 1009 -41.40 -27.71 18.01
C HIS F 1009 -42.73 -28.45 18.08
N ALA F 1010 -42.71 -29.77 17.92
CA ALA F 1010 -43.85 -30.57 18.35
C ALA F 1010 -43.88 -30.66 19.87
N ALA F 1011 -42.68 -30.60 20.48
CA ALA F 1011 -42.52 -30.67 21.93
C ALA F 1011 -43.18 -29.50 22.59
N THR F 1012 -43.14 -28.34 21.94
CA THR F 1012 -43.73 -27.15 22.52
C THR F 1012 -45.10 -26.86 21.93
N LEU F 1013 -45.40 -27.41 20.76
CA LEU F 1013 -46.76 -27.41 20.25
C LEU F 1013 -47.68 -28.40 20.97
N ASN F 1014 -47.12 -29.27 21.82
CA ASN F 1014 -47.84 -30.46 22.27
C ASN F 1014 -49.05 -30.12 23.13
N ARG F 1015 -48.87 -29.28 24.15
CA ARG F 1015 -49.75 -29.28 25.32
C ARG F 1015 -51.16 -28.76 25.01
N LYS F 1016 -51.38 -28.22 23.81
CA LYS F 1016 -52.64 -27.57 23.50
C LYS F 1016 -53.62 -28.46 22.74
N SER F 1017 -53.12 -29.33 21.87
CA SER F 1017 -53.97 -30.11 20.95
C SER F 1017 -54.59 -29.20 19.88
N GLU F 1018 -53.77 -28.33 19.30
CA GLU F 1018 -54.17 -27.37 18.27
C GLU F 1018 -53.47 -27.69 16.96
N ARG F 1019 -53.51 -28.95 16.58
CA ARG F 1019 -52.48 -29.53 15.74
C ARG F 1019 -53.03 -30.24 14.51
N GLU F 1020 -54.10 -29.73 13.91
CA GLU F 1020 -54.73 -30.42 12.79
C GLU F 1020 -54.21 -29.92 11.44
N VAL F 1021 -53.82 -28.66 11.40
CA VAL F 1021 -52.82 -28.21 10.44
C VAL F 1021 -51.57 -29.04 10.66
N PHE F 1022 -51.21 -29.18 11.92
CA PHE F 1022 -49.94 -29.78 12.23
C PHE F 1022 -50.08 -31.25 11.92
N PHE F 1023 -51.27 -31.81 12.18
CA PHE F 1023 -51.58 -33.19 11.90
C PHE F 1023 -51.32 -33.54 10.44
N MET F 1024 -51.85 -32.74 9.51
CA MET F 1024 -51.53 -33.03 8.12
C MET F 1024 -50.13 -32.61 7.69
N ASN F 1025 -49.34 -31.95 8.53
CA ASN F 1025 -47.93 -31.76 8.18
C ASN F 1025 -47.00 -32.74 8.84
N THR F 1026 -47.34 -33.20 10.04
CA THR F 1026 -46.59 -34.21 10.76
C THR F 1026 -46.89 -35.59 10.21
N GLN F 1027 -47.93 -35.69 9.36
CA GLN F 1027 -48.13 -36.96 8.69
C GLN F 1027 -47.52 -36.84 7.32
N SER F 1028 -47.75 -35.69 6.65
CA SER F 1028 -47.33 -35.61 5.28
C SER F 1028 -45.81 -35.79 5.26
N ILE F 1029 -45.16 -35.27 6.31
CA ILE F 1029 -43.72 -35.36 6.49
C ILE F 1029 -43.27 -36.72 7.04
N VAL F 1030 -44.02 -37.30 7.99
CA VAL F 1030 -43.52 -38.54 8.58
C VAL F 1030 -43.58 -39.75 7.66
N GLN F 1031 -44.50 -39.82 6.71
CA GLN F 1031 -44.36 -41.01 5.86
C GLN F 1031 -43.30 -40.89 4.78
N LEU F 1032 -43.08 -39.68 4.28
CA LEU F 1032 -41.96 -39.49 3.36
C LEU F 1032 -40.61 -39.74 4.03
N VAL F 1033 -40.40 -39.18 5.23
CA VAL F 1033 -39.15 -39.36 5.95
C VAL F 1033 -39.00 -40.79 6.44
N GLN F 1034 -40.11 -41.42 6.82
CA GLN F 1034 -40.06 -42.82 7.18
C GLN F 1034 -39.68 -43.75 6.06
N ARG F 1035 -39.83 -43.40 4.78
CA ARG F 1035 -39.32 -44.40 3.84
C ARG F 1035 -37.81 -44.32 3.71
N TYR F 1036 -37.24 -43.16 4.04
CA TYR F 1036 -35.98 -42.70 3.50
C TYR F 1036 -34.82 -42.84 4.46
N ARG F 1037 -35.02 -43.38 5.65
CA ARG F 1037 -33.90 -43.59 6.56
C ARG F 1037 -32.84 -44.56 6.06
N SER F 1038 -33.22 -45.73 5.57
CA SER F 1038 -32.19 -46.64 5.08
C SER F 1038 -31.81 -46.39 3.63
N GLY F 1039 -31.89 -45.16 3.11
CA GLY F 1039 -31.36 -45.01 1.78
C GLY F 1039 -32.33 -45.49 0.73
N ILE F 1040 -31.83 -45.36 -0.50
CA ILE F 1040 -32.48 -45.82 -1.72
C ILE F 1040 -32.77 -47.31 -1.62
N ARG F 1041 -32.04 -47.98 -0.75
CA ARG F 1041 -32.31 -49.36 -0.43
C ARG F 1041 -33.26 -49.51 0.73
N GLY F 1042 -33.71 -48.43 1.31
CA GLY F 1042 -34.96 -48.45 2.02
C GLY F 1042 -36.17 -48.88 1.23
N HIS F 1043 -36.47 -48.21 0.12
CA HIS F 1043 -37.43 -48.75 -0.82
C HIS F 1043 -37.03 -50.03 -1.49
N MET F 1044 -35.82 -50.07 -2.09
CA MET F 1044 -35.45 -51.31 -2.78
C MET F 1044 -35.55 -52.53 -1.88
N LYS F 1045 -35.36 -52.37 -0.57
CA LYS F 1045 -35.70 -53.46 0.32
C LYS F 1045 -37.20 -53.62 0.41
N ALA F 1046 -37.75 -52.55 1.01
CA ALA F 1046 -39.10 -52.51 1.54
C ALA F 1046 -40.19 -52.85 0.57
N VAL F 1047 -40.29 -52.09 -0.53
CA VAL F 1047 -41.43 -52.26 -1.42
C VAL F 1047 -41.46 -53.66 -1.99
N VAL F 1048 -40.38 -54.10 -2.61
CA VAL F 1048 -40.42 -55.43 -3.18
C VAL F 1048 -40.61 -56.49 -2.11
N MET F 1049 -39.96 -56.33 -0.95
CA MET F 1049 -40.11 -57.31 0.12
C MET F 1049 -41.55 -57.45 0.62
N ASP F 1050 -42.22 -56.31 0.85
CA ASP F 1050 -43.61 -56.37 1.26
C ASP F 1050 -44.44 -57.00 0.14
N LEU F 1051 -44.34 -56.46 -1.08
CA LEU F 1051 -45.08 -57.00 -2.22
C LEU F 1051 -44.83 -58.50 -2.34
N LEU F 1052 -43.59 -58.92 -2.12
CA LEU F 1052 -43.29 -60.34 -2.12
C LEU F 1052 -44.15 -61.05 -1.11
N ARG F 1053 -44.11 -60.62 0.15
CA ARG F 1053 -45.02 -61.26 1.08
C ARG F 1053 -46.47 -61.08 0.69
N GLN F 1054 -46.78 -60.08 -0.13
CA GLN F 1054 -48.16 -59.85 -0.53
C GLN F 1054 -48.71 -60.95 -1.42
N TYR F 1055 -48.14 -61.10 -2.63
CA TYR F 1055 -48.12 -62.36 -3.38
C TYR F 1055 -47.96 -63.68 -2.63
N LEU F 1056 -47.11 -63.72 -1.62
CA LEU F 1056 -46.66 -65.01 -1.12
C LEU F 1056 -47.75 -65.48 -0.23
N ARG F 1057 -48.06 -64.60 0.70
CA ARG F 1057 -49.05 -64.77 1.74
C ARG F 1057 -50.37 -65.11 1.07
N VAL F 1058 -50.81 -64.21 0.18
CA VAL F 1058 -52.01 -64.47 -0.59
C VAL F 1058 -51.98 -65.90 -1.12
N GLU F 1059 -50.98 -66.26 -1.93
CA GLU F 1059 -51.14 -67.55 -2.58
C GLU F 1059 -50.73 -68.73 -1.70
N THR F 1060 -50.21 -68.49 -0.50
CA THR F 1060 -49.87 -69.56 0.42
C THR F 1060 -51.12 -69.91 1.20
N GLN F 1061 -51.87 -68.88 1.60
CA GLN F 1061 -53.15 -69.13 2.21
C GLN F 1061 -54.01 -69.80 1.16
N PHE F 1062 -53.80 -69.42 -0.10
CA PHE F 1062 -54.56 -69.96 -1.21
C PHE F 1062 -54.42 -71.46 -1.36
N GLN F 1063 -53.22 -72.02 -1.18
CA GLN F 1063 -53.07 -73.46 -1.44
C GLN F 1063 -52.68 -74.27 -0.23
N ASN F 1064 -53.63 -75.12 0.14
CA ASN F 1064 -53.56 -76.08 1.21
C ASN F 1064 -54.55 -77.18 0.83
N GLY F 1065 -54.17 -77.99 -0.16
CA GLY F 1065 -55.00 -79.07 -0.69
C GLY F 1065 -55.40 -78.94 -2.16
N HIS F 1066 -56.63 -78.50 -2.48
CA HIS F 1066 -57.02 -78.31 -3.88
C HIS F 1066 -58.00 -77.16 -3.99
N TYR F 1067 -58.08 -76.56 -5.18
CA TYR F 1067 -58.83 -75.32 -5.41
C TYR F 1067 -60.23 -75.31 -4.80
N ASP F 1068 -61.01 -76.35 -5.02
CA ASP F 1068 -62.38 -76.34 -4.51
C ASP F 1068 -62.43 -76.32 -2.98
N LYS F 1069 -61.83 -77.33 -2.35
CA LYS F 1069 -61.86 -77.43 -0.89
C LYS F 1069 -61.21 -76.21 -0.26
N CYS F 1070 -60.11 -75.75 -0.86
CA CYS F 1070 -59.38 -74.59 -0.38
C CYS F 1070 -60.27 -73.36 -0.44
N VAL F 1071 -61.07 -73.26 -1.50
CA VAL F 1071 -62.00 -72.16 -1.63
C VAL F 1071 -63.11 -72.29 -0.59
N PHE F 1072 -63.46 -73.51 -0.18
CA PHE F 1072 -64.46 -73.60 0.88
C PHE F 1072 -63.87 -73.24 2.25
N ALA F 1073 -62.61 -73.60 2.51
CA ALA F 1073 -61.96 -73.11 3.72
C ALA F 1073 -61.73 -71.60 3.70
N LEU F 1074 -61.48 -71.03 2.53
CA LEU F 1074 -61.32 -69.58 2.38
C LEU F 1074 -62.66 -68.92 2.63
N ARG F 1075 -63.66 -69.54 2.00
CA ARG F 1075 -65.06 -69.15 2.09
C ARG F 1075 -65.47 -69.07 3.52
N GLU F 1076 -64.96 -69.97 4.34
CA GLU F 1076 -65.56 -70.13 5.64
C GLU F 1076 -64.75 -69.33 6.64
N GLU F 1077 -63.47 -69.06 6.36
CA GLU F 1077 -62.72 -68.16 7.23
C GLU F 1077 -63.36 -66.78 7.16
N ASN F 1078 -63.81 -66.36 5.97
CA ASN F 1078 -64.51 -65.07 5.83
C ASN F 1078 -65.74 -65.49 5.05
N LYS F 1079 -66.66 -66.13 5.76
CA LYS F 1079 -67.86 -66.63 5.12
C LYS F 1079 -68.75 -65.50 4.59
N SER F 1080 -68.87 -64.42 5.36
CA SER F 1080 -69.80 -63.36 4.99
C SER F 1080 -69.48 -62.71 3.65
N ASP F 1081 -68.20 -62.42 3.37
CA ASP F 1081 -67.86 -61.78 2.10
C ASP F 1081 -66.77 -62.61 1.43
N MET F 1082 -66.72 -62.46 0.10
CA MET F 1082 -65.76 -63.14 -0.74
C MET F 1082 -65.10 -62.20 -1.75
N ASN F 1083 -65.31 -60.88 -1.68
CA ASN F 1083 -64.67 -60.01 -2.66
C ASN F 1083 -63.15 -59.88 -2.52
N THR F 1084 -62.59 -59.74 -1.30
CA THR F 1084 -61.13 -59.72 -1.17
C THR F 1084 -60.57 -61.04 -1.65
N VAL F 1085 -61.28 -62.09 -1.27
CA VAL F 1085 -60.96 -63.45 -1.66
C VAL F 1085 -61.06 -63.55 -3.16
N LEU F 1086 -62.07 -62.90 -3.75
CA LEU F 1086 -62.27 -63.07 -5.18
C LEU F 1086 -61.11 -62.43 -5.91
N ASN F 1087 -60.66 -61.27 -5.44
CA ASN F 1087 -59.45 -60.72 -6.06
C ASN F 1087 -58.30 -61.71 -5.89
N TYR F 1088 -58.25 -62.42 -4.75
CA TYR F 1088 -57.25 -63.47 -4.58
C TYR F 1088 -57.47 -64.60 -5.63
N ILE F 1089 -58.72 -65.08 -5.76
CA ILE F 1089 -59.04 -66.23 -6.62
C ILE F 1089 -58.78 -65.90 -8.08
N PHE F 1090 -59.25 -64.72 -8.44
CA PHE F 1090 -59.06 -64.04 -9.69
C PHE F 1090 -57.56 -63.90 -9.94
N SER F 1091 -56.80 -63.60 -8.87
CA SER F 1091 -55.35 -63.44 -8.99
C SER F 1091 -54.71 -64.77 -9.36
N HIS F 1092 -54.91 -65.83 -8.55
CA HIS F 1092 -54.23 -67.08 -8.94
C HIS F 1092 -54.82 -67.68 -10.21
N ALA F 1093 -55.82 -67.08 -10.85
CA ALA F 1093 -56.22 -67.62 -12.13
C ALA F 1093 -55.11 -67.37 -13.14
N GLN F 1094 -54.59 -66.14 -13.15
CA GLN F 1094 -53.43 -65.76 -13.94
C GLN F 1094 -52.14 -65.86 -13.12
N VAL F 1095 -51.79 -67.09 -12.68
CA VAL F 1095 -50.50 -67.22 -12.00
C VAL F 1095 -49.38 -67.06 -13.01
N THR F 1096 -49.52 -67.69 -14.17
CA THR F 1096 -48.44 -67.71 -15.15
C THR F 1096 -48.06 -66.29 -15.55
N LYS F 1097 -49.04 -65.39 -15.57
CA LYS F 1097 -48.75 -63.99 -15.85
C LYS F 1097 -47.92 -63.41 -14.70
N LYS F 1098 -48.50 -63.50 -13.51
CA LYS F 1098 -47.92 -63.31 -12.19
C LYS F 1098 -46.56 -63.93 -12.04
N ASN F 1099 -46.35 -65.09 -12.64
CA ASN F 1099 -45.21 -65.92 -12.24
C ASN F 1099 -44.03 -65.37 -13.00
N LEU F 1100 -44.26 -65.11 -14.29
CA LEU F 1100 -43.25 -64.43 -15.09
C LEU F 1100 -42.85 -63.16 -14.36
N LEU F 1101 -43.82 -62.35 -13.95
CA LEU F 1101 -43.43 -61.09 -13.31
C LEU F 1101 -42.72 -61.36 -12.00
N VAL F 1102 -43.07 -62.46 -11.34
CA VAL F 1102 -42.33 -62.84 -10.15
C VAL F 1102 -40.87 -63.06 -10.51
N THR F 1103 -40.63 -63.80 -11.59
CA THR F 1103 -39.28 -63.96 -12.10
C THR F 1103 -38.61 -62.61 -12.33
N MET F 1104 -39.25 -61.73 -13.08
CA MET F 1104 -38.79 -60.33 -13.21
C MET F 1104 -38.30 -59.70 -11.92
N LEU F 1105 -39.17 -59.75 -10.92
CA LEU F 1105 -38.85 -59.10 -9.65
C LEU F 1105 -37.62 -59.69 -9.00
N ILE F 1106 -37.61 -61.01 -8.90
CA ILE F 1106 -36.49 -61.70 -8.27
C ILE F 1106 -35.24 -61.53 -9.10
N ASP F 1107 -35.37 -61.59 -10.41
CA ASP F 1107 -34.20 -61.62 -11.27
C ASP F 1107 -33.42 -60.32 -11.16
N GLN F 1108 -34.09 -59.17 -11.17
CA GLN F 1108 -33.30 -57.95 -11.07
C GLN F 1108 -33.03 -57.49 -9.65
N LEU F 1109 -33.83 -57.89 -8.67
CA LEU F 1109 -33.28 -57.92 -7.32
C LEU F 1109 -32.09 -58.83 -7.00
N CYS F 1110 -32.33 -60.14 -6.97
CA CYS F 1110 -31.33 -61.18 -6.86
C CYS F 1110 -30.11 -60.97 -7.75
N GLY F 1111 -30.30 -60.30 -8.87
CA GLY F 1111 -29.17 -59.98 -9.71
C GLY F 1111 -28.40 -58.81 -9.15
N ARG F 1112 -29.13 -57.87 -8.56
CA ARG F 1112 -28.50 -56.65 -8.10
C ARG F 1112 -27.84 -56.79 -6.74
N ASP F 1113 -28.35 -57.68 -5.91
CA ASP F 1113 -28.42 -57.54 -4.46
C ASP F 1113 -27.21 -57.91 -3.59
N PRO F 1114 -26.46 -58.96 -3.89
CA PRO F 1114 -26.24 -60.28 -3.25
C PRO F 1114 -26.03 -60.53 -1.73
N THR F 1115 -25.85 -59.56 -0.84
CA THR F 1115 -25.32 -59.84 0.50
C THR F 1115 -26.24 -59.38 1.63
N LEU F 1116 -27.52 -59.73 1.60
CA LEU F 1116 -28.50 -58.83 2.20
C LEU F 1116 -28.82 -58.94 3.69
N THR F 1117 -29.66 -59.88 4.13
CA THR F 1117 -30.11 -59.67 5.51
C THR F 1117 -31.10 -60.73 5.97
N ASP F 1118 -31.34 -60.69 7.28
CA ASP F 1118 -32.12 -61.69 7.99
C ASP F 1118 -33.59 -61.64 7.60
N GLU F 1119 -34.23 -60.46 7.67
CA GLU F 1119 -35.61 -60.31 7.23
C GLU F 1119 -35.88 -60.88 5.84
N LEU F 1120 -34.87 -60.84 4.99
CA LEU F 1120 -35.11 -61.33 3.65
C LEU F 1120 -34.93 -62.82 3.67
N LEU F 1121 -33.75 -63.28 4.10
CA LEU F 1121 -33.45 -64.71 4.15
C LEU F 1121 -34.56 -65.48 4.87
N ASN F 1122 -35.15 -64.84 5.88
CA ASN F 1122 -36.34 -65.31 6.59
C ASN F 1122 -37.52 -65.52 5.65
N ILE F 1123 -37.88 -64.47 4.91
CA ILE F 1123 -38.91 -64.65 3.88
C ILE F 1123 -38.54 -65.74 2.88
N LEU F 1124 -37.27 -65.84 2.51
CA LEU F 1124 -36.87 -66.89 1.58
C LEU F 1124 -37.08 -68.28 2.16
N THR F 1125 -36.69 -68.52 3.41
CA THR F 1125 -36.91 -69.87 3.94
C THR F 1125 -38.41 -70.12 4.08
N GLU F 1126 -39.18 -69.06 4.28
CA GLU F 1126 -40.63 -69.18 4.24
C GLU F 1126 -41.09 -69.55 2.83
N LEU F 1127 -40.43 -68.97 1.85
CA LEU F 1127 -40.75 -69.02 0.44
C LEU F 1127 -40.47 -70.38 -0.17
N THR F 1128 -39.45 -71.09 0.30
CA THR F 1128 -39.13 -72.41 -0.24
C THR F 1128 -40.22 -73.44 -0.07
N GLN F 1129 -41.10 -73.28 0.90
CA GLN F 1129 -42.09 -74.32 1.18
C GLN F 1129 -43.19 -74.38 0.12
N LEU F 1130 -43.16 -73.47 -0.84
CA LEU F 1130 -44.24 -73.23 -1.79
C LEU F 1130 -44.56 -74.42 -2.70
N SER F 1131 -45.85 -74.77 -2.77
CA SER F 1131 -46.29 -76.08 -3.21
C SER F 1131 -47.13 -76.06 -4.49
N LYS F 1132 -46.71 -75.42 -5.60
CA LYS F 1132 -47.54 -75.53 -6.80
C LYS F 1132 -46.77 -75.48 -8.10
N THR F 1133 -47.37 -76.11 -9.10
CA THR F 1133 -46.74 -76.31 -10.40
C THR F 1133 -46.25 -74.99 -11.03
N THR F 1134 -47.08 -73.94 -10.98
CA THR F 1134 -46.65 -72.63 -11.48
C THR F 1134 -45.57 -72.02 -10.63
N ASN F 1135 -45.73 -72.09 -9.32
CA ASN F 1135 -44.73 -71.56 -8.42
C ASN F 1135 -43.87 -72.74 -8.01
N ALA F 1136 -43.11 -73.14 -9.00
CA ALA F 1136 -42.19 -74.25 -8.98
C ALA F 1136 -40.85 -73.69 -9.38
N LYS F 1137 -40.87 -72.59 -10.16
CA LYS F 1137 -39.65 -71.86 -10.43
C LYS F 1137 -39.19 -71.14 -9.20
N VAL F 1138 -40.14 -70.55 -8.49
CA VAL F 1138 -39.82 -69.63 -7.41
C VAL F 1138 -39.01 -70.35 -6.32
N ALA F 1139 -39.39 -71.59 -6.01
CA ALA F 1139 -38.66 -72.41 -5.03
C ALA F 1139 -37.22 -72.68 -5.44
N LEU F 1140 -37.05 -73.17 -6.67
CA LEU F 1140 -35.71 -73.37 -7.21
C LEU F 1140 -34.98 -72.05 -7.29
N ARG F 1141 -35.72 -70.98 -7.44
CA ARG F 1141 -35.12 -69.69 -7.47
C ARG F 1141 -34.62 -69.36 -6.10
N ALA F 1142 -35.40 -69.73 -5.08
CA ALA F 1142 -35.02 -69.48 -3.70
C ALA F 1142 -33.64 -70.05 -3.42
N ARG F 1143 -33.45 -71.31 -3.81
CA ARG F 1143 -32.17 -71.95 -3.48
C ARG F 1143 -31.02 -71.45 -4.35
N GLN F 1144 -31.25 -71.41 -5.66
CA GLN F 1144 -30.18 -71.08 -6.60
C GLN F 1144 -29.66 -69.69 -6.30
N VAL F 1145 -30.58 -68.81 -5.96
CA VAL F 1145 -30.24 -67.48 -5.52
C VAL F 1145 -29.49 -67.56 -4.20
N LEU F 1146 -29.96 -68.41 -3.26
CA LEU F 1146 -29.36 -68.31 -1.94
C LEU F 1146 -27.91 -68.74 -1.96
N ILE F 1147 -27.52 -69.58 -2.92
CA ILE F 1147 -26.13 -70.02 -3.00
C ILE F 1147 -25.35 -69.10 -3.92
N ALA F 1148 -25.89 -68.89 -5.12
CA ALA F 1148 -25.26 -68.00 -6.09
C ALA F 1148 -24.91 -66.65 -5.48
N SER F 1149 -25.68 -66.22 -4.48
CA SER F 1149 -25.18 -65.31 -3.46
C SER F 1149 -23.76 -65.69 -3.02
N HIS F 1150 -23.60 -66.89 -2.44
CA HIS F 1150 -22.30 -67.31 -1.92
C HIS F 1150 -21.22 -67.40 -2.99
N LEU F 1151 -21.57 -67.79 -4.21
CA LEU F 1151 -20.60 -67.79 -5.31
C LEU F 1151 -21.38 -67.70 -6.62
N PRO F 1152 -21.47 -66.51 -7.24
CA PRO F 1152 -22.20 -66.39 -8.50
C PRO F 1152 -21.35 -66.65 -9.74
N SER F 1153 -21.95 -66.45 -10.91
CA SER F 1153 -21.24 -66.32 -12.16
C SER F 1153 -21.91 -65.26 -13.03
N TYR F 1154 -22.63 -64.31 -12.41
CA TYR F 1154 -23.44 -63.33 -13.14
C TYR F 1154 -22.41 -62.43 -13.91
N GLU F 1155 -22.77 -61.21 -14.33
CA GLU F 1155 -21.83 -60.44 -15.13
C GLU F 1155 -20.75 -59.72 -14.30
N LEU F 1156 -20.95 -59.54 -12.99
CA LEU F 1156 -19.94 -58.85 -12.19
C LEU F 1156 -18.79 -59.79 -11.90
N ARG F 1157 -19.09 -61.04 -11.57
CA ARG F 1157 -18.03 -61.98 -11.31
C ARG F 1157 -17.57 -62.53 -12.64
N HIS F 1158 -18.38 -62.36 -13.70
CA HIS F 1158 -17.83 -62.53 -15.02
C HIS F 1158 -16.67 -61.55 -15.21
N ASN F 1159 -16.78 -60.34 -14.64
CA ASN F 1159 -15.59 -59.48 -14.66
C ASN F 1159 -14.48 -60.08 -13.81
N GLN F 1160 -14.84 -60.73 -12.70
CA GLN F 1160 -13.80 -61.27 -11.83
C GLN F 1160 -13.06 -62.44 -12.47
N VAL F 1161 -13.78 -63.30 -13.19
CA VAL F 1161 -13.17 -64.45 -13.87
C VAL F 1161 -12.38 -63.98 -15.09
N GLU F 1162 -12.93 -63.04 -15.84
CA GLU F 1162 -12.14 -62.37 -16.86
C GLU F 1162 -10.78 -61.97 -16.25
N SER F 1163 -10.80 -61.33 -15.08
CA SER F 1163 -9.55 -60.94 -14.42
C SER F 1163 -8.68 -62.17 -14.19
N ILE F 1164 -9.19 -63.16 -13.45
CA ILE F 1164 -8.43 -64.39 -13.14
C ILE F 1164 -7.78 -64.95 -14.41
N PHE F 1165 -8.52 -65.00 -15.51
CA PHE F 1165 -8.03 -65.60 -16.75
C PHE F 1165 -6.83 -64.86 -17.31
N LEU F 1166 -7.02 -63.56 -17.57
CA LEU F 1166 -5.97 -62.76 -18.15
C LEU F 1166 -4.79 -62.63 -17.19
N SER F 1167 -5.07 -62.55 -15.90
CA SER F 1167 -4.00 -62.47 -14.90
C SER F 1167 -3.24 -63.78 -14.89
N ALA F 1168 -3.97 -64.90 -14.83
CA ALA F 1168 -3.38 -66.23 -14.76
C ALA F 1168 -2.47 -66.51 -15.95
N ILE F 1169 -2.69 -65.83 -17.08
CA ILE F 1169 -1.74 -65.88 -18.18
C ILE F 1169 -0.33 -65.53 -17.67
N ASP F 1170 0.70 -66.10 -18.30
CA ASP F 1170 2.09 -65.81 -17.91
C ASP F 1170 2.65 -64.58 -18.62
N MET F 1171 2.21 -64.31 -19.85
CA MET F 1171 2.52 -63.07 -20.56
C MET F 1171 4.03 -62.90 -20.79
N TYR F 1172 4.56 -63.83 -21.60
CA TYR F 1172 5.89 -63.74 -22.18
C TYR F 1172 5.99 -64.88 -23.20
N GLY F 1173 7.11 -64.96 -23.92
CA GLY F 1173 7.40 -66.12 -24.73
C GLY F 1173 7.31 -67.44 -23.98
N HIS F 1174 7.51 -67.43 -22.65
CA HIS F 1174 7.33 -68.65 -21.86
C HIS F 1174 5.91 -69.16 -22.02
N GLN F 1175 4.94 -68.39 -21.54
CA GLN F 1175 3.52 -68.60 -21.85
C GLN F 1175 3.05 -69.99 -21.35
N PHE F 1176 3.77 -70.50 -20.33
CA PHE F 1176 3.48 -71.80 -19.70
C PHE F 1176 2.54 -71.65 -18.52
N CYS F 1177 1.30 -72.12 -18.68
CA CYS F 1177 0.32 -72.17 -17.61
C CYS F 1177 -0.49 -73.46 -17.75
N ILE F 1178 0.22 -74.54 -18.04
CA ILE F 1178 -0.33 -75.89 -18.14
C ILE F 1178 -0.97 -76.38 -16.83
N GLU F 1179 -0.36 -76.10 -15.68
CA GLU F 1179 -1.03 -76.45 -14.41
C GLU F 1179 -2.35 -75.70 -14.27
N ASN F 1180 -2.35 -74.44 -14.69
CA ASN F 1180 -3.58 -73.69 -14.67
C ASN F 1180 -4.53 -74.23 -15.70
N LEU F 1181 -4.01 -74.77 -16.81
CA LEU F 1181 -4.89 -75.39 -17.77
C LEU F 1181 -5.60 -76.56 -17.14
N GLN F 1182 -4.92 -77.37 -16.33
CA GLN F 1182 -5.69 -78.36 -15.59
C GLN F 1182 -6.63 -77.78 -14.55
N LYS F 1183 -6.41 -76.57 -14.02
CA LYS F 1183 -7.50 -76.06 -13.18
C LYS F 1183 -8.70 -75.65 -14.04
N LEU F 1184 -8.43 -75.25 -15.28
CA LEU F 1184 -9.49 -75.00 -16.24
C LEU F 1184 -10.23 -76.29 -16.52
N ILE F 1185 -9.50 -77.41 -16.56
CA ILE F 1185 -10.09 -78.70 -16.90
C ILE F 1185 -10.65 -79.37 -15.63
N LEU F 1186 -10.39 -78.79 -14.45
CA LEU F 1186 -10.97 -79.27 -13.19
C LEU F 1186 -11.49 -78.02 -12.48
N SER F 1187 -12.41 -77.37 -13.18
CA SER F 1187 -13.07 -76.17 -12.74
C SER F 1187 -14.48 -76.56 -12.38
N GLU F 1188 -14.94 -76.26 -11.16
CA GLU F 1188 -16.34 -76.56 -10.91
C GLU F 1188 -17.17 -75.68 -11.84
N THR F 1189 -16.69 -74.45 -12.03
CA THR F 1189 -17.28 -73.49 -12.94
C THR F 1189 -16.98 -73.90 -14.39
N SER F 1190 -17.98 -73.75 -15.26
CA SER F 1190 -17.77 -74.06 -16.68
C SER F 1190 -17.09 -72.87 -17.34
N ILE F 1191 -16.01 -73.12 -18.08
CA ILE F 1191 -15.25 -72.01 -18.65
C ILE F 1191 -15.13 -72.05 -20.18
N PHE F 1192 -15.96 -72.80 -20.89
CA PHE F 1192 -16.07 -72.59 -22.34
C PHE F 1192 -16.86 -71.33 -22.69
N ASP F 1193 -17.48 -70.71 -21.69
CA ASP F 1193 -18.37 -69.56 -21.81
C ASP F 1193 -17.74 -68.18 -22.01
N VAL F 1194 -16.94 -67.70 -21.07
CA VAL F 1194 -16.61 -66.27 -21.05
C VAL F 1194 -15.25 -65.93 -21.65
N LEU F 1195 -14.22 -66.74 -21.45
CA LEU F 1195 -12.91 -66.62 -22.09
C LEU F 1195 -12.97 -66.28 -23.59
N PRO F 1196 -13.89 -66.89 -24.36
CA PRO F 1196 -14.02 -66.47 -25.76
C PRO F 1196 -14.31 -65.01 -25.96
N ASN F 1197 -15.00 -64.37 -25.04
CA ASN F 1197 -15.29 -62.95 -25.17
C ASN F 1197 -14.00 -62.13 -25.18
N PHE F 1198 -13.01 -62.48 -24.34
CA PHE F 1198 -11.71 -61.79 -24.42
C PHE F 1198 -10.60 -62.30 -25.36
N PHE F 1199 -10.55 -63.52 -25.92
CA PHE F 1199 -9.34 -63.79 -26.76
C PHE F 1199 -9.18 -62.92 -28.04
N TYR F 1200 -9.97 -61.87 -28.21
CA TYR F 1200 -9.84 -60.82 -29.21
C TYR F 1200 -9.80 -59.44 -28.58
N HIS F 1201 -9.04 -59.39 -27.48
CA HIS F 1201 -8.66 -58.22 -26.70
C HIS F 1201 -7.43 -57.63 -27.41
N SER F 1202 -6.59 -56.83 -26.74
CA SER F 1202 -5.60 -55.99 -27.41
C SER F 1202 -4.20 -56.08 -26.82
N ASN F 1203 -3.63 -57.30 -26.68
CA ASN F 1203 -2.21 -57.37 -26.32
C ASN F 1203 -1.63 -58.72 -26.75
N GLN F 1204 -0.81 -58.68 -27.81
CA GLN F 1204 -0.47 -59.86 -28.62
C GLN F 1204 0.09 -61.07 -27.86
N VAL F 1205 0.85 -60.89 -26.79
CA VAL F 1205 1.36 -62.06 -26.06
C VAL F 1205 0.27 -62.75 -25.26
N VAL F 1206 -0.48 -62.00 -24.46
CA VAL F 1206 -1.53 -62.62 -23.66
C VAL F 1206 -2.66 -63.08 -24.58
N ARG F 1207 -2.87 -62.36 -25.67
CA ARG F 1207 -3.65 -62.75 -26.83
C ARG F 1207 -3.23 -64.21 -27.06
N MET F 1208 -1.98 -64.40 -27.52
CA MET F 1208 -1.45 -65.72 -27.88
C MET F 1208 -1.72 -66.78 -26.81
N ALA F 1209 -1.26 -66.52 -25.57
CA ALA F 1209 -1.46 -67.44 -24.45
C ALA F 1209 -2.92 -67.87 -24.33
N ALA F 1210 -3.81 -66.88 -24.17
CA ALA F 1210 -5.22 -67.16 -23.95
C ALA F 1210 -5.78 -68.00 -25.08
N LEU F 1211 -5.41 -67.63 -26.30
CA LEU F 1211 -5.90 -68.29 -27.50
C LEU F 1211 -5.45 -69.75 -27.54
N GLU F 1212 -4.17 -70.02 -27.27
CA GLU F 1212 -3.79 -71.43 -27.34
C GLU F 1212 -4.37 -72.22 -26.18
N VAL F 1213 -4.61 -71.60 -25.02
CA VAL F 1213 -5.24 -72.37 -23.96
C VAL F 1213 -6.64 -72.79 -24.42
N TYR F 1214 -7.31 -71.91 -25.18
CA TYR F 1214 -8.59 -72.27 -25.82
C TYR F 1214 -8.42 -73.47 -26.75
N VAL F 1215 -7.38 -73.43 -27.60
CA VAL F 1215 -7.05 -74.58 -28.45
C VAL F 1215 -7.04 -75.85 -27.62
N ARG F 1216 -6.25 -75.80 -26.54
CA ARG F 1216 -5.90 -76.97 -25.76
C ARG F 1216 -7.18 -77.54 -25.17
N ARG F 1217 -8.08 -76.64 -24.76
CA ARG F 1217 -9.40 -76.95 -24.22
C ARG F 1217 -10.40 -77.38 -25.27
N ALA F 1218 -10.12 -77.17 -26.56
CA ALA F 1218 -11.03 -77.70 -27.57
C ALA F 1218 -10.69 -79.17 -27.84
N TYR F 1219 -9.47 -79.43 -28.34
CA TYR F 1219 -9.03 -80.77 -28.74
C TYR F 1219 -8.28 -81.57 -27.67
N ILE F 1220 -8.46 -81.23 -26.40
CA ILE F 1220 -7.90 -82.01 -25.29
C ILE F 1220 -8.14 -83.53 -25.40
N ALA F 1221 -9.18 -83.99 -26.11
CA ALA F 1221 -9.40 -85.44 -26.16
C ALA F 1221 -8.30 -86.16 -26.93
N TYR F 1222 -8.01 -85.76 -28.16
CA TYR F 1222 -6.92 -86.40 -28.90
C TYR F 1222 -5.60 -85.81 -28.43
N GLU F 1223 -4.51 -86.34 -28.98
CA GLU F 1223 -3.16 -85.90 -28.63
C GLU F 1223 -2.60 -84.91 -29.64
N LEU F 1224 -2.23 -83.74 -29.13
CA LEU F 1224 -1.73 -82.62 -29.92
C LEU F 1224 -0.22 -82.64 -29.73
N ASN F 1225 0.52 -82.77 -30.83
CA ASN F 1225 1.97 -82.86 -30.72
C ASN F 1225 2.69 -81.64 -31.26
N SER F 1226 1.97 -80.66 -31.77
CA SER F 1226 2.55 -79.45 -32.30
C SER F 1226 1.44 -78.43 -32.55
N VAL F 1227 1.74 -77.20 -32.18
CA VAL F 1227 0.83 -76.06 -32.29
C VAL F 1227 1.71 -74.83 -32.47
N GLN F 1228 1.65 -74.16 -33.61
CA GLN F 1228 2.45 -72.97 -33.82
C GLN F 1228 1.51 -71.79 -33.95
N HIS F 1229 1.83 -70.73 -33.19
CA HIS F 1229 1.19 -69.45 -33.38
C HIS F 1229 1.74 -68.80 -34.63
N ARG F 1230 0.83 -68.35 -35.46
CA ARG F 1230 1.06 -67.49 -36.61
C ARG F 1230 0.51 -66.10 -36.32
N GLN F 1231 0.97 -65.16 -37.13
CA GLN F 1231 0.89 -63.74 -36.85
C GLN F 1231 0.92 -63.06 -38.22
N LEU F 1232 -0.26 -62.70 -38.72
CA LEU F 1232 -0.39 -62.22 -40.07
C LEU F 1232 -1.26 -60.97 -40.12
N LYS F 1233 -1.34 -60.41 -41.32
CA LYS F 1233 -0.74 -59.11 -41.61
C LYS F 1233 -0.77 -58.11 -40.48
N ASP F 1234 -1.96 -57.61 -40.21
CA ASP F 1234 -2.19 -56.58 -39.21
C ASP F 1234 -3.45 -56.83 -38.42
N ASN F 1235 -4.27 -57.82 -38.80
CA ASN F 1235 -5.53 -58.10 -38.17
C ASN F 1235 -5.70 -59.58 -37.85
N THR F 1236 -4.71 -60.43 -38.16
CA THR F 1236 -4.80 -61.83 -37.76
C THR F 1236 -3.71 -62.25 -36.79
N CYS F 1237 -4.11 -62.96 -35.74
CA CYS F 1237 -3.38 -64.06 -35.13
C CYS F 1237 -4.03 -65.37 -35.57
N VAL F 1238 -3.26 -66.29 -36.15
CA VAL F 1238 -3.80 -67.60 -36.51
C VAL F 1238 -3.09 -68.65 -35.66
N VAL F 1239 -3.83 -69.64 -35.16
CA VAL F 1239 -3.19 -70.77 -34.50
C VAL F 1239 -3.29 -72.00 -35.40
N GLU F 1240 -2.30 -72.90 -35.27
CA GLU F 1240 -2.26 -74.19 -35.97
C GLU F 1240 -2.46 -75.38 -35.03
N PHE F 1241 -3.23 -76.39 -35.48
CA PHE F 1241 -3.39 -77.59 -34.66
C PHE F 1241 -2.58 -78.68 -35.35
N GLN F 1242 -2.14 -79.68 -34.58
CA GLN F 1242 -1.49 -80.87 -35.16
C GLN F 1242 -1.81 -82.09 -34.31
N PHE F 1243 -2.51 -83.08 -34.86
CA PHE F 1243 -2.94 -84.19 -34.00
C PHE F 1243 -3.16 -85.42 -34.90
N MET F 1244 -3.81 -86.46 -34.34
CA MET F 1244 -4.21 -87.59 -35.16
C MET F 1244 -5.43 -88.32 -34.61
N LEU F 1245 -5.94 -89.19 -35.46
CA LEU F 1245 -7.19 -89.94 -35.28
C LEU F 1245 -6.97 -91.16 -34.38
N PRO F 1246 -7.58 -91.24 -33.19
CA PRO F 1246 -7.76 -92.59 -32.57
C PRO F 1246 -9.09 -93.27 -32.90
N THR F 1247 -9.20 -93.78 -34.13
CA THR F 1247 -10.21 -94.77 -34.52
C THR F 1247 -11.65 -94.25 -34.52
N SER F 1248 -11.86 -92.93 -34.64
CA SER F 1248 -13.23 -92.42 -34.63
C SER F 1248 -14.02 -92.89 -35.84
N HIS F 1249 -13.41 -92.82 -37.03
CA HIS F 1249 -13.99 -93.22 -38.31
C HIS F 1249 -13.11 -92.72 -39.45
N CYS F 1291 -4.44 -90.22 -41.33
CA CYS F 1291 -3.82 -90.55 -40.06
C CYS F 1291 -3.68 -89.32 -39.17
N GLN F 1292 -3.23 -88.22 -39.75
CA GLN F 1292 -2.91 -87.03 -38.99
C GLN F 1292 -3.59 -85.85 -39.67
N ARG F 1293 -3.61 -84.71 -38.99
CA ARG F 1293 -4.32 -83.55 -39.52
C ARG F 1293 -3.90 -82.35 -38.70
N MET F 1294 -4.10 -81.19 -39.31
CA MET F 1294 -3.91 -79.92 -38.67
C MET F 1294 -5.20 -79.12 -38.49
N GLY F 1295 -5.06 -77.89 -37.98
CA GLY F 1295 -6.22 -77.07 -37.70
C GLY F 1295 -5.88 -75.59 -37.86
N GLY F 1296 -6.93 -74.77 -37.86
CA GLY F 1296 -6.76 -73.32 -37.87
C GLY F 1296 -7.86 -72.55 -37.15
N MET F 1297 -7.41 -71.68 -36.22
CA MET F 1297 -8.27 -70.70 -35.55
C MET F 1297 -7.84 -69.28 -35.89
N VAL F 1298 -8.83 -68.41 -36.15
CA VAL F 1298 -8.60 -66.98 -36.38
C VAL F 1298 -9.60 -66.12 -35.60
N SER F 1299 -9.08 -65.14 -34.88
CA SER F 1299 -9.89 -64.24 -34.04
C SER F 1299 -10.19 -62.91 -34.75
N PHE F 1300 -11.50 -62.63 -34.97
CA PHE F 1300 -12.02 -61.46 -35.70
C PHE F 1300 -13.17 -60.71 -35.02
N ARG F 1301 -13.21 -59.43 -35.40
CA ARG F 1301 -13.88 -58.25 -34.88
C ARG F 1301 -15.29 -58.07 -35.45
N THR F 1302 -15.45 -58.19 -36.77
CA THR F 1302 -16.76 -58.13 -37.40
C THR F 1302 -16.78 -59.19 -38.48
N PHE F 1303 -17.98 -59.67 -38.83
CA PHE F 1303 -17.99 -60.76 -39.80
C PHE F 1303 -17.57 -60.21 -41.15
N GLU F 1304 -17.73 -58.89 -41.36
CA GLU F 1304 -17.53 -58.31 -42.67
C GLU F 1304 -16.07 -58.50 -43.03
N ASP F 1305 -15.19 -58.09 -42.11
CA ASP F 1305 -13.77 -58.17 -42.39
C ASP F 1305 -13.43 -59.60 -42.70
N PHE F 1306 -13.99 -60.53 -41.92
CA PHE F 1306 -13.80 -61.95 -42.20
C PHE F 1306 -14.12 -62.30 -43.65
N VAL F 1307 -15.17 -61.71 -44.22
CA VAL F 1307 -15.49 -62.05 -45.61
C VAL F 1307 -14.64 -61.29 -46.62
N ARG F 1308 -14.07 -60.13 -46.26
CA ARG F 1308 -13.23 -59.39 -47.19
C ARG F 1308 -11.75 -59.77 -47.09
N ILE F 1309 -11.22 -59.79 -45.86
CA ILE F 1309 -9.97 -60.43 -45.47
C ILE F 1309 -10.08 -61.95 -45.49
N PHE F 1310 -11.23 -62.51 -45.93
CA PHE F 1310 -11.40 -63.94 -46.18
C PHE F 1310 -10.14 -64.42 -46.84
N ASP F 1311 -9.76 -63.77 -47.92
CA ASP F 1311 -9.19 -64.52 -49.01
C ASP F 1311 -7.69 -64.69 -48.76
N GLU F 1312 -7.13 -63.84 -47.88
CA GLU F 1312 -5.78 -63.97 -47.37
C GLU F 1312 -5.66 -64.91 -46.19
N VAL F 1313 -6.71 -65.06 -45.39
CA VAL F 1313 -6.65 -66.03 -44.31
C VAL F 1313 -6.54 -67.44 -44.89
N MET F 1314 -7.40 -67.74 -45.89
CA MET F 1314 -7.17 -68.96 -46.65
C MET F 1314 -6.08 -68.79 -47.71
N GLY F 1315 -5.61 -67.57 -47.93
CA GLY F 1315 -4.49 -67.37 -48.81
C GLY F 1315 -3.24 -67.96 -48.19
N CYS F 1316 -2.97 -67.57 -46.93
CA CYS F 1316 -1.78 -67.95 -46.18
C CYS F 1316 -1.99 -69.19 -45.31
N PHE F 1317 -3.12 -69.88 -45.45
CA PHE F 1317 -3.45 -71.07 -44.65
C PHE F 1317 -2.31 -72.09 -44.55
N GLU F 1345 -6.10 -84.33 -50.62
CA GLU F 1345 -6.79 -84.65 -49.38
C GLU F 1345 -6.73 -83.47 -48.39
N PRO F 1346 -7.85 -82.78 -48.15
CA PRO F 1346 -7.83 -81.75 -47.10
C PRO F 1346 -7.73 -82.35 -45.70
N ILE F 1347 -6.70 -81.86 -44.99
CA ILE F 1347 -6.20 -82.26 -43.69
C ILE F 1347 -6.19 -81.04 -42.75
N HIS F 1348 -6.96 -80.02 -43.08
CA HIS F 1348 -7.18 -78.91 -42.19
C HIS F 1348 -8.61 -78.78 -41.67
N ILE F 1349 -8.65 -78.48 -40.39
CA ILE F 1349 -9.83 -78.26 -39.56
C ILE F 1349 -9.93 -76.75 -39.58
N LEU F 1350 -11.14 -76.20 -39.72
CA LEU F 1350 -11.21 -74.74 -39.70
C LEU F 1350 -12.38 -74.22 -38.90
N ASN F 1351 -12.02 -73.49 -37.85
CA ASN F 1351 -12.97 -72.82 -36.98
C ASN F 1351 -12.56 -71.36 -36.94
N VAL F 1352 -13.53 -70.48 -37.14
CA VAL F 1352 -13.26 -69.05 -37.21
C VAL F 1352 -14.04 -68.33 -36.12
N ALA F 1353 -13.36 -67.56 -35.30
CA ALA F 1353 -14.02 -66.84 -34.23
C ALA F 1353 -14.36 -65.44 -34.70
N ILE F 1354 -15.62 -65.07 -34.59
CA ILE F 1354 -16.09 -63.77 -35.04
C ILE F 1354 -16.95 -63.15 -33.94
N LYS F 1355 -17.14 -61.85 -34.05
CA LYS F 1355 -17.86 -61.00 -33.11
C LYS F 1355 -19.37 -61.30 -33.33
N THR F 1356 -20.21 -60.35 -32.93
CA THR F 1356 -21.50 -59.94 -33.53
C THR F 1356 -22.74 -60.63 -32.98
N ASP F 1357 -22.65 -61.44 -31.93
CA ASP F 1357 -23.70 -61.60 -30.90
C ASP F 1357 -25.11 -61.67 -31.50
N CYS F 1358 -25.33 -62.75 -32.26
CA CYS F 1358 -26.44 -62.87 -33.19
C CYS F 1358 -27.78 -62.46 -32.58
N ASP F 1359 -28.67 -61.95 -33.45
CA ASP F 1359 -29.85 -61.20 -33.05
C ASP F 1359 -31.11 -61.80 -33.66
N ILE F 1360 -32.21 -61.03 -33.62
CA ILE F 1360 -33.57 -61.55 -33.77
C ILE F 1360 -33.72 -62.40 -35.03
N GLU F 1361 -33.04 -62.03 -36.11
CA GLU F 1361 -33.35 -62.57 -37.44
C GLU F 1361 -32.47 -63.78 -37.74
N ASP F 1362 -32.60 -64.81 -36.89
CA ASP F 1362 -31.84 -66.05 -37.04
C ASP F 1362 -31.94 -66.62 -38.45
N ASP F 1363 -33.13 -66.50 -39.05
CA ASP F 1363 -33.37 -66.97 -40.41
C ASP F 1363 -32.37 -66.35 -41.39
N ARG F 1364 -32.41 -65.03 -41.58
CA ARG F 1364 -31.49 -64.42 -42.54
C ARG F 1364 -30.06 -64.48 -42.03
N LEU F 1365 -29.87 -64.52 -40.71
CA LEU F 1365 -28.56 -64.71 -40.10
C LEU F 1365 -27.90 -65.97 -40.66
N ALA F 1366 -28.10 -67.13 -40.01
CA ALA F 1366 -27.41 -68.29 -40.54
C ALA F 1366 -27.73 -68.56 -42.01
N ALA F 1367 -28.87 -68.10 -42.54
CA ALA F 1367 -29.17 -68.42 -43.92
C ALA F 1367 -28.13 -67.74 -44.82
N MET F 1368 -27.89 -66.46 -44.52
CA MET F 1368 -26.77 -65.72 -45.07
C MET F 1368 -25.43 -66.46 -44.92
N PHE F 1369 -25.17 -67.01 -43.73
CA PHE F 1369 -23.89 -67.69 -43.51
C PHE F 1369 -23.71 -68.90 -44.45
N ARG F 1370 -24.74 -69.74 -44.48
CA ARG F 1370 -24.79 -70.88 -45.38
C ARG F 1370 -24.66 -70.43 -46.82
N GLU F 1371 -25.41 -69.40 -47.22
CA GLU F 1371 -25.32 -68.94 -48.60
C GLU F 1371 -24.01 -68.21 -48.89
N PHE F 1372 -23.18 -67.97 -47.87
CA PHE F 1372 -21.79 -67.59 -48.13
C PHE F 1372 -21.04 -68.81 -48.61
N THR F 1373 -21.31 -69.94 -47.98
CA THR F 1373 -20.62 -71.16 -48.42
C THR F 1373 -21.05 -71.58 -49.83
N GLN F 1374 -22.37 -71.64 -50.10
CA GLN F 1374 -22.81 -72.02 -51.46
C GLN F 1374 -22.55 -70.97 -52.52
N GLN F 1375 -22.44 -69.69 -52.17
CA GLN F 1375 -22.03 -68.73 -53.18
C GLN F 1375 -20.55 -68.95 -53.47
N ASN F 1376 -19.72 -69.10 -52.42
CA ASN F 1376 -18.30 -69.41 -52.60
C ASN F 1376 -17.95 -70.75 -51.98
N LYS F 1377 -18.05 -71.77 -52.84
CA LYS F 1377 -17.22 -72.98 -52.88
C LYS F 1377 -15.74 -72.67 -53.18
N ALA F 1378 -15.41 -71.39 -53.35
CA ALA F 1378 -14.02 -70.93 -53.38
C ALA F 1378 -13.22 -71.53 -52.24
N THR F 1379 -13.85 -71.70 -51.09
CA THR F 1379 -13.25 -72.49 -50.01
C THR F 1379 -12.80 -73.84 -50.54
N LEU F 1380 -13.63 -74.49 -51.36
CA LEU F 1380 -13.24 -75.78 -51.92
C LEU F 1380 -12.06 -75.61 -52.85
N VAL F 1381 -12.06 -74.52 -53.62
CA VAL F 1381 -10.96 -74.23 -54.52
C VAL F 1381 -9.64 -73.93 -53.78
N ASP F 1382 -9.72 -73.36 -52.58
CA ASP F 1382 -8.55 -73.13 -51.72
C ASP F 1382 -7.98 -74.34 -51.01
N HIS F 1383 -7.42 -75.27 -51.78
CA HIS F 1383 -6.91 -76.53 -51.22
C HIS F 1383 -7.96 -77.26 -50.38
N GLY F 1384 -9.25 -76.99 -50.57
CA GLY F 1384 -10.28 -77.84 -50.00
C GLY F 1384 -10.31 -77.61 -48.49
N ILE F 1385 -11.47 -77.66 -47.87
CA ILE F 1385 -11.56 -77.53 -46.42
C ILE F 1385 -12.31 -78.76 -45.95
N ARG F 1386 -11.80 -79.41 -44.91
CA ARG F 1386 -12.59 -80.50 -44.36
C ARG F 1386 -13.88 -79.99 -43.75
N ARG F 1387 -13.78 -79.00 -42.88
CA ARG F 1387 -14.92 -78.52 -42.13
C ARG F 1387 -14.75 -77.03 -41.90
N LEU F 1388 -15.87 -76.30 -41.94
CA LEU F 1388 -15.90 -74.90 -41.56
C LEU F 1388 -16.95 -74.63 -40.50
N THR F 1389 -16.46 -74.36 -39.29
CA THR F 1389 -17.30 -73.95 -38.17
C THR F 1389 -17.15 -72.45 -37.99
N PHE F 1390 -18.27 -71.75 -37.89
CA PHE F 1390 -18.20 -70.33 -37.58
C PHE F 1390 -18.53 -70.29 -36.11
N LEU F 1391 -17.70 -69.59 -35.37
CA LEU F 1391 -17.84 -69.44 -33.94
C LEU F 1391 -18.20 -67.98 -33.71
N VAL F 1392 -19.40 -67.69 -33.24
CA VAL F 1392 -19.79 -66.31 -32.98
C VAL F 1392 -19.82 -66.14 -31.46
N ALA F 1393 -19.15 -65.09 -30.96
CA ALA F 1393 -19.06 -64.93 -29.53
C ALA F 1393 -20.21 -64.07 -29.02
N GLN F 1394 -20.21 -63.85 -27.72
CA GLN F 1394 -21.46 -63.70 -26.99
C GLN F 1394 -22.12 -62.36 -27.31
N PHE F 1413 -22.06 -69.24 -23.42
CA PHE F 1413 -21.52 -70.10 -24.46
C PHE F 1413 -21.62 -69.58 -25.90
N PRO F 1414 -20.48 -69.28 -26.54
CA PRO F 1414 -20.51 -68.77 -27.91
C PRO F 1414 -21.36 -69.66 -28.79
N LYS F 1415 -22.13 -69.05 -29.68
CA LYS F 1415 -23.05 -69.77 -30.54
C LYS F 1415 -22.24 -70.23 -31.73
N PHE F 1416 -22.18 -71.53 -31.90
CA PHE F 1416 -21.48 -72.12 -33.03
C PHE F 1416 -22.47 -72.25 -34.17
N PHE F 1417 -21.94 -72.21 -35.38
CA PHE F 1417 -22.70 -72.28 -36.62
C PHE F 1417 -21.87 -73.25 -37.46
N THR F 1418 -22.22 -74.54 -37.40
CA THR F 1418 -21.42 -75.58 -38.02
C THR F 1418 -21.85 -75.87 -39.46
N PHE F 1419 -20.87 -75.73 -40.36
CA PHE F 1419 -20.91 -76.00 -41.81
C PHE F 1419 -19.88 -77.07 -42.13
N ARG F 1420 -20.36 -78.31 -42.17
CA ARG F 1420 -19.54 -79.46 -42.54
C ARG F 1420 -19.92 -79.87 -43.94
N ALA F 1421 -18.95 -79.80 -44.84
CA ALA F 1421 -19.09 -80.19 -46.22
C ALA F 1421 -17.76 -79.95 -46.90
N ARG F 1422 -16.95 -80.99 -46.90
CA ARG F 1422 -15.84 -81.12 -47.82
C ARG F 1422 -16.33 -81.67 -49.15
N ASP F 1423 -17.33 -82.56 -49.11
CA ASP F 1423 -18.04 -83.02 -50.30
C ASP F 1423 -19.53 -83.17 -50.07
N LYS F 1424 -20.05 -82.78 -48.91
CA LYS F 1424 -21.39 -83.14 -48.46
C LYS F 1424 -22.28 -81.91 -48.46
N PHE F 1425 -23.51 -82.10 -47.99
CA PHE F 1425 -24.42 -80.99 -47.78
C PHE F 1425 -23.84 -80.06 -46.73
N GLU F 1426 -24.13 -78.77 -46.89
CA GLU F 1426 -23.28 -77.72 -46.32
C GLU F 1426 -23.21 -77.75 -44.80
N GLU F 1427 -24.30 -78.15 -44.14
CA GLU F 1427 -24.52 -77.78 -42.74
C GLU F 1427 -25.21 -78.89 -41.97
N ASP F 1428 -24.76 -79.06 -40.72
CA ASP F 1428 -25.13 -80.17 -39.84
C ASP F 1428 -25.97 -79.69 -38.66
N ARG F 1429 -27.06 -80.40 -38.37
CA ARG F 1429 -28.17 -79.94 -37.53
C ARG F 1429 -28.17 -80.51 -36.13
N ILE F 1430 -27.71 -81.76 -35.96
CA ILE F 1430 -27.65 -82.38 -34.65
C ILE F 1430 -26.74 -81.60 -33.70
N TYR F 1431 -25.60 -81.16 -34.24
CA TYR F 1431 -24.54 -80.39 -33.60
C TYR F 1431 -24.53 -78.87 -33.80
N ARG F 1432 -25.56 -78.24 -34.36
CA ARG F 1432 -25.44 -76.78 -34.37
C ARG F 1432 -25.39 -76.26 -32.95
N HIS F 1433 -24.58 -75.21 -32.76
CA HIS F 1433 -24.26 -74.52 -31.51
C HIS F 1433 -23.17 -75.32 -30.81
N LEU F 1434 -22.56 -76.31 -31.47
CA LEU F 1434 -21.50 -77.11 -30.86
C LEU F 1434 -20.46 -77.58 -31.86
N GLU F 1435 -19.22 -77.80 -31.38
CA GLU F 1435 -18.12 -78.28 -32.22
C GLU F 1435 -18.01 -79.82 -32.09
N PRO F 1436 -18.24 -80.58 -33.16
CA PRO F 1436 -18.29 -82.06 -33.04
C PRO F 1436 -17.10 -82.86 -32.50
N ALA F 1437 -15.86 -82.37 -32.45
CA ALA F 1437 -14.84 -83.21 -31.80
C ALA F 1437 -15.10 -83.37 -30.30
N LEU F 1438 -15.31 -82.27 -29.61
CA LEU F 1438 -15.62 -82.29 -28.20
C LEU F 1438 -17.07 -82.72 -27.98
N ALA F 1439 -17.89 -82.60 -29.01
CA ALA F 1439 -19.30 -82.97 -28.92
C ALA F 1439 -19.55 -84.46 -28.99
N PHE F 1440 -18.69 -85.22 -29.68
CA PHE F 1440 -18.92 -86.66 -29.79
C PHE F 1440 -19.09 -87.29 -28.40
N GLN F 1441 -18.29 -86.86 -27.42
CA GLN F 1441 -18.37 -87.43 -26.06
C GLN F 1441 -19.78 -87.39 -25.47
N LEU F 1442 -20.69 -86.57 -26.00
CA LEU F 1442 -22.11 -86.82 -25.71
C LEU F 1442 -22.33 -88.09 -26.49
N GLU F 1443 -22.32 -89.20 -25.75
CA GLU F 1443 -22.54 -90.52 -26.31
C GLU F 1443 -23.93 -90.74 -26.88
N LEU F 1444 -23.97 -90.39 -28.14
CA LEU F 1444 -25.09 -90.17 -29.03
C LEU F 1444 -25.26 -91.42 -29.88
N ASN F 1445 -24.32 -92.38 -29.76
CA ASN F 1445 -24.32 -93.65 -30.45
C ASN F 1445 -25.03 -94.71 -29.62
N ARG F 1446 -25.38 -94.41 -28.38
CA ARG F 1446 -25.99 -95.42 -27.54
C ARG F 1446 -27.50 -95.45 -27.82
N MET F 1447 -27.94 -94.60 -28.74
CA MET F 1447 -29.24 -94.49 -29.36
C MET F 1447 -29.03 -94.47 -30.88
N ARG F 1448 -27.99 -95.16 -31.35
CA ARG F 1448 -27.64 -95.18 -32.76
C ARG F 1448 -28.70 -95.92 -33.57
N ASN F 1449 -29.52 -96.76 -32.94
CA ASN F 1449 -30.64 -97.37 -33.64
C ASN F 1449 -31.78 -96.37 -33.79
N PHE F 1450 -31.55 -95.18 -34.37
CA PHE F 1450 -32.61 -94.18 -34.39
C PHE F 1450 -32.28 -93.12 -35.42
N ASP F 1451 -33.31 -92.38 -35.81
CA ASP F 1451 -33.18 -91.20 -36.67
C ASP F 1451 -33.75 -90.04 -35.88
N LEU F 1452 -32.87 -89.13 -35.47
CA LEU F 1452 -33.24 -88.12 -34.50
C LEU F 1452 -33.01 -86.78 -35.17
N THR F 1453 -33.93 -85.85 -34.95
CA THR F 1453 -33.94 -84.56 -35.63
C THR F 1453 -33.72 -83.45 -34.62
N ALA F 1454 -32.72 -82.63 -34.87
CA ALA F 1454 -32.32 -81.60 -33.94
C ALA F 1454 -33.28 -80.42 -34.01
N ILE F 1455 -33.87 -80.09 -32.87
CA ILE F 1455 -34.78 -78.96 -32.73
C ILE F 1455 -33.99 -77.85 -32.04
N PRO F 1456 -33.96 -76.62 -32.57
CA PRO F 1456 -33.21 -75.56 -31.89
C PRO F 1456 -33.99 -75.11 -30.67
N CYS F 1457 -33.24 -74.72 -29.63
CA CYS F 1457 -33.78 -74.65 -28.28
C CYS F 1457 -33.00 -73.65 -27.44
N ALA F 1458 -33.69 -73.03 -26.48
CA ALA F 1458 -33.00 -72.16 -25.52
C ALA F 1458 -32.23 -73.00 -24.52
N ASN F 1459 -31.42 -72.33 -23.71
CA ASN F 1459 -30.57 -73.03 -22.76
C ASN F 1459 -29.72 -74.00 -23.56
N HIS F 1460 -28.84 -73.44 -24.40
CA HIS F 1460 -28.42 -74.18 -25.58
C HIS F 1460 -27.54 -75.38 -25.21
N LYS F 1461 -26.99 -75.39 -24.00
CA LYS F 1461 -26.68 -76.62 -23.27
C LYS F 1461 -27.62 -77.80 -23.57
N MET F 1462 -28.92 -77.49 -23.62
CA MET F 1462 -29.97 -78.48 -23.80
C MET F 1462 -30.37 -78.64 -25.27
N HIS F 1463 -29.96 -79.73 -25.87
CA HIS F 1463 -30.21 -80.02 -27.28
C HIS F 1463 -31.32 -81.06 -27.23
N LEU F 1464 -32.49 -80.82 -27.83
CA LEU F 1464 -33.55 -81.84 -27.75
C LEU F 1464 -33.81 -82.27 -29.18
N TYR F 1465 -33.88 -83.57 -29.34
CA TYR F 1465 -34.00 -84.24 -30.62
C TYR F 1465 -35.33 -84.97 -30.68
N LEU F 1466 -35.95 -85.06 -31.85
CA LEU F 1466 -37.19 -85.82 -31.98
C LEU F 1466 -36.73 -87.05 -32.72
N GLY F 1467 -37.09 -88.24 -32.21
CA GLY F 1467 -36.57 -89.49 -32.73
C GLY F 1467 -37.57 -90.42 -33.40
N ALA F 1468 -37.19 -90.84 -34.60
CA ALA F 1468 -37.87 -91.86 -35.40
C ALA F 1468 -36.89 -93.01 -35.57
N ALA F 1469 -37.30 -94.23 -35.25
CA ALA F 1469 -36.38 -95.35 -35.37
C ALA F 1469 -35.97 -95.51 -36.82
N LYS F 1470 -34.67 -95.36 -37.08
CA LYS F 1470 -34.13 -95.59 -38.41
C LYS F 1470 -34.02 -97.07 -38.75
N VAL F 1471 -34.54 -97.39 -39.93
CA VAL F 1471 -34.89 -98.73 -40.38
C VAL F 1471 -34.39 -98.80 -41.82
N GLU F 1472 -34.44 -100.00 -42.42
CA GLU F 1472 -34.00 -100.15 -43.80
C GLU F 1472 -35.20 -99.99 -44.71
N VAL F 1473 -34.92 -99.71 -46.00
CA VAL F 1473 -35.90 -99.64 -47.07
C VAL F 1473 -36.99 -100.70 -47.00
N GLY F 1474 -36.67 -101.89 -46.48
CA GLY F 1474 -37.68 -102.92 -46.39
C GLY F 1474 -38.86 -102.53 -45.52
N THR F 1475 -38.60 -101.70 -44.50
CA THR F 1475 -39.62 -101.35 -43.51
C THR F 1475 -39.61 -99.86 -43.18
N GLU F 1476 -40.74 -99.45 -42.61
CA GLU F 1476 -41.15 -98.09 -42.28
C GLU F 1476 -41.08 -97.95 -40.78
N VAL F 1477 -40.72 -96.76 -40.28
CA VAL F 1477 -40.26 -96.65 -38.90
C VAL F 1477 -41.44 -96.99 -37.98
N THR F 1478 -41.14 -97.68 -36.87
CA THR F 1478 -42.12 -98.03 -35.84
C THR F 1478 -42.06 -97.22 -34.55
N ASP F 1479 -40.92 -96.66 -34.19
CA ASP F 1479 -40.77 -95.90 -32.97
C ASP F 1479 -40.67 -94.41 -33.28
N TYR F 1480 -41.17 -93.62 -32.30
CA TYR F 1480 -41.46 -92.18 -32.30
C TYR F 1480 -41.37 -91.74 -30.83
N ARG F 1481 -40.13 -91.48 -30.43
CA ARG F 1481 -39.74 -91.11 -29.08
C ARG F 1481 -39.31 -89.64 -29.05
N PHE F 1482 -39.65 -88.93 -27.96
CA PHE F 1482 -39.07 -87.60 -27.76
C PHE F 1482 -37.76 -87.82 -27.05
N PHE F 1483 -36.70 -87.29 -27.63
CA PHE F 1483 -35.39 -87.20 -27.03
C PHE F 1483 -35.17 -85.79 -26.51
N VAL F 1484 -34.67 -85.68 -25.29
CA VAL F 1484 -34.22 -84.39 -24.79
C VAL F 1484 -32.88 -84.73 -24.19
N ARG F 1485 -31.84 -84.07 -24.70
CA ARG F 1485 -30.47 -84.36 -24.36
C ARG F 1485 -29.76 -83.11 -23.88
N ALA F 1486 -29.24 -83.13 -22.68
CA ALA F 1486 -28.60 -81.94 -22.13
C ALA F 1486 -27.11 -82.17 -22.00
N ILE F 1487 -26.45 -81.14 -21.51
CA ILE F 1487 -25.03 -81.15 -21.22
C ILE F 1487 -25.06 -80.36 -19.93
N ILE F 1488 -24.18 -80.68 -18.99
CA ILE F 1488 -24.37 -80.08 -17.67
C ILE F 1488 -23.08 -79.58 -17.06
N ARG F 1489 -22.98 -78.25 -16.88
CA ARG F 1489 -21.84 -77.55 -16.32
C ARG F 1489 -22.28 -76.09 -16.15
N HIS F 1490 -22.94 -75.80 -15.02
CA HIS F 1490 -23.43 -74.47 -14.68
C HIS F 1490 -22.75 -73.86 -13.45
N SER F 1491 -21.66 -74.47 -12.95
CA SER F 1491 -20.94 -74.01 -11.76
C SER F 1491 -21.76 -74.41 -10.54
N GLU F 1497 -22.40 -81.14 -0.25
CA GLU F 1497 -23.65 -80.41 -0.12
C GLU F 1497 -24.00 -79.73 -1.45
N ALA F 1498 -22.97 -79.17 -2.08
CA ALA F 1498 -23.14 -78.49 -3.35
C ALA F 1498 -23.61 -79.47 -4.42
N SER F 1499 -23.05 -80.67 -4.42
CA SER F 1499 -23.39 -81.65 -5.45
C SER F 1499 -24.86 -82.02 -5.40
N PHE F 1500 -25.38 -82.32 -4.22
CA PHE F 1500 -26.76 -82.74 -4.10
C PHE F 1500 -27.64 -81.59 -4.58
N GLU F 1501 -27.33 -80.39 -4.11
CA GLU F 1501 -28.09 -79.20 -4.47
C GLU F 1501 -27.99 -78.95 -5.95
N TYR F 1502 -26.78 -79.09 -6.49
CA TYR F 1502 -26.59 -78.83 -7.90
C TYR F 1502 -27.48 -79.77 -8.68
N LEU F 1503 -27.50 -81.04 -8.28
CA LEU F 1503 -28.26 -82.01 -9.03
C LEU F 1503 -29.72 -81.58 -9.06
N GLN F 1504 -30.28 -81.32 -7.87
CA GLN F 1504 -31.69 -80.95 -7.79
C GLN F 1504 -32.03 -79.63 -8.49
N ASN F 1505 -31.33 -78.56 -8.15
CA ASN F 1505 -31.70 -77.26 -8.70
C ASN F 1505 -31.53 -77.22 -10.20
N GLU F 1506 -30.38 -77.70 -10.68
CA GLU F 1506 -30.14 -77.60 -12.11
C GLU F 1506 -31.08 -78.52 -12.86
N GLY F 1507 -31.31 -79.70 -12.29
CA GLY F 1507 -32.17 -80.65 -12.94
C GLY F 1507 -33.59 -80.13 -13.01
N GLU F 1508 -34.06 -79.57 -11.91
CA GLU F 1508 -35.42 -79.05 -11.84
C GLU F 1508 -35.62 -77.90 -12.82
N ARG F 1509 -34.65 -76.96 -12.87
CA ARG F 1509 -34.81 -75.82 -13.76
C ARG F 1509 -34.88 -76.31 -15.17
N LEU F 1510 -34.00 -77.24 -15.49
CA LEU F 1510 -33.95 -77.79 -16.82
C LEU F 1510 -35.24 -78.52 -17.11
N LEU F 1511 -35.80 -79.22 -16.13
CA LEU F 1511 -37.03 -79.95 -16.42
C LEU F 1511 -38.15 -78.99 -16.80
N LEU F 1512 -38.30 -77.89 -16.07
CA LEU F 1512 -39.35 -76.92 -16.43
C LEU F 1512 -39.05 -76.28 -17.77
N GLU F 1513 -37.79 -75.93 -17.97
CA GLU F 1513 -37.34 -75.32 -19.20
C GLU F 1513 -37.56 -76.29 -20.35
N ALA F 1514 -37.23 -77.54 -20.08
CA ALA F 1514 -37.34 -78.64 -21.02
C ALA F 1514 -38.79 -78.81 -21.43
N MET F 1515 -39.69 -78.76 -20.46
CA MET F 1515 -41.09 -78.87 -20.79
C MET F 1515 -41.61 -77.65 -21.54
N ASP F 1516 -41.04 -76.46 -21.33
CA ASP F 1516 -41.36 -75.36 -22.24
C ASP F 1516 -40.93 -75.70 -23.66
N GLU F 1517 -39.71 -76.21 -23.79
CA GLU F 1517 -39.14 -76.56 -25.08
C GLU F 1517 -39.92 -77.67 -25.74
N LEU F 1518 -40.15 -78.76 -25.00
CA LEU F 1518 -40.91 -79.89 -25.49
C LEU F 1518 -42.33 -79.46 -25.84
N GLU F 1519 -42.84 -78.40 -25.21
CA GLU F 1519 -44.13 -77.86 -25.63
C GLU F 1519 -44.00 -77.30 -27.04
N VAL F 1520 -42.94 -76.52 -27.28
CA VAL F 1520 -42.66 -76.05 -28.63
C VAL F 1520 -42.50 -77.25 -29.57
N ALA F 1521 -41.86 -78.32 -29.08
CA ALA F 1521 -41.67 -79.54 -29.87
C ALA F 1521 -43.00 -80.16 -30.26
N PHE F 1522 -43.98 -80.20 -29.35
CA PHE F 1522 -45.31 -80.71 -29.70
C PHE F 1522 -45.91 -79.85 -30.79
N ASN F 1523 -45.94 -78.54 -30.55
CA ASN F 1523 -46.58 -77.61 -31.48
C ASN F 1523 -45.99 -77.77 -32.88
N ASN F 1524 -44.66 -77.74 -32.95
CA ASN F 1524 -43.95 -77.84 -34.23
C ASN F 1524 -44.24 -79.15 -34.92
N THR F 1525 -43.99 -80.27 -34.23
CA THR F 1525 -44.33 -81.59 -34.74
C THR F 1525 -44.86 -82.52 -33.67
N ASN F 1526 -45.90 -83.28 -34.02
CA ASN F 1526 -46.60 -84.16 -33.11
C ASN F 1526 -46.61 -85.57 -33.64
N VAL F 1527 -46.32 -86.51 -32.75
CA VAL F 1527 -46.41 -87.93 -33.07
C VAL F 1527 -46.89 -88.73 -31.85
N ARG F 1528 -47.12 -88.06 -30.73
CA ARG F 1528 -47.54 -88.70 -29.48
C ARG F 1528 -46.56 -89.80 -29.04
N THR F 1529 -45.41 -89.30 -28.58
CA THR F 1529 -44.35 -90.13 -27.99
C THR F 1529 -44.79 -90.73 -26.65
N ASP F 1530 -44.17 -91.87 -26.33
CA ASP F 1530 -44.57 -92.77 -25.31
C ASP F 1530 -43.50 -93.06 -24.25
N CYS F 1531 -42.25 -93.26 -24.68
CA CYS F 1531 -41.17 -93.73 -23.83
C CYS F 1531 -40.01 -92.76 -23.96
N ASN F 1532 -40.31 -91.53 -23.56
CA ASN F 1532 -39.44 -90.40 -23.79
C ASN F 1532 -38.11 -90.62 -23.08
N HIS F 1533 -37.04 -90.14 -23.71
CA HIS F 1533 -35.67 -90.28 -23.22
C HIS F 1533 -35.13 -88.95 -22.71
N ILE F 1534 -34.39 -89.07 -21.61
CA ILE F 1534 -33.65 -88.00 -20.99
C ILE F 1534 -32.19 -88.42 -21.04
N PHE F 1535 -31.33 -87.56 -21.61
CA PHE F 1535 -29.90 -87.86 -21.67
C PHE F 1535 -29.23 -86.75 -20.85
N LEU F 1536 -28.45 -87.15 -19.84
CA LEU F 1536 -27.67 -86.23 -19.02
C LEU F 1536 -26.17 -86.52 -19.00
N ASN F 1537 -25.36 -85.59 -19.49
CA ASN F 1537 -23.91 -85.69 -19.36
C ASN F 1537 -23.42 -84.72 -18.28
N PHE F 1538 -23.23 -85.20 -17.04
CA PHE F 1538 -22.66 -84.31 -16.03
C PHE F 1538 -21.17 -84.36 -16.33
N VAL F 1539 -20.62 -83.26 -16.82
CA VAL F 1539 -19.16 -83.11 -16.95
C VAL F 1539 -18.39 -82.49 -15.79
N PRO F 1540 -19.02 -81.94 -14.75
CA PRO F 1540 -18.18 -81.64 -13.57
C PRO F 1540 -17.83 -82.89 -12.80
N THR F 1541 -17.09 -82.73 -11.71
CA THR F 1541 -16.62 -83.85 -10.90
C THR F 1541 -16.89 -83.51 -9.43
N VAL F 1542 -18.08 -83.89 -9.00
CA VAL F 1542 -18.56 -83.56 -7.67
C VAL F 1542 -18.07 -84.64 -6.73
N ILE F 1543 -18.26 -84.47 -5.42
CA ILE F 1543 -18.00 -85.53 -4.45
C ILE F 1543 -19.29 -85.88 -3.74
N MET F 1544 -19.72 -87.14 -3.88
CA MET F 1544 -20.94 -87.58 -3.20
C MET F 1544 -20.94 -89.11 -3.19
N ASP F 1545 -21.94 -89.70 -2.50
CA ASP F 1545 -22.10 -91.15 -2.42
C ASP F 1545 -23.10 -91.63 -3.46
N PRO F 1546 -23.08 -92.92 -3.80
CA PRO F 1546 -24.05 -93.37 -4.81
C PRO F 1546 -25.45 -93.52 -4.25
N SER F 1547 -25.55 -93.80 -2.95
CA SER F 1547 -26.84 -94.12 -2.41
C SER F 1547 -27.53 -92.90 -1.87
N LYS F 1548 -26.77 -91.86 -1.56
CA LYS F 1548 -27.35 -90.56 -1.30
C LYS F 1548 -27.68 -89.89 -2.61
N ILE F 1549 -26.96 -90.26 -3.67
CA ILE F 1549 -27.44 -89.93 -5.00
C ILE F 1549 -28.79 -90.60 -5.25
N GLU F 1550 -28.98 -91.82 -4.73
CA GLU F 1550 -30.23 -92.54 -4.93
C GLU F 1550 -31.38 -91.93 -4.12
N GLU F 1551 -31.14 -91.51 -2.89
CA GLU F 1551 -32.14 -90.69 -2.19
C GLU F 1551 -32.35 -89.35 -2.87
N SER F 1552 -31.31 -88.77 -3.43
CA SER F 1552 -31.48 -87.49 -4.10
C SER F 1552 -32.43 -87.68 -5.27
N VAL F 1553 -32.27 -88.79 -5.98
CA VAL F 1553 -33.12 -89.13 -7.10
C VAL F 1553 -34.52 -89.43 -6.62
N ARG F 1554 -34.64 -89.91 -5.39
CA ARG F 1554 -35.95 -90.05 -4.80
C ARG F 1554 -36.61 -88.69 -4.65
N SER F 1555 -35.90 -87.74 -4.07
CA SER F 1555 -36.49 -86.42 -3.91
C SER F 1555 -36.94 -85.87 -5.27
N MET F 1556 -36.11 -86.03 -6.30
CA MET F 1556 -36.47 -85.58 -7.63
C MET F 1556 -37.77 -86.22 -8.12
N VAL F 1557 -37.73 -87.54 -8.28
CA VAL F 1557 -38.88 -88.26 -8.83
C VAL F 1557 -40.11 -88.07 -7.98
N MET F 1558 -39.91 -88.02 -6.68
CA MET F 1558 -41.05 -87.87 -5.81
C MET F 1558 -41.70 -86.51 -5.96
N ARG F 1559 -40.88 -85.45 -6.00
CA ARG F 1559 -41.41 -84.10 -6.03
C ARG F 1559 -42.48 -83.90 -7.10
N TYR F 1560 -42.19 -84.35 -8.31
CA TYR F 1560 -43.13 -84.42 -9.42
C TYR F 1560 -43.78 -85.79 -9.65
N GLY F 1561 -45.11 -85.81 -9.65
CA GLY F 1561 -45.86 -87.05 -9.66
C GLY F 1561 -46.64 -87.01 -10.97
N SER F 1562 -47.80 -86.35 -10.94
CA SER F 1562 -48.66 -86.21 -12.13
C SER F 1562 -47.90 -85.63 -13.32
N ARG F 1563 -47.11 -84.58 -13.07
CA ARG F 1563 -46.33 -83.87 -14.08
C ARG F 1563 -45.51 -84.81 -14.94
N LEU F 1564 -44.89 -85.81 -14.28
CA LEU F 1564 -44.15 -86.83 -15.01
C LEU F 1564 -45.11 -87.50 -15.96
N TRP F 1565 -46.34 -87.75 -15.52
CA TRP F 1565 -47.23 -88.58 -16.31
C TRP F 1565 -47.82 -87.80 -17.46
N LYS F 1566 -47.94 -86.47 -17.33
CA LYS F 1566 -48.39 -85.71 -18.49
C LYS F 1566 -47.35 -85.75 -19.60
N LEU F 1567 -46.10 -85.37 -19.30
CA LEU F 1567 -45.09 -85.57 -20.36
C LEU F 1567 -44.75 -87.03 -20.58
N ARG F 1568 -45.03 -87.85 -19.58
CA ARG F 1568 -44.85 -89.30 -19.51
C ARG F 1568 -43.45 -89.68 -19.97
N VAL F 1569 -42.47 -89.11 -19.31
CA VAL F 1569 -41.09 -89.48 -19.54
C VAL F 1569 -40.75 -90.74 -18.78
N LEU F 1570 -40.23 -91.72 -19.51
CA LEU F 1570 -40.08 -93.05 -18.98
C LEU F 1570 -38.64 -93.50 -18.89
N GLN F 1571 -37.71 -92.81 -19.52
CA GLN F 1571 -36.34 -93.30 -19.52
C GLN F 1571 -35.42 -92.12 -19.31
N ALA F 1572 -34.50 -92.29 -18.39
CA ALA F 1572 -33.50 -91.27 -18.14
C ALA F 1572 -32.15 -91.90 -17.92
N GLU F 1573 -31.11 -91.28 -18.45
CA GLU F 1573 -29.74 -91.74 -18.27
C GLU F 1573 -28.95 -90.54 -17.82
N LEU F 1574 -28.12 -90.71 -16.80
CA LEU F 1574 -27.09 -89.72 -16.54
C LEU F 1574 -25.74 -90.39 -16.43
N LYS F 1575 -24.69 -89.58 -16.53
CA LYS F 1575 -23.43 -89.99 -15.92
C LYS F 1575 -22.96 -88.79 -15.11
N ILE F 1576 -22.02 -89.04 -14.22
CA ILE F 1576 -21.41 -87.99 -13.45
C ILE F 1576 -20.10 -88.46 -12.86
N ASN F 1577 -19.04 -87.68 -13.06
CA ASN F 1577 -17.77 -88.15 -12.55
C ASN F 1577 -17.84 -87.74 -11.10
N ILE F 1578 -17.55 -88.67 -10.20
CA ILE F 1578 -17.50 -88.34 -8.79
C ILE F 1578 -16.23 -88.90 -8.19
N ARG F 1579 -16.07 -88.67 -6.91
CA ARG F 1579 -14.92 -89.15 -6.14
C ARG F 1579 -15.23 -88.86 -4.69
N LEU F 1580 -14.25 -89.12 -3.85
CA LEU F 1580 -14.26 -88.65 -2.50
C LEU F 1580 -13.04 -87.76 -2.31
N THR F 1581 -13.15 -86.83 -1.36
CA THR F 1581 -12.08 -85.86 -1.15
C THR F 1581 -10.73 -86.50 -0.85
N PRO F 1582 -10.61 -87.48 0.06
CA PRO F 1582 -9.26 -88.02 0.30
C PRO F 1582 -8.67 -88.71 -0.90
N THR F 1583 -9.49 -89.45 -1.66
CA THR F 1583 -8.97 -90.02 -2.89
C THR F 1583 -8.77 -88.95 -3.95
N GLY F 1584 -9.68 -87.98 -4.00
CA GLY F 1584 -9.60 -86.93 -5.01
C GLY F 1584 -9.48 -87.46 -6.43
N LYS F 1585 -10.21 -88.55 -6.72
CA LYS F 1585 -9.93 -89.41 -7.86
C LYS F 1585 -11.23 -89.61 -8.62
N ALA F 1586 -11.38 -88.92 -9.75
CA ALA F 1586 -12.70 -88.83 -10.38
C ALA F 1586 -12.94 -90.05 -11.26
N ILE F 1587 -14.00 -90.78 -10.93
CA ILE F 1587 -14.44 -91.98 -11.61
C ILE F 1587 -15.72 -91.59 -12.34
N PRO F 1588 -16.11 -92.24 -13.45
CA PRO F 1588 -17.39 -91.86 -14.06
C PRO F 1588 -18.41 -92.87 -13.62
N ILE F 1589 -19.67 -92.48 -13.40
CA ILE F 1589 -20.65 -93.50 -13.02
C ILE F 1589 -21.95 -93.34 -13.77
N ARG F 1590 -22.08 -94.05 -14.88
CA ARG F 1590 -23.26 -93.79 -15.68
C ARG F 1590 -24.39 -94.48 -14.94
N LEU F 1591 -25.17 -93.69 -14.24
CA LEU F 1591 -26.34 -94.15 -13.51
C LEU F 1591 -27.46 -94.07 -14.53
N PHE F 1592 -28.26 -95.12 -14.68
CA PHE F 1592 -29.30 -95.06 -15.69
C PHE F 1592 -30.63 -95.29 -14.98
N LEU F 1593 -31.58 -94.43 -15.29
CA LEU F 1593 -32.89 -94.34 -14.69
C LEU F 1593 -33.95 -95.04 -15.54
N THR F 1594 -34.82 -95.80 -14.86
CA THR F 1594 -35.86 -96.64 -15.46
C THR F 1594 -37.25 -96.54 -14.86
N ASN F 1595 -38.19 -95.90 -15.57
CA ASN F 1595 -39.57 -95.87 -15.05
C ASN F 1595 -40.52 -96.06 -16.21
N GLU F 1596 -41.53 -96.91 -16.04
CA GLU F 1596 -42.45 -97.22 -17.12
C GLU F 1596 -43.86 -96.66 -16.90
N SER F 1597 -44.85 -97.30 -17.54
CA SER F 1597 -46.24 -96.88 -17.35
C SER F 1597 -46.53 -97.09 -15.88
N GLY F 1598 -47.28 -96.18 -15.28
CA GLY F 1598 -47.45 -96.29 -13.86
C GLY F 1598 -46.38 -95.44 -13.21
N TYR F 1599 -46.58 -95.15 -11.94
CA TYR F 1599 -45.66 -94.31 -11.19
C TYR F 1599 -44.66 -95.20 -10.45
N TYR F 1600 -44.63 -96.47 -10.82
CA TYR F 1600 -43.81 -97.48 -10.19
C TYR F 1600 -42.42 -97.11 -10.72
N LEU F 1601 -41.38 -97.00 -9.89
CA LEU F 1601 -40.09 -96.56 -10.43
C LEU F 1601 -38.87 -97.41 -10.08
N ASP F 1602 -38.10 -97.74 -11.11
CA ASP F 1602 -36.89 -98.54 -10.99
C ASP F 1602 -35.63 -97.70 -11.21
N ILE F 1603 -34.68 -97.77 -10.28
CA ILE F 1603 -33.43 -97.03 -10.41
C ILE F 1603 -32.37 -98.06 -10.76
N SER F 1604 -31.62 -97.82 -11.84
CA SER F 1604 -30.57 -98.74 -12.25
C SER F 1604 -29.23 -98.09 -12.01
N LEU F 1605 -28.44 -98.70 -11.12
CA LEU F 1605 -27.09 -98.24 -10.83
C LEU F 1605 -26.15 -99.36 -11.19
N TYR F 1606 -25.03 -98.98 -11.78
CA TYR F 1606 -24.07 -99.95 -12.26
C TYR F 1606 -22.72 -99.53 -11.69
N LYS F 1607 -21.66 -100.05 -12.28
CA LYS F 1607 -20.32 -99.58 -12.05
C LYS F 1607 -19.71 -99.60 -13.45
N GLU F 1608 -18.68 -98.81 -13.65
CA GLU F 1608 -18.03 -98.72 -14.96
C GLU F 1608 -16.66 -99.34 -14.81
N VAL F 1609 -16.41 -100.40 -15.56
CA VAL F 1609 -15.18 -101.18 -15.38
C VAL F 1609 -14.55 -101.44 -16.74
N THR F 1610 -13.25 -101.24 -16.80
CA THR F 1610 -12.46 -101.66 -17.94
C THR F 1610 -12.52 -103.16 -18.14
N ALA F 1615 -11.23 -104.11 -22.69
CA ALA F 1615 -10.96 -102.78 -22.16
C ALA F 1615 -12.13 -101.79 -22.36
N GLN F 1616 -13.22 -102.30 -22.92
CA GLN F 1616 -14.40 -101.52 -23.29
C GLN F 1616 -15.37 -101.48 -22.12
N ILE F 1617 -15.56 -100.28 -21.54
CA ILE F 1617 -16.17 -100.02 -20.24
C ILE F 1617 -17.47 -100.79 -20.04
N MET F 1618 -17.74 -101.19 -18.79
CA MET F 1618 -18.63 -102.32 -18.48
C MET F 1618 -19.52 -102.02 -17.28
N PHE F 1619 -20.83 -101.98 -17.54
CA PHE F 1619 -21.89 -101.80 -16.54
C PHE F 1619 -21.97 -103.04 -15.64
N GLN F 1620 -21.43 -102.97 -14.43
CA GLN F 1620 -21.47 -104.11 -13.52
C GLN F 1620 -22.02 -103.67 -12.17
N ALA F 1621 -23.12 -104.28 -11.72
CA ALA F 1621 -23.74 -103.93 -10.44
C ALA F 1621 -22.75 -104.02 -9.30
N LYS F 1625 -26.46 -106.23 -6.99
CA LYS F 1625 -27.90 -106.48 -6.89
C LYS F 1625 -28.25 -107.64 -7.83
N GLN F 1626 -29.50 -107.75 -8.29
CA GLN F 1626 -29.76 -108.23 -9.64
C GLN F 1626 -30.66 -107.30 -10.41
N GLY F 1627 -30.19 -106.90 -11.58
CA GLY F 1627 -30.82 -105.92 -12.41
C GLY F 1627 -31.08 -106.53 -13.77
N PRO F 1628 -32.26 -106.34 -14.38
CA PRO F 1628 -32.43 -106.91 -15.72
C PRO F 1628 -31.44 -106.16 -16.60
N LEU F 1629 -30.97 -106.83 -17.66
CA LEU F 1629 -30.00 -106.18 -18.55
C LEU F 1629 -28.81 -105.67 -17.73
N HIS F 1630 -28.23 -106.61 -16.99
CA HIS F 1630 -27.11 -106.33 -16.09
C HIS F 1630 -25.91 -105.73 -16.82
N GLY F 1631 -25.27 -106.52 -17.69
CA GLY F 1631 -23.95 -106.19 -18.21
C GLY F 1631 -24.01 -105.80 -19.68
N MET F 1632 -23.35 -104.68 -20.01
CA MET F 1632 -23.24 -104.29 -21.40
C MET F 1632 -22.09 -103.31 -21.55
N LEU F 1633 -21.62 -103.15 -22.79
CA LEU F 1633 -20.60 -102.16 -23.03
C LEU F 1633 -21.33 -100.83 -23.16
N ILE F 1634 -20.59 -99.75 -23.43
CA ILE F 1634 -21.21 -98.47 -23.14
C ILE F 1634 -21.82 -97.88 -24.40
N ASN F 1635 -21.28 -98.20 -25.56
CA ASN F 1635 -21.81 -97.56 -26.77
C ASN F 1635 -22.91 -98.44 -27.35
N THR F 1636 -23.85 -98.79 -26.49
CA THR F 1636 -24.88 -99.77 -26.76
C THR F 1636 -26.04 -99.08 -27.46
N PRO F 1637 -26.29 -99.26 -28.75
CA PRO F 1637 -27.42 -98.54 -29.31
C PRO F 1637 -28.73 -99.03 -28.69
N TYR F 1638 -29.67 -98.11 -28.61
CA TYR F 1638 -30.85 -98.32 -27.79
C TYR F 1638 -31.85 -99.24 -28.44
N VAL F 1639 -32.27 -100.26 -27.69
CA VAL F 1639 -33.26 -101.19 -28.21
C VAL F 1639 -34.47 -100.40 -28.67
N THR F 1640 -34.91 -100.67 -29.89
CA THR F 1640 -36.14 -100.11 -30.44
C THR F 1640 -37.22 -101.18 -30.36
N LYS F 1641 -38.28 -100.88 -29.61
CA LYS F 1641 -39.53 -101.64 -29.62
C LYS F 1641 -39.89 -102.23 -30.99
#